data_5WP9
#
_entry.id   5WP9
#
loop_
_entity.id
_entity.type
_entity.pdbx_description
1 polymer 'Dynamin-1-like protein'
2 polymer 'Mitochondrial dynamics protein MID49'
3 non-polymer 'PHOSPHOMETHYLPHOSPHONIC ACID GUANYLATE ESTER'
4 non-polymer 'MAGNESIUM ION'
#
loop_
_entity_poly.entity_id
_entity_poly.type
_entity_poly.pdbx_seq_one_letter_code
_entity_poly.pdbx_strand_id
1 'polypeptide(L)'
;MEALIPVINKLQDVFNTVGADIIQLPQIVVVGTQSSGKSSVLESLVGRDLLPRGTGIVTRRPLILQLVHVSQEDKRKTTG
EENGVEAEEWGKFLHTKNKLYTDFDEIRQEIENETERISGNNKGVSPEPIHLKIFSPNVVNLTLVDLPGMTKVPVGDQPK
DIELQIRELILRFISNPNSIILAVTAANTDMATSEALKISREVDPDGRRTLAVITKLDLMDAGTDAMDVLMGRVIPVKLG
IIGVVNRSQLDINNKKSVTDSIRDEYAFLQKKYPSLANRNGTKYLARTLNRLLMHHIRDCLPELKTRINVLAAQYQSLLN
SYGEPVDDKSATLLQLITKFATEYCNTIEGTAKYIETSELCGGARICYIFHETFGRTLESVDPLGGLNTIDILTAIRNAT
GPRPALFVPEVSFELLVKRQIKRLEEPSLRCVELVHEEMQRIIQHCSNYSTQELLRFPKLHDAIVEVVTCLLRKRLPVTN
EMVHNLVAIELAYINTKHPDFADACGLMNNNIEEQRRNRLARELPSAVSRDKLIQDSRRETKNVASGGGGVGDGVQEPTT
GNWRGMLKTSKAEELLAEEKSKPIPIMPASPQKGHAVNLLDVPVPVARKLSAREQRDCEVIERLIKSYFLIVRKNIQDSV
PKAVMHFLVNHVKDTLQSELVGQLYKSSLLDDLLTESEDMAQRRKEAADMLKALQGASQIIAEIRETHLW
;
A,C,E,G,I,K,M,O
2 'polypeptide(L)'
;TLQERLLAFERDRVTIPAAQVALAKQLAGDIALELQAYFRSKFPELPFGAFVPGGPLYDGLQAGAADHVRLLVPLVLEPG
LWSLVPGVDTVARDPRCWAVRRTQLEFCPRGSSPWDRFLVGGYLSSRVLLELLRKALAASVNWPAIGSLLGCLIRPSMAS
EELLLEVQHERLELTVAVLVAVPGVDADDRLLLAWPLEGLAGNLWLQDLYPVEAARLRALDDHDAGTRRRLLLLLCAVCR
GCSALGQLGRGHLTQVVLRLGEDNVDWTEEALGERFLQALELLIGSLEQASLPCHFNPSVNLFSSLREEEIDDIGYALYS
GLQEPEGLL
;
B,D,F,H,J,L,N,P
#
loop_
_chem_comp.id
_chem_comp.type
_chem_comp.name
_chem_comp.formula
GCP non-polymer 'PHOSPHOMETHYLPHOSPHONIC ACID GUANYLATE ESTER' 'C11 H18 N5 O13 P3'
MG non-polymer 'MAGNESIUM ION' 'Mg 2'
#
# COMPACT_ATOMS: atom_id res chain seq x y z
N MET A 1 -28.76 -7.20 94.95
CA MET A 1 -27.81 -7.74 93.99
C MET A 1 -27.46 -9.18 94.30
N GLU A 2 -27.73 -10.06 93.35
CA GLU A 2 -27.46 -11.50 93.50
C GLU A 2 -27.26 -12.14 92.14
N ALA A 3 -28.36 -12.54 91.51
CA ALA A 3 -28.32 -13.06 90.14
C ALA A 3 -27.92 -11.96 89.16
N LEU A 4 -28.07 -10.71 89.58
CA LEU A 4 -27.63 -9.58 88.79
C LEU A 4 -26.14 -9.65 88.48
N ILE A 5 -25.37 -10.31 89.35
CA ILE A 5 -23.94 -10.37 89.18
C ILE A 5 -23.55 -11.00 87.83
N PRO A 6 -24.23 -12.08 87.41
CA PRO A 6 -23.91 -12.76 86.16
C PRO A 6 -24.75 -12.21 85.02
N VAL A 7 -25.95 -11.75 85.36
CA VAL A 7 -26.80 -11.10 84.38
C VAL A 7 -26.12 -9.87 83.83
N ILE A 8 -25.63 -9.03 84.73
CA ILE A 8 -24.95 -7.81 84.35
C ILE A 8 -23.66 -8.11 83.60
N ASN A 9 -22.90 -9.09 84.08
CA ASN A 9 -21.66 -9.46 83.40
C ASN A 9 -21.92 -9.87 81.96
N LYS A 10 -22.97 -10.65 81.73
CA LYS A 10 -23.39 -10.98 80.38
C LYS A 10 -23.75 -9.71 79.61
N LEU A 11 -24.40 -8.79 80.31
CA LEU A 11 -24.81 -7.50 79.75
C LEU A 11 -23.68 -6.48 79.69
N GLN A 12 -22.47 -6.89 80.06
CA GLN A 12 -21.31 -6.09 79.76
C GLN A 12 -20.75 -6.52 78.42
N ASP A 13 -20.73 -7.83 78.21
CA ASP A 13 -20.24 -8.41 76.98
C ASP A 13 -21.08 -8.04 75.77
N VAL A 14 -22.36 -7.72 76.00
CA VAL A 14 -23.20 -7.27 74.89
C VAL A 14 -22.68 -5.97 74.30
N PHE A 15 -21.93 -5.21 75.10
CA PHE A 15 -21.33 -3.97 74.64
C PHE A 15 -19.92 -4.23 74.15
N ASN A 16 -19.21 -5.08 74.87
CA ASN A 16 -17.83 -5.41 74.54
C ASN A 16 -17.72 -5.99 73.14
N THR A 17 -18.69 -6.82 72.78
CA THR A 17 -18.65 -7.53 71.51
C THR A 17 -19.21 -6.72 70.35
N VAL A 18 -19.72 -5.52 70.64
CA VAL A 18 -20.17 -4.61 69.58
C VAL A 18 -19.35 -3.33 69.58
N GLY A 19 -18.48 -3.18 70.58
CA GLY A 19 -17.58 -2.05 70.65
C GLY A 19 -18.26 -0.82 71.23
N ALA A 20 -19.28 -1.05 72.05
CA ALA A 20 -20.04 0.04 72.64
C ALA A 20 -19.64 0.26 74.08
N ASP A 21 -20.00 1.42 74.62
CA ASP A 21 -19.79 1.70 76.03
C ASP A 21 -20.85 1.00 76.86
N ILE A 22 -20.45 0.46 78.00
CA ILE A 22 -21.36 -0.27 78.87
C ILE A 22 -22.23 0.68 79.65
N ILE A 23 -23.53 0.38 79.67
CA ILE A 23 -24.49 1.19 80.40
C ILE A 23 -24.03 1.46 81.83
N GLN A 24 -24.11 2.70 82.23
CA GLN A 24 -23.73 3.08 83.57
C GLN A 24 -24.94 3.07 84.49
N LEU A 25 -24.76 2.51 85.68
CA LEU A 25 -25.82 2.44 86.67
C LEU A 25 -25.94 3.77 87.40
N PRO A 26 -27.17 4.21 87.64
CA PRO A 26 -27.45 5.46 88.32
C PRO A 26 -26.77 5.51 89.69
N GLN A 27 -26.30 6.69 90.06
CA GLN A 27 -25.61 6.89 91.32
C GLN A 27 -26.56 6.77 92.50
N ILE A 28 -26.14 6.04 93.52
CA ILE A 28 -27.02 5.82 94.67
C ILE A 28 -26.74 6.86 95.75
N VAL A 29 -27.68 7.77 95.94
CA VAL A 29 -27.47 8.88 96.86
C VAL A 29 -28.51 8.89 97.98
N VAL A 30 -28.05 8.84 99.22
CA VAL A 30 -28.97 8.83 100.37
C VAL A 30 -29.06 10.19 101.03
N VAL A 31 -30.29 10.65 101.24
CA VAL A 31 -30.53 11.98 101.81
C VAL A 31 -31.49 11.93 103.00
N GLY A 32 -31.45 12.98 103.82
CA GLY A 32 -32.36 13.08 104.97
C GLY A 32 -31.72 13.78 106.16
N THR A 33 -32.53 13.99 107.20
CA THR A 33 -32.07 14.71 108.39
C THR A 33 -31.14 13.87 109.22
N GLN A 34 -30.36 14.54 110.05
CA GLN A 34 -29.37 13.89 110.92
C GLN A 34 -29.99 12.79 111.76
N SER A 35 -29.31 11.65 111.77
CA SER A 35 -29.72 10.48 112.55
C SER A 35 -31.05 9.88 112.12
N SER A 36 -31.42 10.07 110.85
CA SER A 36 -32.62 9.42 110.32
C SER A 36 -32.37 7.94 110.01
N GLY A 37 -31.11 7.55 109.80
CA GLY A 37 -30.80 6.14 109.54
C GLY A 37 -30.11 5.93 108.18
N LYS A 38 -29.59 7.02 107.60
CA LYS A 38 -29.05 7.01 106.24
C LYS A 38 -27.94 5.98 106.04
N SER A 39 -26.90 6.07 106.84
CA SER A 39 -25.73 5.19 106.68
C SER A 39 -26.16 3.74 106.86
N SER A 40 -27.00 3.49 107.84
CA SER A 40 -27.54 2.14 108.08
C SER A 40 -28.23 1.55 106.86
N VAL A 41 -28.99 2.37 106.13
CA VAL A 41 -29.61 1.91 104.90
C VAL A 41 -28.58 1.40 103.92
N LEU A 42 -27.52 2.18 103.74
CA LEU A 42 -26.43 1.78 102.87
C LEU A 42 -25.73 0.54 103.38
N GLU A 43 -25.59 0.41 104.71
CA GLU A 43 -24.96 -0.76 105.30
C GLU A 43 -25.73 -2.03 104.99
N SER A 44 -27.06 -1.94 104.96
CA SER A 44 -27.90 -3.09 104.64
C SER A 44 -27.75 -3.52 103.19
N LEU A 45 -27.20 -2.64 102.35
CA LEU A 45 -26.99 -2.94 100.95
C LEU A 45 -25.62 -3.55 100.71
N VAL A 46 -24.79 -3.61 101.74
CA VAL A 46 -23.44 -4.13 101.63
C VAL A 46 -23.29 -5.45 102.37
N GLY A 47 -23.68 -5.46 103.63
CA GLY A 47 -23.53 -6.63 104.48
C GLY A 47 -22.30 -6.51 105.38
N ARG A 48 -21.55 -5.43 105.21
CA ARG A 48 -20.38 -5.16 106.04
C ARG A 48 -20.50 -3.83 106.73
N ASP A 49 -19.89 -3.71 107.90
CA ASP A 49 -19.89 -2.45 108.63
C ASP A 49 -18.81 -1.52 108.09
N LEU A 50 -19.04 -0.96 106.90
CA LEU A 50 -18.05 -0.12 106.24
C LEU A 50 -18.24 1.34 106.59
N LEU A 51 -19.45 1.70 107.00
CA LEU A 51 -19.77 3.07 107.30
C LEU A 51 -19.78 3.28 108.81
N PRO A 52 -19.47 4.50 109.21
CA PRO A 52 -19.66 4.98 110.57
C PRO A 52 -21.13 5.09 110.84
N ARG A 53 -21.52 4.91 112.11
CA ARG A 53 -22.92 4.91 112.50
C ARG A 53 -23.08 5.40 113.92
N GLY A 54 -24.23 6.00 114.22
CA GLY A 54 -24.46 6.45 115.58
C GLY A 54 -25.49 7.58 115.68
N THR A 55 -25.75 8.03 116.89
CA THR A 55 -26.76 9.07 117.14
C THR A 55 -26.19 10.46 116.94
N GLY A 56 -27.09 11.44 116.87
CA GLY A 56 -26.71 12.83 116.70
C GLY A 56 -26.06 13.06 115.35
N ILE A 57 -24.81 13.51 115.37
CA ILE A 57 -24.04 13.74 114.15
C ILE A 57 -22.90 12.74 114.03
N VAL A 58 -22.84 12.06 112.88
CA VAL A 58 -21.79 11.08 112.61
C VAL A 58 -21.13 11.32 111.26
N THR A 59 -21.92 11.22 110.19
CA THR A 59 -21.41 11.50 108.86
C THR A 59 -21.22 12.99 108.71
N ARG A 60 -19.98 13.41 108.51
CA ARG A 60 -19.66 14.82 108.48
C ARG A 60 -18.83 15.17 107.26
N ARG A 61 -18.94 14.37 106.23
CA ARG A 61 -18.11 14.51 105.05
C ARG A 61 -18.46 13.44 104.02
N PRO A 62 -19.32 13.79 103.06
CA PRO A 62 -19.84 12.86 102.04
C PRO A 62 -18.84 11.76 101.69
N LEU A 63 -19.31 10.52 101.65
CA LEU A 63 -18.45 9.43 101.19
C LEU A 63 -18.82 9.04 99.77
N ILE A 64 -17.83 9.00 98.90
CA ILE A 64 -18.01 8.50 97.55
C ILE A 64 -17.56 7.06 97.47
N LEU A 65 -18.53 6.16 97.45
CA LEU A 65 -18.24 4.74 97.45
C LEU A 65 -18.33 4.15 96.05
N GLN A 66 -17.23 3.57 95.60
CA GLN A 66 -17.23 2.89 94.32
C GLN A 66 -17.09 1.40 94.51
N LEU A 67 -18.20 0.70 94.33
CA LEU A 67 -18.19 -0.75 94.35
C LEU A 67 -17.53 -1.27 93.10
N VAL A 68 -16.64 -2.24 93.25
CA VAL A 68 -15.83 -2.73 92.13
C VAL A 68 -15.95 -4.23 91.92
N HIS A 69 -16.38 -4.63 90.72
CA HIS A 69 -16.40 -6.03 90.33
C HIS A 69 -14.99 -6.51 90.09
N VAL A 70 -14.64 -7.66 90.66
CA VAL A 70 -13.32 -8.25 90.47
C VAL A 70 -13.39 -9.54 89.65
N SER A 71 -12.52 -9.64 88.66
CA SER A 71 -12.45 -10.81 87.80
C SER A 71 -11.74 -11.98 88.48
N GLN A 72 -11.49 -13.03 87.72
CA GLN A 72 -10.82 -14.20 88.24
C GLN A 72 -9.29 -14.06 88.20
N GLU A 73 -8.80 -12.89 87.78
CA GLU A 73 -7.37 -12.63 87.76
C GLU A 73 -6.81 -12.63 89.17
N ALA A 87 -5.78 -11.38 98.26
CA ALA A 87 -6.99 -10.66 98.65
C ALA A 87 -8.18 -11.09 97.81
N GLU A 88 -9.17 -11.70 98.45
CA GLU A 88 -10.42 -12.04 97.77
C GLU A 88 -11.32 -10.81 97.72
N GLU A 89 -11.51 -10.19 98.88
CA GLU A 89 -12.23 -8.94 98.96
C GLU A 89 -11.36 -7.89 99.66
N TRP A 90 -11.39 -6.67 99.17
CA TRP A 90 -10.57 -5.61 99.77
C TRP A 90 -11.08 -4.23 99.36
N GLY A 91 -10.64 -3.20 100.05
CA GLY A 91 -10.98 -1.83 99.69
C GLY A 91 -9.76 -1.04 99.22
N LYS A 92 -9.98 0.22 98.89
CA LYS A 92 -8.90 1.12 98.49
C LYS A 92 -9.34 2.58 98.53
N PHE A 93 -8.61 3.40 99.29
CA PHE A 93 -8.93 4.82 99.37
C PHE A 93 -8.10 5.63 98.41
N LEU A 94 -8.70 6.67 97.85
CA LEU A 94 -8.02 7.57 96.94
C LEU A 94 -6.78 8.16 97.58
N HIS A 95 -6.91 8.61 98.83
CA HIS A 95 -5.83 9.28 99.52
C HIS A 95 -4.74 8.32 100.03
N THR A 96 -4.93 7.02 99.82
CA THR A 96 -3.86 6.06 100.14
C THR A 96 -3.47 5.27 98.91
N LYS A 97 -3.73 5.87 97.74
CA LYS A 97 -3.29 5.29 96.48
C LYS A 97 -3.75 3.84 96.34
N ASN A 98 -2.80 2.94 96.10
CA ASN A 98 -3.13 1.54 95.82
C ASN A 98 -3.03 0.64 97.05
N LYS A 99 -3.11 1.23 98.24
CA LYS A 99 -3.17 0.44 99.45
C LYS A 99 -4.42 -0.42 99.45
N LEU A 100 -4.25 -1.72 99.69
CA LEU A 100 -5.37 -2.64 99.67
C LEU A 100 -5.85 -2.91 101.08
N TYR A 101 -7.15 -2.88 101.28
CA TYR A 101 -7.72 -3.07 102.60
C TYR A 101 -8.57 -4.32 102.68
N THR A 102 -7.97 -5.43 103.09
CA THR A 102 -8.73 -6.65 103.36
C THR A 102 -9.37 -6.57 104.73
N ASP A 103 -8.86 -5.65 105.56
CA ASP A 103 -9.47 -5.34 106.84
C ASP A 103 -10.54 -4.28 106.66
N PHE A 104 -11.79 -4.70 106.75
CA PHE A 104 -12.92 -3.83 106.47
C PHE A 104 -13.32 -2.98 107.69
N ASP A 105 -12.68 -3.25 108.82
CA ASP A 105 -12.84 -2.40 110.00
C ASP A 105 -11.87 -1.25 109.91
N GLU A 106 -10.70 -1.54 109.35
CA GLU A 106 -9.73 -0.50 109.01
C GLU A 106 -10.32 0.48 108.04
N ILE A 107 -11.07 -0.02 107.07
CA ILE A 107 -11.76 0.85 106.12
C ILE A 107 -12.73 1.80 106.81
N ARG A 108 -13.60 1.26 107.65
CA ARG A 108 -14.52 2.10 108.40
C ARG A 108 -13.78 3.11 109.26
N GLN A 109 -12.75 2.64 109.96
CA GLN A 109 -11.95 3.48 110.81
C GLN A 109 -11.16 4.53 110.02
N GLU A 110 -10.74 4.16 108.82
CA GLU A 110 -10.04 5.09 107.96
C GLU A 110 -10.95 6.19 107.46
N ILE A 111 -12.21 5.84 107.21
CA ILE A 111 -13.22 6.86 106.91
C ILE A 111 -13.36 7.81 108.07
N GLU A 112 -13.41 7.26 109.28
CA GLU A 112 -13.49 8.06 110.49
C GLU A 112 -12.28 8.97 110.64
N ASN A 113 -11.10 8.41 110.38
CA ASN A 113 -9.86 9.15 110.47
C ASN A 113 -9.85 10.29 109.47
N GLU A 114 -10.14 9.96 108.22
CA GLU A 114 -10.10 10.92 107.14
C GLU A 114 -11.16 11.98 107.31
N THR A 115 -12.33 11.59 107.80
CA THR A 115 -13.39 12.54 108.13
C THR A 115 -12.88 13.58 109.10
N GLU A 116 -12.23 13.13 110.17
CA GLU A 116 -11.70 14.04 111.18
C GLU A 116 -10.57 14.90 110.63
N ARG A 117 -9.81 14.37 109.69
CA ARG A 117 -8.70 15.12 109.10
C ARG A 117 -9.14 16.40 108.41
N ILE A 118 -10.28 16.35 107.71
CA ILE A 118 -10.76 17.57 107.03
C ILE A 118 -11.97 18.19 107.71
N SER A 119 -13.02 17.41 107.94
CA SER A 119 -14.24 17.98 108.53
C SER A 119 -14.05 18.27 110.02
N GLY A 120 -13.20 17.50 110.66
CA GLY A 120 -12.88 17.71 112.07
C GLY A 120 -13.72 16.81 112.97
N ASN A 121 -13.65 17.06 114.27
CA ASN A 121 -14.39 16.26 115.24
C ASN A 121 -15.16 17.15 116.21
N ASN A 122 -15.90 18.09 115.64
CA ASN A 122 -16.71 19.02 116.42
C ASN A 122 -17.92 19.46 115.63
N LYS A 123 -18.66 18.47 115.12
CA LYS A 123 -19.87 18.71 114.32
C LYS A 123 -19.62 19.45 112.99
N GLY A 124 -18.37 19.74 112.66
CA GLY A 124 -18.06 20.43 111.43
C GLY A 124 -18.23 19.48 110.27
N VAL A 125 -18.70 20.02 109.15
CA VAL A 125 -18.93 19.21 107.96
C VAL A 125 -18.08 19.70 106.81
N SER A 126 -17.36 18.80 106.17
CA SER A 126 -16.53 19.15 105.04
C SER A 126 -17.31 19.05 103.74
N PRO A 127 -16.98 19.92 102.79
CA PRO A 127 -17.50 19.85 101.44
C PRO A 127 -16.66 18.92 100.57
N GLU A 128 -15.51 18.51 101.09
CA GLU A 128 -14.62 17.62 100.38
C GLU A 128 -14.92 16.17 100.72
N PRO A 129 -15.63 15.47 99.86
CA PRO A 129 -15.99 14.08 100.02
C PRO A 129 -14.76 13.15 100.10
N ILE A 130 -14.97 11.95 100.63
CA ILE A 130 -13.94 10.91 100.69
C ILE A 130 -14.17 9.86 99.60
N HIS A 131 -13.16 9.55 98.82
CA HIS A 131 -13.34 8.51 97.80
C HIS A 131 -12.81 7.16 98.25
N LEU A 132 -13.68 6.16 98.20
CA LEU A 132 -13.36 4.79 98.57
C LEU A 132 -13.84 3.79 97.53
N LYS A 133 -12.96 2.91 97.10
CA LYS A 133 -13.34 1.79 96.25
C LYS A 133 -13.43 0.50 97.08
N ILE A 134 -14.46 -0.29 96.81
CA ILE A 134 -14.59 -1.61 97.44
C ILE A 134 -14.58 -2.71 96.39
N PHE A 135 -13.70 -3.68 96.59
CA PHE A 135 -13.47 -4.71 95.59
C PHE A 135 -13.96 -6.08 96.05
N SER A 136 -14.65 -6.76 95.14
CA SER A 136 -14.99 -8.16 95.34
C SER A 136 -15.41 -8.80 94.03
N PRO A 137 -15.31 -10.11 93.94
CA PRO A 137 -15.68 -10.88 92.77
C PRO A 137 -17.14 -11.26 92.81
N ASN A 138 -17.79 -10.96 93.94
CA ASN A 138 -19.21 -11.21 94.07
C ASN A 138 -19.97 -9.89 94.19
N VAL A 139 -19.41 -8.82 93.64
CA VAL A 139 -20.14 -7.55 93.56
C VAL A 139 -20.02 -6.95 92.18
N VAL A 140 -20.87 -5.97 91.89
CA VAL A 140 -20.89 -5.32 90.59
C VAL A 140 -20.58 -3.84 90.70
N ASN A 141 -19.90 -3.32 89.69
CA ASN A 141 -19.54 -1.91 89.64
C ASN A 141 -20.75 -1.01 89.95
N LEU A 142 -20.62 -0.16 90.97
CA LEU A 142 -21.71 0.73 91.36
C LEU A 142 -21.23 1.91 92.20
N THR A 143 -21.71 3.11 91.88
CA THR A 143 -21.31 4.31 92.60
C THR A 143 -22.39 4.71 93.62
N LEU A 144 -21.98 4.88 94.88
CA LEU A 144 -22.89 5.24 95.96
C LEU A 144 -22.38 6.44 96.76
N VAL A 145 -23.29 7.20 97.36
CA VAL A 145 -22.91 8.38 98.14
C VAL A 145 -23.58 8.41 99.53
N ASP A 146 -22.76 8.52 100.57
CA ASP A 146 -23.27 8.67 101.94
C ASP A 146 -23.15 10.11 102.42
N LEU A 147 -24.28 10.80 102.53
CA LEU A 147 -24.27 12.22 102.85
C LEU A 147 -24.50 12.53 104.33
N PRO A 148 -24.06 13.70 104.75
CA PRO A 148 -24.31 14.23 106.07
C PRO A 148 -25.78 14.60 106.21
N GLY A 149 -26.30 14.50 107.42
CA GLY A 149 -27.71 14.76 107.63
C GLY A 149 -28.05 16.23 107.51
N MET A 150 -29.27 16.50 107.08
CA MET A 150 -29.76 17.87 107.00
C MET A 150 -29.92 18.47 108.39
N THR A 151 -29.57 19.75 108.50
CA THR A 151 -29.66 20.47 109.77
C THR A 151 -30.34 21.81 109.61
N LYS A 152 -30.37 22.57 110.70
CA LYS A 152 -30.97 23.89 110.72
C LYS A 152 -30.10 24.86 111.52
N VAL A 153 -29.51 24.36 112.61
CA VAL A 153 -28.69 25.17 113.49
C VAL A 153 -27.21 24.91 113.27
N PRO A 154 -26.42 25.98 113.18
CA PRO A 154 -24.97 25.93 113.08
C PRO A 154 -24.35 25.62 114.42
N VAL A 155 -23.85 24.39 114.56
CA VAL A 155 -23.29 23.94 115.82
C VAL A 155 -21.86 23.46 115.67
N GLY A 156 -21.09 23.57 116.75
CA GLY A 156 -19.69 23.16 116.74
C GLY A 156 -18.88 24.02 115.78
N ASP A 157 -18.24 23.36 114.81
CA ASP A 157 -17.43 24.05 113.81
C ASP A 157 -18.23 24.41 112.56
N GLN A 158 -19.55 24.25 112.61
CA GLN A 158 -20.39 24.53 111.47
C GLN A 158 -20.52 26.03 111.21
N PRO A 159 -20.74 26.41 109.96
CA PRO A 159 -20.94 27.78 109.48
C PRO A 159 -22.39 28.18 109.61
N LYS A 160 -22.64 29.49 109.61
CA LYS A 160 -24.00 30.02 109.69
C LYS A 160 -24.92 29.39 108.66
N ASP A 161 -24.38 29.14 107.47
CA ASP A 161 -25.15 28.58 106.38
C ASP A 161 -24.84 27.11 106.16
N ILE A 162 -24.46 26.39 107.23
CA ILE A 162 -24.21 24.96 107.15
C ILE A 162 -25.39 24.18 106.60
N GLU A 163 -26.60 24.63 106.90
CA GLU A 163 -27.79 24.05 106.32
C GLU A 163 -27.74 24.11 104.81
N LEU A 164 -27.37 25.28 104.29
CA LEU A 164 -27.28 25.50 102.86
C LEU A 164 -26.06 24.80 102.29
N GLN A 165 -24.98 24.73 103.05
CA GLN A 165 -23.80 24.01 102.62
C GLN A 165 -24.11 22.55 102.39
N ILE A 166 -24.71 21.92 103.39
CA ILE A 166 -25.11 20.52 103.28
C ILE A 166 -26.15 20.35 102.19
N ARG A 167 -27.08 21.29 102.10
CA ARG A 167 -28.07 21.31 101.03
C ARG A 167 -27.40 21.26 99.66
N GLU A 168 -26.40 22.11 99.47
CA GLU A 168 -25.66 22.14 98.20
C GLU A 168 -24.83 20.89 98.02
N LEU A 169 -24.30 20.34 99.11
CA LEU A 169 -23.56 19.08 99.06
C LEU A 169 -24.47 17.94 98.64
N ILE A 170 -25.71 17.99 99.07
CA ILE A 170 -26.70 17.02 98.64
C ILE A 170 -27.04 17.22 97.18
N LEU A 171 -27.32 18.48 96.80
CA LEU A 171 -27.69 18.83 95.44
C LEU A 171 -26.60 18.45 94.44
N ARG A 172 -25.35 18.54 94.89
CA ARG A 172 -24.20 18.11 94.10
C ARG A 172 -24.38 16.73 93.48
N PHE A 173 -25.13 15.85 94.15
CA PHE A 173 -25.29 14.49 93.67
C PHE A 173 -26.71 14.21 93.19
N ILE A 174 -27.71 14.70 93.92
CA ILE A 174 -29.10 14.37 93.58
C ILE A 174 -29.59 15.14 92.37
N SER A 175 -28.89 16.22 92.02
CA SER A 175 -29.21 16.98 90.83
C SER A 175 -28.96 16.20 89.53
N ASN A 176 -28.25 15.09 89.62
CA ASN A 176 -28.01 14.26 88.45
C ASN A 176 -29.17 13.30 88.19
N PRO A 177 -29.99 13.55 87.17
CA PRO A 177 -30.99 12.63 86.60
C PRO A 177 -30.58 11.16 86.72
N ASN A 178 -29.33 10.86 86.40
CA ASN A 178 -28.84 9.48 86.45
C ASN A 178 -28.45 9.09 87.86
N SER A 179 -29.43 9.01 88.74
CA SER A 179 -29.20 8.65 90.13
C SER A 179 -30.46 8.14 90.78
N ILE A 180 -30.29 7.46 91.90
CA ILE A 180 -31.41 7.05 92.72
C ILE A 180 -31.35 7.74 94.06
N ILE A 181 -32.38 8.52 94.35
CA ILE A 181 -32.41 9.31 95.56
C ILE A 181 -33.18 8.57 96.64
N LEU A 182 -32.49 8.22 97.72
CA LEU A 182 -33.14 7.51 98.80
C LEU A 182 -33.50 8.45 99.93
N ALA A 183 -34.77 8.78 100.03
CA ALA A 183 -35.24 9.77 100.98
C ALA A 183 -35.45 9.15 102.36
N VAL A 184 -34.37 9.01 103.10
CA VAL A 184 -34.40 8.31 104.39
C VAL A 184 -34.79 9.23 105.54
N THR A 185 -36.00 8.99 106.07
CA THR A 185 -36.53 9.75 107.20
C THR A 185 -37.11 8.81 108.27
N ALA A 186 -36.91 9.16 109.53
CA ALA A 186 -37.32 8.33 110.65
C ALA A 186 -38.84 8.27 110.82
N ALA A 187 -39.34 7.09 111.19
CA ALA A 187 -40.77 6.82 111.33
C ALA A 187 -41.41 7.61 112.45
N ASN A 188 -40.64 7.92 113.49
CA ASN A 188 -41.17 8.64 114.62
C ASN A 188 -41.13 10.15 114.42
N THR A 189 -40.74 10.58 113.23
CA THR A 189 -40.85 11.97 112.84
C THR A 189 -41.96 12.14 111.82
N ASP A 190 -42.30 13.38 111.53
CA ASP A 190 -43.38 13.64 110.57
C ASP A 190 -42.88 13.52 109.16
N MET A 191 -43.26 12.43 108.50
CA MET A 191 -42.86 12.17 107.12
C MET A 191 -43.30 13.27 106.16
N ALA A 192 -44.39 13.97 106.50
CA ALA A 192 -44.90 15.03 105.65
C ALA A 192 -43.93 16.21 105.59
N THR A 193 -43.01 16.29 106.54
CA THR A 193 -42.02 17.35 106.57
C THR A 193 -40.64 16.83 106.22
N SER A 194 -40.58 15.61 105.69
CA SER A 194 -39.30 14.97 105.36
C SER A 194 -38.40 15.88 104.56
N GLU A 195 -37.31 16.32 105.17
CA GLU A 195 -36.32 17.15 104.49
C GLU A 195 -35.69 16.39 103.35
N ALA A 196 -35.59 15.06 103.52
CA ALA A 196 -35.11 14.19 102.48
C ALA A 196 -35.89 14.40 101.19
N LEU A 197 -37.21 14.29 101.30
CA LEU A 197 -38.09 14.52 100.16
C LEU A 197 -38.14 15.99 99.76
N LYS A 198 -38.10 16.88 100.73
CA LYS A 198 -38.18 18.31 100.45
C LYS A 198 -37.04 18.77 99.54
N ILE A 199 -35.82 18.31 99.82
CA ILE A 199 -34.69 18.63 98.96
C ILE A 199 -34.71 17.80 97.68
N SER A 200 -35.24 16.58 97.75
CA SER A 200 -35.36 15.75 96.55
C SER A 200 -36.22 16.42 95.49
N ARG A 201 -37.27 17.10 95.94
CA ARG A 201 -38.20 17.78 95.03
C ARG A 201 -37.55 18.97 94.32
N GLU A 202 -36.41 19.44 94.82
CA GLU A 202 -35.69 20.54 94.20
C GLU A 202 -35.04 20.12 92.88
N VAL A 203 -34.71 18.83 92.79
CA VAL A 203 -34.05 18.30 91.61
C VAL A 203 -34.91 17.25 90.94
N ASP A 204 -35.93 16.80 91.66
CA ASP A 204 -36.82 15.78 91.18
C ASP A 204 -38.21 15.99 91.78
N PRO A 205 -38.82 17.13 91.46
CA PRO A 205 -40.12 17.59 91.93
C PRO A 205 -41.23 16.56 91.75
N ASP A 206 -41.07 15.65 90.80
CA ASP A 206 -42.08 14.66 90.50
C ASP A 206 -41.77 13.31 91.16
N GLY A 207 -40.54 13.14 91.66
CA GLY A 207 -40.17 11.94 92.39
C GLY A 207 -39.83 10.78 91.47
N ARG A 208 -39.48 11.07 90.22
CA ARG A 208 -39.27 10.04 89.21
C ARG A 208 -38.10 9.13 89.52
N ARG A 209 -37.14 9.64 90.26
CA ARG A 209 -35.97 8.86 90.63
C ARG A 209 -35.73 8.96 92.12
N THR A 210 -36.80 9.21 92.87
CA THR A 210 -36.72 9.33 94.31
C THR A 210 -37.58 8.29 94.99
N LEU A 211 -36.99 7.54 95.90
CA LEU A 211 -37.69 6.53 96.66
C LEU A 211 -37.83 6.94 98.11
N ALA A 212 -39.05 6.90 98.65
CA ALA A 212 -39.26 7.29 100.02
C ALA A 212 -38.95 6.15 100.97
N VAL A 213 -38.12 6.41 101.97
CA VAL A 213 -37.70 5.39 102.92
C VAL A 213 -38.07 5.79 104.35
N ILE A 214 -38.81 4.92 105.03
CA ILE A 214 -39.20 5.20 106.41
C ILE A 214 -38.52 4.25 107.37
N THR A 215 -37.54 4.75 108.11
CA THR A 215 -36.76 3.90 109.00
C THR A 215 -37.26 4.00 110.42
N LYS A 216 -36.73 3.17 111.30
CA LYS A 216 -37.10 3.20 112.70
C LYS A 216 -38.61 3.03 112.90
N LEU A 217 -39.23 2.15 112.11
CA LEU A 217 -40.63 1.82 112.31
C LEU A 217 -40.85 1.25 113.69
N ASP A 218 -39.85 0.52 114.20
CA ASP A 218 -39.92 -0.06 115.53
C ASP A 218 -39.91 1.02 116.62
N LEU A 219 -39.49 2.24 116.26
CA LEU A 219 -39.50 3.35 117.19
C LEU A 219 -40.65 4.31 116.92
N MET A 220 -41.53 3.95 115.98
CA MET A 220 -42.63 4.83 115.61
C MET A 220 -43.51 5.13 116.81
N ASP A 221 -43.98 6.37 116.89
CA ASP A 221 -44.79 6.81 118.02
C ASP A 221 -46.00 5.91 118.18
N ALA A 222 -46.09 5.26 119.34
CA ALA A 222 -47.14 4.29 119.60
C ALA A 222 -48.52 4.94 119.50
N GLY A 223 -49.43 4.28 118.80
CA GLY A 223 -50.77 4.79 118.60
C GLY A 223 -50.94 5.43 117.22
N THR A 224 -49.82 5.77 116.58
CA THR A 224 -49.85 6.39 115.26
C THR A 224 -49.38 5.39 114.20
N ASP A 225 -49.49 5.80 112.94
CA ASP A 225 -49.03 4.97 111.84
C ASP A 225 -48.59 5.80 110.65
N ALA A 226 -48.01 5.14 109.66
CA ALA A 226 -47.62 5.80 108.43
C ALA A 226 -48.29 5.14 107.24
N MET A 227 -49.48 4.57 107.46
CA MET A 227 -50.17 3.85 106.41
C MET A 227 -50.56 4.78 105.29
N ASP A 228 -50.98 5.98 105.65
CA ASP A 228 -51.36 6.97 104.68
C ASP A 228 -50.17 7.45 103.86
N VAL A 229 -49.02 7.54 104.51
CA VAL A 229 -47.79 7.86 103.81
C VAL A 229 -47.38 6.71 102.90
N LEU A 230 -47.40 5.51 103.45
CA LEU A 230 -47.04 4.30 102.72
C LEU A 230 -47.94 4.05 101.53
N MET A 231 -49.22 4.39 101.67
CA MET A 231 -50.20 4.17 100.61
C MET A 231 -50.31 5.36 99.66
N GLY A 232 -49.49 6.39 99.86
CA GLY A 232 -49.45 7.51 98.95
C GLY A 232 -50.59 8.52 99.19
N ARG A 233 -51.29 8.36 100.31
CA ARG A 233 -52.39 9.24 100.65
C ARG A 233 -51.86 10.59 101.10
N VAL A 234 -50.72 10.58 101.77
CA VAL A 234 -50.07 11.82 102.18
C VAL A 234 -48.96 12.20 101.20
N ILE A 235 -48.09 11.24 100.90
CA ILE A 235 -46.96 11.50 100.02
C ILE A 235 -46.96 10.58 98.81
N PRO A 236 -47.25 11.14 97.64
CA PRO A 236 -47.19 10.40 96.37
C PRO A 236 -45.75 10.31 95.85
N VAL A 237 -45.30 9.08 95.62
CA VAL A 237 -43.92 8.83 95.16
C VAL A 237 -43.91 7.88 93.97
N LYS A 238 -43.21 8.26 92.90
CA LYS A 238 -43.20 7.46 91.68
C LYS A 238 -42.58 6.10 91.88
N LEU A 239 -41.60 6.01 92.78
CA LEU A 239 -40.94 4.75 93.07
C LEU A 239 -41.57 4.05 94.28
N GLY A 240 -42.63 4.63 94.84
CA GLY A 240 -43.32 4.03 95.97
C GLY A 240 -42.71 4.45 97.31
N ILE A 241 -43.30 3.95 98.40
CA ILE A 241 -42.82 4.23 99.74
C ILE A 241 -42.58 2.92 100.50
N ILE A 242 -41.36 2.74 100.99
CA ILE A 242 -41.01 1.50 101.70
C ILE A 242 -40.42 1.79 103.08
N GLY A 243 -40.97 1.13 104.10
CA GLY A 243 -40.50 1.31 105.46
C GLY A 243 -39.32 0.39 105.80
N VAL A 244 -38.64 0.69 106.90
CA VAL A 244 -37.44 -0.04 107.31
C VAL A 244 -37.37 -0.25 108.83
N VAL A 245 -36.95 -1.44 109.24
CA VAL A 245 -36.60 -1.72 110.64
C VAL A 245 -35.13 -2.13 110.73
N ASN A 246 -34.42 -1.57 111.70
CA ASN A 246 -32.98 -1.81 111.80
C ASN A 246 -32.50 -1.73 113.25
N ARG A 247 -31.19 -1.94 113.43
CA ARG A 247 -30.60 -1.99 114.76
C ARG A 247 -30.49 -0.62 115.43
N SER A 248 -30.80 -0.59 116.72
CA SER A 248 -30.54 0.59 117.54
C SER A 248 -29.10 0.61 117.99
N GLN A 249 -28.77 1.61 118.80
CA GLN A 249 -27.45 1.67 119.43
C GLN A 249 -27.12 0.40 120.16
N LEU A 250 -28.12 -0.17 120.80
CA LEU A 250 -27.90 -1.35 121.64
C LEU A 250 -27.79 -2.57 120.78
N ASP A 251 -28.56 -2.61 119.71
CA ASP A 251 -28.60 -3.79 118.88
C ASP A 251 -27.35 -3.88 118.00
N ILE A 252 -26.80 -2.72 117.64
CA ILE A 252 -25.51 -2.68 116.98
C ILE A 252 -24.42 -3.13 117.94
N ASN A 253 -24.45 -2.58 119.15
CA ASN A 253 -23.46 -2.92 120.16
C ASN A 253 -23.63 -4.34 120.68
N ASN A 254 -24.84 -4.89 120.55
CA ASN A 254 -25.08 -6.28 120.93
C ASN A 254 -24.91 -7.22 119.75
N LYS A 255 -24.45 -6.68 118.61
CA LYS A 255 -24.18 -7.49 117.43
C LYS A 255 -25.38 -8.32 117.01
N LYS A 256 -26.57 -7.71 117.01
CA LYS A 256 -27.75 -8.38 116.50
C LYS A 256 -27.51 -8.83 115.07
N SER A 257 -27.75 -10.09 114.78
CA SER A 257 -27.47 -10.61 113.46
C SER A 257 -28.54 -10.19 112.48
N VAL A 258 -28.27 -10.39 111.21
CA VAL A 258 -29.22 -10.07 110.17
C VAL A 258 -30.49 -10.88 110.34
N THR A 259 -30.32 -12.16 110.65
CA THR A 259 -31.46 -13.04 110.90
C THR A 259 -32.31 -12.53 112.05
N ASP A 260 -31.64 -12.10 113.13
CA ASP A 260 -32.35 -11.51 114.26
C ASP A 260 -33.09 -10.26 113.86
N SER A 261 -32.43 -9.42 113.07
CA SER A 261 -33.03 -8.20 112.57
C SER A 261 -34.25 -8.49 111.70
N ILE A 262 -34.13 -9.52 110.87
CA ILE A 262 -35.23 -9.97 110.03
C ILE A 262 -36.40 -10.45 110.85
N ARG A 263 -36.11 -11.26 111.87
CA ARG A 263 -37.15 -11.77 112.75
C ARG A 263 -37.91 -10.65 113.42
N ASP A 264 -37.18 -9.67 113.93
CA ASP A 264 -37.79 -8.54 114.61
C ASP A 264 -38.55 -7.66 113.64
N GLU A 265 -37.95 -7.42 112.48
CA GLU A 265 -38.58 -6.66 111.42
C GLU A 265 -39.87 -7.30 110.96
N TYR A 266 -39.77 -8.57 110.60
CA TYR A 266 -40.90 -9.33 110.09
C TYR A 266 -42.02 -9.39 111.11
N ALA A 267 -41.69 -9.81 112.33
CA ALA A 267 -42.69 -9.94 113.37
C ALA A 267 -43.33 -8.60 113.67
N PHE A 268 -42.52 -7.55 113.76
CA PHE A 268 -43.03 -6.22 113.99
C PHE A 268 -43.99 -5.81 112.90
N LEU A 269 -43.55 -5.95 111.66
CA LEU A 269 -44.32 -5.51 110.52
C LEU A 269 -45.61 -6.29 110.37
N GLN A 270 -45.55 -7.59 110.62
CA GLN A 270 -46.74 -8.40 110.57
C GLN A 270 -47.73 -7.98 111.63
N LYS A 271 -47.21 -7.55 112.78
CA LYS A 271 -48.05 -7.05 113.86
C LYS A 271 -48.46 -5.59 113.63
N LYS A 272 -47.65 -4.85 112.87
CA LYS A 272 -47.90 -3.44 112.65
C LYS A 272 -48.72 -3.20 111.40
N TYR A 273 -48.18 -3.59 110.25
CA TYR A 273 -48.92 -3.47 109.00
C TYR A 273 -48.94 -4.78 108.24
N PRO A 274 -49.54 -5.82 108.83
CA PRO A 274 -49.76 -7.13 108.17
C PRO A 274 -49.68 -7.07 106.63
N SER A 275 -50.51 -6.20 106.04
CA SER A 275 -50.65 -6.14 104.59
C SER A 275 -49.52 -5.40 103.88
N LEU A 276 -48.91 -4.45 104.59
CA LEU A 276 -47.79 -3.69 104.02
C LEU A 276 -46.47 -4.29 104.44
N ALA A 277 -46.53 -5.26 105.36
CA ALA A 277 -45.35 -5.91 105.92
C ALA A 277 -44.49 -6.54 104.85
N ASN A 278 -45.13 -7.05 103.81
CA ASN A 278 -44.41 -7.73 102.74
C ASN A 278 -43.94 -6.76 101.67
N ARG A 279 -44.18 -5.46 101.89
CA ARG A 279 -43.63 -4.41 101.06
C ARG A 279 -42.53 -3.68 101.81
N ASN A 280 -42.69 -3.59 103.12
CA ASN A 280 -41.71 -2.92 103.96
C ASN A 280 -40.47 -3.79 104.16
N GLY A 281 -40.70 -5.08 104.42
CA GLY A 281 -39.65 -6.11 104.41
C GLY A 281 -38.43 -5.71 103.58
N THR A 282 -37.34 -5.35 104.25
CA THR A 282 -36.09 -4.96 103.58
C THR A 282 -35.75 -5.83 102.36
N LYS A 283 -36.05 -7.12 102.43
CA LYS A 283 -35.83 -8.01 101.29
C LYS A 283 -36.63 -7.55 100.08
N TYR A 284 -37.88 -7.16 100.31
CA TYR A 284 -38.72 -6.60 99.25
C TYR A 284 -38.07 -5.39 98.65
N LEU A 285 -37.55 -4.51 99.51
CA LEU A 285 -36.84 -3.32 99.07
C LEU A 285 -35.66 -3.68 98.20
N ALA A 286 -34.84 -4.63 98.66
CA ALA A 286 -33.67 -5.05 97.92
C ALA A 286 -34.05 -5.59 96.55
N ARG A 287 -35.13 -6.37 96.51
CA ARG A 287 -35.62 -6.89 95.24
C ARG A 287 -36.15 -5.78 94.37
N THR A 288 -36.81 -4.80 94.99
CA THR A 288 -37.30 -3.64 94.29
C THR A 288 -36.17 -2.87 93.66
N LEU A 289 -35.11 -2.68 94.42
CA LEU A 289 -33.93 -1.99 93.94
C LEU A 289 -33.31 -2.74 92.77
N ASN A 290 -33.30 -4.07 92.88
CA ASN A 290 -32.81 -4.90 91.80
C ASN A 290 -33.66 -4.67 90.56
N ARG A 291 -34.98 -4.63 90.74
CA ARG A 291 -35.90 -4.39 89.65
C ARG A 291 -35.67 -3.03 89.03
N LEU A 292 -35.42 -2.03 89.86
CA LEU A 292 -35.16 -0.69 89.37
C LEU A 292 -33.94 -0.65 88.48
N LEU A 293 -32.91 -1.40 88.87
CA LEU A 293 -31.72 -1.53 88.05
C LEU A 293 -32.01 -2.29 86.78
N MET A 294 -32.86 -3.31 86.87
CA MET A 294 -33.27 -4.06 85.70
C MET A 294 -34.04 -3.18 84.74
N HIS A 295 -34.85 -2.29 85.28
CA HIS A 295 -35.59 -1.34 84.47
C HIS A 295 -34.64 -0.36 83.81
N HIS A 296 -33.67 0.10 84.59
CA HIS A 296 -32.61 0.98 84.10
C HIS A 296 -31.90 0.32 82.92
N ILE A 297 -31.63 -0.98 83.04
CA ILE A 297 -31.05 -1.75 81.96
C ILE A 297 -31.97 -1.83 80.77
N ARG A 298 -33.24 -2.18 81.02
CA ARG A 298 -34.22 -2.38 79.96
C ARG A 298 -34.37 -1.14 79.10
N ASP A 299 -34.25 0.01 79.72
CA ASP A 299 -34.40 1.29 79.03
C ASP A 299 -33.51 1.41 77.79
N CYS A 300 -32.34 0.78 77.80
CA CYS A 300 -31.37 1.00 76.73
C CYS A 300 -31.12 -0.26 75.89
N LEU A 301 -31.97 -1.26 76.04
CA LEU A 301 -31.78 -2.50 75.30
C LEU A 301 -32.13 -2.34 73.82
N PRO A 302 -33.07 -1.43 73.52
CA PRO A 302 -33.39 -1.08 72.15
C PRO A 302 -32.26 -0.30 71.49
N GLU A 303 -31.52 0.48 72.28
CA GLU A 303 -30.36 1.19 71.79
C GLU A 303 -29.25 0.21 71.45
N LEU A 304 -29.11 -0.79 72.30
CA LEU A 304 -28.20 -1.89 72.07
C LEU A 304 -28.55 -2.64 70.78
N LYS A 305 -29.84 -2.98 70.64
CA LYS A 305 -30.32 -3.67 69.46
C LYS A 305 -30.18 -2.80 68.21
N THR A 306 -30.38 -1.48 68.37
CA THR A 306 -30.21 -0.55 67.27
C THR A 306 -28.80 -0.60 66.73
N ARG A 307 -27.82 -0.58 67.62
CA ARG A 307 -26.42 -0.68 67.21
C ARG A 307 -26.17 -1.98 66.47
N ILE A 308 -26.73 -3.07 66.97
CA ILE A 308 -26.60 -4.38 66.31
C ILE A 308 -27.08 -4.30 64.87
N ASN A 309 -28.22 -3.63 64.67
CA ASN A 309 -28.79 -3.45 63.35
C ASN A 309 -27.91 -2.59 62.45
N VAL A 310 -27.40 -1.49 63.01
CA VAL A 310 -26.53 -0.59 62.28
C VAL A 310 -25.28 -1.28 61.82
N LEU A 311 -24.66 -2.02 62.72
CA LEU A 311 -23.44 -2.73 62.42
C LEU A 311 -23.65 -3.76 61.32
N ALA A 312 -24.81 -4.43 61.36
CA ALA A 312 -25.13 -5.44 60.37
C ALA A 312 -25.17 -4.83 58.97
N ALA A 313 -25.76 -3.65 58.86
CA ALA A 313 -25.79 -2.94 57.60
C ALA A 313 -24.39 -2.60 57.13
N GLN A 314 -23.54 -2.20 58.08
CA GLN A 314 -22.16 -1.85 57.77
C GLN A 314 -21.38 -3.06 57.30
N TYR A 315 -21.58 -4.19 57.95
CA TYR A 315 -20.84 -5.40 57.63
C TYR A 315 -21.30 -5.96 56.31
N GLN A 316 -22.60 -5.87 56.05
CA GLN A 316 -23.13 -6.29 54.76
C GLN A 316 -22.64 -5.38 53.65
N SER A 317 -22.52 -4.08 53.94
CA SER A 317 -21.98 -3.13 53.00
C SER A 317 -20.53 -3.49 52.65
N LEU A 318 -19.79 -3.96 53.66
CA LEU A 318 -18.45 -4.47 53.43
C LEU A 318 -18.46 -5.74 52.61
N LEU A 319 -19.44 -6.60 52.86
CA LEU A 319 -19.60 -7.82 52.07
C LEU A 319 -19.98 -7.49 50.62
N ASN A 320 -20.69 -6.38 50.44
CA ASN A 320 -21.07 -5.94 49.11
C ASN A 320 -19.87 -5.40 48.32
N SER A 321 -18.72 -5.25 48.99
CA SER A 321 -17.52 -4.78 48.33
C SER A 321 -16.93 -5.83 47.39
N TYR A 322 -17.29 -7.09 47.59
CA TYR A 322 -16.82 -8.14 46.71
C TYR A 322 -18.01 -8.84 46.04
N GLY A 323 -19.17 -8.79 46.68
CA GLY A 323 -20.40 -9.27 46.09
C GLY A 323 -20.58 -10.78 46.25
N GLU A 324 -19.72 -11.53 45.58
CA GLU A 324 -19.80 -12.99 45.61
C GLU A 324 -18.43 -13.63 45.39
N PRO A 325 -18.32 -14.93 45.70
CA PRO A 325 -17.09 -15.70 45.59
C PRO A 325 -17.03 -16.43 44.26
N VAL A 326 -18.12 -16.37 43.50
CA VAL A 326 -18.20 -16.94 42.16
C VAL A 326 -18.10 -18.45 42.14
N ASP A 327 -19.25 -19.10 42.05
CA ASP A 327 -19.29 -20.56 41.92
C ASP A 327 -19.61 -21.00 40.49
N ASP A 328 -19.69 -20.04 39.58
CA ASP A 328 -20.03 -20.35 38.19
C ASP A 328 -18.79 -20.55 37.33
N LYS A 329 -17.75 -19.77 37.61
CA LYS A 329 -16.45 -19.87 36.95
C LYS A 329 -16.50 -19.53 35.48
N SER A 330 -17.07 -20.42 34.69
CA SER A 330 -17.08 -20.32 33.24
C SER A 330 -17.73 -19.04 32.77
N ALA A 331 -19.02 -18.91 33.06
CA ALA A 331 -19.77 -17.73 32.66
C ALA A 331 -19.14 -16.48 33.22
N THR A 332 -18.67 -16.54 34.46
CA THR A 332 -18.04 -15.40 35.10
C THR A 332 -16.82 -14.96 34.32
N LEU A 333 -15.97 -15.91 33.99
CA LEU A 333 -14.77 -15.62 33.23
C LEU A 333 -15.10 -14.99 31.91
N LEU A 334 -16.04 -15.56 31.20
CA LEU A 334 -16.43 -15.06 29.90
C LEU A 334 -16.98 -13.64 30.00
N GLN A 335 -17.73 -13.37 31.05
CA GLN A 335 -18.26 -12.03 31.29
C GLN A 335 -17.15 -11.05 31.57
N LEU A 336 -16.20 -11.45 32.39
CA LEU A 336 -15.07 -10.60 32.72
C LEU A 336 -14.26 -10.28 31.47
N ILE A 337 -14.03 -11.29 30.64
CA ILE A 337 -13.35 -11.12 29.38
C ILE A 337 -14.13 -10.21 28.46
N THR A 338 -15.42 -10.47 28.34
CA THR A 338 -16.28 -9.72 27.45
C THR A 338 -16.29 -8.25 27.82
N LYS A 339 -16.47 -7.97 29.10
CA LYS A 339 -16.55 -6.61 29.58
C LYS A 339 -15.26 -5.86 29.33
N PHE A 340 -14.14 -6.52 29.60
CA PHE A 340 -12.84 -5.93 29.34
C PHE A 340 -12.67 -5.59 27.88
N ALA A 341 -12.87 -6.58 27.02
CA ALA A 341 -12.67 -6.40 25.60
C ALA A 341 -13.60 -5.36 25.04
N THR A 342 -14.82 -5.33 25.56
CA THR A 342 -15.80 -4.35 25.15
C THR A 342 -15.32 -2.95 25.43
N GLU A 343 -14.95 -2.70 26.68
CA GLU A 343 -14.51 -1.37 27.08
C GLU A 343 -13.16 -1.02 26.49
N TYR A 344 -12.34 -2.04 26.27
CA TYR A 344 -11.06 -1.86 25.60
C TYR A 344 -11.28 -1.30 24.20
N CYS A 345 -12.17 -1.94 23.45
CA CYS A 345 -12.49 -1.49 22.11
C CYS A 345 -13.22 -0.16 22.13
N ASN A 346 -14.04 0.03 23.15
CA ASN A 346 -14.72 1.29 23.31
C ASN A 346 -13.75 2.41 23.60
N THR A 347 -12.70 2.10 24.35
CA THR A 347 -11.65 3.07 24.62
C THR A 347 -10.96 3.48 23.35
N ILE A 348 -10.73 2.52 22.45
CA ILE A 348 -10.21 2.82 21.13
C ILE A 348 -11.12 3.79 20.39
N GLU A 349 -12.42 3.52 20.44
CA GLU A 349 -13.41 4.36 19.80
C GLU A 349 -13.55 5.71 20.48
N GLY A 350 -13.33 5.75 21.79
CA GLY A 350 -13.61 6.94 22.58
C GLY A 350 -15.05 6.90 23.09
N THR A 351 -15.62 5.70 23.10
CA THR A 351 -17.01 5.49 23.48
C THR A 351 -17.11 4.71 24.77
N ALA A 352 -16.02 4.66 25.53
CA ALA A 352 -15.97 3.92 26.78
C ALA A 352 -16.86 4.54 27.83
N LYS A 353 -17.33 3.74 28.77
CA LYS A 353 -18.12 4.25 29.89
C LYS A 353 -17.25 5.12 30.79
N TYR A 354 -15.98 4.78 30.87
CA TYR A 354 -15.04 5.48 31.73
C TYR A 354 -14.40 6.66 31.02
N ILE A 355 -15.17 7.73 30.86
CA ILE A 355 -14.67 8.94 30.21
C ILE A 355 -14.05 9.92 31.18
N GLU A 356 -13.20 9.43 32.08
CA GLU A 356 -12.52 10.30 33.02
C GLU A 356 -11.72 11.35 32.29
N THR A 357 -11.96 12.62 32.61
CA THR A 357 -11.25 13.70 31.98
C THR A 357 -9.81 13.72 32.45
N SER A 358 -8.89 13.58 31.51
CA SER A 358 -7.48 13.46 31.82
C SER A 358 -6.61 13.72 30.59
N GLU A 359 -5.39 13.21 30.64
CA GLU A 359 -4.49 13.25 29.49
C GLU A 359 -5.12 12.56 28.29
N LEU A 360 -4.93 13.14 27.12
CA LEU A 360 -5.44 12.58 25.89
C LEU A 360 -4.92 11.16 25.68
N CYS A 361 -5.83 10.21 25.54
CA CYS A 361 -5.43 8.82 25.37
C CYS A 361 -6.49 7.98 24.69
N GLY A 362 -6.13 6.76 24.32
CA GLY A 362 -7.08 5.76 23.85
C GLY A 362 -7.47 5.95 22.38
N GLY A 363 -8.23 7.00 22.11
CA GLY A 363 -8.77 7.22 20.78
C GLY A 363 -8.09 8.38 20.07
N ALA A 364 -8.53 9.59 20.38
CA ALA A 364 -8.07 10.80 19.70
C ALA A 364 -6.58 11.07 19.91
N ARG A 365 -5.98 10.39 20.87
CA ARG A 365 -4.53 10.44 21.03
C ARG A 365 -3.83 9.82 19.83
N ILE A 366 -4.45 8.82 19.24
CA ILE A 366 -3.92 8.24 18.02
C ILE A 366 -4.16 9.17 16.84
N CYS A 367 -5.31 9.84 16.85
CA CYS A 367 -5.57 10.91 15.89
C CYS A 367 -4.48 11.97 15.97
N TYR A 368 -4.13 12.33 17.20
CA TYR A 368 -3.02 13.24 17.46
C TYR A 368 -1.74 12.70 16.84
N ILE A 369 -1.45 11.42 17.11
CA ILE A 369 -0.28 10.76 16.54
C ILE A 369 -0.25 10.85 15.02
N PHE A 370 -1.41 10.72 14.39
CA PHE A 370 -1.48 10.70 12.94
C PHE A 370 -1.57 12.08 12.30
N HIS A 371 -1.44 13.12 13.11
CA HIS A 371 -1.54 14.47 12.59
C HIS A 371 -0.52 15.37 13.24
N GLU A 372 -0.69 15.61 14.52
CA GLU A 372 0.16 16.52 15.24
C GLU A 372 1.56 15.98 15.37
N THR A 373 1.68 14.67 15.49
CA THR A 373 2.99 14.04 15.49
C THR A 373 3.44 13.70 14.09
N PHE A 374 2.79 12.71 13.49
CA PHE A 374 3.21 12.13 12.22
C PHE A 374 3.16 13.12 11.07
N GLY A 375 2.01 13.78 10.91
CA GLY A 375 1.84 14.71 9.80
C GLY A 375 2.88 15.82 9.86
N ARG A 376 3.06 16.39 11.05
CA ARG A 376 4.06 17.44 11.24
C ARG A 376 5.46 16.90 11.01
N THR A 377 5.75 15.72 11.53
CA THR A 377 7.06 15.10 11.35
C THR A 377 7.42 15.05 9.89
N LEU A 378 6.49 14.60 9.06
CA LEU A 378 6.74 14.53 7.64
C LEU A 378 6.91 15.91 7.04
N GLU A 379 6.14 16.88 7.51
CA GLU A 379 6.26 18.24 7.01
C GLU A 379 7.65 18.82 7.22
N SER A 380 8.36 18.36 8.26
CA SER A 380 9.71 18.82 8.52
C SER A 380 10.77 18.16 7.61
N VAL A 381 10.38 17.12 6.87
CA VAL A 381 11.36 16.37 6.10
C VAL A 381 11.65 17.02 4.76
N ASP A 382 12.95 17.23 4.49
CA ASP A 382 13.42 17.82 3.25
C ASP A 382 12.63 19.14 2.93
N PRO A 383 11.90 19.29 1.79
CA PRO A 383 11.88 18.63 0.47
C PRO A 383 13.13 18.94 -0.37
N LEU A 384 13.94 19.88 0.08
CA LEU A 384 15.17 20.22 -0.61
C LEU A 384 16.40 19.68 0.12
N GLY A 385 16.17 18.84 1.12
CA GLY A 385 17.27 18.30 1.91
C GLY A 385 18.17 17.40 1.08
N GLY A 386 19.47 17.60 1.21
CA GLY A 386 20.45 16.78 0.52
C GLY A 386 20.80 17.31 -0.87
N LEU A 387 20.04 18.30 -1.35
CA LEU A 387 20.20 18.75 -2.72
C LEU A 387 21.31 19.78 -2.85
N ASN A 388 22.54 19.33 -2.81
CA ASN A 388 23.69 20.16 -3.14
C ASN A 388 23.85 20.26 -4.64
N THR A 389 23.64 21.44 -5.19
CA THR A 389 23.68 21.68 -6.62
C THR A 389 24.89 21.03 -7.28
N ILE A 390 26.05 21.16 -6.64
CA ILE A 390 27.30 20.71 -7.24
C ILE A 390 27.39 19.19 -7.21
N ASP A 391 26.92 18.60 -6.12
CA ASP A 391 26.89 17.15 -6.00
C ASP A 391 25.92 16.56 -7.00
N ILE A 392 24.83 17.27 -7.25
CA ILE A 392 23.86 16.86 -8.26
C ILE A 392 24.45 16.90 -9.64
N LEU A 393 25.22 17.95 -9.93
CA LEU A 393 25.91 18.06 -11.21
C LEU A 393 26.85 16.88 -11.41
N THR A 394 27.52 16.47 -10.34
CA THR A 394 28.33 15.26 -10.38
C THR A 394 27.46 14.03 -10.62
N ALA A 395 26.33 13.96 -9.93
CA ALA A 395 25.43 12.83 -10.04
C ALA A 395 24.91 12.65 -11.46
N ILE A 396 24.56 13.76 -12.12
CA ILE A 396 24.03 13.66 -13.47
C ILE A 396 25.13 13.38 -14.49
N ARG A 397 26.36 13.76 -14.17
CA ARG A 397 27.50 13.32 -14.96
C ARG A 397 27.70 11.82 -14.82
N ASN A 398 27.51 11.31 -13.61
CA ASN A 398 27.56 9.88 -13.38
C ASN A 398 26.40 9.18 -14.08
N ALA A 399 25.23 9.82 -14.06
CA ALA A 399 24.04 9.27 -14.72
C ALA A 399 24.28 9.11 -16.21
N THR A 400 24.99 10.04 -16.82
CA THR A 400 25.39 9.91 -18.21
C THR A 400 26.30 8.71 -18.39
N GLY A 401 27.32 8.61 -17.55
CA GLY A 401 28.22 7.48 -17.61
C GLY A 401 29.22 7.65 -18.73
N PRO A 402 29.82 6.55 -19.17
CA PRO A 402 30.92 6.47 -20.13
C PRO A 402 30.64 7.13 -21.48
N ARG A 403 29.37 7.26 -21.84
CA ARG A 403 28.98 7.88 -23.10
C ARG A 403 29.05 9.40 -23.04
N PRO A 404 28.90 10.03 -24.19
CA PRO A 404 28.61 11.46 -24.37
C PRO A 404 27.11 11.67 -24.34
N ALA A 405 26.69 12.91 -24.11
CA ALA A 405 25.28 13.22 -23.98
C ALA A 405 24.89 14.48 -24.72
N LEU A 406 23.67 14.51 -25.20
CA LEU A 406 23.10 15.69 -25.85
C LEU A 406 22.32 16.52 -24.84
N PHE A 407 21.91 15.87 -23.77
CA PHE A 407 21.14 16.48 -22.71
C PHE A 407 21.18 15.64 -21.45
N VAL A 408 20.81 16.23 -20.33
CA VAL A 408 20.86 15.54 -19.05
C VAL A 408 19.81 14.44 -18.98
N PRO A 409 20.17 13.29 -18.40
CA PRO A 409 19.30 12.13 -18.22
C PRO A 409 18.23 12.42 -17.19
N GLU A 410 17.07 11.77 -17.33
CA GLU A 410 16.02 11.88 -16.35
C GLU A 410 16.40 11.16 -15.05
N VAL A 411 17.39 10.27 -15.15
CA VAL A 411 17.92 9.53 -14.02
C VAL A 411 18.18 10.44 -12.82
N SER A 412 18.91 11.52 -13.07
CA SER A 412 18.92 12.73 -12.21
C SER A 412 17.98 12.62 -11.02
N PHE A 413 16.86 13.33 -11.12
CA PHE A 413 15.85 13.36 -10.07
C PHE A 413 15.29 11.99 -9.78
N GLU A 414 15.31 11.10 -10.76
CA GLU A 414 14.75 9.78 -10.54
C GLU A 414 15.45 9.04 -9.40
N LEU A 415 16.71 9.37 -9.16
CA LEU A 415 17.43 8.77 -8.05
C LEU A 415 17.46 9.69 -6.84
N LEU A 416 17.57 10.99 -7.09
CA LEU A 416 17.68 11.96 -6.02
C LEU A 416 16.38 12.06 -5.24
N VAL A 417 15.25 11.98 -5.94
CA VAL A 417 13.95 11.90 -5.29
C VAL A 417 13.87 10.68 -4.40
N LYS A 418 14.36 9.55 -4.90
CA LYS A 418 14.30 8.30 -4.16
C LYS A 418 15.07 8.39 -2.87
N ARG A 419 16.21 9.07 -2.89
CA ARG A 419 16.98 9.28 -1.68
C ARG A 419 16.13 9.99 -0.62
N GLN A 420 15.41 11.01 -1.05
CA GLN A 420 14.55 11.73 -0.13
C GLN A 420 13.36 10.89 0.30
N ILE A 421 12.84 10.07 -0.61
CA ILE A 421 11.75 9.17 -0.26
C ILE A 421 12.17 8.16 0.80
N LYS A 422 13.38 7.65 0.68
CA LYS A 422 13.92 6.71 1.65
C LYS A 422 13.94 7.32 3.06
N ARG A 423 14.17 8.62 3.13
CA ARG A 423 14.16 9.33 4.41
C ARG A 423 12.78 9.34 5.06
N LEU A 424 11.74 9.07 4.29
CA LEU A 424 10.38 9.08 4.79
C LEU A 424 9.98 7.77 5.44
N GLU A 425 10.85 6.76 5.34
CA GLU A 425 10.56 5.45 5.92
C GLU A 425 10.70 5.47 7.43
N GLU A 426 11.80 6.06 7.90
CA GLU A 426 12.09 6.13 9.32
C GLU A 426 10.91 6.65 10.17
N PRO A 427 10.59 7.96 10.09
CA PRO A 427 9.52 8.58 10.86
C PRO A 427 8.18 7.86 10.71
N SER A 428 7.96 7.20 9.56
CA SER A 428 6.75 6.44 9.36
C SER A 428 6.71 5.23 10.28
N LEU A 429 7.85 4.56 10.39
CA LEU A 429 7.96 3.41 11.28
C LEU A 429 7.92 3.85 12.72
N ARG A 430 8.48 5.03 13.01
CA ARG A 430 8.40 5.60 14.34
C ARG A 430 6.96 5.83 14.74
N CYS A 431 6.17 6.34 13.80
CA CYS A 431 4.74 6.55 14.02
C CYS A 431 4.06 5.26 14.42
N VAL A 432 4.37 4.17 13.70
CA VAL A 432 3.80 2.87 14.01
C VAL A 432 4.11 2.46 15.43
N GLU A 433 5.37 2.65 15.82
CA GLU A 433 5.82 2.32 17.16
C GLU A 433 5.09 3.13 18.21
N LEU A 434 4.85 4.40 17.91
CA LEU A 434 4.13 5.29 18.82
C LEU A 434 2.70 4.82 19.04
N VAL A 435 2.07 4.35 17.98
CA VAL A 435 0.73 3.80 18.11
C VAL A 435 0.74 2.53 18.93
N HIS A 436 1.70 1.66 18.66
CA HIS A 436 1.87 0.42 19.42
C HIS A 436 1.95 0.72 20.91
N GLU A 437 2.74 1.73 21.26
CA GLU A 437 2.82 2.19 22.65
C GLU A 437 1.45 2.61 23.17
N GLU A 438 0.73 3.42 22.39
CA GLU A 438 -0.58 3.90 22.80
C GLU A 438 -1.57 2.76 22.97
N MET A 439 -1.47 1.75 22.12
CA MET A 439 -2.34 0.59 22.21
C MET A 439 -2.12 -0.13 23.52
N GLN A 440 -0.88 -0.12 24.01
CA GLN A 440 -0.57 -0.66 25.31
C GLN A 440 -1.09 0.25 26.42
N ARG A 441 -1.02 1.55 26.20
CA ARG A 441 -1.53 2.53 27.16
C ARG A 441 -3.04 2.39 27.37
N ILE A 442 -3.74 1.90 26.37
CA ILE A 442 -5.16 1.60 26.53
C ILE A 442 -5.41 0.62 27.68
N ILE A 443 -4.49 -0.32 27.85
CA ILE A 443 -4.61 -1.27 28.95
C ILE A 443 -4.49 -0.56 30.28
N GLN A 444 -3.54 0.36 30.36
CA GLN A 444 -3.33 1.15 31.56
C GLN A 444 -4.58 1.95 31.88
N HIS A 445 -5.19 2.51 30.84
CA HIS A 445 -6.46 3.20 30.98
C HIS A 445 -7.53 2.24 31.46
N CYS A 446 -7.59 1.07 30.84
CA CYS A 446 -8.57 0.06 31.20
C CYS A 446 -8.41 -0.40 32.63
N SER A 447 -7.19 -0.34 33.17
CA SER A 447 -6.94 -0.79 34.53
C SER A 447 -7.50 0.17 35.59
N ASN A 448 -8.00 1.33 35.16
CA ASN A 448 -8.58 2.30 36.08
C ASN A 448 -10.01 1.92 36.50
N TYR A 449 -10.58 0.93 35.84
CA TYR A 449 -11.94 0.49 36.10
C TYR A 449 -12.10 -0.96 35.70
N SER A 450 -13.20 -1.59 36.10
CA SER A 450 -13.45 -3.03 35.83
C SER A 450 -12.53 -3.96 36.64
N THR A 451 -11.21 -3.68 36.61
CA THR A 451 -10.21 -4.34 37.41
C THR A 451 -10.67 -4.68 38.83
N GLN A 452 -11.46 -3.81 39.46
CA GLN A 452 -11.90 -4.05 40.83
C GLN A 452 -12.68 -5.36 40.96
N GLU A 453 -13.30 -5.81 39.87
CA GLU A 453 -13.93 -7.11 39.83
C GLU A 453 -12.89 -8.16 39.56
N LEU A 454 -11.93 -7.81 38.72
CA LEU A 454 -10.81 -8.68 38.39
C LEU A 454 -9.78 -8.78 39.53
N LEU A 455 -9.93 -7.93 40.55
CA LEU A 455 -9.15 -8.07 41.76
C LEU A 455 -9.57 -9.31 42.52
N ARG A 456 -10.76 -9.82 42.22
CA ARG A 456 -11.17 -11.09 42.77
C ARG A 456 -10.52 -12.24 42.04
N PHE A 457 -9.86 -11.97 40.91
CA PHE A 457 -9.08 -12.99 40.22
C PHE A 457 -7.78 -12.43 39.66
N PRO A 458 -7.03 -11.66 40.46
CA PRO A 458 -5.76 -11.00 40.08
C PRO A 458 -4.96 -11.76 39.03
N LYS A 459 -4.82 -13.07 39.22
CA LYS A 459 -4.06 -13.90 38.30
C LYS A 459 -4.63 -13.81 36.89
N LEU A 460 -5.95 -14.02 36.78
CA LEU A 460 -6.66 -13.78 35.54
C LEU A 460 -6.40 -12.41 34.99
N HIS A 461 -6.51 -11.40 35.85
CA HIS A 461 -6.37 -10.02 35.42
C HIS A 461 -5.09 -9.81 34.62
N ASP A 462 -4.00 -10.27 35.19
CA ASP A 462 -2.70 -10.08 34.58
C ASP A 462 -2.54 -10.94 33.34
N ALA A 463 -3.11 -12.13 33.37
CA ALA A 463 -3.09 -13.02 32.21
C ALA A 463 -3.76 -12.37 31.02
N ILE A 464 -4.87 -11.68 31.27
CA ILE A 464 -5.58 -10.95 30.23
C ILE A 464 -4.66 -9.95 29.58
N VAL A 465 -4.00 -9.16 30.41
CA VAL A 465 -3.10 -8.13 29.93
C VAL A 465 -2.01 -8.71 29.06
N GLU A 466 -1.42 -9.81 29.51
CA GLU A 466 -0.36 -10.46 28.76
C GLU A 466 -0.84 -10.85 27.38
N VAL A 467 -2.01 -11.48 27.31
CA VAL A 467 -2.57 -11.92 26.05
C VAL A 467 -2.80 -10.76 25.10
N VAL A 468 -3.30 -9.65 25.63
CA VAL A 468 -3.55 -8.49 24.81
C VAL A 468 -2.28 -8.01 24.13
N THR A 469 -1.20 -7.88 24.91
CA THR A 469 0.03 -7.36 24.37
C THR A 469 0.69 -8.35 23.43
N CYS A 470 0.44 -9.63 23.64
CA CYS A 470 0.89 -10.65 22.71
C CYS A 470 0.28 -10.39 21.35
N LEU A 471 -1.04 -10.20 21.34
CA LEU A 471 -1.76 -9.91 20.11
C LEU A 471 -1.23 -8.66 19.43
N LEU A 472 -0.96 -7.63 20.22
CA LEU A 472 -0.43 -6.39 19.67
C LEU A 472 0.92 -6.63 19.00
N ARG A 473 1.77 -7.43 19.64
CA ARG A 473 3.07 -7.75 19.11
C ARG A 473 2.97 -8.63 17.87
N LYS A 474 1.95 -9.47 17.81
CA LYS A 474 1.72 -10.31 16.64
C LYS A 474 1.40 -9.45 15.41
N ARG A 475 0.64 -8.38 15.62
CA ARG A 475 0.21 -7.54 14.52
C ARG A 475 1.17 -6.40 14.23
N LEU A 476 2.11 -6.17 15.16
CA LEU A 476 3.11 -5.12 14.98
C LEU A 476 3.93 -5.25 13.68
N PRO A 477 4.79 -6.28 13.56
CA PRO A 477 5.65 -6.50 12.41
C PRO A 477 4.87 -6.53 11.11
N VAL A 478 3.61 -6.97 11.17
CA VAL A 478 2.77 -7.02 9.99
C VAL A 478 2.57 -5.65 9.41
N THR A 479 2.22 -4.71 10.28
CA THR A 479 2.08 -3.32 9.88
C THR A 479 3.41 -2.76 9.42
N ASN A 480 4.48 -3.12 10.13
CA ASN A 480 5.81 -2.66 9.76
C ASN A 480 6.15 -3.07 8.35
N GLU A 481 5.83 -4.31 7.99
CA GLU A 481 6.08 -4.80 6.65
C GLU A 481 5.30 -4.00 5.64
N MET A 482 4.04 -3.70 5.96
CA MET A 482 3.21 -2.91 5.08
C MET A 482 3.79 -1.55 4.84
N VAL A 483 4.16 -0.87 5.92
CA VAL A 483 4.70 0.48 5.81
C VAL A 483 5.98 0.50 5.03
N HIS A 484 6.85 -0.47 5.31
CA HIS A 484 8.06 -0.65 4.53
C HIS A 484 7.73 -0.78 3.06
N ASN A 485 6.74 -1.62 2.76
CA ASN A 485 6.32 -1.84 1.41
C ASN A 485 5.78 -0.57 0.79
N LEU A 486 5.02 0.19 1.56
CA LEU A 486 4.43 1.43 1.05
C LEU A 486 5.48 2.39 0.57
N VAL A 487 6.57 2.50 1.33
CA VAL A 487 7.70 3.32 0.92
C VAL A 487 8.34 2.76 -0.33
N ALA A 488 8.52 1.45 -0.35
CA ALA A 488 9.12 0.77 -1.49
C ALA A 488 8.31 1.01 -2.75
N ILE A 489 6.99 1.05 -2.60
CA ILE A 489 6.10 1.34 -3.71
C ILE A 489 6.34 2.72 -4.28
N GLU A 490 6.58 3.70 -3.41
CA GLU A 490 6.91 5.04 -3.86
C GLU A 490 8.26 5.06 -4.56
N LEU A 491 9.18 4.23 -4.09
CA LEU A 491 10.48 4.09 -4.70
C LEU A 491 10.42 3.29 -6.00
N ALA A 492 9.42 2.42 -6.12
CA ALA A 492 9.30 1.51 -7.25
C ALA A 492 9.14 2.24 -8.58
N TYR A 493 8.43 3.36 -8.57
CA TYR A 493 8.11 4.03 -9.83
C TYR A 493 7.76 5.49 -9.65
N ILE A 494 8.29 6.33 -10.53
CA ILE A 494 7.99 7.74 -10.56
C ILE A 494 7.08 8.09 -11.72
N ASN A 495 5.92 8.66 -11.40
CA ASN A 495 4.97 9.04 -12.43
C ASN A 495 5.10 10.50 -12.78
N THR A 496 5.84 10.79 -13.84
CA THR A 496 6.01 12.16 -14.30
C THR A 496 4.75 12.68 -15.00
N LYS A 497 3.78 11.78 -15.24
CA LYS A 497 2.50 12.18 -15.79
C LYS A 497 1.49 12.44 -14.70
N HIS A 498 1.95 12.42 -13.43
CA HIS A 498 1.07 12.70 -12.31
C HIS A 498 0.34 14.02 -12.51
N PRO A 499 -0.93 14.08 -12.13
CA PRO A 499 -1.82 15.19 -12.42
C PRO A 499 -1.40 16.47 -11.75
N ASP A 500 -0.67 16.36 -10.65
CA ASP A 500 -0.21 17.53 -9.92
C ASP A 500 1.24 17.85 -10.25
N PHE A 501 1.81 17.14 -11.21
CA PHE A 501 3.21 17.30 -11.54
C PHE A 501 3.38 17.80 -12.96
N ALA A 502 3.80 19.06 -13.07
CA ALA A 502 3.99 19.68 -14.38
C ALA A 502 5.04 20.78 -14.29
N ASP A 503 5.70 21.04 -15.41
CA ASP A 503 6.75 22.04 -15.43
C ASP A 503 7.04 22.51 -16.85
N SER A 611 30.40 25.32 -14.74
CA SER A 611 29.30 25.54 -15.68
C SER A 611 28.15 26.30 -15.03
N ALA A 612 27.43 27.06 -15.84
CA ALA A 612 26.33 27.88 -15.34
C ALA A 612 25.01 27.40 -15.90
N ARG A 613 24.98 27.17 -17.20
CA ARG A 613 23.80 26.61 -17.85
C ARG A 613 23.39 25.30 -17.21
N GLU A 614 24.37 24.46 -16.94
CA GLU A 614 24.13 23.18 -16.30
C GLU A 614 23.64 23.36 -14.87
N GLN A 615 24.14 24.39 -14.18
CA GLN A 615 23.63 24.72 -12.85
C GLN A 615 22.17 25.10 -12.92
N ARG A 616 21.80 25.85 -13.96
CA ARG A 616 20.41 26.20 -14.16
C ARG A 616 19.57 24.97 -14.45
N ASP A 617 20.12 24.05 -15.24
CA ASP A 617 19.46 22.77 -15.49
C ASP A 617 19.34 21.96 -14.21
N CYS A 618 20.35 22.04 -13.35
CA CYS A 618 20.32 21.41 -12.04
C CYS A 618 19.22 22.00 -11.18
N GLU A 619 19.07 23.30 -11.23
CA GLU A 619 18.01 23.99 -10.49
C GLU A 619 16.64 23.53 -10.95
N VAL A 620 16.50 23.29 -12.25
CA VAL A 620 15.27 22.72 -12.79
C VAL A 620 15.02 21.35 -12.18
N ILE A 621 16.06 20.54 -12.15
CA ILE A 621 16.00 19.22 -11.55
C ILE A 621 15.60 19.30 -10.08
N GLU A 622 16.22 20.22 -9.36
CA GLU A 622 15.91 20.42 -7.94
C GLU A 622 14.45 20.77 -7.75
N ARG A 623 13.91 21.61 -8.63
CA ARG A 623 12.49 21.96 -8.59
C ARG A 623 11.61 20.74 -8.84
N LEU A 624 12.00 19.92 -9.81
CA LEU A 624 11.27 18.70 -10.12
C LEU A 624 11.32 17.73 -8.94
N ILE A 625 12.48 17.66 -8.29
CA ILE A 625 12.64 16.82 -7.11
C ILE A 625 11.72 17.25 -6.00
N LYS A 626 11.75 18.54 -5.70
CA LYS A 626 10.93 19.11 -4.64
C LYS A 626 9.46 18.85 -4.90
N SER A 627 9.02 19.20 -6.10
CA SER A 627 7.61 19.12 -6.45
C SER A 627 7.10 17.69 -6.37
N TYR A 628 7.81 16.75 -6.99
CA TYR A 628 7.37 15.36 -6.97
C TYR A 628 7.45 14.79 -5.58
N PHE A 629 8.53 15.08 -4.87
CA PHE A 629 8.70 14.62 -3.51
C PHE A 629 7.53 15.01 -2.65
N LEU A 630 7.13 16.28 -2.73
CA LEU A 630 6.03 16.78 -1.92
C LEU A 630 4.74 16.07 -2.27
N ILE A 631 4.55 15.74 -3.54
CA ILE A 631 3.40 14.95 -3.94
C ILE A 631 3.41 13.59 -3.26
N VAL A 632 4.57 12.94 -3.30
CA VAL A 632 4.74 11.64 -2.67
C VAL A 632 4.51 11.70 -1.18
N ARG A 633 5.15 12.67 -0.53
CA ARG A 633 5.05 12.80 0.92
C ARG A 633 3.62 13.06 1.33
N LYS A 634 2.94 13.91 0.59
CA LYS A 634 1.54 14.22 0.84
C LYS A 634 0.70 12.96 0.85
N ASN A 635 0.94 12.08 -0.11
CA ASN A 635 0.21 10.82 -0.18
C ASN A 635 0.53 9.93 1.01
N ILE A 636 1.81 9.88 1.38
CA ILE A 636 2.25 9.09 2.52
C ILE A 636 1.59 9.51 3.82
N GLN A 637 1.38 10.81 3.97
CA GLN A 637 0.74 11.36 5.15
C GLN A 637 -0.63 10.72 5.42
N ASP A 638 -1.31 10.27 4.36
CA ASP A 638 -2.59 9.61 4.51
C ASP A 638 -2.46 8.10 4.47
N SER A 639 -1.47 7.60 3.74
CA SER A 639 -1.29 6.18 3.52
C SER A 639 -0.96 5.42 4.79
N VAL A 640 0.01 5.92 5.56
CA VAL A 640 0.48 5.20 6.73
C VAL A 640 -0.60 5.00 7.79
N PRO A 641 -1.09 6.09 8.42
CA PRO A 641 -2.25 6.05 9.34
C PRO A 641 -3.23 4.95 8.98
N LYS A 642 -3.64 4.91 7.70
CA LYS A 642 -4.62 3.95 7.25
C LYS A 642 -4.12 2.52 7.40
N ALA A 643 -2.87 2.29 7.02
CA ALA A 643 -2.26 0.97 7.15
C ALA A 643 -2.22 0.53 8.60
N VAL A 644 -1.93 1.47 9.49
CA VAL A 644 -1.86 1.15 10.90
C VAL A 644 -3.22 0.78 11.42
N MET A 645 -4.22 1.56 11.05
CA MET A 645 -5.58 1.27 11.45
C MET A 645 -6.02 -0.06 10.90
N HIS A 646 -5.69 -0.34 9.66
CA HIS A 646 -6.15 -1.55 9.01
C HIS A 646 -5.51 -2.80 9.59
N PHE A 647 -4.19 -2.81 9.63
CA PHE A 647 -3.46 -4.03 9.96
C PHE A 647 -3.32 -4.24 11.44
N LEU A 648 -3.31 -3.17 12.21
CA LEU A 648 -3.18 -3.30 13.65
C LEU A 648 -4.47 -3.02 14.38
N VAL A 649 -4.96 -1.80 14.28
CA VAL A 649 -5.98 -1.33 15.22
C VAL A 649 -7.31 -2.01 15.01
N ASN A 650 -7.80 -1.94 13.79
CA ASN A 650 -9.09 -2.53 13.46
C ASN A 650 -9.02 -4.04 13.53
N HIS A 651 -7.84 -4.58 13.29
CA HIS A 651 -7.66 -6.01 13.35
C HIS A 651 -7.85 -6.54 14.75
N VAL A 652 -7.08 -6.01 15.69
CA VAL A 652 -7.12 -6.49 17.06
C VAL A 652 -8.43 -6.12 17.73
N LYS A 653 -9.04 -5.06 17.24
CA LYS A 653 -10.35 -4.64 17.71
C LYS A 653 -11.37 -5.77 17.59
N ASP A 654 -11.21 -6.62 16.58
CA ASP A 654 -12.13 -7.72 16.36
C ASP A 654 -11.53 -9.05 16.83
N THR A 655 -10.23 -9.22 16.65
CA THR A 655 -9.56 -10.46 17.00
C THR A 655 -9.53 -10.71 18.49
N LEU A 656 -9.28 -9.66 19.27
CA LEU A 656 -9.00 -9.79 20.69
C LEU A 656 -10.02 -10.64 21.43
N GLN A 657 -11.29 -10.51 21.06
CA GLN A 657 -12.34 -11.26 21.73
C GLN A 657 -12.10 -12.75 21.61
N SER A 658 -11.79 -13.19 20.39
CA SER A 658 -11.54 -14.59 20.14
C SER A 658 -10.19 -15.00 20.69
N GLU A 659 -9.26 -14.06 20.73
CA GLU A 659 -7.94 -14.30 21.28
C GLU A 659 -8.03 -14.58 22.77
N LEU A 660 -8.75 -13.73 23.48
CA LEU A 660 -8.88 -13.87 24.92
C LEU A 660 -9.63 -15.14 25.29
N VAL A 661 -10.70 -15.44 24.55
CA VAL A 661 -11.43 -16.67 24.81
C VAL A 661 -10.62 -17.89 24.45
N GLY A 662 -10.01 -17.87 23.28
CA GLY A 662 -9.22 -18.99 22.81
C GLY A 662 -8.06 -19.31 23.76
N GLN A 663 -7.51 -18.28 24.37
CA GLN A 663 -6.37 -18.46 25.28
C GLN A 663 -6.80 -18.73 26.71
N LEU A 664 -7.77 -17.98 27.20
CA LEU A 664 -8.07 -17.96 28.63
C LEU A 664 -9.18 -18.92 29.02
N TYR A 665 -10.09 -19.20 28.09
CA TYR A 665 -11.24 -20.02 28.43
C TYR A 665 -10.93 -21.50 28.36
N LYS A 666 -10.19 -21.98 29.34
CA LYS A 666 -9.90 -23.40 29.49
C LYS A 666 -10.42 -23.90 30.81
N SER A 667 -10.78 -25.17 30.86
CA SER A 667 -11.35 -25.76 32.07
C SER A 667 -10.36 -25.75 33.23
N SER A 668 -9.07 -25.85 32.91
CA SER A 668 -8.05 -25.81 33.95
C SER A 668 -7.83 -24.39 34.44
N LEU A 669 -7.96 -23.44 33.53
CA LEU A 669 -7.75 -22.04 33.85
C LEU A 669 -8.90 -21.48 34.68
N LEU A 670 -10.06 -22.15 34.61
CA LEU A 670 -11.18 -21.82 35.48
C LEU A 670 -10.88 -22.13 36.96
N ASP A 671 -9.85 -22.91 37.21
CA ASP A 671 -9.40 -23.12 38.57
C ASP A 671 -8.13 -22.34 38.85
N ASP A 672 -7.30 -22.19 37.82
CA ASP A 672 -6.04 -21.48 37.97
C ASP A 672 -6.22 -19.97 37.94
N LEU A 673 -6.58 -19.44 36.77
CA LEU A 673 -6.69 -17.99 36.60
C LEU A 673 -7.71 -17.43 37.55
N LEU A 674 -8.75 -18.20 37.80
CA LEU A 674 -9.76 -17.78 38.74
C LEU A 674 -9.35 -18.15 40.16
N THR A 675 -8.31 -17.48 40.66
CA THR A 675 -7.90 -17.59 42.04
C THR A 675 -8.05 -16.25 42.73
N GLU A 676 -8.71 -16.24 43.88
CA GLU A 676 -9.02 -15.00 44.57
C GLU A 676 -7.85 -14.52 45.43
N SER A 677 -7.74 -13.21 45.56
CA SER A 677 -6.79 -12.61 46.47
C SER A 677 -7.09 -13.02 47.89
N GLU A 678 -6.08 -13.54 48.58
CA GLU A 678 -6.26 -13.98 49.95
C GLU A 678 -6.46 -12.80 50.87
N ASP A 679 -5.76 -11.71 50.60
CA ASP A 679 -5.92 -10.49 51.38
C ASP A 679 -7.35 -9.99 51.29
N MET A 680 -7.89 -10.00 50.07
CA MET A 680 -9.29 -9.66 49.85
C MET A 680 -10.21 -10.63 50.56
N ALA A 681 -9.90 -11.93 50.44
CA ALA A 681 -10.71 -12.97 51.05
C ALA A 681 -10.74 -12.83 52.56
N GLN A 682 -9.61 -12.47 53.15
CA GLN A 682 -9.53 -12.27 54.58
C GLN A 682 -10.28 -11.03 55.01
N ARG A 683 -10.18 -9.97 54.22
CA ARG A 683 -10.89 -8.75 54.50
C ARG A 683 -12.40 -8.97 54.55
N ARG A 684 -12.92 -9.66 53.54
CA ARG A 684 -14.34 -9.95 53.50
C ARG A 684 -14.72 -11.00 54.52
N LYS A 685 -13.79 -11.91 54.81
CA LYS A 685 -14.00 -12.92 55.84
C LYS A 685 -14.22 -12.25 57.18
N GLU A 686 -13.40 -11.25 57.49
CA GLU A 686 -13.54 -10.50 58.72
C GLU A 686 -14.88 -9.81 58.80
N ALA A 687 -15.34 -9.23 57.68
CA ALA A 687 -16.66 -8.62 57.63
C ALA A 687 -17.74 -9.64 57.95
N ALA A 688 -17.60 -10.83 57.36
CA ALA A 688 -18.53 -11.92 57.62
C ALA A 688 -18.45 -12.39 59.05
N ASP A 689 -17.23 -12.45 59.58
CA ASP A 689 -17.02 -12.89 60.96
C ASP A 689 -17.59 -11.91 61.96
N MET A 690 -17.50 -10.63 61.64
CA MET A 690 -18.14 -9.62 62.45
C MET A 690 -19.66 -9.72 62.35
N LEU A 691 -20.13 -10.07 61.16
CA LEU A 691 -21.54 -10.33 60.98
C LEU A 691 -21.97 -11.58 61.76
N LYS A 692 -21.07 -12.57 61.83
CA LYS A 692 -21.29 -13.75 62.66
C LYS A 692 -21.34 -13.38 64.13
N ALA A 693 -20.57 -12.38 64.52
CA ALA A 693 -20.66 -11.84 65.86
C ALA A 693 -22.04 -11.23 66.08
N LEU A 694 -22.59 -10.62 65.03
CA LEU A 694 -23.94 -10.07 65.12
C LEU A 694 -25.01 -11.14 65.03
N GLN A 695 -24.67 -12.28 64.44
CA GLN A 695 -25.49 -13.46 64.58
C GLN A 695 -25.45 -13.93 66.04
N GLY A 696 -24.27 -13.83 66.64
CA GLY A 696 -24.12 -14.05 68.07
C GLY A 696 -24.85 -12.97 68.88
N ALA A 697 -25.03 -11.79 68.28
CA ALA A 697 -25.77 -10.72 68.92
C ALA A 697 -27.28 -10.96 68.86
N SER A 698 -27.70 -12.06 68.23
CA SER A 698 -29.06 -12.52 68.40
C SER A 698 -29.20 -13.22 69.75
N GLN A 699 -28.05 -13.64 70.30
CA GLN A 699 -28.01 -14.14 71.66
C GLN A 699 -27.89 -12.99 72.63
N ILE A 700 -27.31 -11.88 72.17
CA ILE A 700 -27.45 -10.62 72.89
C ILE A 700 -28.89 -10.20 72.95
N ILE A 701 -29.59 -10.34 71.84
CA ILE A 701 -31.01 -10.08 71.79
C ILE A 701 -31.79 -11.11 72.61
N ALA A 702 -31.30 -12.34 72.67
CA ALA A 702 -31.84 -13.30 73.60
C ALA A 702 -31.66 -12.82 75.02
N GLU A 703 -30.49 -12.28 75.31
CA GLU A 703 -30.25 -11.69 76.63
C GLU A 703 -31.16 -10.50 76.86
N ILE A 704 -31.40 -9.69 75.84
CA ILE A 704 -32.39 -8.61 75.93
C ILE A 704 -33.73 -9.16 76.42
N ARG A 705 -34.16 -10.28 75.85
CA ARG A 705 -35.37 -10.95 76.29
C ARG A 705 -35.23 -11.46 77.72
N GLU A 706 -34.06 -12.02 78.05
CA GLU A 706 -33.82 -12.57 79.37
C GLU A 706 -33.91 -11.52 80.47
N THR A 707 -33.56 -10.26 80.15
CA THR A 707 -33.63 -9.19 81.14
C THR A 707 -35.06 -8.78 81.46
N HIS A 708 -36.02 -9.31 80.70
CA HIS A 708 -37.42 -9.10 81.01
C HIS A 708 -37.93 -10.19 81.94
N LEU A 709 -37.04 -11.12 82.31
CA LEU A 709 -37.36 -12.18 83.23
C LEU A 709 -36.71 -11.94 84.59
N TRP A 710 -37.47 -11.35 85.50
CA TRP A 710 -36.93 -11.01 86.81
C TRP A 710 -38.04 -10.79 87.84
N THR B 1 -23.03 64.52 45.24
CA THR B 1 -21.69 64.09 45.62
C THR B 1 -21.72 62.71 46.26
N LEU B 2 -20.54 62.17 46.53
CA LEU B 2 -20.40 60.90 47.24
C LEU B 2 -21.03 60.96 48.61
N GLN B 3 -20.74 62.03 49.34
CA GLN B 3 -21.28 62.22 50.67
C GLN B 3 -22.79 62.20 50.65
N GLU B 4 -23.38 62.97 49.75
CA GLU B 4 -24.83 63.03 49.61
C GLU B 4 -25.39 61.71 49.15
N ARG B 5 -24.67 61.04 48.24
CA ARG B 5 -25.13 59.78 47.70
C ARG B 5 -25.13 58.69 48.74
N LEU B 6 -24.10 58.66 49.60
CA LEU B 6 -24.03 57.70 50.68
C LEU B 6 -25.17 57.87 51.67
N LEU B 7 -25.50 59.12 51.98
CA LEU B 7 -26.57 59.42 52.90
C LEU B 7 -27.91 58.92 52.36
N ALA B 8 -28.15 59.18 51.07
CA ALA B 8 -29.34 58.65 50.40
C ALA B 8 -29.26 57.14 50.28
N PHE B 9 -28.08 56.64 49.96
CA PHE B 9 -27.84 55.22 49.79
C PHE B 9 -28.18 54.44 51.04
N GLU B 10 -27.83 54.99 52.20
CA GLU B 10 -28.24 54.38 53.45
C GLU B 10 -29.75 54.28 53.53
N ARG B 11 -30.43 55.39 53.28
CA ARG B 11 -31.88 55.44 53.34
C ARG B 11 -32.52 54.50 52.33
N ASP B 12 -31.90 54.38 51.16
CA ASP B 12 -32.49 53.64 50.05
C ASP B 12 -32.05 52.18 49.95
N ARG B 13 -30.88 51.85 50.48
CA ARG B 13 -30.32 50.52 50.26
C ARG B 13 -29.84 49.82 51.54
N VAL B 14 -29.45 50.58 52.55
CA VAL B 14 -29.07 49.99 53.83
C VAL B 14 -30.30 49.65 54.66
N THR B 15 -31.21 50.60 54.78
CA THR B 15 -32.40 50.44 55.61
C THR B 15 -33.37 49.40 55.04
N ILE B 16 -33.66 48.39 55.84
CA ILE B 16 -34.63 47.35 55.47
C ILE B 16 -35.87 47.46 56.37
N PRO B 17 -37.02 47.81 55.78
CA PRO B 17 -38.22 48.33 56.49
C PRO B 17 -38.37 47.82 57.92
N ALA B 18 -38.66 48.75 58.82
CA ALA B 18 -38.75 48.47 60.25
C ALA B 18 -39.82 47.44 60.56
N ALA B 19 -40.90 47.43 59.79
CA ALA B 19 -41.97 46.45 60.00
C ALA B 19 -41.43 45.04 59.83
N GLN B 20 -40.63 44.84 58.80
CA GLN B 20 -40.01 43.55 58.56
C GLN B 20 -38.99 43.22 59.65
N VAL B 21 -38.26 44.25 60.10
CA VAL B 21 -37.28 44.06 61.17
C VAL B 21 -37.95 43.59 62.45
N ALA B 22 -39.02 44.26 62.85
CA ALA B 22 -39.73 43.90 64.07
C ALA B 22 -40.33 42.52 63.96
N LEU B 23 -40.92 42.21 62.81
CA LEU B 23 -41.47 40.89 62.57
C LEU B 23 -40.40 39.81 62.59
N ALA B 24 -39.25 40.13 62.00
CA ALA B 24 -38.12 39.21 61.97
C ALA B 24 -37.64 38.90 63.37
N LYS B 25 -37.57 39.93 64.21
CA LYS B 25 -37.13 39.77 65.59
C LYS B 25 -38.13 38.95 66.40
N GLN B 26 -39.42 39.18 66.14
CA GLN B 26 -40.47 38.40 66.78
C GLN B 26 -40.35 36.93 66.41
N LEU B 27 -40.19 36.65 65.12
CA LEU B 27 -40.07 35.30 64.63
C LEU B 27 -38.77 34.65 65.09
N ALA B 28 -37.71 35.45 65.20
CA ALA B 28 -36.46 34.95 65.71
C ALA B 28 -36.64 34.37 67.10
N GLY B 29 -37.36 35.10 67.95
CA GLY B 29 -37.68 34.64 69.29
C GLY B 29 -38.62 33.45 69.25
N ASP B 30 -39.66 33.53 68.42
CA ASP B 30 -40.66 32.48 68.34
C ASP B 30 -40.07 31.15 67.89
N ILE B 31 -39.24 31.20 66.86
CA ILE B 31 -38.56 30.02 66.35
C ILE B 31 -37.65 29.44 67.42
N ALA B 32 -36.90 30.33 68.08
CA ALA B 32 -36.00 29.91 69.15
C ALA B 32 -36.77 29.21 70.25
N LEU B 33 -37.88 29.80 70.67
CA LEU B 33 -38.69 29.25 71.75
C LEU B 33 -39.30 27.91 71.38
N GLU B 34 -39.73 27.77 70.13
CA GLU B 34 -40.25 26.50 69.66
C GLU B 34 -39.16 25.45 69.69
N LEU B 35 -37.98 25.81 69.21
CA LEU B 35 -36.86 24.88 69.17
C LEU B 35 -36.35 24.57 70.56
N GLN B 36 -36.45 25.53 71.48
CA GLN B 36 -36.13 25.26 72.88
C GLN B 36 -37.05 24.19 73.43
N ALA B 37 -38.35 24.36 73.21
CA ALA B 37 -39.33 23.38 73.66
C ALA B 37 -39.11 22.04 73.00
N TYR B 38 -38.77 22.06 71.71
CA TYR B 38 -38.54 20.83 70.97
C TYR B 38 -37.33 20.10 71.49
N PHE B 39 -36.24 20.82 71.73
CA PHE B 39 -35.01 20.20 72.20
C PHE B 39 -35.15 19.70 73.62
N ARG B 40 -35.99 20.36 74.41
CA ARG B 40 -36.30 19.86 75.75
C ARG B 40 -36.95 18.48 75.68
N SER B 41 -37.81 18.28 74.70
CA SER B 41 -38.49 16.99 74.54
C SER B 41 -37.72 16.00 73.67
N LYS B 42 -36.93 16.53 72.74
CA LYS B 42 -36.17 15.68 71.81
C LYS B 42 -34.84 15.27 72.40
N PHE B 43 -34.23 16.16 73.19
CA PHE B 43 -32.95 15.87 73.80
C PHE B 43 -32.95 16.24 75.27
N PRO B 44 -33.93 15.78 76.04
CA PRO B 44 -34.03 15.97 77.49
C PRO B 44 -32.74 15.56 78.22
N GLU B 45 -31.99 14.61 77.64
CA GLU B 45 -30.74 14.15 78.24
C GLU B 45 -29.63 15.18 78.14
N LEU B 46 -29.71 16.07 77.14
CA LEU B 46 -28.66 17.05 76.94
C LEU B 46 -29.03 18.37 77.60
N PRO B 47 -28.05 19.07 78.15
CA PRO B 47 -28.23 20.33 78.85
C PRO B 47 -28.18 21.50 77.90
N PHE B 48 -29.19 21.61 77.05
CA PHE B 48 -29.33 22.76 76.18
C PHE B 48 -29.84 23.96 76.96
N GLY B 49 -29.15 25.08 76.82
CA GLY B 49 -29.59 26.32 77.46
C GLY B 49 -30.64 27.02 76.60
N ALA B 50 -31.05 28.20 77.02
CA ALA B 50 -32.02 28.98 76.26
C ALA B 50 -31.37 29.51 74.99
N PHE B 51 -32.06 29.36 73.86
CA PHE B 51 -31.51 29.74 72.58
C PHE B 51 -31.57 31.24 72.40
N VAL B 52 -30.52 31.81 71.79
CA VAL B 52 -30.38 33.25 71.72
C VAL B 52 -30.34 33.76 70.27
N PRO B 53 -31.32 34.58 69.91
CA PRO B 53 -31.34 35.29 68.65
C PRO B 53 -30.33 36.44 68.64
N GLY B 54 -29.69 36.66 67.50
CA GLY B 54 -28.70 37.73 67.36
C GLY B 54 -28.33 37.95 65.90
N GLY B 55 -27.20 38.62 65.68
CA GLY B 55 -26.75 38.94 64.34
C GLY B 55 -27.21 40.33 63.92
N PRO B 56 -26.76 40.79 62.76
CA PRO B 56 -27.05 42.07 62.08
C PRO B 56 -28.45 42.63 62.38
N LEU B 57 -29.45 41.75 62.41
CA LEU B 57 -30.83 42.13 62.73
C LEU B 57 -30.91 42.96 64.00
N TYR B 58 -30.07 42.62 64.97
CA TYR B 58 -29.94 43.37 66.20
C TYR B 58 -28.65 44.19 66.19
N ASP B 59 -27.61 43.64 65.58
CA ASP B 59 -26.28 44.23 65.61
C ASP B 59 -26.11 45.29 64.54
N GLY B 60 -26.70 46.45 64.76
CA GLY B 60 -26.61 47.56 63.83
C GLY B 60 -27.94 48.28 63.70
N LEU B 61 -28.32 48.60 62.46
CA LEU B 61 -29.58 49.27 62.21
C LEU B 61 -30.58 48.28 61.61
N GLN B 62 -31.48 48.78 60.76
CA GLN B 62 -32.53 47.94 60.20
C GLN B 62 -31.99 47.00 59.14
N ALA B 63 -31.37 45.90 59.57
CA ALA B 63 -30.85 44.88 58.66
C ALA B 63 -31.98 43.99 58.15
N GLY B 64 -32.90 43.64 59.04
CA GLY B 64 -34.06 42.86 58.65
C GLY B 64 -33.66 41.54 58.03
N ALA B 65 -34.07 41.33 56.78
CA ALA B 65 -33.82 40.09 56.06
C ALA B 65 -32.54 40.16 55.21
N ALA B 66 -31.78 41.24 55.35
CA ALA B 66 -30.55 41.44 54.58
C ALA B 66 -29.52 40.34 54.85
N ASP B 67 -29.56 39.79 56.06
CA ASP B 67 -28.66 38.71 56.43
C ASP B 67 -29.36 37.75 57.41
N HIS B 68 -28.68 36.67 57.76
CA HIS B 68 -29.26 35.62 58.58
C HIS B 68 -29.58 36.06 60.00
N VAL B 69 -30.67 35.53 60.54
CA VAL B 69 -30.90 35.56 61.97
C VAL B 69 -30.02 34.53 62.64
N ARG B 70 -29.14 34.98 63.51
CA ARG B 70 -28.25 34.03 64.18
C ARG B 70 -28.90 33.47 65.42
N LEU B 71 -28.96 32.15 65.52
CA LEU B 71 -29.63 31.51 66.63
C LEU B 71 -28.70 30.60 67.41
N LEU B 72 -28.30 31.05 68.58
CA LEU B 72 -27.43 30.27 69.44
C LEU B 72 -28.15 29.11 70.08
N VAL B 73 -27.55 27.93 69.99
CA VAL B 73 -27.97 26.77 70.77
C VAL B 73 -26.86 26.37 71.76
N PRO B 74 -27.11 26.54 73.07
CA PRO B 74 -26.04 26.51 74.08
C PRO B 74 -25.72 25.09 74.53
N LEU B 75 -24.54 24.62 74.14
CA LEU B 75 -24.05 23.29 74.53
C LEU B 75 -23.42 23.33 75.89
N VAL B 76 -24.22 23.29 76.94
CA VAL B 76 -23.69 23.42 78.29
C VAL B 76 -22.88 22.19 78.68
N LEU B 77 -21.59 22.23 78.37
CA LEU B 77 -20.67 21.16 78.72
C LEU B 77 -20.42 21.14 80.21
N GLU B 78 -20.19 19.96 80.76
CA GLU B 78 -20.00 19.80 82.19
C GLU B 78 -18.59 20.23 82.60
N PRO B 79 -18.45 21.47 83.11
CA PRO B 79 -17.19 22.08 83.57
C PRO B 79 -16.28 21.07 84.24
N GLY B 80 -15.06 20.95 83.73
CA GLY B 80 -14.07 20.07 84.33
C GLY B 80 -13.91 18.77 83.57
N LEU B 81 -14.97 18.34 82.88
CA LEU B 81 -14.90 17.11 82.10
C LEU B 81 -14.51 17.41 80.66
N TRP B 82 -14.56 18.68 80.28
CA TRP B 82 -14.24 19.07 78.91
C TRP B 82 -13.26 20.24 78.89
N SER B 83 -12.33 20.23 77.94
CA SER B 83 -11.29 21.25 77.87
C SER B 83 -10.99 21.71 76.45
N LEU B 84 -10.64 22.98 76.29
CA LEU B 84 -10.41 23.55 74.96
C LEU B 84 -8.98 23.36 74.48
N VAL B 85 -8.84 22.74 73.31
CA VAL B 85 -7.54 22.47 72.71
C VAL B 85 -7.45 23.09 71.32
N PRO B 86 -6.29 23.64 70.97
CA PRO B 86 -6.04 24.16 69.63
C PRO B 86 -5.89 23.02 68.63
N GLY B 87 -6.50 23.18 67.47
CA GLY B 87 -6.43 22.15 66.42
C GLY B 87 -5.00 21.84 66.03
N VAL B 88 -4.17 22.88 65.96
CA VAL B 88 -2.77 22.74 65.60
C VAL B 88 -1.99 21.86 66.57
N ASP B 89 -2.49 21.71 67.80
CA ASP B 89 -1.81 20.89 68.80
C ASP B 89 -2.00 19.40 68.54
N THR B 90 -2.94 19.06 67.66
CA THR B 90 -3.24 17.67 67.35
C THR B 90 -2.64 17.28 66.00
N VAL B 91 -2.77 16.00 65.65
CA VAL B 91 -2.29 15.49 64.37
C VAL B 91 -2.97 16.21 63.22
N ALA B 92 -4.25 16.52 63.39
CA ALA B 92 -4.99 17.35 62.44
C ALA B 92 -4.62 18.81 62.63
N ARG B 93 -3.44 19.18 62.17
CA ARG B 93 -2.82 20.44 62.54
C ARG B 93 -3.42 21.64 61.83
N ASP B 94 -4.57 22.09 62.30
CA ASP B 94 -5.21 23.28 61.77
C ASP B 94 -5.58 24.26 62.88
N PRO B 95 -4.69 25.23 63.16
CA PRO B 95 -4.80 26.24 64.22
C PRO B 95 -6.12 27.04 64.19
N ARG B 96 -6.78 27.08 63.03
CA ARG B 96 -8.01 27.83 62.90
C ARG B 96 -9.17 27.08 63.53
N CYS B 97 -9.01 25.77 63.66
CA CYS B 97 -10.02 24.92 64.27
C CYS B 97 -9.61 24.49 65.66
N TRP B 98 -10.58 24.04 66.44
CA TRP B 98 -10.38 23.75 67.85
C TRP B 98 -10.96 22.41 68.22
N ALA B 99 -10.47 21.83 69.31
CA ALA B 99 -10.98 20.55 69.77
C ALA B 99 -11.47 20.65 71.21
N VAL B 100 -12.49 19.87 71.53
CA VAL B 100 -12.99 19.79 72.90
C VAL B 100 -12.62 18.45 73.52
N ARG B 101 -11.70 18.49 74.48
CA ARG B 101 -11.10 17.29 75.04
C ARG B 101 -11.85 16.77 76.24
N ARG B 102 -12.16 15.48 76.23
CA ARG B 102 -12.75 14.83 77.40
C ARG B 102 -11.68 14.48 78.41
N THR B 103 -11.93 14.83 79.66
CA THR B 103 -10.97 14.55 80.70
C THR B 103 -11.65 14.18 82.02
N GLN B 104 -10.84 13.98 83.05
CA GLN B 104 -11.30 13.50 84.36
C GLN B 104 -12.05 12.18 84.27
N LEU B 105 -11.60 11.31 83.36
CA LEU B 105 -12.23 9.99 83.16
C LEU B 105 -11.94 9.04 84.32
N GLU B 106 -10.94 9.37 85.13
CA GLU B 106 -10.62 8.61 86.32
C GLU B 106 -11.63 8.82 87.45
N PHE B 107 -12.45 9.86 87.34
CA PHE B 107 -13.48 10.13 88.33
C PHE B 107 -14.86 10.10 87.71
N CYS B 108 -14.93 10.50 86.44
CA CYS B 108 -16.19 10.46 85.69
C CYS B 108 -15.99 9.82 84.32
N PRO B 109 -16.13 8.49 84.24
CA PRO B 109 -15.90 7.69 83.04
C PRO B 109 -16.93 7.95 81.97
N ARG B 110 -16.55 7.68 80.72
CA ARG B 110 -17.44 7.89 79.60
C ARG B 110 -18.71 7.07 79.73
N GLY B 111 -19.84 7.74 79.51
CA GLY B 111 -21.14 7.15 79.72
C GLY B 111 -21.84 7.85 80.88
N SER B 112 -21.05 8.55 81.70
CA SER B 112 -21.59 9.32 82.81
C SER B 112 -22.14 10.67 82.35
N SER B 113 -21.52 11.27 81.34
CA SER B 113 -22.02 12.53 80.80
C SER B 113 -22.91 12.28 79.62
N PRO B 114 -23.90 13.14 79.41
CA PRO B 114 -24.77 13.07 78.25
C PRO B 114 -24.02 13.42 76.98
N TRP B 115 -22.92 14.16 77.12
CA TRP B 115 -22.15 14.57 75.97
C TRP B 115 -21.20 13.46 75.51
N ASP B 116 -21.17 12.34 76.26
CA ASP B 116 -20.31 11.22 75.91
C ASP B 116 -20.87 10.43 74.74
N ARG B 117 -22.12 10.72 74.35
CA ARG B 117 -22.67 10.16 73.13
C ARG B 117 -21.93 10.69 71.90
N PHE B 118 -21.22 11.80 72.07
CA PHE B 118 -20.44 12.40 71.01
C PHE B 118 -18.94 12.16 71.22
N LEU B 119 -18.61 11.24 72.12
CA LEU B 119 -17.21 11.04 72.45
C LEU B 119 -16.53 10.07 71.50
N VAL B 120 -15.58 10.59 70.73
CA VAL B 120 -14.79 9.77 69.82
C VAL B 120 -13.33 9.87 70.20
N GLY B 121 -12.72 8.73 70.48
CA GLY B 121 -11.39 8.76 71.07
C GLY B 121 -11.48 9.39 72.44
N GLY B 122 -10.97 10.62 72.57
CA GLY B 122 -11.13 11.37 73.80
C GLY B 122 -11.60 12.80 73.52
N TYR B 123 -12.35 13.00 72.44
CA TYR B 123 -12.82 14.34 72.07
C TYR B 123 -14.31 14.39 71.75
N LEU B 124 -14.90 15.57 71.96
CA LEU B 124 -16.32 15.80 71.66
C LEU B 124 -16.51 15.99 70.15
N SER B 125 -17.43 15.21 69.57
CA SER B 125 -17.66 15.23 68.13
C SER B 125 -18.66 16.30 67.72
N SER B 126 -18.14 17.37 67.14
CA SER B 126 -19.01 18.39 66.55
C SER B 126 -19.79 17.81 65.38
N ARG B 127 -19.18 16.87 64.66
CA ARG B 127 -19.79 16.26 63.49
C ARG B 127 -21.07 15.51 63.83
N VAL B 128 -20.99 14.60 64.79
CA VAL B 128 -22.15 13.78 65.14
C VAL B 128 -23.24 14.63 65.73
N LEU B 129 -22.84 15.61 66.54
CA LEU B 129 -23.77 16.59 67.07
C LEU B 129 -24.54 17.27 65.96
N LEU B 130 -23.82 17.75 64.95
CA LEU B 130 -24.44 18.40 63.81
C LEU B 130 -25.37 17.45 63.06
N GLU B 131 -24.93 16.21 62.88
CA GLU B 131 -25.72 15.24 62.15
C GLU B 131 -27.07 15.01 62.81
N LEU B 132 -27.08 14.89 64.13
CA LEU B 132 -28.30 14.63 64.86
C LEU B 132 -29.20 15.86 64.92
N LEU B 133 -28.59 17.02 65.15
CA LEU B 133 -29.37 18.24 65.31
C LEU B 133 -29.90 18.73 63.98
N ARG B 134 -29.12 18.55 62.92
CA ARG B 134 -29.59 18.89 61.58
C ARG B 134 -30.70 17.96 61.15
N LYS B 135 -30.59 16.68 61.54
CA LYS B 135 -31.67 15.73 61.29
C LYS B 135 -32.94 16.13 62.02
N ALA B 136 -32.77 16.59 63.27
CA ALA B 136 -33.90 17.05 64.05
C ALA B 136 -34.62 18.19 63.34
N LEU B 137 -33.85 19.15 62.85
CA LEU B 137 -34.43 20.26 62.10
C LEU B 137 -34.96 19.80 60.75
N ALA B 138 -34.25 18.87 60.12
CA ALA B 138 -34.59 18.42 58.78
C ALA B 138 -35.96 17.75 58.74
N ALA B 139 -36.28 16.98 59.78
CA ALA B 139 -37.50 16.19 59.74
C ALA B 139 -38.24 16.15 61.08
N SER B 140 -37.49 15.99 62.16
CA SER B 140 -38.12 15.72 63.47
C SER B 140 -39.02 16.86 63.93
N VAL B 141 -38.55 18.09 63.75
CA VAL B 141 -39.32 19.27 64.14
C VAL B 141 -40.60 19.40 63.32
N ASN B 142 -41.71 19.60 64.00
CA ASN B 142 -43.01 19.68 63.34
C ASN B 142 -43.24 21.06 62.75
N TRP B 143 -42.61 21.30 61.61
CA TRP B 143 -42.67 22.60 60.93
C TRP B 143 -44.08 22.98 60.49
N PRO B 144 -44.98 22.00 60.36
CA PRO B 144 -46.38 22.27 60.12
C PRO B 144 -47.05 22.90 61.34
N ALA B 145 -46.57 22.55 62.53
CA ALA B 145 -47.09 23.15 63.75
C ALA B 145 -46.53 24.55 63.91
N ILE B 146 -45.27 24.73 63.56
CA ILE B 146 -44.63 26.04 63.64
C ILE B 146 -45.27 27.02 62.67
N GLY B 147 -45.46 26.59 61.43
CA GLY B 147 -46.10 27.41 60.43
C GLY B 147 -47.54 27.74 60.82
N SER B 148 -48.26 26.76 61.34
CA SER B 148 -49.62 26.97 61.78
C SER B 148 -49.69 27.93 62.96
N LEU B 149 -48.75 27.78 63.89
CA LEU B 149 -48.69 28.61 65.09
C LEU B 149 -48.38 30.06 64.76
N LEU B 150 -47.35 30.26 63.97
CA LEU B 150 -46.83 31.60 63.74
C LEU B 150 -47.48 32.26 62.53
N GLY B 151 -48.21 31.47 61.75
CA GLY B 151 -48.90 32.01 60.58
C GLY B 151 -47.91 32.28 59.46
N CYS B 152 -47.21 31.24 59.04
CA CYS B 152 -46.12 31.41 58.10
C CYS B 152 -45.64 30.10 57.51
N LEU B 153 -44.79 30.20 56.51
CA LEU B 153 -44.09 29.04 55.99
C LEU B 153 -42.64 29.02 56.45
N ILE B 154 -42.32 28.12 57.38
CA ILE B 154 -40.95 27.96 57.86
C ILE B 154 -40.49 26.52 57.71
N ARG B 155 -39.32 26.34 57.10
CA ARG B 155 -38.75 25.02 56.89
C ARG B 155 -37.23 25.09 57.01
N PRO B 156 -36.56 23.94 56.96
CA PRO B 156 -35.11 23.80 57.06
C PRO B 156 -34.46 24.01 55.71
N SER B 157 -33.25 24.55 55.72
CA SER B 157 -32.48 24.71 54.50
C SER B 157 -31.91 23.38 54.04
N MET B 158 -31.25 23.39 52.89
CA MET B 158 -30.63 22.20 52.34
C MET B 158 -29.12 22.27 52.42
N ALA B 159 -28.61 23.11 53.32
CA ALA B 159 -27.17 23.25 53.50
C ALA B 159 -26.84 23.77 54.88
N SER B 160 -25.71 23.34 55.42
CA SER B 160 -25.30 23.70 56.77
C SER B 160 -26.42 23.46 57.78
N GLU B 161 -26.62 24.41 58.68
CA GLU B 161 -27.71 24.33 59.63
C GLU B 161 -28.48 25.64 59.65
N GLU B 162 -29.23 25.88 58.59
CA GLU B 162 -29.98 27.10 58.45
C GLU B 162 -31.45 26.81 58.24
N LEU B 163 -32.29 27.80 58.56
CA LEU B 163 -33.72 27.67 58.36
C LEU B 163 -34.20 28.75 57.39
N LEU B 164 -35.32 28.49 56.72
CA LEU B 164 -35.89 29.46 55.80
C LEU B 164 -37.33 29.82 56.15
N LEU B 165 -37.57 31.11 56.33
CA LEU B 165 -38.92 31.63 56.31
C LEU B 165 -39.33 31.90 54.89
N GLU B 166 -40.09 30.98 54.32
CA GLU B 166 -40.52 31.09 52.94
C GLU B 166 -41.50 32.24 52.76
N VAL B 167 -42.21 32.56 53.84
CA VAL B 167 -43.09 33.75 53.87
C VAL B 167 -43.94 33.79 55.13
N GLN B 168 -43.70 34.83 55.93
CA GLN B 168 -44.60 35.21 57.00
C GLN B 168 -45.75 36.00 56.42
N HIS B 169 -46.97 35.70 56.87
CA HIS B 169 -48.18 36.29 56.30
C HIS B 169 -48.03 37.80 56.07
N GLU B 170 -47.39 38.50 57.01
CA GLU B 170 -47.13 39.93 56.87
C GLU B 170 -45.92 40.21 55.96
N ARG B 171 -46.02 39.80 54.70
CA ARG B 171 -45.04 40.12 53.65
C ARG B 171 -43.59 40.11 54.12
N LEU B 172 -43.17 39.04 54.79
CA LEU B 172 -41.78 38.94 55.26
C LEU B 172 -41.16 37.59 54.92
N GLU B 173 -39.96 37.64 54.35
CA GLU B 173 -39.17 36.43 54.12
C GLU B 173 -37.76 36.63 54.70
N LEU B 174 -37.17 35.54 55.20
CA LEU B 174 -35.85 35.64 55.81
C LEU B 174 -35.23 34.27 56.07
N THR B 175 -33.97 34.25 56.43
CA THR B 175 -33.29 33.01 56.77
C THR B 175 -32.67 33.07 58.17
N VAL B 176 -32.49 31.91 58.78
CA VAL B 176 -31.95 31.80 60.13
C VAL B 176 -30.70 30.93 60.13
N ALA B 177 -29.60 31.49 60.62
CA ALA B 177 -28.38 30.71 60.79
C ALA B 177 -28.32 30.15 62.20
N VAL B 178 -28.57 28.85 62.33
CA VAL B 178 -28.56 28.23 63.64
C VAL B 178 -27.14 27.90 64.06
N LEU B 179 -26.69 28.54 65.12
CA LEU B 179 -25.33 28.37 65.59
C LEU B 179 -25.29 27.53 66.86
N VAL B 180 -25.08 26.24 66.69
CA VAL B 180 -24.94 25.36 67.82
C VAL B 180 -23.52 25.45 68.37
N ALA B 181 -23.41 25.92 69.61
CA ALA B 181 -22.09 26.24 70.14
C ALA B 181 -22.05 26.16 71.66
N VAL B 182 -20.86 25.87 72.18
CA VAL B 182 -20.63 25.84 73.62
C VAL B 182 -20.59 27.28 74.15
N PRO B 183 -21.53 27.66 75.04
CA PRO B 183 -21.50 28.94 75.80
C PRO B 183 -20.12 29.58 75.83
N GLY B 184 -19.11 28.84 76.27
CA GLY B 184 -17.75 29.28 76.08
C GLY B 184 -17.25 30.12 77.23
N VAL B 185 -17.48 31.42 77.13
CA VAL B 185 -16.91 32.36 78.08
C VAL B 185 -17.98 33.11 78.86
N ASP B 186 -17.58 33.64 80.01
CA ASP B 186 -18.50 34.38 80.89
C ASP B 186 -18.73 35.80 80.40
N ALA B 187 -18.03 36.18 79.33
CA ALA B 187 -18.25 37.45 78.67
C ALA B 187 -19.47 37.38 77.75
N ASP B 188 -19.99 36.17 77.53
CA ASP B 188 -21.13 35.96 76.64
C ASP B 188 -20.81 36.42 75.23
N ASP B 189 -19.61 36.08 74.77
CA ASP B 189 -19.14 36.49 73.45
C ASP B 189 -18.57 35.30 72.68
N ARG B 190 -17.33 34.94 73.02
CA ARG B 190 -16.63 33.87 72.32
C ARG B 190 -17.31 32.52 72.53
N LEU B 191 -17.62 31.85 71.42
CA LEU B 191 -18.30 30.55 71.47
C LEU B 191 -17.45 29.46 70.84
N LEU B 192 -17.74 28.21 71.20
CA LEU B 192 -17.13 27.09 70.48
C LEU B 192 -18.16 26.47 69.54
N LEU B 193 -18.13 26.90 68.29
CA LEU B 193 -19.13 26.52 67.31
C LEU B 193 -18.93 25.10 66.83
N ALA B 194 -20.02 24.34 66.78
CA ALA B 194 -19.97 23.01 66.19
C ALA B 194 -19.73 23.15 64.71
N TRP B 195 -18.45 23.20 64.35
CA TRP B 195 -18.04 23.47 62.99
C TRP B 195 -18.19 22.22 62.12
N PRO B 196 -18.52 22.41 60.84
CA PRO B 196 -18.65 21.30 59.90
C PRO B 196 -17.44 21.17 59.00
N LEU B 197 -16.29 20.87 59.61
CA LEU B 197 -15.09 20.61 58.85
C LEU B 197 -15.21 19.31 58.08
N GLU B 198 -14.93 19.36 56.79
CA GLU B 198 -15.04 18.17 55.95
C GLU B 198 -13.72 17.40 55.92
N GLY B 199 -12.62 18.13 55.97
CA GLY B 199 -11.29 17.53 55.94
C GLY B 199 -10.80 17.19 57.35
N LEU B 200 -9.63 16.57 57.42
CA LEU B 200 -9.02 16.23 58.71
C LEU B 200 -10.03 15.55 59.64
N ALA B 201 -10.13 16.06 60.87
CA ALA B 201 -11.14 15.59 61.80
C ALA B 201 -12.36 16.49 61.74
N GLY B 202 -13.48 15.90 61.32
CA GLY B 202 -14.74 16.65 61.25
C GLY B 202 -15.34 16.89 62.63
N ASN B 203 -14.69 16.35 63.66
CA ASN B 203 -15.09 16.55 65.04
C ASN B 203 -14.68 17.91 65.57
N LEU B 204 -13.84 18.63 64.80
CA LEU B 204 -13.27 19.90 65.25
C LEU B 204 -14.29 21.05 65.26
N TRP B 205 -13.92 22.12 65.97
CA TRP B 205 -14.82 23.20 66.34
C TRP B 205 -14.27 24.53 65.85
N LEU B 206 -15.12 25.54 65.78
CA LEU B 206 -14.67 26.86 65.36
C LEU B 206 -14.84 27.89 66.48
N GLN B 207 -13.76 28.57 66.80
CA GLN B 207 -13.80 29.64 67.78
C GLN B 207 -14.55 30.85 67.20
N ASP B 208 -15.73 31.11 67.74
CA ASP B 208 -16.59 32.14 67.22
C ASP B 208 -16.29 33.49 67.83
N LEU B 209 -15.65 34.36 67.04
CA LEU B 209 -15.29 35.69 67.48
C LEU B 209 -16.16 36.76 66.85
N TYR B 210 -17.34 36.37 66.34
CA TYR B 210 -18.27 37.33 65.75
C TYR B 210 -18.63 38.47 66.72
N PRO B 211 -19.39 38.18 67.80
CA PRO B 211 -19.82 39.18 68.77
C PRO B 211 -18.65 39.95 69.39
N VAL B 212 -17.45 39.34 69.38
CA VAL B 212 -16.24 40.01 69.81
C VAL B 212 -15.89 41.13 68.84
N GLU B 213 -15.92 40.81 67.55
CA GLU B 213 -15.68 41.79 66.49
C GLU B 213 -16.75 42.87 66.48
N ALA B 214 -18.01 42.45 66.66
CA ALA B 214 -19.14 43.36 66.67
C ALA B 214 -19.05 44.30 67.87
N ALA B 215 -18.73 43.74 69.03
CA ALA B 215 -18.57 44.52 70.25
C ALA B 215 -17.39 45.47 70.14
N ARG B 216 -16.35 45.04 69.44
CA ARG B 216 -15.18 45.88 69.26
C ARG B 216 -15.50 47.11 68.43
N LEU B 217 -16.21 46.92 67.33
CA LEU B 217 -16.62 48.05 66.50
C LEU B 217 -17.59 48.94 67.24
N ARG B 218 -18.48 48.34 68.03
CA ARG B 218 -19.38 49.09 68.89
C ARG B 218 -18.60 49.93 69.89
N ALA B 219 -17.63 49.31 70.55
CA ALA B 219 -16.82 49.98 71.55
C ALA B 219 -16.00 51.11 70.93
N LEU B 220 -15.42 50.81 69.77
CA LEU B 220 -14.62 51.81 69.06
C LEU B 220 -15.45 53.04 68.71
N ASP B 221 -16.68 52.81 68.28
CA ASP B 221 -17.61 53.92 68.05
C ASP B 221 -17.97 54.63 69.34
N ASP B 222 -18.23 53.86 70.39
CA ASP B 222 -18.61 54.44 71.68
C ASP B 222 -17.47 55.21 72.34
N HIS B 223 -16.24 54.94 71.92
CA HIS B 223 -15.08 55.64 72.45
C HIS B 223 -15.08 57.12 72.05
N ASP B 224 -15.63 57.43 70.88
CA ASP B 224 -15.61 58.80 70.37
C ASP B 224 -16.84 59.15 69.56
N ALA B 225 -17.94 58.43 69.79
CA ALA B 225 -19.19 58.65 69.08
C ALA B 225 -18.97 58.64 67.57
N GLY B 226 -18.20 57.66 67.10
CA GLY B 226 -17.83 57.59 65.69
C GLY B 226 -18.84 56.78 64.89
N THR B 227 -18.59 56.66 63.59
CA THR B 227 -19.50 55.98 62.70
C THR B 227 -18.81 54.86 61.90
N ARG B 228 -18.01 54.06 62.60
CA ARG B 228 -17.31 52.94 61.98
C ARG B 228 -18.30 51.89 61.50
N ARG B 229 -19.30 51.62 62.33
CA ARG B 229 -20.32 50.64 61.99
C ARG B 229 -21.25 51.14 60.91
N ARG B 230 -21.43 52.46 60.82
CA ARG B 230 -22.24 53.05 59.76
C ARG B 230 -21.58 52.82 58.41
N LEU B 231 -20.26 53.02 58.37
CA LEU B 231 -19.49 52.72 57.17
C LEU B 231 -19.62 51.25 56.79
N LEU B 232 -19.52 50.37 57.77
CA LEU B 232 -19.71 48.94 57.54
C LEU B 232 -21.08 48.65 56.96
N LEU B 233 -22.12 49.26 57.53
CA LEU B 233 -23.49 49.09 57.04
C LEU B 233 -23.63 49.55 55.60
N LEU B 234 -23.00 50.68 55.28
CA LEU B 234 -22.99 51.17 53.91
C LEU B 234 -22.31 50.17 52.99
N LEU B 235 -21.15 49.68 53.41
CA LEU B 235 -20.38 48.72 52.62
C LEU B 235 -21.14 47.44 52.39
N CYS B 236 -21.90 47.00 53.40
CA CYS B 236 -22.72 45.80 53.29
C CYS B 236 -23.74 45.96 52.17
N ALA B 237 -24.44 47.08 52.16
CA ALA B 237 -25.42 47.35 51.12
C ALA B 237 -24.75 47.49 49.75
N VAL B 238 -23.55 48.06 49.72
CA VAL B 238 -22.79 48.14 48.47
C VAL B 238 -22.51 46.76 47.90
N CYS B 239 -22.12 45.84 48.76
CA CYS B 239 -21.90 44.46 48.34
C CYS B 239 -23.21 43.79 47.91
N ARG B 240 -24.29 44.09 48.60
CA ARG B 240 -25.60 43.55 48.21
C ARG B 240 -26.01 44.05 46.83
N GLY B 241 -25.67 45.30 46.52
CA GLY B 241 -26.02 45.90 45.25
C GLY B 241 -24.90 45.81 44.19
N CYS B 242 -23.91 44.96 44.43
CA CYS B 242 -22.80 44.83 43.48
C CYS B 242 -22.32 43.40 43.36
N SER B 243 -22.62 42.78 42.21
CA SER B 243 -22.30 41.37 41.98
C SER B 243 -20.80 41.11 41.95
N ALA B 244 -20.03 42.13 41.63
CA ALA B 244 -18.57 42.04 41.66
C ALA B 244 -18.06 41.75 43.07
N LEU B 245 -18.83 42.17 44.06
CA LEU B 245 -18.44 42.01 45.45
C LEU B 245 -19.12 40.82 46.11
N GLY B 246 -19.69 39.93 45.28
CA GLY B 246 -20.38 38.75 45.79
C GLY B 246 -19.44 37.81 46.56
N GLN B 247 -18.13 37.92 46.30
CA GLN B 247 -17.14 37.10 46.99
C GLN B 247 -16.71 37.71 48.33
N LEU B 248 -17.12 38.95 48.58
CA LEU B 248 -16.77 39.64 49.82
C LEU B 248 -18.00 39.82 50.70
N GLY B 249 -18.09 39.02 51.76
CA GLY B 249 -19.27 39.04 52.60
C GLY B 249 -19.11 39.97 53.78
N ARG B 250 -20.02 39.85 54.75
CA ARG B 250 -19.98 40.66 55.96
C ARG B 250 -18.68 40.46 56.72
N GLY B 251 -18.21 39.22 56.77
CA GLY B 251 -16.96 38.90 57.44
C GLY B 251 -15.78 39.62 56.80
N HIS B 252 -15.77 39.65 55.47
CA HIS B 252 -14.69 40.32 54.75
C HIS B 252 -14.68 41.80 55.04
N LEU B 253 -15.86 42.40 55.02
CA LEU B 253 -16.00 43.81 55.31
C LEU B 253 -15.66 44.12 56.76
N THR B 254 -16.03 43.20 57.65
CA THR B 254 -15.77 43.38 59.07
C THR B 254 -14.29 43.49 59.35
N GLN B 255 -13.48 42.64 58.70
CA GLN B 255 -12.04 42.67 58.90
C GLN B 255 -11.47 44.00 58.44
N VAL B 256 -11.96 44.50 57.31
CA VAL B 256 -11.52 45.78 56.78
C VAL B 256 -11.90 46.93 57.71
N VAL B 257 -13.15 46.94 58.16
CA VAL B 257 -13.65 48.01 59.02
C VAL B 257 -13.01 47.98 60.40
N LEU B 258 -12.67 46.80 60.90
CA LEU B 258 -11.92 46.68 62.14
C LEU B 258 -10.55 47.36 62.01
N ARG B 259 -9.88 47.12 60.89
CA ARG B 259 -8.61 47.78 60.61
C ARG B 259 -8.78 49.29 60.54
N LEU B 260 -9.83 49.72 59.85
CA LEU B 260 -10.15 51.12 59.73
C LEU B 260 -10.48 51.71 61.09
N GLY B 261 -11.25 50.96 61.87
CA GLY B 261 -11.73 51.40 63.16
C GLY B 261 -10.60 51.72 64.10
N GLU B 262 -9.52 50.95 64.02
CA GLU B 262 -8.33 51.23 64.81
C GLU B 262 -7.53 52.39 64.21
N ASP B 263 -8.11 53.59 64.28
CA ASP B 263 -7.47 54.78 63.76
C ASP B 263 -8.09 56.03 64.38
N ASN B 264 -7.46 57.17 64.17
CA ASN B 264 -7.92 58.42 64.74
C ASN B 264 -8.14 59.46 63.67
N VAL B 265 -9.25 59.33 62.96
CA VAL B 265 -9.60 60.23 61.87
C VAL B 265 -10.98 60.82 62.12
N ASP B 266 -11.46 61.63 61.19
CA ASP B 266 -12.80 62.17 61.31
C ASP B 266 -13.83 61.06 61.18
N TRP B 267 -14.42 60.67 62.31
CA TRP B 267 -15.33 59.54 62.37
C TRP B 267 -16.80 59.95 62.35
N THR B 268 -17.08 61.21 62.01
CA THR B 268 -18.45 61.69 62.00
C THR B 268 -19.10 61.39 60.65
N GLU B 269 -20.42 61.56 60.59
CA GLU B 269 -21.19 61.28 59.38
C GLU B 269 -20.77 62.19 58.23
N GLU B 270 -20.25 63.37 58.56
CA GLU B 270 -19.85 64.34 57.56
C GLU B 270 -18.68 63.87 56.70
N ALA B 271 -17.96 62.86 57.17
CA ALA B 271 -16.83 62.33 56.43
C ALA B 271 -17.05 60.87 56.05
N LEU B 272 -18.32 60.50 55.83
CA LEU B 272 -18.63 59.17 55.29
C LEU B 272 -17.98 58.98 53.94
N GLY B 273 -18.06 60.01 53.09
CA GLY B 273 -17.48 59.95 51.76
C GLY B 273 -15.97 59.75 51.81
N GLU B 274 -15.31 60.50 52.69
CA GLU B 274 -13.87 60.38 52.84
C GLU B 274 -13.48 58.98 53.25
N ARG B 275 -14.13 58.48 54.31
CA ARG B 275 -13.81 57.18 54.85
C ARG B 275 -14.26 56.05 53.96
N PHE B 276 -15.30 56.32 53.15
CA PHE B 276 -15.75 55.37 52.14
C PHE B 276 -14.64 55.08 51.16
N LEU B 277 -14.02 56.13 50.64
CA LEU B 277 -12.94 55.99 49.70
C LEU B 277 -11.72 55.35 50.37
N GLN B 278 -11.50 55.70 51.65
CA GLN B 278 -10.43 55.07 52.43
C GLN B 278 -10.65 53.58 52.58
N ALA B 279 -11.91 53.19 52.81
CA ALA B 279 -12.27 51.79 52.92
C ALA B 279 -11.98 51.07 51.61
N LEU B 280 -12.29 51.72 50.50
CA LEU B 280 -12.01 51.16 49.20
C LEU B 280 -10.52 50.97 49.00
N GLU B 281 -9.74 51.98 49.38
CA GLU B 281 -8.30 51.93 49.23
C GLU B 281 -7.67 50.79 50.03
N LEU B 282 -8.12 50.63 51.28
CA LEU B 282 -7.60 49.58 52.14
C LEU B 282 -7.97 48.20 51.59
N LEU B 283 -9.23 48.04 51.21
CA LEU B 283 -9.72 46.79 50.66
C LEU B 283 -9.02 46.44 49.35
N ILE B 284 -8.90 47.42 48.46
CA ILE B 284 -8.23 47.22 47.18
C ILE B 284 -6.78 46.81 47.37
N GLY B 285 -6.09 47.48 48.29
CA GLY B 285 -4.71 47.14 48.59
C GLY B 285 -4.59 45.69 49.05
N SER B 286 -5.49 45.28 49.94
CA SER B 286 -5.52 43.90 50.41
C SER B 286 -5.79 42.93 49.25
N LEU B 287 -6.69 43.33 48.35
CA LEU B 287 -7.00 42.55 47.18
C LEU B 287 -5.79 42.46 46.23
N GLU B 288 -5.06 43.56 46.09
CA GLU B 288 -3.85 43.57 45.27
C GLU B 288 -2.79 42.62 45.81
N GLN B 289 -2.78 42.44 47.13
CA GLN B 289 -1.88 41.48 47.77
C GLN B 289 -2.48 40.08 47.84
N ALA B 290 -3.73 39.94 47.44
CA ALA B 290 -4.48 38.69 47.58
C ALA B 290 -4.41 38.17 49.02
N SER B 291 -4.55 39.09 49.98
CA SER B 291 -4.38 38.74 51.38
C SER B 291 -5.23 39.61 52.29
N LEU B 292 -6.11 38.98 53.06
CA LEU B 292 -6.85 39.66 54.12
C LEU B 292 -6.77 38.91 55.43
N PRO B 293 -5.76 39.22 56.23
CA PRO B 293 -5.59 38.69 57.57
C PRO B 293 -6.66 39.19 58.51
N CYS B 294 -7.39 38.26 59.11
CA CYS B 294 -8.41 38.60 60.11
C CYS B 294 -7.83 39.45 61.23
N HIS B 295 -8.58 40.47 61.62
CA HIS B 295 -8.13 41.42 62.62
C HIS B 295 -7.76 40.73 63.94
N PHE B 296 -8.58 39.76 64.35
CA PHE B 296 -8.35 39.04 65.59
C PHE B 296 -7.57 37.74 65.39
N ASN B 297 -7.07 37.53 64.17
CA ASN B 297 -6.25 36.37 63.87
C ASN B 297 -5.62 36.47 62.49
N PRO B 298 -4.43 37.08 62.42
CA PRO B 298 -3.77 37.46 61.18
C PRO B 298 -3.38 36.27 60.31
N SER B 299 -3.42 35.06 60.88
CA SER B 299 -3.07 33.86 60.12
C SER B 299 -4.22 33.43 59.22
N VAL B 300 -5.40 34.05 59.39
CA VAL B 300 -6.55 33.75 58.55
C VAL B 300 -6.64 34.71 57.38
N ASN B 301 -6.26 34.21 56.20
CA ASN B 301 -6.38 34.98 54.97
C ASN B 301 -7.74 34.78 54.33
N LEU B 302 -8.60 35.78 54.42
CA LEU B 302 -9.97 35.67 53.96
C LEU B 302 -10.09 35.67 52.43
N PHE B 303 -8.98 35.96 51.74
CA PHE B 303 -8.96 35.92 50.29
C PHE B 303 -8.33 34.63 49.77
N SER B 304 -7.91 33.75 50.68
CA SER B 304 -7.23 32.52 50.29
C SER B 304 -8.15 31.54 49.58
N SER B 305 -9.45 31.69 49.77
CA SER B 305 -10.43 30.83 49.12
C SER B 305 -10.88 31.39 47.77
N LEU B 306 -10.32 32.55 47.38
CA LEU B 306 -10.72 33.20 46.14
C LEU B 306 -9.61 33.13 45.10
N ARG B 307 -9.99 33.13 43.83
CA ARG B 307 -9.03 33.11 42.73
C ARG B 307 -8.30 34.44 42.62
N GLU B 308 -6.97 34.39 42.53
CA GLU B 308 -6.14 35.59 42.49
C GLU B 308 -6.57 36.57 41.41
N GLU B 309 -6.90 36.05 40.23
CA GLU B 309 -7.34 36.88 39.12
C GLU B 309 -8.66 37.57 39.43
N GLU B 310 -9.58 36.82 40.04
CA GLU B 310 -10.86 37.38 40.45
C GLU B 310 -10.68 38.41 41.56
N ILE B 311 -9.75 38.13 42.47
CA ILE B 311 -9.41 39.05 43.54
C ILE B 311 -8.94 40.39 42.98
N ASP B 312 -8.05 40.32 41.98
CA ASP B 312 -7.56 41.52 41.33
C ASP B 312 -8.67 42.24 40.57
N ASP B 313 -9.54 41.48 39.91
CA ASP B 313 -10.67 42.05 39.19
C ASP B 313 -11.62 42.77 40.13
N ILE B 314 -11.80 42.24 41.34
CA ILE B 314 -12.60 42.92 42.36
C ILE B 314 -11.95 44.23 42.74
N GLY B 315 -10.63 44.21 42.92
CA GLY B 315 -9.88 45.42 43.23
C GLY B 315 -10.00 46.44 42.11
N TYR B 316 -10.00 45.97 40.86
CA TYR B 316 -10.15 46.84 39.70
C TYR B 316 -11.56 47.44 39.64
N ALA B 317 -12.56 46.63 39.98
CA ALA B 317 -13.93 47.10 40.06
C ALA B 317 -14.08 48.18 41.13
N LEU B 318 -13.47 47.94 42.29
CA LEU B 318 -13.49 48.91 43.37
C LEU B 318 -12.65 50.13 43.04
N TYR B 319 -11.57 49.93 42.28
CA TYR B 319 -10.75 51.03 41.80
C TYR B 319 -11.56 51.96 40.92
N SER B 320 -12.37 51.39 40.02
CA SER B 320 -13.29 52.19 39.24
C SER B 320 -14.32 52.84 40.16
N GLY B 321 -14.61 52.16 41.27
CA GLY B 321 -15.41 52.74 42.35
C GLY B 321 -14.74 53.98 42.95
N LEU B 322 -13.42 53.93 43.14
CA LEU B 322 -12.68 55.11 43.58
C LEU B 322 -12.77 56.24 42.55
N GLN B 323 -12.68 55.86 41.28
CA GLN B 323 -12.73 56.83 40.19
C GLN B 323 -14.11 57.49 40.10
N GLU B 324 -15.16 56.69 40.30
CA GLU B 324 -16.51 57.21 40.27
C GLU B 324 -17.30 56.75 41.50
N PRO B 325 -16.86 57.17 42.69
CA PRO B 325 -17.46 56.86 44.01
C PRO B 325 -18.94 56.46 43.96
N GLU B 326 -19.77 57.33 43.38
CA GLU B 326 -21.23 57.17 43.41
C GLU B 326 -21.71 55.96 42.60
N GLY B 327 -20.85 55.46 41.72
CA GLY B 327 -21.16 54.31 40.88
C GLY B 327 -21.28 53.01 41.69
N LEU B 328 -20.76 53.00 42.92
CA LEU B 328 -20.93 51.86 43.81
C LEU B 328 -22.23 51.95 44.60
N LEU B 329 -22.94 53.06 44.44
CA LEU B 329 -24.08 53.35 45.28
C LEU B 329 -25.38 53.40 44.47
N MET C 1 11.29 -9.90 57.72
CA MET C 1 12.23 -10.44 56.75
C MET C 1 12.57 -11.88 57.04
N GLU C 2 12.29 -12.76 56.08
CA GLU C 2 12.54 -14.19 56.22
C GLU C 2 12.73 -14.82 54.85
N ALA C 3 11.62 -15.19 54.20
CA ALA C 3 11.67 -15.71 52.83
C ALA C 3 12.07 -14.60 51.87
N LEU C 4 11.95 -13.36 52.30
CA LEU C 4 12.40 -12.22 51.53
C LEU C 4 13.88 -12.30 51.23
N ILE C 5 14.64 -12.98 52.09
CA ILE C 5 16.07 -13.06 51.90
C ILE C 5 16.45 -13.67 50.54
N PRO C 6 15.77 -14.76 50.12
CA PRO C 6 16.08 -15.41 48.85
C PRO C 6 15.25 -14.84 47.73
N VAL C 7 14.04 -14.37 48.07
CA VAL C 7 13.21 -13.70 47.09
C VAL C 7 13.91 -12.47 46.56
N ILE C 8 14.41 -11.64 47.47
CA ILE C 8 15.10 -10.43 47.10
C ILE C 8 16.39 -10.73 46.36
N ASN C 9 17.14 -11.73 46.82
CA ASN C 9 18.37 -12.11 46.14
C ASN C 9 18.11 -12.50 44.69
N LYS C 10 17.04 -13.26 44.46
CA LYS C 10 16.62 -13.57 43.10
C LYS C 10 16.28 -12.28 42.35
N LEU C 11 15.64 -11.36 43.06
CA LEU C 11 15.25 -10.06 42.52
C LEU C 11 16.39 -9.07 42.46
N GLN C 12 17.59 -9.48 42.82
CA GLN C 12 18.78 -8.70 42.54
C GLN C 12 19.32 -9.12 41.20
N ASP C 13 19.32 -10.43 40.97
CA ASP C 13 19.81 -11.00 39.73
C ASP C 13 18.97 -10.59 38.53
N VAL C 14 17.69 -10.26 38.76
CA VAL C 14 16.85 -9.78 37.66
C VAL C 14 17.40 -8.48 37.09
N PHE C 15 18.16 -7.75 37.89
CA PHE C 15 18.77 -6.51 37.44
C PHE C 15 20.18 -6.78 36.96
N ASN C 16 20.88 -7.65 37.67
CA ASN C 16 22.26 -7.99 37.34
C ASN C 16 22.37 -8.56 35.94
N THR C 17 21.38 -9.37 35.55
CA THR C 17 21.42 -10.06 34.27
C THR C 17 20.85 -9.23 33.13
N VAL C 18 20.37 -8.03 33.43
CA VAL C 18 19.93 -7.12 32.39
C VAL C 18 20.77 -5.84 32.40
N GLY C 19 21.64 -5.71 33.40
CA GLY C 19 22.56 -4.58 33.49
C GLY C 19 21.88 -3.36 34.08
N ALA C 20 20.86 -3.58 34.90
CA ALA C 20 20.12 -2.49 35.51
C ALA C 20 20.52 -2.30 36.95
N ASP C 21 20.17 -1.14 37.50
CA ASP C 21 20.38 -0.88 38.91
C ASP C 21 19.31 -1.57 39.73
N ILE C 22 19.72 -2.13 40.86
CA ILE C 22 18.80 -2.86 41.72
C ILE C 22 17.92 -1.91 42.51
N ILE C 23 16.62 -2.19 42.53
CA ILE C 23 15.67 -1.39 43.27
C ILE C 23 16.13 -1.14 44.69
N GLN C 24 16.07 0.11 45.12
CA GLN C 24 16.46 0.46 46.47
C GLN C 24 15.25 0.45 47.38
N LEU C 25 15.42 -0.12 48.57
CA LEU C 25 14.35 -0.19 49.55
C LEU C 25 14.24 1.12 50.30
N PRO C 26 13.02 1.58 50.55
CA PRO C 26 12.76 2.82 51.25
C PRO C 26 13.44 2.84 52.60
N GLN C 27 13.92 4.02 53.00
CA GLN C 27 14.62 4.19 54.26
C GLN C 27 13.67 4.07 55.44
N ILE C 28 14.06 3.32 56.45
CA ILE C 28 13.19 3.10 57.60
C ILE C 28 13.48 4.12 58.69
N VAL C 29 12.54 5.04 58.89
CA VAL C 29 12.77 6.14 59.83
C VAL C 29 11.73 6.15 60.94
N VAL C 30 12.18 6.08 62.19
CA VAL C 30 11.27 6.06 63.32
C VAL C 30 11.19 7.41 64.01
N VAL C 31 9.97 7.89 64.23
CA VAL C 31 9.74 9.21 64.81
C VAL C 31 8.78 9.16 66.00
N GLY C 32 8.84 10.20 66.84
CA GLY C 32 7.93 10.29 67.98
C GLY C 32 8.57 10.97 69.19
N THR C 33 7.77 11.19 70.23
CA THR C 33 8.24 11.88 71.42
C THR C 33 9.16 11.02 72.24
N GLN C 34 9.94 11.66 73.09
CA GLN C 34 10.92 10.99 73.94
C GLN C 34 10.30 9.90 74.77
N SER C 35 10.95 8.74 74.76
CA SER C 35 10.53 7.57 75.54
C SER C 35 9.19 7.00 75.09
N SER C 36 8.82 7.20 73.82
CA SER C 36 7.62 6.58 73.28
C SER C 36 7.84 5.09 72.95
N GLY C 37 9.10 4.69 72.74
CA GLY C 37 9.41 3.28 72.46
C GLY C 37 10.08 3.09 71.10
N LYS C 38 10.62 4.17 70.54
CA LYS C 38 11.16 4.18 69.18
C LYS C 38 12.25 3.13 68.97
N SER C 39 13.30 3.20 69.77
CA SER C 39 14.46 2.30 69.60
C SER C 39 14.02 0.86 69.75
N SER C 40 13.17 0.61 70.75
CA SER C 40 12.61 -0.73 70.96
C SER C 40 11.91 -1.30 69.73
N VAL C 41 11.17 -0.46 69.01
CA VAL C 41 10.53 -0.90 67.78
C VAL C 41 11.57 -1.41 66.79
N LEU C 42 12.63 -0.64 66.63
CA LEU C 42 13.72 -1.04 65.75
C LEU C 42 14.41 -2.31 66.24
N GLU C 43 14.54 -2.46 67.57
CA GLU C 43 15.15 -3.63 68.14
C GLU C 43 14.37 -4.90 67.82
N SER C 44 13.04 -4.78 67.79
CA SER C 44 12.20 -5.92 67.46
C SER C 44 12.34 -6.34 65.99
N LEU C 45 12.90 -5.46 65.17
CA LEU C 45 13.11 -5.74 63.76
C LEU C 45 14.47 -6.36 63.51
N VAL C 46 15.30 -6.44 64.55
CA VAL C 46 16.64 -6.98 64.43
C VAL C 46 16.77 -8.31 65.15
N GLY C 47 16.38 -8.32 66.42
CA GLY C 47 16.52 -9.51 67.26
C GLY C 47 17.75 -9.42 68.16
N ARG C 48 18.51 -8.34 68.00
CA ARG C 48 19.68 -8.10 68.83
C ARG C 48 19.57 -6.77 69.54
N ASP C 49 20.18 -6.68 70.72
CA ASP C 49 20.20 -5.43 71.45
C ASP C 49 21.30 -4.51 70.93
N LEU C 50 21.07 -3.93 69.75
CA LEU C 50 22.07 -3.09 69.10
C LEU C 50 21.91 -1.64 69.46
N LEU C 51 20.70 -1.27 69.87
CA LEU C 51 20.40 0.10 70.21
C LEU C 51 20.38 0.30 71.71
N PRO C 52 20.70 1.51 72.13
CA PRO C 52 20.52 1.97 73.49
C PRO C 52 19.05 2.09 73.76
N ARG C 53 18.66 1.92 75.03
CA ARG C 53 17.25 1.92 75.42
C ARG C 53 17.10 2.39 76.84
N GLY C 54 15.96 3.00 77.15
CA GLY C 54 15.73 3.45 78.52
C GLY C 54 14.72 4.58 78.63
N THR C 55 14.46 5.02 79.85
CA THR C 55 13.47 6.06 80.11
C THR C 55 14.04 7.45 79.92
N GLY C 56 13.17 8.44 79.86
CA GLY C 56 13.56 9.83 79.71
C GLY C 56 14.22 10.07 78.37
N ILE C 57 15.47 10.50 78.39
CA ILE C 57 16.24 10.75 77.18
C ILE C 57 17.37 9.72 77.04
N VAL C 58 17.43 9.07 75.89
CA VAL C 58 18.46 8.07 75.60
C VAL C 58 19.13 8.33 74.27
N THR C 59 18.34 8.24 73.19
CA THR C 59 18.86 8.52 71.86
C THR C 59 19.06 10.03 71.73
N ARG C 60 20.31 10.42 71.53
CA ARG C 60 20.65 11.83 71.52
C ARG C 60 21.49 12.20 70.30
N ARG C 61 21.36 11.40 69.26
CA ARG C 61 22.19 11.55 68.08
C ARG C 61 21.82 10.50 67.05
N PRO C 62 20.97 10.87 66.09
CA PRO C 62 20.44 9.96 65.06
C PRO C 62 21.43 8.85 64.68
N LEU C 63 20.96 7.62 64.64
CA LEU C 63 21.79 6.52 64.17
C LEU C 63 21.42 6.14 62.74
N ILE C 64 22.41 6.12 61.87
CA ILE C 64 22.22 5.64 60.52
C ILE C 64 22.66 4.18 60.42
N LEU C 65 21.68 3.30 60.39
CA LEU C 65 21.95 1.88 60.37
C LEU C 65 21.86 1.31 58.97
N GLN C 66 22.95 0.73 58.51
CA GLN C 66 22.94 0.06 57.22
C GLN C 66 23.06 -1.44 57.39
N LEU C 67 21.94 -2.12 57.20
CA LEU C 67 21.94 -3.58 57.21
C LEU C 67 22.59 -4.08 55.94
N VAL C 68 23.47 -5.07 56.08
CA VAL C 68 24.27 -5.55 54.95
C VAL C 68 24.14 -7.06 54.73
N HIS C 69 23.69 -7.42 53.53
CA HIS C 69 23.67 -8.82 53.11
C HIS C 69 25.08 -9.33 52.87
N VAL C 70 25.40 -10.48 53.43
CA VAL C 70 26.71 -11.08 53.23
C VAL C 70 26.63 -12.35 52.41
N SER C 71 27.51 -12.46 51.41
CA SER C 71 27.55 -13.61 50.53
C SER C 71 28.25 -14.80 51.20
N GLN C 72 28.48 -15.85 50.42
CA GLN C 72 29.15 -17.04 50.93
C GLN C 72 30.67 -16.91 50.90
N GLU C 73 31.18 -15.74 50.48
CA GLU C 73 32.61 -15.50 50.47
C GLU C 73 33.17 -15.53 51.89
N ALA C 87 34.21 -14.40 61.00
CA ALA C 87 33.01 -13.66 61.39
C ALA C 87 31.82 -14.08 60.53
N GLU C 88 30.82 -14.69 61.17
CA GLU C 88 29.57 -14.99 60.50
C GLU C 88 28.68 -13.76 60.46
N GLU C 89 28.49 -13.15 61.62
CA GLU C 89 27.80 -11.89 61.72
C GLU C 89 28.67 -10.87 62.43
N TRP C 90 28.66 -9.63 61.95
CA TRP C 90 29.49 -8.59 62.56
C TRP C 90 29.00 -7.20 62.17
N GLY C 91 29.46 -6.18 62.88
CA GLY C 91 29.13 -4.81 62.53
C GLY C 91 30.36 -4.02 62.08
N LYS C 92 30.15 -2.75 61.77
CA LYS C 92 31.25 -1.86 61.38
C LYS C 92 30.83 -0.40 61.44
N PHE C 93 31.56 0.40 62.20
CA PHE C 93 31.25 1.82 62.30
C PHE C 93 32.10 2.63 61.35
N LEU C 94 31.51 3.68 60.80
CA LEU C 94 32.20 4.59 59.90
C LEU C 94 33.45 5.16 60.55
N HIS C 95 33.33 5.58 61.80
CA HIS C 95 34.42 6.24 62.50
C HIS C 95 35.49 5.27 63.00
N THR C 96 35.30 3.96 62.78
CA THR C 96 36.34 3.00 63.08
C THR C 96 36.73 2.22 61.84
N LYS C 97 36.48 2.82 60.67
CA LYS C 97 36.91 2.26 59.41
C LYS C 97 36.44 0.82 59.26
N ASN C 98 37.37 -0.09 59.01
CA ASN C 98 37.01 -1.48 58.71
C ASN C 98 37.11 -2.40 59.94
N LYS C 99 37.05 -1.82 61.12
CA LYS C 99 36.96 -2.63 62.33
C LYS C 99 35.70 -3.48 62.31
N LEU C 100 35.86 -4.78 62.54
CA LEU C 100 34.72 -5.69 62.50
C LEU C 100 34.24 -5.97 63.92
N TYR C 101 32.94 -5.93 64.11
CA TYR C 101 32.36 -6.12 65.44
C TYR C 101 31.50 -7.37 65.50
N THR C 102 32.09 -8.49 65.89
CA THR C 102 31.32 -9.70 66.15
C THR C 102 30.67 -9.62 67.52
N ASP C 103 31.20 -8.73 68.35
CA ASP C 103 30.59 -8.42 69.64
C ASP C 103 29.53 -7.35 69.48
N PHE C 104 28.27 -7.76 69.55
CA PHE C 104 27.16 -6.86 69.29
C PHE C 104 26.77 -6.04 70.52
N ASP C 105 27.41 -6.32 71.65
CA ASP C 105 27.25 -5.48 72.83
C ASP C 105 28.24 -4.34 72.76
N GLU C 106 29.40 -4.63 72.19
CA GLU C 106 30.39 -3.61 71.87
C GLU C 106 29.80 -2.60 70.91
N ILE C 107 29.05 -3.09 69.93
CA ILE C 107 28.37 -2.20 69.00
C ILE C 107 27.43 -1.24 69.70
N ARG C 108 26.53 -1.78 70.52
CA ARG C 108 25.62 -0.95 71.29
C ARG C 108 26.38 0.05 72.16
N GLN C 109 27.41 -0.44 72.85
CA GLN C 109 28.22 0.38 73.72
C GLN C 109 29.01 1.42 72.94
N GLU C 110 29.43 1.07 71.74
CA GLU C 110 30.15 2.00 70.89
C GLU C 110 29.25 3.11 70.40
N ILE C 111 27.98 2.78 70.15
CA ILE C 111 26.99 3.81 69.86
C ILE C 111 26.86 4.76 71.04
N GLU C 112 26.80 4.19 72.24
CA GLU C 112 26.73 4.98 73.46
C GLU C 112 27.96 5.87 73.61
N ASN C 113 29.13 5.30 73.34
CA ASN C 113 30.37 6.04 73.44
C ASN C 113 30.41 7.18 72.46
N GLU C 114 30.09 6.87 71.21
CA GLU C 114 30.15 7.83 70.14
C GLU C 114 29.10 8.92 70.33
N THR C 115 27.93 8.52 70.80
CA THR C 115 26.89 9.48 71.15
C THR C 115 27.41 10.51 72.14
N GLU C 116 28.05 10.04 73.20
CA GLU C 116 28.59 10.92 74.21
C GLU C 116 29.74 11.78 73.68
N ARG C 117 30.49 11.25 72.73
CA ARG C 117 31.62 11.99 72.16
C ARG C 117 31.18 13.28 71.48
N ILE C 118 30.04 13.27 70.77
CA ILE C 118 29.58 14.49 70.11
C ILE C 118 28.37 15.13 70.80
N SER C 119 27.31 14.36 71.03
CA SER C 119 26.10 14.93 71.62
C SER C 119 26.29 15.20 73.10
N GLY C 120 27.14 14.41 73.74
CA GLY C 120 27.44 14.60 75.15
C GLY C 120 26.60 13.70 76.03
N ASN C 121 26.66 13.94 77.34
CA ASN C 121 25.92 13.13 78.31
C ASN C 121 25.16 14.02 79.28
N ASN C 122 24.43 14.98 78.73
CA ASN C 122 23.63 15.89 79.53
C ASN C 122 22.43 16.36 78.74
N LYS C 123 21.68 15.41 78.20
CA LYS C 123 20.47 15.66 77.41
C LYS C 123 20.73 16.41 76.09
N GLY C 124 21.99 16.70 75.78
CA GLY C 124 22.31 17.39 74.54
C GLY C 124 22.13 16.46 73.36
N VAL C 125 21.66 17.02 72.25
CA VAL C 125 21.43 16.23 71.05
C VAL C 125 22.29 16.72 69.91
N SER C 126 23.00 15.81 69.27
CA SER C 126 23.84 16.17 68.13
C SER C 126 23.06 16.10 66.84
N PRO C 127 23.40 16.97 65.90
CA PRO C 127 22.88 16.93 64.54
C PRO C 127 23.70 16.00 63.66
N GLU C 128 24.84 15.56 64.19
CA GLU C 128 25.72 14.68 63.45
C GLU C 128 25.41 13.23 63.78
N PRO C 129 24.69 12.54 62.91
CA PRO C 129 24.32 11.15 63.06
C PRO C 129 25.53 10.21 63.13
N ILE C 130 25.30 9.00 63.64
CA ILE C 130 26.33 7.96 63.68
C ILE C 130 26.08 6.92 62.59
N HIS C 131 27.09 6.61 61.79
CA HIS C 131 26.90 5.59 60.76
C HIS C 131 27.41 4.22 61.19
N LEU C 132 26.53 3.23 61.13
CA LEU C 132 26.84 1.85 61.48
C LEU C 132 26.33 0.87 60.44
N LYS C 133 27.21 -0.01 59.99
CA LYS C 133 26.82 -1.12 59.14
C LYS C 133 26.71 -2.41 59.95
N ILE C 134 25.67 -3.19 59.67
CA ILE C 134 25.53 -4.52 60.27
C ILE C 134 25.53 -5.60 59.23
N PHE C 135 26.39 -6.59 59.40
CA PHE C 135 26.61 -7.61 58.40
C PHE C 135 26.10 -8.97 58.83
N SER C 136 25.41 -9.64 57.92
CA SER C 136 25.04 -11.03 58.10
C SER C 136 24.62 -11.65 56.78
N PRO C 137 24.70 -12.97 56.67
CA PRO C 137 24.32 -13.71 55.49
C PRO C 137 22.86 -14.07 55.54
N ASN C 138 22.22 -13.78 56.66
CA ASN C 138 20.80 -14.01 56.80
C ASN C 138 20.05 -12.69 56.93
N VAL C 139 20.62 -11.61 56.39
CA VAL C 139 19.91 -10.35 56.33
C VAL C 139 20.04 -9.72 54.95
N VAL C 140 19.20 -8.73 54.68
CA VAL C 140 19.19 -8.06 53.38
C VAL C 140 19.52 -6.59 53.51
N ASN C 141 20.20 -6.06 52.51
CA ASN C 141 20.57 -4.65 52.47
C ASN C 141 19.38 -3.74 52.80
N LEU C 142 19.52 -2.91 53.83
CA LEU C 142 18.44 -2.01 54.23
C LEU C 142 18.93 -0.85 55.09
N THR C 143 18.48 0.36 54.77
CA THR C 143 18.88 1.55 55.51
C THR C 143 17.80 1.95 56.53
N LEU C 144 18.21 2.09 57.80
CA LEU C 144 17.31 2.45 58.89
C LEU C 144 17.83 3.64 59.70
N VAL C 145 16.93 4.41 60.30
CA VAL C 145 17.32 5.57 61.10
C VAL C 145 16.64 5.58 62.48
N ASP C 146 17.47 5.68 63.53
CA ASP C 146 16.97 5.81 64.90
C ASP C 146 17.11 7.24 65.41
N LEU C 147 15.98 7.94 65.52
CA LEU C 147 16.00 9.37 65.85
C LEU C 147 15.77 9.65 67.34
N PRO C 148 16.23 10.82 67.78
CA PRO C 148 15.98 11.34 69.11
C PRO C 148 14.52 11.72 69.24
N GLY C 149 14.00 11.61 70.45
CA GLY C 149 12.59 11.88 70.66
C GLY C 149 12.28 13.36 70.56
N MET C 150 11.07 13.66 70.14
CA MET C 150 10.58 15.02 70.08
C MET C 150 10.44 15.61 71.47
N THR C 151 10.79 16.88 71.60
CA THR C 151 10.72 17.58 72.87
C THR C 151 10.05 18.94 72.73
N LYS C 152 10.02 19.69 73.83
CA LYS C 152 9.45 21.03 73.87
C LYS C 152 10.32 21.96 74.68
N VAL C 153 10.90 21.44 75.76
CA VAL C 153 11.74 22.24 76.66
C VAL C 153 13.22 21.95 76.43
N PRO C 154 14.01 23.03 76.35
CA PRO C 154 15.46 22.97 76.25
C PRO C 154 16.08 22.62 77.60
N VAL C 155 16.56 21.39 77.71
CA VAL C 155 17.11 20.91 78.97
C VAL C 155 18.55 20.41 78.82
N GLY C 156 19.31 20.51 79.90
CA GLY C 156 20.71 20.08 79.88
C GLY C 156 21.53 20.93 78.93
N ASP C 157 22.16 20.28 77.95
CA ASP C 157 22.98 20.97 76.97
C ASP C 157 22.18 21.36 75.72
N GLN C 158 20.86 21.22 75.78
CA GLN C 158 20.02 21.52 74.63
C GLN C 158 19.92 23.03 74.40
N PRO C 159 19.71 23.43 73.14
CA PRO C 159 19.52 24.80 72.68
C PRO C 159 18.07 25.22 72.82
N LYS C 160 17.84 26.52 72.83
CA LYS C 160 16.49 27.07 72.92
C LYS C 160 15.56 26.47 71.87
N ASP C 161 16.10 26.23 70.68
CA ASP C 161 15.33 25.69 69.59
C ASP C 161 15.62 24.22 69.35
N ILE C 162 15.98 23.48 70.42
CA ILE C 162 16.22 22.05 70.31
C ILE C 162 15.04 21.29 69.76
N GLU C 163 13.83 21.76 70.06
CA GLU C 163 12.63 21.19 69.47
C GLU C 163 12.69 21.27 67.96
N LEU C 164 13.06 22.44 67.46
CA LEU C 164 13.16 22.67 66.03
C LEU C 164 14.37 21.98 65.45
N GLN C 165 15.45 21.88 66.22
CA GLN C 165 16.63 21.15 65.78
C GLN C 165 16.29 19.70 65.52
N ILE C 166 15.68 19.06 66.51
CA ILE C 166 15.25 17.67 66.39
C ILE C 166 14.22 17.52 65.30
N ARG C 167 13.30 18.48 65.22
CA ARG C 167 12.32 18.52 64.14
C ARG C 167 12.99 18.48 62.77
N GLU C 168 14.01 19.32 62.59
CA GLU C 168 14.74 19.36 61.34
C GLU C 168 15.56 18.09 61.13
N LEU C 169 16.08 17.53 62.23
CA LEU C 169 16.80 16.27 62.16
C LEU C 169 15.89 15.14 61.72
N ILE C 170 14.64 15.20 62.15
CA ILE C 170 13.64 14.25 61.71
C ILE C 170 13.30 14.47 60.24
N LEU C 171 13.04 15.73 59.89
CA LEU C 171 12.68 16.10 58.52
C LEU C 171 13.77 15.73 57.52
N ARG C 172 15.01 15.79 57.97
CA ARG C 172 16.15 15.36 57.18
C ARG C 172 15.96 13.98 56.54
N PHE C 173 15.19 13.11 57.21
CA PHE C 173 15.03 11.76 56.71
C PHE C 173 13.60 11.50 56.21
N ILE C 174 12.60 12.00 56.96
CA ILE C 174 11.22 11.69 56.62
C ILE C 174 10.73 12.48 55.42
N SER C 175 11.45 13.55 55.07
CA SER C 175 11.13 14.33 53.89
C SER C 175 11.37 13.57 52.58
N ASN C 176 12.07 12.45 52.66
CA ASN C 176 12.32 11.63 51.48
C ASN C 176 11.13 10.68 51.22
N PRO C 177 10.31 10.96 50.19
CA PRO C 177 9.30 10.06 49.60
C PRO C 177 9.69 8.58 49.71
N ASN C 178 10.95 8.27 49.39
CA ASN C 178 11.42 6.89 49.42
C ASN C 178 11.81 6.47 50.83
N SER C 179 10.82 6.39 51.70
CA SER C 179 11.05 6.01 53.09
C SER C 179 9.77 5.51 53.73
N ILE C 180 9.93 4.82 54.84
CA ILE C 180 8.81 4.40 55.66
C ILE C 180 8.88 5.08 57.00
N ILE C 181 7.86 5.87 57.30
CA ILE C 181 7.84 6.64 58.52
C ILE C 181 7.06 5.90 59.59
N LEU C 182 7.74 5.54 60.67
CA LEU C 182 7.08 4.81 61.74
C LEU C 182 6.74 5.75 62.89
N ALA C 183 5.46 6.09 62.99
CA ALA C 183 5.00 7.07 63.95
C ALA C 183 4.78 6.44 65.32
N VAL C 184 5.88 6.27 66.06
CA VAL C 184 5.83 5.57 67.34
C VAL C 184 5.44 6.47 68.50
N THR C 185 4.24 6.23 69.03
CA THR C 185 3.72 6.99 70.17
C THR C 185 3.12 6.04 71.22
N ALA C 186 3.33 6.39 72.50
CA ALA C 186 2.90 5.52 73.60
C ALA C 186 1.38 5.50 73.76
N ALA C 187 0.87 4.32 74.11
CA ALA C 187 -0.56 4.06 74.25
C ALA C 187 -1.20 4.84 75.38
N ASN C 188 -0.42 5.13 76.42
CA ASN C 188 -0.94 5.84 77.57
C ASN C 188 -0.88 7.36 77.39
N THR C 189 -0.49 7.80 76.19
CA THR C 189 -0.59 9.20 75.83
C THR C 189 -1.69 9.39 74.82
N ASP C 190 -2.02 10.64 74.54
CA ASP C 190 -3.09 10.92 73.59
C ASP C 190 -2.59 10.82 72.16
N MET C 191 -2.99 9.74 71.49
CA MET C 191 -2.59 9.49 70.12
C MET C 191 -3.00 10.61 69.18
N ALA C 192 -4.08 11.31 69.52
CA ALA C 192 -4.59 12.39 68.68
C ALA C 192 -3.61 13.56 68.63
N THR C 193 -2.68 13.61 69.58
CA THR C 193 -1.68 14.66 69.63
C THR C 193 -0.30 14.13 69.28
N SER C 194 -0.25 12.92 68.73
CA SER C 194 1.00 12.27 68.39
C SER C 194 1.92 13.17 67.59
N GLU C 195 3.01 13.59 68.22
CA GLU C 195 4.02 14.42 67.55
C GLU C 195 4.63 13.66 66.40
N ALA C 196 4.72 12.34 66.54
CA ALA C 196 5.19 11.48 65.50
C ALA C 196 4.41 11.70 64.22
N LEU C 197 3.09 11.62 64.32
CA LEU C 197 2.22 11.86 63.19
C LEU C 197 2.19 13.34 62.80
N LYS C 198 2.23 14.22 63.79
CA LYS C 198 2.18 15.66 63.52
C LYS C 198 3.31 16.10 62.62
N ILE C 199 4.53 15.64 62.90
CA ILE C 199 5.67 15.95 62.04
C ILE C 199 5.65 15.14 60.75
N SER C 200 5.10 13.93 60.80
CA SER C 200 4.97 13.10 59.59
C SER C 200 4.12 13.81 58.54
N ARG C 201 3.07 14.49 58.99
CA ARG C 201 2.16 15.19 58.11
C ARG C 201 2.82 16.38 57.40
N GLU C 202 3.97 16.83 57.92
CA GLU C 202 4.70 17.93 57.30
C GLU C 202 5.33 17.52 55.98
N VAL C 203 5.67 16.23 55.87
CA VAL C 203 6.31 15.70 54.68
C VAL C 203 5.43 14.67 54.00
N ASP C 204 4.41 14.22 54.72
CA ASP C 204 3.50 13.22 54.23
C ASP C 204 2.12 13.44 54.82
N PRO C 205 1.53 14.58 54.51
CA PRO C 205 0.23 15.06 55.00
C PRO C 205 -0.89 14.05 54.80
N ASP C 206 -0.73 13.15 53.83
CA ASP C 206 -1.76 12.17 53.53
C ASP C 206 -1.48 10.81 54.17
N GLY C 207 -0.25 10.63 54.66
CA GLY C 207 0.12 9.41 55.38
C GLY C 207 0.45 8.25 54.45
N ARG C 208 0.79 8.56 53.20
CA ARG C 208 0.99 7.54 52.18
C ARG C 208 2.15 6.61 52.48
N ARG C 209 3.13 7.10 53.22
CA ARG C 209 4.28 6.30 53.59
C ARG C 209 4.52 6.37 55.09
N THR C 210 3.44 6.63 55.83
CA THR C 210 3.53 6.74 57.27
C THR C 210 2.65 5.70 57.94
N LEU C 211 3.24 4.93 58.84
CA LEU C 211 2.52 3.91 59.58
C LEU C 211 2.39 4.31 61.05
N ALA C 212 1.17 4.28 61.57
CA ALA C 212 0.96 4.66 62.96
C ALA C 212 1.25 3.49 63.89
N VAL C 213 2.08 3.74 64.89
CA VAL C 213 2.49 2.70 65.83
C VAL C 213 2.14 3.08 67.26
N ILE C 214 1.38 2.21 67.94
CA ILE C 214 0.98 2.48 69.31
C ILE C 214 1.65 1.51 70.27
N THR C 215 2.64 2.00 71.01
CA THR C 215 3.41 1.12 71.90
C THR C 215 2.91 1.21 73.31
N LYS C 216 3.44 0.36 74.19
CA LYS C 216 3.05 0.38 75.58
C LYS C 216 1.55 0.22 75.79
N LEU C 217 0.92 -0.64 74.98
CA LEU C 217 -0.49 -0.96 75.18
C LEU C 217 -0.72 -1.54 76.55
N ASP C 218 0.27 -2.29 77.04
CA ASP C 218 0.20 -2.88 78.37
C ASP C 218 0.22 -1.82 79.48
N LEU C 219 0.66 -0.60 79.13
CA LEU C 219 0.66 0.50 80.08
C LEU C 219 -0.48 1.48 79.81
N MET C 220 -1.36 1.14 78.86
CA MET C 220 -2.45 2.04 78.51
C MET C 220 -3.33 2.34 79.71
N ASP C 221 -3.78 3.58 79.80
CA ASP C 221 -4.59 4.01 80.93
C ASP C 221 -5.82 3.12 81.09
N ALA C 222 -5.92 2.47 82.24
CA ALA C 222 -6.98 1.51 82.49
C ALA C 222 -8.34 2.17 82.40
N GLY C 223 -9.26 1.53 81.69
CA GLY C 223 -10.60 2.06 81.49
C GLY C 223 -10.76 2.72 80.12
N THR C 224 -9.63 3.05 79.49
CA THR C 224 -9.66 3.69 78.18
C THR C 224 -9.20 2.71 77.11
N ASP C 225 -9.30 3.13 75.85
CA ASP C 225 -8.85 2.30 74.74
C ASP C 225 -8.39 3.15 73.56
N ALA C 226 -7.82 2.50 72.56
CA ALA C 226 -7.43 3.16 71.33
C ALA C 226 -8.11 2.52 70.14
N MET C 227 -9.29 1.96 70.35
CA MET C 227 -9.99 1.27 69.29
C MET C 227 -10.36 2.21 68.18
N ASP C 228 -10.77 3.42 68.56
CA ASP C 228 -11.15 4.43 67.60
C ASP C 228 -9.95 4.89 66.80
N VAL C 229 -8.81 4.97 67.44
CA VAL C 229 -7.56 5.29 66.75
C VAL C 229 -7.17 4.15 65.82
N LEU C 230 -7.20 2.93 66.35
CA LEU C 230 -6.85 1.72 65.62
C LEU C 230 -7.76 1.50 64.42
N MET C 231 -9.04 1.86 64.56
CA MET C 231 -10.01 1.66 63.49
C MET C 231 -10.11 2.86 62.55
N GLY C 232 -9.27 3.87 62.77
CA GLY C 232 -9.23 5.02 61.87
C GLY C 232 -10.34 6.02 62.13
N ARG C 233 -11.05 5.86 63.24
CA ARG C 233 -12.14 6.76 63.60
C ARG C 233 -11.61 8.09 64.07
N VAL C 234 -10.45 8.06 64.73
CA VAL C 234 -9.79 9.28 65.17
C VAL C 234 -8.69 9.66 64.19
N ILE C 235 -7.82 8.70 63.88
CA ILE C 235 -6.69 8.95 63.01
C ILE C 235 -6.70 8.05 61.78
N PRO C 236 -6.97 8.63 60.61
CA PRO C 236 -6.92 7.91 59.33
C PRO C 236 -5.49 7.80 58.81
N VAL C 237 -5.05 6.57 58.56
CA VAL C 237 -3.69 6.32 58.11
C VAL C 237 -3.68 5.37 56.91
N LYS C 238 -2.97 5.76 55.85
CA LYS C 238 -2.98 4.99 54.61
C LYS C 238 -2.36 3.61 54.80
N LEU C 239 -1.39 3.50 55.70
CA LEU C 239 -0.75 2.22 55.97
C LEU C 239 -1.38 1.51 57.18
N GLY C 240 -2.44 2.09 57.74
CA GLY C 240 -3.13 1.49 58.86
C GLY C 240 -2.52 1.88 60.21
N ILE C 241 -3.11 1.38 61.28
CA ILE C 241 -2.64 1.64 62.63
C ILE C 241 -2.42 0.32 63.37
N ILE C 242 -1.19 0.11 63.87
CA ILE C 242 -0.86 -1.13 64.55
C ILE C 242 -0.27 -0.88 65.94
N GLY C 243 -0.83 -1.53 66.96
CA GLY C 243 -0.35 -1.37 68.32
C GLY C 243 0.81 -2.32 68.64
N VAL C 244 1.50 -2.04 69.76
CA VAL C 244 2.69 -2.79 70.16
C VAL C 244 2.76 -3.01 71.68
N VAL C 245 3.15 -4.22 72.06
CA VAL C 245 3.51 -4.52 73.46
C VAL C 245 4.97 -4.94 73.55
N ASN C 246 5.69 -4.41 74.53
CA ASN C 246 7.12 -4.66 74.63
C ASN C 246 7.60 -4.61 76.08
N ARG C 247 8.90 -4.83 76.26
CA ARG C 247 9.51 -4.91 77.58
C ARG C 247 9.63 -3.56 78.28
N SER C 248 9.30 -3.53 79.56
CA SER C 248 9.58 -2.37 80.40
C SER C 248 11.02 -2.37 80.85
N GLN C 249 11.38 -1.38 81.67
CA GLN C 249 12.69 -1.34 82.30
C GLN C 249 13.00 -2.63 83.03
N LEU C 250 11.99 -3.20 83.65
CA LEU C 250 12.19 -4.38 84.47
C LEU C 250 12.30 -5.60 83.61
N ASP C 251 11.53 -5.63 82.53
CA ASP C 251 11.47 -6.79 81.68
C ASP C 251 12.72 -6.89 80.81
N ILE C 252 13.28 -5.72 80.46
CA ILE C 252 14.57 -5.69 79.80
C ILE C 252 15.65 -6.16 80.75
N ASN C 253 15.63 -5.64 81.97
CA ASN C 253 16.62 -5.99 82.98
C ASN C 253 16.43 -7.43 83.48
N ASN C 254 15.22 -7.96 83.34
CA ASN C 254 14.95 -9.34 83.70
C ASN C 254 15.11 -10.27 82.51
N LYS C 255 15.58 -9.73 81.39
CA LYS C 255 15.84 -10.51 80.19
C LYS C 255 14.64 -11.33 79.76
N LYS C 256 13.46 -10.71 79.77
CA LYS C 256 12.27 -11.36 79.24
C LYS C 256 12.50 -11.78 77.81
N SER C 257 12.24 -13.06 77.51
CA SER C 257 12.52 -13.55 76.18
C SER C 257 11.46 -13.10 75.21
N VAL C 258 11.73 -13.30 73.93
CA VAL C 258 10.78 -12.95 72.89
C VAL C 258 9.50 -13.75 73.06
N THR C 259 9.64 -15.03 73.35
CA THR C 259 8.50 -15.91 73.59
C THR C 259 7.67 -15.40 74.75
N ASP C 260 8.33 -14.99 75.82
CA ASP C 260 7.63 -14.42 76.97
C ASP C 260 6.91 -13.14 76.58
N SER C 261 7.57 -12.30 75.80
CA SER C 261 6.99 -11.06 75.31
C SER C 261 5.78 -11.33 74.45
N ILE C 262 5.88 -12.35 73.59
CA ILE C 262 4.77 -12.78 72.75
C ILE C 262 3.60 -13.25 73.57
N ARG C 263 3.87 -14.08 74.57
CA ARG C 263 2.83 -14.59 75.44
C ARG C 263 2.08 -13.47 76.13
N ASP C 264 2.83 -12.50 76.66
CA ASP C 264 2.22 -11.37 77.35
C ASP C 264 1.47 -10.48 76.38
N GLU C 265 2.08 -10.23 75.23
CA GLU C 265 1.46 -9.44 74.18
C GLU C 265 0.16 -10.07 73.72
N TYR C 266 0.25 -11.33 73.33
CA TYR C 266 -0.89 -12.07 72.83
C TYR C 266 -2.01 -12.13 73.84
N ALA C 267 -1.69 -12.56 75.05
CA ALA C 267 -2.70 -12.69 76.09
C ALA C 267 -3.32 -11.36 76.41
N PHE C 268 -2.49 -10.32 76.51
CA PHE C 268 -2.99 -8.98 76.76
C PHE C 268 -3.94 -8.54 75.67
N LEU C 269 -3.50 -8.67 74.43
CA LEU C 269 -4.27 -8.21 73.29
C LEU C 269 -5.56 -8.97 73.13
N GLN C 270 -5.51 -10.28 73.36
CA GLN C 270 -6.71 -11.08 73.30
C GLN C 270 -7.71 -10.65 74.38
N LYS C 271 -7.18 -10.25 75.53
CA LYS C 271 -8.01 -9.74 76.61
C LYS C 271 -8.40 -8.28 76.40
N LYS C 272 -7.59 -7.54 75.65
CA LYS C 272 -7.82 -6.12 75.45
C LYS C 272 -8.64 -5.86 74.19
N TYR C 273 -8.11 -6.24 73.04
CA TYR C 273 -8.84 -6.10 71.79
C TYR C 273 -8.88 -7.40 71.02
N PRO C 274 -9.49 -8.44 71.59
CA PRO C 274 -9.72 -9.74 70.92
C PRO C 274 -9.64 -9.66 69.38
N SER C 275 -10.45 -8.77 68.79
CA SER C 275 -10.61 -8.70 67.35
C SER C 275 -9.46 -7.96 66.66
N LEU C 276 -8.83 -7.02 67.37
CA LEU C 276 -7.71 -6.28 66.81
C LEU C 276 -6.39 -6.89 67.23
N ALA C 277 -6.46 -7.87 68.13
CA ALA C 277 -5.30 -8.54 68.68
C ALA C 277 -4.44 -9.16 67.61
N ASN C 278 -5.08 -9.67 66.57
CA ASN C 278 -4.38 -10.34 65.49
C ASN C 278 -3.89 -9.36 64.42
N ARG C 279 -4.13 -8.06 64.66
CA ARG C 279 -3.56 -7.01 63.85
C ARG C 279 -2.45 -6.29 64.60
N ASN C 280 -2.60 -6.22 65.92
CA ASN C 280 -1.61 -5.58 66.77
C ASN C 280 -0.39 -6.46 66.96
N GLY C 281 -0.63 -7.76 67.20
CA GLY C 281 0.40 -8.79 67.18
C GLY C 281 1.63 -8.39 66.35
N THR C 282 2.73 -8.05 67.03
CA THR C 282 3.98 -7.68 66.36
C THR C 282 4.31 -8.53 65.13
N LYS C 283 4.00 -9.83 65.18
CA LYS C 283 4.21 -10.70 64.04
C LYS C 283 3.41 -10.22 62.83
N TYR C 284 2.16 -9.82 63.06
CA TYR C 284 1.32 -9.23 62.02
C TYR C 284 1.99 -8.01 61.43
N LEU C 285 2.53 -7.16 62.30
CA LEU C 285 3.26 -5.98 61.88
C LEU C 285 4.43 -6.34 61.00
N ALA C 286 5.23 -7.30 61.45
CA ALA C 286 6.40 -7.72 60.70
C ALA C 286 6.02 -8.24 59.33
N ARG C 287 4.93 -9.01 59.27
CA ARG C 287 4.44 -9.51 58.01
C ARG C 287 3.91 -8.38 57.14
N THR C 288 3.28 -7.41 57.78
CA THR C 288 2.79 -6.23 57.09
C THR C 288 3.93 -5.46 56.47
N LEU C 289 5.00 -5.30 57.24
CA LEU C 289 6.18 -4.61 56.76
C LEU C 289 6.79 -5.36 55.60
N ASN C 290 6.80 -6.69 55.68
CA ASN C 290 7.26 -7.52 54.59
C ASN C 290 6.43 -7.26 53.36
N ARG C 291 5.10 -7.21 53.54
CA ARG C 291 4.19 -6.94 52.44
C ARG C 291 4.44 -5.57 51.84
N LEU C 292 4.70 -4.59 52.68
CA LEU C 292 4.97 -3.23 52.20
C LEU C 292 6.19 -3.20 51.32
N LEU C 293 7.21 -3.98 51.70
CA LEU C 293 8.41 -4.11 50.88
C LEU C 293 8.10 -4.85 49.60
N MET C 294 7.24 -5.87 49.68
CA MET C 294 6.83 -6.60 48.50
C MET C 294 6.07 -5.69 47.55
N HIS C 295 5.26 -4.79 48.10
CA HIS C 295 4.54 -3.83 47.30
C HIS C 295 5.50 -2.86 46.66
N HIS C 296 6.48 -2.41 47.44
CA HIS C 296 7.55 -1.55 46.96
C HIS C 296 8.25 -2.20 45.78
N ILE C 297 8.50 -3.49 45.88
CA ILE C 297 9.08 -4.27 44.79
C ILE C 297 8.16 -4.32 43.60
N ARG C 298 6.89 -4.66 43.84
CA ARG C 298 5.91 -4.82 42.78
C ARG C 298 5.76 -3.58 41.93
N ASP C 299 5.89 -2.43 42.57
CA ASP C 299 5.77 -1.15 41.90
C ASP C 299 6.66 -1.01 40.66
N CYS C 300 7.83 -1.66 40.67
CA CYS C 300 8.80 -1.45 39.59
C CYS C 300 9.04 -2.69 38.74
N LEU C 301 8.17 -3.69 38.88
CA LEU C 301 8.34 -4.92 38.12
C LEU C 301 8.00 -4.73 36.65
N PRO C 302 7.06 -3.82 36.35
CA PRO C 302 6.76 -3.44 34.98
C PRO C 302 7.90 -2.67 34.34
N GLU C 303 8.64 -1.91 35.14
CA GLU C 303 9.81 -1.21 34.65
C GLU C 303 10.90 -2.20 34.30
N LEU C 304 11.04 -3.22 35.14
CA LEU C 304 11.94 -4.32 34.91
C LEU C 304 11.57 -5.04 33.61
N LYS C 305 10.29 -5.37 33.47
CA LYS C 305 9.79 -6.02 32.26
C LYS C 305 9.95 -5.15 31.03
N THR C 306 9.77 -3.84 31.20
CA THR C 306 9.94 -2.90 30.12
C THR C 306 11.35 -2.95 29.57
N ARG C 307 12.34 -2.96 30.46
CA ARG C 307 13.73 -3.07 30.06
C ARG C 307 13.97 -4.37 29.29
N ILE C 308 13.39 -5.46 29.79
CA ILE C 308 13.51 -6.74 29.12
C ILE C 308 13.03 -6.65 27.67
N ASN C 309 11.90 -5.96 27.48
CA ASN C 309 11.33 -5.76 26.16
C ASN C 309 12.23 -4.89 25.28
N VAL C 310 12.74 -3.82 25.85
CA VAL C 310 13.63 -2.91 25.13
C VAL C 310 14.88 -3.61 24.65
N LEU C 311 15.48 -4.38 25.55
CA LEU C 311 16.70 -5.10 25.25
C LEU C 311 16.46 -6.11 24.14
N ALA C 312 15.31 -6.76 24.16
CA ALA C 312 14.97 -7.77 23.16
C ALA C 312 14.95 -7.14 21.78
N ALA C 313 14.37 -5.95 21.68
CA ALA C 313 14.34 -5.22 20.42
C ALA C 313 15.75 -4.88 19.96
N GLN C 314 16.60 -4.50 20.91
CA GLN C 314 17.99 -4.17 20.61
C GLN C 314 18.75 -5.39 20.12
N TYR C 315 18.54 -6.52 20.77
CA TYR C 315 19.26 -7.73 20.41
C TYR C 315 18.79 -8.27 19.10
N GLN C 316 17.50 -8.17 18.84
CA GLN C 316 16.97 -8.56 17.54
C GLN C 316 17.48 -7.64 16.45
N SER C 317 17.60 -6.36 16.75
CA SER C 317 18.17 -5.40 15.83
C SER C 317 19.60 -5.78 15.47
N LEU C 318 20.33 -6.26 16.47
CA LEU C 318 21.68 -6.78 16.25
C LEU C 318 21.64 -8.05 15.40
N LEU C 319 20.65 -8.90 15.63
CA LEU C 319 20.48 -10.10 14.83
C LEU C 319 20.11 -9.75 13.39
N ASN C 320 19.41 -8.63 13.22
CA ASN C 320 19.04 -8.16 11.90
C ASN C 320 20.24 -7.63 11.12
N SER C 321 21.39 -7.50 11.78
CA SER C 321 22.61 -7.05 11.14
C SER C 321 23.18 -8.08 10.18
N TYR C 322 22.80 -9.35 10.37
CA TYR C 322 23.26 -10.40 9.48
C TYR C 322 22.07 -11.07 8.79
N GLY C 323 20.90 -11.00 9.44
CA GLY C 323 19.65 -11.47 8.84
C GLY C 323 19.47 -12.97 8.97
N GLU C 324 20.32 -13.74 8.30
CA GLU C 324 20.23 -15.19 8.32
C GLU C 324 21.58 -15.84 8.08
N PRO C 325 21.67 -17.13 8.38
CA PRO C 325 22.89 -17.93 8.26
C PRO C 325 22.95 -18.66 6.93
N VAL C 326 21.86 -18.56 6.16
CA VAL C 326 21.78 -19.12 4.81
C VAL C 326 21.86 -20.63 4.78
N ASP C 327 20.71 -21.27 4.67
CA ASP C 327 20.64 -22.72 4.54
C ASP C 327 20.32 -23.14 3.10
N ASP C 328 20.26 -22.17 2.19
CA ASP C 328 19.91 -22.45 0.80
C ASP C 328 21.15 -22.65 -0.05
N LYS C 329 22.20 -21.90 0.24
CA LYS C 329 23.50 -22.01 -0.42
C LYS C 329 23.45 -21.64 -1.89
N SER C 330 22.86 -22.52 -2.69
CA SER C 330 22.86 -22.40 -4.14
C SER C 330 22.23 -21.11 -4.61
N ALA C 331 20.95 -20.96 -4.30
CA ALA C 331 20.21 -19.77 -4.69
C ALA C 331 20.86 -18.53 -4.12
N THR C 332 21.32 -18.62 -2.88
CA THR C 332 21.96 -17.50 -2.23
C THR C 332 23.19 -17.05 -2.99
N LEU C 333 24.03 -18.02 -3.34
CA LEU C 333 25.24 -17.74 -4.09
C LEU C 333 24.91 -17.07 -5.41
N LEU C 334 23.95 -17.63 -6.13
CA LEU C 334 23.58 -17.10 -7.42
C LEU C 334 23.05 -15.69 -7.30
N GLN C 335 22.29 -15.41 -6.24
CA GLN C 335 21.79 -14.07 -6.00
C GLN C 335 22.90 -13.10 -5.71
N LEU C 336 23.85 -13.53 -4.88
CA LEU C 336 24.99 -12.70 -4.55
C LEU C 336 25.81 -12.37 -5.80
N ILE C 337 26.02 -13.38 -6.62
CA ILE C 337 26.70 -13.20 -7.89
C ILE C 337 25.94 -12.27 -8.80
N THR C 338 24.64 -12.51 -8.92
CA THR C 338 23.79 -11.74 -9.79
C THR C 338 23.80 -10.28 -9.42
N LYS C 339 23.62 -10.01 -8.14
CA LYS C 339 23.57 -8.65 -7.64
C LYS C 339 24.87 -7.91 -7.88
N PHE C 340 25.98 -8.60 -7.62
CA PHE C 340 27.28 -8.02 -7.87
C PHE C 340 27.46 -7.65 -9.32
N ALA C 341 27.24 -8.64 -10.19
CA ALA C 341 27.45 -8.45 -11.61
C ALA C 341 26.54 -7.38 -12.16
N THR C 342 25.32 -7.35 -11.64
CA THR C 342 24.35 -6.35 -12.04
C THR C 342 24.84 -4.95 -11.74
N GLU C 343 25.21 -4.72 -10.49
CA GLU C 343 25.67 -3.41 -10.07
C GLU C 343 27.03 -3.07 -10.65
N TYR C 344 27.84 -4.09 -10.88
CA TYR C 344 29.11 -3.92 -11.55
C TYR C 344 28.91 -3.34 -12.94
N CYS C 345 28.01 -3.96 -13.70
CA CYS C 345 27.69 -3.49 -15.04
C CYS C 345 26.99 -2.16 -14.99
N ASN C 346 26.15 -1.96 -13.98
CA ASN C 346 25.49 -0.70 -13.81
C ASN C 346 26.48 0.41 -13.50
N THR C 347 27.52 0.07 -12.76
CA THR C 347 28.58 1.03 -12.47
C THR C 347 29.28 1.45 -13.75
N ILE C 348 29.49 0.49 -14.65
CA ILE C 348 30.03 0.81 -15.96
C ILE C 348 29.13 1.79 -16.68
N GLU C 349 27.82 1.54 -16.64
CA GLU C 349 26.85 2.40 -17.27
C GLU C 349 26.74 3.75 -16.58
N GLY C 350 26.94 3.77 -15.27
CA GLY C 350 26.67 4.95 -14.47
C GLY C 350 25.23 4.91 -13.96
N THR C 351 24.65 3.73 -13.97
CA THR C 351 23.26 3.53 -13.60
C THR C 351 23.15 2.72 -12.30
N ALA C 352 24.23 2.67 -11.55
CA ALA C 352 24.29 1.91 -10.30
C ALA C 352 23.39 2.53 -9.25
N LYS C 353 22.90 1.71 -8.32
CA LYS C 353 22.13 2.22 -7.19
C LYS C 353 23.00 3.06 -6.28
N TYR C 354 24.27 2.72 -6.20
CA TYR C 354 25.22 3.39 -5.33
C TYR C 354 25.87 4.57 -6.03
N ILE C 355 25.12 5.66 -6.18
CA ILE C 355 25.63 6.86 -6.81
C ILE C 355 26.27 7.83 -5.82
N GLU C 356 27.11 7.31 -4.94
CA GLU C 356 27.79 8.17 -3.98
C GLU C 356 28.61 9.21 -4.70
N THR C 357 28.38 10.47 -4.36
CA THR C 357 29.11 11.56 -4.97
C THR C 357 30.54 11.56 -4.51
N SER C 358 31.47 11.42 -5.46
CA SER C 358 32.88 11.28 -5.13
C SER C 358 33.75 11.54 -6.35
N GLU C 359 34.97 11.01 -6.32
CA GLU C 359 35.86 11.05 -7.47
C GLU C 359 35.23 10.39 -8.68
N LEU C 360 35.43 10.98 -9.85
CA LEU C 360 34.90 10.44 -11.08
C LEU C 360 35.41 9.02 -11.30
N CYS C 361 34.50 8.08 -11.47
CA CYS C 361 34.87 6.69 -11.64
C CYS C 361 33.80 5.87 -12.34
N GLY C 362 34.15 4.65 -12.72
CA GLY C 362 33.19 3.68 -13.21
C GLY C 362 32.81 3.89 -14.67
N GLY C 363 32.06 4.94 -14.93
CA GLY C 363 31.52 5.19 -16.25
C GLY C 363 32.22 6.35 -16.95
N ALA C 364 31.79 7.57 -16.62
CA ALA C 364 32.27 8.78 -17.29
C ALA C 364 33.76 9.03 -17.07
N ARG C 365 34.35 8.33 -16.13
CA ARG C 365 35.80 8.35 -15.96
C ARG C 365 36.48 7.75 -17.17
N ILE C 366 35.86 6.76 -17.78
CA ILE C 366 36.38 6.19 -19.00
C ILE C 366 36.15 7.13 -20.17
N CYS C 367 35.01 7.82 -20.15
CA CYS C 367 34.76 8.90 -21.10
C CYS C 367 35.86 9.95 -21.01
N TYR C 368 36.23 10.29 -19.78
CA TYR C 368 37.34 11.18 -19.51
C TYR C 368 38.63 10.63 -20.12
N ILE C 369 38.90 9.35 -19.87
CA ILE C 369 40.06 8.68 -20.45
C ILE C 369 40.09 8.79 -21.96
N PHE C 370 38.94 8.68 -22.60
CA PHE C 370 38.87 8.67 -24.05
C PHE C 370 38.79 10.06 -24.66
N HIS C 371 38.94 11.09 -23.85
CA HIS C 371 38.83 12.45 -24.35
C HIS C 371 39.87 13.34 -23.70
N GLU C 372 39.71 13.56 -22.41
CA GLU C 372 40.57 14.46 -21.67
C GLU C 372 41.96 13.89 -21.55
N THR C 373 42.06 12.57 -21.44
CA THR C 373 43.36 11.94 -21.45
C THR C 373 43.81 11.60 -22.86
N PHE C 374 43.15 10.64 -23.47
CA PHE C 374 43.56 10.06 -24.74
C PHE C 374 43.53 11.06 -25.88
N GLY C 375 42.40 11.74 -26.04
CA GLY C 375 42.23 12.68 -27.13
C GLY C 375 43.28 13.78 -27.06
N ARG C 376 43.47 14.34 -25.87
CA ARG C 376 44.48 15.37 -25.66
C ARG C 376 45.88 14.82 -25.90
N THR C 377 46.14 13.62 -25.39
CA THR C 377 47.44 13.00 -25.58
C THR C 377 47.82 12.96 -27.04
N LEU C 378 46.88 12.53 -27.87
CA LEU C 378 47.13 12.47 -29.30
C LEU C 378 47.32 13.86 -29.88
N GLU C 379 46.56 14.83 -29.39
CA GLU C 379 46.69 16.20 -29.88
C GLU C 379 48.10 16.76 -29.65
N SER C 380 48.79 16.27 -28.64
CA SER C 380 50.15 16.71 -28.35
C SER C 380 51.20 16.07 -29.27
N VAL C 381 50.80 15.03 -30.02
CA VAL C 381 51.77 14.27 -30.81
C VAL C 381 52.08 14.94 -32.14
N ASP C 382 53.37 15.14 -32.40
CA ASP C 382 53.85 15.73 -33.65
C ASP C 382 53.08 17.06 -33.95
N PRO C 383 52.35 17.24 -35.09
CA PRO C 383 52.34 16.60 -36.41
C PRO C 383 53.58 16.91 -37.25
N LEU C 384 54.41 17.82 -36.77
CA LEU C 384 55.64 18.16 -37.46
C LEU C 384 56.86 17.59 -36.74
N GLY C 385 56.62 16.75 -35.75
CA GLY C 385 57.70 16.18 -34.96
C GLY C 385 58.59 15.29 -35.81
N GLY C 386 59.91 15.46 -35.67
CA GLY C 386 60.88 14.64 -36.38
C GLY C 386 61.22 15.19 -37.76
N LEU C 387 60.48 16.19 -38.23
CA LEU C 387 60.66 16.66 -39.59
C LEU C 387 61.77 17.69 -39.71
N ASN C 388 63.00 17.21 -39.68
CA ASN C 388 64.15 18.03 -39.99
C ASN C 388 64.32 18.14 -41.49
N THR C 389 64.12 19.34 -42.02
CA THR C 389 64.17 19.58 -43.46
C THR C 389 65.37 18.92 -44.12
N ILE C 390 66.53 19.03 -43.47
CA ILE C 390 67.77 18.59 -44.07
C ILE C 390 67.85 17.06 -44.07
N ASP C 391 67.37 16.46 -42.99
CA ASP C 391 67.32 15.03 -42.88
C ASP C 391 66.34 14.44 -43.88
N ILE C 392 65.27 15.17 -44.14
CA ILE C 392 64.29 14.79 -45.15
C ILE C 392 64.89 14.85 -46.54
N LEU C 393 65.66 15.90 -46.80
CA LEU C 393 66.36 16.00 -48.08
C LEU C 393 67.28 14.81 -48.29
N THR C 394 67.94 14.37 -47.22
CA THR C 394 68.74 13.16 -47.28
C THR C 394 67.86 11.94 -47.54
N ALA C 395 66.73 11.89 -46.86
CA ALA C 395 65.82 10.76 -46.98
C ALA C 395 65.29 10.60 -48.40
N ILE C 396 64.96 11.73 -49.04
CA ILE C 396 64.43 11.65 -50.41
C ILE C 396 65.53 11.37 -51.43
N ARG C 397 66.77 11.73 -51.10
CA ARG C 397 67.90 11.29 -51.90
C ARG C 397 68.08 9.79 -51.77
N ASN C 398 67.88 9.26 -50.57
CA ASN C 398 67.91 7.83 -50.35
C ASN C 398 66.75 7.16 -51.06
N ALA C 399 65.58 7.81 -51.04
CA ALA C 399 64.39 7.28 -51.71
C ALA C 399 64.63 7.13 -53.19
N THR C 400 65.36 8.07 -53.79
CA THR C 400 65.75 7.95 -55.18
C THR C 400 66.64 6.74 -55.38
N GLY C 401 67.65 6.61 -54.53
CA GLY C 401 68.55 5.48 -54.61
C GLY C 401 69.55 5.65 -55.74
N PRO C 402 70.13 4.54 -56.18
CA PRO C 402 71.24 4.46 -57.14
C PRO C 402 70.96 5.15 -58.49
N ARG C 403 69.69 5.29 -58.84
CA ARG C 403 69.31 5.92 -60.09
C ARG C 403 69.40 7.45 -60.01
N PRO C 404 69.26 8.10 -61.16
CA PRO C 404 68.99 9.53 -61.31
C PRO C 404 67.49 9.77 -61.30
N ALA C 405 67.09 11.01 -61.05
CA ALA C 405 65.68 11.33 -60.91
C ALA C 405 65.32 12.61 -61.64
N LEU C 406 64.08 12.65 -62.12
CA LEU C 406 63.54 13.84 -62.76
C LEU C 406 62.76 14.67 -61.74
N PHE C 407 62.35 14.02 -60.66
CA PHE C 407 61.57 14.63 -59.60
C PHE C 407 61.61 13.76 -58.37
N VAL C 408 61.26 14.35 -57.23
CA VAL C 408 61.29 13.65 -55.95
C VAL C 408 60.21 12.55 -55.90
N PRO C 409 60.57 11.39 -55.34
CA PRO C 409 59.68 10.25 -55.17
C PRO C 409 58.61 10.53 -54.13
N GLU C 410 57.45 9.90 -54.30
CA GLU C 410 56.39 10.00 -53.30
C GLU C 410 56.77 9.27 -52.02
N VAL C 411 57.74 8.36 -52.13
CA VAL C 411 58.27 7.61 -51.00
C VAL C 411 58.53 8.49 -49.80
N SER C 412 59.28 9.58 -50.02
CA SER C 412 59.31 10.77 -49.16
C SER C 412 58.36 10.66 -47.96
N PHE C 413 57.25 11.38 -48.05
CA PHE C 413 56.25 11.42 -47.01
C PHE C 413 55.66 10.04 -46.73
N GLU C 414 55.67 9.17 -47.72
CA GLU C 414 55.09 7.84 -47.52
C GLU C 414 55.79 7.09 -46.40
N LEU C 415 57.05 7.41 -46.15
CA LEU C 415 57.76 6.78 -45.05
C LEU C 415 57.79 7.68 -43.83
N LEU C 416 57.94 8.98 -44.06
CA LEU C 416 58.04 9.94 -42.98
C LEU C 416 56.75 10.05 -42.18
N VAL C 417 55.62 9.99 -42.89
CA VAL C 417 54.32 9.91 -42.26
C VAL C 417 54.23 8.69 -41.38
N LYS C 418 54.70 7.56 -41.90
CA LYS C 418 54.63 6.30 -41.17
C LYS C 418 55.40 6.36 -39.87
N ARG C 419 56.54 7.02 -39.89
CA ARG C 419 57.31 7.21 -38.67
C ARG C 419 56.48 7.92 -37.60
N GLN C 420 55.77 8.95 -38.01
CA GLN C 420 54.91 9.67 -37.11
C GLN C 420 53.71 8.84 -36.67
N ILE C 421 53.18 8.04 -37.59
CA ILE C 421 52.08 7.14 -37.26
C ILE C 421 52.49 6.13 -36.21
N LYS C 422 53.70 5.60 -36.34
CA LYS C 422 54.23 4.64 -35.37
C LYS C 422 54.25 5.23 -33.96
N ARG C 423 54.49 6.53 -33.86
CA ARG C 423 54.49 7.22 -32.59
C ARG C 423 53.10 7.25 -31.93
N LEU C 424 52.06 6.99 -32.71
CA LEU C 424 50.69 7.02 -32.21
C LEU C 424 50.28 5.70 -31.57
N GLU C 425 51.14 4.68 -31.69
CA GLU C 425 50.83 3.38 -31.12
C GLU C 425 50.98 3.37 -29.61
N GLU C 426 52.08 3.93 -29.13
CA GLU C 426 52.38 3.99 -27.71
C GLU C 426 51.20 4.52 -26.86
N PRO C 427 50.90 5.83 -26.92
CA PRO C 427 49.84 6.46 -26.15
C PRO C 427 48.49 5.75 -26.31
N SER C 428 48.27 5.10 -27.46
CA SER C 428 47.04 4.35 -27.67
C SER C 428 47.00 3.15 -26.77
N LEU C 429 48.12 2.46 -26.67
CA LEU C 429 48.22 1.30 -25.80
C LEU C 429 48.17 1.72 -24.34
N ARG C 430 48.74 2.88 -24.04
CA ARG C 430 48.67 3.44 -22.70
C ARG C 430 47.23 3.68 -22.31
N CYS C 431 46.45 4.22 -23.24
CA CYS C 431 45.03 4.43 -23.02
C CYS C 431 44.32 3.15 -22.64
N VAL C 432 44.62 2.07 -23.36
CA VAL C 432 44.04 0.77 -23.07
C VAL C 432 44.35 0.35 -21.65
N GLU C 433 45.60 0.51 -21.26
CA GLU C 433 46.05 0.15 -19.93
C GLU C 433 45.32 0.96 -18.87
N LEU C 434 45.10 2.24 -19.15
CA LEU C 434 44.39 3.12 -18.23
C LEU C 434 42.96 2.67 -18.02
N VAL C 435 42.32 2.22 -19.08
CA VAL C 435 40.98 1.69 -18.96
C VAL C 435 40.98 0.41 -18.15
N HIS C 436 41.93 -0.47 -18.44
CA HIS C 436 42.08 -1.71 -17.69
C HIS C 436 42.16 -1.45 -16.20
N GLU C 437 42.96 -0.45 -15.84
CA GLU C 437 43.05 0.00 -14.45
C GLU C 437 41.68 0.43 -13.92
N GLU C 438 40.97 1.25 -14.69
CA GLU C 438 39.67 1.74 -14.27
C GLU C 438 38.66 0.61 -14.11
N MET C 439 38.75 -0.39 -14.98
CA MET C 439 37.87 -1.53 -14.90
C MET C 439 38.08 -2.28 -13.60
N GLN C 440 39.31 -2.28 -13.11
CA GLN C 440 39.62 -2.85 -11.82
C GLN C 440 39.11 -1.95 -10.70
N ARG C 441 39.19 -0.63 -10.91
CA ARG C 441 38.69 0.34 -9.93
C ARG C 441 37.19 0.21 -9.72
N ILE C 442 36.47 -0.26 -10.73
CA ILE C 442 35.06 -0.54 -10.57
C ILE C 442 34.80 -1.53 -9.44
N ILE C 443 35.70 -2.49 -9.27
CA ILE C 443 35.58 -3.46 -8.19
C ILE C 443 35.69 -2.76 -6.85
N GLN C 444 36.66 -1.86 -6.76
CA GLN C 444 36.88 -1.08 -5.55
C GLN C 444 35.64 -0.26 -5.22
N HIS C 445 35.04 0.31 -6.26
CA HIS C 445 33.77 1.01 -6.10
C HIS C 445 32.69 0.06 -5.64
N CYS C 446 32.61 -1.09 -6.27
CA CYS C 446 31.63 -2.11 -5.93
C CYS C 446 31.77 -2.59 -4.50
N SER C 447 33.00 -2.54 -3.96
CA SER C 447 33.25 -3.01 -2.60
C SER C 447 32.69 -2.05 -1.54
N ASN C 448 32.20 -0.89 -1.95
CA ASN C 448 31.63 0.08 -1.02
C ASN C 448 30.21 -0.28 -0.60
N TYR C 449 29.62 -1.26 -1.28
CA TYR C 449 28.26 -1.69 -1.01
C TYR C 449 28.08 -3.13 -1.44
N SER C 450 26.97 -3.75 -1.05
CA SER C 450 26.71 -5.18 -1.34
C SER C 450 27.61 -6.13 -0.54
N THR C 451 28.92 -5.87 -0.57
CA THR C 451 29.93 -6.56 0.24
C THR C 451 29.46 -6.91 1.64
N GLN C 452 28.68 -6.03 2.28
CA GLN C 452 28.23 -6.29 3.65
C GLN C 452 27.44 -7.59 3.77
N GLU C 453 26.81 -8.01 2.67
CA GLU C 453 26.17 -9.31 2.61
C GLU C 453 27.20 -10.38 2.33
N LEU C 454 28.17 -10.02 1.50
CA LEU C 454 29.28 -10.91 1.15
C LEU C 454 30.29 -11.02 2.29
N LEU C 455 30.16 -10.18 3.32
CA LEU C 455 30.94 -10.36 4.53
C LEU C 455 30.50 -11.60 5.28
N ARG C 456 29.30 -12.09 4.98
CA ARG C 456 28.87 -13.36 5.50
C ARG C 456 29.52 -14.52 4.76
N PHE C 457 30.19 -14.23 3.64
CA PHE C 457 30.94 -15.25 2.94
C PHE C 457 32.25 -14.70 2.37
N PRO C 458 33.01 -13.96 3.19
CA PRO C 458 34.29 -13.29 2.83
C PRO C 458 35.08 -14.06 1.76
N LYS C 459 35.21 -15.38 1.93
CA LYS C 459 35.96 -16.20 1.00
C LYS C 459 35.38 -16.09 -0.40
N LEU C 460 34.07 -16.28 -0.51
CA LEU C 460 33.36 -16.02 -1.76
C LEU C 460 33.64 -14.64 -2.29
N HIS C 461 33.53 -13.63 -1.42
CA HIS C 461 33.70 -12.26 -1.83
C HIS C 461 34.98 -12.05 -2.61
N ASP C 462 36.07 -12.54 -2.06
CA ASP C 462 37.37 -12.35 -2.66
C ASP C 462 37.52 -13.19 -3.92
N ALA C 463 36.93 -14.38 -3.90
CA ALA C 463 36.95 -15.25 -5.07
C ALA C 463 36.28 -14.59 -6.26
N ILE C 464 35.18 -13.89 -5.99
CA ILE C 464 34.48 -13.14 -7.03
C ILE C 464 35.41 -12.13 -7.66
N VAL C 465 36.08 -11.36 -6.82
CA VAL C 465 37.00 -10.33 -7.29
C VAL C 465 38.08 -10.92 -8.17
N GLU C 466 38.66 -12.03 -7.73
CA GLU C 466 39.71 -12.68 -8.48
C GLU C 466 39.23 -13.05 -9.88
N VAL C 467 38.05 -13.67 -9.95
CA VAL C 467 37.48 -14.08 -11.22
C VAL C 467 37.27 -12.91 -12.15
N VAL C 468 36.78 -11.81 -11.62
CA VAL C 468 36.54 -10.63 -12.43
C VAL C 468 37.82 -10.15 -13.09
N THR C 469 38.90 -10.06 -12.31
CA THR C 469 40.14 -9.53 -12.85
C THR C 469 40.79 -10.52 -13.79
N CYS C 470 40.52 -11.81 -13.59
CA CYS C 470 40.96 -12.81 -14.54
C CYS C 470 40.35 -12.54 -15.90
N LEU C 471 39.04 -12.33 -15.92
CA LEU C 471 38.33 -12.02 -17.14
C LEU C 471 38.87 -10.77 -17.80
N LEU C 472 39.15 -9.74 -17.00
CA LEU C 472 39.70 -8.51 -17.53
C LEU C 472 41.05 -8.76 -18.20
N ARG C 473 41.88 -9.58 -17.57
CA ARG C 473 43.18 -9.89 -18.11
C ARG C 473 43.07 -10.76 -19.35
N LYS C 474 42.03 -11.59 -19.42
CA LYS C 474 41.79 -12.41 -20.60
C LYS C 474 41.48 -11.54 -21.81
N ARG C 475 40.74 -10.46 -21.60
CA ARG C 475 40.33 -9.59 -22.69
C ARG C 475 41.31 -8.46 -22.96
N LEU C 476 42.25 -8.25 -22.03
CA LEU C 476 43.25 -7.21 -22.20
C LEU C 476 44.07 -7.35 -23.51
N PRO C 477 44.92 -8.38 -23.62
CA PRO C 477 45.78 -8.59 -24.79
C PRO C 477 44.99 -8.62 -26.09
N VAL C 478 43.73 -9.03 -26.04
CA VAL C 478 42.89 -9.06 -27.22
C VAL C 478 42.71 -7.67 -27.78
N THR C 479 42.37 -6.74 -26.89
CA THR C 479 42.25 -5.35 -27.28
C THR C 479 43.59 -4.80 -27.73
N ASN C 480 44.64 -5.18 -27.02
CA ASN C 480 45.99 -4.74 -27.38
C ASN C 480 46.33 -5.13 -28.80
N GLU C 481 45.99 -6.36 -29.17
CA GLU C 481 46.23 -6.84 -30.52
C GLU C 481 45.46 -6.02 -31.52
N MET C 482 44.22 -5.71 -31.20
CA MET C 482 43.39 -4.90 -32.07
C MET C 482 43.99 -3.54 -32.30
N VAL C 483 44.36 -2.86 -31.21
CA VAL C 483 44.92 -1.52 -31.30
C VAL C 483 46.21 -1.51 -32.08
N HIS C 484 47.06 -2.50 -31.81
CA HIS C 484 48.26 -2.68 -32.59
C HIS C 484 47.94 -2.79 -34.06
N ASN C 485 46.94 -3.62 -34.37
CA ASN C 485 46.52 -3.81 -35.73
C ASN C 485 46.00 -2.53 -36.33
N LEU C 486 45.24 -1.77 -35.55
CA LEU C 486 44.66 -0.52 -36.04
C LEU C 486 45.74 0.44 -36.52
N VAL C 487 46.82 0.53 -35.75
CA VAL C 487 47.95 1.34 -36.16
C VAL C 487 48.59 0.79 -37.41
N ALA C 488 48.76 -0.53 -37.44
CA ALA C 488 49.35 -1.20 -38.59
C ALA C 488 48.54 -0.94 -39.85
N ILE C 489 47.23 -0.88 -39.70
CA ILE C 489 46.34 -0.56 -40.80
C ILE C 489 46.59 0.82 -41.36
N GLU C 490 46.85 1.77 -40.48
CA GLU C 490 47.19 3.12 -40.91
C GLU C 490 48.55 3.13 -41.60
N LEU C 491 49.45 2.29 -41.14
CA LEU C 491 50.76 2.14 -41.76
C LEU C 491 50.68 1.35 -43.07
N ALA C 492 49.67 0.50 -43.20
CA ALA C 492 49.55 -0.40 -44.34
C ALA C 492 49.40 0.36 -45.67
N TYR C 493 48.70 1.49 -45.64
CA TYR C 493 48.39 2.18 -46.89
C TYR C 493 48.06 3.64 -46.69
N ILE C 494 48.60 4.47 -47.57
CA ILE C 494 48.31 5.90 -47.57
C ILE C 494 47.41 6.27 -48.74
N ASN C 495 46.26 6.86 -48.42
CA ASN C 495 45.30 7.26 -49.43
C ASN C 495 45.46 8.72 -49.77
N THR C 496 46.20 9.01 -50.83
CA THR C 496 46.39 10.39 -51.27
C THR C 496 45.14 10.92 -51.96
N LYS C 497 44.16 10.05 -52.21
CA LYS C 497 42.89 10.46 -52.76
C LYS C 497 41.88 10.73 -51.65
N HIS C 498 42.33 10.68 -50.40
CA HIS C 498 41.47 10.96 -49.26
C HIS C 498 40.74 12.29 -49.45
N PRO C 499 39.47 12.35 -49.08
CA PRO C 499 38.58 13.48 -49.35
C PRO C 499 39.04 14.76 -48.66
N ASP C 500 39.76 14.61 -47.56
CA ASP C 500 40.24 15.76 -46.82
C ASP C 500 41.69 16.08 -47.13
N PHE C 501 42.24 15.37 -48.11
CA PHE C 501 43.65 15.52 -48.44
C PHE C 501 43.83 16.05 -49.85
N ALA C 502 44.27 17.28 -49.95
CA ALA C 502 44.47 17.92 -51.25
C ALA C 502 45.53 19.00 -51.14
N ASP C 503 46.19 19.28 -52.26
CA ASP C 503 47.25 20.27 -52.27
C ASP C 503 47.55 20.75 -53.68
N SER C 611 70.94 23.26 -51.52
CA SER C 611 69.85 23.49 -52.46
C SER C 611 68.70 24.26 -51.80
N ALA C 612 67.99 25.05 -52.60
CA ALA C 612 66.90 25.86 -52.09
C ALA C 612 65.58 25.41 -52.65
N ARG C 613 65.55 25.19 -53.96
CA ARG C 613 64.36 24.66 -54.63
C ARG C 613 63.93 23.34 -54.00
N GLU C 614 64.91 22.48 -53.74
CA GLU C 614 64.65 21.21 -53.11
C GLU C 614 64.16 21.37 -51.68
N GLN C 615 64.68 22.39 -50.97
CA GLN C 615 64.16 22.70 -49.65
C GLN C 615 62.70 23.11 -49.71
N ARG C 616 62.34 23.87 -50.74
CA ARG C 616 60.96 24.25 -50.94
C ARG C 616 60.11 23.03 -51.24
N ASP C 617 60.64 22.11 -52.05
CA ASP C 617 59.97 20.85 -52.31
C ASP C 617 59.84 20.02 -51.03
N CYS C 618 60.86 20.07 -50.18
CA CYS C 618 60.81 19.42 -48.88
C CYS C 618 59.72 20.01 -48.01
N GLU C 619 59.59 21.33 -48.04
CA GLU C 619 58.53 22.02 -47.29
C GLU C 619 57.15 21.58 -47.76
N VAL C 620 57.01 21.36 -49.07
CA VAL C 620 55.78 20.80 -49.61
C VAL C 620 55.51 19.44 -49.03
N ILE C 621 56.54 18.61 -49.00
CA ILE C 621 56.47 17.28 -48.42
C ILE C 621 56.07 17.34 -46.95
N GLU C 622 56.68 18.26 -46.21
CA GLU C 622 56.38 18.45 -44.80
C GLU C 622 54.92 18.81 -44.59
N ARG C 623 54.39 19.66 -45.47
CA ARG C 623 52.99 20.03 -45.43
C ARG C 623 52.10 18.82 -45.69
N LEU C 624 52.47 18.02 -46.66
CA LEU C 624 51.72 16.81 -46.99
C LEU C 624 51.76 15.82 -45.83
N ILE C 625 52.92 15.72 -45.18
CA ILE C 625 53.07 14.87 -44.02
C ILE C 625 52.15 15.30 -42.90
N LYS C 626 52.21 16.60 -42.58
CA LYS C 626 51.38 17.15 -41.52
C LYS C 626 49.91 16.92 -41.79
N SER C 627 49.48 17.28 -42.98
CA SER C 627 48.07 17.22 -43.33
C SER C 627 47.54 15.80 -43.25
N TYR C 628 48.24 14.87 -43.89
CA TYR C 628 47.78 13.49 -43.89
C TYR C 628 47.85 12.88 -42.51
N PHE C 629 48.94 13.15 -41.80
CA PHE C 629 49.11 12.68 -40.44
C PHE C 629 47.94 13.07 -39.56
N LEU C 630 47.55 14.33 -39.64
CA LEU C 630 46.47 14.84 -38.83
C LEU C 630 45.15 14.16 -39.18
N ILE C 631 44.96 13.85 -40.46
CA ILE C 631 43.81 13.07 -40.88
C ILE C 631 43.81 11.71 -40.21
N VAL C 632 44.95 11.04 -40.25
CA VAL C 632 45.11 9.73 -39.63
C VAL C 632 44.87 9.78 -38.14
N ARG C 633 45.53 10.73 -37.48
CA ARG C 633 45.43 10.86 -36.04
C ARG C 633 44.00 11.12 -35.62
N LYS C 634 43.33 11.99 -36.36
CA LYS C 634 41.93 12.31 -36.09
C LYS C 634 41.07 11.05 -36.10
N ASN C 635 41.30 10.18 -37.07
CA ASN C 635 40.56 8.94 -37.16
C ASN C 635 40.86 8.03 -35.99
N ILE C 636 42.14 7.96 -35.61
CA ILE C 636 42.58 7.15 -34.49
C ILE C 636 41.93 7.56 -33.19
N GLN C 637 41.73 8.87 -33.02
CA GLN C 637 41.10 9.41 -31.82
C GLN C 637 39.72 8.78 -31.57
N ASP C 638 39.04 8.35 -32.63
CA ASP C 638 37.74 7.71 -32.50
C ASP C 638 37.85 6.20 -32.55
N SER C 639 38.85 5.70 -33.29
CA SER C 639 39.00 4.27 -33.52
C SER C 639 39.32 3.49 -32.26
N VAL C 640 40.29 3.97 -31.48
CA VAL C 640 40.76 3.23 -30.31
C VAL C 640 39.67 3.04 -29.26
N PRO C 641 39.20 4.12 -28.62
CA PRO C 641 38.04 4.09 -27.72
C PRO C 641 37.04 3.00 -28.09
N LYS C 642 36.64 2.98 -29.36
CA LYS C 642 35.64 2.03 -29.83
C LYS C 642 36.13 0.59 -29.68
N ALA C 643 37.37 0.35 -30.08
CA ALA C 643 37.96 -0.97 -29.95
C ALA C 643 38.00 -1.43 -28.51
N VAL C 644 38.30 -0.50 -27.61
CA VAL C 644 38.36 -0.83 -26.21
C VAL C 644 37.00 -1.20 -25.69
N MET C 645 36.01 -0.40 -26.06
CA MET C 645 34.64 -0.68 -25.66
C MET C 645 34.18 -2.01 -26.22
N HIS C 646 34.53 -2.28 -27.47
CA HIS C 646 34.04 -3.47 -28.13
C HIS C 646 34.67 -4.73 -27.57
N PHE C 647 35.99 -4.76 -27.53
CA PHE C 647 36.70 -5.99 -27.22
C PHE C 647 36.84 -6.22 -25.73
N LEU C 648 36.87 -5.15 -24.95
CA LEU C 648 37.00 -5.30 -23.51
C LEU C 648 35.70 -5.03 -22.78
N VAL C 649 35.22 -3.80 -22.87
CA VAL C 649 34.22 -3.32 -21.93
C VAL C 649 32.87 -3.97 -22.14
N ASN C 650 32.38 -3.90 -23.36
CA ASN C 650 31.09 -4.46 -23.69
C ASN C 650 31.14 -5.97 -23.65
N HIS C 651 32.31 -6.53 -23.89
CA HIS C 651 32.48 -7.96 -23.84
C HIS C 651 32.28 -8.51 -22.45
N VAL C 652 33.05 -7.99 -21.51
CA VAL C 652 33.00 -8.50 -20.14
C VAL C 652 31.70 -8.12 -19.47
N LYS C 653 31.10 -7.04 -19.95
CA LYS C 653 29.80 -6.62 -19.47
C LYS C 653 28.76 -7.72 -19.61
N ASP C 654 28.92 -8.57 -20.63
CA ASP C 654 27.99 -9.65 -20.86
C ASP C 654 28.56 -10.99 -20.41
N THR C 655 29.87 -11.17 -20.59
CA THR C 655 30.51 -12.44 -20.26
C THR C 655 30.54 -12.71 -18.77
N LEU C 656 30.81 -11.66 -17.98
CA LEU C 656 31.08 -11.82 -16.55
C LEU C 656 30.05 -12.67 -15.83
N GLN C 657 28.79 -12.51 -16.20
CA GLN C 657 27.73 -13.25 -15.54
C GLN C 657 27.96 -14.74 -15.68
N SER C 658 28.25 -15.18 -16.89
CA SER C 658 28.49 -16.58 -17.16
C SER C 658 29.83 -17.02 -16.63
N GLU C 659 30.77 -16.08 -16.57
CA GLU C 659 32.09 -16.35 -16.03
C GLU C 659 32.00 -16.64 -14.54
N LEU C 660 31.29 -15.79 -13.81
CA LEU C 660 31.14 -15.95 -12.38
C LEU C 660 30.38 -17.21 -12.03
N VAL C 661 29.32 -17.50 -12.77
CA VAL C 661 28.56 -18.72 -12.53
C VAL C 661 29.37 -19.94 -12.89
N GLY C 662 29.98 -19.91 -14.07
CA GLY C 662 30.75 -21.03 -14.55
C GLY C 662 31.89 -21.38 -13.60
N GLN C 663 32.48 -20.37 -12.98
CA GLN C 663 33.60 -20.58 -12.08
C GLN C 663 33.17 -20.85 -10.64
N LEU C 664 32.20 -20.09 -10.15
CA LEU C 664 31.91 -20.09 -8.72
C LEU C 664 30.78 -21.04 -8.34
N TYR C 665 29.87 -21.30 -9.27
CA TYR C 665 28.70 -22.11 -8.95
C TYR C 665 29.00 -23.60 -9.04
N LYS C 666 29.74 -24.09 -8.05
CA LYS C 666 30.01 -25.51 -7.93
C LYS C 666 29.49 -26.03 -6.61
N SER C 667 29.10 -27.30 -6.58
CA SER C 667 28.53 -27.89 -5.38
C SER C 667 29.52 -27.92 -4.21
N SER C 668 30.81 -28.02 -4.53
CA SER C 668 31.83 -28.01 -3.50
C SER C 668 32.07 -26.60 -2.99
N LEU C 669 31.94 -25.63 -3.89
CA LEU C 669 32.17 -24.24 -3.54
C LEU C 669 31.03 -23.68 -2.71
N LEU C 670 29.87 -24.33 -2.80
CA LEU C 670 28.74 -24.00 -1.92
C LEU C 670 29.04 -24.33 -0.45
N ASP C 671 30.06 -25.13 -0.19
CA ASP C 671 30.51 -25.36 1.15
C ASP C 671 31.78 -24.59 1.45
N ASP C 672 32.63 -24.44 0.42
CA ASP C 672 33.90 -23.75 0.58
C ASP C 672 33.72 -22.24 0.56
N LEU C 673 33.38 -21.68 -0.59
CA LEU C 673 33.28 -20.24 -0.74
C LEU C 673 32.28 -19.68 0.21
N LEU C 674 31.22 -20.44 0.44
CA LEU C 674 30.22 -20.02 1.40
C LEU C 674 30.61 -20.41 2.81
N THR C 675 31.65 -19.76 3.31
CA THR C 675 32.08 -19.88 4.69
C THR C 675 31.95 -18.55 5.41
N GLU C 676 31.28 -18.55 6.55
CA GLU C 676 30.99 -17.32 7.26
C GLU C 676 32.14 -16.87 8.12
N SER C 677 32.28 -15.55 8.26
CA SER C 677 33.24 -14.97 9.19
C SER C 677 32.94 -15.40 10.60
N GLU C 678 33.94 -15.94 11.28
CA GLU C 678 33.75 -16.40 12.65
C GLU C 678 33.56 -15.23 13.59
N ASP C 679 34.28 -14.14 13.33
CA ASP C 679 34.12 -12.94 14.13
C ASP C 679 32.70 -12.41 14.03
N MET C 680 32.16 -12.40 12.82
CA MET C 680 30.77 -12.03 12.61
C MET C 680 29.83 -13.02 13.30
N ALA C 681 30.13 -14.31 13.16
CA ALA C 681 29.32 -15.36 13.77
C ALA C 681 29.28 -15.22 15.27
N GLN C 682 30.42 -14.89 15.87
CA GLN C 682 30.50 -14.70 17.30
C GLN C 682 29.75 -13.46 17.74
N ARG C 683 29.87 -12.39 16.96
CA ARG C 683 29.17 -11.16 17.26
C ARG C 683 27.66 -11.37 17.31
N ARG C 684 27.14 -12.04 16.29
CA ARG C 684 25.70 -12.32 16.24
C ARG C 684 25.32 -13.37 17.25
N LYS C 685 26.23 -14.30 17.53
CA LYS C 685 26.02 -15.31 18.56
C LYS C 685 25.80 -14.66 19.89
N GLU C 686 26.63 -13.67 20.22
CA GLU C 686 26.50 -12.95 21.46
C GLU C 686 25.16 -12.24 21.55
N ALA C 687 24.72 -11.64 20.44
CA ALA C 687 23.41 -11.00 20.39
C ALA C 687 22.31 -12.02 20.69
N ALA C 688 22.44 -13.21 20.09
CA ALA C 688 21.49 -14.29 20.33
C ALA C 688 21.58 -14.76 21.77
N ASP C 689 22.78 -14.86 22.30
CA ASP C 689 22.99 -15.31 23.66
C ASP C 689 22.43 -14.34 24.67
N MET C 690 22.54 -13.06 24.37
CA MET C 690 21.91 -12.04 25.19
C MET C 690 20.40 -12.13 25.09
N LEU C 691 19.91 -12.46 23.91
CA LEU C 691 18.49 -12.69 23.72
C LEU C 691 18.06 -13.95 24.48
N LYS C 692 18.95 -14.95 24.54
CA LYS C 692 18.71 -16.14 25.35
C LYS C 692 18.66 -15.79 26.82
N ALA C 693 19.45 -14.81 27.24
CA ALA C 693 19.35 -14.28 28.58
C ALA C 693 17.99 -13.65 28.80
N LEU C 694 17.43 -13.03 27.76
CA LEU C 694 16.10 -12.46 27.86
C LEU C 694 15.02 -13.52 27.76
N GLN C 695 15.34 -14.66 27.15
CA GLN C 695 14.50 -15.83 27.27
C GLN C 695 14.54 -16.31 28.72
N GLY C 696 15.72 -16.24 29.33
CA GLY C 696 15.87 -16.47 30.76
C GLY C 696 15.15 -15.40 31.57
N ALA C 697 15.00 -14.21 31.00
CA ALA C 697 14.25 -13.13 31.65
C ALA C 697 12.75 -13.36 31.57
N SER C 698 12.31 -14.44 30.94
CA SER C 698 10.94 -14.89 31.11
C SER C 698 10.81 -15.60 32.44
N GLN C 699 11.94 -16.03 32.99
CA GLN C 699 11.98 -16.57 34.34
C GLN C 699 12.12 -15.42 35.33
N ILE C 700 12.70 -14.32 34.88
CA ILE C 700 12.59 -13.06 35.61
C ILE C 700 11.14 -12.63 35.69
N ILE C 701 10.45 -12.74 34.56
CA ILE C 701 9.03 -12.46 34.52
C ILE C 701 8.23 -13.49 35.33
N ALA C 702 8.71 -14.73 35.36
CA ALA C 702 8.15 -15.71 36.30
C ALA C 702 8.34 -15.23 37.71
N GLU C 703 9.51 -14.71 38.02
CA GLU C 703 9.76 -14.15 39.33
C GLU C 703 8.86 -12.95 39.59
N ILE C 704 8.63 -12.12 38.56
CA ILE C 704 7.65 -11.04 38.68
C ILE C 704 6.32 -11.57 39.16
N ARG C 705 5.87 -12.68 38.57
CA ARG C 705 4.66 -13.34 39.01
C ARG C 705 4.78 -13.88 40.43
N GLU C 706 5.94 -14.44 40.76
CA GLU C 706 6.18 -15.01 42.07
C GLU C 706 6.11 -13.97 43.18
N THR C 707 6.46 -12.72 42.87
CA THR C 707 6.42 -11.65 43.88
C THR C 707 4.98 -11.24 44.20
N HIS C 708 4.02 -11.74 43.44
CA HIS C 708 2.62 -11.52 43.74
C HIS C 708 2.10 -12.62 44.66
N LEU C 709 2.98 -13.55 45.03
CA LEU C 709 2.64 -14.63 45.93
C LEU C 709 3.29 -14.41 47.29
N TRP C 710 2.54 -13.82 48.21
CA TRP C 710 3.08 -13.50 49.52
C TRP C 710 1.97 -13.29 50.55
N THR D 1 17.93 62.35 8.90
CA THR D 1 19.27 61.90 9.28
C THR D 1 19.23 60.51 9.90
N LEU D 2 20.40 59.95 10.16
CA LEU D 2 20.52 58.68 10.85
C LEU D 2 19.89 58.72 12.23
N GLN D 3 20.20 59.78 12.97
CA GLN D 3 19.66 59.97 14.30
C GLN D 3 18.14 59.96 14.28
N GLU D 4 17.56 60.75 13.38
CA GLU D 4 16.12 60.83 13.25
C GLU D 4 15.54 59.52 12.78
N ARG D 5 16.24 58.86 11.85
CA ARG D 5 15.78 57.61 11.30
C ARG D 5 15.76 56.50 12.33
N LEU D 6 16.79 56.46 13.18
CA LEU D 6 16.85 55.47 14.26
C LEU D 6 15.72 55.65 15.25
N LEU D 7 15.40 56.91 15.57
CA LEU D 7 14.32 57.20 16.49
C LEU D 7 12.98 56.73 15.94
N ALA D 8 12.74 56.99 14.65
CA ALA D 8 11.55 56.50 13.98
C ALA D 8 11.61 54.98 13.84
N PHE D 9 12.79 54.47 13.52
CA PHE D 9 13.01 53.05 13.33
C PHE D 9 12.66 52.27 14.56
N GLU D 10 13.02 52.79 15.74
CA GLU D 10 12.59 52.18 16.98
C GLU D 10 11.08 52.09 17.05
N ARG D 11 10.42 53.21 16.83
CA ARG D 11 8.97 53.28 16.88
C ARG D 11 8.32 52.36 15.85
N ASP D 12 8.94 52.25 14.68
CA ASP D 12 8.34 51.54 13.56
C ASP D 12 8.76 50.07 13.45
N ARG D 13 9.94 49.72 13.98
CA ARG D 13 10.48 48.37 13.74
C ARG D 13 10.94 47.66 15.02
N VAL D 14 11.34 48.41 16.03
CA VAL D 14 11.71 47.78 17.31
C VAL D 14 10.47 47.45 18.13
N THR D 15 9.58 48.42 18.26
CA THR D 15 8.38 48.26 19.08
C THR D 15 7.40 47.24 18.49
N ILE D 16 7.10 46.22 19.29
CA ILE D 16 6.13 45.20 18.91
C ILE D 16 4.88 45.32 19.81
N PRO D 17 3.73 45.68 19.23
CA PRO D 17 2.53 46.21 19.94
C PRO D 17 2.39 45.68 21.36
N ALA D 18 2.11 46.60 22.27
CA ALA D 18 2.01 46.31 23.69
C ALA D 18 0.92 45.28 23.99
N ALA D 19 -0.16 45.30 23.23
CA ALA D 19 -1.24 44.34 23.41
C ALA D 19 -0.72 42.93 23.23
N GLN D 20 0.09 42.72 22.19
CA GLN D 20 0.70 41.43 21.94
C GLN D 20 1.70 41.07 23.02
N VAL D 21 2.44 42.09 23.49
CA VAL D 21 3.41 41.87 24.56
C VAL D 21 2.74 41.40 25.84
N ALA D 22 1.68 42.07 26.24
CA ALA D 22 0.97 41.71 27.45
C ALA D 22 0.36 40.33 27.33
N LEU D 23 -0.23 40.04 26.18
CA LEU D 23 -0.81 38.74 25.92
C LEU D 23 0.25 37.65 25.92
N ALA D 24 1.41 37.96 25.35
CA ALA D 24 2.52 37.02 25.31
C ALA D 24 3.00 36.69 26.71
N LYS D 25 3.08 37.71 27.56
CA LYS D 25 3.51 37.53 28.93
C LYS D 25 2.51 36.71 29.73
N GLN D 26 1.22 36.96 29.47
CA GLN D 26 0.15 36.18 30.10
C GLN D 26 0.26 34.72 29.71
N LEU D 27 0.42 34.46 28.42
CA LEU D 27 0.53 33.09 27.91
C LEU D 27 1.81 32.43 28.36
N ALA D 28 2.88 33.21 28.48
CA ALA D 28 4.13 32.69 28.99
C ALA D 28 3.94 32.11 30.37
N GLY D 29 3.23 32.84 31.23
CA GLY D 29 2.90 32.36 32.56
C GLY D 29 1.95 31.17 32.52
N ASP D 30 0.91 31.28 31.68
CA ASP D 30 -0.11 30.24 31.58
C ASP D 30 0.47 28.92 31.12
N ILE D 31 1.30 28.96 30.09
CA ILE D 31 1.96 27.78 29.58
C ILE D 31 2.87 27.19 30.63
N ALA D 32 3.64 28.05 31.30
CA ALA D 32 4.52 27.61 32.37
C ALA D 32 3.75 26.90 33.46
N LEU D 33 2.64 27.50 33.89
CA LEU D 33 1.83 26.95 34.96
C LEU D 33 1.20 25.62 34.57
N GLU D 34 0.77 25.50 33.32
CA GLU D 34 0.23 24.25 32.83
C GLU D 34 1.31 23.18 32.85
N LEU D 35 2.50 23.54 32.37
CA LEU D 35 3.60 22.60 32.33
C LEU D 35 4.11 22.25 33.72
N GLN D 36 4.03 23.21 34.65
CA GLN D 36 4.32 22.92 36.04
C GLN D 36 3.40 21.85 36.57
N ALA D 37 2.10 22.04 36.36
CA ALA D 37 1.10 21.07 36.80
C ALA D 37 1.32 19.73 36.11
N TYR D 38 1.65 19.76 34.83
CA TYR D 38 1.87 18.54 34.08
C TYR D 38 3.08 17.79 34.59
N PHE D 39 4.17 18.50 34.83
CA PHE D 39 5.39 17.85 35.29
C PHE D 39 5.25 17.34 36.72
N ARG D 40 4.41 17.99 37.50
CA ARG D 40 4.10 17.49 38.84
C ARG D 40 3.43 16.11 38.77
N SER D 41 2.56 15.93 37.77
CA SER D 41 1.86 14.66 37.60
C SER D 41 2.64 13.68 36.72
N LYS D 42 3.44 14.20 35.79
CA LYS D 42 4.18 13.36 34.86
C LYS D 42 5.50 12.91 35.44
N PHE D 43 6.12 13.79 36.23
CA PHE D 43 7.39 13.48 36.85
C PHE D 43 7.40 13.83 38.33
N PRO D 44 6.41 13.37 39.09
CA PRO D 44 6.32 13.55 40.54
C PRO D 44 7.60 13.11 41.26
N GLU D 45 8.34 12.16 40.68
CA GLU D 45 9.57 11.67 41.26
C GLU D 45 10.71 12.70 41.18
N LEU D 46 10.65 13.59 40.19
CA LEU D 46 11.70 14.56 40.01
C LEU D 46 11.34 15.88 40.69
N PRO D 47 12.34 16.56 41.24
CA PRO D 47 12.17 17.82 41.96
C PRO D 47 12.24 19.01 41.02
N PHE D 48 11.22 19.13 40.17
CA PHE D 48 11.10 20.30 39.32
C PHE D 48 10.60 21.49 40.11
N GLY D 49 11.31 22.61 39.98
CA GLY D 49 10.88 23.84 40.64
C GLY D 49 9.84 24.56 39.79
N ALA D 50 9.44 25.76 40.22
CA ALA D 50 8.48 26.54 39.46
C ALA D 50 9.15 27.09 38.20
N PHE D 51 8.45 26.95 37.07
CA PHE D 51 9.00 27.35 35.79
C PHE D 51 8.97 28.86 35.64
N VAL D 52 10.02 29.40 35.03
CA VAL D 52 10.19 30.85 34.98
C VAL D 52 10.23 31.37 33.55
N PRO D 53 9.27 32.22 33.20
CA PRO D 53 9.26 32.94 31.94
C PRO D 53 10.27 34.08 31.94
N GLY D 54 10.92 34.30 30.81
CA GLY D 54 11.91 35.36 30.68
C GLY D 54 12.29 35.60 29.22
N GLY D 55 13.43 36.26 29.02
CA GLY D 55 13.89 36.58 27.68
C GLY D 55 13.44 37.99 27.28
N PRO D 56 13.91 38.45 26.12
CA PRO D 56 13.62 39.76 25.46
C PRO D 56 12.23 40.32 25.77
N LEU D 57 11.22 39.45 25.79
CA LEU D 57 9.85 39.84 26.10
C LEU D 57 9.78 40.66 27.39
N TYR D 58 10.62 40.29 28.35
CA TYR D 58 10.75 41.03 29.59
C TYR D 58 12.05 41.84 29.59
N ASP D 59 13.08 41.27 28.98
CA ASP D 59 14.42 41.85 29.01
C ASP D 59 14.60 42.93 27.96
N GLY D 60 14.02 44.09 28.20
CA GLY D 60 14.14 45.21 27.27
C GLY D 60 12.82 45.96 27.15
N LEU D 61 12.44 46.28 25.92
CA LEU D 61 11.19 46.98 25.67
C LEU D 61 10.17 46.01 25.07
N GLN D 62 9.28 46.52 24.23
CA GLN D 62 8.22 45.70 23.65
C GLN D 62 8.76 44.77 22.57
N ALA D 63 9.36 43.65 23.00
CA ALA D 63 9.85 42.66 22.07
C ALA D 63 8.73 41.78 21.56
N GLY D 64 7.80 41.43 22.43
CA GLY D 64 6.63 40.67 22.03
C GLY D 64 7.02 39.34 21.39
N ALA D 65 6.60 39.16 20.14
CA ALA D 65 6.85 37.92 19.40
C ALA D 65 8.12 37.98 18.56
N ALA D 66 8.90 39.06 18.72
CA ALA D 66 10.13 39.24 17.94
C ALA D 66 11.14 38.14 18.20
N ASP D 67 11.10 37.57 19.41
CA ASP D 67 11.98 36.48 19.76
C ASP D 67 11.26 35.51 20.73
N HIS D 68 11.94 34.42 21.07
CA HIS D 68 11.34 33.36 21.88
C HIS D 68 11.03 33.80 23.30
N VAL D 69 9.94 33.27 23.84
CA VAL D 69 9.71 33.29 25.26
C VAL D 69 10.57 32.25 25.93
N ARG D 70 11.45 32.66 26.80
CA ARG D 70 12.33 31.70 27.46
C ARG D 70 11.67 31.13 28.69
N LEU D 71 11.60 29.81 28.77
CA LEU D 71 10.91 29.17 29.87
C LEU D 71 11.83 28.24 30.64
N LEU D 72 12.23 28.66 31.82
CA LEU D 72 13.09 27.86 32.67
C LEU D 72 12.36 26.70 33.30
N VAL D 73 12.95 25.51 33.20
CA VAL D 73 12.51 24.34 33.96
C VAL D 73 13.62 23.93 34.94
N PRO D 74 13.36 24.09 36.26
CA PRO D 74 14.44 24.02 37.27
C PRO D 74 14.74 22.59 37.69
N LEU D 75 15.92 22.11 37.30
CA LEU D 75 16.38 20.79 37.68
C LEU D 75 17.02 20.80 39.04
N VAL D 76 16.22 20.75 40.08
CA VAL D 76 16.75 20.86 41.43
C VAL D 76 17.54 19.61 41.80
N LEU D 77 18.83 19.63 41.50
CA LEU D 77 19.75 18.55 41.84
C LEU D 77 19.98 18.52 43.33
N GLU D 78 20.20 17.32 43.86
CA GLU D 78 20.39 17.15 45.29
C GLU D 78 21.80 17.55 45.71
N PRO D 79 21.96 18.78 46.24
CA PRO D 79 23.23 19.37 46.70
C PRO D 79 24.12 18.34 47.36
N GLY D 80 25.34 18.22 46.86
CA GLY D 80 26.32 17.32 47.44
C GLY D 80 26.46 16.03 46.66
N LEU D 81 25.40 15.62 45.97
CA LEU D 81 25.45 14.41 45.18
C LEU D 81 25.85 14.71 43.74
N TRP D 82 25.81 15.98 43.37
CA TRP D 82 26.14 16.38 42.01
C TRP D 82 27.13 17.54 42.01
N SER D 83 28.06 17.53 41.06
CA SER D 83 29.12 18.55 41.01
C SER D 83 29.41 19.02 39.58
N LEU D 84 29.79 20.28 39.44
CA LEU D 84 30.02 20.86 38.12
C LEU D 84 31.46 20.66 37.64
N VAL D 85 31.60 20.07 36.46
CA VAL D 85 32.89 19.77 35.86
C VAL D 85 32.99 20.42 34.47
N PRO D 86 34.15 20.96 34.13
CA PRO D 86 34.42 21.49 32.80
C PRO D 86 34.55 20.36 31.79
N GLY D 87 33.94 20.54 30.62
CA GLY D 87 34.00 19.53 29.57
C GLY D 87 35.43 19.20 29.18
N VAL D 88 36.27 20.24 29.11
CA VAL D 88 37.68 20.09 28.76
C VAL D 88 38.44 19.18 29.72
N ASP D 89 37.94 19.02 30.94
CA ASP D 89 38.60 18.18 31.94
C ASP D 89 38.39 16.70 31.66
N THR D 90 37.45 16.38 30.77
CA THR D 90 37.14 15.00 30.45
C THR D 90 37.72 14.61 29.09
N VAL D 91 37.59 13.34 28.73
CA VAL D 91 38.06 12.85 27.43
C VAL D 91 37.39 13.59 26.29
N ALA D 92 36.12 13.92 26.46
CA ALA D 92 35.39 14.75 25.52
C ALA D 92 35.77 16.21 25.74
N ARG D 93 36.96 16.57 25.28
CA ARG D 93 37.60 17.82 25.67
C ARG D 93 37.01 19.03 24.96
N ASP D 94 35.86 19.49 25.45
CA ASP D 94 35.24 20.70 24.93
C ASP D 94 34.88 21.67 26.05
N PRO D 95 35.78 22.62 26.35
CA PRO D 95 35.68 23.63 27.42
C PRO D 95 34.37 24.44 27.40
N ARG D 96 33.71 24.50 26.24
CA ARG D 96 32.48 25.27 26.11
C ARG D 96 31.32 24.52 26.74
N CYS D 97 31.47 23.22 26.85
CA CYS D 97 30.44 22.37 27.45
C CYS D 97 30.85 21.91 28.83
N TRP D 98 29.88 21.46 29.61
CA TRP D 98 30.07 21.16 31.01
C TRP D 98 29.47 19.81 31.38
N ALA D 99 29.95 19.22 32.46
CA ALA D 99 29.44 17.94 32.90
C ALA D 99 28.93 18.02 34.33
N VAL D 100 27.90 17.26 34.65
CA VAL D 100 27.41 17.17 36.01
C VAL D 100 27.77 15.81 36.61
N ARG D 101 28.68 15.82 37.57
CA ARG D 101 29.27 14.62 38.12
C ARG D 101 28.51 14.09 39.32
N ARG D 102 28.18 12.80 39.29
CA ARG D 102 27.58 12.14 40.45
C ARG D 102 28.64 11.78 41.45
N THR D 103 28.41 12.11 42.71
CA THR D 103 29.35 11.80 43.75
C THR D 103 28.67 11.43 45.07
N GLN D 104 29.48 11.20 46.10
CA GLN D 104 29.01 10.72 47.40
C GLN D 104 28.24 9.41 47.28
N LEU D 105 28.68 8.53 46.37
CA LEU D 105 28.04 7.24 46.16
C LEU D 105 28.31 6.26 47.30
N GLU D 106 29.32 6.58 48.12
CA GLU D 106 29.63 5.79 49.30
C GLU D 106 28.62 5.99 50.43
N PHE D 107 27.82 7.05 50.33
CA PHE D 107 26.78 7.31 51.33
C PHE D 107 25.40 7.31 50.69
N CYS D 108 25.34 7.73 49.43
CA CYS D 108 24.09 7.72 48.68
C CYS D 108 24.28 7.09 47.30
N PRO D 109 24.12 5.76 47.21
CA PRO D 109 24.34 4.98 46.00
C PRO D 109 23.31 5.27 44.93
N ARG D 110 23.68 4.99 43.68
CA ARG D 110 22.81 5.24 42.55
C ARG D 110 21.52 4.44 42.68
N GLY D 111 20.41 5.12 42.46
CA GLY D 111 19.09 4.55 42.67
C GLY D 111 18.41 5.23 43.84
N SER D 112 19.21 5.92 44.66
CA SER D 112 18.68 6.68 45.78
C SER D 112 18.14 8.03 45.35
N SER D 113 18.77 8.64 44.34
CA SER D 113 18.28 9.91 43.82
C SER D 113 17.38 9.69 42.62
N PRO D 114 16.41 10.57 42.42
CA PRO D 114 15.54 10.53 41.27
C PRO D 114 16.29 10.88 40.00
N TRP D 115 17.40 11.60 40.16
CA TRP D 115 18.18 12.02 39.00
C TRP D 115 19.12 10.90 38.54
N ASP D 116 19.14 9.78 39.27
CA ASP D 116 19.98 8.66 38.90
C ASP D 116 19.41 7.88 37.73
N ARG D 117 18.18 8.20 37.34
CA ARG D 117 17.62 7.65 36.12
C ARG D 117 18.35 8.19 34.89
N PHE D 118 19.07 9.29 35.08
CA PHE D 118 19.87 9.89 34.03
C PHE D 118 21.35 9.63 34.23
N LEU D 119 21.69 8.70 35.11
CA LEU D 119 23.09 8.48 35.45
C LEU D 119 23.75 7.51 34.49
N VAL D 120 24.70 8.03 33.72
CA VAL D 120 25.48 7.21 32.80
C VAL D 120 26.95 7.28 33.18
N GLY D 121 27.55 6.14 33.45
CA GLY D 121 28.88 6.14 34.05
C GLY D 121 28.79 6.75 35.43
N GLY D 122 29.31 7.97 35.57
CA GLY D 122 29.16 8.72 36.80
C GLY D 122 28.71 10.15 36.55
N TYR D 123 27.95 10.38 35.47
CA TYR D 123 27.52 11.72 35.12
C TYR D 123 26.02 11.80 34.80
N LEU D 124 25.44 12.98 35.02
CA LEU D 124 24.04 13.23 34.72
C LEU D 124 23.84 13.44 33.21
N SER D 125 22.91 12.67 32.63
CA SER D 125 22.68 12.72 31.19
C SER D 125 21.70 13.80 30.79
N SER D 126 22.23 14.89 30.21
CA SER D 126 21.37 15.91 29.63
C SER D 126 20.59 15.37 28.46
N ARG D 127 21.19 14.42 27.74
CA ARG D 127 20.57 13.84 26.56
C ARG D 127 19.29 13.10 26.88
N VAL D 128 19.35 12.17 27.83
CA VAL D 128 18.19 11.37 28.17
C VAL D 128 17.10 12.23 28.77
N LEU D 129 17.51 13.19 29.59
CA LEU D 129 16.59 14.17 30.13
C LEU D 129 15.83 14.88 29.03
N LEU D 130 16.55 15.36 28.03
CA LEU D 130 15.94 16.03 26.90
C LEU D 130 15.01 15.11 26.14
N GLU D 131 15.43 13.86 25.94
CA GLU D 131 14.63 12.91 25.19
C GLU D 131 13.28 12.68 25.86
N LEU D 132 13.28 12.54 27.18
CA LEU D 132 12.03 12.29 27.89
C LEU D 132 11.17 13.53 27.97
N LEU D 133 11.77 14.68 28.22
CA LEU D 133 11.01 15.91 28.39
C LEU D 133 10.49 16.42 27.06
N ARG D 134 11.27 16.24 26.00
CA ARG D 134 10.81 16.61 24.67
C ARG D 134 9.69 15.69 24.22
N LYS D 135 9.77 14.42 24.61
CA LYS D 135 8.69 13.48 24.34
C LYS D 135 7.43 13.88 25.08
N ALA D 136 7.59 14.33 26.33
CA ALA D 136 6.47 14.79 27.11
C ALA D 136 5.77 15.94 26.42
N LEU D 137 6.54 16.91 25.94
CA LEU D 137 5.97 18.02 25.20
C LEU D 137 5.45 17.59 23.85
N ALA D 138 6.15 16.67 23.21
CA ALA D 138 5.81 16.23 21.86
C ALA D 138 4.43 15.58 21.81
N ALA D 139 4.09 14.81 22.83
CA ALA D 139 2.86 14.03 22.78
C ALA D 139 2.13 13.99 24.12
N SER D 140 2.87 13.80 25.22
CA SER D 140 2.24 13.52 26.51
C SER D 140 1.36 14.67 26.99
N VAL D 141 1.84 15.89 26.82
CA VAL D 141 1.08 17.07 27.23
C VAL D 141 -0.19 17.23 26.41
N ASN D 142 -1.30 17.44 27.09
CA ASN D 142 -2.59 17.54 26.43
C ASN D 142 -2.81 18.93 25.86
N TRP D 143 -2.18 19.18 24.71
CA TRP D 143 -2.23 20.48 24.06
C TRP D 143 -3.64 20.88 23.62
N PRO D 144 -4.54 19.91 23.48
CA PRO D 144 -5.95 20.22 23.24
C PRO D 144 -6.61 20.84 24.46
N ALA D 145 -6.13 20.47 25.65
CA ALA D 145 -6.63 21.05 26.88
C ALA D 145 -6.07 22.44 27.06
N ILE D 146 -4.80 22.61 26.71
CA ILE D 146 -4.15 23.91 26.80
C ILE D 146 -4.77 24.91 25.85
N GLY D 147 -4.96 24.50 24.60
CA GLY D 147 -5.60 25.34 23.60
C GLY D 147 -7.03 25.69 24.01
N SER D 148 -7.77 24.70 24.51
CA SER D 148 -9.13 24.93 24.95
C SER D 148 -9.17 25.88 26.15
N LEU D 149 -8.25 25.70 27.07
CA LEU D 149 -8.18 26.51 28.28
C LEU D 149 -7.86 27.96 27.98
N LEU D 150 -6.81 28.17 27.19
CA LEU D 150 -6.28 29.50 26.98
C LEU D 150 -6.91 30.19 25.78
N GLY D 151 -7.66 29.42 24.97
CA GLY D 151 -8.34 29.98 23.81
C GLY D 151 -7.34 30.25 22.71
N CYS D 152 -6.66 29.20 22.27
CA CYS D 152 -5.57 29.37 21.33
C CYS D 152 -5.11 28.06 20.72
N LEU D 153 -4.25 28.17 19.73
CA LEU D 153 -3.57 27.00 19.19
C LEU D 153 -2.11 26.96 19.65
N ILE D 154 -1.80 26.05 20.58
CA ILE D 154 -0.44 25.86 21.05
C ILE D 154 0.01 24.41 20.89
N ARG D 155 1.16 24.23 20.28
CA ARG D 155 1.72 22.91 20.05
C ARG D 155 3.24 22.95 20.17
N PRO D 156 3.89 21.79 20.11
CA PRO D 156 5.35 21.65 20.21
C PRO D 156 6.00 21.85 18.86
N SER D 157 7.22 22.38 18.87
CA SER D 157 8.00 22.54 17.65
C SER D 157 8.55 21.21 17.18
N MET D 158 9.21 21.24 16.04
CA MET D 158 9.81 20.05 15.48
C MET D 158 11.33 20.10 15.55
N ALA D 159 11.85 20.92 16.47
CA ALA D 159 13.29 21.03 16.64
C ALA D 159 13.62 21.55 18.03
N SER D 160 14.75 21.07 18.57
CA SER D 160 15.16 21.42 19.92
C SER D 160 14.04 21.18 20.92
N GLU D 161 13.85 22.13 21.84
CA GLU D 161 12.75 22.05 22.79
C GLU D 161 12.00 23.37 22.82
N GLU D 162 11.25 23.62 21.76
CA GLU D 162 10.52 24.87 21.64
C GLU D 162 9.04 24.60 21.43
N LEU D 163 8.22 25.58 21.76
CA LEU D 163 6.78 25.49 21.54
C LEU D 163 6.31 26.58 20.61
N LEU D 164 5.20 26.33 19.92
CA LEU D 164 4.64 27.32 19.01
C LEU D 164 3.21 27.69 19.37
N LEU D 165 2.98 28.98 19.56
CA LEU D 165 1.64 29.52 19.55
C LEU D 165 1.24 29.82 18.13
N GLU D 166 0.45 28.91 17.54
CA GLU D 166 0.03 29.05 16.17
C GLU D 166 -0.94 30.20 16.00
N VAL D 167 -1.65 30.53 17.08
CA VAL D 167 -2.50 31.72 17.14
C VAL D 167 -3.36 31.77 18.39
N GLN D 168 -3.11 32.78 19.21
CA GLN D 168 -4.01 33.17 20.28
C GLN D 168 -5.14 33.98 19.71
N HIS D 169 -6.36 33.68 20.15
CA HIS D 169 -7.57 34.30 19.59
C HIS D 169 -7.40 35.80 19.38
N GLU D 170 -6.76 36.48 20.33
CA GLU D 170 -6.47 37.91 20.20
C GLU D 170 -5.26 38.19 19.30
N ARG D 171 -5.36 37.80 18.03
CA ARG D 171 -4.38 38.13 16.99
C ARG D 171 -2.92 38.09 17.45
N LEU D 172 -2.52 37.01 18.13
CA LEU D 172 -1.14 36.87 18.58
C LEU D 172 -0.52 35.53 18.23
N GLU D 173 0.67 35.57 17.66
CA GLU D 173 1.45 34.36 17.42
C GLU D 173 2.85 34.52 18.00
N LEU D 174 3.43 33.43 18.49
CA LEU D 174 4.76 33.50 19.10
C LEU D 174 5.35 32.12 19.34
N THR D 175 6.63 32.08 19.70
CA THR D 175 7.29 30.83 20.04
C THR D 175 7.90 30.87 21.43
N VAL D 176 8.07 29.69 22.03
CA VAL D 176 8.61 29.56 23.37
C VAL D 176 9.84 28.69 23.37
N ALA D 177 10.95 29.21 23.86
CA ALA D 177 12.16 28.41 24.03
C ALA D 177 12.22 27.84 25.42
N VAL D 178 11.94 26.54 25.55
CA VAL D 178 11.95 25.91 26.85
C VAL D 178 13.36 25.55 27.26
N LEU D 179 13.82 26.18 28.33
CA LEU D 179 15.18 25.98 28.80
C LEU D 179 15.21 25.13 30.05
N VAL D 180 15.40 23.84 29.87
CA VAL D 180 15.53 22.94 30.99
C VAL D 180 16.94 23.01 31.55
N ALA D 181 17.07 23.46 32.79
CA ALA D 181 18.39 23.76 33.32
C ALA D 181 18.43 23.66 34.84
N VAL D 182 19.61 23.35 35.36
CA VAL D 182 19.83 23.30 36.80
C VAL D 182 19.90 24.73 37.35
N PRO D 183 18.97 25.11 38.24
CA PRO D 183 19.00 26.37 39.02
C PRO D 183 20.39 27.01 39.05
N GLY D 184 21.39 26.25 39.50
CA GLY D 184 22.76 26.67 39.30
C GLY D 184 23.27 27.49 40.46
N VAL D 185 23.06 28.79 40.38
CA VAL D 185 23.64 29.72 41.35
C VAL D 185 22.58 30.47 42.13
N ASP D 186 22.97 30.98 43.29
CA ASP D 186 22.07 31.71 44.17
C ASP D 186 21.86 33.15 43.71
N ALA D 187 22.56 33.54 42.64
CA ALA D 187 22.35 34.82 42.00
C ALA D 187 21.13 34.77 41.07
N ASP D 188 20.60 33.57 40.84
CA ASP D 188 19.46 33.39 39.95
C ASP D 188 19.79 33.86 38.55
N ASP D 189 20.98 33.51 38.08
CA ASP D 189 21.46 33.92 36.76
C ASP D 189 22.02 32.74 35.98
N ARG D 190 23.25 32.36 36.32
CA ARG D 190 23.94 31.30 35.61
C ARG D 190 23.23 29.95 35.79
N LEU D 191 22.92 29.29 34.68
CA LEU D 191 22.22 28.01 34.71
C LEU D 191 23.07 26.91 34.07
N LEU D 192 22.76 25.66 34.41
CA LEU D 192 23.35 24.54 33.68
C LEU D 192 22.32 23.95 32.74
N LEU D 193 22.36 24.40 31.48
CA LEU D 193 21.35 24.04 30.50
C LEU D 193 21.53 22.62 30.00
N ALA D 194 20.43 21.87 29.94
CA ALA D 194 20.46 20.55 29.34
C ALA D 194 20.71 20.70 27.85
N TRP D 195 21.99 20.74 27.49
CA TRP D 195 22.40 21.02 26.14
C TRP D 195 22.24 19.80 25.25
N PRO D 196 21.92 20.01 23.98
CA PRO D 196 21.78 18.90 23.02
C PRO D 196 22.99 18.78 22.13
N LEU D 197 24.12 18.44 22.73
CA LEU D 197 25.33 18.18 21.96
C LEU D 197 25.20 16.89 21.19
N GLU D 198 25.47 16.96 19.89
CA GLU D 198 25.36 15.78 19.04
C GLU D 198 26.66 15.00 18.99
N GLY D 199 27.78 15.72 19.06
CA GLY D 199 29.10 15.08 19.03
C GLY D 199 29.57 14.73 20.42
N LEU D 200 30.74 14.10 20.50
CA LEU D 200 31.34 13.73 21.77
C LEU D 200 30.33 13.06 22.70
N ALA D 201 30.22 13.55 23.93
CA ALA D 201 29.22 13.08 24.87
C ALA D 201 28.01 13.99 24.81
N GLY D 202 26.87 13.43 24.39
CA GLY D 202 25.63 14.19 24.32
C GLY D 202 25.03 14.43 25.71
N ASN D 203 25.67 13.86 26.73
CA ASN D 203 25.27 14.05 28.10
C ASN D 203 25.71 15.41 28.66
N LEU D 204 26.54 16.12 27.90
CA LEU D 204 27.13 17.38 28.36
C LEU D 204 26.13 18.54 28.39
N TRP D 205 26.52 19.59 29.11
CA TRP D 205 25.63 20.68 29.49
C TRP D 205 26.19 22.00 29.02
N LEU D 206 25.35 23.03 28.97
CA LEU D 206 25.81 24.34 28.57
C LEU D 206 25.66 25.36 29.69
N GLN D 207 26.75 26.03 30.02
CA GLN D 207 26.72 27.09 31.01
C GLN D 207 25.99 28.30 30.45
N ASP D 208 24.81 28.58 31.00
CA ASP D 208 23.96 29.63 30.48
C ASP D 208 24.29 30.97 31.11
N LEU D 209 24.93 31.83 30.33
CA LEU D 209 25.31 33.16 30.80
C LEU D 209 24.44 34.25 30.17
N TYR D 210 23.27 33.87 29.66
CA TYR D 210 22.35 34.86 29.08
C TYR D 210 22.00 35.99 30.06
N PRO D 211 21.23 35.70 31.13
CA PRO D 211 20.81 36.69 32.12
C PRO D 211 22.00 37.43 32.74
N VAL D 212 23.19 36.80 32.72
CA VAL D 212 24.40 37.46 33.17
C VAL D 212 24.77 38.59 32.21
N GLU D 213 24.73 38.28 30.91
CA GLU D 213 24.99 39.28 29.87
C GLU D 213 23.93 40.36 29.88
N ALA D 214 22.67 39.96 30.04
CA ALA D 214 21.55 40.89 30.07
C ALA D 214 21.64 41.81 31.28
N ALA D 215 21.96 41.22 32.44
CA ALA D 215 22.13 41.99 33.66
C ALA D 215 23.31 42.93 33.56
N ARG D 216 24.35 42.50 32.86
CA ARG D 216 25.54 43.32 32.69
C ARG D 216 25.23 44.57 31.88
N LEU D 217 24.51 44.40 30.77
CA LEU D 217 24.13 45.55 29.95
C LEU D 217 23.16 46.45 30.70
N ARG D 218 22.27 45.83 31.48
CA ARG D 218 21.39 46.59 32.35
C ARG D 218 22.17 47.40 33.37
N ALA D 219 23.12 46.76 34.03
CA ALA D 219 23.95 47.41 35.03
C ALA D 219 24.77 48.54 34.43
N LEU D 220 25.36 48.26 33.26
CA LEU D 220 26.17 49.25 32.57
C LEU D 220 25.36 50.49 32.24
N ASP D 221 24.12 50.29 31.80
CA ASP D 221 23.21 51.40 31.58
C ASP D 221 22.85 52.11 32.88
N ASP D 222 22.59 51.33 33.92
CA ASP D 222 22.21 51.89 35.22
C ASP D 222 23.36 52.64 35.89
N HIS D 223 24.59 52.37 35.46
CA HIS D 223 25.75 53.04 36.00
C HIS D 223 25.77 54.52 35.61
N ASP D 224 25.21 54.86 34.46
CA ASP D 224 25.27 56.22 33.97
C ASP D 224 24.03 56.61 33.16
N ALA D 225 22.93 55.90 33.38
CA ALA D 225 21.68 56.15 32.67
C ALA D 225 21.91 56.15 31.16
N GLY D 226 22.66 55.17 30.68
CA GLY D 226 23.03 55.11 29.27
C GLY D 226 22.02 54.32 28.46
N THR D 227 22.27 54.22 27.16
CA THR D 227 21.34 53.56 26.25
C THR D 227 22.02 52.44 25.44
N ARG D 228 22.81 51.61 26.13
CA ARG D 228 23.50 50.49 25.49
C ARG D 228 22.50 49.47 25.01
N ARG D 229 21.48 49.20 25.83
CA ARG D 229 20.45 48.23 25.48
C ARG D 229 19.53 48.76 24.39
N ARG D 230 19.37 50.08 24.33
CA ARG D 230 18.57 50.69 23.27
C ARG D 230 19.23 50.48 21.93
N LEU D 231 20.55 50.65 21.88
CA LEU D 231 21.33 50.36 20.69
C LEU D 231 21.17 48.91 20.28
N LEU D 232 21.27 48.00 21.26
CA LEU D 232 21.05 46.59 21.01
C LEU D 232 19.68 46.31 20.42
N LEU D 233 18.65 46.93 20.99
CA LEU D 233 17.28 46.77 20.51
C LEU D 233 17.14 47.26 19.07
N LEU D 234 17.79 48.39 18.76
CA LEU D 234 17.81 48.90 17.40
C LEU D 234 18.48 47.90 16.47
N LEU D 235 19.63 47.38 16.88
CA LEU D 235 20.39 46.44 16.08
C LEU D 235 19.60 45.15 15.84
N CYS D 236 18.84 44.73 16.84
CA CYS D 236 18.01 43.54 16.71
C CYS D 236 17.00 43.71 15.60
N ALA D 237 16.30 44.85 15.60
CA ALA D 237 15.34 45.15 14.56
C ALA D 237 16.00 45.30 13.20
N VAL D 238 17.21 45.84 13.18
CA VAL D 238 17.98 45.94 11.93
C VAL D 238 18.24 44.57 11.34
N CYS D 239 18.61 43.62 12.19
CA CYS D 239 18.82 42.24 11.75
C CYS D 239 17.51 41.60 11.31
N ARG D 240 16.42 41.89 12.01
CA ARG D 240 15.11 41.39 11.61
C ARG D 240 14.70 41.90 10.23
N GLY D 241 15.07 43.14 9.94
CA GLY D 241 14.72 43.77 8.66
C GLY D 241 15.84 43.68 7.62
N CYS D 242 16.83 42.82 7.84
CA CYS D 242 17.93 42.69 6.89
C CYS D 242 18.39 41.25 6.75
N SER D 243 18.08 40.65 5.60
CA SER D 243 18.38 39.23 5.36
C SER D 243 19.88 38.96 5.33
N ALA D 244 20.67 39.98 5.01
CA ALA D 244 22.13 39.86 5.05
C ALA D 244 22.62 39.55 6.45
N LEU D 245 21.86 39.97 7.45
CA LEU D 245 22.25 39.79 8.84
C LEU D 245 21.56 38.60 9.47
N GLY D 246 20.98 37.72 8.64
CA GLY D 246 20.27 36.55 9.14
C GLY D 246 21.20 35.58 9.88
N GLN D 247 22.51 35.68 9.63
CA GLN D 247 23.49 34.84 10.32
C GLN D 247 23.92 35.43 11.66
N LEU D 248 23.53 36.68 11.93
CA LEU D 248 23.89 37.34 13.17
C LEU D 248 22.66 37.53 14.05
N GLY D 249 22.56 36.73 15.11
CA GLY D 249 21.37 36.74 15.95
C GLY D 249 21.55 37.65 17.15
N ARG D 250 20.64 37.54 18.10
CA ARG D 250 20.68 38.32 19.33
C ARG D 250 21.98 38.11 20.08
N GLY D 251 22.44 36.85 20.13
CA GLY D 251 23.68 36.51 20.79
C GLY D 251 24.87 37.22 20.16
N HIS D 252 24.89 37.28 18.83
CA HIS D 252 25.97 37.93 18.12
C HIS D 252 26.00 39.41 18.42
N LEU D 253 24.83 40.02 18.42
CA LEU D 253 24.69 41.44 18.72
C LEU D 253 25.04 41.72 20.17
N THR D 254 24.66 40.80 21.05
CA THR D 254 24.93 40.95 22.47
C THR D 254 26.41 41.04 22.75
N GLN D 255 27.20 40.19 22.09
CA GLN D 255 28.64 40.21 22.30
C GLN D 255 29.24 41.53 21.86
N VAL D 256 28.75 42.05 20.73
CA VAL D 256 29.20 43.34 20.22
C VAL D 256 28.85 44.48 21.16
N VAL D 257 27.59 44.49 21.61
CA VAL D 257 27.11 45.55 22.48
C VAL D 257 27.74 45.51 23.86
N LEU D 258 28.06 44.31 24.35
CA LEU D 258 28.81 44.18 25.59
C LEU D 258 30.19 44.83 25.48
N ARG D 259 30.86 44.61 24.34
CA ARG D 259 32.14 45.25 24.07
C ARG D 259 31.99 46.75 24.01
N LEU D 260 30.95 47.21 23.33
CA LEU D 260 30.64 48.63 23.23
C LEU D 260 30.32 49.19 24.60
N GLY D 261 29.54 48.44 25.37
CA GLY D 261 29.06 48.87 26.66
C GLY D 261 30.20 49.18 27.60
N GLU D 262 31.26 48.39 27.52
CA GLU D 262 32.46 48.64 28.31
C GLU D 262 33.27 49.80 27.73
N ASP D 263 32.71 51.01 27.81
CA ASP D 263 33.36 52.20 27.30
C ASP D 263 32.76 53.44 27.94
N ASN D 264 33.40 54.58 27.74
CA ASN D 264 32.95 55.82 28.35
C ASN D 264 32.75 56.89 27.28
N VAL D 265 31.64 56.78 26.56
CA VAL D 265 31.30 57.69 25.48
C VAL D 265 29.92 58.30 25.74
N ASP D 266 29.45 59.12 24.82
CA ASP D 266 28.12 59.68 24.94
C ASP D 266 27.08 58.58 24.81
N TRP D 267 26.48 58.19 25.92
CA TRP D 267 25.55 57.06 25.97
C TRP D 267 24.09 57.49 25.97
N THR D 268 23.83 58.76 25.63
CA THR D 268 22.46 59.26 25.62
C THR D 268 21.81 58.99 24.27
N GLU D 269 20.49 59.17 24.21
CA GLU D 269 19.72 58.92 23.00
C GLU D 269 20.15 59.84 21.86
N GLU D 270 20.69 61.00 22.21
CA GLU D 270 21.10 61.99 21.22
C GLU D 270 22.26 61.51 20.35
N ALA D 271 22.97 60.48 20.81
CA ALA D 271 24.10 59.94 20.07
C ALA D 271 23.86 58.50 19.66
N LEU D 272 22.59 58.14 19.44
CA LEU D 272 22.27 56.83 18.89
C LEU D 272 22.92 56.64 17.54
N GLY D 273 22.84 57.68 16.70
CA GLY D 273 23.43 57.64 15.37
C GLY D 273 24.93 57.42 15.41
N GLU D 274 25.60 58.15 16.30
CA GLU D 274 27.04 58.01 16.46
C GLU D 274 27.42 56.59 16.86
N ARG D 275 26.76 56.09 17.90
CA ARG D 275 27.07 54.79 18.43
C ARG D 275 26.59 53.67 17.51
N PHE D 276 25.56 53.96 16.72
CA PHE D 276 25.11 53.03 15.69
C PHE D 276 26.21 52.73 14.71
N LEU D 277 26.83 53.80 14.20
CA LEU D 277 27.92 53.65 13.26
C LEU D 277 29.13 52.99 13.92
N GLN D 278 29.35 53.31 15.20
CA GLN D 278 30.42 52.67 15.97
C GLN D 278 30.17 51.17 16.11
N ALA D 279 28.92 50.80 16.33
CA ALA D 279 28.53 49.40 16.42
C ALA D 279 28.81 48.69 15.12
N LEU D 280 28.52 49.36 14.01
CA LEU D 280 28.78 48.81 12.70
C LEU D 280 30.28 48.61 12.50
N GLU D 281 31.07 49.60 12.90
CA GLU D 281 32.52 49.53 12.74
C GLU D 281 33.12 48.38 13.53
N LEU D 282 32.68 48.22 14.77
CA LEU D 282 33.17 47.14 15.63
C LEU D 282 32.79 45.77 15.06
N LEU D 283 31.52 45.64 14.67
CA LEU D 283 31.03 44.40 14.11
C LEU D 283 31.72 44.06 12.80
N ILE D 284 31.84 45.04 11.91
CA ILE D 284 32.52 44.86 10.64
C ILE D 284 33.97 44.43 10.82
N GLY D 285 34.66 45.07 11.76
CA GLY D 285 36.05 44.70 12.05
C GLY D 285 36.15 43.25 12.49
N SER D 286 35.23 42.83 13.37
CA SER D 286 35.19 41.45 13.82
C SER D 286 34.91 40.51 12.65
N LEU D 287 34.02 40.93 11.77
CA LEU D 287 33.70 40.16 10.57
C LEU D 287 34.90 40.08 9.63
N GLU D 288 35.64 41.17 9.50
CA GLU D 288 36.85 41.18 8.68
C GLU D 288 37.90 40.20 9.22
N GLN D 289 37.91 40.01 10.54
CA GLN D 289 38.81 39.03 11.16
C GLN D 289 38.20 37.64 11.21
N ALA D 290 36.93 37.51 10.80
CA ALA D 290 36.16 36.28 10.94
C ALA D 290 36.24 35.74 12.36
N SER D 291 36.10 36.65 13.33
CA SER D 291 36.26 36.28 14.73
C SER D 291 35.43 37.15 15.65
N LEU D 292 34.53 36.50 16.41
CA LEU D 292 33.80 37.19 17.47
C LEU D 292 33.87 36.42 18.79
N PRO D 293 34.89 36.70 19.58
CA PRO D 293 35.05 36.16 20.92
C PRO D 293 33.98 36.67 21.87
N CYS D 294 33.24 35.74 22.46
CA CYS D 294 32.23 36.07 23.45
C CYS D 294 32.81 36.91 24.59
N HIS D 295 32.07 37.93 24.99
CA HIS D 295 32.54 38.87 26.01
C HIS D 295 32.90 38.16 27.32
N PHE D 296 32.07 37.18 27.70
CA PHE D 296 32.29 36.45 28.94
C PHE D 296 33.06 35.14 28.72
N ASN D 297 33.54 34.94 27.51
CA ASN D 297 34.36 33.77 27.20
C ASN D 297 34.99 33.89 25.82
N PRO D 298 36.19 34.48 25.74
CA PRO D 298 36.86 34.87 24.51
C PRO D 298 37.23 33.67 23.63
N SER D 299 37.17 32.46 24.19
CA SER D 299 37.51 31.28 23.42
C SER D 299 36.34 30.86 22.50
N VAL D 300 35.18 31.49 22.68
CA VAL D 300 34.03 31.23 21.84
C VAL D 300 33.95 32.19 20.68
N ASN D 301 34.32 31.72 19.50
CA ASN D 301 34.22 32.50 18.27
C ASN D 301 32.85 32.31 17.63
N LEU D 302 32.01 33.34 17.73
CA LEU D 302 30.64 33.24 17.27
C LEU D 302 30.52 33.27 15.74
N PHE D 303 31.63 33.54 15.05
CA PHE D 303 31.65 33.52 13.60
C PHE D 303 32.27 32.22 13.07
N SER D 304 32.68 31.33 13.97
CA SER D 304 33.35 30.10 13.57
C SER D 304 32.41 29.14 12.84
N SER D 305 31.11 29.31 13.03
CA SER D 305 30.12 28.48 12.37
C SER D 305 29.69 29.06 11.02
N LEU D 306 30.25 30.21 10.66
CA LEU D 306 29.86 30.88 9.43
C LEU D 306 30.98 30.81 8.39
N ARG D 307 30.60 30.82 7.11
CA ARG D 307 31.57 30.81 6.01
C ARG D 307 32.30 32.13 5.92
N GLU D 308 33.63 32.06 5.82
CA GLU D 308 34.48 33.25 5.80
C GLU D 308 34.05 34.25 4.73
N GLU D 309 33.72 33.75 3.55
CA GLU D 309 33.29 34.59 2.45
C GLU D 309 31.98 35.30 2.77
N GLU D 310 31.05 34.56 3.36
CA GLU D 310 29.77 35.13 3.78
C GLU D 310 29.97 36.14 4.90
N ILE D 311 30.90 35.84 5.81
CA ILE D 311 31.25 36.74 6.89
C ILE D 311 31.74 38.08 6.34
N ASP D 312 32.62 38.02 5.35
CA ASP D 312 33.14 39.22 4.71
C ASP D 312 32.03 39.96 3.97
N ASP D 313 31.15 39.21 3.30
CA ASP D 313 30.03 39.80 2.59
C ASP D 313 29.09 40.54 3.53
N ILE D 314 28.89 39.99 4.74
CA ILE D 314 28.11 40.66 5.75
C ILE D 314 28.77 41.97 6.15
N GLY D 315 30.09 41.93 6.34
CA GLY D 315 30.86 43.13 6.65
C GLY D 315 30.74 44.16 5.55
N TYR D 316 30.75 43.70 4.30
CA TYR D 316 30.60 44.59 3.14
C TYR D 316 29.20 45.20 3.09
N ALA D 317 28.19 44.40 3.44
CA ALA D 317 26.82 44.88 3.51
C ALA D 317 26.69 45.95 4.59
N LEU D 318 27.30 45.70 5.75
CA LEU D 318 27.28 46.64 6.84
C LEU D 318 28.14 47.86 6.53
N TYR D 319 29.22 47.66 5.77
CA TYR D 319 30.05 48.76 5.31
C TYR D 319 29.26 49.71 4.43
N SER D 320 28.44 49.16 3.52
CA SER D 320 27.53 49.99 2.75
C SER D 320 26.50 50.63 3.68
N GLY D 321 26.21 49.95 4.78
CA GLY D 321 25.42 50.51 5.87
C GLY D 321 26.10 51.74 6.48
N LEU D 322 27.41 51.67 6.68
CA LEU D 322 28.17 52.84 7.13
C LEU D 322 28.10 53.98 6.12
N GLN D 323 28.18 53.62 4.84
CA GLN D 323 28.14 54.60 3.76
C GLN D 323 26.78 55.27 3.67
N GLU D 324 25.72 54.49 3.87
CA GLU D 324 24.36 55.03 3.85
C GLU D 324 23.57 54.56 5.07
N PRO D 325 24.02 54.96 6.26
CA PRO D 325 23.42 54.64 7.58
C PRO D 325 21.93 54.27 7.52
N GLU D 326 21.10 55.15 6.96
CA GLU D 326 19.66 55.00 6.98
C GLU D 326 19.16 53.82 6.15
N GLY D 327 20.01 53.31 5.27
CA GLY D 327 19.68 52.17 4.42
C GLY D 327 19.55 50.86 5.20
N LEU D 328 20.07 50.83 6.43
CA LEU D 328 19.88 49.68 7.31
C LEU D 328 18.58 49.78 8.10
N LEU D 329 17.88 50.90 7.95
CA LEU D 329 16.75 51.20 8.80
C LEU D 329 15.44 51.28 7.99
N MET E 1 79.96 -44.65 -117.74
CA MET E 1 79.21 -44.94 -116.52
C MET E 1 79.47 -46.34 -116.03
N GLU E 2 79.95 -46.43 -114.79
CA GLU E 2 80.28 -47.71 -114.17
C GLU E 2 80.19 -47.59 -112.66
N ALA E 3 81.28 -47.14 -112.03
CA ALA E 3 81.29 -46.87 -110.60
C ALA E 3 80.40 -45.68 -110.28
N LEU E 4 80.08 -44.88 -111.29
CA LEU E 4 79.16 -43.77 -111.14
C LEU E 4 77.80 -44.25 -110.67
N ILE E 5 77.44 -45.50 -111.00
CA ILE E 5 76.14 -46.01 -110.65
C ILE E 5 75.87 -45.95 -109.14
N PRO E 6 76.86 -46.33 -108.31
CA PRO E 6 76.69 -46.32 -106.86
C PRO E 6 77.13 -45.00 -106.27
N VAL E 7 78.08 -44.35 -106.92
CA VAL E 7 78.50 -43.01 -106.50
C VAL E 7 77.34 -42.06 -106.59
N ILE E 8 76.67 -42.06 -107.73
CA ILE E 8 75.52 -41.20 -107.95
C ILE E 8 74.38 -41.54 -107.02
N ASN E 9 74.12 -42.83 -106.84
CA ASN E 9 73.05 -43.25 -105.93
C ASN E 9 73.28 -42.73 -104.52
N LYS E 10 74.53 -42.81 -104.05
CA LYS E 10 74.88 -42.22 -102.78
C LYS E 10 74.64 -40.71 -102.81
N LEU E 11 74.95 -40.10 -103.95
CA LEU E 11 74.75 -38.67 -104.17
C LEU E 11 73.33 -38.30 -104.50
N GLN E 12 72.42 -39.26 -104.47
CA GLN E 12 71.01 -38.95 -104.50
C GLN E 12 70.52 -38.81 -103.08
N ASP E 13 70.99 -39.72 -102.23
CA ASP E 13 70.62 -39.73 -100.82
C ASP E 13 71.12 -38.50 -100.08
N VAL E 14 72.18 -37.87 -100.58
CA VAL E 14 72.66 -36.64 -99.97
C VAL E 14 71.62 -35.54 -100.06
N PHE E 15 70.71 -35.65 -101.05
CA PHE E 15 69.64 -34.70 -101.22
C PHE E 15 68.39 -35.20 -100.52
N ASN E 16 68.15 -36.50 -100.62
CA ASN E 16 66.98 -37.12 -100.02
C ASN E 16 66.95 -36.90 -98.51
N THR E 17 68.12 -36.97 -97.89
CA THR E 17 68.21 -36.89 -96.43
C THR E 17 68.29 -35.45 -95.93
N VAL E 18 68.32 -34.48 -96.84
CA VAL E 18 68.26 -33.08 -96.44
C VAL E 18 67.01 -32.41 -97.01
N GLY E 19 66.27 -33.14 -97.83
CA GLY E 19 65.02 -32.65 -98.38
C GLY E 19 65.22 -31.74 -99.58
N ALA E 20 66.34 -31.94 -100.27
CA ALA E 20 66.68 -31.11 -101.41
C ALA E 20 66.38 -31.83 -102.71
N ASP E 21 66.33 -31.07 -103.80
CA ASP E 21 66.19 -31.65 -105.12
C ASP E 21 67.52 -32.20 -105.60
N ILE E 22 67.49 -33.36 -106.24
CA ILE E 22 68.69 -34.00 -106.71
C ILE E 22 69.22 -33.33 -107.96
N ILE E 23 70.54 -33.07 -107.98
CA ILE E 23 71.18 -32.44 -109.12
C ILE E 23 70.82 -33.15 -110.41
N GLN E 24 70.44 -32.36 -111.41
CA GLN E 24 70.10 -32.90 -112.71
C GLN E 24 71.31 -32.91 -113.61
N LEU E 25 71.50 -34.02 -114.32
CA LEU E 25 72.62 -34.16 -115.24
C LEU E 25 72.29 -33.47 -116.57
N PRO E 26 73.28 -32.77 -117.13
CA PRO E 26 73.12 -32.05 -118.38
C PRO E 26 72.63 -32.97 -119.49
N GLN E 27 71.78 -32.43 -120.36
CA GLN E 27 71.21 -33.19 -121.46
C GLN E 27 72.26 -33.51 -122.51
N ILE E 28 72.28 -34.76 -122.97
CA ILE E 28 73.29 -35.17 -123.93
C ILE E 28 72.76 -35.03 -125.35
N VAL E 29 73.29 -34.06 -126.08
CA VAL E 29 72.77 -33.77 -127.41
C VAL E 29 73.84 -33.91 -128.48
N VAL E 30 73.57 -34.76 -129.47
CA VAL E 30 74.54 -35.00 -130.54
C VAL E 30 74.19 -34.26 -131.81
N VAL E 31 75.16 -33.53 -132.37
CA VAL E 31 74.92 -32.70 -133.55
C VAL E 31 75.95 -32.98 -134.65
N GLY E 32 75.61 -32.61 -135.89
CA GLY E 32 76.53 -32.77 -137.01
C GLY E 32 75.81 -33.09 -138.31
N THR E 33 76.57 -33.13 -139.40
CA THR E 33 76.00 -33.36 -140.72
C THR E 33 75.58 -34.79 -140.91
N GLN E 34 74.70 -35.00 -141.88
CA GLN E 34 74.13 -36.32 -142.17
C GLN E 34 75.22 -37.35 -142.40
N SER E 35 75.06 -38.51 -141.74
CA SER E 35 75.96 -39.65 -141.87
C SER E 35 77.37 -39.36 -141.34
N SER E 36 77.49 -38.43 -140.39
CA SER E 36 78.77 -38.20 -139.74
C SER E 36 79.10 -39.27 -138.69
N GLY E 37 78.07 -39.95 -138.18
CA GLY E 37 78.29 -41.02 -137.20
C GLY E 37 77.60 -40.76 -135.87
N LYS E 38 76.64 -39.84 -135.87
CA LYS E 38 75.99 -39.35 -134.64
C LYS E 38 75.35 -40.47 -133.82
N SER E 39 74.44 -41.22 -134.43
CA SER E 39 73.71 -42.26 -133.72
C SER E 39 74.68 -43.30 -133.18
N SER E 40 75.66 -43.67 -133.99
CA SER E 40 76.70 -44.61 -133.56
C SER E 40 77.43 -44.19 -132.30
N VAL E 41 77.72 -42.89 -132.18
CA VAL E 41 78.33 -42.38 -130.96
C VAL E 41 77.47 -42.66 -129.75
N LEU E 42 76.17 -42.38 -129.88
CA LEU E 42 75.24 -42.68 -128.81
C LEU E 42 75.14 -44.17 -128.53
N GLU E 43 75.22 -44.99 -129.58
CA GLU E 43 75.16 -46.43 -129.43
C GLU E 43 76.32 -46.95 -128.59
N SER E 44 77.49 -46.35 -128.77
CA SER E 44 78.67 -46.75 -128.01
C SER E 44 78.54 -46.40 -126.53
N LEU E 45 77.60 -45.51 -126.20
CA LEU E 45 77.37 -45.12 -124.83
C LEU E 45 76.32 -45.99 -124.15
N VAL E 46 75.70 -46.89 -124.93
CA VAL E 46 74.66 -47.75 -124.40
C VAL E 46 75.11 -49.19 -124.35
N GLY E 47 75.62 -49.69 -125.47
CA GLY E 47 76.03 -51.09 -125.58
C GLY E 47 74.96 -51.93 -126.27
N ARG E 48 73.83 -51.30 -126.60
CA ARG E 48 72.75 -51.97 -127.30
C ARG E 48 72.42 -51.24 -128.59
N ASP E 49 71.95 -51.99 -129.57
CA ASP E 49 71.55 -51.39 -130.84
C ASP E 49 70.13 -50.82 -130.73
N LEU E 50 70.00 -49.71 -130.03
CA LEU E 50 68.69 -49.10 -129.78
C LEU E 50 68.34 -48.08 -130.84
N LEU E 51 69.35 -47.55 -131.51
CA LEU E 51 69.14 -46.54 -132.51
C LEU E 51 69.23 -47.12 -133.90
N PRO E 52 68.54 -46.51 -134.83
CA PRO E 52 68.67 -46.76 -136.25
C PRO E 52 70.02 -46.25 -136.70
N ARG E 53 70.57 -46.87 -137.73
CA ARG E 53 71.90 -46.52 -138.23
C ARG E 53 72.01 -46.82 -139.72
N GLY E 54 72.87 -46.07 -140.40
CA GLY E 54 73.06 -46.32 -141.82
C GLY E 54 73.57 -45.11 -142.59
N THR E 55 73.76 -45.27 -143.88
CA THR E 55 74.32 -44.22 -144.73
C THR E 55 73.25 -43.26 -145.20
N GLY E 56 73.68 -42.12 -145.74
CA GLY E 56 72.76 -41.12 -146.26
C GLY E 56 71.92 -40.50 -145.16
N ILE E 57 70.61 -40.65 -145.28
CA ILE E 57 69.69 -40.15 -144.26
C ILE E 57 69.02 -41.30 -143.52
N VAL E 58 69.08 -41.26 -142.19
CA VAL E 58 68.48 -42.29 -141.34
C VAL E 58 67.63 -41.67 -140.25
N THR E 59 68.27 -40.90 -139.36
CA THR E 59 67.55 -40.21 -138.31
C THR E 59 66.78 -39.05 -138.92
N ARG E 60 65.47 -39.11 -138.81
CA ARG E 60 64.62 -38.14 -139.48
C ARG E 60 63.58 -37.57 -138.53
N ARG E 61 63.89 -37.62 -137.25
CA ARG E 61 62.94 -37.23 -136.23
C ARG E 61 63.56 -37.39 -134.85
N PRO E 62 64.11 -36.30 -134.29
CA PRO E 62 64.84 -36.29 -133.00
C PRO E 62 64.29 -37.34 -132.03
N LEU E 63 65.19 -38.10 -131.42
CA LEU E 63 64.79 -39.03 -130.38
C LEU E 63 65.12 -38.48 -129.01
N ILE E 64 64.13 -38.44 -128.13
CA ILE E 64 64.33 -38.07 -126.75
C ILE E 64 64.48 -39.31 -125.90
N LEU E 65 65.71 -39.62 -125.53
CA LEU E 65 65.99 -40.82 -124.78
C LEU E 65 66.14 -40.52 -123.30
N GLN E 66 65.31 -41.16 -122.50
CA GLN E 66 65.44 -41.04 -121.06
C GLN E 66 65.91 -42.33 -120.44
N LEU E 67 67.17 -42.35 -120.04
CA LEU E 67 67.73 -43.49 -119.35
C LEU E 67 67.18 -43.49 -117.92
N VAL E 68 66.75 -44.67 -117.45
CA VAL E 68 66.08 -44.78 -116.16
C VAL E 68 66.75 -45.79 -115.24
N HIS E 69 67.17 -45.31 -114.06
CA HIS E 69 67.68 -46.18 -113.01
C HIS E 69 66.55 -46.99 -112.40
N VAL E 70 66.74 -48.29 -112.28
CA VAL E 70 65.74 -49.16 -111.66
C VAL E 70 66.22 -49.70 -110.32
N SER E 71 65.34 -49.62 -109.33
CA SER E 71 65.64 -50.10 -107.98
C SER E 71 65.52 -51.62 -107.89
N GLN E 72 65.61 -52.14 -106.67
CA GLN E 72 65.50 -53.57 -106.45
C GLN E 72 64.05 -54.03 -106.33
N GLU E 73 63.11 -53.11 -106.49
CA GLU E 73 61.69 -53.45 -106.45
C GLU E 73 61.34 -54.39 -107.60
N ALA E 87 60.93 -58.44 -115.88
CA ALA E 87 61.80 -57.62 -116.72
C ALA E 87 62.95 -57.07 -115.90
N GLU E 88 64.17 -57.48 -116.25
CA GLU E 88 65.37 -56.91 -115.65
C GLU E 88 65.72 -55.60 -116.32
N GLU E 89 65.78 -55.64 -117.65
CA GLU E 89 65.96 -54.43 -118.44
C GLU E 89 64.85 -54.32 -119.47
N TRP E 90 64.34 -53.12 -119.68
CA TRP E 90 63.25 -52.92 -120.63
C TRP E 90 63.13 -51.47 -121.05
N GLY E 91 62.41 -51.19 -122.12
CA GLY E 91 62.14 -49.82 -122.54
C GLY E 91 60.67 -49.45 -122.41
N LYS E 92 60.35 -48.22 -122.79
CA LYS E 92 58.97 -47.75 -122.78
C LYS E 92 58.80 -46.48 -123.62
N PHE E 93 57.91 -46.52 -124.60
CA PHE E 93 57.66 -45.34 -125.42
C PHE E 93 56.47 -44.55 -124.92
N LEU E 94 56.57 -43.24 -125.05
CA LEU E 94 55.49 -42.35 -124.64
C LEU E 94 54.19 -42.70 -125.36
N HIS E 95 54.28 -42.94 -126.66
CA HIS E 95 53.10 -43.19 -127.47
C HIS E 95 52.54 -44.61 -127.30
N THR E 96 53.19 -45.44 -126.48
CA THR E 96 52.63 -46.74 -126.15
C THR E 96 52.43 -46.87 -124.65
N LYS E 97 52.31 -45.73 -123.98
CA LYS E 97 51.99 -45.70 -122.56
C LYS E 97 52.95 -46.57 -121.76
N ASN E 98 52.41 -47.51 -120.99
CA ASN E 98 53.22 -48.30 -120.09
C ASN E 98 53.62 -49.66 -120.66
N LYS E 99 53.59 -49.79 -121.99
CA LYS E 99 54.09 -50.99 -122.62
C LYS E 99 55.57 -51.16 -122.32
N LEU E 100 55.94 -52.35 -121.84
CA LEU E 100 57.33 -52.61 -121.49
C LEU E 100 58.03 -53.35 -122.60
N TYR E 101 59.24 -52.92 -122.93
CA TYR E 101 59.97 -53.52 -124.03
C TYR E 101 61.24 -54.19 -123.56
N THR E 102 61.16 -55.49 -123.28
CA THR E 102 62.36 -56.26 -122.96
C THR E 102 63.07 -56.66 -124.25
N ASP E 103 62.34 -56.57 -125.36
CA ASP E 103 62.92 -56.75 -126.68
C ASP E 103 63.47 -55.43 -127.19
N PHE E 104 64.79 -55.31 -127.19
CA PHE E 104 65.45 -54.06 -127.53
C PHE E 104 65.63 -53.88 -129.04
N ASP E 105 65.27 -54.90 -129.80
CA ASP E 105 65.23 -54.78 -131.25
C ASP E 105 63.88 -54.24 -131.65
N GLU E 106 62.85 -54.62 -130.90
CA GLU E 106 61.53 -54.03 -131.03
C GLU E 106 61.59 -52.55 -130.77
N ILE E 107 62.36 -52.15 -129.77
CA ILE E 107 62.55 -50.74 -129.48
C ILE E 107 63.13 -49.99 -130.66
N ARG E 108 64.24 -50.48 -131.20
CA ARG E 108 64.84 -49.86 -132.37
C ARG E 108 63.86 -49.81 -133.53
N GLN E 109 63.18 -50.92 -133.77
CA GLN E 109 62.21 -51.03 -134.85
C GLN E 109 61.01 -50.12 -134.62
N GLU E 110 60.63 -49.95 -133.35
CA GLU E 110 59.52 -49.08 -133.02
C GLU E 110 59.89 -47.63 -133.25
N ILE E 111 61.14 -47.28 -133.00
CA ILE E 111 61.64 -45.96 -133.37
C ILE E 111 61.53 -45.76 -134.86
N GLU E 112 61.92 -46.78 -135.63
CA GLU E 112 61.82 -46.75 -137.08
C GLU E 112 60.37 -46.59 -137.52
N ASN E 113 59.48 -47.34 -136.89
CA ASN E 113 58.07 -47.30 -137.20
C ASN E 113 57.51 -45.92 -136.94
N GLU E 114 57.77 -45.43 -135.74
CA GLU E 114 57.24 -44.16 -135.29
C GLU E 114 57.82 -43.01 -136.10
N THR E 115 59.10 -43.11 -136.43
CA THR E 115 59.73 -42.15 -137.32
C THR E 115 58.96 -42.03 -138.63
N GLU E 116 58.67 -43.18 -139.24
CA GLU E 116 57.94 -43.19 -140.51
C GLU E 116 56.51 -42.69 -140.35
N ARG E 117 55.91 -42.91 -139.19
CA ARG E 117 54.54 -42.48 -138.95
C ARG E 117 54.38 -40.96 -139.05
N ILE E 118 55.35 -40.20 -138.57
CA ILE E 118 55.25 -38.74 -138.66
C ILE E 118 56.19 -38.13 -139.69
N SER E 119 57.49 -38.44 -139.61
CA SER E 119 58.44 -37.84 -140.54
C SER E 119 58.33 -38.44 -141.93
N GLY E 120 57.92 -39.71 -141.99
CA GLY E 120 57.71 -40.36 -143.27
C GLY E 120 58.92 -41.20 -143.66
N ASN E 121 58.92 -41.68 -144.90
CA ASN E 121 60.00 -42.52 -145.40
C ASN E 121 60.47 -42.02 -146.76
N ASN E 122 60.72 -40.72 -146.85
CA ASN E 122 61.18 -40.10 -148.08
C ASN E 122 62.04 -38.88 -147.75
N LYS E 123 63.03 -39.09 -146.90
CA LYS E 123 63.97 -38.04 -146.47
C LYS E 123 63.30 -36.89 -145.68
N GLY E 124 62.00 -36.98 -145.42
CA GLY E 124 61.31 -35.95 -144.68
C GLY E 124 61.71 -36.01 -143.22
N VAL E 125 61.81 -34.85 -142.60
CA VAL E 125 62.19 -34.78 -141.19
C VAL E 125 61.09 -34.14 -140.37
N SER E 126 60.73 -34.80 -139.28
CA SER E 126 59.69 -34.28 -138.40
C SER E 126 60.30 -33.38 -137.33
N PRO E 127 59.55 -32.36 -136.93
CA PRO E 127 59.91 -31.53 -135.79
C PRO E 127 59.40 -32.12 -134.49
N GLU E 128 58.56 -33.15 -134.60
CA GLU E 128 58.02 -33.81 -133.44
C GLU E 128 58.89 -34.98 -133.02
N PRO E 129 59.72 -34.81 -132.00
CA PRO E 129 60.60 -35.83 -131.48
C PRO E 129 59.85 -37.05 -130.93
N ILE E 130 60.57 -38.17 -130.79
CA ILE E 130 60.03 -39.39 -130.20
C ILE E 130 60.53 -39.56 -128.77
N HIS E 131 59.64 -39.78 -127.82
CA HIS E 131 60.08 -39.99 -126.45
C HIS E 131 60.17 -41.46 -126.09
N LEU E 132 61.35 -41.87 -125.64
CA LEU E 132 61.63 -43.24 -125.22
C LEU E 132 62.34 -43.30 -123.88
N LYS E 133 61.83 -44.09 -122.95
CA LYS E 133 62.52 -44.38 -121.72
C LYS E 133 63.19 -45.75 -121.77
N ILE E 134 64.42 -45.83 -121.26
CA ILE E 134 65.10 -47.11 -121.12
C ILE E 134 65.40 -47.43 -119.68
N PHE E 135 65.00 -48.61 -119.25
CA PHE E 135 65.08 -48.99 -117.85
C PHE E 135 66.11 -50.07 -117.60
N SER E 136 66.90 -49.88 -116.55
CA SER E 136 67.79 -50.92 -116.05
C SER E 136 68.27 -50.57 -114.66
N PRO E 137 68.67 -51.57 -113.90
CA PRO E 137 69.18 -51.43 -112.54
C PRO E 137 70.66 -51.18 -112.56
N ASN E 138 71.27 -51.28 -113.73
CA ASN E 138 72.67 -50.98 -113.89
C ASN E 138 72.88 -49.74 -114.75
N VAL E 139 71.90 -48.84 -114.75
CA VAL E 139 72.05 -47.55 -115.41
C VAL E 139 71.56 -46.43 -114.52
N VAL E 140 71.92 -45.21 -114.87
CA VAL E 140 71.54 -44.04 -114.10
C VAL E 140 70.69 -43.07 -114.90
N ASN E 141 69.76 -42.41 -114.23
CA ASN E 141 68.88 -41.45 -114.87
C ASN E 141 69.67 -40.45 -115.73
N LEU E 142 69.34 -40.36 -117.02
CA LEU E 142 70.04 -39.45 -117.93
C LEU E 142 69.23 -39.17 -119.19
N THR E 143 69.17 -37.89 -119.58
CA THR E 143 68.43 -37.49 -120.76
C THR E 143 69.37 -37.28 -121.95
N LEU E 144 69.07 -37.96 -123.07
CA LEU E 144 69.89 -37.88 -124.28
C LEU E 144 69.04 -37.56 -125.52
N VAL E 145 69.64 -36.92 -126.52
CA VAL E 145 68.93 -36.56 -127.75
C VAL E 145 69.69 -36.98 -129.01
N ASP E 146 69.01 -37.75 -129.87
CA ASP E 146 69.57 -38.15 -131.17
C ASP E 146 68.96 -37.31 -132.30
N LEU E 147 69.74 -36.41 -132.87
CA LEU E 147 69.22 -35.48 -133.87
C LEU E 147 69.47 -35.90 -135.30
N PRO E 148 68.67 -35.38 -136.22
CA PRO E 148 68.84 -35.56 -137.65
C PRO E 148 70.05 -34.78 -138.10
N GLY E 149 70.70 -35.26 -139.16
CA GLY E 149 71.92 -34.63 -139.62
C GLY E 149 71.64 -33.31 -140.30
N MET E 150 72.61 -32.40 -140.21
CA MET E 150 72.52 -31.13 -140.90
C MET E 150 72.58 -31.31 -142.41
N THR E 151 71.78 -30.52 -143.11
CA THR E 151 71.73 -30.58 -144.56
C THR E 151 71.81 -29.20 -145.19
N LYS E 152 71.67 -29.16 -146.51
CA LYS E 152 71.71 -27.92 -147.27
C LYS E 152 70.63 -27.92 -148.35
N VAL E 153 70.40 -29.09 -148.95
CA VAL E 153 69.44 -29.23 -150.03
C VAL E 153 68.15 -29.89 -149.54
N PRO E 154 67.01 -29.32 -149.92
CA PRO E 154 65.69 -29.87 -149.66
C PRO E 154 65.40 -31.05 -150.57
N VAL E 155 65.43 -32.25 -150.01
CA VAL E 155 65.24 -33.46 -150.79
C VAL E 155 64.09 -34.30 -150.27
N GLY E 156 63.47 -35.06 -151.16
CA GLY E 156 62.35 -35.92 -150.78
C GLY E 156 61.17 -35.09 -150.30
N ASP E 157 60.73 -35.35 -149.07
CA ASP E 157 59.61 -34.62 -148.48
C ASP E 157 60.05 -33.39 -147.69
N GLN E 158 61.33 -33.04 -147.80
CA GLN E 158 61.86 -31.91 -147.06
C GLN E 158 61.37 -30.57 -147.63
N PRO E 159 61.28 -29.56 -146.76
CA PRO E 159 60.88 -28.18 -147.07
C PRO E 159 62.07 -27.39 -147.55
N LYS E 160 61.79 -26.29 -148.24
CA LYS E 160 62.84 -25.39 -148.73
C LYS E 160 63.81 -24.99 -147.64
N ASP E 161 63.28 -24.79 -146.44
CA ASP E 161 64.08 -24.36 -145.31
C ASP E 161 64.34 -25.50 -144.34
N ILE E 162 64.40 -26.74 -144.85
CA ILE E 162 64.71 -27.90 -144.01
C ILE E 162 66.03 -27.77 -143.27
N GLU E 163 66.98 -27.10 -143.90
CA GLU E 163 68.24 -26.79 -143.24
C GLU E 163 67.99 -26.00 -141.97
N LEU E 164 67.16 -24.98 -142.09
CA LEU E 164 66.83 -24.12 -140.97
C LEU E 164 65.91 -24.82 -139.99
N GLN E 165 65.04 -25.70 -140.49
CA GLN E 165 64.18 -26.49 -139.63
C GLN E 165 65.01 -27.36 -138.72
N ILE E 166 65.92 -28.13 -139.32
CA ILE E 166 66.82 -28.98 -138.56
C ILE E 166 67.72 -28.17 -137.66
N ARG E 167 68.20 -27.03 -138.16
CA ARG E 167 68.97 -26.10 -137.36
C ARG E 167 68.22 -25.70 -136.10
N GLU E 168 66.95 -25.33 -136.25
CA GLU E 168 66.13 -24.95 -135.11
C GLU E 168 65.82 -26.14 -134.21
N LEU E 169 65.68 -27.33 -134.82
CA LEU E 169 65.49 -28.55 -134.05
C LEU E 169 66.70 -28.86 -133.21
N ILE E 170 67.87 -28.57 -133.75
CA ILE E 170 69.11 -28.71 -132.99
C ILE E 170 69.18 -27.67 -131.87
N LEU E 171 68.90 -26.42 -132.22
CA LEU E 171 68.95 -25.30 -131.29
C LEU E 171 67.99 -25.51 -130.12
N ARG E 172 66.87 -26.16 -130.41
CA ARG E 172 65.89 -26.52 -129.39
C ARG E 172 66.52 -27.20 -128.18
N PHE E 173 67.62 -27.93 -128.39
CA PHE E 173 68.24 -28.66 -127.30
C PHE E 173 69.59 -28.09 -126.90
N ILE E 174 70.40 -27.70 -127.89
CA ILE E 174 71.76 -27.25 -127.59
C ILE E 174 71.78 -25.84 -127.01
N SER E 175 70.68 -25.10 -127.16
CA SER E 175 70.55 -23.78 -126.57
C SER E 175 70.48 -23.82 -125.05
N ASN E 176 70.27 -25.00 -124.48
CA ASN E 176 70.22 -25.14 -123.03
C ASN E 176 71.64 -25.30 -122.45
N PRO E 177 72.17 -24.25 -121.80
CA PRO E 177 73.39 -24.28 -120.95
C PRO E 177 73.59 -25.63 -120.26
N ASN E 178 72.53 -26.19 -119.70
CA ASN E 178 72.63 -27.46 -118.98
C ASN E 178 72.57 -28.64 -119.95
N SER E 179 73.60 -28.76 -120.77
CA SER E 179 73.68 -29.84 -121.73
C SER E 179 75.11 -30.07 -122.17
N ILE E 180 75.35 -31.23 -122.77
CA ILE E 180 76.63 -31.52 -123.37
C ILE E 180 76.45 -31.70 -124.87
N ILE E 181 77.11 -30.85 -125.63
CA ILE E 181 76.97 -30.85 -127.07
C ILE E 181 78.09 -31.67 -127.70
N LEU E 182 77.72 -32.75 -128.36
CA LEU E 182 78.72 -33.60 -129.00
C LEU E 182 78.79 -33.32 -130.49
N ALA E 183 79.85 -32.61 -130.87
CA ALA E 183 80.00 -32.16 -132.24
C ALA E 183 80.59 -33.25 -133.13
N VAL E 184 79.72 -34.17 -133.57
CA VAL E 184 80.16 -35.33 -134.32
C VAL E 184 80.31 -35.07 -135.82
N THR E 185 81.56 -35.06 -136.28
CA THR E 185 81.88 -34.83 -137.69
C THR E 185 82.90 -35.88 -138.18
N ALA E 186 82.71 -36.33 -139.42
CA ALA E 186 83.55 -37.39 -139.99
C ALA E 186 84.97 -36.92 -140.27
N ALA E 187 85.93 -37.81 -140.04
CA ALA E 187 87.36 -37.55 -140.19
C ALA E 187 87.76 -37.26 -141.61
N ASN E 188 87.06 -37.85 -142.56
CA ASN E 188 87.39 -37.67 -143.97
C ASN E 188 86.73 -36.43 -144.56
N THR E 189 86.09 -35.63 -143.71
CA THR E 189 85.61 -34.32 -144.12
C THR E 189 86.44 -33.25 -143.45
N ASP E 190 86.25 -32.01 -143.87
CA ASP E 190 87.02 -30.91 -143.30
C ASP E 190 86.44 -30.47 -141.97
N MET E 191 87.15 -30.83 -140.90
CA MET E 191 86.73 -30.49 -139.55
C MET E 191 86.59 -28.99 -139.35
N ALA E 192 87.36 -28.20 -140.11
CA ALA E 192 87.32 -26.75 -139.98
C ALA E 192 85.97 -26.18 -140.42
N THR E 193 85.20 -26.97 -141.16
CA THR E 193 83.89 -26.55 -141.62
C THR E 193 82.78 -27.31 -140.90
N SER E 194 83.14 -28.00 -139.83
CA SER E 194 82.19 -28.81 -139.08
C SER E 194 80.92 -28.06 -138.75
N GLU E 195 79.82 -28.45 -139.38
CA GLU E 195 78.52 -27.85 -139.11
C GLU E 195 78.11 -28.10 -137.68
N ALA E 196 78.55 -29.24 -137.14
CA ALA E 196 78.33 -29.56 -135.75
C ALA E 196 78.82 -28.45 -134.85
N LEU E 197 80.08 -28.08 -135.03
CA LEU E 197 80.68 -26.99 -134.28
C LEU E 197 80.10 -25.63 -134.68
N LYS E 198 79.84 -25.46 -135.97
CA LYS E 198 79.31 -24.18 -136.47
C LYS E 198 78.00 -23.81 -135.79
N ILE E 199 77.09 -24.78 -135.67
CA ILE E 199 75.84 -24.53 -134.97
C ILE E 199 76.02 -24.51 -133.45
N SER E 200 76.99 -25.27 -132.95
CA SER E 200 77.29 -25.26 -131.52
C SER E 200 77.69 -23.87 -131.06
N ARG E 201 78.45 -23.17 -131.90
CA ARG E 201 78.92 -21.83 -131.58
C ARG E 201 77.79 -20.80 -131.49
N GLU E 202 76.62 -21.14 -132.04
CA GLU E 202 75.47 -20.25 -131.99
C GLU E 202 74.91 -20.16 -130.58
N VAL E 203 75.07 -21.23 -129.80
CA VAL E 203 74.55 -21.29 -128.45
C VAL E 203 75.67 -21.42 -127.44
N ASP E 204 76.86 -21.74 -127.94
CA ASP E 204 78.02 -21.95 -127.11
C ASP E 204 79.27 -21.55 -127.89
N PRO E 205 79.36 -20.27 -128.25
CA PRO E 205 80.42 -19.65 -129.05
C PRO E 205 81.81 -19.92 -128.49
N ASP E 206 81.90 -20.20 -127.19
CA ASP E 206 83.18 -20.42 -126.54
C ASP E 206 83.50 -21.91 -126.39
N GLY E 207 82.50 -22.76 -126.59
CA GLY E 207 82.70 -24.21 -126.56
C GLY E 207 82.73 -24.77 -125.15
N ARG E 208 82.16 -24.03 -124.19
CA ARG E 208 82.26 -24.39 -122.78
C ARG E 208 81.58 -25.70 -122.45
N ARG E 209 80.57 -26.07 -123.23
CA ARG E 209 79.85 -27.31 -123.03
C ARG E 209 79.76 -28.08 -124.32
N THR E 210 80.73 -27.85 -125.20
CA THR E 210 80.77 -28.52 -126.49
C THR E 210 82.05 -29.34 -126.63
N LEU E 211 81.89 -30.60 -126.96
CA LEU E 211 83.02 -31.50 -127.17
C LEU E 211 83.13 -31.86 -128.64
N ALA E 212 84.33 -31.70 -129.20
CA ALA E 212 84.53 -32.01 -130.61
C ALA E 212 84.80 -33.50 -130.79
N VAL E 213 84.05 -34.12 -131.69
CA VAL E 213 84.17 -35.55 -131.94
C VAL E 213 84.50 -35.84 -133.40
N ILE E 214 85.59 -36.57 -133.63
CA ILE E 214 86.01 -36.89 -134.98
C ILE E 214 85.86 -38.38 -135.25
N THR E 215 84.84 -38.75 -136.03
CA THR E 215 84.56 -40.17 -136.27
C THR E 215 85.13 -40.61 -137.59
N LYS E 216 85.07 -41.91 -137.85
CA LYS E 216 85.56 -42.45 -139.11
C LYS E 216 87.02 -42.10 -139.36
N LEU E 217 87.85 -42.13 -138.30
CA LEU E 217 89.28 -41.94 -138.46
C LEU E 217 89.86 -43.00 -139.37
N ASP E 218 89.28 -44.20 -139.32
CA ASP E 218 89.71 -45.30 -140.17
C ASP E 218 89.41 -45.04 -141.65
N LEU E 219 88.52 -44.08 -141.92
CA LEU E 219 88.20 -43.68 -143.28
C LEU E 219 88.85 -42.37 -143.66
N MET E 220 89.69 -41.82 -142.78
CA MET E 220 90.31 -40.53 -143.03
C MET E 220 91.13 -40.57 -144.30
N ASP E 221 91.10 -39.47 -145.05
CA ASP E 221 91.79 -39.41 -146.33
C ASP E 221 93.27 -39.71 -146.15
N ALA E 222 93.73 -40.76 -146.82
CA ALA E 222 95.10 -41.22 -146.66
C ALA E 222 96.09 -40.15 -147.07
N GLY E 223 97.10 -39.95 -146.23
CA GLY E 223 98.12 -38.93 -146.47
C GLY E 223 97.86 -37.67 -145.64
N THR E 224 96.63 -37.52 -145.14
CA THR E 224 96.28 -36.36 -144.33
C THR E 224 96.11 -36.77 -142.87
N ASP E 225 95.91 -35.78 -142.01
CA ASP E 225 95.69 -36.03 -140.59
C ASP E 225 94.83 -34.96 -139.96
N ALA E 226 94.44 -35.19 -138.71
CA ALA E 226 93.70 -34.19 -137.95
C ALA E 226 94.43 -33.84 -136.68
N MET E 227 95.76 -33.94 -136.70
CA MET E 227 96.56 -33.69 -135.51
C MET E 227 96.42 -32.25 -135.08
N ASP E 228 96.39 -31.35 -136.04
CA ASP E 228 96.25 -29.93 -135.76
C ASP E 228 94.88 -29.62 -135.18
N VAL E 229 93.87 -30.32 -135.66
CA VAL E 229 92.54 -30.20 -135.09
C VAL E 229 92.50 -30.78 -133.67
N LEU E 230 93.06 -31.97 -133.53
CA LEU E 230 93.10 -32.68 -132.26
C LEU E 230 93.88 -31.90 -131.21
N MET E 231 94.94 -31.22 -131.64
CA MET E 231 95.81 -30.47 -130.73
C MET E 231 95.34 -29.03 -130.53
N GLY E 232 94.22 -28.66 -131.14
CA GLY E 232 93.64 -27.34 -130.93
C GLY E 232 94.32 -26.26 -131.78
N ARG E 233 95.15 -26.68 -132.73
CA ARG E 233 95.85 -25.75 -133.59
C ARG E 233 94.90 -25.14 -134.61
N VAL E 234 93.93 -25.93 -135.05
CA VAL E 234 92.90 -25.45 -135.95
C VAL E 234 91.63 -25.08 -135.19
N ILE E 235 91.17 -26.00 -134.35
CA ILE E 235 89.94 -25.80 -133.61
C ILE E 235 90.17 -25.89 -132.10
N PRO E 236 90.07 -24.74 -131.41
CA PRO E 236 90.17 -24.69 -129.95
C PRO E 236 88.83 -25.06 -129.31
N VAL E 237 88.86 -26.06 -128.43
CA VAL E 237 87.65 -26.55 -127.77
C VAL E 237 87.88 -26.68 -126.26
N LYS E 238 86.97 -26.11 -125.47
CA LYS E 238 87.14 -26.10 -124.01
C LYS E 238 87.11 -27.51 -123.42
N LEU E 239 86.35 -28.41 -124.04
CA LEU E 239 86.28 -29.78 -123.56
C LEU E 239 87.26 -30.69 -124.31
N GLY E 240 88.06 -30.11 -125.20
CA GLY E 240 89.06 -30.89 -125.94
C GLY E 240 88.48 -31.49 -127.23
N ILE E 241 89.34 -32.19 -127.96
CA ILE E 241 88.93 -32.85 -129.20
C ILE E 241 89.31 -34.32 -129.16
N ILE E 242 88.32 -35.19 -129.35
CA ILE E 242 88.56 -36.63 -129.28
C ILE E 242 88.06 -37.35 -130.54
N GLY E 243 88.93 -38.16 -131.14
CA GLY E 243 88.58 -38.90 -132.35
C GLY E 243 87.91 -40.23 -132.03
N VAL E 244 87.29 -40.83 -133.05
CA VAL E 244 86.52 -42.07 -132.90
C VAL E 244 86.70 -43.03 -134.08
N VAL E 245 86.83 -44.31 -133.78
CA VAL E 245 86.77 -45.38 -134.78
C VAL E 245 85.59 -46.31 -134.49
N ASN E 246 84.83 -46.65 -135.52
CA ASN E 246 83.62 -47.44 -135.33
C ASN E 246 83.31 -48.30 -136.56
N ARG E 247 82.22 -49.06 -136.46
CA ARG E 247 81.84 -50.01 -137.50
C ARG E 247 81.29 -49.35 -138.75
N SER E 248 81.71 -49.84 -139.90
CA SER E 248 81.12 -49.46 -141.18
C SER E 248 79.84 -50.24 -141.41
N GLN E 249 79.22 -50.01 -142.57
CA GLN E 249 78.07 -50.79 -143.00
C GLN E 249 78.34 -52.27 -142.94
N LEU E 250 79.55 -52.64 -143.30
CA LEU E 250 79.89 -54.05 -143.39
C LEU E 250 80.18 -54.61 -142.04
N ASP E 251 80.78 -53.79 -141.17
CA ASP E 251 81.18 -54.26 -139.87
C ASP E 251 79.97 -54.37 -138.95
N ILE E 252 78.98 -53.51 -139.17
CA ILE E 252 77.71 -53.64 -138.48
C ILE E 252 76.99 -54.89 -138.94
N ASN E 253 76.93 -55.08 -140.26
CA ASN E 253 76.28 -56.24 -140.84
C ASN E 253 77.05 -57.53 -140.58
N ASN E 254 78.34 -57.43 -140.32
CA ASN E 254 79.16 -58.58 -139.97
C ASN E 254 79.24 -58.77 -138.46
N LYS E 255 78.48 -57.96 -137.71
CA LYS E 255 78.41 -58.08 -136.27
C LYS E 255 79.78 -58.04 -135.61
N LYS E 256 80.63 -57.12 -136.06
CA LYS E 256 81.91 -56.91 -135.41
C LYS E 256 81.70 -56.62 -133.94
N SER E 257 82.39 -57.36 -133.07
CA SER E 257 82.18 -57.18 -131.65
C SER E 257 82.88 -55.95 -131.16
N VAL E 258 82.57 -55.56 -129.93
CA VAL E 258 83.21 -54.41 -129.31
C VAL E 258 84.69 -54.63 -129.18
N THR E 259 85.08 -55.84 -128.78
CA THR E 259 86.49 -56.20 -128.68
C THR E 259 87.19 -56.07 -130.01
N ASP E 260 86.54 -56.54 -131.08
CA ASP E 260 87.08 -56.40 -132.42
C ASP E 260 87.23 -54.94 -132.80
N SER E 261 86.22 -54.14 -132.47
CA SER E 261 86.23 -52.71 -132.73
C SER E 261 87.36 -52.04 -131.98
N ILE E 262 87.56 -52.44 -130.73
CA ILE E 262 88.65 -51.94 -129.91
C ILE E 262 89.99 -52.28 -130.51
N ARG E 263 90.16 -53.52 -130.92
CA ARG E 263 91.41 -53.96 -131.52
C ARG E 263 91.74 -53.15 -132.76
N ASP E 264 90.75 -52.94 -133.61
CA ASP E 264 90.96 -52.18 -134.83
C ASP E 264 91.20 -50.72 -134.53
N GLU E 265 90.43 -50.18 -133.60
CA GLU E 265 90.59 -48.80 -133.16
C GLU E 265 91.97 -48.57 -132.58
N TYR E 266 92.32 -49.39 -131.62
CA TYR E 266 93.59 -49.28 -130.93
C TYR E 266 94.76 -49.41 -131.89
N ALA E 267 94.75 -50.47 -132.67
CA ALA E 267 95.84 -50.72 -133.61
C ALA E 267 95.94 -49.60 -134.62
N PHE E 268 94.80 -49.16 -135.13
CA PHE E 268 94.79 -48.05 -136.07
C PHE E 268 95.37 -46.80 -135.46
N LEU E 269 94.89 -46.45 -134.27
CA LEU E 269 95.29 -45.23 -133.62
C LEU E 269 96.75 -45.26 -133.23
N GLN E 270 97.23 -46.40 -132.77
CA GLN E 270 98.63 -46.55 -132.45
C GLN E 270 99.50 -46.38 -133.68
N LYS E 271 98.99 -46.83 -134.82
CA LYS E 271 99.67 -46.66 -136.10
C LYS E 271 99.46 -45.28 -136.68
N LYS E 272 98.34 -44.64 -136.32
CA LYS E 272 98.01 -43.34 -136.88
C LYS E 272 98.52 -42.19 -136.03
N TYR E 273 98.06 -42.13 -134.79
CA TYR E 273 98.53 -41.11 -133.86
C TYR E 273 98.99 -41.73 -132.55
N PRO E 274 100.01 -42.58 -132.59
CA PRO E 274 100.63 -43.18 -131.38
C PRO E 274 100.37 -42.37 -130.10
N SER E 275 100.71 -41.09 -130.12
CA SER E 275 100.67 -40.25 -128.93
C SER E 275 99.26 -39.76 -128.59
N LEU E 276 98.41 -39.61 -129.60
CA LEU E 276 97.04 -39.18 -129.38
C LEU E 276 96.11 -40.37 -129.28
N ALA E 277 96.64 -41.55 -129.58
CA ALA E 277 95.88 -42.79 -129.60
C ALA E 277 95.21 -43.07 -128.26
N ASN E 278 95.87 -42.70 -127.18
CA ASN E 278 95.37 -42.95 -125.85
C ASN E 278 94.43 -41.83 -125.38
N ARG E 279 94.19 -40.86 -126.25
CA ARG E 279 93.18 -39.84 -126.01
C ARG E 279 91.97 -40.09 -126.91
N ASN E 280 92.23 -40.63 -128.09
CA ASN E 280 91.17 -40.92 -129.04
C ASN E 280 90.40 -42.17 -128.63
N GLY E 281 91.13 -43.21 -128.23
CA GLY E 281 90.56 -44.40 -127.58
C GLY E 281 89.20 -44.14 -126.93
N THR E 282 88.14 -44.62 -127.57
CA THR E 282 86.77 -44.48 -127.05
C THR E 282 86.66 -44.65 -125.53
N LYS E 283 87.44 -45.57 -124.97
CA LYS E 283 87.46 -45.76 -123.53
C LYS E 283 87.88 -44.47 -122.81
N TYR E 284 88.89 -43.80 -123.34
CA TYR E 284 89.34 -42.51 -122.82
C TYR E 284 88.20 -41.52 -122.86
N LEU E 285 87.47 -41.49 -123.97
CA LEU E 285 86.32 -40.63 -124.12
C LEU E 285 85.28 -40.92 -123.07
N ALA E 286 84.95 -42.20 -122.88
CA ALA E 286 83.96 -42.59 -121.90
C ALA E 286 84.36 -42.17 -120.51
N ARG E 287 85.64 -42.33 -120.18
CA ARG E 287 86.16 -41.90 -118.90
C ARG E 287 86.12 -40.39 -118.79
N THR E 288 86.40 -39.70 -119.89
CA THR E 288 86.33 -38.26 -119.94
C THR E 288 84.93 -37.78 -119.66
N LEU E 289 83.96 -38.44 -120.30
CA LEU E 289 82.56 -38.12 -120.09
C LEU E 289 82.15 -38.34 -118.66
N ASN E 290 82.66 -39.42 -118.08
CA ASN E 290 82.44 -39.70 -116.67
C ASN E 290 82.98 -38.57 -115.82
N ARG E 291 84.18 -38.12 -116.15
CA ARG E 291 84.81 -37.02 -115.45
C ARG E 291 84.01 -35.75 -115.57
N LEU E 292 83.49 -35.50 -116.76
CA LEU E 292 82.68 -34.31 -117.00
C LEU E 292 81.44 -34.30 -116.12
N LEU E 293 80.84 -35.48 -115.96
CA LEU E 293 79.71 -35.63 -115.06
C LEU E 293 80.12 -35.45 -113.62
N MET E 294 81.31 -35.95 -113.28
CA MET E 294 81.84 -35.77 -111.94
C MET E 294 82.09 -34.31 -111.66
N HIS E 295 82.56 -33.59 -112.66
CA HIS E 295 82.77 -32.15 -112.53
C HIS E 295 81.45 -31.44 -112.36
N HIS E 296 80.47 -31.85 -113.16
CA HIS E 296 79.11 -31.35 -113.06
C HIS E 296 78.57 -31.52 -111.65
N ILE E 297 78.85 -32.69 -111.06
CA ILE E 297 78.49 -32.96 -109.67
C ILE E 297 79.23 -32.05 -108.73
N ARG E 298 80.56 -31.96 -108.90
CA ARG E 298 81.41 -31.19 -108.01
C ARG E 298 80.98 -29.76 -107.91
N ASP E 299 80.48 -29.21 -109.02
CA ASP E 299 80.05 -27.83 -109.09
C ASP E 299 79.05 -27.44 -107.99
N CYS E 300 78.22 -28.39 -107.56
CA CYS E 300 77.13 -28.06 -106.64
C CYS E 300 77.30 -28.69 -105.27
N LEU E 301 78.48 -29.21 -104.98
CA LEU E 301 78.71 -29.87 -103.69
C LEU E 301 78.80 -28.84 -102.56
N PRO E 302 79.28 -27.63 -102.85
CA PRO E 302 79.26 -26.54 -101.90
C PRO E 302 77.86 -26.04 -101.62
N GLU E 303 76.98 -26.13 -102.60
CA GLU E 303 75.58 -25.79 -102.41
C GLU E 303 74.92 -26.79 -101.50
N LEU E 304 75.26 -28.06 -101.70
CA LEU E 304 74.83 -29.14 -100.85
C LEU E 304 75.30 -28.91 -99.41
N LYS E 305 76.58 -28.61 -99.26
CA LYS E 305 77.17 -28.35 -97.95
C LYS E 305 76.55 -27.10 -97.31
N THR E 306 76.26 -26.10 -98.14
CA THR E 306 75.62 -24.88 -97.66
C THR E 306 74.28 -25.19 -97.01
N ARG E 307 73.47 -26.01 -97.67
CA ARG E 307 72.19 -26.42 -97.12
C ARG E 307 72.38 -27.14 -95.79
N ILE E 308 73.37 -28.02 -95.73
CA ILE E 308 73.69 -28.74 -94.49
C ILE E 308 73.93 -27.75 -93.35
N ASN E 309 74.69 -26.70 -93.65
CA ASN E 309 75.00 -25.66 -92.67
C ASN E 309 73.75 -24.88 -92.25
N VAL E 310 72.93 -24.52 -93.23
CA VAL E 310 71.70 -23.79 -92.97
C VAL E 310 70.76 -24.58 -92.08
N LEU E 311 70.60 -25.86 -92.41
CA LEU E 311 69.72 -26.72 -91.66
C LEU E 311 70.19 -26.86 -90.22
N ALA E 312 71.51 -26.95 -90.03
CA ALA E 312 72.09 -27.10 -88.70
C ALA E 312 71.73 -25.91 -87.84
N ALA E 313 71.81 -24.72 -88.41
CA ALA E 313 71.42 -23.51 -87.70
C ALA E 313 69.94 -23.56 -87.32
N GLN E 314 69.12 -24.05 -88.23
CA GLN E 314 67.68 -24.16 -87.99
C GLN E 314 67.38 -25.16 -86.89
N TYR E 315 68.09 -26.29 -86.89
CA TYR E 315 67.84 -27.33 -85.92
C TYR E 315 68.33 -26.92 -84.56
N GLN E 316 69.45 -26.21 -84.52
CA GLN E 316 69.95 -25.67 -83.26
C GLN E 316 69.02 -24.60 -82.74
N SER E 317 68.46 -23.80 -83.63
CA SER E 317 67.47 -22.80 -83.24
C SER E 317 66.26 -23.46 -82.61
N LEU E 318 65.87 -24.62 -83.14
CA LEU E 318 64.81 -25.41 -82.55
C LEU E 318 65.23 -25.97 -81.18
N LEU E 319 66.50 -26.37 -81.08
CA LEU E 319 67.02 -26.84 -79.80
C LEU E 319 67.08 -25.71 -78.79
N ASN E 320 67.28 -24.50 -79.27
CA ASN E 320 67.30 -23.32 -78.40
C ASN E 320 65.91 -22.97 -77.86
N SER E 321 64.88 -23.64 -78.38
CA SER E 321 63.51 -23.42 -77.93
C SER E 321 63.28 -23.97 -76.52
N TYR E 322 64.12 -24.90 -76.10
CA TYR E 322 64.00 -25.45 -74.76
C TYR E 322 65.28 -25.18 -73.96
N GLY E 323 66.39 -25.02 -74.67
CA GLY E 323 67.65 -24.60 -74.05
C GLY E 323 68.40 -25.78 -73.43
N GLU E 324 67.84 -26.36 -72.39
CA GLU E 324 68.48 -27.46 -71.68
C GLU E 324 67.46 -28.37 -71.01
N PRO E 325 67.88 -29.56 -70.61
CA PRO E 325 67.05 -30.57 -69.98
C PRO E 325 67.13 -30.50 -68.46
N VAL E 326 68.01 -29.62 -67.97
CA VAL E 326 68.15 -29.35 -66.55
C VAL E 326 68.66 -30.55 -65.75
N ASP E 327 69.95 -30.56 -65.46
CA ASP E 327 70.53 -31.59 -64.62
C ASP E 327 70.83 -31.08 -63.21
N ASP E 328 70.43 -29.85 -62.92
CA ASP E 328 70.71 -29.24 -61.63
C ASP E 328 69.55 -29.44 -60.65
N LYS E 329 68.33 -29.39 -61.18
CA LYS E 329 67.11 -29.64 -60.42
C LYS E 329 66.86 -28.61 -59.34
N SER E 330 67.64 -28.67 -58.28
CA SER E 330 67.44 -27.84 -57.09
C SER E 330 67.49 -26.37 -57.40
N ALA E 331 68.64 -25.93 -57.88
CA ALA E 331 68.83 -24.52 -58.21
C ALA E 331 67.83 -24.08 -59.26
N THR E 332 67.58 -24.94 -60.23
CA THR E 332 66.62 -24.65 -61.29
C THR E 332 65.25 -24.38 -60.72
N LEU E 333 64.80 -25.28 -59.85
CA LEU E 333 63.50 -25.13 -59.21
C LEU E 333 63.41 -23.84 -58.45
N LEU E 334 64.43 -23.56 -57.65
CA LEU E 334 64.44 -22.36 -56.85
C LEU E 334 64.40 -21.10 -57.72
N GLN E 335 65.10 -21.14 -58.83
CA GLN E 335 65.09 -20.03 -59.78
C GLN E 335 63.72 -19.84 -60.39
N LEU E 336 63.10 -20.93 -60.79
CA LEU E 336 61.77 -20.89 -61.36
C LEU E 336 60.78 -20.33 -60.38
N ILE E 337 60.87 -20.77 -59.13
CA ILE E 337 60.04 -20.26 -58.06
C ILE E 337 60.29 -18.79 -57.83
N THR E 338 61.56 -18.42 -57.74
CA THR E 338 61.96 -17.06 -57.46
C THR E 338 61.44 -16.12 -58.52
N LYS E 339 61.63 -16.49 -59.78
CA LYS E 339 61.24 -15.65 -60.89
C LYS E 339 59.74 -15.45 -60.91
N PHE E 340 59.00 -16.53 -60.67
CA PHE E 340 57.55 -16.44 -60.61
C PHE E 340 57.09 -15.51 -59.52
N ALA E 341 57.57 -15.75 -58.30
CA ALA E 341 57.15 -14.97 -57.16
C ALA E 341 57.53 -13.52 -57.33
N THR E 342 58.70 -13.29 -57.91
CA THR E 342 59.18 -11.95 -58.17
C THR E 342 58.23 -11.20 -59.07
N GLU E 343 57.93 -11.79 -60.23
CA GLU E 343 57.06 -11.15 -61.19
C GLU E 343 55.62 -11.10 -60.72
N TYR E 344 55.23 -12.09 -59.92
CA TYR E 344 53.92 -12.10 -59.29
C TYR E 344 53.75 -10.88 -58.42
N CYS E 345 54.73 -10.64 -57.55
CA CYS E 345 54.70 -9.49 -56.67
C CYS E 345 54.85 -8.20 -57.45
N ASN E 346 55.65 -8.25 -58.51
CA ASN E 346 55.80 -7.10 -59.36
C ASN E 346 54.50 -6.76 -60.07
N THR E 347 53.75 -7.79 -60.43
CA THR E 347 52.44 -7.60 -61.04
C THR E 347 51.51 -6.89 -60.08
N ILE E 348 51.58 -7.26 -58.80
CA ILE E 348 50.83 -6.57 -57.77
C ILE E 348 51.21 -5.09 -57.73
N GLU E 349 52.51 -4.82 -57.79
CA GLU E 349 53.02 -3.46 -57.78
C GLU E 349 52.69 -2.71 -59.07
N GLY E 350 52.62 -3.44 -60.18
CA GLY E 350 52.51 -2.82 -61.49
C GLY E 350 53.90 -2.55 -62.06
N THR E 351 54.89 -3.26 -61.52
CA THR E 351 56.29 -3.07 -61.89
C THR E 351 56.83 -4.29 -62.60
N ALA E 352 55.93 -5.13 -63.11
CA ALA E 352 56.30 -6.37 -63.80
C ALA E 352 57.00 -6.07 -65.12
N LYS E 353 57.85 -6.99 -65.55
CA LYS E 353 58.50 -6.86 -66.85
C LYS E 353 57.47 -6.98 -67.98
N TYR E 354 56.44 -7.77 -67.72
CA TYR E 354 55.42 -8.04 -68.71
C TYR E 354 54.29 -7.03 -68.63
N ILE E 355 54.55 -5.82 -69.12
CA ILE E 355 53.55 -4.76 -69.13
C ILE E 355 52.71 -4.74 -70.39
N GLU E 356 52.23 -5.90 -70.82
CA GLU E 356 51.38 -5.97 -71.99
C GLU E 356 50.16 -5.11 -71.81
N THR E 357 49.93 -4.19 -72.76
CA THR E 357 48.78 -3.32 -72.70
C THR E 357 47.51 -4.10 -72.94
N SER E 358 46.62 -4.09 -71.96
CA SER E 358 45.41 -4.89 -72.02
C SER E 358 44.38 -4.40 -71.00
N GLU E 359 43.46 -5.30 -70.64
CA GLU E 359 42.50 -5.03 -69.58
C GLU E 359 43.21 -4.70 -68.28
N LEU E 360 42.67 -3.74 -67.55
CA LEU E 360 43.23 -3.33 -66.27
C LEU E 360 43.27 -4.53 -65.32
N CYS E 361 44.46 -4.82 -64.81
CA CYS E 361 44.61 -5.97 -63.92
C CYS E 361 45.84 -5.85 -63.03
N GLY E 362 45.93 -6.75 -62.04
CA GLY E 362 47.14 -6.90 -61.24
C GLY E 362 47.25 -5.86 -60.14
N GLY E 363 47.51 -4.62 -60.51
CA GLY E 363 47.77 -3.56 -59.56
C GLY E 363 46.62 -2.58 -59.47
N ALA E 364 46.59 -1.63 -60.40
CA ALA E 364 45.63 -0.53 -60.38
C ALA E 364 44.18 -1.01 -60.53
N ARG E 365 43.99 -2.25 -60.94
CA ARG E 365 42.67 -2.86 -60.93
C ARG E 365 42.14 -2.99 -59.53
N ILE E 366 43.03 -3.22 -58.57
CA ILE E 366 42.62 -3.26 -57.18
C ILE E 366 42.36 -1.85 -56.68
N CYS E 367 43.16 -0.89 -57.15
CA CYS E 367 42.87 0.52 -56.90
C CYS E 367 41.47 0.88 -57.39
N TYR E 368 41.14 0.39 -58.58
CA TYR E 368 39.80 0.53 -59.14
C TYR E 368 38.77 -0.08 -58.20
N ILE E 369 39.03 -1.30 -57.74
CA ILE E 369 38.15 -1.98 -56.80
C ILE E 369 37.92 -1.14 -55.55
N PHE E 370 38.96 -0.48 -55.07
CA PHE E 370 38.87 0.27 -53.83
C PHE E 370 38.35 1.69 -53.99
N HIS E 371 37.91 2.03 -55.19
CA HIS E 371 37.43 3.38 -55.46
C HIS E 371 36.22 3.35 -56.35
N GLU E 372 36.43 2.94 -57.59
CA GLU E 372 35.38 2.95 -58.57
C GLU E 372 34.31 1.91 -58.25
N THR E 373 34.74 0.80 -57.67
CA THR E 373 33.77 -0.19 -57.21
C THR E 373 33.34 0.08 -55.78
N PHE E 374 34.25 -0.12 -54.85
CA PHE E 374 33.95 -0.08 -53.42
C PHE E 374 33.49 1.29 -52.95
N GLY E 375 34.25 2.32 -53.27
CA GLY E 375 33.92 3.67 -52.82
C GLY E 375 32.55 4.09 -53.32
N ARG E 376 32.30 3.85 -54.61
CA ARG E 376 31.00 4.17 -55.19
C ARG E 376 29.90 3.34 -54.57
N THR E 377 30.16 2.05 -54.38
CA THR E 377 29.18 1.16 -53.77
C THR E 377 28.70 1.73 -52.45
N LEU E 378 29.63 2.16 -51.61
CA LEU E 378 29.26 2.73 -50.34
C LEU E 378 28.52 4.03 -50.51
N GLU E 379 28.89 4.83 -51.49
CA GLU E 379 28.20 6.09 -51.74
C GLU E 379 26.72 5.88 -52.06
N SER E 380 26.39 4.73 -52.63
CA SER E 380 24.99 4.42 -52.94
C SER E 380 24.17 3.98 -51.72
N VAL E 381 24.85 3.69 -50.60
CA VAL E 381 24.16 3.13 -49.45
C VAL E 381 23.49 4.21 -48.60
N ASP E 382 22.19 4.00 -48.34
CA ASP E 382 21.39 4.90 -47.52
C ASP E 382 21.57 6.39 -48.01
N PRO E 383 22.06 7.36 -47.20
CA PRO E 383 22.17 7.53 -45.74
C PRO E 383 20.82 7.73 -45.04
N LEU E 384 19.76 7.89 -45.83
CA LEU E 384 18.43 8.03 -45.26
C LEU E 384 17.60 6.76 -45.47
N GLY E 385 18.25 5.70 -45.93
CA GLY E 385 17.55 4.46 -46.20
C GLY E 385 16.97 3.85 -44.93
N GLY E 386 15.71 3.42 -45.00
CA GLY E 386 15.05 2.76 -43.89
C GLY E 386 14.38 3.75 -42.93
N LEU E 387 14.64 5.05 -43.10
CA LEU E 387 14.16 6.03 -42.15
C LEU E 387 12.73 6.46 -42.44
N ASN E 388 11.78 5.61 -42.11
CA ASN E 388 10.37 5.97 -42.13
C ASN E 388 10.02 6.74 -40.88
N THR E 389 9.69 8.01 -41.04
CA THR E 389 9.41 8.90 -39.92
C THR E 389 8.47 8.27 -38.90
N ILE E 390 7.43 7.60 -39.38
CA ILE E 390 6.40 7.07 -38.51
C ILE E 390 6.91 5.86 -37.74
N ASP E 391 7.69 5.04 -38.43
CA ASP E 391 8.29 3.87 -37.80
C ASP E 391 9.30 4.30 -36.76
N ILE E 392 9.99 5.40 -37.01
CA ILE E 392 10.92 5.97 -36.06
C ILE E 392 10.20 6.49 -34.83
N LEU E 393 9.08 7.14 -35.04
CA LEU E 393 8.26 7.60 -33.92
C LEU E 393 7.84 6.43 -33.04
N THR E 394 7.50 5.30 -33.68
CA THR E 394 7.22 4.08 -32.94
C THR E 394 8.46 3.60 -32.20
N ALA E 395 9.59 3.64 -32.88
CA ALA E 395 10.85 3.17 -32.31
C ALA E 395 11.24 3.96 -31.06
N ILE E 396 11.05 5.27 -31.11
CA ILE E 396 11.42 6.10 -29.96
C ILE E 396 10.41 5.98 -28.82
N ARG E 397 9.17 5.62 -29.15
CA ARG E 397 8.21 5.25 -28.14
C ARG E 397 8.63 3.95 -27.47
N ASN E 398 9.13 3.02 -28.27
CA ASN E 398 9.67 1.78 -27.73
C ASN E 398 10.92 2.04 -26.89
N ALA E 399 11.74 2.98 -27.36
CA ALA E 399 12.97 3.36 -26.65
C ALA E 399 12.66 3.89 -25.27
N THR E 400 11.57 4.65 -25.16
CA THR E 400 11.10 5.10 -23.86
C THR E 400 10.72 3.93 -22.99
N GLY E 401 9.92 3.01 -23.54
CA GLY E 401 9.52 1.83 -22.82
C GLY E 401 8.41 2.15 -21.83
N PRO E 402 8.24 1.29 -20.83
CA PRO E 402 7.15 1.29 -19.85
C PRO E 402 7.00 2.60 -19.07
N ARG E 403 8.08 3.37 -18.97
CA ARG E 403 8.06 4.64 -18.25
C ARG E 403 7.42 5.74 -19.07
N PRO E 404 7.17 6.88 -18.43
CA PRO E 404 6.87 8.17 -19.02
C PRO E 404 8.16 8.91 -19.33
N ALA E 405 8.09 9.91 -20.20
CA ALA E 405 9.28 10.63 -20.63
C ALA E 405 9.05 12.12 -20.68
N LEU E 406 10.12 12.87 -20.43
CA LEU E 406 10.10 14.32 -20.54
C LEU E 406 10.61 14.75 -21.90
N PHE E 407 11.35 13.86 -22.53
CA PHE E 407 11.94 14.10 -23.84
C PHE E 407 12.37 12.78 -24.47
N VAL E 408 12.60 12.81 -25.77
CA VAL E 408 12.97 11.62 -26.51
C VAL E 408 14.37 11.14 -26.12
N PRO E 409 14.55 9.82 -25.99
CA PRO E 409 15.81 9.18 -25.66
C PRO E 409 16.80 9.29 -26.81
N GLU E 410 18.09 9.31 -26.47
CA GLU E 410 19.14 9.30 -27.49
C GLU E 410 19.19 7.95 -28.19
N VAL E 411 18.62 6.92 -27.54
CA VAL E 411 18.56 5.57 -28.08
C VAL E 411 18.11 5.57 -29.53
N SER E 412 16.98 6.23 -29.79
CA SER E 412 16.60 6.72 -31.12
C SER E 412 17.64 6.40 -32.20
N PHE E 413 18.38 7.43 -32.60
CA PHE E 413 19.40 7.31 -33.62
C PHE E 413 20.48 6.33 -33.23
N GLU E 414 20.71 6.13 -31.93
CA GLU E 414 21.76 5.22 -31.52
C GLU E 414 21.52 3.80 -32.03
N LEU E 415 20.26 3.45 -32.26
CA LEU E 415 19.96 2.14 -32.84
C LEU E 415 19.72 2.23 -34.33
N LEU E 416 19.09 3.30 -34.76
CA LEU E 416 18.73 3.47 -36.16
C LEU E 416 19.97 3.65 -37.02
N VAL E 417 20.95 4.39 -36.51
CA VAL E 417 22.25 4.49 -37.16
C VAL E 417 22.88 3.13 -37.30
N LYS E 418 22.83 2.33 -36.25
CA LYS E 418 23.45 1.02 -36.25
C LYS E 418 22.85 0.13 -37.32
N ARG E 419 21.54 0.22 -37.52
CA ARG E 419 20.89 -0.54 -38.58
C ARG E 419 21.51 -0.20 -39.94
N GLN E 420 21.73 1.08 -40.17
CA GLN E 420 22.34 1.51 -41.41
C GLN E 420 23.81 1.09 -41.48
N ILE E 421 24.50 1.14 -40.36
CA ILE E 421 25.88 0.68 -40.31
C ILE E 421 26.00 -0.79 -40.66
N LYS E 422 25.07 -1.59 -40.16
CA LYS E 422 25.06 -3.02 -40.45
C LYS E 422 24.96 -3.28 -41.95
N ARG E 423 24.26 -2.40 -42.66
CA ARG E 423 24.14 -2.50 -44.12
C ARG E 423 25.47 -2.29 -44.84
N LEU E 424 26.45 -1.71 -44.14
CA LEU E 424 27.74 -1.41 -44.73
C LEU E 424 28.68 -2.61 -44.66
N GLU E 425 28.27 -3.67 -43.97
CA GLU E 425 29.11 -4.85 -43.83
C GLU E 425 29.13 -5.66 -45.11
N GLU E 426 27.96 -5.88 -45.68
CA GLU E 426 27.82 -6.66 -46.91
C GLU E 426 28.79 -6.23 -48.02
N PRO E 427 28.56 -5.06 -48.65
CA PRO E 427 29.39 -4.56 -49.75
C PRO E 427 30.88 -4.52 -49.40
N SER E 428 31.21 -4.36 -48.11
CA SER E 428 32.60 -4.37 -47.68
C SER E 428 33.19 -5.76 -47.86
N LEU E 429 32.43 -6.77 -47.48
CA LEU E 429 32.86 -8.14 -47.64
C LEU E 429 32.91 -8.52 -49.11
N ARG E 430 31.97 -7.98 -49.89
CA ARG E 430 31.97 -8.19 -51.32
C ARG E 430 33.24 -7.65 -51.94
N CYS E 431 33.67 -6.47 -51.49
CA CYS E 431 34.91 -5.88 -51.94
C CYS E 431 36.09 -6.80 -51.70
N VAL E 432 36.14 -7.39 -50.51
CA VAL E 432 37.19 -8.33 -50.17
C VAL E 432 37.23 -9.49 -51.14
N GLU E 433 36.05 -10.04 -51.42
CA GLU E 433 35.92 -11.15 -52.35
C GLU E 433 36.40 -10.77 -53.74
N LEU E 434 36.09 -9.55 -54.16
CA LEU E 434 36.50 -9.06 -55.46
C LEU E 434 38.00 -8.97 -55.57
N VAL E 435 38.66 -8.55 -54.50
CA VAL E 435 40.11 -8.51 -54.48
C VAL E 435 40.68 -9.91 -54.54
N HIS E 436 40.10 -10.82 -53.75
CA HIS E 436 40.52 -12.22 -53.75
C HIS E 436 40.49 -12.78 -55.17
N GLU E 437 39.42 -12.50 -55.89
CA GLU E 437 39.32 -12.87 -57.29
C GLU E 437 40.48 -12.28 -58.11
N GLU E 438 40.74 -10.99 -57.93
CA GLU E 438 41.79 -10.32 -58.69
C GLU E 438 43.16 -10.90 -58.36
N MET E 439 43.36 -11.28 -57.10
CA MET E 439 44.61 -11.88 -56.68
C MET E 439 44.84 -13.20 -57.42
N GLN E 440 43.76 -13.90 -57.70
CA GLN E 440 43.83 -15.11 -58.49
C GLN E 440 44.08 -14.78 -59.97
N ARG E 441 43.48 -13.67 -60.43
CA ARG E 441 43.68 -13.22 -61.81
C ARG E 441 45.13 -12.85 -62.10
N ILE E 442 45.87 -12.45 -61.06
CA ILE E 442 47.29 -12.21 -61.20
C ILE E 442 48.02 -13.44 -61.71
N ILE E 443 47.57 -14.62 -61.28
CA ILE E 443 48.17 -15.87 -61.74
C ILE E 443 47.93 -16.04 -63.23
N GLN E 444 46.71 -15.75 -63.66
CA GLN E 444 46.36 -15.82 -65.06
C GLN E 444 47.22 -14.88 -65.88
N HIS E 445 47.44 -13.69 -65.35
CA HIS E 445 48.36 -12.74 -65.96
C HIS E 445 49.76 -13.31 -66.00
N CYS E 446 50.21 -13.87 -64.88
CA CYS E 446 51.53 -14.45 -64.78
C CYS E 446 51.72 -15.60 -65.75
N SER E 447 50.65 -16.29 -66.11
CA SER E 447 50.73 -17.42 -67.01
C SER E 447 51.00 -17.01 -68.46
N ASN E 448 50.97 -15.71 -68.74
CA ASN E 448 51.22 -15.20 -70.08
C ASN E 448 52.72 -15.16 -70.41
N TYR E 449 53.55 -15.36 -69.40
CA TYR E 449 55.00 -15.30 -69.56
C TYR E 449 55.66 -16.15 -68.50
N SER E 450 56.96 -16.42 -68.64
CA SER E 450 57.71 -17.28 -67.70
C SER E 450 57.32 -18.77 -67.82
N THR E 451 56.01 -19.04 -67.80
CA THR E 451 55.44 -20.36 -68.03
C THR E 451 56.14 -21.16 -69.11
N GLN E 452 56.60 -20.50 -70.18
CA GLN E 452 57.25 -21.21 -71.28
C GLN E 452 58.48 -21.99 -70.81
N GLU E 453 59.10 -21.54 -69.72
CA GLU E 453 60.18 -22.27 -69.09
C GLU E 453 59.61 -23.35 -68.21
N LEU E 454 58.49 -23.02 -67.56
CA LEU E 454 57.77 -23.96 -66.72
C LEU E 454 57.00 -25.01 -67.52
N LEU E 455 56.92 -24.81 -68.84
CA LEU E 455 56.40 -25.84 -69.72
C LEU E 455 57.34 -27.03 -69.79
N ARG E 456 58.60 -26.80 -69.40
CA ARG E 456 59.54 -27.89 -69.26
C ARG E 456 59.30 -28.67 -67.98
N PHE E 457 58.45 -28.14 -67.09
CA PHE E 457 58.07 -28.87 -65.89
C PHE E 457 56.60 -28.65 -65.55
N PRO E 458 55.71 -28.77 -66.55
CA PRO E 458 54.24 -28.55 -66.42
C PRO E 458 53.68 -28.92 -65.04
N LYS E 459 54.08 -30.07 -64.52
CA LYS E 459 53.61 -30.53 -63.23
C LYS E 459 53.95 -29.53 -62.14
N LEU E 460 55.21 -29.12 -62.09
CA LEU E 460 55.63 -28.04 -61.22
C LEU E 460 54.80 -26.80 -61.42
N HIS E 461 54.61 -26.41 -62.68
CA HIS E 461 53.89 -25.19 -63.00
C HIS E 461 52.56 -25.13 -62.30
N ASP E 462 51.79 -26.19 -62.42
CA ASP E 462 50.47 -26.24 -61.85
C ASP E 462 50.50 -26.33 -60.34
N ALA E 463 51.50 -27.03 -59.82
CA ALA E 463 51.69 -27.14 -58.38
C ALA E 463 51.93 -25.77 -57.76
N ILE E 464 52.70 -24.94 -58.46
CA ILE E 464 52.95 -23.58 -58.01
C ILE E 464 51.65 -22.83 -57.87
N VAL E 465 50.84 -22.90 -58.91
CA VAL E 465 49.55 -22.22 -58.92
C VAL E 465 48.69 -22.64 -57.76
N GLU E 466 48.62 -23.94 -57.52
CA GLU E 466 47.82 -24.47 -56.43
C GLU E 466 48.25 -23.88 -55.10
N VAL E 467 49.55 -23.88 -54.85
CA VAL E 467 50.10 -23.36 -53.62
C VAL E 467 49.76 -21.90 -53.43
N VAL E 468 49.85 -21.12 -54.50
CA VAL E 468 49.53 -19.70 -54.41
C VAL E 468 48.11 -19.48 -53.95
N THR E 469 47.17 -20.20 -54.55
CA THR E 469 45.76 -20.00 -54.21
C THR E 469 45.44 -20.54 -52.84
N CYS E 470 46.20 -21.54 -52.40
CA CYS E 470 46.07 -22.02 -51.02
C CYS E 470 46.39 -20.90 -50.07
N LEU E 471 47.51 -20.23 -50.30
CA LEU E 471 47.92 -19.11 -49.47
C LEU E 471 46.87 -18.01 -49.48
N LEU E 472 46.32 -17.72 -50.65
CA LEU E 472 45.29 -16.70 -50.75
C LEU E 472 44.07 -17.07 -49.90
N ARG E 473 43.67 -18.33 -49.96
CA ARG E 473 42.55 -18.80 -49.19
C ARG E 473 42.84 -18.81 -47.70
N LYS E 474 44.10 -19.04 -47.34
CA LYS E 474 44.50 -18.99 -45.94
C LYS E 474 44.33 -17.59 -45.36
N ARG E 475 44.62 -16.58 -46.16
CA ARG E 475 44.57 -15.20 -45.70
C ARG E 475 43.21 -14.56 -45.93
N LEU E 476 42.37 -15.20 -46.74
CA LEU E 476 41.04 -14.69 -47.00
C LEU E 476 40.20 -14.46 -45.73
N PRO E 477 39.78 -15.52 -45.02
CA PRO E 477 38.96 -15.44 -43.83
C PRO E 477 39.54 -14.50 -42.78
N VAL E 478 40.87 -14.37 -42.76
CA VAL E 478 41.52 -13.49 -41.81
C VAL E 478 41.11 -12.06 -42.04
N THR E 479 41.16 -11.64 -43.30
CA THR E 479 40.71 -10.32 -43.68
C THR E 479 39.23 -10.18 -43.43
N ASN E 480 38.47 -11.22 -43.73
CA ASN E 480 37.03 -11.21 -43.50
C ASN E 480 36.71 -10.93 -42.04
N GLU E 481 37.45 -11.57 -41.15
CA GLU E 481 37.26 -11.37 -39.73
C GLU E 481 37.55 -9.94 -39.36
N MET E 482 38.62 -9.39 -39.92
CA MET E 482 38.98 -8.01 -39.66
C MET E 482 37.89 -7.06 -40.09
N VAL E 483 37.41 -7.22 -41.32
CA VAL E 483 36.39 -6.34 -41.85
C VAL E 483 35.11 -6.44 -41.06
N HIS E 484 34.72 -7.66 -40.70
CA HIS E 484 33.60 -7.86 -39.81
C HIS E 484 33.79 -7.09 -38.53
N ASN E 485 34.98 -7.21 -37.95
CA ASN E 485 35.30 -6.51 -36.73
C ASN E 485 35.23 -5.03 -36.91
N LEU E 486 35.72 -4.53 -38.04
CA LEU E 486 35.73 -3.10 -38.30
C LEU E 486 34.33 -2.52 -38.27
N VAL E 487 33.39 -3.24 -38.85
CA VAL E 487 31.99 -2.83 -38.79
C VAL E 487 31.48 -2.88 -37.37
N ALA E 488 31.81 -3.95 -36.66
CA ALA E 488 31.40 -4.12 -35.28
C ALA E 488 31.91 -2.98 -34.42
N ILE E 489 33.11 -2.52 -34.71
CA ILE E 489 33.70 -1.38 -34.02
C ILE E 489 32.88 -0.12 -34.20
N GLU E 490 32.38 0.09 -35.41
CA GLU E 490 31.51 1.22 -35.67
C GLU E 490 30.19 1.07 -34.94
N LEU E 491 29.72 -0.17 -34.81
CA LEU E 491 28.51 -0.47 -34.07
C LEU E 491 28.74 -0.39 -32.56
N ALA E 492 29.97 -0.61 -32.13
CA ALA E 492 30.31 -0.69 -30.72
C ALA E 492 30.02 0.61 -29.97
N TYR E 493 30.23 1.74 -30.62
CA TYR E 493 30.13 3.02 -29.93
C TYR E 493 29.89 4.19 -30.87
N ILE E 494 28.99 5.07 -30.48
CA ILE E 494 28.72 6.29 -31.21
C ILE E 494 29.29 7.50 -30.50
N ASN E 495 30.16 8.23 -31.19
CA ASN E 495 30.78 9.41 -30.62
C ASN E 495 30.05 10.66 -31.05
N THR E 496 29.14 11.13 -30.20
CA THR E 496 28.41 12.36 -30.49
C THR E 496 29.28 13.60 -30.29
N LYS E 497 30.47 13.40 -29.75
CA LYS E 497 31.43 14.49 -29.61
C LYS E 497 32.38 14.53 -30.80
N HIS E 498 32.12 13.70 -31.81
CA HIS E 498 32.92 13.67 -33.01
C HIS E 498 33.07 15.08 -33.60
N PRO E 499 34.26 15.42 -34.09
CA PRO E 499 34.61 16.77 -34.51
C PRO E 499 33.79 17.25 -35.68
N ASP E 500 33.29 16.31 -36.49
CA ASP E 500 32.50 16.65 -37.65
C ASP E 500 31.02 16.52 -37.39
N PHE E 501 30.66 16.24 -36.13
CA PHE E 501 29.28 15.99 -35.78
C PHE E 501 28.77 17.03 -34.80
N ALA E 502 27.88 17.89 -35.29
CA ALA E 502 27.33 18.95 -34.47
C ALA E 502 25.96 19.35 -34.99
N ASP E 503 25.11 19.87 -34.10
CA ASP E 503 23.76 20.23 -34.48
C ASP E 503 23.16 21.21 -33.48
N SER E 611 0.93 13.25 -34.11
CA SER E 611 1.75 14.30 -33.54
C SER E 611 2.58 15.01 -34.61
N ALA E 612 2.86 16.28 -34.39
CA ALA E 612 3.60 17.09 -35.36
C ALA E 612 4.93 17.51 -34.78
N ARG E 613 4.91 18.01 -33.55
CA ARG E 613 6.13 18.37 -32.84
C ARG E 613 7.08 17.19 -32.76
N GLU E 614 6.54 16.03 -32.46
CA GLU E 614 7.32 14.81 -32.38
C GLU E 614 7.86 14.42 -33.75
N GLN E 615 7.08 14.66 -34.80
CA GLN E 615 7.58 14.44 -36.16
C GLN E 615 8.76 15.34 -36.46
N ARG E 616 8.68 16.59 -36.00
CA ARG E 616 9.80 17.49 -36.16
C ARG E 616 11.01 17.02 -35.38
N ASP E 617 10.78 16.50 -34.17
CA ASP E 617 11.84 15.90 -33.38
C ASP E 617 12.41 14.67 -34.09
N CYS E 618 11.55 13.90 -34.74
CA CYS E 618 11.98 12.76 -35.53
C CYS E 618 12.85 13.19 -36.69
N GLU E 619 12.47 14.30 -37.34
CA GLU E 619 13.26 14.85 -38.43
C GLU E 619 14.64 15.27 -37.96
N VAL E 620 14.72 15.80 -36.74
CA VAL E 620 16.00 16.11 -36.12
C VAL E 620 16.83 14.86 -35.98
N ILE E 621 16.20 13.81 -35.48
CA ILE E 621 16.83 12.51 -35.32
C ILE E 621 17.32 11.97 -36.65
N GLU E 622 16.49 12.09 -37.68
CA GLU E 622 16.85 11.63 -39.02
C GLU E 622 18.08 12.37 -39.53
N ARG E 623 18.15 13.67 -39.26
CA ARG E 623 19.30 14.47 -39.63
C ARG E 623 20.55 14.00 -38.90
N LEU E 624 20.42 13.71 -37.61
CA LEU E 624 21.52 13.21 -36.81
C LEU E 624 21.98 11.86 -37.30
N ILE E 625 21.02 11.02 -37.70
CA ILE E 625 21.34 9.71 -38.25
C ILE E 625 22.13 9.84 -39.53
N LYS E 626 21.63 10.66 -40.44
CA LYS E 626 22.29 10.87 -41.72
C LYS E 626 23.70 11.38 -41.53
N SER E 627 23.84 12.43 -40.73
CA SER E 627 25.12 13.08 -40.56
C SER E 627 26.15 12.14 -39.96
N TYR E 628 25.80 11.46 -38.87
CA TYR E 628 26.74 10.56 -38.23
C TYR E 628 27.05 9.37 -39.11
N PHE E 629 26.02 8.82 -39.75
CA PHE E 629 26.19 7.71 -40.65
C PHE E 629 27.21 8.02 -41.72
N LEU E 630 27.07 9.19 -42.34
CA LEU E 630 27.98 9.59 -43.39
C LEU E 630 29.40 9.74 -42.89
N ILE E 631 29.56 10.21 -41.66
CA ILE E 631 30.87 10.24 -41.03
C ILE E 631 31.46 8.84 -40.92
N VAL E 632 30.65 7.91 -40.43
CA VAL E 632 31.07 6.53 -40.28
C VAL E 632 31.43 5.91 -41.62
N ARG E 633 30.53 6.06 -42.60
CA ARG E 633 30.73 5.49 -43.90
C ARG E 633 31.99 6.01 -44.55
N LYS E 634 32.20 7.32 -44.43
CA LYS E 634 33.39 7.97 -44.95
C LYS E 634 34.66 7.32 -44.41
N ASN E 635 34.68 7.04 -43.12
CA ASN E 635 35.81 6.39 -42.51
C ASN E 635 36.00 4.97 -43.02
N ILE E 636 34.89 4.25 -43.18
CA ILE E 636 34.92 2.90 -43.69
C ILE E 636 35.51 2.82 -45.09
N GLN E 637 35.21 3.82 -45.91
CA GLN E 637 35.72 3.89 -47.27
C GLN E 637 37.25 3.79 -47.32
N ASP E 638 37.92 4.24 -46.27
CA ASP E 638 39.36 4.16 -46.20
C ASP E 638 39.83 2.97 -45.39
N SER E 639 39.03 2.58 -44.40
CA SER E 639 39.39 1.52 -43.46
C SER E 639 39.53 0.16 -44.12
N VAL E 640 38.53 -0.22 -44.93
CA VAL E 640 38.52 -1.55 -45.52
C VAL E 640 39.70 -1.82 -46.43
N PRO E 641 39.80 -1.12 -47.57
CA PRO E 641 40.97 -1.16 -48.47
C PRO E 641 42.26 -1.45 -47.70
N LYS E 642 42.51 -0.67 -46.64
CA LYS E 642 43.73 -0.80 -45.87
C LYS E 642 43.84 -2.17 -45.23
N ALA E 643 42.74 -2.64 -44.64
CA ALA E 643 42.71 -3.96 -44.02
C ALA E 643 43.00 -5.04 -45.02
N VAL E 644 42.48 -4.89 -46.23
CA VAL E 644 42.68 -5.87 -47.26
C VAL E 644 44.14 -5.90 -47.68
N MET E 645 44.71 -4.72 -47.86
CA MET E 645 46.11 -4.62 -48.21
C MET E 645 46.97 -5.20 -47.11
N HIS E 646 46.63 -4.91 -45.87
CA HIS E 646 47.45 -5.33 -44.76
C HIS E 646 47.41 -6.83 -44.54
N PHE E 647 46.22 -7.37 -44.43
CA PHE E 647 46.07 -8.75 -44.01
C PHE E 647 46.18 -9.74 -45.14
N LEU E 648 45.84 -9.31 -46.34
CA LEU E 648 45.92 -10.18 -47.49
C LEU E 648 47.09 -9.85 -48.39
N VAL E 649 47.05 -8.67 -48.99
CA VAL E 649 47.90 -8.39 -50.14
C VAL E 649 49.36 -8.28 -49.77
N ASN E 650 49.66 -7.43 -48.81
CA ASN E 650 51.02 -7.20 -48.38
C ASN E 650 51.55 -8.43 -47.66
N HIS E 651 50.65 -9.19 -47.06
CA HIS E 651 51.05 -10.39 -46.35
C HIS E 651 51.59 -11.43 -47.30
N VAL E 652 50.78 -11.79 -48.29
CA VAL E 652 51.16 -12.85 -49.22
C VAL E 652 52.28 -12.39 -50.11
N LYS E 653 52.38 -11.08 -50.32
CA LYS E 653 53.47 -10.51 -51.07
C LYS E 653 54.82 -10.91 -50.51
N ASP E 654 54.90 -11.11 -49.20
CA ASP E 654 56.13 -11.49 -48.56
C ASP E 654 56.17 -12.98 -48.21
N THR E 655 55.01 -13.53 -47.83
CA THR E 655 54.93 -14.92 -47.41
C THR E 655 55.16 -15.88 -48.55
N LEU E 656 54.61 -15.57 -49.72
CA LEU E 656 54.57 -16.51 -50.85
C LEU E 656 55.91 -17.14 -51.15
N GLN E 657 56.98 -16.36 -51.05
CA GLN E 657 58.30 -16.86 -51.35
C GLN E 657 58.65 -18.04 -50.46
N SER E 658 58.40 -17.89 -49.17
CA SER E 658 58.69 -18.93 -48.21
C SER E 658 57.67 -20.05 -48.31
N GLU E 659 56.45 -19.70 -48.73
CA GLU E 659 55.41 -20.68 -48.92
C GLU E 659 55.76 -21.62 -50.07
N LEU E 660 56.17 -21.05 -51.19
CA LEU E 660 56.51 -21.84 -52.36
C LEU E 660 57.73 -22.70 -52.11
N VAL E 661 58.74 -22.15 -51.45
CA VAL E 661 59.91 -22.94 -51.13
C VAL E 661 59.61 -24.01 -50.11
N GLY E 662 58.91 -23.63 -49.06
CA GLY E 662 58.57 -24.57 -47.99
C GLY E 662 57.73 -25.74 -48.51
N GLN E 663 56.90 -25.47 -49.50
CA GLN E 663 56.04 -26.52 -50.04
C GLN E 663 56.69 -27.29 -51.18
N LEU E 664 57.34 -26.58 -52.09
CA LEU E 664 57.76 -27.18 -53.35
C LEU E 664 59.20 -27.68 -53.33
N TYR E 665 60.04 -27.08 -52.48
CA TYR E 665 61.45 -27.42 -52.49
C TYR E 665 61.73 -28.65 -51.63
N LYS E 666 61.34 -29.81 -52.16
CA LYS E 666 61.64 -31.09 -51.52
C LYS E 666 62.46 -31.95 -52.46
N SER E 667 63.29 -32.81 -51.88
CA SER E 667 64.17 -33.64 -52.68
C SER E 667 63.40 -34.63 -53.56
N SER E 668 62.21 -35.04 -53.11
CA SER E 668 61.39 -35.93 -53.90
C SER E 668 60.69 -35.17 -55.01
N LEU E 669 60.34 -33.93 -54.73
CA LEU E 669 59.64 -33.10 -55.70
C LEU E 669 60.57 -32.65 -56.82
N LEU E 670 61.88 -32.67 -56.55
CA LEU E 670 62.87 -32.44 -57.58
C LEU E 670 62.89 -33.53 -58.65
N ASP E 671 62.27 -34.67 -58.36
CA ASP E 671 62.10 -35.69 -59.36
C ASP E 671 60.66 -35.71 -59.85
N ASP E 672 59.73 -35.41 -58.96
CA ASP E 672 58.31 -35.43 -59.30
C ASP E 672 57.90 -34.18 -60.06
N LEU E 673 57.88 -33.04 -59.39
CA LEU E 673 57.41 -31.80 -60.00
C LEU E 673 58.23 -31.46 -61.21
N LEU E 674 59.51 -31.76 -61.14
CA LEU E 674 60.38 -31.54 -62.27
C LEU E 674 60.30 -32.70 -63.25
N THR E 675 59.15 -32.84 -63.88
CA THR E 675 58.97 -33.79 -64.97
C THR E 675 58.66 -33.05 -66.26
N GLU E 676 59.39 -33.37 -67.31
CA GLU E 676 59.27 -32.66 -68.57
C GLU E 676 58.13 -33.18 -69.42
N SER E 677 57.52 -32.27 -70.19
CA SER E 677 56.52 -32.65 -71.16
C SER E 677 57.11 -33.57 -72.20
N GLU E 678 56.46 -34.70 -72.41
CA GLU E 678 56.96 -35.68 -73.37
C GLU E 678 56.79 -35.16 -74.78
N ASP E 679 55.70 -34.45 -75.04
CA ASP E 679 55.46 -33.85 -76.33
C ASP E 679 56.56 -32.86 -76.67
N MET E 680 56.93 -32.05 -75.68
CA MET E 680 58.05 -31.13 -75.83
C MET E 680 59.35 -31.88 -76.04
N ALA E 681 59.55 -32.93 -75.25
CA ALA E 681 60.76 -33.74 -75.32
C ALA E 681 60.90 -34.39 -76.69
N GLN E 682 59.79 -34.84 -77.25
CA GLN E 682 59.80 -35.45 -78.57
C GLN E 682 60.07 -34.42 -79.64
N ARG E 683 59.47 -33.25 -79.49
CA ARG E 683 59.68 -32.17 -80.44
C ARG E 683 61.15 -31.79 -80.53
N ARG E 684 61.78 -31.59 -79.39
CA ARG E 684 63.19 -31.25 -79.35
C ARG E 684 64.06 -32.44 -79.74
N LYS E 685 63.59 -33.64 -79.42
CA LYS E 685 64.29 -34.85 -79.82
C LYS E 685 64.39 -34.94 -81.31
N GLU E 686 63.29 -34.65 -81.99
CA GLU E 686 63.26 -34.64 -83.44
C GLU E 686 64.23 -33.62 -84.01
N ALA E 687 64.30 -32.45 -83.40
CA ALA E 687 65.26 -31.43 -83.82
C ALA E 687 66.68 -31.96 -83.68
N ALA E 688 66.94 -32.63 -82.56
CA ALA E 688 68.24 -33.24 -82.33
C ALA E 688 68.51 -34.36 -83.32
N ASP E 689 67.48 -35.15 -83.60
CA ASP E 689 67.61 -36.27 -84.52
C ASP E 689 67.87 -35.80 -85.94
N MET E 690 67.26 -34.69 -86.31
CA MET E 690 67.54 -34.08 -87.59
C MET E 690 68.95 -33.52 -87.61
N LEU E 691 69.39 -33.00 -86.48
CA LEU E 691 70.77 -32.56 -86.36
C LEU E 691 71.72 -33.75 -86.42
N LYS E 692 71.29 -34.89 -85.89
CA LYS E 692 72.05 -36.14 -86.01
C LYS E 692 72.12 -36.58 -87.46
N ALA E 693 71.06 -36.32 -88.22
CA ALA E 693 71.09 -36.55 -89.65
C ALA E 693 72.14 -35.66 -90.30
N LEU E 694 72.29 -34.44 -89.78
CA LEU E 694 73.32 -33.54 -90.28
C LEU E 694 74.70 -33.91 -89.78
N GLN E 695 74.77 -34.60 -88.66
CA GLN E 695 76.00 -35.26 -88.26
C GLN E 695 76.30 -36.38 -89.26
N GLY E 696 75.25 -37.07 -89.69
CA GLY E 696 75.36 -38.03 -90.79
C GLY E 696 75.71 -37.33 -92.12
N ALA E 697 75.34 -36.06 -92.22
CA ALA E 697 75.68 -35.25 -93.40
C ALA E 697 77.14 -34.83 -93.38
N SER E 698 77.89 -35.19 -92.34
CA SER E 698 79.33 -35.10 -92.40
C SER E 698 79.88 -36.27 -93.21
N GLN E 699 79.05 -37.32 -93.35
CA GLN E 699 79.35 -38.42 -94.24
C GLN E 699 78.90 -38.08 -95.65
N ILE E 700 77.90 -37.21 -95.75
CA ILE E 700 77.61 -36.56 -97.02
C ILE E 700 78.78 -35.70 -97.45
N ILE E 701 79.35 -34.97 -96.50
CA ILE E 701 80.54 -34.19 -96.76
C ILE E 701 81.75 -35.10 -97.02
N ALA E 702 81.78 -36.26 -96.38
CA ALA E 702 82.75 -37.27 -96.75
C ALA E 702 82.57 -37.69 -98.19
N GLU E 703 81.32 -37.88 -98.58
CA GLU E 703 81.01 -38.19 -99.97
C GLU E 703 81.42 -37.04 -100.89
N ILE E 704 81.21 -35.80 -100.44
CA ILE E 704 81.70 -34.64 -101.19
C ILE E 704 83.19 -34.79 -101.47
N ARG E 705 83.95 -35.19 -100.46
CA ARG E 705 85.37 -35.47 -100.63
C ARG E 705 85.61 -36.64 -101.58
N GLU E 706 84.79 -37.68 -101.44
CA GLU E 706 84.92 -38.88 -102.28
C GLU E 706 84.73 -38.59 -103.75
N THR E 707 83.88 -37.60 -104.07
CA THR E 707 83.64 -37.26 -105.47
C THR E 707 84.83 -36.55 -106.11
N HIS E 708 85.82 -36.19 -105.30
CA HIS E 708 87.05 -35.64 -105.83
C HIS E 708 88.05 -36.76 -106.12
N LEU E 709 87.64 -38.01 -105.88
CA LEU E 709 88.45 -39.17 -106.14
C LEU E 709 87.92 -39.92 -107.37
N TRP E 710 88.48 -39.65 -108.53
CA TRP E 710 88.01 -40.26 -109.76
C TRP E 710 89.05 -40.19 -110.86
N THR F 1 41.36 33.55 -111.19
CA THR F 1 40.35 32.51 -111.15
C THR F 1 40.98 31.14 -111.00
N LEU F 2 40.14 30.12 -110.81
CA LEU F 2 40.58 28.74 -110.75
C LEU F 2 41.29 28.33 -112.03
N GLN F 3 40.68 28.65 -113.17
CA GLN F 3 41.26 28.34 -114.46
C GLN F 3 42.65 28.93 -114.60
N GLU F 4 42.78 30.20 -114.28
CA GLU F 4 44.07 30.88 -114.36
C GLU F 4 45.05 30.31 -113.36
N ARG F 5 44.55 29.99 -112.17
CA ARG F 5 45.39 29.47 -111.11
C ARG F 5 45.93 28.10 -111.45
N LEU F 6 45.10 27.25 -112.04
CA LEU F 6 45.54 25.92 -112.47
C LEU F 6 46.61 26.00 -113.53
N LEU F 7 46.46 26.93 -114.46
CA LEU F 7 47.44 27.10 -115.52
C LEU F 7 48.80 27.53 -114.95
N ALA F 8 48.77 28.47 -114.01
CA ALA F 8 49.98 28.86 -113.30
C ALA F 8 50.48 27.73 -112.42
N PHE F 9 49.56 27.05 -111.76
CA PHE F 9 49.87 25.95 -110.86
C PHE F 9 50.63 24.85 -111.58
N GLU F 10 50.23 24.54 -112.80
CA GLU F 10 50.98 23.60 -113.61
C GLU F 10 52.42 24.07 -113.79
N ARG F 11 52.57 25.31 -114.23
CA ARG F 11 53.89 25.88 -114.47
C ARG F 11 54.72 25.93 -113.19
N ASP F 12 54.07 26.18 -112.06
CA ASP F 12 54.77 26.42 -110.80
C ASP F 12 54.92 25.17 -109.93
N ARG F 13 54.03 24.19 -110.08
CA ARG F 13 54.01 23.06 -109.15
C ARG F 13 54.00 21.69 -109.84
N VAL F 14 53.45 21.61 -111.04
CA VAL F 14 53.48 20.35 -111.79
C VAL F 14 54.83 20.14 -112.47
N THR F 15 55.31 21.17 -113.15
CA THR F 15 56.55 21.09 -113.91
C THR F 15 57.78 20.96 -113.00
N ILE F 16 58.53 19.88 -113.20
CA ILE F 16 59.77 19.65 -112.46
C ILE F 16 60.97 19.76 -113.43
N PRO F 17 61.82 20.77 -113.24
CA PRO F 17 62.80 21.28 -114.24
C PRO F 17 63.29 20.21 -115.21
N ALA F 18 63.29 20.58 -116.49
CA ALA F 18 63.65 19.67 -117.58
C ALA F 18 65.07 19.13 -117.42
N ALA F 19 65.97 19.95 -116.90
CA ALA F 19 67.35 19.51 -116.69
C ALA F 19 67.38 18.30 -115.77
N GLN F 20 66.61 18.36 -114.69
CA GLN F 20 66.51 17.25 -113.77
C GLN F 20 65.83 16.05 -114.41
N VAL F 21 64.83 16.32 -115.24
CA VAL F 21 64.12 15.25 -115.95
C VAL F 21 65.05 14.49 -116.87
N ALA F 22 65.82 15.22 -117.68
CA ALA F 22 66.74 14.61 -118.61
C ALA F 22 67.81 13.82 -117.88
N LEU F 23 68.34 14.39 -116.81
CA LEU F 23 69.34 13.72 -116.00
C LEU F 23 68.77 12.48 -115.34
N ALA F 24 67.53 12.56 -114.88
CA ALA F 24 66.85 11.44 -114.26
C ALA F 24 66.69 10.30 -115.25
N LYS F 25 66.32 10.64 -116.48
CA LYS F 25 66.14 9.64 -117.52
C LYS F 25 67.46 8.99 -117.90
N GLN F 26 68.52 9.79 -117.95
CA GLN F 26 69.86 9.28 -118.21
C GLN F 26 70.27 8.29 -117.13
N LEU F 27 70.09 8.68 -115.87
CA LEU F 27 70.44 7.82 -114.75
C LEU F 27 69.56 6.60 -114.66
N ALA F 28 68.30 6.75 -115.05
CA ALA F 28 67.40 5.61 -115.10
C ALA F 28 67.95 4.54 -116.01
N GLY F 29 68.42 4.95 -117.18
CA GLY F 29 69.04 4.03 -118.12
C GLY F 29 70.35 3.49 -117.59
N ASP F 30 71.18 4.38 -117.03
CA ASP F 30 72.50 4.01 -116.55
C ASP F 30 72.42 2.99 -115.42
N ILE F 31 71.53 3.23 -114.47
CA ILE F 31 71.31 2.31 -113.36
C ILE F 31 70.81 0.98 -113.88
N ALA F 32 69.86 1.02 -114.81
CA ALA F 32 69.32 -0.18 -115.41
C ALA F 32 70.42 -0.99 -116.08
N LEU F 33 71.25 -0.31 -116.87
CA LEU F 33 72.33 -0.97 -117.60
C LEU F 33 73.36 -1.58 -116.66
N GLU F 34 73.67 -0.89 -115.58
CA GLU F 34 74.58 -1.42 -114.58
C GLU F 34 74.00 -2.66 -113.95
N LEU F 35 72.72 -2.60 -113.59
CA LEU F 35 72.06 -3.73 -112.97
C LEU F 35 71.86 -4.87 -113.94
N GLN F 36 71.68 -4.57 -115.23
CA GLN F 36 71.66 -5.60 -116.25
C GLN F 36 72.98 -6.36 -116.27
N ALA F 37 74.07 -5.61 -116.31
CA ALA F 37 75.40 -6.21 -116.31
C ALA F 37 75.64 -7.00 -115.03
N TYR F 38 75.18 -6.45 -113.91
CA TYR F 38 75.37 -7.10 -112.63
C TYR F 38 74.59 -8.40 -112.56
N PHE F 39 73.35 -8.38 -113.01
CA PHE F 39 72.52 -9.59 -112.96
C PHE F 39 73.00 -10.64 -113.93
N ARG F 40 73.60 -10.21 -115.04
CA ARG F 40 74.23 -11.15 -115.96
C ARG F 40 75.34 -11.92 -115.28
N SER F 41 76.11 -11.25 -114.42
CA SER F 41 77.21 -11.89 -113.72
C SER F 41 76.79 -12.51 -112.38
N LYS F 42 75.75 -11.94 -111.77
CA LYS F 42 75.29 -12.41 -110.47
C LYS F 42 74.30 -13.54 -110.61
N PHE F 43 73.49 -13.49 -111.66
CA PHE F 43 72.49 -14.52 -111.89
C PHE F 43 72.51 -14.99 -113.34
N PRO F 44 73.68 -15.35 -113.87
CA PRO F 44 73.85 -15.91 -115.22
C PRO F 44 72.91 -17.10 -115.48
N GLU F 45 72.54 -17.83 -114.43
CA GLU F 45 71.63 -18.97 -114.56
C GLU F 45 70.20 -18.55 -114.88
N LEU F 46 69.82 -17.34 -114.47
CA LEU F 46 68.46 -16.89 -114.70
C LEU F 46 68.36 -16.06 -115.97
N PRO F 47 67.25 -16.17 -116.69
CA PRO F 47 67.01 -15.50 -117.96
C PRO F 47 66.40 -14.13 -117.73
N PHE F 48 67.19 -13.23 -117.17
CA PHE F 48 66.77 -11.85 -117.03
C PHE F 48 66.87 -11.11 -118.36
N GLY F 49 65.77 -10.45 -118.74
CA GLY F 49 65.77 -9.65 -119.97
C GLY F 49 66.37 -8.28 -119.71
N ALA F 50 66.34 -7.41 -120.72
CA ALA F 50 66.84 -6.06 -120.55
C ALA F 50 65.89 -5.25 -119.68
N PHE F 51 66.46 -4.53 -118.72
CA PHE F 51 65.67 -3.80 -117.75
C PHE F 51 65.11 -2.53 -118.37
N VAL F 52 63.87 -2.20 -118.02
CA VAL F 52 63.17 -1.11 -118.68
C VAL F 52 62.78 0.01 -117.70
N PRO F 53 63.30 1.20 -117.93
CA PRO F 53 62.90 2.40 -117.22
C PRO F 53 61.54 2.89 -117.67
N GLY F 54 60.74 3.39 -116.74
CA GLY F 54 59.41 3.91 -117.06
C GLY F 54 58.81 4.67 -115.88
N GLY F 55 57.50 4.87 -115.92
CA GLY F 55 56.82 5.62 -114.88
C GLY F 55 56.64 7.07 -115.28
N PRO F 56 55.93 7.84 -114.46
CA PRO F 56 55.63 9.29 -114.58
C PRO F 56 56.73 10.10 -115.28
N LEU F 57 57.99 9.80 -114.97
CA LEU F 57 59.13 10.47 -115.58
C LEU F 57 59.03 10.49 -117.10
N TYR F 58 58.50 9.41 -117.66
CA TYR F 58 58.23 9.31 -119.08
C TYR F 58 56.73 9.45 -119.34
N ASP F 59 55.93 8.93 -118.42
CA ASP F 59 54.48 8.85 -118.60
C ASP F 59 53.79 10.15 -118.21
N GLY F 60 53.91 11.15 -119.06
CA GLY F 60 53.28 12.44 -118.81
C GLY F 60 54.21 13.58 -119.22
N LEU F 61 54.30 14.60 -118.38
CA LEU F 61 55.17 15.74 -118.63
C LEU F 61 56.40 15.67 -117.74
N GLN F 62 56.93 16.83 -117.36
CA GLN F 62 58.16 16.87 -116.57
C GLN F 62 57.90 16.49 -115.12
N ALA F 63 57.82 15.18 -114.87
CA ALA F 63 57.64 14.67 -113.52
C ALA F 63 58.95 14.67 -112.76
N GLY F 64 60.03 14.31 -113.44
CA GLY F 64 61.35 14.36 -112.83
C GLY F 64 61.42 13.50 -111.57
N ALA F 65 61.75 14.14 -110.46
CA ALA F 65 61.91 13.46 -109.18
C ALA F 65 60.62 13.44 -108.34
N ALA F 66 59.52 13.91 -108.93
CA ALA F 66 58.23 13.98 -108.24
C ALA F 66 57.74 12.59 -107.81
N ASP F 67 58.13 11.57 -108.57
CA ASP F 67 57.77 10.21 -108.22
C ASP F 67 58.88 9.24 -108.65
N HIS F 68 58.72 7.97 -108.32
CA HIS F 68 59.76 6.96 -108.55
C HIS F 68 60.03 6.71 -110.02
N VAL F 69 61.29 6.45 -110.33
CA VAL F 69 61.65 5.84 -111.60
C VAL F 69 61.33 4.37 -111.56
N ARG F 70 60.45 3.92 -112.42
CA ARG F 70 60.07 2.50 -112.41
C ARG F 70 61.03 1.70 -113.26
N LEU F 71 61.60 0.65 -112.68
CA LEU F 71 62.58 -0.14 -113.37
C LEU F 71 62.19 -1.59 -113.47
N LEU F 72 61.78 -2.01 -114.66
CA LEU F 72 61.37 -3.38 -114.89
C LEU F 72 62.55 -4.32 -114.93
N VAL F 73 62.45 -5.42 -114.18
CA VAL F 73 63.37 -6.54 -114.31
C VAL F 73 62.62 -7.78 -114.82
N PRO F 74 62.93 -8.21 -116.06
CA PRO F 74 62.08 -9.17 -116.78
C PRO F 74 62.39 -10.62 -116.41
N LEU F 75 61.44 -11.24 -115.70
CA LEU F 75 61.55 -12.64 -115.31
C LEU F 75 61.10 -13.55 -116.42
N VAL F 76 61.98 -13.81 -117.38
CA VAL F 76 61.59 -14.60 -118.53
C VAL F 76 61.37 -16.05 -118.15
N LEU F 77 60.14 -16.37 -117.77
CA LEU F 77 59.75 -17.73 -117.42
C LEU F 77 59.71 -18.60 -118.66
N GLU F 78 60.01 -19.87 -118.50
CA GLU F 78 60.06 -20.79 -119.62
C GLU F 78 58.64 -21.22 -120.03
N PRO F 79 58.09 -20.59 -121.08
CA PRO F 79 56.75 -20.83 -121.64
C PRO F 79 56.39 -22.30 -121.60
N GLY F 80 55.27 -22.61 -120.97
CA GLY F 80 54.76 -23.98 -120.93
C GLY F 80 55.04 -24.66 -119.59
N LEU F 81 56.09 -24.21 -118.91
CA LEU F 81 56.42 -24.78 -117.61
C LEU F 81 55.79 -23.98 -116.49
N TRP F 82 55.31 -22.80 -116.81
CA TRP F 82 54.71 -21.93 -115.81
C TRP F 82 53.36 -21.39 -116.28
N SER F 83 52.39 -21.27 -115.35
CA SER F 83 51.04 -20.86 -115.72
C SER F 83 50.44 -19.90 -114.69
N LEU F 84 49.59 -18.98 -115.16
CA LEU F 84 49.02 -17.95 -114.30
C LEU F 84 47.73 -18.42 -113.63
N VAL F 85 47.70 -18.35 -112.30
CA VAL F 85 46.56 -18.75 -111.50
C VAL F 85 46.08 -17.60 -110.62
N PRO F 86 44.76 -17.45 -110.48
CA PRO F 86 44.18 -16.47 -109.57
C PRO F 86 44.37 -16.89 -108.12
N GLY F 87 44.75 -15.94 -107.27
CA GLY F 87 44.96 -16.22 -105.85
C GLY F 87 43.72 -16.83 -105.20
N VAL F 88 42.56 -16.31 -105.58
CA VAL F 88 41.28 -16.77 -105.04
C VAL F 88 41.01 -18.25 -105.33
N ASP F 89 41.68 -18.80 -106.36
CA ASP F 89 41.49 -20.19 -106.73
C ASP F 89 42.21 -21.14 -105.77
N THR F 90 43.10 -20.59 -104.95
CA THR F 90 43.88 -21.38 -104.01
C THR F 90 43.34 -21.22 -102.60
N VAL F 91 43.91 -21.98 -101.66
CA VAL F 91 43.52 -21.90 -100.25
C VAL F 91 43.73 -20.50 -99.71
N ALA F 92 44.80 -19.86 -100.16
CA ALA F 92 45.06 -18.45 -99.84
C ALA F 92 44.18 -17.56 -100.71
N ARG F 93 42.89 -17.51 -100.37
CA ARG F 93 41.88 -16.97 -101.27
C ARG F 93 41.89 -15.45 -101.33
N ASP F 94 42.82 -14.90 -102.09
CA ASP F 94 42.89 -13.46 -102.32
C ASP F 94 42.97 -13.13 -103.81
N PRO F 95 41.81 -12.88 -104.45
CA PRO F 95 41.65 -12.59 -105.87
C PRO F 95 42.54 -11.46 -106.40
N ARG F 96 43.00 -10.58 -105.51
CA ARG F 96 43.82 -9.45 -105.91
C ARG F 96 45.24 -9.89 -106.20
N CYS F 97 45.61 -11.04 -105.63
CA CYS F 97 46.93 -11.60 -105.82
C CYS F 97 46.87 -12.82 -106.75
N TRP F 98 48.02 -13.18 -107.29
CA TRP F 98 48.12 -14.19 -108.32
C TRP F 98 49.21 -15.20 -108.03
N ALA F 99 49.11 -16.38 -108.61
CA ALA F 99 50.11 -17.40 -108.41
C ALA F 99 50.70 -17.86 -109.73
N VAL F 100 51.97 -18.23 -109.72
CA VAL F 100 52.60 -18.79 -110.90
C VAL F 100 52.85 -20.29 -110.71
N ARG F 101 52.10 -21.10 -111.45
CA ARG F 101 52.08 -22.54 -111.25
C ARG F 101 53.10 -23.26 -112.10
N ARG F 102 53.89 -24.12 -111.47
CA ARG F 102 54.81 -24.99 -112.19
C ARG F 102 54.09 -26.18 -112.75
N THR F 103 54.31 -26.46 -114.03
CA THR F 103 53.66 -27.58 -114.67
C THR F 103 54.58 -28.26 -115.68
N GLN F 104 54.03 -29.26 -116.38
CA GLN F 104 54.78 -30.12 -117.30
C GLN F 104 55.97 -30.80 -116.63
N LEU F 105 55.81 -31.17 -115.36
CA LEU F 105 56.85 -31.83 -114.59
C LEU F 105 57.09 -33.27 -115.06
N GLU F 106 56.14 -33.82 -115.82
CA GLU F 106 56.27 -35.14 -116.40
C GLU F 106 57.24 -35.16 -117.59
N PHE F 107 57.58 -33.98 -118.12
CA PHE F 107 58.53 -33.88 -119.22
C PHE F 107 59.73 -33.05 -118.81
N CYS F 108 59.50 -32.08 -117.94
CA CYS F 108 60.58 -31.24 -117.43
C CYS F 108 60.49 -31.11 -115.90
N PRO F 109 61.12 -32.04 -115.18
CA PRO F 109 61.09 -32.12 -113.73
C PRO F 109 61.81 -30.97 -113.05
N ARG F 110 61.45 -30.71 -111.81
CA ARG F 110 62.04 -29.62 -111.05
C ARG F 110 63.53 -29.82 -110.90
N GLY F 111 64.28 -28.76 -111.17
CA GLY F 111 65.73 -28.82 -111.20
C GLY F 111 66.22 -28.60 -112.62
N SER F 112 65.32 -28.78 -113.59
CA SER F 112 65.63 -28.55 -114.98
C SER F 112 65.57 -27.07 -115.35
N SER F 113 64.65 -26.33 -114.72
CA SER F 113 64.57 -24.90 -114.96
C SER F 113 65.35 -24.14 -113.91
N PRO F 114 65.89 -22.99 -114.29
CA PRO F 114 66.59 -22.11 -113.36
C PRO F 114 65.62 -21.49 -112.37
N TRP F 115 64.35 -21.41 -112.75
CA TRP F 115 63.35 -20.82 -111.89
C TRP F 115 62.86 -21.81 -110.82
N ASP F 116 63.35 -23.06 -110.89
CA ASP F 116 62.95 -24.07 -109.93
C ASP F 116 63.65 -23.88 -108.58
N ARG F 117 64.63 -22.96 -108.54
CA ARG F 117 65.22 -22.56 -107.27
C ARG F 117 64.20 -21.81 -106.42
N PHE F 118 63.14 -21.32 -107.05
CA PHE F 118 62.08 -20.62 -106.36
C PHE F 118 60.83 -21.49 -106.24
N LEU F 119 60.97 -22.79 -106.51
CA LEU F 119 59.80 -23.65 -106.54
C LEU F 119 59.45 -24.17 -105.16
N VAL F 120 58.29 -23.75 -104.65
CA VAL F 120 57.79 -24.22 -103.37
C VAL F 120 56.46 -24.91 -103.58
N GLY F 121 56.36 -26.16 -103.18
CA GLY F 121 55.21 -26.96 -103.54
C GLY F 121 55.20 -27.14 -105.06
N GLY F 122 54.28 -26.46 -105.73
CA GLY F 122 54.27 -26.44 -107.18
C GLY F 122 54.11 -25.02 -107.73
N TYR F 123 54.60 -24.03 -106.99
CA TYR F 123 54.46 -22.63 -107.41
C TYR F 123 55.77 -21.85 -107.33
N LEU F 124 55.88 -20.82 -108.17
CA LEU F 124 57.05 -19.94 -108.18
C LEU F 124 57.00 -18.96 -107.01
N SER F 125 58.07 -18.91 -106.23
CA SER F 125 58.11 -18.06 -105.04
C SER F 125 58.56 -16.64 -105.34
N SER F 126 57.61 -15.71 -105.33
CA SER F 126 57.95 -14.30 -105.44
C SER F 126 58.75 -13.85 -104.23
N ARG F 127 58.47 -14.45 -103.08
CA ARG F 127 59.15 -14.08 -101.84
C ARG F 127 60.63 -14.33 -101.88
N VAL F 128 61.03 -15.55 -102.22
CA VAL F 128 62.44 -15.91 -102.24
C VAL F 128 63.18 -15.13 -103.31
N LEU F 129 62.53 -14.94 -104.44
CA LEU F 129 63.06 -14.10 -105.50
C LEU F 129 63.37 -12.71 -104.99
N LEU F 130 62.41 -12.11 -104.29
CA LEU F 130 62.61 -10.79 -103.70
C LEU F 130 63.74 -10.79 -102.70
N GLU F 131 63.80 -11.81 -101.86
CA GLU F 131 64.81 -11.88 -100.83
C GLU F 131 66.21 -11.87 -101.43
N LEU F 132 66.40 -12.64 -102.49
CA LEU F 132 67.72 -12.73 -103.12
C LEU F 132 68.07 -11.47 -103.89
N LEU F 133 67.09 -10.94 -104.61
CA LEU F 133 67.34 -9.77 -105.46
C LEU F 133 67.49 -8.50 -104.63
N ARG F 134 66.73 -8.41 -103.55
CA ARG F 134 66.87 -7.29 -102.64
C ARG F 134 68.20 -7.36 -101.92
N LYS F 135 68.64 -8.57 -101.58
CA LYS F 135 69.97 -8.76 -101.00
C LYS F 135 71.06 -8.34 -101.98
N ALA F 136 70.87 -8.67 -103.26
CA ALA F 136 71.81 -8.29 -104.29
C ALA F 136 71.94 -6.77 -104.33
N LEU F 137 70.82 -6.08 -104.33
CA LEU F 137 70.83 -4.63 -104.31
C LEU F 137 71.34 -4.09 -102.99
N ALA F 138 70.98 -4.76 -101.90
CA ALA F 138 71.32 -4.28 -100.55
C ALA F 138 72.82 -4.25 -100.33
N ALA F 139 73.54 -5.24 -100.86
CA ALA F 139 74.95 -5.35 -100.57
C ALA F 139 75.79 -5.78 -101.77
N SER F 140 75.30 -6.75 -102.53
CA SER F 140 76.11 -7.38 -103.58
C SER F 140 76.55 -6.39 -104.66
N VAL F 141 75.62 -5.52 -105.07
CA VAL F 141 75.92 -4.53 -106.09
C VAL F 141 76.94 -3.52 -105.60
N ASN F 142 77.96 -3.27 -106.41
CA ASN F 142 79.05 -2.37 -106.02
C ASN F 142 78.64 -0.92 -106.25
N TRP F 143 77.85 -0.40 -105.33
CA TRP F 143 77.33 0.97 -105.41
C TRP F 143 78.43 2.03 -105.39
N PRO F 144 79.62 1.69 -104.88
CA PRO F 144 80.77 2.57 -104.98
C PRO F 144 81.27 2.69 -106.40
N ALA F 145 81.10 1.63 -107.19
CA ALA F 145 81.47 1.66 -108.59
C ALA F 145 80.45 2.45 -109.39
N ILE F 146 79.17 2.27 -109.04
CA ILE F 146 78.10 2.99 -109.69
C ILE F 146 78.19 4.49 -109.44
N GLY F 147 78.40 4.86 -108.18
CA GLY F 147 78.55 6.25 -107.82
C GLY F 147 79.78 6.86 -108.49
N SER F 148 80.88 6.12 -108.50
CA SER F 148 82.10 6.59 -109.14
C SER F 148 81.91 6.75 -110.64
N LEU F 149 81.23 5.80 -111.25
CA LEU F 149 80.99 5.81 -112.70
C LEU F 149 80.11 6.97 -113.11
N LEU F 150 78.98 7.12 -112.44
CA LEU F 150 77.97 8.06 -112.86
C LEU F 150 78.17 9.44 -112.24
N GLY F 151 79.05 9.53 -111.25
CA GLY F 151 79.34 10.79 -110.60
C GLY F 151 78.20 11.19 -109.68
N CYS F 152 77.92 10.33 -108.70
CA CYS F 152 76.76 10.52 -107.87
C CYS F 152 76.77 9.63 -106.64
N LEU F 153 75.83 9.88 -105.75
CA LEU F 153 75.59 8.98 -104.63
C LEU F 153 74.31 8.17 -104.86
N ILE F 154 74.48 6.89 -105.17
CA ILE F 154 73.34 5.98 -105.34
C ILE F 154 73.46 4.77 -104.43
N ARG F 155 72.39 4.50 -103.69
CA ARG F 155 72.35 3.36 -102.77
C ARG F 155 70.96 2.76 -102.73
N PRO F 156 70.79 1.65 -102.03
CA PRO F 156 69.52 0.93 -101.89
C PRO F 156 68.70 1.51 -100.77
N SER F 157 67.37 1.46 -100.92
CA SER F 157 66.47 1.91 -99.87
C SER F 157 66.41 0.90 -98.74
N MET F 158 65.67 1.24 -97.69
CA MET F 158 65.51 0.36 -96.55
C MET F 158 64.10 -0.20 -96.49
N ALA F 159 63.42 -0.22 -97.62
CA ALA F 159 62.07 -0.77 -97.68
C ALA F 159 61.72 -1.20 -99.10
N SER F 160 60.91 -2.24 -99.20
CA SER F 160 60.55 -2.80 -100.50
C SER F 160 61.78 -3.07 -101.35
N GLU F 161 61.69 -2.73 -102.63
CA GLU F 161 62.83 -2.84 -103.53
C GLU F 161 63.03 -1.55 -104.30
N GLU F 162 63.50 -0.54 -103.59
CA GLU F 162 63.70 0.77 -104.18
C GLU F 162 65.13 1.23 -104.03
N LEU F 163 65.56 2.14 -104.88
CA LEU F 163 66.89 2.71 -104.81
C LEU F 163 66.81 4.21 -104.59
N LEU F 164 67.86 4.78 -104.00
CA LEU F 164 67.89 6.21 -103.78
C LEU F 164 69.11 6.87 -104.42
N LEU F 165 68.85 7.87 -105.25
CA LEU F 165 69.88 8.81 -105.66
C LEU F 165 69.99 9.90 -104.62
N GLU F 166 70.99 9.77 -103.75
CA GLU F 166 71.18 10.72 -102.67
C GLU F 166 71.62 12.07 -103.21
N VAL F 167 72.27 12.06 -104.39
CA VAL F 167 72.61 13.29 -105.12
C VAL F 167 73.51 13.02 -106.30
N GLN F 168 72.98 13.31 -107.49
CA GLN F 168 73.77 13.41 -108.70
C GLN F 168 74.46 14.76 -108.73
N HIS F 169 75.74 14.76 -109.09
CA HIS F 169 76.55 15.99 -109.05
C HIS F 169 75.81 17.20 -109.61
N GLU F 170 75.06 17.01 -110.70
CA GLU F 170 74.24 18.09 -111.27
C GLU F 170 72.92 18.29 -110.51
N ARG F 171 73.03 18.66 -109.23
CA ARG F 171 71.90 19.06 -108.38
C ARG F 171 70.62 18.25 -108.62
N LEU F 172 70.74 16.92 -108.61
CA LEU F 172 69.56 16.06 -108.80
C LEU F 172 69.46 14.96 -107.75
N GLU F 173 68.29 14.82 -107.16
CA GLU F 173 68.01 13.71 -106.26
C GLU F 173 66.71 13.02 -106.68
N LEU F 174 66.65 11.70 -106.51
CA LEU F 174 65.46 10.95 -106.93
C LEU F 174 65.47 9.53 -106.39
N THR F 175 64.35 8.84 -106.54
CA THR F 175 64.25 7.44 -106.13
C THR F 175 63.82 6.54 -107.28
N VAL F 176 64.17 5.27 -107.19
CA VAL F 176 63.86 4.29 -108.23
C VAL F 176 63.06 3.13 -107.66
N ALA F 177 61.89 2.88 -108.22
CA ALA F 177 61.10 1.72 -107.85
C ALA F 177 61.42 0.55 -108.75
N VAL F 178 62.17 -0.40 -108.23
CA VAL F 178 62.55 -1.56 -109.04
C VAL F 178 61.42 -2.57 -109.06
N LEU F 179 60.88 -2.80 -110.24
CA LEU F 179 59.75 -3.70 -110.42
C LEU F 179 60.19 -5.00 -111.06
N VAL F 180 60.47 -5.98 -110.24
CA VAL F 180 60.81 -7.29 -110.73
C VAL F 180 59.55 -8.05 -111.09
N ALA F 181 59.40 -8.37 -112.37
CA ALA F 181 58.13 -8.90 -112.85
C ALA F 181 58.28 -9.76 -114.09
N VAL F 182 57.37 -10.70 -114.26
CA VAL F 182 57.34 -11.54 -115.45
C VAL F 182 56.79 -10.72 -116.63
N PRO F 183 57.61 -10.52 -117.70
CA PRO F 183 57.18 -9.94 -118.99
C PRO F 183 55.66 -9.99 -119.18
N GLY F 184 55.09 -11.18 -119.08
CA GLY F 184 53.64 -11.28 -118.98
C GLY F 184 52.99 -11.42 -120.33
N VAL F 185 52.67 -10.27 -120.94
CA VAL F 185 51.90 -10.25 -122.17
C VAL F 185 52.68 -9.65 -123.33
N ASP F 186 52.24 -9.99 -124.54
CA ASP F 186 52.89 -9.52 -125.76
C ASP F 186 52.48 -8.08 -126.10
N ALA F 187 51.59 -7.51 -125.29
CA ALA F 187 51.23 -6.12 -125.41
C ALA F 187 52.26 -5.23 -124.72
N ASP F 188 53.19 -5.84 -123.97
CA ASP F 188 54.21 -5.11 -123.24
C ASP F 188 53.58 -4.17 -122.23
N ASP F 189 52.56 -4.66 -121.54
CA ASP F 189 51.83 -3.86 -120.56
C ASP F 189 51.67 -4.61 -119.25
N ARG F 190 50.73 -5.52 -119.20
CA ARG F 190 50.42 -6.27 -117.99
C ARG F 190 51.58 -7.14 -117.55
N LEU F 191 52.01 -6.97 -116.30
CA LEU F 191 53.13 -7.74 -115.76
C LEU F 191 52.71 -8.59 -114.57
N LEU F 192 53.49 -9.62 -114.27
CA LEU F 192 53.30 -10.34 -113.02
C LEU F 192 54.37 -9.94 -112.01
N LEU F 193 54.03 -8.99 -111.16
CA LEU F 193 54.99 -8.40 -110.24
C LEU F 193 55.30 -9.31 -109.09
N ALA F 194 56.59 -9.45 -108.78
CA ALA F 194 57.00 -10.20 -107.60
C ALA F 194 56.56 -9.44 -106.37
N TRP F 195 55.33 -9.70 -105.95
CA TRP F 195 54.70 -8.96 -104.88
C TRP F 195 55.21 -9.42 -103.52
N PRO F 196 55.30 -8.49 -102.57
CA PRO F 196 55.75 -8.83 -101.20
C PRO F 196 54.58 -8.93 -100.24
N LEU F 197 53.72 -9.92 -100.48
CA LEU F 197 52.63 -10.19 -99.57
C LEU F 197 53.16 -10.76 -98.26
N GLU F 198 52.75 -10.17 -97.15
CA GLU F 198 53.20 -10.62 -95.84
C GLU F 198 52.29 -11.70 -95.27
N GLY F 199 51.00 -11.59 -95.57
CA GLY F 199 50.03 -12.56 -95.09
C GLY F 199 49.87 -13.72 -96.06
N LEU F 200 49.04 -14.70 -95.69
CA LEU F 200 48.76 -15.85 -96.54
C LEU F 200 50.05 -16.44 -97.10
N ALA F 201 50.09 -16.64 -98.42
CA ALA F 201 51.29 -17.09 -99.09
C ALA F 201 52.06 -15.91 -99.63
N GLY F 202 53.27 -15.69 -99.10
CA GLY F 202 54.12 -14.59 -99.55
C GLY F 202 54.72 -14.88 -100.93
N ASN F 203 54.46 -16.07 -101.46
CA ASN F 203 54.90 -16.46 -102.78
C ASN F 203 54.05 -15.85 -103.88
N LEU F 204 52.93 -15.23 -103.50
CA LEU F 204 51.97 -14.70 -104.47
C LEU F 204 52.45 -13.44 -105.17
N TRP F 205 51.77 -13.11 -106.28
CA TRP F 205 52.22 -12.13 -107.25
C TRP F 205 51.15 -11.07 -107.45
N LEU F 206 51.53 -9.93 -108.00
CA LEU F 206 50.56 -8.88 -108.27
C LEU F 206 50.44 -8.59 -109.75
N GLN F 207 49.22 -8.65 -110.26
CA GLN F 207 48.96 -8.30 -111.64
C GLN F 207 49.11 -6.80 -111.84
N ASP F 208 50.15 -6.41 -112.57
CA ASP F 208 50.49 -5.01 -112.75
C ASP F 208 49.74 -4.40 -113.93
N LEU F 209 48.74 -3.59 -113.61
CA LEU F 209 47.95 -2.93 -114.64
C LEU F 209 48.25 -1.44 -114.74
N TYR F 210 49.43 -1.04 -114.24
CA TYR F 210 49.84 0.37 -114.34
C TYR F 210 49.83 0.89 -115.78
N PRO F 211 50.77 0.43 -116.63
CA PRO F 211 50.89 0.86 -118.02
C PRO F 211 49.57 0.67 -118.79
N VAL F 212 48.72 -0.25 -118.35
CA VAL F 212 47.40 -0.42 -118.92
C VAL F 212 46.54 0.79 -118.62
N GLU F 213 46.54 1.22 -117.36
CA GLU F 213 45.82 2.42 -116.94
C GLU F 213 46.38 3.67 -117.60
N ALA F 214 47.71 3.75 -117.67
CA ALA F 214 48.40 4.88 -118.28
C ALA F 214 48.10 4.96 -119.77
N ALA F 215 48.15 3.81 -120.43
CA ALA F 215 47.84 3.72 -121.86
C ALA F 215 46.39 4.06 -122.12
N ARG F 216 45.51 3.67 -121.18
CA ARG F 216 44.09 3.96 -121.33
C ARG F 216 43.82 5.45 -121.28
N LEU F 217 44.42 6.14 -120.32
CA LEU F 217 44.26 7.58 -120.23
C LEU F 217 44.88 8.29 -121.43
N ARG F 218 46.02 7.75 -121.89
CA ARG F 218 46.65 8.24 -123.11
C ARG F 218 45.72 8.07 -124.31
N ALA F 219 45.14 6.88 -124.45
CA ALA F 219 44.26 6.58 -125.55
C ALA F 219 43.01 7.44 -125.50
N LEU F 220 42.45 7.59 -124.30
CA LEU F 220 41.26 8.40 -124.12
C LEU F 220 41.51 9.84 -124.54
N ASP F 221 42.67 10.37 -124.18
CA ASP F 221 43.06 11.69 -124.66
C ASP F 221 43.27 11.72 -126.16
N ASP F 222 43.91 10.69 -126.70
CA ASP F 222 44.19 10.64 -128.14
C ASP F 222 42.92 10.44 -128.97
N HIS F 223 41.85 9.98 -128.32
CA HIS F 223 40.57 9.80 -129.01
C HIS F 223 39.96 11.14 -129.42
N ASP F 224 40.22 12.19 -128.65
CA ASP F 224 39.59 13.48 -128.90
C ASP F 224 40.50 14.65 -128.52
N ALA F 225 41.82 14.39 -128.48
CA ALA F 225 42.80 15.42 -128.13
C ALA F 225 42.43 16.09 -126.80
N GLY F 226 42.05 15.28 -125.82
CA GLY F 226 41.58 15.80 -124.54
C GLY F 226 42.72 15.97 -123.56
N THR F 227 42.39 16.45 -122.36
CA THR F 227 43.39 16.74 -121.34
C THR F 227 43.11 16.02 -120.03
N ARG F 228 42.76 14.73 -120.12
CA ARG F 228 42.49 13.92 -118.94
C ARG F 228 43.75 13.74 -118.11
N ARG F 229 44.87 13.50 -118.79
CA ARG F 229 46.14 13.30 -118.12
C ARG F 229 46.68 14.61 -117.54
N ARG F 230 46.32 15.73 -118.17
CA ARG F 230 46.71 17.04 -117.65
C ARG F 230 46.04 17.31 -116.31
N LEU F 231 44.76 16.96 -116.23
CA LEU F 231 44.02 17.03 -114.97
C LEU F 231 44.68 16.16 -113.91
N LEU F 232 45.04 14.94 -114.30
CA LEU F 232 45.74 14.03 -113.39
C LEU F 232 47.04 14.63 -112.89
N LEU F 233 47.82 15.22 -113.80
CA LEU F 233 49.08 15.86 -113.45
C LEU F 233 48.87 17.01 -112.47
N LEU F 234 47.83 17.80 -112.70
CA LEU F 234 47.47 18.87 -111.79
C LEU F 234 47.13 18.31 -110.41
N LEU F 235 46.31 17.25 -110.39
CA LEU F 235 45.88 16.64 -109.15
C LEU F 235 47.06 16.05 -108.38
N CYS F 236 48.03 15.50 -109.11
CA CYS F 236 49.23 14.96 -108.49
C CYS F 236 49.98 16.03 -107.73
N ALA F 237 50.18 17.18 -108.37
CA ALA F 237 50.86 18.30 -107.74
C ALA F 237 50.04 18.84 -106.56
N VAL F 238 48.71 18.82 -106.69
CA VAL F 238 47.85 19.23 -105.58
C VAL F 238 48.06 18.35 -104.37
N CYS F 239 48.17 17.05 -104.58
CA CYS F 239 48.44 16.12 -103.50
C CYS F 239 49.85 16.34 -102.93
N ARG F 240 50.82 16.63 -103.80
CA ARG F 240 52.17 16.93 -103.34
C ARG F 240 52.20 18.16 -102.45
N GLY F 241 51.36 19.14 -102.78
CA GLY F 241 51.32 20.40 -102.04
C GLY F 241 50.20 20.43 -100.98
N CYS F 242 49.64 19.27 -100.63
CA CYS F 242 48.58 19.23 -99.64
C CYS F 242 48.69 18.01 -98.74
N SER F 243 49.07 18.23 -97.49
CA SER F 243 49.31 17.14 -96.54
C SER F 243 48.03 16.36 -96.22
N ALA F 244 46.87 17.02 -96.38
CA ALA F 244 45.58 16.36 -96.19
C ALA F 244 45.39 15.23 -97.20
N LEU F 245 46.05 15.35 -98.35
CA LEU F 245 45.91 14.37 -99.40
C LEU F 245 47.06 13.39 -99.42
N GLY F 246 47.83 13.34 -98.33
CA GLY F 246 48.98 12.44 -98.25
C GLY F 246 48.57 10.96 -98.32
N GLN F 247 47.30 10.68 -98.01
CA GLN F 247 46.79 9.31 -98.08
C GLN F 247 46.32 8.93 -99.48
N LEU F 248 46.23 9.92 -100.37
CA LEU F 248 45.79 9.67 -101.73
C LEU F 248 46.94 9.84 -102.71
N GLY F 249 47.44 8.73 -103.22
CA GLY F 249 48.63 8.77 -104.08
C GLY F 249 48.24 8.82 -105.56
N ARG F 250 49.23 8.58 -106.41
CA ARG F 250 49.02 8.57 -107.85
C ARG F 250 47.99 7.54 -108.25
N GLY F 251 48.05 6.38 -107.62
CA GLY F 251 47.10 5.29 -107.89
C GLY F 251 45.67 5.71 -107.57
N HIS F 252 45.50 6.41 -106.46
CA HIS F 252 44.18 6.88 -106.05
C HIS F 252 43.62 7.87 -107.06
N LEU F 253 44.48 8.79 -107.49
CA LEU F 253 44.08 9.79 -108.46
C LEU F 253 43.81 9.15 -109.81
N THR F 254 44.61 8.15 -110.15
CA THR F 254 44.46 7.45 -111.41
C THR F 254 43.09 6.82 -111.55
N GLN F 255 42.62 6.19 -110.47
CA GLN F 255 41.30 5.54 -110.51
C GLN F 255 40.21 6.58 -110.73
N VAL F 256 40.34 7.73 -110.07
CA VAL F 256 39.38 8.82 -110.22
C VAL F 256 39.38 9.37 -111.64
N VAL F 257 40.58 9.63 -112.17
CA VAL F 257 40.72 10.21 -113.49
C VAL F 257 40.30 9.24 -114.60
N LEU F 258 40.51 7.94 -114.38
CA LEU F 258 40.00 6.94 -115.31
C LEU F 258 38.48 6.98 -115.38
N ARG F 259 37.82 7.12 -114.23
CA ARG F 259 36.37 7.28 -114.19
C ARG F 259 35.94 8.54 -114.90
N LEU F 260 36.66 9.62 -114.65
CA LEU F 260 36.38 10.89 -115.31
C LEU F 260 36.61 10.77 -116.80
N GLY F 261 37.70 10.09 -117.17
CA GLY F 261 38.11 9.97 -118.55
C GLY F 261 37.05 9.30 -119.39
N GLU F 262 36.36 8.33 -118.81
CA GLU F 262 35.25 7.68 -119.49
C GLU F 262 34.01 8.57 -119.49
N ASP F 263 34.08 9.68 -120.21
CA ASP F 263 32.97 10.62 -120.31
C ASP F 263 33.13 11.49 -121.54
N ASN F 264 32.09 12.23 -121.87
CA ASN F 264 32.09 13.07 -123.05
C ASN F 264 31.75 14.52 -122.69
N VAL F 265 32.74 15.20 -122.14
CA VAL F 265 32.60 16.58 -121.70
C VAL F 265 33.65 17.44 -122.37
N ASP F 266 33.68 18.73 -122.04
CA ASP F 266 34.72 19.60 -122.58
C ASP F 266 36.07 19.21 -122.01
N TRP F 267 36.89 18.57 -122.84
CA TRP F 267 38.17 18.02 -122.41
C TRP F 267 39.35 18.91 -122.78
N THR F 268 39.07 20.16 -123.17
CA THR F 268 40.15 21.07 -123.54
C THR F 268 40.71 21.78 -122.32
N GLU F 269 41.84 22.45 -122.49
CA GLU F 269 42.51 23.15 -121.40
C GLU F 269 41.65 24.28 -120.84
N GLU F 270 40.75 24.81 -121.66
CA GLU F 270 39.90 25.92 -121.26
C GLU F 270 38.92 25.53 -120.16
N ALA F 271 38.71 24.23 -119.96
CA ALA F 271 37.79 23.77 -118.93
C ALA F 271 38.51 22.94 -117.89
N LEU F 272 39.80 23.25 -117.65
CA LEU F 272 40.53 22.61 -116.56
C LEU F 272 39.86 22.91 -115.24
N GLY F 273 39.44 24.15 -115.04
CA GLY F 273 38.78 24.57 -113.81
C GLY F 273 37.49 23.81 -113.58
N GLU F 274 36.68 23.69 -114.64
CA GLU F 274 35.43 22.95 -114.56
C GLU F 274 35.66 21.51 -114.15
N ARG F 275 36.57 20.84 -114.86
CA ARG F 275 36.84 19.44 -114.64
C ARG F 275 37.60 19.21 -113.34
N PHE F 276 38.35 20.22 -112.90
CA PHE F 276 39.02 20.18 -111.61
C PHE F 276 38.00 20.03 -110.51
N LEU F 277 36.98 20.87 -110.54
CA LEU F 277 35.92 20.81 -109.54
C LEU F 277 35.13 19.51 -109.65
N GLN F 278 34.95 19.04 -110.89
CA GLN F 278 34.29 17.75 -111.11
C GLN F 278 35.09 16.61 -110.51
N ALA F 279 36.41 16.68 -110.64
CA ALA F 279 37.31 15.69 -110.06
C ALA F 279 37.18 15.69 -108.56
N LEU F 280 37.08 16.87 -107.97
CA LEU F 280 36.90 17.00 -106.53
C LEU F 280 35.59 16.37 -106.11
N GLU F 281 34.52 16.65 -106.86
CA GLU F 281 33.20 16.14 -106.55
C GLU F 281 33.16 14.60 -106.58
N LEU F 282 33.76 14.03 -107.62
CA LEU F 282 33.81 12.57 -107.75
C LEU F 282 34.62 11.93 -106.63
N LEU F 283 35.79 12.50 -106.37
CA LEU F 283 36.66 12.00 -105.30
C LEU F 283 36.01 12.13 -103.93
N ILE F 284 35.42 13.30 -103.65
CA ILE F 284 34.73 13.54 -102.39
C ILE F 284 33.59 12.56 -102.19
N GLY F 285 32.80 12.34 -103.24
CA GLY F 285 31.70 11.38 -103.16
C GLY F 285 32.21 9.99 -102.81
N SER F 286 33.30 9.57 -103.45
CA SER F 286 33.91 8.28 -103.15
C SER F 286 34.40 8.24 -101.71
N LEU F 287 34.96 9.34 -101.24
CA LEU F 287 35.42 9.46 -99.87
C LEU F 287 34.24 9.41 -98.89
N GLU F 288 33.14 10.05 -99.24
CA GLU F 288 31.94 10.00 -98.41
C GLU F 288 31.40 8.59 -98.28
N GLN F 289 31.60 7.76 -99.31
CA GLN F 289 31.21 6.36 -99.27
C GLN F 289 32.31 5.48 -98.69
N ALA F 290 33.47 6.06 -98.40
CA ALA F 290 34.67 5.33 -97.98
C ALA F 290 34.95 4.16 -98.94
N SER F 291 34.83 4.43 -100.23
CA SER F 291 34.97 3.39 -101.23
C SER F 291 35.52 3.92 -102.55
N LEU F 292 36.65 3.38 -102.98
CA LEU F 292 37.19 3.66 -104.31
C LEU F 292 37.55 2.38 -105.05
N PRO F 293 36.59 1.81 -105.77
CA PRO F 293 36.79 0.67 -106.63
C PRO F 293 37.68 0.99 -107.81
N CYS F 294 38.78 0.25 -107.93
CA CYS F 294 39.70 0.39 -109.05
C CYS F 294 38.96 0.26 -110.39
N HIS F 295 39.29 1.13 -111.32
CA HIS F 295 38.63 1.17 -112.62
C HIS F 295 38.71 -0.16 -113.34
N PHE F 296 39.87 -0.80 -113.28
CA PHE F 296 40.08 -2.08 -113.95
C PHE F 296 39.85 -3.28 -113.03
N ASN F 297 39.34 -3.02 -111.83
CA ASN F 297 39.00 -4.07 -110.89
C ASN F 297 38.23 -3.53 -109.70
N PRO F 298 36.90 -3.49 -109.81
CA PRO F 298 36.00 -2.82 -108.87
C PRO F 298 36.01 -3.45 -107.48
N SER F 299 36.58 -4.66 -107.36
CA SER F 299 36.64 -5.32 -106.07
C SER F 299 37.78 -4.75 -105.20
N VAL F 300 38.62 -3.91 -105.80
CA VAL F 300 39.70 -3.26 -105.06
C VAL F 300 39.28 -1.89 -104.55
N ASN F 301 38.99 -1.81 -103.26
CA ASN F 301 38.65 -0.55 -102.61
C ASN F 301 39.91 0.14 -102.11
N LEU F 302 40.32 1.20 -102.79
CA LEU F 302 41.57 1.88 -102.49
C LEU F 302 41.50 2.71 -101.20
N PHE F 303 40.31 2.84 -100.64
CA PHE F 303 40.13 3.54 -99.37
C PHE F 303 40.01 2.57 -98.20
N SER F 304 40.06 1.27 -98.49
CA SER F 304 39.86 0.26 -97.46
C SER F 304 41.02 0.22 -96.45
N SER F 305 42.16 0.76 -96.83
CA SER F 305 43.32 0.81 -95.95
C SER F 305 43.35 2.10 -95.13
N LEU F 306 42.36 2.97 -95.33
CA LEU F 306 42.33 4.25 -94.65
C LEU F 306 41.22 4.30 -93.60
N ARG F 307 41.43 5.09 -92.55
CA ARG F 307 40.43 5.26 -91.50
C ARG F 307 39.24 6.06 -92.00
N GLU F 308 38.04 5.55 -91.75
CA GLU F 308 36.80 6.17 -92.24
C GLU F 308 36.71 7.64 -91.86
N GLU F 309 37.07 7.96 -90.62
CA GLU F 309 37.03 9.34 -90.14
C GLU F 309 38.00 10.22 -90.91
N GLU F 310 39.21 9.70 -91.15
CA GLU F 310 40.21 10.42 -91.93
C GLU F 310 39.77 10.57 -93.38
N ILE F 311 39.13 9.54 -93.91
CA ILE F 311 38.57 9.57 -95.25
C ILE F 311 37.56 10.69 -95.40
N ASP F 312 36.66 10.81 -94.43
CA ASP F 312 35.68 11.87 -94.42
C ASP F 312 36.32 13.24 -94.27
N ASP F 313 37.35 13.32 -93.42
CA ASP F 313 38.08 14.57 -93.22
C ASP F 313 38.77 15.01 -94.50
N ILE F 314 39.29 14.06 -95.27
CA ILE F 314 39.85 14.37 -96.57
C ILE F 314 38.81 14.94 -97.49
N GLY F 315 37.63 14.32 -97.50
CA GLY F 315 36.50 14.80 -98.29
C GLY F 315 36.09 16.21 -97.87
N TYR F 316 36.12 16.47 -96.56
CA TYR F 316 35.81 17.80 -96.03
C TYR F 316 36.86 18.83 -96.44
N ALA F 317 38.13 18.41 -96.44
CA ALA F 317 39.20 19.27 -96.89
C ALA F 317 39.04 19.61 -98.37
N LEU F 318 38.71 18.60 -99.17
CA LEU F 318 38.47 18.81 -100.58
C LEU F 318 37.19 19.59 -100.83
N TYR F 319 36.20 19.40 -99.96
CA TYR F 319 34.97 20.17 -100.03
C TYR F 319 35.25 21.66 -99.83
N SER F 320 36.10 21.98 -98.86
CA SER F 320 36.55 23.36 -98.71
C SER F 320 37.35 23.79 -99.95
N GLY F 321 38.00 22.81 -100.58
CA GLY F 321 38.63 23.01 -101.88
C GLY F 321 37.60 23.40 -102.94
N LEU F 322 36.44 22.76 -102.94
CA LEU F 322 35.35 23.16 -103.83
C LEU F 322 34.88 24.57 -103.53
N GLN F 323 34.80 24.90 -102.25
CA GLN F 323 34.36 26.22 -101.82
C GLN F 323 35.35 27.31 -102.22
N GLU F 324 36.63 27.00 -102.11
CA GLU F 324 37.67 27.93 -102.50
C GLU F 324 38.71 27.27 -103.40
N PRO F 325 38.28 26.80 -104.58
CA PRO F 325 39.10 26.12 -105.63
C PRO F 325 40.60 26.43 -105.54
N GLU F 326 40.96 27.71 -105.58
CA GLU F 326 42.36 28.13 -105.69
C GLU F 326 43.17 27.81 -104.43
N GLY F 327 42.48 27.53 -103.33
CA GLY F 327 43.13 27.19 -102.06
C GLY F 327 43.82 25.84 -102.09
N LEU F 328 43.49 25.01 -103.09
CA LEU F 328 44.19 23.74 -103.29
C LEU F 328 45.42 23.91 -104.15
N LEU F 329 45.63 25.12 -104.67
CA LEU F 329 46.65 25.36 -105.65
C LEU F 329 47.73 26.31 -105.14
N MET G 1 40.15 -43.28 -80.07
CA MET G 1 39.39 -43.56 -78.86
C MET G 1 39.67 -44.95 -78.33
N GLU G 2 40.16 -45.03 -77.10
CA GLU G 2 40.50 -46.30 -76.46
C GLU G 2 40.42 -46.15 -74.95
N ALA G 3 41.51 -45.69 -74.33
CA ALA G 3 41.50 -45.40 -72.90
C ALA G 3 40.60 -44.21 -72.59
N LEU G 4 40.28 -43.42 -73.61
CA LEU G 4 39.34 -42.33 -73.49
C LEU G 4 37.98 -42.82 -73.01
N ILE G 5 37.64 -44.07 -73.32
CA ILE G 5 36.35 -44.59 -72.96
C ILE G 5 36.08 -44.52 -71.45
N PRO G 6 37.08 -44.87 -70.62
CA PRO G 6 36.91 -44.85 -69.16
C PRO G 6 37.33 -43.53 -68.59
N VAL G 7 38.28 -42.86 -69.25
CA VAL G 7 38.67 -41.53 -68.86
C VAL G 7 37.50 -40.58 -68.94
N ILE G 8 36.83 -40.61 -70.09
CA ILE G 8 35.68 -39.76 -70.32
C ILE G 8 34.54 -40.11 -69.39
N ASN G 9 34.28 -41.40 -69.18
CA ASN G 9 33.23 -41.81 -68.27
C ASN G 9 33.46 -41.28 -66.86
N LYS G 10 34.70 -41.34 -66.39
CA LYS G 10 35.05 -40.72 -65.14
C LYS G 10 34.78 -39.22 -65.18
N LEU G 11 35.10 -38.61 -66.33
CA LEU G 11 34.89 -37.19 -66.58
C LEU G 11 33.45 -36.84 -66.91
N GLN G 12 32.56 -37.81 -66.86
CA GLN G 12 31.14 -37.51 -66.90
C GLN G 12 30.65 -37.37 -65.48
N ASP G 13 31.13 -38.26 -64.61
CA ASP G 13 30.77 -38.25 -63.21
C ASP G 13 31.25 -37.00 -62.49
N VAL G 14 32.30 -36.38 -62.99
CA VAL G 14 32.77 -35.13 -62.40
C VAL G 14 31.71 -34.04 -62.51
N PHE G 15 30.82 -34.18 -63.49
CA PHE G 15 29.74 -33.24 -63.66
C PHE G 15 28.49 -33.75 -62.95
N ASN G 16 28.26 -35.05 -63.04
CA ASN G 16 27.10 -35.67 -62.43
C ASN G 16 27.06 -35.44 -60.93
N THR G 17 28.23 -35.48 -60.30
CA THR G 17 28.33 -35.38 -58.86
C THR G 17 28.39 -33.94 -58.36
N VAL G 18 28.41 -32.98 -59.28
CA VAL G 18 28.33 -31.57 -58.91
C VAL G 18 27.08 -30.93 -59.47
N GLY G 19 26.34 -31.68 -60.30
CA GLY G 19 25.08 -31.21 -60.84
C GLY G 19 25.29 -30.31 -62.06
N ALA G 20 26.40 -30.50 -62.75
CA ALA G 20 26.73 -29.68 -63.90
C ALA G 20 26.44 -30.43 -65.19
N ASP G 21 26.37 -29.68 -66.28
CA ASP G 21 26.24 -30.28 -67.60
C ASP G 21 27.58 -30.82 -68.07
N ILE G 22 27.55 -31.99 -68.70
CA ILE G 22 28.78 -32.63 -69.17
C ILE G 22 29.29 -31.96 -70.43
N ILE G 23 30.60 -31.69 -70.44
CA ILE G 23 31.24 -31.07 -71.59
C ILE G 23 30.88 -31.79 -72.87
N GLN G 24 30.50 -31.02 -73.88
CA GLN G 24 30.16 -31.58 -75.17
C GLN G 24 31.38 -31.59 -76.08
N LEU G 25 31.57 -32.70 -76.77
CA LEU G 25 32.68 -32.84 -77.70
C LEU G 25 32.35 -32.17 -79.02
N PRO G 26 33.33 -31.47 -79.60
CA PRO G 26 33.16 -30.76 -80.86
C PRO G 26 32.69 -31.71 -81.96
N GLN G 27 31.83 -31.19 -82.84
CA GLN G 27 31.27 -31.97 -83.93
C GLN G 27 32.32 -32.30 -84.97
N ILE G 28 32.35 -33.54 -85.41
CA ILE G 28 33.37 -33.96 -86.37
C ILE G 28 32.84 -33.84 -87.79
N VAL G 29 33.35 -32.87 -88.54
CA VAL G 29 32.83 -32.59 -89.87
C VAL G 29 33.90 -32.75 -90.94
N VAL G 30 33.65 -33.61 -91.91
CA VAL G 30 34.61 -33.85 -92.98
C VAL G 30 34.24 -33.13 -94.27
N VAL G 31 35.20 -32.40 -94.83
CA VAL G 31 34.97 -31.60 -96.02
C VAL G 31 35.99 -31.87 -97.12
N GLY G 32 35.64 -31.52 -98.36
CA GLY G 32 36.56 -31.68 -99.48
C GLY G 32 35.85 -32.02 -100.78
N THR G 33 36.61 -32.07 -101.87
CA THR G 33 36.05 -32.32 -103.19
C THR G 33 35.63 -33.76 -103.36
N GLN G 34 34.76 -34.00 -104.32
CA GLN G 34 34.21 -35.33 -104.59
C GLN G 34 35.30 -36.36 -104.81
N SER G 35 35.15 -37.50 -104.14
CA SER G 35 36.07 -38.63 -104.26
C SER G 35 37.48 -38.32 -103.73
N SER G 36 37.59 -37.38 -102.79
CA SER G 36 38.87 -37.12 -102.15
C SER G 36 39.20 -38.18 -101.08
N GLY G 37 38.18 -38.87 -100.56
CA GLY G 37 38.42 -39.92 -99.58
C GLY G 37 37.72 -39.64 -98.24
N LYS G 38 36.75 -38.73 -98.24
CA LYS G 38 36.10 -38.24 -97.03
C LYS G 38 35.48 -39.36 -96.20
N SER G 39 34.58 -40.12 -96.79
CA SER G 39 33.86 -41.17 -96.07
C SER G 39 34.83 -42.19 -95.52
N SER G 40 35.82 -42.56 -96.33
CA SER G 40 36.87 -43.49 -95.89
C SER G 40 37.59 -43.03 -94.63
N VAL G 41 37.87 -41.72 -94.53
CA VAL G 41 38.48 -41.20 -93.31
C VAL G 41 37.62 -41.47 -92.10
N LEU G 42 36.33 -41.22 -92.23
CA LEU G 42 35.38 -41.50 -91.16
C LEU G 42 35.31 -42.99 -90.86
N GLU G 43 35.39 -43.82 -91.90
CA GLU G 43 35.36 -45.26 -91.72
C GLU G 43 36.51 -45.76 -90.89
N SER G 44 37.69 -45.16 -91.07
CA SER G 44 38.87 -45.52 -90.31
C SER G 44 38.74 -45.15 -88.84
N LEU G 45 37.79 -44.28 -88.52
CA LEU G 45 37.55 -43.86 -87.14
C LEU G 45 36.52 -44.75 -86.46
N VAL G 46 35.91 -45.65 -87.22
CA VAL G 46 34.87 -46.52 -86.69
C VAL G 46 35.34 -47.97 -86.61
N GLY G 47 35.86 -48.47 -87.74
CA GLY G 47 36.28 -49.85 -87.82
C GLY G 47 35.21 -50.72 -88.50
N ARG G 48 34.08 -50.11 -88.83
CA ARG G 48 33.01 -50.81 -89.53
C ARG G 48 32.67 -50.09 -90.83
N ASP G 49 32.21 -50.86 -91.81
CA ASP G 49 31.79 -50.28 -93.08
C ASP G 49 30.38 -49.74 -92.98
N LEU G 50 30.22 -48.60 -92.29
CA LEU G 50 28.92 -48.01 -92.05
C LEU G 50 28.55 -47.01 -93.12
N LEU G 51 29.55 -46.47 -93.79
CA LEU G 51 29.34 -45.47 -94.80
C LEU G 51 29.44 -46.08 -96.19
N PRO G 52 28.72 -45.48 -97.13
CA PRO G 52 28.87 -45.75 -98.54
C PRO G 52 30.20 -45.22 -99.01
N ARG G 53 30.76 -45.86 -100.03
CA ARG G 53 32.09 -45.51 -100.53
C ARG G 53 32.20 -45.81 -102.01
N GLY G 54 33.06 -45.06 -102.70
CA GLY G 54 33.24 -45.32 -104.13
C GLY G 54 33.74 -44.12 -104.91
N THR G 55 33.94 -44.30 -106.20
CA THR G 55 34.48 -43.25 -107.06
C THR G 55 33.39 -42.31 -107.54
N GLY G 56 33.80 -41.17 -108.09
CA GLY G 56 32.89 -40.19 -108.63
C GLY G 56 32.05 -39.57 -107.53
N ILE G 57 30.73 -39.74 -107.64
CA ILE G 57 29.80 -39.23 -106.64
C ILE G 57 29.14 -40.38 -105.87
N VAL G 58 29.22 -40.32 -104.55
CA VAL G 58 28.62 -41.33 -103.68
C VAL G 58 27.77 -40.72 -102.60
N THR G 59 28.40 -39.94 -101.73
CA THR G 59 27.66 -39.24 -100.68
C THR G 59 26.89 -38.10 -101.30
N ARG G 60 25.57 -38.17 -101.20
CA ARG G 60 24.72 -37.21 -101.88
C ARG G 60 23.68 -36.65 -100.93
N ARG G 61 23.98 -36.67 -99.64
CA ARG G 61 23.03 -36.29 -98.63
C ARG G 61 23.65 -36.42 -97.24
N PRO G 62 24.19 -35.31 -96.71
CA PRO G 62 24.92 -35.28 -95.42
C PRO G 62 24.39 -36.33 -94.43
N LEU G 63 25.30 -37.07 -93.82
CA LEU G 63 24.90 -38.00 -92.76
C LEU G 63 25.23 -37.41 -91.40
N ILE G 64 24.23 -37.38 -90.53
CA ILE G 64 24.44 -36.99 -89.15
C ILE G 64 24.60 -38.22 -88.28
N LEU G 65 25.83 -38.51 -87.91
CA LEU G 65 26.13 -39.70 -87.13
C LEU G 65 26.28 -39.38 -85.66
N GLN G 66 25.45 -40.02 -84.85
CA GLN G 66 25.58 -39.88 -83.42
C GLN G 66 26.07 -41.16 -82.78
N LEU G 67 27.33 -41.15 -82.39
CA LEU G 67 27.90 -42.27 -81.67
C LEU G 67 27.36 -42.28 -80.25
N VAL G 68 26.95 -43.45 -79.77
CA VAL G 68 26.27 -43.55 -78.48
C VAL G 68 26.95 -44.54 -77.53
N HIS G 69 27.37 -44.04 -76.37
CA HIS G 69 27.89 -44.89 -75.32
C HIS G 69 26.76 -45.70 -74.68
N VAL G 70 26.97 -47.00 -74.54
CA VAL G 70 25.99 -47.87 -73.92
C VAL G 70 26.47 -48.40 -72.58
N SER G 71 25.59 -48.31 -71.58
CA SER G 71 25.90 -48.77 -70.23
C SER G 71 25.79 -50.29 -70.12
N GLN G 72 25.89 -50.79 -68.90
CA GLN G 72 25.80 -52.22 -68.66
C GLN G 72 24.35 -52.70 -68.52
N GLU G 73 23.39 -51.78 -68.70
CA GLU G 73 21.98 -52.15 -68.66
C GLU G 73 21.64 -53.10 -69.79
N ALA G 87 21.27 -57.27 -78.03
CA ALA G 87 22.13 -56.44 -78.87
C ALA G 87 23.28 -55.87 -78.06
N GLU G 88 24.50 -56.27 -78.40
CA GLU G 88 25.70 -55.68 -77.81
C GLU G 88 26.03 -54.37 -78.50
N GLU G 89 26.09 -54.42 -79.82
CA GLU G 89 26.25 -53.22 -80.63
C GLU G 89 25.14 -53.14 -81.66
N TRP G 90 24.62 -51.95 -81.89
CA TRP G 90 23.53 -51.77 -82.85
C TRP G 90 23.39 -50.33 -83.27
N GLY G 91 22.65 -50.08 -84.35
CA GLY G 91 22.39 -48.71 -84.79
C GLY G 91 20.91 -48.35 -84.65
N LYS G 92 20.57 -47.13 -85.06
CA LYS G 92 19.17 -46.69 -85.06
C LYS G 92 19.01 -45.43 -85.90
N PHE G 93 18.11 -45.48 -86.89
CA PHE G 93 17.85 -44.31 -87.72
C PHE G 93 16.66 -43.54 -87.23
N LEU G 94 16.73 -42.22 -87.37
CA LEU G 94 15.65 -41.34 -86.98
C LEU G 94 14.35 -41.71 -87.69
N HIS G 95 14.45 -41.98 -88.99
CA HIS G 95 13.27 -42.25 -89.79
C HIS G 95 12.72 -43.67 -89.61
N THR G 96 13.38 -44.48 -88.77
CA THR G 96 12.83 -45.79 -88.43
C THR G 96 12.63 -45.90 -86.93
N LYS G 97 12.50 -44.75 -86.27
CA LYS G 97 12.19 -44.70 -84.85
C LYS G 97 13.16 -45.55 -84.04
N ASN G 98 12.63 -46.48 -83.26
CA ASN G 98 13.45 -47.26 -82.35
C ASN G 98 13.86 -48.62 -82.90
N LYS G 99 13.83 -48.76 -84.23
CA LYS G 99 14.35 -49.97 -84.84
C LYS G 99 15.83 -50.12 -84.54
N LEU G 100 16.21 -51.29 -84.05
CA LEU G 100 17.60 -51.54 -83.69
C LEU G 100 18.30 -52.29 -84.80
N TYR G 101 19.50 -51.85 -85.14
CA TYR G 101 20.25 -52.45 -86.23
C TYR G 101 21.53 -53.11 -85.75
N THR G 102 21.47 -54.41 -85.45
CA THR G 102 22.67 -55.15 -85.13
C THR G 102 23.38 -55.56 -86.42
N ASP G 103 22.65 -55.49 -87.53
CA ASP G 103 23.24 -55.68 -88.84
C ASP G 103 23.77 -54.35 -89.37
N PHE G 104 25.09 -54.22 -89.37
CA PHE G 104 25.73 -52.98 -89.73
C PHE G 104 25.91 -52.81 -91.24
N ASP G 105 25.55 -53.85 -91.99
CA ASP G 105 25.51 -53.74 -93.43
C ASP G 105 24.17 -53.22 -93.84
N GLU G 106 23.14 -53.61 -93.08
CA GLU G 106 21.81 -53.04 -93.22
C GLU G 106 21.85 -51.55 -92.99
N ILE G 107 22.62 -51.13 -91.98
CA ILE G 107 22.79 -49.71 -91.71
C ILE G 107 23.36 -48.97 -92.91
N ARG G 108 24.48 -49.46 -93.43
CA ARG G 108 25.08 -48.85 -94.62
C ARG G 108 24.09 -48.82 -95.77
N GLN G 109 23.43 -49.94 -96.00
CA GLN G 109 22.45 -50.07 -97.08
C GLN G 109 21.24 -49.18 -96.86
N GLU G 110 20.87 -49.00 -95.60
CA GLU G 110 19.75 -48.13 -95.27
C GLU G 110 20.09 -46.68 -95.52
N ILE G 111 21.35 -46.32 -95.28
CA ILE G 111 21.83 -44.99 -95.67
C ILE G 111 21.71 -44.81 -97.16
N GLU G 112 22.11 -45.84 -97.91
CA GLU G 112 22.02 -45.82 -99.36
C GLU G 112 20.57 -45.69 -99.81
N ASN G 113 19.68 -46.44 -99.16
CA ASN G 113 18.27 -46.42 -99.48
C ASN G 113 17.69 -45.04 -99.22
N GLU G 114 17.95 -44.53 -98.03
CA GLU G 114 17.41 -43.26 -97.60
C GLU G 114 17.97 -42.12 -98.43
N THR G 115 19.25 -42.22 -98.76
CA THR G 115 19.87 -41.25 -99.67
C THR G 115 19.10 -41.17 -100.97
N GLU G 116 18.82 -42.32 -101.57
CA GLU G 116 18.09 -42.36 -102.83
C GLU G 116 16.66 -41.87 -102.68
N ARG G 117 16.06 -42.08 -101.51
CA ARG G 117 14.68 -41.66 -101.27
C ARG G 117 14.51 -40.16 -101.40
N ILE G 118 15.48 -39.37 -100.92
CA ILE G 118 15.35 -37.91 -101.03
C ILE G 118 16.29 -37.30 -102.08
N SER G 119 17.59 -37.60 -101.99
CA SER G 119 18.54 -37.00 -102.93
C SER G 119 18.43 -37.62 -104.31
N GLY G 120 18.03 -38.88 -104.36
CA GLY G 120 17.83 -39.57 -105.63
C GLY G 120 19.05 -40.39 -106.02
N ASN G 121 19.04 -40.90 -107.24
CA ASN G 121 20.14 -41.71 -107.74
C ASN G 121 20.60 -41.23 -109.10
N ASN G 122 20.83 -39.93 -109.20
CA ASN G 122 21.30 -39.32 -110.44
C ASN G 122 22.14 -38.09 -110.14
N LYS G 123 23.13 -38.28 -109.28
CA LYS G 123 24.06 -37.21 -108.86
C LYS G 123 23.38 -36.06 -108.09
N GLY G 124 22.07 -36.16 -107.83
CA GLY G 124 21.38 -35.12 -107.09
C GLY G 124 21.77 -35.17 -105.64
N VAL G 125 21.87 -33.99 -105.03
CA VAL G 125 22.25 -33.90 -103.62
C VAL G 125 21.15 -33.27 -102.81
N SER G 126 20.77 -33.92 -101.71
CA SER G 126 19.75 -33.40 -100.84
C SER G 126 20.34 -32.49 -99.78
N PRO G 127 19.58 -31.47 -99.39
CA PRO G 127 19.93 -30.60 -98.26
C PRO G 127 19.43 -31.19 -96.95
N GLU G 128 18.61 -32.24 -97.04
CA GLU G 128 18.08 -32.89 -95.87
C GLU G 128 18.95 -34.05 -95.45
N PRO G 129 19.78 -33.85 -94.43
CA PRO G 129 20.68 -34.86 -93.90
C PRO G 129 19.94 -36.08 -93.34
N ILE G 130 20.67 -37.18 -93.18
CA ILE G 130 20.15 -38.41 -92.57
C ILE G 130 20.65 -38.55 -91.15
N HIS G 131 19.76 -38.77 -90.19
CA HIS G 131 20.21 -38.96 -88.82
C HIS G 131 20.31 -40.43 -88.43
N LEU G 132 21.51 -40.81 -87.98
CA LEU G 132 21.79 -42.17 -87.54
C LEU G 132 22.52 -42.20 -86.20
N LYS G 133 22.00 -43.00 -85.28
CA LYS G 133 22.70 -43.26 -84.03
C LYS G 133 23.39 -44.62 -84.07
N ILE G 134 24.61 -44.68 -83.55
CA ILE G 134 25.32 -45.95 -83.41
C ILE G 134 25.62 -46.25 -81.96
N PHE G 135 25.22 -47.43 -81.51
CA PHE G 135 25.31 -47.79 -80.10
C PHE G 135 26.36 -48.86 -79.84
N SER G 136 27.14 -48.64 -78.80
CA SER G 136 28.04 -49.66 -78.29
C SER G 136 28.52 -49.30 -76.90
N PRO G 137 28.95 -50.29 -76.13
CA PRO G 137 29.44 -50.11 -74.78
C PRO G 137 30.92 -49.85 -74.79
N ASN G 138 31.53 -49.96 -75.97
CA ASN G 138 32.93 -49.64 -76.14
C ASN G 138 33.13 -48.41 -77.01
N VAL G 139 32.13 -47.53 -77.02
CA VAL G 139 32.27 -46.24 -77.70
C VAL G 139 31.77 -45.12 -76.83
N VAL G 140 32.12 -43.89 -77.19
CA VAL G 140 31.72 -42.72 -76.42
C VAL G 140 30.87 -41.77 -77.24
N ASN G 141 29.93 -41.12 -76.58
CA ASN G 141 29.04 -40.17 -77.24
C ASN G 141 29.82 -39.17 -78.10
N LEU G 142 29.48 -39.10 -79.39
CA LEU G 142 30.17 -38.20 -80.31
C LEU G 142 29.36 -37.94 -81.58
N THR G 143 29.28 -36.67 -81.98
CA THR G 143 28.53 -36.29 -83.17
C THR G 143 29.47 -36.08 -84.37
N LEU G 144 29.18 -36.77 -85.47
CA LEU G 144 29.99 -36.71 -86.68
C LEU G 144 29.13 -36.41 -87.92
N VAL G 145 29.74 -35.77 -88.93
CA VAL G 145 29.02 -35.44 -90.16
C VAL G 145 29.78 -35.87 -91.43
N ASP G 146 29.11 -36.65 -92.27
CA ASP G 146 29.67 -37.05 -93.57
C ASP G 146 29.05 -36.26 -94.71
N LEU G 147 29.82 -35.35 -95.30
CA LEU G 147 29.29 -34.42 -96.30
C LEU G 147 29.55 -34.88 -97.73
N PRO G 148 28.73 -34.38 -98.65
CA PRO G 148 28.91 -34.56 -100.08
C PRO G 148 30.12 -33.78 -100.55
N GLY G 149 30.77 -34.27 -101.59
CA GLY G 149 31.97 -33.63 -102.07
C GLY G 149 31.68 -32.32 -102.76
N MET G 150 32.63 -31.40 -102.68
CA MET G 150 32.53 -30.14 -103.38
C MET G 150 32.59 -30.33 -104.89
N THR G 151 31.79 -29.56 -105.62
CA THR G 151 31.74 -29.64 -107.06
C THR G 151 31.81 -28.26 -107.70
N LYS G 152 31.66 -28.24 -109.02
CA LYS G 152 31.67 -27.02 -109.80
C LYS G 152 30.59 -27.05 -110.88
N VAL G 153 30.39 -28.22 -111.46
CA VAL G 153 29.42 -28.39 -112.54
C VAL G 153 28.15 -29.06 -112.04
N PRO G 154 27.00 -28.50 -112.42
CA PRO G 154 25.68 -29.06 -112.15
C PRO G 154 25.41 -30.25 -113.06
N VAL G 155 25.45 -31.45 -112.48
CA VAL G 155 25.27 -32.67 -113.25
C VAL G 155 24.13 -33.52 -112.71
N GLY G 156 23.52 -34.30 -113.59
CA GLY G 156 22.41 -35.16 -113.20
C GLY G 156 21.22 -34.33 -112.72
N ASP G 157 20.78 -34.58 -111.49
CA ASP G 157 19.66 -33.87 -110.91
C ASP G 157 20.09 -32.62 -110.14
N GLN G 158 21.36 -32.26 -110.25
CA GLN G 158 21.88 -31.11 -109.53
C GLN G 158 21.37 -29.79 -110.11
N PRO G 159 21.27 -28.77 -109.26
CA PRO G 159 20.87 -27.41 -109.59
C PRO G 159 22.03 -26.59 -110.08
N LYS G 160 21.75 -25.50 -110.78
CA LYS G 160 22.78 -24.61 -111.29
C LYS G 160 23.75 -24.18 -110.19
N ASP G 161 23.22 -23.96 -109.00
CA ASP G 161 24.01 -23.52 -107.87
C ASP G 161 24.29 -24.64 -106.88
N ILE G 162 24.36 -25.89 -107.38
CA ILE G 162 24.68 -27.04 -106.53
C ILE G 162 26.00 -26.87 -105.80
N GLU G 163 26.96 -26.20 -106.44
CA GLU G 163 28.21 -25.87 -105.78
C GLU G 163 27.95 -25.07 -104.53
N LEU G 164 27.11 -24.06 -104.66
CA LEU G 164 26.77 -23.19 -103.55
C LEU G 164 25.86 -23.90 -102.55
N GLN G 165 25.00 -24.78 -103.04
CA GLN G 165 24.15 -25.57 -102.17
C GLN G 165 24.99 -26.43 -101.25
N ILE G 166 25.90 -27.19 -101.84
CA ILE G 166 26.82 -28.03 -101.07
C ILE G 166 27.70 -27.19 -100.18
N ARG G 167 28.17 -26.05 -100.70
CA ARG G 167 28.94 -25.10 -99.91
C ARG G 167 28.18 -24.69 -98.66
N GLU G 168 26.90 -24.35 -98.81
CA GLU G 168 26.08 -23.96 -97.68
C GLU G 168 25.80 -25.15 -96.76
N LEU G 169 25.65 -26.33 -97.35
CA LEU G 169 25.48 -27.55 -96.56
C LEU G 169 26.70 -27.84 -95.72
N ILE G 170 27.88 -27.54 -96.26
CA ILE G 170 29.11 -27.65 -95.51
C ILE G 170 29.16 -26.60 -94.41
N LEU G 171 28.87 -25.36 -94.77
CA LEU G 171 28.90 -24.23 -93.84
C LEU G 171 27.95 -24.43 -92.68
N ARG G 172 26.83 -25.09 -92.95
CA ARG G 172 25.86 -25.46 -91.93
C ARG G 172 26.51 -26.13 -90.71
N PHE G 173 27.61 -26.84 -90.92
CA PHE G 173 28.24 -27.55 -89.82
C PHE G 173 29.59 -26.95 -89.43
N ILE G 174 30.40 -26.57 -90.42
CA ILE G 174 31.75 -26.10 -90.12
C ILE G 174 31.75 -24.68 -89.56
N SER G 175 30.64 -23.96 -89.73
CA SER G 175 30.49 -22.63 -89.16
C SER G 175 30.42 -22.65 -87.63
N ASN G 176 30.23 -23.83 -87.04
CA ASN G 176 30.19 -23.95 -85.60
C ASN G 176 31.60 -24.09 -85.01
N PRO G 177 32.13 -23.02 -84.37
CA PRO G 177 33.34 -23.03 -83.53
C PRO G 177 33.57 -24.37 -82.82
N ASN G 178 32.50 -24.94 -82.25
CA ASN G 178 32.61 -26.19 -81.52
C ASN G 178 32.57 -27.39 -82.47
N SER G 179 33.60 -27.51 -83.29
CA SER G 179 33.70 -28.59 -84.24
C SER G 179 35.13 -28.82 -84.68
N ILE G 180 35.38 -29.97 -85.26
CA ILE G 180 36.66 -30.27 -85.86
C ILE G 180 36.49 -30.46 -87.35
N ILE G 181 37.14 -29.62 -88.12
CA ILE G 181 36.99 -29.64 -89.57
C ILE G 181 38.12 -30.44 -90.19
N LEU G 182 37.76 -31.54 -90.84
CA LEU G 182 38.76 -32.39 -91.46
C LEU G 182 38.85 -32.13 -92.95
N ALA G 183 39.89 -31.42 -93.36
CA ALA G 183 40.03 -30.98 -94.72
C ALA G 183 40.63 -32.07 -95.60
N VAL G 184 39.78 -33.00 -96.03
CA VAL G 184 40.23 -34.18 -96.75
C VAL G 184 40.38 -33.92 -98.26
N THR G 185 41.62 -33.91 -98.72
CA THR G 185 41.94 -33.70 -100.14
C THR G 185 42.97 -34.74 -100.62
N ALA G 186 42.79 -35.20 -101.85
CA ALA G 186 43.63 -36.26 -102.41
C ALA G 186 45.05 -35.79 -102.70
N ALA G 187 46.02 -36.66 -102.46
CA ALA G 187 47.45 -36.38 -102.61
C ALA G 187 47.85 -36.11 -104.04
N ASN G 188 47.14 -36.71 -104.99
CA ASN G 188 47.48 -36.55 -106.39
C ASN G 188 46.81 -35.33 -107.00
N THR G 189 46.15 -34.52 -106.15
CA THR G 189 45.66 -33.23 -106.58
C THR G 189 46.48 -32.13 -105.92
N ASP G 190 46.27 -30.90 -106.36
CA ASP G 190 47.02 -29.79 -105.82
C ASP G 190 46.45 -29.34 -104.49
N MET G 191 47.16 -29.66 -103.42
CA MET G 191 46.73 -29.32 -102.06
C MET G 191 46.58 -27.82 -101.87
N ALA G 192 47.34 -27.03 -102.65
CA ALA G 192 47.28 -25.58 -102.53
C ALA G 192 45.93 -25.03 -102.98
N THR G 193 45.17 -25.84 -103.72
CA THR G 193 43.85 -25.44 -104.18
C THR G 193 42.76 -26.21 -103.45
N SER G 194 43.11 -26.88 -102.37
CA SER G 194 42.18 -27.69 -101.60
C SER G 194 40.90 -26.94 -101.29
N GLU G 195 39.81 -27.36 -101.91
CA GLU G 195 38.49 -26.77 -101.65
C GLU G 195 38.09 -27.01 -100.21
N ALA G 196 38.54 -28.13 -99.66
CA ALA G 196 38.33 -28.45 -98.27
C ALA G 196 38.82 -27.32 -97.38
N LEU G 197 40.07 -26.93 -97.57
CA LEU G 197 40.65 -25.82 -96.83
C LEU G 197 40.06 -24.48 -97.24
N LYS G 198 39.79 -24.32 -98.54
CA LYS G 198 39.25 -23.06 -99.04
C LYS G 198 37.93 -22.69 -98.38
N ILE G 199 37.04 -23.66 -98.23
CA ILE G 199 35.78 -23.43 -97.54
C ILE G 199 35.97 -23.38 -96.03
N SER G 200 36.95 -24.13 -95.52
CA SER G 200 37.25 -24.10 -94.09
C SER G 200 37.63 -22.70 -93.65
N ARG G 201 38.39 -22.00 -94.49
CA ARG G 201 38.84 -20.65 -94.19
C ARG G 201 37.70 -19.63 -94.12
N GLU G 202 36.54 -19.99 -94.66
CA GLU G 202 35.37 -19.11 -94.61
C GLU G 202 34.81 -19.01 -93.21
N VAL G 203 34.99 -20.07 -92.42
CA VAL G 203 34.47 -20.13 -91.06
C VAL G 203 35.59 -20.23 -90.06
N ASP G 204 36.78 -20.54 -90.56
CA ASP G 204 37.94 -20.72 -89.73
C ASP G 204 39.19 -20.32 -90.51
N PRO G 205 39.26 -19.05 -90.89
CA PRO G 205 40.32 -18.43 -91.68
C PRO G 205 41.71 -18.67 -91.13
N ASP G 206 41.81 -18.93 -89.83
CA ASP G 206 43.09 -19.13 -89.19
C ASP G 206 43.42 -20.61 -89.01
N GLY G 207 42.43 -21.48 -89.19
CA GLY G 207 42.65 -22.92 -89.15
C GLY G 207 42.70 -23.46 -87.73
N ARG G 208 42.11 -22.73 -86.78
CA ARG G 208 42.22 -23.06 -85.35
C ARG G 208 41.54 -24.39 -85.01
N ARG G 209 40.55 -24.76 -85.80
CA ARG G 209 39.83 -26.01 -85.57
C ARG G 209 39.76 -26.80 -86.86
N THR G 210 40.73 -26.57 -87.75
CA THR G 210 40.77 -27.26 -89.02
C THR G 210 42.05 -28.06 -89.16
N LEU G 211 41.91 -29.33 -89.47
CA LEU G 211 43.05 -30.22 -89.67
C LEU G 211 43.16 -30.61 -91.13
N ALA G 212 44.36 -30.43 -91.70
CA ALA G 212 44.56 -30.76 -93.10
C ALA G 212 44.85 -32.24 -93.27
N VAL G 213 44.10 -32.88 -94.15
CA VAL G 213 44.24 -34.32 -94.39
C VAL G 213 44.57 -34.62 -95.84
N ILE G 214 45.67 -35.34 -96.06
CA ILE G 214 46.09 -35.68 -97.42
C ILE G 214 45.96 -37.16 -97.67
N THR G 215 44.95 -37.56 -98.43
CA THR G 215 44.68 -38.98 -98.66
C THR G 215 45.26 -39.43 -99.97
N LYS G 216 45.20 -40.74 -100.21
CA LYS G 216 45.70 -41.29 -101.47
C LYS G 216 47.16 -40.93 -101.73
N LEU G 217 47.98 -40.93 -100.67
CA LEU G 217 49.42 -40.73 -100.83
C LEU G 217 50.01 -41.80 -101.73
N ASP G 218 49.44 -43.00 -101.67
CA ASP G 218 49.88 -44.11 -102.50
C ASP G 218 49.57 -43.87 -103.98
N LEU G 219 48.68 -42.92 -104.26
CA LEU G 219 48.35 -42.55 -105.63
C LEU G 219 48.98 -41.22 -106.02
N MET G 220 49.82 -40.66 -105.14
CA MET G 220 50.43 -39.36 -105.42
C MET G 220 51.24 -39.41 -106.69
N ASP G 221 51.20 -38.33 -107.46
CA ASP G 221 51.90 -38.27 -108.74
C ASP G 221 53.37 -38.55 -108.56
N ALA G 222 53.85 -39.60 -109.22
CA ALA G 222 55.22 -40.05 -109.05
C ALA G 222 56.20 -38.97 -109.46
N GLY G 223 57.21 -38.75 -108.63
CA GLY G 223 58.21 -37.72 -108.89
C GLY G 223 57.94 -36.46 -108.07
N THR G 224 56.71 -36.32 -107.57
CA THR G 224 56.35 -35.15 -106.77
C THR G 224 56.19 -35.53 -105.31
N ASP G 225 55.97 -34.53 -104.46
CA ASP G 225 55.76 -34.78 -103.04
C ASP G 225 54.89 -33.70 -102.42
N ALA G 226 54.50 -33.92 -101.17
CA ALA G 226 53.75 -32.93 -100.42
C ALA G 226 54.48 -32.56 -99.16
N MET G 227 55.81 -32.63 -99.19
CA MET G 227 56.61 -32.36 -97.99
C MET G 227 56.46 -30.92 -97.57
N ASP G 228 56.41 -30.02 -98.55
CA ASP G 228 56.26 -28.61 -98.29
C ASP G 228 54.88 -28.31 -97.70
N VAL G 229 53.87 -29.03 -98.18
CA VAL G 229 52.54 -28.91 -97.61
C VAL G 229 52.51 -29.47 -96.20
N LEU G 230 53.08 -30.66 -96.03
CA LEU G 230 53.14 -31.34 -94.74
C LEU G 230 53.92 -30.55 -93.71
N MET G 231 54.97 -29.86 -94.15
CA MET G 231 55.82 -29.10 -93.26
C MET G 231 55.34 -27.65 -93.07
N GLY G 232 54.21 -27.30 -93.68
CA GLY G 232 53.62 -25.99 -93.49
C GLY G 232 54.28 -24.91 -94.35
N ARG G 233 55.12 -25.33 -95.30
CA ARG G 233 55.81 -24.40 -96.17
C ARG G 233 54.85 -23.82 -97.19
N VAL G 234 53.89 -24.63 -97.62
CA VAL G 234 52.86 -24.16 -98.53
C VAL G 234 51.59 -23.80 -97.78
N ILE G 235 51.14 -24.73 -96.92
CA ILE G 235 49.91 -24.52 -96.18
C ILE G 235 50.12 -24.59 -94.67
N PRO G 236 50.02 -23.44 -94.00
CA PRO G 236 50.12 -23.37 -92.54
C PRO G 236 48.79 -23.74 -91.88
N VAL G 237 48.83 -24.73 -90.99
CA VAL G 237 47.63 -25.22 -90.33
C VAL G 237 47.86 -25.34 -88.82
N LYS G 238 46.94 -24.77 -88.03
CA LYS G 238 47.11 -24.74 -86.58
C LYS G 238 47.10 -26.14 -85.97
N LEU G 239 46.35 -27.04 -86.58
CA LEU G 239 46.30 -28.42 -86.09
C LEU G 239 47.28 -29.32 -86.82
N GLY G 240 48.08 -28.75 -87.72
CA GLY G 240 49.08 -29.52 -88.45
C GLY G 240 48.51 -30.14 -89.72
N ILE G 241 49.37 -30.85 -90.45
CA ILE G 241 48.98 -31.52 -91.69
C ILE G 241 49.37 -33.00 -91.63
N ILE G 242 48.40 -33.88 -91.80
CA ILE G 242 48.65 -35.31 -91.72
C ILE G 242 48.15 -36.06 -92.96
N GLY G 243 49.03 -36.86 -93.55
CA GLY G 243 48.69 -37.62 -94.76
C GLY G 243 48.03 -38.96 -94.42
N VAL G 244 47.42 -39.58 -95.43
CA VAL G 244 46.67 -40.82 -95.26
C VAL G 244 46.85 -41.79 -96.44
N VAL G 245 46.99 -43.07 -96.11
CA VAL G 245 46.95 -44.15 -97.11
C VAL G 245 45.78 -45.08 -96.79
N ASN G 246 45.03 -45.45 -97.83
CA ASN G 246 43.82 -46.25 -97.62
C ASN G 246 43.52 -47.13 -98.83
N ARG G 247 42.44 -47.90 -98.74
CA ARG G 247 42.07 -48.86 -99.76
C ARG G 247 41.51 -48.23 -101.02
N SER G 248 41.93 -48.74 -102.17
CA SER G 248 41.34 -48.37 -103.44
C SER G 248 40.06 -49.16 -103.67
N GLN G 249 39.45 -48.96 -104.84
CA GLN G 249 38.30 -49.76 -105.24
C GLN G 249 38.59 -51.24 -105.17
N LEU G 250 39.80 -51.60 -105.52
CA LEU G 250 40.17 -53.01 -105.61
C LEU G 250 40.45 -53.55 -104.24
N ASP G 251 41.04 -52.72 -103.40
CA ASP G 251 41.45 -53.17 -102.08
C ASP G 251 40.26 -53.27 -101.15
N ILE G 252 39.25 -52.42 -101.39
CA ILE G 252 37.98 -52.56 -100.69
C ILE G 252 37.27 -53.82 -101.14
N ASN G 253 37.22 -54.03 -102.46
CA ASN G 253 36.57 -55.20 -103.02
C ASN G 253 37.36 -56.48 -102.74
N ASN G 254 38.65 -56.36 -102.49
CA ASN G 254 39.48 -57.51 -102.12
C ASN G 254 39.56 -57.67 -100.61
N LYS G 255 38.80 -56.86 -99.87
CA LYS G 255 38.72 -56.95 -98.43
C LYS G 255 40.10 -56.89 -97.77
N LYS G 256 40.94 -55.97 -98.24
CA LYS G 256 42.22 -55.75 -97.59
C LYS G 256 42.01 -55.43 -96.12
N SER G 257 42.70 -56.15 -95.25
CA SER G 257 42.50 -55.97 -93.82
C SER G 257 43.18 -54.71 -93.35
N VAL G 258 42.87 -54.32 -92.12
CA VAL G 258 43.49 -53.15 -91.52
C VAL G 258 44.98 -53.35 -91.39
N THR G 259 45.38 -54.56 -90.98
CA THR G 259 46.79 -54.90 -90.87
C THR G 259 47.49 -54.77 -92.21
N ASP G 260 46.85 -55.26 -93.26
CA ASP G 260 47.39 -55.14 -94.60
C ASP G 260 47.52 -53.68 -95.01
N SER G 261 46.49 -52.89 -94.68
CA SER G 261 46.50 -51.47 -94.97
C SER G 261 47.61 -50.77 -94.23
N ILE G 262 47.83 -51.15 -92.97
CA ILE G 262 48.91 -50.63 -92.16
C ILE G 262 50.25 -50.96 -92.74
N ARG G 263 50.43 -52.21 -93.15
CA ARG G 263 51.69 -52.64 -93.75
C ARG G 263 52.01 -51.83 -94.99
N ASP G 264 51.01 -51.65 -95.85
CA ASP G 264 51.21 -50.90 -97.08
C ASP G 264 51.44 -49.43 -96.79
N GLU G 265 50.66 -48.88 -95.87
CA GLU G 265 50.80 -47.50 -95.45
C GLU G 265 52.18 -47.25 -94.88
N TYR G 266 52.55 -48.05 -93.89
CA TYR G 266 53.82 -47.92 -93.21
C TYR G 266 54.98 -48.05 -94.17
N ALA G 267 55.00 -49.13 -94.95
CA ALA G 267 56.08 -49.38 -95.88
C ALA G 267 56.17 -48.27 -96.90
N PHE G 268 55.02 -47.84 -97.43
CA PHE G 268 54.99 -46.74 -98.38
C PHE G 268 55.56 -45.49 -97.78
N LEU G 269 55.08 -45.13 -96.59
CA LEU G 269 55.47 -43.89 -95.95
C LEU G 269 56.93 -43.90 -95.57
N GLN G 270 57.42 -45.03 -95.09
CA GLN G 270 58.83 -45.16 -94.77
C GLN G 270 59.69 -44.99 -96.02
N LYS G 271 59.18 -45.46 -97.14
CA LYS G 271 59.86 -45.31 -98.41
C LYS G 271 59.64 -43.93 -99.02
N LYS G 272 58.51 -43.30 -98.67
CA LYS G 272 58.16 -42.02 -99.25
C LYS G 272 58.66 -40.86 -98.41
N TYR G 273 58.19 -40.77 -97.16
CA TYR G 273 58.67 -39.74 -96.25
C TYR G 273 59.13 -40.33 -94.93
N PRO G 274 60.15 -41.18 -94.97
CA PRO G 274 60.78 -41.75 -93.75
C PRO G 274 60.52 -40.93 -92.48
N SER G 275 60.85 -39.64 -92.51
CA SER G 275 60.80 -38.79 -91.33
C SER G 275 59.39 -38.31 -90.99
N LEU G 276 58.53 -38.19 -92.00
CA LEU G 276 57.15 -37.76 -91.78
C LEU G 276 56.23 -38.97 -91.69
N ALA G 277 56.78 -40.15 -91.97
CA ALA G 277 56.03 -41.39 -91.97
C ALA G 277 55.36 -41.66 -90.63
N ASN G 278 56.02 -41.27 -89.55
CA ASN G 278 55.53 -41.51 -88.21
C ASN G 278 54.58 -40.40 -87.75
N ARG G 279 54.32 -39.44 -88.64
CA ARG G 279 53.31 -38.43 -88.42
C ARG G 279 52.10 -38.70 -89.31
N ASN G 280 52.36 -39.25 -90.49
CA ASN G 280 51.30 -39.57 -91.43
C ASN G 280 50.54 -40.83 -91.00
N GLY G 281 51.29 -41.85 -90.57
CA GLY G 281 50.74 -43.04 -89.92
C GLY G 281 49.38 -42.78 -89.27
N THR G 282 48.32 -43.29 -89.91
CA THR G 282 46.94 -43.15 -89.39
C THR G 282 46.84 -43.30 -87.87
N LYS G 283 47.63 -44.21 -87.29
CA LYS G 283 47.65 -44.37 -85.85
C LYS G 283 48.05 -43.08 -85.15
N TYR G 284 49.07 -42.40 -85.69
CA TYR G 284 49.49 -41.11 -85.19
C TYR G 284 48.35 -40.12 -85.23
N LEU G 285 47.62 -40.12 -86.34
CA LEU G 285 46.45 -39.28 -86.51
C LEU G 285 45.41 -39.56 -85.44
N ALA G 286 45.10 -40.84 -85.25
CA ALA G 286 44.11 -41.24 -84.26
C ALA G 286 44.52 -40.78 -82.88
N ARG G 287 45.80 -40.93 -82.55
CA ARG G 287 46.31 -40.48 -81.27
C ARG G 287 46.26 -38.97 -81.18
N THR G 288 46.53 -38.29 -82.28
CA THR G 288 46.45 -36.85 -82.35
C THR G 288 45.03 -36.39 -82.08
N LEU G 289 44.08 -37.06 -82.70
CA LEU G 289 42.67 -36.74 -82.52
C LEU G 289 42.27 -36.96 -81.07
N ASN G 290 42.80 -38.03 -80.47
CA ASN G 290 42.56 -38.29 -79.06
C ASN G 290 43.09 -37.14 -78.22
N ARG G 291 44.30 -36.68 -78.56
CA ARG G 291 44.92 -35.57 -77.87
C ARG G 291 44.09 -34.31 -78.01
N LEU G 292 43.57 -34.08 -79.21
CA LEU G 292 42.75 -32.90 -79.46
C LEU G 292 41.51 -32.90 -78.58
N LEU G 293 40.92 -34.08 -78.40
CA LEU G 293 39.79 -34.23 -77.51
C LEU G 293 40.22 -34.02 -76.06
N MET G 294 41.40 -34.52 -75.72
CA MET G 294 41.93 -34.31 -74.38
C MET G 294 42.17 -32.84 -74.11
N HIS G 295 42.63 -32.12 -75.13
CA HIS G 295 42.82 -30.69 -75.02
C HIS G 295 41.49 -29.99 -74.85
N HIS G 296 40.51 -30.42 -75.65
CA HIS G 296 39.15 -29.94 -75.55
C HIS G 296 38.61 -30.10 -74.14
N ILE G 297 38.90 -31.25 -73.53
CA ILE G 297 38.55 -31.51 -72.15
C ILE G 297 39.29 -30.58 -71.22
N ARG G 298 40.60 -30.48 -71.39
CA ARG G 298 41.46 -29.69 -70.51
C ARG G 298 41.00 -28.25 -70.43
N ASP G 299 40.51 -27.73 -71.54
CA ASP G 299 40.06 -26.36 -71.63
C ASP G 299 39.05 -25.96 -70.54
N CYS G 300 38.23 -26.91 -70.09
CA CYS G 300 37.14 -26.59 -69.18
C CYS G 300 37.31 -27.20 -67.79
N LEU G 301 38.51 -27.70 -67.50
CA LEU G 301 38.74 -28.34 -66.21
C LEU G 301 38.82 -27.30 -65.08
N PRO G 302 39.28 -26.09 -65.39
CA PRO G 302 39.26 -24.98 -64.46
C PRO G 302 37.85 -24.50 -64.18
N GLU G 303 36.97 -24.61 -65.17
CA GLU G 303 35.57 -24.28 -64.98
C GLU G 303 34.92 -25.28 -64.05
N LEU G 304 35.27 -26.54 -64.24
CA LEU G 304 34.85 -27.62 -63.36
C LEU G 304 35.32 -27.37 -61.94
N LYS G 305 36.61 -27.06 -61.78
CA LYS G 305 37.19 -26.76 -60.49
C LYS G 305 36.57 -25.52 -59.86
N THR G 306 36.25 -24.53 -60.70
CA THR G 306 35.60 -23.32 -60.24
C THR G 306 34.27 -23.63 -59.58
N ARG G 307 33.46 -24.47 -60.23
CA ARG G 307 32.20 -24.88 -59.66
C ARG G 307 32.38 -25.58 -58.33
N ILE G 308 33.39 -26.45 -58.26
CA ILE G 308 33.70 -27.15 -57.01
C ILE G 308 33.96 -26.15 -55.89
N ASN G 309 34.70 -25.10 -56.20
CA ASN G 309 35.00 -24.04 -55.24
C ASN G 309 33.74 -23.27 -54.82
N VAL G 310 32.91 -22.94 -55.81
CA VAL G 310 31.67 -22.21 -55.55
C VAL G 310 30.74 -22.99 -54.66
N LEU G 311 30.60 -24.28 -54.97
CA LEU G 311 29.73 -25.14 -54.20
C LEU G 311 30.20 -25.27 -52.77
N ALA G 312 31.52 -25.33 -52.58
CA ALA G 312 32.10 -25.45 -51.25
C ALA G 312 31.73 -24.26 -50.40
N ALA G 313 31.79 -23.07 -50.98
CA ALA G 313 31.39 -21.86 -50.29
C ALA G 313 29.92 -21.93 -49.90
N GLN G 314 29.10 -22.44 -50.81
CA GLN G 314 27.67 -22.57 -50.57
C GLN G 314 27.38 -23.55 -49.45
N TYR G 315 28.09 -24.66 -49.45
CA TYR G 315 27.86 -25.70 -48.46
C TYR G 315 28.35 -25.26 -47.10
N GLN G 316 29.46 -24.55 -47.07
CA GLN G 316 29.95 -23.98 -45.83
C GLN G 316 29.01 -22.91 -45.30
N SER G 317 28.44 -22.13 -46.21
CA SER G 317 27.44 -21.15 -45.84
C SER G 317 26.24 -21.80 -45.19
N LEU G 318 25.86 -22.97 -45.71
CA LEU G 318 24.81 -23.77 -45.10
C LEU G 318 25.24 -24.31 -43.74
N LEU G 319 26.50 -24.69 -43.62
CA LEU G 319 27.04 -25.15 -42.34
C LEU G 319 27.09 -24.00 -41.34
N ASN G 320 27.27 -22.79 -41.83
CA ASN G 320 27.28 -21.60 -40.99
C ASN G 320 25.89 -21.27 -40.46
N SER G 321 24.85 -21.95 -40.96
CA SER G 321 23.50 -21.73 -40.51
C SER G 321 23.27 -22.27 -39.10
N TYR G 322 24.12 -23.20 -38.66
CA TYR G 322 24.01 -23.73 -37.32
C TYR G 322 25.28 -23.43 -36.52
N GLY G 323 26.39 -23.27 -37.24
CA GLY G 323 27.64 -22.83 -36.62
C GLY G 323 28.42 -23.98 -35.99
N GLU G 324 27.86 -24.56 -34.94
CA GLU G 324 28.51 -25.64 -34.22
C GLU G 324 27.49 -26.55 -33.54
N PRO G 325 27.93 -27.74 -33.12
CA PRO G 325 27.12 -28.75 -32.48
C PRO G 325 27.20 -28.65 -30.97
N VAL G 326 28.08 -27.77 -30.48
CA VAL G 326 28.21 -27.48 -29.06
C VAL G 326 28.72 -28.66 -28.24
N ASP G 327 30.01 -28.65 -27.97
CA ASP G 327 30.61 -29.66 -27.11
C ASP G 327 30.92 -29.13 -25.71
N ASP G 328 30.50 -27.90 -25.44
CA ASP G 328 30.76 -27.28 -24.14
C ASP G 328 29.62 -27.47 -23.17
N LYS G 329 28.39 -27.45 -23.70
CA LYS G 329 27.17 -27.70 -22.93
C LYS G 329 26.91 -26.66 -21.86
N SER G 330 27.70 -26.70 -20.80
CA SER G 330 27.49 -25.87 -19.62
C SER G 330 27.52 -24.40 -19.95
N ALA G 331 28.67 -23.93 -20.43
CA ALA G 331 28.84 -22.54 -20.79
C ALA G 331 27.84 -22.12 -21.83
N THR G 332 27.59 -22.99 -22.80
CA THR G 332 26.64 -22.72 -23.85
C THR G 332 25.26 -22.46 -23.28
N LEU G 333 24.82 -23.35 -22.41
CA LEU G 333 23.52 -23.22 -21.77
C LEU G 333 23.41 -21.91 -21.03
N LEU G 334 24.43 -21.61 -20.24
CA LEU G 334 24.43 -20.41 -19.45
C LEU G 334 24.37 -19.16 -20.32
N GLN G 335 25.07 -19.20 -21.45
CA GLN G 335 25.06 -18.10 -22.40
C GLN G 335 23.69 -17.93 -23.02
N LEU G 336 23.07 -19.05 -23.40
CA LEU G 336 21.74 -19.01 -23.98
C LEU G 336 20.74 -18.45 -22.99
N ILE G 337 20.85 -18.89 -21.75
CA ILE G 337 20.00 -18.37 -20.68
C ILE G 337 20.24 -16.88 -20.47
N THR G 338 21.50 -16.52 -20.38
CA THR G 338 21.89 -15.14 -20.12
C THR G 338 21.36 -14.21 -21.19
N LYS G 339 21.56 -14.60 -22.44
CA LYS G 339 21.15 -13.78 -23.56
C LYS G 339 19.64 -13.61 -23.59
N PHE G 340 18.92 -14.69 -23.33
CA PHE G 340 17.47 -14.61 -23.28
C PHE G 340 17.01 -13.67 -22.20
N ALA G 341 17.49 -13.89 -20.98
CA ALA G 341 17.06 -13.10 -19.85
C ALA G 341 17.43 -11.65 -20.03
N THR G 342 18.59 -11.42 -20.62
CA THR G 342 19.05 -10.07 -20.90
C THR G 342 18.08 -9.35 -21.80
N GLU G 343 17.80 -9.95 -22.94
CA GLU G 343 16.92 -9.33 -23.92
C GLU G 343 15.48 -9.30 -23.45
N TYR G 344 15.11 -10.28 -22.64
CA TYR G 344 13.80 -10.30 -22.01
C TYR G 344 13.61 -9.06 -21.15
N CYS G 345 14.59 -8.81 -20.28
CA CYS G 345 14.55 -7.64 -19.42
C CYS G 345 14.68 -6.37 -20.22
N ASN G 346 15.47 -6.41 -21.27
CA ASN G 346 15.62 -5.27 -22.14
C ASN G 346 14.32 -4.96 -22.85
N THR G 347 13.57 -6.01 -23.19
CA THR G 347 12.27 -5.83 -23.81
C THR G 347 11.33 -5.12 -22.86
N ILE G 348 11.40 -5.48 -21.58
CA ILE G 348 10.64 -4.78 -20.56
C ILE G 348 11.01 -3.31 -20.54
N GLU G 349 12.30 -3.02 -20.59
CA GLU G 349 12.79 -1.65 -20.60
C GLU G 349 12.45 -0.93 -21.90
N GLY G 350 12.40 -1.66 -23.00
CA GLY G 350 12.28 -1.05 -24.31
C GLY G 350 13.67 -0.78 -24.89
N THR G 351 14.67 -1.48 -24.35
CA THR G 351 16.05 -1.27 -24.72
C THR G 351 16.61 -2.50 -25.42
N ALA G 352 15.71 -3.35 -25.91
CA ALA G 352 16.10 -4.59 -26.59
C ALA G 352 16.80 -4.31 -27.90
N LYS G 353 17.66 -5.22 -28.34
CA LYS G 353 18.31 -5.10 -29.64
C LYS G 353 17.28 -5.24 -30.76
N TYR G 354 16.26 -6.04 -30.50
CA TYR G 354 15.23 -6.34 -31.48
C TYR G 354 14.10 -5.33 -31.41
N ILE G 355 14.35 -4.13 -31.92
CA ILE G 355 13.34 -3.08 -31.93
C ILE G 355 12.50 -3.08 -33.20
N GLU G 356 12.02 -4.26 -33.60
CA GLU G 356 11.18 -4.35 -34.78
C GLU G 356 9.95 -3.49 -34.61
N THR G 357 9.71 -2.61 -35.57
CA THR G 357 8.55 -1.75 -35.52
C THR G 357 7.28 -2.55 -35.74
N SER G 358 6.39 -2.53 -34.77
CA SER G 358 5.19 -3.34 -34.81
C SER G 358 4.16 -2.85 -33.81
N GLU G 359 3.25 -3.75 -33.43
CA GLU G 359 2.29 -3.48 -32.37
C GLU G 359 2.99 -3.13 -31.07
N LEU G 360 2.44 -2.16 -30.36
CA LEU G 360 3.00 -1.74 -29.09
C LEU G 360 3.05 -2.91 -28.12
N CYS G 361 4.25 -3.19 -27.60
CA CYS G 361 4.41 -4.33 -26.71
C CYS G 361 5.63 -4.18 -25.81
N GLY G 362 5.74 -5.06 -24.82
CA GLY G 362 6.95 -5.19 -24.02
C GLY G 362 7.05 -4.15 -22.92
N GLY G 363 7.30 -2.91 -23.32
CA GLY G 363 7.55 -1.83 -22.37
C GLY G 363 6.38 -0.86 -22.30
N ALA G 364 6.34 0.08 -23.24
CA ALA G 364 5.37 1.16 -23.23
C ALA G 364 3.93 0.67 -23.38
N ARG G 365 3.76 -0.58 -23.77
CA ARG G 365 2.44 -1.21 -23.75
C ARG G 365 1.91 -1.32 -22.34
N ILE G 366 2.80 -1.53 -21.39
CA ILE G 366 2.40 -1.56 -19.99
C ILE G 366 2.13 -0.14 -19.51
N CYS G 367 2.90 0.82 -20.00
CA CYS G 367 2.61 2.23 -19.77
C CYS G 367 1.20 2.56 -20.26
N TYR G 368 0.88 2.06 -21.45
CA TYR G 368 -0.46 2.18 -22.00
C TYR G 368 -1.49 1.57 -21.05
N ILE G 369 -1.22 0.35 -20.58
CA ILE G 369 -2.09 -0.31 -19.62
C ILE G 369 -2.32 0.52 -18.38
N PHE G 370 -1.29 1.21 -17.92
CA PHE G 370 -1.39 1.97 -16.68
C PHE G 370 -1.93 3.38 -16.87
N HIS G 371 -2.37 3.71 -18.08
CA HIS G 371 -2.86 5.04 -18.34
C HIS G 371 -4.08 4.99 -19.24
N GLU G 372 -3.86 4.57 -20.47
CA GLU G 372 -4.92 4.55 -21.46
C GLU G 372 -5.96 3.51 -21.12
N THR G 373 -5.53 2.41 -20.53
CA THR G 373 -6.49 1.41 -20.06
C THR G 373 -6.93 1.71 -18.64
N PHE G 374 -6.01 1.52 -17.69
CA PHE G 374 -6.30 1.57 -16.27
C PHE G 374 -6.79 2.94 -15.81
N GLY G 375 -6.03 3.98 -16.15
CA GLY G 375 -6.37 5.33 -15.72
C GLY G 375 -7.75 5.73 -16.22
N ARG G 376 -8.00 5.47 -17.50
CA ARG G 376 -9.30 5.77 -18.09
C ARG G 376 -10.39 4.93 -17.45
N THR G 377 -10.12 3.64 -17.25
CA THR G 377 -11.09 2.76 -16.62
C THR G 377 -11.58 3.33 -15.32
N LEU G 378 -10.65 3.79 -14.48
CA LEU G 378 -11.02 4.37 -13.22
C LEU G 378 -11.78 5.66 -13.40
N GLU G 379 -11.41 6.45 -14.40
CA GLU G 379 -12.12 7.70 -14.67
C GLU G 379 -13.59 7.47 -14.98
N SER G 380 -13.93 6.31 -15.53
CA SER G 380 -15.31 5.98 -15.84
C SER G 380 -16.12 5.55 -14.61
N VAL G 381 -15.44 5.29 -13.49
CA VAL G 381 -16.13 4.73 -12.32
C VAL G 381 -16.81 5.80 -11.49
N ASP G 382 -18.11 5.59 -11.23
CA ASP G 382 -18.92 6.49 -10.42
C ASP G 382 -18.75 7.96 -10.93
N PRO G 383 -18.28 8.96 -10.12
CA PRO G 383 -18.16 9.15 -8.66
C PRO G 383 -19.51 9.34 -7.97
N LEU G 384 -20.57 9.47 -8.75
CA LEU G 384 -21.90 9.61 -8.20
C LEU G 384 -22.73 8.34 -8.38
N GLY G 385 -22.07 7.27 -8.84
CA GLY G 385 -22.76 6.02 -9.09
C GLY G 385 -23.32 5.42 -7.81
N GLY G 386 -24.58 4.97 -7.88
CA GLY G 386 -25.22 4.32 -6.75
C GLY G 386 -25.90 5.31 -5.81
N LEU G 387 -25.66 6.61 -6.00
CA LEU G 387 -26.16 7.61 -5.05
C LEU G 387 -27.59 8.01 -5.35
N ASN G 388 -28.53 7.16 -5.00
CA ASN G 388 -29.94 7.51 -5.02
C ASN G 388 -30.30 8.28 -3.79
N THR G 389 -30.64 9.55 -3.96
CA THR G 389 -30.94 10.45 -2.86
C THR G 389 -31.86 9.82 -1.83
N ILE G 390 -32.89 9.13 -2.30
CA ILE G 390 -33.92 8.61 -1.42
C ILE G 390 -33.40 7.41 -0.65
N ASP G 391 -32.61 6.58 -1.32
CA ASP G 391 -32.00 5.43 -0.67
C ASP G 391 -30.99 5.89 0.37
N ILE G 392 -30.31 6.99 0.09
CA ILE G 392 -29.38 7.59 1.04
C ILE G 392 -30.10 8.11 2.26
N LEU G 393 -31.24 8.75 2.05
CA LEU G 393 -32.06 9.21 3.16
C LEU G 393 -32.48 8.05 4.05
N THR G 394 -32.80 6.91 3.43
CA THR G 394 -33.06 5.70 4.19
C THR G 394 -31.82 5.24 4.93
N ALA G 395 -30.68 5.28 4.25
CA ALA G 395 -29.42 4.83 4.82
C ALA G 395 -29.04 5.64 6.06
N ILE G 396 -29.25 6.95 6.00
CA ILE G 396 -28.89 7.80 7.14
C ILE G 396 -29.90 7.67 8.28
N ARG G 397 -31.13 7.30 7.94
CA ARG G 397 -32.08 6.93 8.98
C ARG G 397 -31.65 5.64 9.66
N ASN G 398 -31.13 4.70 8.87
CA ASN G 398 -30.58 3.48 9.42
C ASN G 398 -29.33 3.77 10.25
N ALA G 399 -28.52 4.72 9.77
CA ALA G 399 -27.30 5.11 10.47
C ALA G 399 -27.63 5.66 11.84
N THR G 400 -28.71 6.41 11.95
CA THR G 400 -29.19 6.87 13.25
C THR G 400 -29.56 5.70 14.14
N GLY G 401 -30.34 4.78 13.60
CA GLY G 401 -30.73 3.59 14.33
C GLY G 401 -31.84 3.91 15.32
N PRO G 402 -32.01 3.06 16.33
CA PRO G 402 -33.09 3.06 17.31
C PRO G 402 -33.24 4.38 18.08
N ARG G 403 -32.18 5.17 18.16
CA ARG G 403 -32.22 6.43 18.87
C ARG G 403 -32.87 7.53 18.04
N PRO G 404 -33.14 8.67 18.66
CA PRO G 404 -33.45 9.95 18.05
C PRO G 404 -32.16 10.70 17.74
N ALA G 405 -32.26 11.69 16.85
CA ALA G 405 -31.07 12.41 16.41
C ALA G 405 -31.31 13.91 16.33
N LEU G 406 -30.26 14.67 16.58
CA LEU G 406 -30.29 16.12 16.45
C LEU G 406 -29.79 16.54 15.09
N PHE G 407 -29.04 15.65 14.46
CA PHE G 407 -28.45 15.87 13.16
C PHE G 407 -28.01 14.56 12.54
N VAL G 408 -27.78 14.58 11.24
CA VAL G 408 -27.39 13.36 10.51
C VAL G 408 -25.99 12.91 10.90
N PRO G 409 -25.80 11.60 11.05
CA PRO G 409 -24.53 10.98 11.40
C PRO G 409 -23.54 11.08 10.25
N GLU G 410 -22.26 11.13 10.58
CA GLU G 410 -21.21 11.12 9.56
C GLU G 410 -21.13 9.75 8.88
N VAL G 411 -21.68 8.73 9.54
CA VAL G 411 -21.74 7.37 9.02
C VAL G 411 -22.20 7.34 7.57
N SER G 412 -23.33 8.00 7.31
CA SER G 412 -23.72 8.46 5.96
C SER G 412 -22.67 8.14 4.89
N PHE G 413 -21.94 9.17 4.48
CA PHE G 413 -20.92 9.05 3.45
C PHE G 413 -19.83 8.09 3.85
N GLU G 414 -19.60 7.90 5.15
CA GLU G 414 -18.54 7.02 5.58
C GLU G 414 -18.76 5.59 5.09
N LEU G 415 -20.01 5.21 4.86
CA LEU G 415 -20.29 3.90 4.31
C LEU G 415 -20.54 3.96 2.81
N LEU G 416 -21.19 5.02 2.37
CA LEU G 416 -21.55 5.18 0.96
C LEU G 416 -20.31 5.35 0.09
N VAL G 417 -19.34 6.10 0.60
CA VAL G 417 -18.05 6.22 -0.05
C VAL G 417 -17.39 4.86 -0.19
N LYS G 418 -17.44 4.07 0.89
CA LYS G 418 -16.81 2.77 0.89
C LYS G 418 -17.39 1.86 -0.16
N ARG G 419 -18.70 1.93 -0.36
CA ARG G 419 -19.34 1.16 -1.41
C ARG G 419 -18.73 1.48 -2.77
N GLN G 420 -18.53 2.77 -3.02
CA GLN G 420 -17.92 3.19 -4.26
C GLN G 420 -16.45 2.79 -4.33
N ILE G 421 -15.75 2.85 -3.20
CA ILE G 421 -14.37 2.41 -3.16
C ILE G 421 -14.23 0.94 -3.49
N LYS G 422 -15.15 0.13 -2.98
CA LYS G 422 -15.15 -1.30 -3.25
C LYS G 422 -15.24 -1.58 -4.75
N ARG G 423 -15.97 -0.72 -5.47
CA ARG G 423 -16.09 -0.85 -6.92
C ARG G 423 -14.75 -0.62 -7.65
N LEU G 424 -13.78 -0.01 -6.96
CA LEU G 424 -12.50 0.28 -7.56
C LEU G 424 -11.54 -0.90 -7.47
N GLU G 425 -11.94 -1.96 -6.76
CA GLU G 425 -11.08 -3.13 -6.62
C GLU G 425 -11.06 -3.96 -7.88
N GLU G 426 -12.22 -4.20 -8.45
CA GLU G 426 -12.35 -5.00 -9.66
C GLU G 426 -11.39 -4.56 -10.79
N PRO G 427 -11.63 -3.40 -11.43
CA PRO G 427 -10.81 -2.91 -12.54
C PRO G 427 -9.31 -2.85 -12.19
N SER G 428 -8.99 -2.67 -10.90
CA SER G 428 -7.61 -2.66 -10.48
C SER G 428 -7.00 -4.04 -10.64
N LEU G 429 -7.74 -5.05 -10.25
CA LEU G 429 -7.30 -6.42 -10.39
C LEU G 429 -7.25 -6.82 -11.85
N ARG G 430 -8.19 -6.30 -12.64
CA ARG G 430 -8.20 -6.53 -14.07
C ARG G 430 -6.93 -5.98 -14.69
N CYS G 431 -6.52 -4.80 -14.25
CA CYS G 431 -5.27 -4.19 -14.71
C CYS G 431 -4.09 -5.11 -14.47
N VAL G 432 -4.03 -5.67 -13.26
CA VAL G 432 -2.97 -6.60 -12.91
C VAL G 432 -2.92 -7.77 -13.87
N GLU G 433 -4.09 -8.34 -14.15
CA GLU G 433 -4.22 -9.46 -15.06
C GLU G 433 -3.74 -9.09 -16.46
N LEU G 434 -4.06 -7.87 -16.89
CA LEU G 434 -3.65 -7.40 -18.20
C LEU G 434 -2.15 -7.30 -18.32
N VAL G 435 -1.50 -6.85 -17.24
CA VAL G 435 -0.06 -6.81 -17.22
C VAL G 435 0.53 -8.21 -17.26
N HIS G 436 -0.03 -9.10 -16.47
CA HIS G 436 0.40 -10.49 -16.45
C HIS G 436 0.38 -11.07 -17.86
N GLU G 437 -0.69 -10.81 -18.59
CA GLU G 437 -0.79 -11.20 -19.99
C GLU G 437 0.35 -10.61 -20.81
N GLU G 438 0.60 -9.32 -20.65
CA GLU G 438 1.64 -8.65 -21.41
C GLU G 438 3.02 -9.21 -21.08
N MET G 439 3.23 -9.56 -19.82
CA MET G 439 4.49 -10.14 -19.40
C MET G 439 4.73 -11.47 -20.11
N GLN G 440 3.65 -12.19 -20.37
CA GLN G 440 3.73 -13.41 -21.16
C GLN G 440 3.98 -13.09 -22.64
N ARG G 441 3.38 -12.00 -23.12
CA ARG G 441 3.56 -11.56 -24.50
C ARG G 441 5.01 -11.18 -24.79
N ILE G 442 5.74 -10.76 -23.76
CA ILE G 442 7.17 -10.51 -23.92
C ILE G 442 7.91 -11.73 -24.41
N ILE G 443 7.47 -12.91 -23.96
CA ILE G 443 8.08 -14.15 -24.40
C ILE G 443 7.85 -14.34 -25.88
N GLN G 444 6.62 -14.07 -26.32
CA GLN G 444 6.26 -14.17 -27.72
C GLN G 444 7.12 -13.23 -28.55
N HIS G 445 7.33 -12.04 -28.03
CA HIS G 445 8.23 -11.08 -28.66
C HIS G 445 9.65 -11.64 -28.70
N CYS G 446 10.09 -12.17 -27.57
CA CYS G 446 11.43 -12.75 -27.46
C CYS G 446 11.64 -13.90 -28.42
N SER G 447 10.56 -14.60 -28.77
CA SER G 447 10.66 -15.75 -29.65
C SER G 447 10.91 -15.35 -31.11
N ASN G 448 10.87 -14.05 -31.41
CA ASN G 448 11.13 -13.56 -32.76
C ASN G 448 12.62 -13.50 -33.09
N TYR G 449 13.45 -13.69 -32.08
CA TYR G 449 14.89 -13.61 -32.24
C TYR G 449 15.57 -14.45 -31.16
N SER G 450 16.87 -14.69 -31.30
CA SER G 450 17.64 -15.54 -30.36
C SER G 450 17.25 -17.03 -30.46
N THR G 451 15.95 -17.32 -30.43
CA THR G 451 15.39 -18.65 -30.64
C THR G 451 16.11 -19.45 -31.72
N GLN G 452 16.56 -18.80 -32.79
CA GLN G 452 17.22 -19.51 -33.88
C GLN G 452 18.46 -20.27 -33.40
N GLU G 453 19.07 -19.80 -32.33
CA GLU G 453 20.16 -20.51 -31.68
C GLU G 453 19.59 -21.59 -30.79
N LEU G 454 18.48 -21.27 -30.15
CA LEU G 454 17.77 -22.20 -29.29
C LEU G 454 17.01 -23.27 -30.08
N LEU G 455 16.92 -23.09 -31.40
CA LEU G 455 16.42 -24.14 -32.27
C LEU G 455 17.38 -25.31 -32.32
N ARG G 456 18.63 -25.07 -31.94
CA ARG G 456 19.57 -26.15 -31.78
C ARG G 456 19.34 -26.90 -30.49
N PHE G 457 18.50 -26.37 -29.61
CA PHE G 457 18.12 -27.11 -28.41
C PHE G 457 16.64 -26.90 -28.06
N PRO G 458 15.76 -27.03 -29.05
CA PRO G 458 14.29 -26.83 -28.93
C PRO G 458 13.74 -27.18 -27.55
N LYS G 459 14.15 -28.33 -27.01
CA LYS G 459 13.68 -28.78 -25.71
C LYS G 459 14.01 -27.76 -24.63
N LEU G 460 15.28 -27.34 -24.59
CA LEU G 460 15.68 -26.23 -23.74
C LEU G 460 14.84 -25.01 -23.96
N HIS G 461 14.64 -24.64 -25.22
CA HIS G 461 13.91 -23.43 -25.55
C HIS G 461 12.57 -23.37 -24.84
N ASP G 462 11.82 -24.45 -24.96
CA ASP G 462 10.50 -24.50 -24.39
C ASP G 462 10.54 -24.57 -22.87
N ALA G 463 11.55 -25.26 -22.34
CA ALA G 463 11.74 -25.34 -20.90
C ALA G 463 11.96 -23.98 -20.30
N ILE G 464 12.72 -23.14 -21.01
CA ILE G 464 12.95 -21.77 -20.58
C ILE G 464 11.64 -21.03 -20.45
N VAL G 465 10.83 -21.12 -21.49
CA VAL G 465 9.54 -20.45 -21.50
C VAL G 465 8.68 -20.87 -20.34
N GLU G 466 8.62 -22.18 -20.09
CA GLU G 466 7.84 -22.70 -18.99
C GLU G 466 8.25 -22.09 -17.66
N VAL G 467 9.56 -22.07 -17.42
CA VAL G 467 10.11 -21.52 -16.19
C VAL G 467 9.74 -20.06 -16.02
N VAL G 468 9.83 -19.29 -17.09
CA VAL G 468 9.50 -17.88 -17.03
C VAL G 468 8.06 -17.68 -16.56
N THR G 469 7.13 -18.41 -17.16
CA THR G 469 5.73 -18.23 -16.82
C THR G 469 5.42 -18.75 -15.44
N CYS G 470 6.18 -19.74 -14.99
CA CYS G 470 6.07 -20.20 -13.61
C CYS G 470 6.36 -19.06 -12.67
N LEU G 471 7.48 -18.39 -12.91
CA LEU G 471 7.88 -17.25 -12.09
C LEU G 471 6.82 -16.16 -12.11
N LEU G 472 6.26 -15.89 -13.28
CA LEU G 472 5.22 -14.89 -13.40
C LEU G 472 4.01 -15.25 -12.55
N ARG G 473 3.63 -16.52 -12.59
CA ARG G 473 2.50 -17.00 -11.81
C ARG G 473 2.80 -16.99 -10.32
N LYS G 474 4.05 -17.19 -9.96
CA LYS G 474 4.46 -17.12 -8.56
C LYS G 474 4.28 -15.72 -8.00
N ARG G 475 4.56 -14.71 -8.82
CA ARG G 475 4.49 -13.33 -8.37
C ARG G 475 3.13 -12.70 -8.61
N LEU G 476 2.29 -13.37 -9.40
CA LEU G 476 0.95 -12.88 -9.68
C LEU G 476 0.11 -12.63 -8.41
N PRO G 477 -0.29 -13.69 -7.68
CA PRO G 477 -1.12 -13.59 -6.49
C PRO G 477 -0.54 -12.65 -5.45
N VAL G 478 0.78 -12.50 -5.43
CA VAL G 478 1.42 -11.61 -4.50
C VAL G 478 0.99 -10.18 -4.74
N THR G 479 1.04 -9.78 -6.01
CA THR G 479 0.58 -8.47 -6.41
C THR G 479 -0.91 -8.33 -6.15
N ASN G 480 -1.66 -9.39 -6.44
CA ASN G 480 -3.10 -9.39 -6.21
C ASN G 480 -3.42 -9.10 -4.77
N GLU G 481 -2.67 -9.73 -3.86
CA GLU G 481 -2.86 -9.50 -2.44
C GLU G 481 -2.59 -8.06 -2.09
N MET G 482 -1.52 -7.51 -2.65
CA MET G 482 -1.18 -6.12 -2.42
C MET G 482 -2.28 -5.20 -2.85
N VAL G 483 -2.76 -5.37 -4.08
CA VAL G 483 -3.80 -4.51 -4.62
C VAL G 483 -5.06 -4.61 -3.83
N HIS G 484 -5.43 -5.82 -3.46
CA HIS G 484 -6.56 -6.04 -2.56
C HIS G 484 -6.37 -5.25 -1.29
N ASN G 485 -5.18 -5.34 -0.71
CA ASN G 485 -4.87 -4.64 0.51
C ASN G 485 -4.95 -3.14 0.30
N LEU G 486 -4.47 -2.66 -0.84
CA LEU G 486 -4.48 -1.23 -1.11
C LEU G 486 -5.88 -0.67 -1.09
N VAL G 487 -6.82 -1.41 -1.66
CA VAL G 487 -8.22 -1.01 -1.60
C VAL G 487 -8.73 -1.05 -0.17
N ALA G 488 -8.39 -2.11 0.54
CA ALA G 488 -8.79 -2.27 1.93
C ALA G 488 -8.29 -1.11 2.77
N ILE G 489 -7.09 -0.63 2.48
CA ILE G 489 -6.53 0.52 3.15
C ILE G 489 -7.37 1.76 2.95
N GLU G 490 -7.86 1.95 1.74
CA GLU G 490 -8.74 3.07 1.46
C GLU G 490 -10.08 2.91 2.20
N LEU G 491 -10.52 1.67 2.34
CA LEU G 491 -11.72 1.37 3.09
C LEU G 491 -11.50 1.46 4.60
N ALA G 492 -10.26 1.26 5.03
CA ALA G 492 -9.92 1.20 6.45
C ALA G 492 -10.23 2.51 7.18
N TYR G 493 -10.02 3.64 6.51
CA TYR G 493 -10.14 4.93 7.19
C TYR G 493 -10.38 6.08 6.22
N ILE G 494 -11.30 6.95 6.62
CA ILE G 494 -11.58 8.17 5.86
C ILE G 494 -11.03 9.39 6.56
N ASN G 495 -10.18 10.11 5.86
CA ASN G 495 -9.57 11.32 6.41
C ASN G 495 -10.32 12.55 5.98
N THR G 496 -11.22 13.02 6.82
CA THR G 496 -11.98 14.24 6.51
C THR G 496 -11.11 15.49 6.69
N LYS G 497 -9.91 15.32 7.24
CA LYS G 497 -8.97 16.41 7.36
C LYS G 497 -8.02 16.44 6.17
N HIS G 498 -8.28 15.59 5.16
CA HIS G 498 -7.47 15.57 3.97
C HIS G 498 -7.34 16.97 3.36
N PRO G 499 -6.16 17.32 2.88
CA PRO G 499 -5.81 18.66 2.43
C PRO G 499 -6.64 19.12 1.24
N ASP G 500 -7.13 18.16 0.46
CA ASP G 500 -7.93 18.49 -0.71
C ASP G 500 -9.41 18.33 -0.44
N PHE G 501 -9.76 18.08 0.82
CA PHE G 501 -11.13 17.81 1.18
C PHE G 501 -11.66 18.86 2.14
N ALA G 502 -12.56 19.70 1.65
CA ALA G 502 -13.13 20.77 2.45
C ALA G 502 -14.50 21.14 1.92
N ASP G 503 -15.35 21.66 2.81
CA ASP G 503 -16.71 22.01 2.43
C ASP G 503 -17.31 22.99 3.43
N SER G 611 -39.45 14.77 2.91
CA SER G 611 -38.65 15.85 3.47
C SER G 611 -37.83 16.55 2.38
N ALA G 612 -37.56 17.83 2.59
CA ALA G 612 -36.83 18.63 1.61
C ALA G 612 -35.50 19.08 2.18
N ARG G 613 -35.53 19.58 3.40
CA ARG G 613 -34.32 19.97 4.11
C ARG G 613 -33.35 18.81 4.20
N GLU G 614 -33.89 17.63 4.52
CA GLU G 614 -33.08 16.43 4.61
C GLU G 614 -32.54 16.02 3.24
N GLN G 615 -33.32 16.25 2.19
CA GLN G 615 -32.83 16.02 0.84
C GLN G 615 -31.66 16.93 0.52
N ARG G 616 -31.74 18.17 0.97
CA ARG G 616 -30.64 19.09 0.80
C ARG G 616 -29.42 18.64 1.58
N ASP G 617 -29.65 18.14 2.79
CA ASP G 617 -28.57 17.56 3.59
C ASP G 617 -27.99 16.33 2.90
N CYS G 618 -28.84 15.55 2.26
CA CYS G 618 -28.40 14.39 1.48
C CYS G 618 -27.53 14.83 0.31
N GLU G 619 -27.93 15.90 -0.35
CA GLU G 619 -27.15 16.46 -1.44
C GLU G 619 -25.76 16.89 -0.98
N VAL G 620 -25.69 17.45 0.23
CA VAL G 620 -24.42 17.78 0.84
C VAL G 620 -23.57 16.54 1.01
N ILE G 621 -24.20 15.48 1.52
CA ILE G 621 -23.54 14.20 1.70
C ILE G 621 -23.04 13.65 0.37
N GLU G 622 -23.88 13.73 -0.66
CA GLU G 622 -23.52 13.28 -1.99
C GLU G 622 -22.30 14.02 -2.52
N ARG G 623 -22.24 15.32 -2.26
CA ARG G 623 -21.10 16.12 -2.64
C ARG G 623 -19.84 15.68 -1.91
N LEU G 624 -19.98 15.41 -0.61
CA LEU G 624 -18.87 14.93 0.18
C LEU G 624 -18.39 13.58 -0.29
N ILE G 625 -19.34 12.72 -0.68
CA ILE G 625 -19.01 11.41 -1.21
C ILE G 625 -18.22 11.53 -2.49
N LYS G 626 -18.73 12.33 -3.41
CA LYS G 626 -18.08 12.54 -4.69
C LYS G 626 -16.67 13.07 -4.51
N SER G 627 -16.55 14.13 -3.73
CA SER G 627 -15.27 14.80 -3.56
C SER G 627 -14.22 13.87 -2.95
N TYR G 628 -14.57 13.21 -1.86
CA TYR G 628 -13.62 12.33 -1.20
C TYR G 628 -13.30 11.13 -2.06
N PHE G 629 -14.33 10.56 -2.69
CA PHE G 629 -14.14 9.44 -3.59
C PHE G 629 -13.14 9.75 -4.66
N LEU G 630 -13.27 10.91 -5.30
CA LEU G 630 -12.38 11.30 -6.36
C LEU G 630 -10.95 11.47 -5.86
N ILE G 631 -10.80 11.96 -4.63
CA ILE G 631 -9.48 12.01 -4.00
C ILE G 631 -8.88 10.63 -3.87
N VAL G 632 -9.68 9.69 -3.38
CA VAL G 632 -9.25 8.31 -3.22
C VAL G 632 -8.89 7.68 -4.54
N ARG G 633 -9.78 7.81 -5.52
CA ARG G 633 -9.58 7.22 -6.82
C ARG G 633 -8.33 7.76 -7.48
N LYS G 634 -8.13 9.06 -7.37
CA LYS G 634 -6.95 9.72 -7.90
C LYS G 634 -5.68 9.09 -7.36
N ASN G 635 -5.66 8.83 -6.06
CA ASN G 635 -4.51 8.20 -5.44
C ASN G 635 -4.30 6.78 -5.94
N ILE G 636 -5.40 6.04 -6.09
CA ILE G 636 -5.37 4.69 -6.58
C ILE G 636 -4.78 4.60 -7.98
N GLN G 637 -5.09 5.58 -8.81
CA GLN G 637 -4.58 5.64 -10.16
C GLN G 637 -3.05 5.56 -10.22
N ASP G 638 -2.38 6.03 -9.17
CA ASP G 638 -0.92 5.96 -9.10
C ASP G 638 -0.45 4.79 -8.27
N SER G 639 -1.25 4.40 -7.28
CA SER G 639 -0.86 3.36 -6.34
C SER G 639 -0.71 1.99 -6.99
N VAL G 640 -1.71 1.60 -7.78
CA VAL G 640 -1.72 0.25 -8.35
C VAL G 640 -0.53 -0.01 -9.27
N PRO G 641 -0.45 0.68 -10.42
CA PRO G 641 0.73 0.63 -11.31
C PRO G 641 2.02 0.37 -10.54
N LYS G 642 2.26 1.17 -9.49
CA LYS G 642 3.49 1.06 -8.72
C LYS G 642 3.62 -0.31 -8.06
N ALA G 643 2.52 -0.78 -7.46
CA ALA G 643 2.50 -2.08 -6.83
C ALA G 643 2.81 -3.18 -7.82
N VAL G 644 2.28 -3.05 -9.03
CA VAL G 644 2.50 -4.05 -10.05
C VAL G 644 3.96 -4.06 -10.46
N MET G 645 4.51 -2.87 -10.66
CA MET G 645 5.91 -2.76 -11.01
C MET G 645 6.79 -3.32 -9.90
N HIS G 646 6.44 -3.01 -8.67
CA HIS G 646 7.26 -3.42 -7.55
C HIS G 646 7.24 -4.91 -7.32
N PHE G 647 6.04 -5.47 -7.19
CA PHE G 647 5.91 -6.84 -6.75
C PHE G 647 6.04 -7.84 -7.88
N LEU G 648 5.69 -7.43 -9.10
CA LEU G 648 5.78 -8.32 -10.22
C LEU G 648 6.94 -7.98 -11.14
N VAL G 649 6.90 -6.81 -11.74
CA VAL G 649 7.74 -6.54 -12.90
C VAL G 649 9.19 -6.41 -12.53
N ASN G 650 9.48 -5.54 -11.58
CA ASN G 650 10.84 -5.29 -11.15
C ASN G 650 11.39 -6.50 -10.43
N HIS G 651 10.50 -7.26 -9.80
CA HIS G 651 10.92 -8.45 -9.09
C HIS G 651 11.46 -9.50 -10.02
N VAL G 652 10.66 -9.88 -11.01
CA VAL G 652 11.05 -10.95 -11.92
C VAL G 652 12.17 -10.49 -12.83
N LYS G 653 12.25 -9.19 -13.04
CA LYS G 653 13.33 -8.61 -13.81
C LYS G 653 14.69 -8.98 -13.25
N ASP G 654 14.76 -9.17 -11.93
CA ASP G 654 16.01 -9.53 -11.28
C ASP G 654 16.06 -11.01 -10.92
N THR G 655 14.91 -11.57 -10.52
CA THR G 655 14.84 -12.96 -10.09
C THR G 655 15.09 -13.94 -11.23
N LEU G 656 14.53 -13.64 -12.39
CA LEU G 656 14.50 -14.59 -13.50
C LEU G 656 15.85 -15.21 -13.81
N GLN G 657 16.90 -14.41 -13.72
CA GLN G 657 18.23 -14.91 -14.01
C GLN G 657 18.59 -16.07 -13.11
N SER G 658 18.34 -15.90 -11.82
CA SER G 658 18.64 -16.93 -10.85
C SER G 658 17.64 -18.06 -10.94
N GLU G 659 16.43 -17.73 -11.36
CA GLU G 659 15.39 -18.73 -11.54
C GLU G 659 15.75 -19.68 -12.66
N LEU G 660 16.15 -19.12 -13.80
CA LEU G 660 16.51 -19.91 -14.96
C LEU G 660 17.73 -20.77 -14.70
N VAL G 661 18.73 -20.19 -14.04
CA VAL G 661 19.92 -20.96 -13.71
C VAL G 661 19.62 -22.03 -12.68
N GLY G 662 18.91 -21.64 -11.63
CA GLY G 662 18.59 -22.57 -10.56
C GLY G 662 17.77 -23.76 -11.06
N GLN G 663 16.92 -23.52 -12.05
CA GLN G 663 16.08 -24.57 -12.58
C GLN G 663 16.74 -25.35 -13.72
N LEU G 664 17.38 -24.64 -14.63
CA LEU G 664 17.81 -25.26 -15.89
C LEU G 664 19.26 -25.74 -15.85
N TYR G 665 20.09 -25.11 -15.02
CA TYR G 665 21.50 -25.45 -15.02
C TYR G 665 21.79 -26.66 -14.15
N LYS G 666 21.42 -27.83 -14.66
CA LYS G 666 21.73 -29.10 -14.01
C LYS G 666 22.56 -29.96 -14.94
N SER G 667 23.40 -30.81 -14.35
CA SER G 667 24.29 -31.64 -15.15
C SER G 667 23.53 -32.64 -16.01
N SER G 668 22.35 -33.05 -15.55
CA SER G 668 21.53 -33.97 -16.32
C SER G 668 20.82 -33.23 -17.45
N LEU G 669 20.45 -31.99 -17.18
CA LEU G 669 19.75 -31.18 -18.16
C LEU G 669 20.67 -30.74 -19.28
N LEU G 670 21.97 -30.74 -19.02
CA LEU G 670 22.98 -30.51 -20.05
C LEU G 670 23.00 -31.61 -21.11
N ASP G 671 22.40 -32.75 -20.79
CA ASP G 671 22.23 -33.79 -21.78
C ASP G 671 20.80 -33.84 -22.28
N ASP G 672 19.86 -33.53 -21.39
CA ASP G 672 18.44 -33.58 -21.73
C ASP G 672 18.02 -32.34 -22.51
N LEU G 673 17.99 -31.18 -21.84
CA LEU G 673 17.50 -29.95 -22.46
C LEU G 673 18.31 -29.63 -23.68
N LEU G 674 19.60 -29.92 -23.61
CA LEU G 674 20.46 -29.69 -24.74
C LEU G 674 20.40 -30.87 -25.70
N THR G 675 19.25 -31.03 -26.35
CA THR G 675 19.08 -32.00 -27.42
C THR G 675 18.75 -31.29 -28.72
N GLU G 676 19.50 -31.60 -29.77
CA GLU G 676 19.36 -30.91 -31.04
C GLU G 676 18.22 -31.44 -31.87
N SER G 677 17.61 -30.55 -32.65
CA SER G 677 16.61 -30.96 -33.62
C SER G 677 17.21 -31.88 -34.65
N GLU G 678 16.58 -33.04 -34.84
CA GLU G 678 17.08 -34.01 -35.80
C GLU G 678 16.91 -33.51 -37.21
N ASP G 679 15.80 -32.83 -37.47
CA ASP G 679 15.56 -32.25 -38.78
C ASP G 679 16.65 -31.24 -39.12
N MET G 680 17.02 -30.41 -38.15
CA MET G 680 18.11 -29.48 -38.32
C MET G 680 19.44 -30.22 -38.51
N ALA G 681 19.65 -31.26 -37.71
CA ALA G 681 20.86 -32.06 -37.77
C ALA G 681 21.01 -32.72 -39.13
N GLN G 682 19.90 -33.19 -39.68
CA GLN G 682 19.91 -33.82 -41.00
C GLN G 682 20.17 -32.80 -42.08
N ARG G 683 19.56 -31.63 -41.94
CA ARG G 683 19.76 -30.56 -42.91
C ARG G 683 21.22 -30.17 -43.00
N ARG G 684 21.86 -29.95 -41.86
CA ARG G 684 23.26 -29.60 -41.84
C ARG G 684 24.14 -30.77 -42.21
N LYS G 685 23.69 -31.98 -41.87
CA LYS G 685 24.40 -33.18 -42.25
C LYS G 685 24.50 -33.29 -43.75
N GLU G 686 23.39 -33.02 -44.43
CA GLU G 686 23.36 -33.03 -45.88
C GLU G 686 24.32 -32.01 -46.47
N ALA G 687 24.37 -30.82 -45.87
CA ALA G 687 25.32 -29.81 -46.30
C ALA G 687 26.75 -30.32 -46.16
N ALA G 688 27.02 -30.97 -45.04
CA ALA G 688 28.33 -31.56 -44.78
C ALA G 688 28.61 -32.69 -45.77
N ASP G 689 27.60 -33.50 -46.04
CA ASP G 689 27.74 -34.63 -46.93
C ASP G 689 27.98 -34.18 -48.37
N MET G 690 27.36 -33.07 -48.75
CA MET G 690 27.64 -32.48 -50.04
C MET G 690 29.04 -31.89 -50.08
N LEU G 691 29.48 -31.36 -48.95
CA LEU G 691 30.84 -30.90 -48.83
C LEU G 691 31.82 -32.09 -48.88
N LYS G 692 31.39 -33.22 -48.33
CA LYS G 692 32.16 -34.45 -48.44
C LYS G 692 32.24 -34.92 -49.88
N ALA G 693 31.18 -34.68 -50.65
CA ALA G 693 31.22 -34.93 -52.07
C ALA G 693 32.25 -34.03 -52.74
N LEU G 694 32.39 -32.81 -52.22
CA LEU G 694 33.40 -31.90 -52.75
C LEU G 694 34.80 -32.24 -52.23
N GLN G 695 34.86 -32.93 -51.11
CA GLN G 695 36.11 -33.57 -50.71
C GLN G 695 36.42 -34.69 -51.70
N GLY G 696 35.38 -35.41 -52.12
CA GLY G 696 35.49 -36.37 -53.20
C GLY G 696 35.83 -35.69 -54.53
N ALA G 697 35.44 -34.42 -54.65
CA ALA G 697 35.78 -33.63 -55.84
C ALA G 697 37.24 -33.19 -55.83
N SER G 698 37.99 -33.53 -54.79
CA SER G 698 39.43 -33.42 -54.85
C SER G 698 39.99 -34.60 -55.64
N GLN G 699 39.17 -35.66 -55.77
CA GLN G 699 39.49 -36.76 -56.65
C GLN G 699 39.03 -36.44 -58.06
N ILE G 700 38.01 -35.59 -58.17
CA ILE G 700 37.73 -34.95 -59.45
C ILE G 700 38.89 -34.09 -59.89
N ILE G 701 39.44 -33.34 -58.95
CA ILE G 701 40.63 -32.56 -59.21
C ILE G 701 41.84 -33.46 -59.48
N ALA G 702 41.88 -34.61 -58.82
CA ALA G 702 42.87 -35.62 -59.17
C ALA G 702 42.69 -36.05 -60.60
N GLU G 703 41.44 -36.25 -61.00
CA GLU G 703 41.14 -36.59 -62.38
C GLU G 703 41.53 -35.45 -63.32
N ILE G 704 41.30 -34.20 -62.89
CA ILE G 704 41.79 -33.05 -63.65
C ILE G 704 43.28 -33.19 -63.93
N ARG G 705 44.04 -33.57 -62.91
CA ARG G 705 45.47 -33.82 -63.08
C ARG G 705 45.72 -35.02 -64.01
N GLU G 706 44.92 -36.06 -63.87
CA GLU G 706 45.06 -37.27 -64.68
C GLU G 706 44.85 -37.00 -66.16
N THR G 707 44.01 -36.02 -66.50
CA THR G 707 43.75 -35.69 -67.90
C THR G 707 44.93 -34.99 -68.55
N HIS G 708 45.93 -34.61 -67.75
CA HIS G 708 47.15 -34.05 -68.28
C HIS G 708 48.16 -35.17 -68.56
N LEU G 709 47.76 -36.41 -68.29
CA LEU G 709 48.59 -37.57 -68.56
C LEU G 709 48.06 -38.34 -69.76
N TRP G 710 48.62 -38.07 -70.93
CA TRP G 710 48.15 -38.71 -72.16
C TRP G 710 49.20 -38.63 -73.25
N THR H 1 0.68 34.56 -74.47
CA THR H 1 -0.31 33.50 -74.41
C THR H 1 0.33 32.14 -74.24
N LEU H 2 -0.50 31.12 -74.04
CA LEU H 2 -0.04 29.74 -73.97
C LEU H 2 0.67 29.32 -75.24
N GLN H 3 0.06 29.63 -76.37
CA GLN H 3 0.63 29.31 -77.66
C GLN H 3 2.02 29.90 -77.81
N GLU H 4 2.14 31.19 -77.52
CA GLU H 4 3.41 31.88 -77.61
C GLU H 4 4.41 31.34 -76.60
N ARG H 5 3.91 31.03 -75.39
CA ARG H 5 4.75 30.53 -74.33
C ARG H 5 5.32 29.17 -74.65
N LEU H 6 4.49 28.29 -75.24
CA LEU H 6 4.94 26.97 -75.65
C LEU H 6 6.01 27.04 -76.72
N LEU H 7 5.85 27.96 -77.66
CA LEU H 7 6.83 28.14 -78.72
C LEU H 7 8.18 28.57 -78.16
N ALA H 8 8.15 29.53 -77.22
CA ALA H 8 9.35 29.94 -76.52
C ALA H 8 9.87 28.83 -75.63
N PHE H 9 8.95 28.15 -74.96
CA PHE H 9 9.28 27.06 -74.05
C PHE H 9 10.05 25.96 -74.75
N GLU H 10 9.65 25.63 -75.98
CA GLU H 10 10.41 24.69 -76.76
C GLU H 10 11.84 25.17 -76.96
N ARG H 11 11.98 26.41 -77.41
CA ARG H 11 13.29 26.99 -77.65
C ARG H 11 14.12 27.05 -76.37
N ASP H 12 13.47 27.32 -75.24
CA ASP H 12 14.17 27.58 -74.00
C ASP H 12 14.34 26.35 -73.11
N ARG H 13 13.45 25.35 -73.25
CA ARG H 13 13.46 24.24 -72.31
C ARG H 13 13.45 22.86 -72.97
N VAL H 14 12.91 22.76 -74.19
CA VAL H 14 12.95 21.48 -74.91
C VAL H 14 14.30 21.28 -75.58
N THR H 15 14.76 22.31 -76.29
CA THR H 15 16.01 22.23 -77.04
C THR H 15 17.23 22.13 -76.13
N ILE H 16 18.00 21.06 -76.31
CA ILE H 16 19.24 20.84 -75.58
C ILE H 16 20.43 20.95 -76.55
N PRO H 17 21.28 21.98 -76.37
CA PRO H 17 22.26 22.49 -77.37
C PRO H 17 22.75 21.41 -78.34
N ALA H 18 22.75 21.77 -79.62
CA ALA H 18 23.12 20.86 -80.69
C ALA H 18 24.54 20.33 -80.54
N ALA H 19 25.43 21.15 -80.02
CA ALA H 19 26.82 20.74 -79.81
C ALA H 19 26.87 19.54 -78.87
N GLN H 20 26.09 19.60 -77.79
CA GLN H 20 26.01 18.50 -76.85
C GLN H 20 25.35 17.29 -77.48
N VAL H 21 24.34 17.54 -78.32
CA VAL H 21 23.64 16.46 -79.02
C VAL H 21 24.58 15.69 -79.93
N ALA H 22 25.34 16.43 -80.74
CA ALA H 22 26.26 15.81 -81.67
C ALA H 22 27.34 15.04 -80.93
N LEU H 23 27.87 15.64 -79.87
CA LEU H 23 28.87 14.99 -79.05
C LEU H 23 28.32 13.73 -78.39
N ALA H 24 27.08 13.82 -77.91
CA ALA H 24 26.42 12.69 -77.28
C ALA H 24 26.26 11.55 -78.25
N LYS H 25 25.89 11.85 -79.49
CA LYS H 25 25.71 10.85 -80.52
C LYS H 25 27.05 10.21 -80.90
N GLN H 26 28.10 11.03 -80.94
CA GLN H 26 29.44 10.52 -81.20
C GLN H 26 29.87 9.55 -80.12
N LEU H 27 29.67 9.95 -78.86
CA LEU H 27 30.04 9.11 -77.72
C LEU H 27 29.18 7.89 -77.63
N ALA H 28 27.92 8.02 -78.01
CA ALA H 28 27.03 6.87 -78.04
C ALA H 28 27.59 5.78 -78.94
N GLY H 29 28.05 6.18 -80.12
CA GLY H 29 28.68 5.26 -81.05
C GLY H 29 30.01 4.75 -80.52
N ASP H 30 30.82 5.65 -79.98
CA ASP H 30 32.15 5.30 -79.49
C ASP H 30 32.08 4.30 -78.34
N ILE H 31 31.18 4.54 -77.39
CA ILE H 31 30.98 3.63 -76.28
C ILE H 31 30.49 2.29 -76.77
N ALA H 32 29.54 2.31 -77.70
CA ALA H 32 29.01 1.09 -78.28
C ALA H 32 30.12 0.29 -78.95
N LEU H 33 30.95 0.96 -79.74
CA LEU H 33 32.03 0.31 -80.46
C LEU H 33 33.07 -0.28 -79.53
N GLU H 34 33.37 0.44 -78.45
CA GLU H 34 34.28 -0.08 -77.45
C GLU H 34 33.72 -1.32 -76.80
N LEU H 35 32.44 -1.26 -76.44
CA LEU H 35 31.80 -2.39 -75.80
C LEU H 35 31.61 -3.56 -76.76
N GLN H 36 31.42 -3.26 -78.05
CA GLN H 36 31.41 -4.31 -79.06
C GLN H 36 32.73 -5.05 -79.06
N ALA H 37 33.82 -4.30 -79.13
CA ALA H 37 35.16 -4.88 -79.12
C ALA H 37 35.41 -5.64 -77.83
N TYR H 38 34.95 -5.09 -76.71
CA TYR H 38 35.14 -5.73 -75.42
C TYR H 38 34.38 -7.03 -75.34
N PHE H 39 33.13 -7.04 -75.79
CA PHE H 39 32.32 -8.25 -75.72
C PHE H 39 32.81 -9.32 -76.69
N ARG H 40 33.41 -8.88 -77.79
CA ARG H 40 34.03 -9.83 -78.70
C ARG H 40 35.17 -10.59 -78.02
N SER H 41 35.93 -9.88 -77.17
CA SER H 41 37.04 -10.52 -76.45
C SER H 41 36.61 -11.12 -75.11
N LYS H 42 35.58 -10.55 -74.50
CA LYS H 42 35.12 -11.00 -73.19
C LYS H 42 34.14 -12.16 -73.32
N PHE H 43 33.33 -12.12 -74.37
CA PHE H 43 32.35 -13.17 -74.60
C PHE H 43 32.37 -13.66 -76.04
N PRO H 44 33.54 -14.01 -76.57
CA PRO H 44 33.72 -14.58 -77.90
C PRO H 44 32.80 -15.79 -78.15
N GLU H 45 32.42 -16.50 -77.09
CA GLU H 45 31.54 -17.65 -77.21
C GLU H 45 30.11 -17.26 -77.52
N LEU H 46 29.71 -16.05 -77.14
CA LEU H 46 28.34 -15.61 -77.37
C LEU H 46 28.23 -14.81 -78.65
N PRO H 47 27.12 -14.94 -79.37
CA PRO H 47 26.87 -14.29 -80.63
C PRO H 47 26.24 -12.91 -80.43
N PHE H 48 27.03 -12.00 -79.89
CA PHE H 48 26.59 -10.62 -79.76
C PHE H 48 26.67 -9.91 -81.10
N GLY H 49 25.58 -9.26 -81.49
CA GLY H 49 25.57 -8.47 -82.72
C GLY H 49 26.15 -7.09 -82.47
N ALA H 50 26.10 -6.25 -83.49
CA ALA H 50 26.58 -4.88 -83.36
C ALA H 50 25.64 -4.08 -82.48
N PHE H 51 26.20 -3.34 -81.54
CA PHE H 51 25.39 -2.59 -80.58
C PHE H 51 24.82 -1.34 -81.21
N VAL H 52 23.58 -1.02 -80.86
CA VAL H 52 22.87 0.06 -81.54
C VAL H 52 22.47 1.17 -80.57
N PRO H 53 22.98 2.38 -80.81
CA PRO H 53 22.57 3.58 -80.11
C PRO H 53 21.20 4.05 -80.59
N GLY H 54 20.40 4.56 -79.65
CA GLY H 54 19.06 5.04 -79.97
C GLY H 54 18.46 5.82 -78.81
N GLY H 55 17.14 6.00 -78.84
CA GLY H 55 16.44 6.76 -77.82
C GLY H 55 16.26 8.21 -78.24
N PRO H 56 15.53 8.97 -77.44
CA PRO H 56 15.22 10.41 -77.56
C PRO H 56 16.31 11.23 -78.26
N LEU H 57 17.57 10.95 -77.95
CA LEU H 57 18.71 11.63 -78.58
C LEU H 57 18.60 11.62 -80.10
N TYR H 58 18.08 10.53 -80.65
CA TYR H 58 17.81 10.42 -82.06
C TYR H 58 16.32 10.52 -82.33
N ASP H 59 15.51 10.01 -81.40
CA ASP H 59 14.07 9.92 -81.58
C ASP H 59 13.37 11.21 -81.20
N GLY H 60 13.47 12.21 -82.07
CA GLY H 60 12.84 13.49 -81.83
C GLY H 60 13.74 14.63 -82.25
N LEU H 61 13.82 15.66 -81.42
CA LEU H 61 14.67 16.80 -81.69
C LEU H 61 15.91 16.77 -80.80
N GLN H 62 16.43 17.94 -80.44
CA GLN H 62 17.65 18.01 -79.65
C GLN H 62 17.40 17.63 -78.19
N ALA H 63 17.34 16.33 -77.92
CA ALA H 63 17.16 15.84 -76.57
C ALA H 63 18.48 15.86 -75.80
N GLY H 64 19.56 15.50 -76.48
CA GLY H 64 20.88 15.58 -75.88
C GLY H 64 20.96 14.73 -74.62
N ALA H 65 21.28 15.39 -73.50
CA ALA H 65 21.46 14.72 -72.22
C ALA H 65 20.17 14.71 -71.38
N ALA H 66 19.06 15.15 -71.98
CA ALA H 66 17.78 15.21 -71.27
C ALA H 66 17.30 13.83 -70.83
N ASP H 67 17.70 12.80 -71.57
CA ASP H 67 17.35 11.43 -71.22
C ASP H 67 18.48 10.48 -71.63
N HIS H 68 18.34 9.21 -71.29
CA HIS H 68 19.38 8.21 -71.50
C HIS H 68 19.66 7.95 -72.98
N VAL H 69 20.92 7.69 -73.28
CA VAL H 69 21.28 7.07 -74.54
C VAL H 69 20.97 5.59 -74.48
N ARG H 70 20.09 5.12 -75.34
CA ARG H 70 19.74 3.71 -75.31
C ARG H 70 20.70 2.91 -76.15
N LEU H 71 21.28 1.87 -75.56
CA LEU H 71 22.28 1.08 -76.24
C LEU H 71 21.89 -0.38 -76.32
N LEU H 72 21.49 -0.81 -77.51
CA LEU H 72 21.10 -2.19 -77.71
C LEU H 72 22.29 -3.12 -77.75
N VAL H 73 22.20 -4.21 -76.99
CA VAL H 73 23.14 -5.32 -77.10
C VAL H 73 22.40 -6.57 -77.60
N PRO H 74 22.71 -7.02 -78.82
CA PRO H 74 21.87 -8.00 -79.54
C PRO H 74 22.19 -9.44 -79.15
N LEU H 75 21.26 -10.05 -78.43
CA LEU H 75 21.39 -11.44 -78.02
C LEU H 75 20.95 -12.38 -79.12
N VAL H 76 21.82 -12.65 -80.08
CA VAL H 76 21.44 -13.45 -81.22
C VAL H 76 21.23 -14.90 -80.82
N LEU H 77 20.01 -15.22 -80.43
CA LEU H 77 19.64 -16.59 -80.07
C LEU H 77 19.60 -17.47 -81.30
N GLU H 78 19.92 -18.73 -81.12
CA GLU H 78 19.98 -19.68 -82.22
C GLU H 78 18.57 -20.11 -82.63
N PRO H 79 18.00 -19.50 -83.69
CA PRO H 79 16.67 -19.78 -84.24
C PRO H 79 16.33 -21.26 -84.18
N GLY H 80 15.21 -21.57 -83.55
CA GLY H 80 14.71 -22.93 -83.50
C GLY H 80 15.01 -23.59 -82.15
N LEU H 81 16.05 -23.14 -81.46
CA LEU H 81 16.38 -23.68 -80.16
C LEU H 81 15.75 -22.87 -79.05
N TRP H 82 15.24 -21.69 -79.39
CA TRP H 82 14.64 -20.82 -78.40
C TRP H 82 13.29 -20.31 -78.88
N SER H 83 12.33 -20.18 -77.94
CA SER H 83 10.96 -19.79 -78.31
C SER H 83 10.35 -18.82 -77.30
N LEU H 84 9.50 -17.92 -77.78
CA LEU H 84 8.92 -16.89 -76.93
C LEU H 84 7.62 -17.35 -76.25
N VAL H 85 7.61 -17.27 -74.92
CA VAL H 85 6.46 -17.68 -74.12
C VAL H 85 5.97 -16.52 -73.26
N PRO H 86 4.65 -16.39 -73.11
CA PRO H 86 4.06 -15.40 -72.22
C PRO H 86 4.26 -15.80 -70.76
N GLY H 87 4.62 -14.84 -69.92
CA GLY H 87 4.84 -15.10 -68.50
C GLY H 87 3.61 -15.71 -67.84
N VAL H 88 2.44 -15.21 -68.22
CA VAL H 88 1.16 -15.69 -67.69
C VAL H 88 0.92 -17.17 -67.95
N ASP H 89 1.58 -17.72 -68.98
CA ASP H 89 1.42 -19.12 -69.33
C ASP H 89 2.14 -20.04 -68.35
N THR H 90 3.03 -19.47 -67.54
CA THR H 90 3.82 -20.25 -66.59
C THR H 90 3.28 -20.08 -65.18
N VAL H 91 3.86 -20.82 -64.24
CA VAL H 91 3.47 -20.72 -62.82
C VAL H 91 3.67 -19.31 -62.31
N ALA H 92 4.73 -18.66 -62.77
CA ALA H 92 4.97 -17.26 -62.47
C ALA H 92 4.08 -16.38 -63.35
N ARG H 93 2.79 -16.34 -63.01
CA ARG H 93 1.78 -15.82 -63.91
C ARG H 93 1.76 -14.30 -63.99
N ASP H 94 2.69 -13.76 -64.75
CA ASP H 94 2.74 -12.32 -65.00
C ASP H 94 2.82 -12.01 -66.50
N PRO H 95 1.66 -11.78 -67.14
CA PRO H 95 1.48 -11.50 -68.57
C PRO H 95 2.36 -10.37 -69.11
N ARG H 96 2.81 -9.47 -68.23
CA ARG H 96 3.62 -8.34 -68.65
C ARG H 96 5.05 -8.78 -68.93
N CYS H 97 5.43 -9.91 -68.35
CA CYS H 97 6.77 -10.46 -68.53
C CYS H 97 6.71 -11.68 -69.44
N TRP H 98 7.87 -12.03 -69.98
CA TRP H 98 7.97 -13.07 -71.01
C TRP H 98 9.08 -14.06 -70.69
N ALA H 99 8.99 -15.24 -71.26
CA ALA H 99 10.00 -16.25 -71.05
C ALA H 99 10.59 -16.72 -72.37
N VAL H 100 11.87 -17.07 -72.36
CA VAL H 100 12.51 -17.65 -73.53
C VAL H 100 12.76 -19.14 -73.32
N ARG H 101 12.03 -19.97 -74.04
CA ARG H 101 12.03 -21.40 -73.83
C ARG H 101 13.06 -22.13 -74.67
N ARG H 102 13.85 -22.97 -74.03
CA ARG H 102 14.78 -23.84 -74.74
C ARG H 102 14.06 -25.04 -75.29
N THR H 103 14.30 -25.33 -76.56
CA THR H 103 13.66 -26.47 -77.20
C THR H 103 14.58 -27.16 -78.20
N GLN H 104 14.04 -28.18 -78.87
CA GLN H 104 14.80 -29.03 -79.78
C GLN H 104 16.00 -29.69 -79.10
N LEU H 105 15.83 -30.05 -77.84
CA LEU H 105 16.90 -30.69 -77.06
C LEU H 105 17.16 -32.12 -77.52
N GLU H 106 16.21 -32.69 -78.26
CA GLU H 106 16.35 -34.02 -78.83
C GLU H 106 17.32 -34.04 -80.02
N PHE H 107 17.64 -32.88 -80.56
CA PHE H 107 18.60 -32.77 -81.66
C PHE H 107 19.79 -31.92 -81.27
N CYS H 108 19.55 -30.94 -80.41
CA CYS H 108 20.61 -30.08 -79.91
C CYS H 108 20.53 -29.93 -78.38
N PRO H 109 21.18 -30.85 -77.65
CA PRO H 109 21.14 -30.92 -76.19
C PRO H 109 21.85 -29.75 -75.54
N ARG H 110 21.48 -29.48 -74.29
CA ARG H 110 22.06 -28.37 -73.56
C ARG H 110 23.57 -28.55 -73.40
N GLY H 111 24.30 -27.49 -73.68
CA GLY H 111 25.75 -27.53 -73.71
C GLY H 111 26.23 -27.33 -75.14
N SER H 112 25.33 -27.53 -76.10
CA SER H 112 25.65 -27.31 -77.50
C SER H 112 25.57 -25.84 -77.88
N SER H 113 24.64 -25.10 -77.26
CA SER H 113 24.53 -23.67 -77.52
C SER H 113 25.31 -22.89 -76.49
N PRO H 114 25.84 -21.74 -76.87
CA PRO H 114 26.53 -20.85 -75.96
C PRO H 114 25.56 -20.22 -74.98
N TRP H 115 24.29 -20.17 -75.35
CA TRP H 115 23.29 -19.56 -74.49
C TRP H 115 22.80 -20.55 -73.42
N ASP H 116 23.30 -21.79 -73.47
CA ASP H 116 22.92 -22.80 -72.49
C ASP H 116 23.61 -22.58 -71.16
N ARG H 117 24.57 -21.66 -71.13
CA ARG H 117 25.17 -21.23 -69.87
C ARG H 117 24.15 -20.48 -69.01
N PHE H 118 23.08 -20.01 -69.65
CA PHE H 118 22.00 -19.32 -68.97
C PHE H 118 20.76 -20.19 -68.85
N LEU H 119 20.92 -21.49 -69.09
CA LEU H 119 19.77 -22.37 -69.12
C LEU H 119 19.43 -22.87 -67.72
N VAL H 120 18.26 -22.46 -67.22
CA VAL H 120 17.76 -22.93 -65.94
C VAL H 120 16.44 -23.63 -66.14
N GLY H 121 16.36 -24.88 -65.72
CA GLY H 121 15.21 -25.70 -66.08
C GLY H 121 15.20 -25.89 -67.58
N GLY H 122 14.27 -25.23 -68.26
CA GLY H 122 14.26 -25.23 -69.71
C GLY H 122 14.08 -23.82 -70.28
N TYR H 123 14.57 -22.81 -69.55
CA TYR H 123 14.42 -21.42 -69.99
C TYR H 123 15.72 -20.62 -69.91
N LEU H 124 15.81 -19.60 -70.77
CA LEU H 124 16.96 -18.70 -70.80
C LEU H 124 16.90 -17.71 -69.64
N SER H 125 17.98 -17.64 -68.86
CA SER H 125 18.01 -16.78 -67.68
C SER H 125 18.45 -15.36 -68.00
N SER H 126 17.49 -14.44 -68.00
CA SER H 126 17.80 -13.03 -68.13
C SER H 126 18.60 -12.54 -66.93
N ARG H 127 18.34 -13.14 -65.77
CA ARG H 127 19.00 -12.75 -64.53
C ARG H 127 20.50 -12.99 -64.58
N VAL H 128 20.90 -14.21 -64.90
CA VAL H 128 22.32 -14.55 -64.91
C VAL H 128 23.05 -13.77 -65.99
N LEU H 129 22.39 -13.61 -67.13
CA LEU H 129 22.91 -12.78 -68.19
C LEU H 129 23.21 -11.37 -67.70
N LEU H 130 22.25 -10.77 -67.01
CA LEU H 130 22.43 -9.44 -66.44
C LEU H 130 23.56 -9.41 -65.44
N GLU H 131 23.62 -10.43 -64.59
CA GLU H 131 24.65 -10.47 -63.55
C GLU H 131 26.05 -10.46 -64.15
N LEU H 132 26.25 -11.24 -65.21
CA LEU H 132 27.56 -11.32 -65.84
C LEU H 132 27.89 -10.06 -66.62
N LEU H 133 26.91 -9.55 -67.35
CA LEU H 133 27.16 -8.39 -68.21
C LEU H 133 27.28 -7.11 -67.40
N ARG H 134 26.52 -7.01 -66.32
CA ARG H 134 26.65 -5.88 -65.41
C ARG H 134 27.98 -5.93 -64.70
N LYS H 135 28.44 -7.13 -64.36
CA LYS H 135 29.77 -7.30 -63.78
C LYS H 135 30.85 -6.88 -64.76
N ALA H 136 30.66 -7.23 -66.02
CA ALA H 136 31.60 -6.84 -67.06
C ALA H 136 31.72 -5.33 -67.13
N LEU H 137 30.58 -4.65 -67.12
CA LEU H 137 30.59 -3.19 -67.13
C LEU H 137 31.09 -2.64 -65.82
N ALA H 138 30.74 -3.29 -64.72
CA ALA H 138 31.07 -2.80 -63.39
C ALA H 138 32.57 -2.75 -63.16
N ALA H 139 33.29 -3.74 -63.68
CA ALA H 139 34.72 -3.83 -63.38
C ALA H 139 35.55 -4.26 -64.58
N SER H 140 35.07 -5.25 -65.33
CA SER H 140 35.89 -5.88 -66.37
C SER H 140 36.32 -4.90 -67.46
N VAL H 141 35.38 -4.06 -67.89
CA VAL H 141 35.67 -3.06 -68.92
C VAL H 141 36.68 -2.04 -68.44
N ASN H 142 37.69 -1.80 -69.26
CA ASN H 142 38.77 -0.87 -68.88
C ASN H 142 38.36 0.57 -69.12
N TRP H 143 37.55 1.10 -68.21
CA TRP H 143 37.02 2.45 -68.32
C TRP H 143 38.11 3.53 -68.30
N PRO H 144 39.29 3.21 -67.79
CA PRO H 144 40.44 4.10 -67.89
C PRO H 144 40.93 4.21 -69.33
N ALA H 145 40.78 3.13 -70.10
CA ALA H 145 41.14 3.16 -71.51
C ALA H 145 40.12 3.92 -72.31
N ILE H 146 38.85 3.73 -71.95
CA ILE H 146 37.77 4.44 -72.62
C ILE H 146 37.84 5.93 -72.39
N GLY H 147 38.04 6.32 -71.13
CA GLY H 147 38.18 7.72 -70.79
C GLY H 147 39.40 8.33 -71.46
N SER H 148 40.51 7.61 -71.47
CA SER H 148 41.73 8.08 -72.11
C SER H 148 41.53 8.22 -73.62
N LEU H 149 40.85 7.26 -74.22
CA LEU H 149 40.61 7.24 -75.66
C LEU H 149 39.72 8.38 -76.09
N LEU H 150 38.59 8.54 -75.41
CA LEU H 150 37.57 9.46 -75.85
C LEU H 150 37.75 10.85 -75.25
N GLY H 151 38.65 10.96 -74.25
CA GLY H 151 38.92 12.24 -73.62
C GLY H 151 37.77 12.62 -72.70
N CYS H 152 37.50 11.78 -71.72
CA CYS H 152 36.34 11.96 -70.89
C CYS H 152 36.35 11.09 -69.66
N LEU H 153 35.42 11.34 -68.75
CA LEU H 153 35.18 10.46 -67.63
C LEU H 153 33.92 9.63 -67.84
N ILE H 154 34.09 8.34 -68.13
CA ILE H 154 32.97 7.42 -68.29
C ILE H 154 33.10 6.22 -67.37
N ARG H 155 32.04 5.95 -66.63
CA ARG H 155 32.02 4.82 -65.70
C ARG H 155 30.62 4.21 -65.65
N PRO H 156 30.47 3.10 -64.94
CA PRO H 156 29.21 2.37 -64.78
C PRO H 156 28.38 2.97 -63.66
N SER H 157 27.06 2.89 -63.81
CA SER H 157 26.15 3.34 -62.76
C SER H 157 26.10 2.34 -61.62
N MET H 158 25.36 2.70 -60.58
CA MET H 158 25.22 1.82 -59.43
C MET H 158 23.81 1.24 -59.36
N ALA H 159 23.12 1.21 -60.50
CA ALA H 159 21.78 0.65 -60.55
C ALA H 159 21.43 0.20 -61.96
N SER H 160 20.64 -0.86 -62.04
CA SER H 160 20.28 -1.44 -63.34
C SER H 160 21.51 -1.71 -64.19
N GLU H 161 21.42 -1.38 -65.47
CA GLU H 161 22.56 -1.49 -66.37
C GLU H 161 22.75 -0.21 -67.15
N GLU H 162 23.20 0.83 -66.46
CA GLU H 162 23.39 2.12 -67.07
C GLU H 162 24.82 2.59 -66.92
N LEU H 163 25.24 3.50 -67.79
CA LEU H 163 26.56 4.09 -67.72
C LEU H 163 26.46 5.60 -67.52
N LEU H 164 27.50 6.18 -66.94
CA LEU H 164 27.53 7.61 -66.73
C LEU H 164 28.73 8.28 -67.37
N LEU H 165 28.46 9.26 -68.23
CA LEU H 165 29.47 10.20 -68.65
C LEU H 165 29.59 11.31 -67.62
N GLU H 166 30.58 11.21 -66.76
CA GLU H 166 30.76 12.18 -65.69
C GLU H 166 31.18 13.53 -66.25
N VAL H 167 31.83 13.50 -67.41
CA VAL H 167 32.15 14.72 -68.16
C VAL H 167 33.06 14.44 -69.35
N GLN H 168 32.53 14.72 -70.54
CA GLN H 168 33.32 14.81 -71.75
C GLN H 168 33.98 16.17 -71.81
N HIS H 169 35.26 16.19 -72.17
CA HIS H 169 36.06 17.42 -72.14
C HIS H 169 35.31 18.61 -72.71
N GLU H 170 34.56 18.41 -73.79
CA GLU H 170 33.74 19.46 -74.37
C GLU H 170 32.41 19.67 -73.62
N ARG H 171 32.52 20.05 -72.34
CA ARG H 171 31.38 20.45 -71.52
C ARG H 171 30.11 19.61 -71.73
N LEU H 172 30.24 18.29 -71.70
CA LEU H 172 29.08 17.42 -71.88
C LEU H 172 28.99 16.33 -70.82
N GLU H 173 27.82 16.18 -70.22
CA GLU H 173 27.55 15.08 -69.31
C GLU H 173 26.26 14.36 -69.73
N LEU H 174 26.22 13.06 -69.53
CA LEU H 174 25.03 12.28 -69.94
C LEU H 174 25.06 10.87 -69.37
N THR H 175 23.95 10.16 -69.52
CA THR H 175 23.86 8.78 -69.09
C THR H 175 23.44 7.86 -70.24
N VAL H 176 23.82 6.58 -70.13
CA VAL H 176 23.51 5.59 -71.15
C VAL H 176 22.72 4.44 -70.56
N ALA H 177 21.56 4.16 -71.13
CA ALA H 177 20.78 3.00 -70.74
C ALA H 177 21.11 1.82 -71.62
N VAL H 178 21.87 0.88 -71.10
CA VAL H 178 22.26 -0.28 -71.89
C VAL H 178 21.15 -1.30 -71.90
N LEU H 179 20.61 -1.56 -73.07
CA LEU H 179 19.49 -2.47 -73.24
C LEU H 179 19.94 -3.77 -73.87
N VAL H 180 20.23 -4.74 -73.03
CA VAL H 180 20.58 -6.07 -73.51
C VAL H 180 19.33 -6.83 -73.86
N ALA H 181 19.18 -7.17 -75.13
CA ALA H 181 17.91 -7.72 -75.60
C ALA H 181 18.08 -8.60 -76.84
N VAL H 182 17.18 -9.55 -77.00
CA VAL H 182 17.15 -10.40 -78.17
C VAL H 182 16.60 -9.61 -79.36
N PRO H 183 17.41 -9.41 -80.42
CA PRO H 183 16.97 -8.85 -81.73
C PRO H 183 15.47 -8.92 -81.93
N GLY H 184 14.90 -10.11 -81.80
CA GLY H 184 13.45 -10.22 -81.70
C GLY H 184 12.80 -10.38 -83.06
N VAL H 185 12.48 -9.26 -83.68
CA VAL H 185 11.70 -9.25 -84.91
C VAL H 185 12.47 -8.67 -86.07
N ASP H 186 12.03 -9.02 -87.28
CA ASP H 186 12.67 -8.56 -88.50
C ASP H 186 12.26 -7.13 -88.86
N ALA H 187 11.35 -6.56 -88.06
CA ALA H 187 10.98 -5.17 -88.19
C ALA H 187 12.00 -4.27 -87.52
N ASP H 188 12.94 -4.87 -86.77
CA ASP H 188 13.94 -4.11 -86.04
C ASP H 188 13.31 -3.16 -85.04
N ASP H 189 12.29 -3.65 -84.34
CA ASP H 189 11.56 -2.84 -83.38
C ASP H 189 11.41 -3.58 -82.04
N ARG H 190 10.47 -4.51 -81.99
CA ARG H 190 10.17 -5.24 -80.77
C ARG H 190 11.35 -6.10 -80.32
N LEU H 191 11.78 -5.91 -79.06
CA LEU H 191 12.92 -6.65 -78.52
C LEU H 191 12.50 -7.49 -77.33
N LEU H 192 13.30 -8.51 -77.01
CA LEU H 192 13.11 -9.22 -75.75
C LEU H 192 14.18 -8.79 -74.76
N LEU H 193 13.83 -7.84 -73.91
CA LEU H 193 14.78 -7.22 -73.00
C LEU H 193 15.11 -8.12 -71.84
N ALA H 194 16.39 -8.24 -71.53
CA ALA H 194 16.81 -8.96 -70.34
C ALA H 194 16.36 -8.19 -69.12
N TRP H 195 15.13 -8.46 -68.69
CA TRP H 195 14.50 -7.73 -67.63
C TRP H 195 15.02 -8.16 -66.27
N PRO H 196 15.09 -7.22 -65.32
CA PRO H 196 15.55 -7.52 -63.96
C PRO H 196 14.38 -7.64 -63.00
N LEU H 197 13.54 -8.64 -63.22
CA LEU H 197 12.45 -8.91 -62.30
C LEU H 197 12.99 -9.45 -60.99
N GLU H 198 12.57 -8.85 -59.88
CA GLU H 198 13.03 -9.28 -58.57
C GLU H 198 12.13 -10.36 -57.99
N GLY H 199 10.84 -10.28 -58.28
CA GLY H 199 9.87 -11.25 -57.79
C GLY H 199 9.72 -12.42 -58.75
N LEU H 200 8.91 -13.40 -58.36
CA LEU H 200 8.64 -14.56 -59.20
C LEU H 200 9.94 -15.16 -59.76
N ALA H 201 9.98 -15.37 -61.07
CA ALA H 201 11.18 -15.82 -61.74
C ALA H 201 11.94 -14.63 -62.30
N GLY H 202 13.14 -14.39 -61.77
CA GLY H 202 13.98 -13.30 -62.24
C GLY H 202 14.59 -13.59 -63.61
N ASN H 203 14.33 -14.79 -64.12
CA ASN H 203 14.79 -15.19 -65.44
C ASN H 203 13.92 -14.60 -66.55
N LEU H 204 12.80 -13.99 -66.17
CA LEU H 204 11.83 -13.49 -67.14
C LEU H 204 12.30 -12.22 -67.88
N TRP H 205 11.62 -11.93 -68.98
CA TRP H 205 12.05 -10.94 -69.96
C TRP H 205 10.97 -9.90 -70.17
N LEU H 206 11.34 -8.76 -70.74
CA LEU H 206 10.36 -7.72 -71.01
C LEU H 206 10.23 -7.45 -72.50
N GLN H 207 9.01 -7.53 -73.00
CA GLN H 207 8.75 -7.20 -74.40
C GLN H 207 8.88 -5.71 -74.61
N ASP H 208 9.91 -5.31 -75.35
CA ASP H 208 10.23 -3.91 -75.54
C ASP H 208 9.48 -3.33 -76.72
N LEU H 209 8.47 -2.52 -76.43
CA LEU H 209 7.67 -1.88 -77.46
C LEU H 209 7.97 -0.40 -77.58
N TYR H 210 9.13 0.03 -77.08
CA TYR H 210 9.52 1.44 -77.19
C TYR H 210 9.52 1.94 -78.64
N PRO H 211 10.46 1.48 -79.50
CA PRO H 211 10.57 1.89 -80.89
C PRO H 211 9.26 1.69 -81.66
N VAL H 212 8.42 0.75 -81.20
CA VAL H 212 7.09 0.57 -81.78
C VAL H 212 6.21 1.78 -81.49
N GLU H 213 6.22 2.21 -80.23
CA GLU H 213 5.49 3.41 -79.82
C GLU H 213 6.04 4.65 -80.50
N ALA H 214 7.37 4.74 -80.57
CA ALA H 214 8.03 5.88 -81.20
C ALA H 214 7.72 5.93 -82.69
N ALA H 215 7.80 4.78 -83.34
CA ALA H 215 7.48 4.68 -84.76
C ALA H 215 6.02 4.98 -85.02
N ARG H 216 5.15 4.61 -84.08
CA ARG H 216 3.73 4.88 -84.23
C ARG H 216 3.44 6.36 -84.20
N LEU H 217 4.04 7.08 -83.25
CA LEU H 217 3.86 8.52 -83.18
C LEU H 217 4.48 9.21 -84.39
N ARG H 218 5.61 8.69 -84.84
CA ARG H 218 6.23 9.16 -86.07
C ARG H 218 5.31 8.96 -87.26
N ALA H 219 4.75 7.77 -87.39
CA ALA H 219 3.87 7.44 -88.49
C ALA H 219 2.61 8.29 -88.45
N LEU H 220 2.05 8.45 -87.25
CA LEU H 220 0.84 9.25 -87.07
C LEU H 220 1.07 10.69 -87.51
N ASP H 221 2.24 11.23 -87.17
CA ASP H 221 2.61 12.55 -87.65
C ASP H 221 2.82 12.57 -89.16
N ASP H 222 3.47 11.54 -89.68
CA ASP H 222 3.75 11.47 -91.12
C ASP H 222 2.48 11.26 -91.95
N HIS H 223 1.42 10.78 -91.30
CA HIS H 223 0.14 10.59 -91.98
C HIS H 223 -0.48 11.91 -92.41
N ASP H 224 -0.24 12.97 -91.65
CA ASP H 224 -0.87 14.25 -91.92
C ASP H 224 0.02 15.43 -91.56
N ALA H 225 1.34 15.19 -91.51
CA ALA H 225 2.30 16.23 -91.17
C ALA H 225 1.93 16.92 -89.86
N GLY H 226 1.56 16.12 -88.86
CA GLY H 226 1.09 16.64 -87.59
C GLY H 226 2.23 16.85 -86.61
N THR H 227 1.90 17.33 -85.42
CA THR H 227 2.90 17.65 -84.40
C THR H 227 2.61 16.93 -83.08
N ARG H 228 2.29 15.65 -83.16
CA ARG H 228 2.02 14.84 -81.97
C ARG H 228 3.29 14.69 -81.13
N ARG H 229 4.41 14.46 -81.82
CA ARG H 229 5.68 14.28 -81.14
C ARG H 229 6.21 15.60 -80.59
N ARG H 230 5.83 16.71 -81.22
CA ARG H 230 6.20 18.03 -80.72
C ARG H 230 5.54 18.30 -79.39
N LEU H 231 4.26 17.94 -79.30
CA LEU H 231 3.53 18.02 -78.04
C LEU H 231 4.19 17.17 -76.97
N LEU H 232 4.56 15.95 -77.33
CA LEU H 232 5.27 15.06 -76.42
C LEU H 232 6.57 15.69 -75.94
N LEU H 233 7.34 16.27 -76.85
CA LEU H 233 8.59 16.93 -76.51
C LEU H 233 8.37 18.09 -75.54
N LEU H 234 7.32 18.86 -75.78
CA LEU H 234 6.95 19.93 -74.87
C LEU H 234 6.62 19.39 -73.51
N LEU H 235 5.81 18.33 -73.46
CA LEU H 235 5.39 17.72 -72.22
C LEU H 235 6.58 17.16 -71.44
N CYS H 236 7.55 16.62 -72.16
CA CYS H 236 8.76 16.09 -71.54
C CYS H 236 9.50 17.18 -70.79
N ALA H 237 9.69 18.33 -71.45
CA ALA H 237 10.35 19.46 -70.83
C ALA H 237 9.53 20.01 -69.66
N VAL H 238 8.20 19.97 -69.79
CA VAL H 238 7.33 20.38 -68.69
C VAL H 238 7.56 19.53 -67.45
N CYS H 239 7.67 18.22 -67.66
CA CYS H 239 7.96 17.31 -66.56
C CYS H 239 9.37 17.55 -65.99
N ARG H 240 10.33 17.84 -66.87
CA ARG H 240 11.68 18.15 -66.41
C ARG H 240 11.69 19.40 -65.55
N GLY H 241 10.84 20.37 -65.89
CA GLY H 241 10.79 21.64 -65.16
C GLY H 241 9.67 21.67 -64.10
N CYS H 242 9.14 20.51 -63.74
CA CYS H 242 8.06 20.47 -62.74
C CYS H 242 8.19 19.25 -61.83
N SER H 243 8.57 19.49 -60.58
CA SER H 243 8.82 18.42 -59.62
C SER H 243 7.56 17.64 -59.28
N ALA H 244 6.39 18.28 -59.45
CA ALA H 244 5.11 17.61 -59.25
C ALA H 244 4.93 16.46 -60.24
N LEU H 245 5.58 16.57 -61.40
CA LEU H 245 5.45 15.58 -62.43
C LEU H 245 6.62 14.61 -62.45
N GLY H 246 7.39 14.57 -61.36
CA GLY H 246 8.54 13.70 -61.26
C GLY H 246 8.15 12.21 -61.31
N GLN H 247 6.89 11.92 -61.00
CA GLN H 247 6.39 10.54 -61.05
C GLN H 247 5.92 10.14 -62.44
N LEU H 248 5.83 11.12 -63.35
CA LEU H 248 5.38 10.85 -64.70
C LEU H 248 6.53 11.02 -65.69
N GLY H 249 7.05 9.91 -66.20
CA GLY H 249 8.23 9.95 -67.04
C GLY H 249 7.85 9.98 -68.52
N ARG H 250 8.84 9.74 -69.38
CA ARG H 250 8.62 9.71 -70.81
C ARG H 250 7.60 8.66 -71.21
N GLY H 251 7.67 7.51 -70.56
CA GLY H 251 6.74 6.41 -70.82
C GLY H 251 5.32 6.82 -70.50
N HIS H 252 5.12 7.53 -69.40
CA HIS H 252 3.79 7.98 -68.99
C HIS H 252 3.23 8.96 -70.02
N LEU H 253 4.07 9.88 -70.45
CA LEU H 253 3.68 10.87 -71.44
C LEU H 253 3.41 10.21 -72.78
N THR H 254 4.22 9.20 -73.11
CA THR H 254 4.08 8.50 -74.37
C THR H 254 2.71 7.85 -74.49
N GLN H 255 2.24 7.21 -73.40
CA GLN H 255 0.94 6.56 -73.42
C GLN H 255 -0.17 7.59 -73.66
N VAL H 256 -0.05 8.74 -73.02
CA VAL H 256 -1.02 9.81 -73.18
C VAL H 256 -1.03 10.35 -74.61
N VAL H 257 0.17 10.62 -75.13
CA VAL H 257 0.30 11.18 -76.47
C VAL H 257 -0.11 10.19 -77.56
N LEU H 258 0.12 8.90 -77.33
CA LEU H 258 -0.39 7.88 -78.24
C LEU H 258 -1.91 7.91 -78.32
N ARG H 259 -2.56 8.05 -77.16
CA ARG H 259 -4.01 8.19 -77.12
C ARG H 259 -4.46 9.44 -77.86
N LEU H 260 -3.76 10.54 -77.62
CA LEU H 260 -4.05 11.80 -78.29
C LEU H 260 -3.81 11.66 -79.78
N GLY H 261 -2.73 10.98 -80.14
CA GLY H 261 -2.31 10.86 -81.52
C GLY H 261 -3.36 10.16 -82.36
N GLU H 262 -4.05 9.19 -81.76
CA GLU H 262 -5.15 8.52 -82.43
C GLU H 262 -6.40 9.39 -82.43
N ASP H 263 -6.34 10.49 -83.18
CA ASP H 263 -7.46 11.41 -83.29
C ASP H 263 -7.31 12.28 -84.53
N ASN H 264 -8.37 13.01 -84.87
CA ASN H 264 -8.38 13.84 -86.06
C ASN H 264 -8.72 15.28 -85.72
N VAL H 265 -7.74 15.98 -85.18
CA VAL H 265 -7.90 17.37 -84.76
C VAL H 265 -6.85 18.23 -85.43
N ASP H 266 -6.84 19.51 -85.12
CA ASP H 266 -5.82 20.39 -85.66
C ASP H 266 -4.46 20.02 -85.09
N TRP H 267 -3.63 19.38 -85.92
CA TRP H 267 -2.35 18.85 -85.49
C TRP H 267 -1.18 19.76 -85.86
N THR H 268 -1.46 20.99 -86.26
CA THR H 268 -0.40 21.92 -86.65
C THR H 268 0.15 22.64 -85.44
N GLU H 269 1.28 23.32 -85.62
CA GLU H 269 1.94 24.05 -84.54
C GLU H 269 1.07 25.17 -84.00
N GLU H 270 0.16 25.68 -84.82
CA GLU H 270 -0.70 26.78 -84.44
C GLU H 270 -1.68 26.40 -83.33
N ALA H 271 -1.88 25.10 -83.11
CA ALA H 271 -2.79 24.64 -82.08
C ALA H 271 -2.05 23.82 -81.03
N LEU H 272 -0.78 24.15 -80.80
CA LEU H 272 -0.03 23.55 -79.69
C LEU H 272 -0.70 23.84 -78.37
N GLY H 273 -1.13 25.10 -78.20
CA GLY H 273 -1.79 25.52 -76.97
C GLY H 273 -3.09 24.74 -76.73
N GLU H 274 -3.89 24.59 -77.78
CA GLU H 274 -5.13 23.85 -77.69
C GLU H 274 -4.88 22.42 -77.26
N ARG H 275 -3.97 21.75 -77.97
CA ARG H 275 -3.69 20.36 -77.73
C ARG H 275 -2.92 20.15 -76.43
N PHE H 276 -2.19 21.17 -76.01
CA PHE H 276 -1.51 21.17 -74.72
C PHE H 276 -2.52 21.01 -73.60
N LEU H 277 -3.56 21.84 -73.65
CA LEU H 277 -4.61 21.79 -72.64
C LEU H 277 -5.39 20.47 -72.74
N GLN H 278 -5.58 19.98 -73.97
CA GLN H 278 -6.21 18.68 -74.18
C GLN H 278 -5.40 17.56 -73.56
N ALA H 279 -4.08 17.65 -73.70
CA ALA H 279 -3.17 16.68 -73.11
C ALA H 279 -3.30 16.69 -71.60
N LEU H 280 -3.41 17.88 -71.03
CA LEU H 280 -3.59 18.01 -69.60
C LEU H 280 -4.90 17.38 -69.16
N GLU H 281 -5.96 17.64 -69.92
CA GLU H 281 -7.28 17.11 -69.60
C GLU H 281 -7.31 15.58 -69.62
N LEU H 282 -6.69 14.99 -70.64
CA LEU H 282 -6.63 13.54 -70.76
C LEU H 282 -5.82 12.93 -69.63
N LEU H 283 -4.65 13.51 -69.37
CA LEU H 283 -3.77 13.05 -68.30
C LEU H 283 -4.42 13.17 -66.93
N ILE H 284 -5.02 14.33 -66.67
CA ILE H 284 -5.71 14.58 -65.41
C ILE H 284 -6.84 13.60 -65.19
N GLY H 285 -7.63 13.35 -66.24
CA GLY H 285 -8.72 12.39 -66.15
C GLY H 285 -8.20 11.00 -65.77
N SER H 286 -7.11 10.59 -66.41
CA SER H 286 -6.49 9.32 -66.10
C SER H 286 -5.99 9.29 -64.66
N LEU H 287 -5.44 10.41 -64.21
CA LEU H 287 -4.98 10.55 -62.83
C LEU H 287 -6.16 10.50 -61.85
N GLU H 288 -7.27 11.12 -62.21
CA GLU H 288 -8.46 11.07 -61.38
C GLU H 288 -8.99 9.65 -61.23
N GLN H 289 -8.78 8.82 -62.26
CA GLN H 289 -9.15 7.40 -62.20
C GLN H 289 -8.05 6.54 -61.59
N ALA H 290 -6.89 7.14 -61.32
CA ALA H 290 -5.69 6.43 -60.89
C ALA H 290 -5.39 5.26 -61.83
N SER H 291 -5.51 5.51 -63.13
CA SER H 291 -5.36 4.45 -64.12
C SER H 291 -4.82 4.98 -65.45
N LEU H 292 -3.69 4.44 -65.87
CA LEU H 292 -3.16 4.71 -67.21
C LEU H 292 -2.78 3.42 -67.92
N PRO H 293 -3.73 2.84 -68.64
CA PRO H 293 -3.52 1.69 -69.48
C PRO H 293 -2.63 2.00 -70.67
N CYS H 294 -1.52 1.27 -70.78
CA CYS H 294 -0.61 1.41 -71.91
C CYS H 294 -1.35 1.25 -73.24
N HIS H 295 -1.03 2.12 -74.19
CA HIS H 295 -1.70 2.15 -75.47
C HIS H 295 -1.60 0.79 -76.19
N PHE H 296 -0.43 0.16 -76.12
CA PHE H 296 -0.20 -1.12 -76.78
C PHE H 296 -0.42 -2.30 -75.83
N ASN H 297 -0.93 -2.03 -74.64
CA ASN H 297 -1.26 -3.08 -73.68
C ASN H 297 -2.04 -2.53 -72.50
N PRO H 298 -3.37 -2.51 -72.61
CA PRO H 298 -4.26 -1.84 -71.68
C PRO H 298 -4.25 -2.45 -70.29
N SER H 299 -3.67 -3.64 -70.15
CA SER H 299 -3.59 -4.30 -68.85
C SER H 299 -2.48 -3.70 -67.99
N VAL H 300 -1.63 -2.86 -68.59
CA VAL H 300 -0.57 -2.19 -67.86
C VAL H 300 -1.00 -0.82 -67.38
N ASN H 301 -1.28 -0.73 -66.08
CA ASN H 301 -1.63 0.54 -65.45
C ASN H 301 -0.38 1.25 -64.95
N LEU H 302 0.00 2.30 -65.66
CA LEU H 302 1.25 3.01 -65.37
C LEU H 302 1.17 3.85 -64.09
N PHE H 303 -0.03 3.98 -63.53
CA PHE H 303 -0.20 4.69 -62.26
C PHE H 303 -0.32 3.74 -61.08
N SER H 304 -0.25 2.42 -61.35
CA SER H 304 -0.43 1.42 -60.31
C SER H 304 0.72 1.42 -59.30
N SER H 305 1.86 1.95 -59.70
CA SER H 305 3.02 2.04 -58.82
C SER H 305 3.03 3.33 -58.01
N LEU H 306 2.03 4.18 -58.22
CA LEU H 306 1.99 5.48 -57.55
C LEU H 306 0.88 5.53 -56.50
N ARG H 307 1.08 6.33 -55.46
CA ARG H 307 0.08 6.51 -54.42
C ARG H 307 -1.11 7.28 -54.93
N GLU H 308 -2.32 6.76 -54.67
CA GLU H 308 -3.56 7.37 -55.16
C GLU H 308 -3.67 8.84 -54.80
N GLU H 309 -3.31 9.19 -53.57
CA GLU H 309 -3.36 10.57 -53.11
C GLU H 309 -2.40 11.45 -53.89
N GLU H 310 -1.19 10.95 -54.12
CA GLU H 310 -0.20 11.66 -54.91
C GLU H 310 -0.65 11.78 -56.36
N ILE H 311 -1.27 10.74 -56.87
CA ILE H 311 -1.83 10.75 -58.22
C ILE H 311 -2.85 11.86 -58.39
N ASP H 312 -3.74 11.98 -57.41
CA ASP H 312 -4.75 13.03 -57.41
C ASP H 312 -4.11 14.40 -57.29
N ASP H 313 -3.10 14.51 -56.43
CA ASP H 313 -2.37 15.76 -56.25
C ASP H 313 -1.69 16.21 -57.53
N ILE H 314 -1.16 15.25 -58.30
CA ILE H 314 -0.60 15.55 -59.60
C ILE H 314 -1.66 16.09 -60.54
N GLY H 315 -2.83 15.46 -60.52
CA GLY H 315 -3.96 15.92 -61.32
C GLY H 315 -4.39 17.33 -60.91
N TYR H 316 -4.35 17.61 -59.61
CA TYR H 316 -4.68 18.93 -59.10
C TYR H 316 -3.64 19.97 -59.52
N ALA H 317 -2.37 19.57 -59.52
CA ALA H 317 -1.30 20.44 -59.98
C ALA H 317 -1.47 20.76 -61.46
N LEU H 318 -1.79 19.74 -62.25
CA LEU H 318 -2.04 19.91 -63.67
C LEU H 318 -3.33 20.68 -63.93
N TYR H 319 -4.32 20.49 -63.05
CA TYR H 319 -5.55 21.25 -63.13
C TYR H 319 -5.29 22.74 -62.95
N SER H 320 -4.44 23.08 -61.98
CA SER H 320 -4.00 24.48 -61.86
C SER H 320 -3.21 24.89 -63.09
N GLY H 321 -2.55 23.92 -63.71
CA GLY H 321 -1.93 24.11 -65.01
C GLY H 321 -2.96 24.47 -66.08
N LEU H 322 -4.12 23.82 -66.07
CA LEU H 322 -5.21 24.19 -66.97
C LEU H 322 -5.70 25.61 -66.69
N GLN H 323 -5.78 25.95 -65.41
CA GLN H 323 -6.24 27.27 -64.99
C GLN H 323 -5.26 28.35 -65.41
N GLU H 324 -3.97 28.07 -65.30
CA GLU H 324 -2.93 29.01 -65.70
C GLU H 324 -1.89 28.35 -66.60
N PRO H 325 -2.32 27.86 -67.76
CA PRO H 325 -1.50 27.18 -68.81
C PRO H 325 0.01 27.50 -68.72
N GLU H 326 0.34 28.79 -68.78
CA GLU H 326 1.74 29.23 -68.89
C GLU H 326 2.56 28.92 -67.64
N GLY H 327 1.88 28.65 -66.52
CA GLY H 327 2.52 28.34 -65.26
C GLY H 327 3.24 26.98 -65.27
N LEU H 328 2.91 26.14 -66.25
CA LEU H 328 3.63 24.88 -66.43
C LEU H 328 4.86 25.06 -67.31
N LEU H 329 5.05 26.26 -67.84
CA LEU H 329 6.06 26.50 -68.82
C LEU H 329 7.15 27.47 -68.32
N MET I 1 -68.85 -4.54 132.21
CA MET I 1 -67.90 -5.08 131.24
C MET I 1 -67.53 -6.50 131.57
N GLU I 2 -67.79 -7.40 130.63
CA GLU I 2 -67.51 -8.83 130.80
C GLU I 2 -67.30 -9.48 129.44
N ALA I 3 -68.40 -9.90 128.81
CA ALA I 3 -68.35 -10.44 127.46
C ALA I 3 -67.96 -9.35 126.47
N LEU I 4 -68.13 -8.09 126.87
CA LEU I 4 -67.69 -6.97 126.07
C LEU I 4 -66.21 -7.03 125.76
N ILE I 5 -65.44 -7.67 126.63
CA ILE I 5 -64.00 -7.72 126.45
C ILE I 5 -63.61 -8.35 125.11
N PRO I 6 -64.26 -9.46 124.71
CA PRO I 6 -63.95 -10.14 123.47
C PRO I 6 -64.79 -9.62 122.34
N VAL I 7 -66.00 -9.16 122.66
CA VAL I 7 -66.85 -8.53 121.66
C VAL I 7 -66.18 -7.30 121.10
N ILE I 8 -65.70 -6.44 122.00
CA ILE I 8 -65.03 -5.23 121.60
C ILE I 8 -63.75 -5.51 120.86
N ASN I 9 -62.97 -6.48 121.34
CA ASN I 9 -61.73 -6.85 120.67
C ASN I 9 -61.99 -7.27 119.22
N LYS I 10 -63.03 -8.07 119.02
CA LYS I 10 -63.45 -8.42 117.67
C LYS I 10 -63.82 -7.16 116.89
N LEU I 11 -64.49 -6.24 117.58
CA LEU I 11 -64.90 -4.96 117.00
C LEU I 11 -63.78 -3.93 116.92
N GLN I 12 -62.57 -4.32 117.30
CA GLN I 12 -61.42 -3.51 117.00
C GLN I 12 -60.85 -3.96 115.66
N ASP I 13 -60.83 -5.27 115.46
CA ASP I 13 -60.32 -5.85 114.23
C ASP I 13 -61.18 -5.51 113.02
N VAL I 14 -62.46 -5.19 113.24
CA VAL I 14 -63.31 -4.76 112.14
C VAL I 14 -62.79 -3.46 111.53
N PHE I 15 -62.06 -2.68 112.32
CA PHE I 15 -61.48 -1.45 111.84
C PHE I 15 -60.06 -1.70 111.36
N ASN I 16 -59.33 -2.54 112.10
CA ASN I 16 -57.95 -2.85 111.77
C ASN I 16 -57.83 -3.45 110.37
N THR I 17 -58.79 -4.29 110.02
CA THR I 17 -58.74 -5.02 108.76
C THR I 17 -59.33 -4.22 107.59
N VAL I 18 -59.84 -3.03 107.87
CA VAL I 18 -60.30 -2.14 106.80
C VAL I 18 -59.49 -0.86 106.78
N GLY I 19 -58.63 -0.68 107.78
CA GLY I 19 -57.74 0.47 107.84
C GLY I 19 -58.43 1.69 108.40
N ALA I 20 -59.45 1.46 109.22
CA ALA I 20 -60.22 2.55 109.81
C ALA I 20 -59.82 2.79 111.25
N ASP I 21 -60.19 3.95 111.77
CA ASP I 21 -59.98 4.25 113.17
C ASP I 21 -61.04 3.56 114.01
N ILE I 22 -60.62 3.03 115.16
CA ILE I 22 -61.53 2.30 116.03
C ILE I 22 -62.42 3.25 116.80
N ILE I 23 -63.71 2.93 116.84
CA ILE I 23 -64.69 3.74 117.56
C ILE I 23 -64.22 4.03 118.97
N GLN I 24 -64.31 5.28 119.37
CA GLN I 24 -63.93 5.68 120.71
C GLN I 24 -65.14 5.65 121.62
N LEU I 25 -64.96 5.12 122.82
CA LEU I 25 -66.02 5.05 123.81
C LEU I 25 -66.15 6.38 124.52
N PRO I 26 -67.39 6.81 124.77
CA PRO I 26 -67.68 8.07 125.43
C PRO I 26 -67.00 8.14 126.79
N GLN I 27 -66.54 9.34 127.16
CA GLN I 27 -65.84 9.55 128.41
C GLN I 27 -66.79 9.43 129.59
N ILE I 28 -66.38 8.71 130.62
CA ILE I 28 -67.24 8.51 131.77
C ILE I 28 -66.99 9.55 132.83
N VAL I 29 -67.94 10.46 133.02
CA VAL I 29 -67.73 11.58 133.93
C VAL I 29 -68.77 11.59 135.04
N VAL I 30 -68.30 11.56 136.29
CA VAL I 30 -69.22 11.55 137.43
C VAL I 30 -69.33 12.92 138.09
N VAL I 31 -70.57 13.37 138.30
CA VAL I 31 -70.82 14.71 138.84
C VAL I 31 -71.78 14.66 140.03
N GLY I 32 -71.75 15.72 140.85
CA GLY I 32 -72.66 15.82 142.00
C GLY I 32 -72.02 16.54 143.18
N THR I 33 -72.84 16.76 144.22
CA THR I 33 -72.37 17.50 145.39
C THR I 33 -71.44 16.67 146.23
N GLN I 34 -70.67 17.36 147.07
CA GLN I 34 -69.67 16.73 147.93
C GLN I 34 -70.27 15.63 148.78
N SER I 35 -69.59 14.49 148.80
CA SER I 35 -69.99 13.33 149.61
C SER I 35 -71.31 12.72 149.17
N SER I 36 -71.68 12.89 147.90
CA SER I 36 -72.87 12.22 147.38
C SER I 36 -72.61 10.74 147.08
N GLY I 37 -71.36 10.36 146.89
CA GLY I 37 -71.01 8.95 146.64
C GLY I 37 -70.34 8.74 145.28
N LYS I 38 -69.83 9.82 144.69
CA LYS I 38 -69.29 9.81 143.33
C LYS I 38 -68.16 8.78 143.14
N SER I 39 -67.11 8.89 143.94
CA SER I 39 -65.95 8.03 143.79
C SER I 39 -66.35 6.57 143.98
N SER I 40 -67.20 6.33 144.98
CA SER I 40 -67.72 4.97 145.22
C SER I 40 -68.41 4.36 144.02
N VAL I 41 -69.17 5.17 143.27
CA VAL I 41 -69.79 4.68 142.05
C VAL I 41 -68.75 4.18 141.07
N LEU I 42 -67.70 4.97 140.89
CA LEU I 42 -66.60 4.57 140.02
C LEU I 42 -65.90 3.33 140.54
N GLU I 43 -65.76 3.23 141.87
CA GLU I 43 -65.12 2.06 142.47
C GLU I 43 -65.86 0.78 142.17
N SER I 44 -67.19 0.86 142.15
CA SER I 44 -68.03 -0.30 141.85
C SER I 44 -67.88 -0.75 140.39
N LEU I 45 -67.33 0.13 139.56
CA LEU I 45 -67.13 -0.19 138.15
C LEU I 45 -65.74 -0.79 137.91
N VAL I 46 -64.91 -0.83 138.96
CA VAL I 46 -63.55 -1.34 138.84
C VAL I 46 -63.39 -2.64 139.59
N GLY I 47 -63.79 -2.63 140.86
CA GLY I 47 -63.62 -3.80 141.72
C GLY I 47 -62.39 -3.66 142.62
N ARG I 48 -61.65 -2.57 142.44
CA ARG I 48 -60.48 -2.28 143.26
C ARG I 48 -60.62 -0.94 143.93
N ASP I 49 -60.01 -0.80 145.10
CA ASP I 49 -60.03 0.47 145.82
C ASP I 49 -58.94 1.39 145.27
N LEU I 50 -59.19 1.94 144.08
CA LEU I 50 -58.22 2.78 143.40
C LEU I 50 -58.41 4.25 143.73
N LEU I 51 -59.62 4.60 144.13
CA LEU I 51 -59.96 5.97 144.44
C LEU I 51 -59.98 6.21 145.93
N PRO I 52 -59.68 7.43 146.32
CA PRO I 52 -59.88 7.92 147.67
C PRO I 52 -61.35 8.01 147.94
N ARG I 53 -61.72 7.86 149.20
CA ARG I 53 -63.14 7.84 149.61
C ARG I 53 -63.29 8.35 151.02
N GLY I 54 -64.45 8.93 151.32
CA GLY I 54 -64.69 9.40 152.68
C GLY I 54 -65.72 10.51 152.76
N THR I 55 -65.99 10.99 153.97
CA THR I 55 -67.01 12.01 154.20
C THR I 55 -66.46 13.40 153.99
N GLY I 56 -67.36 14.37 153.90
CA GLY I 56 -67.00 15.76 153.72
C GLY I 56 -66.35 15.99 152.37
N ILE I 57 -65.11 16.45 152.39
CA ILE I 57 -64.35 16.67 151.17
C ILE I 57 -63.19 15.68 151.04
N VAL I 58 -63.12 15.00 149.90
CA VAL I 58 -62.06 14.02 149.64
C VAL I 58 -61.41 14.25 148.30
N THR I 59 -62.19 14.13 147.23
CA THR I 59 -61.68 14.40 145.89
C THR I 59 -61.52 15.89 145.72
N ARG I 60 -60.28 16.32 145.51
CA ARG I 60 -59.97 17.74 145.47
C ARG I 60 -59.14 18.08 144.25
N ARG I 61 -59.25 17.26 143.22
CA ARG I 61 -58.42 17.40 142.05
C ARG I 61 -58.77 16.32 141.03
N PRO I 62 -59.63 16.65 140.07
CA PRO I 62 -60.14 15.70 139.04
C PRO I 62 -59.13 14.61 138.71
N LEU I 63 -59.57 13.36 138.69
CA LEU I 63 -58.72 12.28 138.23
C LEU I 63 -59.08 11.86 136.83
N ILE I 64 -58.08 11.83 135.95
CA ILE I 64 -58.26 11.31 134.61
C ILE I 64 -57.81 9.87 134.55
N LEU I 65 -58.75 8.96 134.54
CA LEU I 65 -58.45 7.54 134.56
C LEU I 65 -58.53 6.95 133.17
N GLN I 66 -57.44 6.38 132.72
CA GLN I 66 -57.43 5.68 131.45
C GLN I 66 -57.28 4.18 131.66
N LEU I 67 -58.37 3.47 131.48
CA LEU I 67 -58.35 2.02 131.53
C LEU I 67 -57.68 1.50 130.26
N VAL I 68 -56.77 0.53 130.43
CA VAL I 68 -55.97 0.04 129.31
C VAL I 68 -56.07 -1.46 129.13
N HIS I 69 -56.50 -1.87 127.94
CA HIS I 69 -56.50 -3.28 127.56
C HIS I 69 -55.08 -3.76 127.32
N VAL I 70 -54.73 -4.89 127.91
CA VAL I 70 -53.40 -5.47 127.72
C VAL I 70 -53.47 -6.76 126.92
N SER I 71 -52.58 -6.87 125.93
CA SER I 71 -52.51 -8.05 125.08
C SER I 71 -51.80 -9.20 125.77
N GLN I 72 -51.53 -10.26 125.02
CA GLN I 72 -50.84 -11.42 125.56
C GLN I 72 -49.31 -11.26 125.52
N GLU I 73 -48.84 -10.09 125.08
CA GLU I 73 -47.41 -9.81 125.05
C GLU I 73 -46.84 -9.80 126.47
N ALA I 87 -45.84 -8.43 135.55
CA ALA I 87 -47.04 -7.71 135.93
C ALA I 87 -48.23 -8.17 135.09
N GLU I 88 -49.21 -8.79 135.74
CA GLU I 88 -50.46 -9.14 135.07
C GLU I 88 -51.37 -7.93 135.01
N GLU I 89 -51.56 -7.30 136.15
CA GLU I 89 -52.30 -6.05 136.22
C GLU I 89 -51.44 -4.99 136.91
N TRP I 90 -51.49 -3.77 136.40
CA TRP I 90 -50.68 -2.69 136.99
C TRP I 90 -51.20 -1.33 136.56
N GLY I 91 -50.76 -0.28 137.25
CA GLY I 91 -51.13 1.08 136.86
C GLY I 91 -49.91 1.88 136.39
N LYS I 92 -50.15 3.14 136.04
CA LYS I 92 -49.07 4.04 135.63
C LYS I 92 -49.53 5.49 135.67
N PHE I 93 -48.81 6.33 136.41
CA PHE I 93 -49.14 7.75 136.47
C PHE I 93 -48.32 8.56 135.50
N LEU I 94 -48.94 9.58 134.94
CA LEU I 94 -48.27 10.47 134.01
C LEU I 94 -47.03 11.09 134.65
N HIS I 95 -47.16 11.54 135.88
CA HIS I 95 -46.08 12.25 136.56
C HIS I 95 -44.99 11.30 137.09
N THR I 96 -45.16 9.99 136.90
CA THR I 96 -44.10 9.06 137.22
C THR I 96 -43.69 8.25 136.00
N LYS I 97 -43.96 8.83 134.82
CA LYS I 97 -43.51 8.24 133.57
C LYS I 97 -43.95 6.79 133.45
N ASN I 98 -43.00 5.89 133.23
CA ASN I 98 -43.31 4.50 132.96
C ASN I 98 -43.20 3.61 134.19
N LYS I 99 -43.28 4.21 135.38
CA LYS I 99 -43.34 3.43 136.60
C LYS I 99 -44.58 2.54 136.60
N LEU I 100 -44.39 1.27 136.86
CA LEU I 100 -45.51 0.32 136.85
C LEU I 100 -45.99 0.06 138.27
N TYR I 101 -47.29 0.08 138.47
CA TYR I 101 -47.85 -0.09 139.79
C TYR I 101 -48.69 -1.35 139.89
N THR I 102 -48.07 -2.45 140.31
CA THR I 102 -48.82 -3.68 140.59
C THR I 102 -49.46 -3.58 141.97
N ASP I 103 -48.96 -2.66 142.78
CA ASP I 103 -49.57 -2.34 144.06
C ASP I 103 -50.65 -1.28 143.86
N PHE I 104 -51.90 -1.72 143.96
CA PHE I 104 -53.04 -0.86 143.68
C PHE I 104 -53.44 -0.01 144.88
N ASP I 105 -52.80 -0.26 146.02
CA ASP I 105 -52.97 0.60 147.17
C ASP I 105 -52.01 1.76 147.08
N GLU I 106 -50.84 1.48 146.53
CA GLU I 106 -49.89 2.52 146.17
C GLU I 106 -50.49 3.50 145.19
N ILE I 107 -51.24 2.97 144.23
CA ILE I 107 -51.93 3.82 143.27
C ILE I 107 -52.90 4.77 143.95
N ARG I 108 -53.78 4.23 144.79
CA ARG I 108 -54.70 5.07 145.54
C ARG I 108 -53.97 6.10 146.39
N GLN I 109 -52.93 5.65 147.08
CA GLN I 109 -52.14 6.52 147.93
C GLN I 109 -51.38 7.55 147.12
N GLU I 110 -50.95 7.18 145.93
CA GLU I 110 -50.25 8.10 145.06
C GLU I 110 -51.17 9.18 144.55
N ILE I 111 -52.43 8.82 144.31
CA ILE I 111 -53.45 9.82 144.00
C ILE I 111 -53.60 10.79 145.15
N GLU I 112 -53.65 10.25 146.36
CA GLU I 112 -53.73 11.07 147.56
C GLU I 112 -52.53 11.99 147.69
N ASN I 113 -51.34 11.44 147.43
CA ASN I 113 -50.11 12.20 147.52
C ASN I 113 -50.12 13.32 146.51
N GLU I 114 -50.41 12.97 145.26
CA GLU I 114 -50.38 13.92 144.17
C GLU I 114 -51.45 14.97 144.34
N THR I 115 -52.62 14.57 144.82
CA THR I 115 -53.68 15.51 145.15
C THR I 115 -53.18 16.57 146.11
N GLU I 116 -52.53 16.14 147.18
CA GLU I 116 -52.01 17.06 148.17
C GLU I 116 -50.88 17.94 147.62
N ARG I 117 -50.11 17.40 146.68
CA ARG I 117 -49.00 18.15 146.09
C ARG I 117 -49.47 19.42 145.37
N ILE I 118 -50.61 19.36 144.68
CA ILE I 118 -51.10 20.55 143.99
C ILE I 118 -52.32 21.18 144.66
N SER I 119 -53.37 20.39 144.91
CA SER I 119 -54.59 20.95 145.49
C SER I 119 -54.40 21.26 146.97
N GLY I 120 -53.53 20.50 147.62
CA GLY I 120 -53.23 20.73 149.03
C GLY I 120 -54.05 19.83 149.94
N ASN I 121 -54.00 20.10 151.23
CA ASN I 121 -54.72 19.31 152.22
C ASN I 121 -55.50 20.20 153.17
N ASN I 122 -56.25 21.13 152.60
CA ASN I 122 -57.07 22.05 153.37
C ASN I 122 -58.28 22.47 152.57
N LYS I 123 -59.01 21.47 152.08
CA LYS I 123 -60.22 21.69 151.27
C LYS I 123 -59.99 22.41 149.94
N GLY I 124 -58.73 22.72 149.61
CA GLY I 124 -58.43 23.39 148.37
C GLY I 124 -58.59 22.44 147.20
N VAL I 125 -59.08 22.95 146.09
CA VAL I 125 -59.29 22.13 144.91
C VAL I 125 -58.44 22.62 143.74
N SER I 126 -57.71 21.70 143.12
CA SER I 126 -56.89 22.05 141.99
C SER I 126 -57.67 21.94 140.68
N PRO I 127 -57.35 22.80 139.74
CA PRO I 127 -57.87 22.70 138.37
C PRO I 127 -57.02 21.77 137.51
N GLU I 128 -55.87 21.38 138.05
CA GLU I 128 -54.97 20.50 137.33
C GLU I 128 -55.25 19.05 137.69
N PRO I 129 -55.96 18.33 136.84
CA PRO I 129 -56.29 16.93 137.02
C PRO I 129 -55.06 16.02 137.11
N ILE I 130 -55.26 14.82 137.66
CA ILE I 130 -54.21 13.80 137.72
C ILE I 130 -54.44 12.74 136.65
N HIS I 131 -53.42 12.42 135.86
CA HIS I 131 -53.59 11.38 134.85
C HIS I 131 -53.05 10.03 135.32
N LEU I 132 -53.91 9.02 135.29
CA LEU I 132 -53.57 7.66 135.67
C LEU I 132 -54.05 6.65 134.65
N LYS I 133 -53.15 5.76 134.22
CA LYS I 133 -53.53 4.63 133.40
C LYS I 133 -53.60 3.36 134.23
N ILE I 134 -54.62 2.55 133.98
CA ILE I 134 -54.73 1.23 134.61
C ILE I 134 -54.71 0.12 133.59
N PHE I 135 -53.82 -0.84 133.79
CA PHE I 135 -53.58 -1.88 132.80
C PHE I 135 -54.06 -3.24 133.28
N SER I 136 -54.74 -3.95 132.38
CA SER I 136 -55.07 -5.34 132.60
C SER I 136 -55.49 -5.99 131.29
N PRO I 137 -55.38 -7.31 131.21
CA PRO I 137 -55.73 -8.10 130.05
C PRO I 137 -57.19 -8.49 130.10
N ASN I 138 -57.84 -8.19 131.22
CA ASN I 138 -59.25 -8.44 131.37
C ASN I 138 -60.03 -7.14 131.47
N VAL I 139 -59.48 -6.06 130.90
CA VAL I 139 -60.22 -4.80 130.81
C VAL I 139 -60.11 -4.23 129.42
N VAL I 140 -60.97 -3.26 129.12
CA VAL I 140 -61.00 -2.62 127.81
C VAL I 140 -60.70 -1.14 127.90
N ASN I 141 -60.03 -0.61 126.88
CA ASN I 141 -59.69 0.80 126.83
C ASN I 141 -60.91 1.69 127.12
N LEU I 142 -60.79 2.55 128.13
CA LEU I 142 -61.89 3.44 128.52
C LEU I 142 -61.41 4.62 129.35
N THR I 143 -61.90 5.82 129.00
CA THR I 143 -61.53 7.03 129.72
C THR I 143 -62.60 7.43 130.73
N LEU I 144 -62.19 7.62 131.99
CA LEU I 144 -63.11 7.98 133.07
C LEU I 144 -62.60 9.20 133.85
N VAL I 145 -63.53 9.96 134.44
CA VAL I 145 -63.17 11.14 135.21
C VAL I 145 -63.83 11.18 136.59
N ASP I 146 -63.02 11.32 137.64
CA ASP I 146 -63.51 11.47 139.01
C ASP I 146 -63.42 12.92 139.47
N LEU I 147 -64.56 13.59 139.58
CA LEU I 147 -64.57 15.02 139.88
C LEU I 147 -64.79 15.35 141.35
N PRO I 148 -64.37 16.53 141.76
CA PRO I 148 -64.62 17.07 143.07
C PRO I 148 -66.10 17.42 143.21
N GLY I 149 -66.61 17.34 144.42
CA GLY I 149 -68.03 17.58 144.63
C GLY I 149 -68.37 19.05 144.49
N MET I 150 -69.59 19.30 144.06
CA MET I 150 -70.11 20.66 143.97
C MET I 150 -70.27 21.28 145.35
N THR I 151 -69.94 22.56 145.45
CA THR I 151 -70.03 23.29 146.71
C THR I 151 -70.73 24.62 146.53
N LYS I 152 -70.76 25.39 147.61
CA LYS I 152 -71.37 26.72 147.62
C LYS I 152 -70.51 27.70 148.41
N VAL I 153 -69.92 27.22 149.50
CA VAL I 153 -69.11 28.04 150.37
C VAL I 153 -67.62 27.80 150.16
N PRO I 154 -66.85 28.88 150.04
CA PRO I 154 -65.39 28.85 149.95
C PRO I 154 -64.77 28.54 151.30
N VAL I 155 -64.26 27.33 151.45
CA VAL I 155 -63.70 26.90 152.72
C VAL I 155 -62.25 26.43 152.57
N GLY I 156 -61.49 26.56 153.64
CA GLY I 156 -60.09 26.17 153.64
C GLY I 156 -59.28 27.02 152.66
N ASP I 157 -58.65 26.36 151.70
CA ASP I 157 -57.84 27.04 150.70
C ASP I 157 -58.65 27.40 149.44
N GLN I 158 -59.96 27.21 149.50
CA GLN I 158 -60.80 27.47 148.36
C GLN I 158 -60.95 28.97 148.08
N PRO I 159 -61.17 29.33 146.82
CA PRO I 159 -61.39 30.69 146.33
C PRO I 159 -62.85 31.07 146.46
N LYS I 160 -63.11 32.38 146.44
CA LYS I 160 -64.47 32.90 146.52
C LYS I 160 -65.38 32.26 145.49
N ASP I 161 -64.84 31.99 144.31
CA ASP I 161 -65.60 31.42 143.22
C ASP I 161 -65.29 29.94 143.02
N ILE I 162 -64.91 29.24 144.10
CA ILE I 162 -64.63 27.81 144.03
C ILE I 162 -65.80 27.01 143.49
N GLU I 163 -67.01 27.46 143.78
CA GLU I 163 -68.20 26.85 143.22
C GLU I 163 -68.14 26.89 141.71
N LEU I 164 -67.80 28.06 141.18
CA LEU I 164 -67.70 28.27 139.75
C LEU I 164 -66.48 27.58 139.17
N GLN I 165 -65.40 27.53 139.94
CA GLN I 165 -64.20 26.82 139.52
C GLN I 165 -64.52 25.36 139.29
N ILE I 166 -65.10 24.72 140.31
CA ILE I 166 -65.49 23.33 140.22
C ILE I 166 -66.53 23.12 139.13
N ARG I 167 -67.47 24.06 139.04
CA ARG I 167 -68.46 24.06 137.96
C ARG I 167 -67.78 24.00 136.59
N GLU I 168 -66.79 24.86 136.38
CA GLU I 168 -66.06 24.88 135.13
C GLU I 168 -65.21 23.63 134.95
N LEU I 169 -64.68 23.10 136.05
CA LEU I 169 -63.92 21.85 136.01
C LEU I 169 -64.82 20.69 135.60
N ILE I 170 -66.07 20.74 136.04
CA ILE I 170 -67.05 19.76 135.62
C ILE I 170 -67.38 19.93 134.15
N LEU I 171 -67.67 21.18 133.76
CA LEU I 171 -68.05 21.52 132.39
C LEU I 171 -66.95 21.14 131.40
N ARG I 172 -65.71 21.24 131.85
CA ARG I 172 -64.56 20.82 131.06
C ARG I 172 -64.72 19.42 130.46
N PHE I 173 -65.46 18.55 131.14
CA PHE I 173 -65.61 17.19 130.67
C PHE I 173 -67.03 16.89 130.19
N ILE I 174 -68.03 17.36 130.93
CA ILE I 174 -69.42 17.02 130.59
C ILE I 174 -69.91 17.78 129.37
N SER I 175 -69.23 18.85 129.00
CA SER I 175 -69.55 19.59 127.80
C SER I 175 -69.31 18.81 126.52
N ASN I 176 -68.57 17.70 126.62
CA ASN I 176 -68.32 16.86 125.46
C ASN I 176 -69.48 15.88 125.21
N PRO I 177 -70.30 16.12 124.18
CA PRO I 177 -71.29 15.18 123.63
C PRO I 177 -70.87 13.72 123.77
N ASN I 178 -69.61 13.43 123.45
CA ASN I 178 -69.11 12.05 123.51
C ASN I 178 -68.71 11.69 124.93
N SER I 179 -69.69 11.60 125.82
CA SER I 179 -69.45 11.25 127.20
C SER I 179 -70.71 10.74 127.85
N ILE I 180 -70.54 10.07 128.99
CA ILE I 180 -71.66 9.66 129.81
C ILE I 180 -71.60 10.37 131.14
N ILE I 181 -72.63 11.15 131.42
CA ILE I 181 -72.67 11.95 132.63
C ILE I 181 -73.44 11.21 133.71
N LEU I 182 -72.75 10.88 134.80
CA LEU I 182 -73.39 10.17 135.89
C LEU I 182 -73.75 11.13 137.02
N ALA I 183 -75.03 11.44 137.10
CA ALA I 183 -75.51 12.43 138.05
C ALA I 183 -75.72 11.84 139.43
N VAL I 184 -74.62 11.71 140.17
CA VAL I 184 -74.64 11.03 141.46
C VAL I 184 -75.06 11.95 142.61
N THR I 185 -76.25 11.71 143.15
CA THR I 185 -76.79 12.48 144.27
C THR I 185 -77.36 11.55 145.35
N ALA I 186 -77.16 11.92 146.61
CA ALA I 186 -77.57 11.08 147.73
C ALA I 186 -79.08 11.01 147.89
N ALA I 187 -79.57 9.84 148.28
CA ALA I 187 -80.99 9.55 148.43
C ALA I 187 -81.64 10.34 149.53
N ASN I 188 -80.88 10.68 150.56
CA ASN I 188 -81.42 11.39 151.70
C ASN I 188 -81.38 12.90 151.48
N THR I 189 -81.01 13.33 150.28
CA THR I 189 -81.13 14.71 149.89
C THR I 189 -82.24 14.86 148.86
N ASP I 190 -82.61 16.09 148.55
CA ASP I 190 -83.68 16.33 147.60
C ASP I 190 -83.18 16.20 146.18
N MET I 191 -83.55 15.11 145.53
CA MET I 191 -83.15 14.83 144.16
C MET I 191 -83.60 15.91 143.20
N ALA I 192 -84.69 16.60 143.52
CA ALA I 192 -85.22 17.65 142.66
C ALA I 192 -84.26 18.84 142.58
N THR I 193 -83.34 18.94 143.53
CA THR I 193 -82.37 20.01 143.55
C THR I 193 -80.97 19.50 143.21
N SER I 194 -80.90 18.28 142.69
CA SER I 194 -79.62 17.64 142.36
C SER I 194 -78.73 18.55 141.55
N GLU I 195 -77.63 19.02 142.16
CA GLU I 195 -76.66 19.85 141.47
C GLU I 195 -76.02 19.08 140.34
N ALA I 196 -75.91 17.76 140.52
CA ALA I 196 -75.41 16.88 139.49
C ALA I 196 -76.21 17.06 138.20
N LEU I 197 -77.52 16.94 138.31
CA LEU I 197 -78.40 17.14 137.17
C LEU I 197 -78.46 18.60 136.75
N LYS I 198 -78.45 19.52 137.72
CA LYS I 198 -78.53 20.95 137.42
C LYS I 198 -77.40 21.40 136.49
N ILE I 199 -76.18 20.96 136.78
CA ILE I 199 -75.05 21.28 135.92
C ILE I 199 -75.06 20.44 134.65
N SER I 200 -75.58 19.21 134.73
CA SER I 200 -75.69 18.36 133.54
C SER I 200 -76.55 19.02 132.48
N ARG I 201 -77.62 19.70 132.91
CA ARG I 201 -78.54 20.35 132.01
C ARG I 201 -77.91 21.53 131.28
N GLU I 202 -76.77 22.03 131.78
CA GLU I 202 -76.07 23.13 131.13
C GLU I 202 -75.42 22.69 129.83
N VAL I 203 -75.07 21.41 129.74
CA VAL I 203 -74.41 20.87 128.58
C VAL I 203 -75.26 19.81 127.91
N ASP I 204 -76.27 19.36 128.64
CA ASP I 204 -77.16 18.32 128.18
C ASP I 204 -78.55 18.53 128.78
N PRO I 205 -79.17 19.65 128.43
CA PRO I 205 -80.47 20.10 128.91
C PRO I 205 -81.57 19.06 128.74
N ASP I 206 -81.40 18.14 127.80
CA ASP I 206 -82.39 17.13 127.52
C ASP I 206 -82.08 15.80 128.19
N GLY I 207 -80.85 15.65 128.69
CA GLY I 207 -80.46 14.46 129.44
C GLY I 207 -80.10 13.29 128.53
N ARG I 208 -79.76 13.57 127.28
CA ARG I 208 -79.55 12.53 126.26
C ARG I 208 -78.37 11.63 126.58
N ARG I 209 -77.40 12.17 127.33
CA ARG I 209 -76.22 11.41 127.71
C ARG I 209 -75.99 11.52 129.20
N THR I 210 -77.06 11.77 129.93
CA THR I 210 -76.98 11.91 131.38
C THR I 210 -77.84 10.87 132.07
N LEU I 211 -77.23 10.14 132.98
CA LEU I 211 -77.93 9.12 133.76
C LEU I 211 -78.06 9.55 135.21
N ALA I 212 -79.28 9.50 135.74
CA ALA I 212 -79.50 9.91 137.12
C ALA I 212 -79.17 8.77 138.07
N VAL I 213 -78.35 9.06 139.07
CA VAL I 213 -77.92 8.06 140.04
C VAL I 213 -78.29 8.47 141.46
N ILE I 214 -79.01 7.59 142.15
CA ILE I 214 -79.42 7.88 143.52
C ILE I 214 -78.73 6.96 144.50
N THR I 215 -77.75 7.48 145.23
CA THR I 215 -76.96 6.65 146.14
C THR I 215 -77.45 6.75 147.55
N LYS I 216 -76.91 5.94 148.44
CA LYS I 216 -77.30 5.98 149.84
C LYS I 216 -78.79 5.79 150.04
N LEU I 217 -79.41 4.91 149.25
CA LEU I 217 -80.81 4.55 149.46
C LEU I 217 -81.02 4.00 150.86
N ASP I 218 -80.01 3.29 151.36
CA ASP I 218 -80.07 2.73 152.70
C ASP I 218 -80.07 3.81 153.78
N LEU I 219 -79.66 5.03 153.42
CA LEU I 219 -79.69 6.16 154.33
C LEU I 219 -80.85 7.10 154.04
N MET I 220 -81.72 6.72 153.11
CA MET I 220 -82.84 7.58 152.73
C MET I 220 -83.71 7.89 153.93
N ASP I 221 -84.20 9.12 153.99
CA ASP I 221 -85.01 9.57 155.12
C ASP I 221 -86.22 8.66 155.29
N ALA I 222 -86.30 8.03 156.46
CA ALA I 222 -87.34 7.04 156.73
C ALA I 222 -88.71 7.68 156.63
N GLY I 223 -89.62 7.00 155.93
CA GLY I 223 -90.98 7.49 155.73
C GLY I 223 -91.15 8.12 154.34
N THR I 224 -90.04 8.46 153.70
CA THR I 224 -90.07 9.06 152.37
C THR I 224 -89.59 8.07 151.32
N ASP I 225 -89.70 8.46 150.05
CA ASP I 225 -89.23 7.61 148.96
C ASP I 225 -88.81 8.44 147.77
N ALA I 226 -88.21 7.78 146.79
CA ALA I 226 -87.84 8.43 145.54
C ALA I 226 -88.50 7.74 144.37
N MET I 227 -89.68 7.15 144.59
CA MET I 227 -90.37 6.42 143.55
C MET I 227 -90.76 7.34 142.42
N ASP I 228 -91.19 8.53 142.76
CA ASP I 228 -91.60 9.51 141.78
C ASP I 228 -90.40 9.99 140.96
N VAL I 229 -89.26 10.10 141.61
CA VAL I 229 -88.03 10.43 140.90
C VAL I 229 -87.61 9.28 140.01
N LEU I 230 -87.62 8.08 140.57
CA LEU I 230 -87.24 6.87 139.86
C LEU I 230 -88.14 6.59 138.66
N MET I 231 -89.42 6.93 138.80
CA MET I 231 -90.40 6.68 137.74
C MET I 231 -90.53 7.86 136.77
N GLY I 232 -89.72 8.89 136.97
CA GLY I 232 -89.70 10.01 136.04
C GLY I 232 -90.84 11.01 136.28
N ARG I 233 -91.54 10.84 137.40
CA ARG I 233 -92.64 11.73 137.73
C ARG I 233 -92.13 13.09 138.17
N VAL I 234 -90.99 13.10 138.83
CA VAL I 234 -90.35 14.35 139.23
C VAL I 234 -89.25 14.72 138.25
N ILE I 235 -88.37 13.77 137.96
CA ILE I 235 -87.24 14.04 137.07
C ILE I 235 -87.23 13.10 135.87
N PRO I 236 -87.53 13.64 134.69
CA PRO I 236 -87.46 12.90 133.43
C PRO I 236 -86.02 12.81 132.92
N VAL I 237 -85.56 11.59 132.70
CA VAL I 237 -84.18 11.34 132.24
C VAL I 237 -84.16 10.38 131.05
N LYS I 238 -83.46 10.75 129.99
CA LYS I 238 -83.45 9.94 128.77
C LYS I 238 -82.81 8.59 128.99
N LEU I 239 -81.83 8.52 129.89
CA LEU I 239 -81.17 7.27 130.20
C LEU I 239 -81.78 6.57 131.41
N GLY I 240 -82.84 7.15 131.96
CA GLY I 240 -83.53 6.55 133.11
C GLY I 240 -82.92 7.00 134.43
N ILE I 241 -83.50 6.50 135.52
CA ILE I 241 -83.02 6.81 136.87
C ILE I 241 -82.77 5.52 137.64
N ILE I 242 -81.55 5.34 138.14
CA ILE I 242 -81.19 4.12 138.85
C ILE I 242 -80.59 4.42 140.23
N GLY I 243 -81.14 3.78 141.26
CA GLY I 243 -80.67 3.98 142.62
C GLY I 243 -79.49 3.07 142.97
N VAL I 244 -78.80 3.39 144.07
CA VAL I 244 -77.59 2.67 144.49
C VAL I 244 -77.52 2.50 146.01
N VAL I 245 -77.10 1.30 146.43
CA VAL I 245 -76.73 1.05 147.83
C VAL I 245 -75.26 0.65 147.92
N ASN I 246 -74.55 1.23 148.89
CA ASN I 246 -73.11 1.00 148.99
C ASN I 246 -72.62 1.11 150.44
N ARG I 247 -71.33 0.92 150.62
CA ARG I 247 -70.73 0.88 151.94
C ARG I 247 -70.63 2.25 152.60
N SER I 248 -70.95 2.30 153.89
CA SER I 248 -70.71 3.49 154.70
C SER I 248 -69.26 3.53 155.16
N GLN I 249 -68.93 4.54 155.94
CA GLN I 249 -67.62 4.64 156.57
C GLN I 249 -67.28 3.38 157.33
N LEU I 250 -68.27 2.79 157.97
CA LEU I 250 -68.04 1.64 158.82
C LEU I 250 -67.91 0.40 157.98
N ASP I 251 -68.68 0.34 156.91
CA ASP I 251 -68.71 -0.85 156.10
C ASP I 251 -67.47 -0.93 155.21
N ILE I 252 -66.93 0.23 154.84
CA ILE I 252 -65.64 0.27 154.18
C ILE I 252 -64.55 -0.15 155.13
N ASN I 253 -64.58 0.40 156.34
CA ASN I 253 -63.58 0.09 157.36
C ASN I 253 -63.73 -1.34 157.89
N ASN I 254 -64.94 -1.90 157.77
CA ASN I 254 -65.17 -3.28 158.16
C ASN I 254 -65.00 -4.24 156.99
N LYS I 255 -64.53 -3.71 155.85
CA LYS I 255 -64.26 -4.51 154.68
C LYS I 255 -65.45 -5.37 154.26
N LYS I 256 -66.64 -4.77 154.27
CA LYS I 256 -67.81 -5.45 153.76
C LYS I 256 -67.57 -5.91 152.34
N SER I 257 -67.80 -7.19 152.06
CA SER I 257 -67.52 -7.72 150.74
C SER I 257 -68.59 -7.32 149.77
N VAL I 258 -68.32 -7.53 148.49
CA VAL I 258 -69.27 -7.23 147.45
C VAL I 258 -70.53 -8.06 147.63
N THR I 259 -70.36 -9.33 147.96
CA THR I 259 -71.48 -10.21 148.22
C THR I 259 -72.33 -9.70 149.37
N ASP I 260 -71.67 -9.25 150.44
CA ASP I 260 -72.38 -8.67 151.56
C ASP I 260 -73.14 -7.42 151.14
N SER I 261 -72.48 -6.58 150.34
CA SER I 261 -73.10 -5.37 149.83
C SER I 261 -74.31 -5.69 148.97
N ILE I 262 -74.19 -6.73 148.15
CA ILE I 262 -75.29 -7.20 147.31
C ILE I 262 -76.45 -7.68 148.15
N ARG I 263 -76.15 -8.47 149.17
CA ARG I 263 -77.18 -8.99 150.05
C ARG I 263 -77.95 -7.87 150.72
N ASP I 264 -77.23 -6.88 151.22
CA ASP I 264 -77.86 -5.75 151.88
C ASP I 264 -78.63 -4.89 150.90
N GLU I 265 -78.03 -4.65 149.74
CA GLU I 265 -78.67 -3.90 148.67
C GLU I 265 -79.95 -4.57 148.22
N TYR I 266 -79.83 -5.84 147.87
CA TYR I 266 -80.96 -6.61 147.38
C TYR I 266 -82.07 -6.67 148.39
N ALA I 267 -81.75 -7.07 149.62
CA ALA I 267 -82.74 -7.21 150.66
C ALA I 267 -83.40 -5.87 150.95
N PHE I 268 -82.60 -4.82 151.02
CA PHE I 268 -83.13 -3.49 151.24
C PHE I 268 -84.08 -3.10 150.15
N LEU I 269 -83.64 -3.25 148.91
CA LEU I 269 -84.42 -2.82 147.77
C LEU I 269 -85.69 -3.62 147.62
N GLN I 270 -85.62 -4.91 147.88
CA GLN I 270 -86.81 -5.75 147.85
C GLN I 270 -87.80 -5.32 148.91
N LYS I 271 -87.29 -4.88 150.04
CA LYS I 271 -88.12 -4.37 151.12
C LYS I 271 -88.55 -2.91 150.87
N LYS I 272 -87.75 -2.18 150.10
CA LYS I 272 -88.01 -0.77 149.87
C LYS I 272 -88.84 -0.55 148.62
N TYR I 273 -88.31 -0.95 147.47
CA TYR I 273 -89.04 -0.86 146.21
C TYR I 273 -89.05 -2.18 145.47
N PRO I 274 -89.64 -3.20 146.08
CA PRO I 274 -89.83 -4.53 145.43
C PRO I 274 -89.77 -4.49 143.90
N SER I 275 -90.60 -3.63 143.29
CA SER I 275 -90.76 -3.60 141.84
C SER I 275 -89.63 -2.84 141.13
N LEU I 276 -89.02 -1.88 141.81
CA LEU I 276 -87.91 -1.12 141.24
C LEU I 276 -86.59 -1.70 141.67
N ALA I 277 -86.63 -2.66 142.60
CA ALA I 277 -85.44 -3.28 143.16
C ALA I 277 -84.58 -3.91 142.10
N ASN I 278 -85.20 -4.45 141.07
CA ASN I 278 -84.50 -5.14 140.00
C ASN I 278 -84.02 -4.17 138.92
N ARG I 279 -84.29 -2.89 139.13
CA ARG I 279 -83.75 -1.83 138.28
C ARG I 279 -82.66 -1.07 139.02
N ASN I 280 -82.81 -0.98 140.34
CA ASN I 280 -81.85 -0.29 141.17
C ASN I 280 -80.60 -1.14 141.38
N GLY I 281 -80.81 -2.43 141.66
CA GLY I 281 -79.74 -3.44 141.66
C GLY I 281 -78.54 -3.04 140.82
N THR I 282 -77.44 -2.66 141.48
CA THR I 282 -76.19 -2.27 140.81
C THR I 282 -75.85 -3.15 139.60
N LYS I 283 -76.13 -4.45 139.68
CA LYS I 283 -75.91 -5.34 138.56
C LYS I 283 -76.71 -4.91 137.34
N TYR I 284 -77.97 -4.53 137.57
CA TYR I 284 -78.82 -3.99 136.51
C TYR I 284 -78.18 -2.77 135.89
N LEU I 285 -77.66 -1.89 136.73
CA LEU I 285 -76.96 -0.69 136.28
C LEU I 285 -75.78 -1.05 135.42
N ALA I 286 -74.96 -1.98 135.88
CA ALA I 286 -73.78 -2.40 135.14
C ALA I 286 -74.15 -2.96 133.79
N ARG I 287 -75.22 -3.75 133.75
CA ARG I 287 -75.72 -4.30 132.49
C ARG I 287 -76.26 -3.19 131.61
N THR I 288 -76.91 -2.22 132.22
CA THR I 288 -77.43 -1.06 131.51
C THR I 288 -76.31 -0.29 130.87
N LEU I 289 -75.24 -0.08 131.62
CA LEU I 289 -74.08 0.61 131.13
C LEU I 289 -73.45 -0.14 129.98
N ASN I 290 -73.41 -1.46 130.10
CA ASN I 290 -72.94 -2.31 129.03
C ASN I 290 -73.78 -2.11 127.78
N ARG I 291 -75.10 -2.07 127.97
CA ARG I 291 -76.03 -1.84 126.88
C ARG I 291 -75.81 -0.50 126.23
N LEU I 292 -75.56 0.51 127.06
CA LEU I 292 -75.33 1.85 126.55
C LEU I 292 -74.10 1.89 125.66
N LEU I 293 -73.07 1.16 126.06
CA LEU I 293 -71.88 1.03 125.24
C LEU I 293 -72.16 0.25 123.97
N MET I 294 -73.00 -0.78 124.08
CA MET I 294 -73.39 -1.55 122.92
C MET I 294 -74.17 -0.68 121.94
N HIS I 295 -75.01 0.21 122.48
CA HIS I 295 -75.75 1.14 121.66
C HIS I 295 -74.81 2.12 120.99
N HIS I 296 -73.84 2.60 121.76
CA HIS I 296 -72.79 3.48 121.26
C HIS I 296 -72.07 2.82 120.09
N ILE I 297 -71.79 1.53 120.22
CA ILE I 297 -71.20 0.74 119.16
C ILE I 297 -72.13 0.64 117.96
N ARG I 298 -73.38 0.28 118.22
CA ARG I 298 -74.36 0.07 117.17
C ARG I 298 -74.53 1.28 116.28
N ASP I 299 -74.43 2.45 116.89
CA ASP I 299 -74.58 3.71 116.18
C ASP I 299 -73.70 3.84 114.94
N CYS I 300 -72.52 3.22 114.97
CA CYS I 300 -71.55 3.43 113.89
C CYS I 300 -71.29 2.18 113.08
N LEU I 301 -72.13 1.16 113.22
CA LEU I 301 -71.93 -0.08 112.51
C LEU I 301 -72.28 0.06 111.02
N PRO I 302 -73.24 0.95 110.71
CA PRO I 302 -73.55 1.29 109.33
C PRO I 302 -72.43 2.07 108.67
N GLU I 303 -71.71 2.86 109.45
CA GLU I 303 -70.55 3.58 108.94
C GLU I 303 -69.44 2.61 108.61
N LEU I 304 -69.28 1.61 109.48
CA LEU I 304 -68.35 0.52 109.26
C LEU I 304 -68.71 -0.23 107.99
N LYS I 305 -69.98 -0.60 107.85
CA LYS I 305 -70.46 -1.29 106.66
C LYS I 305 -70.32 -0.44 105.41
N THR I 306 -70.54 0.87 105.56
CA THR I 306 -70.38 1.79 104.45
C THR I 306 -68.97 1.75 103.90
N ARG I 307 -67.99 1.79 104.80
CA ARG I 307 -66.60 1.70 104.38
C ARG I 307 -66.33 0.40 103.65
N ILE I 308 -66.88 -0.70 104.17
CA ILE I 308 -66.73 -2.01 103.53
C ILE I 308 -67.22 -1.95 102.08
N ASN I 309 -68.36 -1.30 101.88
CA ASN I 309 -68.93 -1.14 100.56
C ASN I 309 -68.06 -0.28 99.65
N VAL I 310 -67.57 0.83 100.20
CA VAL I 310 -66.71 1.74 99.46
C VAL I 310 -65.43 1.05 99.00
N LEU I 311 -64.82 0.33 99.91
CA LEU I 311 -63.59 -0.38 99.62
C LEU I 311 -63.80 -1.42 98.54
N ALA I 312 -64.94 -2.10 98.58
CA ALA I 312 -65.25 -3.13 97.59
C ALA I 312 -65.30 -2.54 96.19
N ALA I 313 -65.91 -1.36 96.07
CA ALA I 313 -65.95 -0.66 94.80
C ALA I 313 -64.54 -0.32 94.34
N GLN I 314 -63.70 0.11 95.27
CA GLN I 314 -62.32 0.47 94.96
C GLN I 314 -61.53 -0.74 94.50
N TYR I 315 -61.72 -1.86 95.18
CA TYR I 315 -60.97 -3.07 94.85
C TYR I 315 -61.43 -3.65 93.54
N GLN I 316 -62.73 -3.58 93.28
CA GLN I 316 -63.25 -4.01 91.99
C GLN I 316 -62.76 -3.10 90.88
N SER I 317 -62.67 -1.81 91.16
CA SER I 317 -62.13 -0.86 90.20
C SER I 317 -60.68 -1.22 89.86
N LEU I 318 -59.94 -1.67 90.86
CA LEU I 318 -58.58 -2.16 90.65
C LEU I 318 -58.59 -3.45 89.83
N LEU I 319 -59.56 -4.31 90.10
CA LEU I 319 -59.70 -5.54 89.32
C LEU I 319 -60.09 -5.23 87.87
N ASN I 320 -60.81 -4.14 87.68
CA ASN I 320 -61.19 -3.70 86.34
C ASN I 320 -60.01 -3.16 85.55
N SER I 321 -58.86 -2.99 86.21
CA SER I 321 -57.66 -2.52 85.54
C SER I 321 -57.06 -3.57 84.62
N TYR I 322 -57.41 -4.83 84.84
CA TYR I 322 -56.93 -5.89 83.97
C TYR I 322 -58.10 -6.61 83.31
N GLY I 323 -59.27 -6.56 83.95
CA GLY I 323 -60.50 -7.07 83.36
C GLY I 323 -60.66 -8.58 83.53
N GLU I 324 -59.79 -9.33 82.87
CA GLU I 324 -59.85 -10.78 82.93
C GLU I 324 -58.49 -11.41 82.71
N PRO I 325 -58.36 -12.70 83.02
CA PRO I 325 -57.12 -13.46 82.93
C PRO I 325 -57.05 -14.21 81.61
N VAL I 326 -58.14 -14.16 80.85
CA VAL I 326 -58.22 -14.75 79.51
C VAL I 326 -58.09 -16.27 79.51
N ASP I 327 -59.24 -16.94 79.43
CA ASP I 327 -59.27 -18.39 79.32
C ASP I 327 -59.58 -18.85 77.90
N ASP I 328 -59.67 -17.90 76.96
CA ASP I 328 -60.01 -18.22 75.58
C ASP I 328 -58.77 -18.42 74.72
N LYS I 329 -57.73 -17.63 75.00
CA LYS I 329 -56.43 -17.73 74.34
C LYS I 329 -56.49 -17.40 72.87
N SER I 330 -57.06 -18.31 72.08
CA SER I 330 -57.06 -18.22 70.63
C SER I 330 -57.73 -16.96 70.15
N ALA I 331 -59.01 -16.83 70.45
CA ALA I 331 -59.78 -15.67 70.03
C ALA I 331 -59.16 -14.40 70.57
N THR I 332 -58.70 -14.44 71.81
CA THR I 332 -58.07 -13.30 72.43
C THR I 332 -56.86 -12.85 71.66
N LEU I 333 -56.00 -13.79 71.33
CA LEU I 333 -54.80 -13.50 70.57
C LEU I 333 -55.13 -12.89 69.25
N LEU I 334 -56.08 -13.48 68.54
CA LEU I 334 -56.47 -12.99 67.24
C LEU I 334 -57.03 -11.58 67.32
N GLN I 335 -57.79 -11.30 68.37
CA GLN I 335 -58.33 -9.97 68.60
C GLN I 335 -57.23 -8.96 68.85
N LEU I 336 -56.28 -9.35 69.68
CA LEU I 336 -55.16 -8.48 70.00
C LEU I 336 -54.35 -8.16 68.74
N ILE I 337 -54.12 -9.20 67.93
CA ILE I 337 -53.43 -9.04 66.67
C ILE I 337 -54.22 -8.14 65.74
N THR I 338 -55.51 -8.41 65.62
CA THR I 338 -56.39 -7.67 64.72
C THR I 338 -56.41 -6.21 65.07
N LYS I 339 -56.58 -5.91 66.35
CA LYS I 339 -56.68 -4.55 66.82
C LYS I 339 -55.40 -3.80 66.56
N PHE I 340 -54.26 -4.44 66.83
CA PHE I 340 -52.98 -3.83 66.57
C PHE I 340 -52.81 -3.50 65.11
N ALA I 341 -53.01 -4.51 64.26
CA ALA I 341 -52.79 -4.35 62.83
C ALA I 341 -53.74 -3.31 62.27
N THR I 342 -54.96 -3.30 62.78
CA THR I 342 -55.95 -2.33 62.36
C THR I 342 -55.49 -0.92 62.63
N GLU I 343 -55.12 -0.65 63.87
CA GLU I 343 -54.70 0.68 64.26
C GLU I 343 -53.35 1.04 63.66
N TYR I 344 -52.51 0.03 63.46
CA TYR I 344 -51.25 0.21 62.78
C TYR I 344 -51.47 0.76 61.38
N CYS I 345 -52.34 0.10 60.63
CA CYS I 345 -52.68 0.53 59.29
C CYS I 345 -53.42 1.85 59.31
N ASN I 346 -54.24 2.05 60.31
CA ASN I 346 -54.95 3.30 60.45
C ASN I 346 -53.97 4.43 60.73
N THR I 347 -52.92 4.14 61.48
CA THR I 347 -51.88 5.12 61.75
C THR I 347 -51.20 5.53 60.46
N ILE I 348 -50.97 4.56 59.58
CA ILE I 348 -50.44 4.85 58.26
C ILE I 348 -51.36 5.80 57.51
N GLU I 349 -52.67 5.51 57.57
CA GLU I 349 -53.66 6.34 56.91
C GLU I 349 -53.81 7.71 57.57
N GLY I 350 -53.59 7.75 58.89
CA GLY I 350 -53.89 8.95 59.67
C GLY I 350 -55.33 8.90 60.17
N THR I 351 -55.89 7.69 60.20
CA THR I 351 -57.27 7.48 60.58
C THR I 351 -57.36 6.70 61.89
N ALA I 352 -56.27 6.69 62.64
CA ALA I 352 -56.20 5.96 63.90
C ALA I 352 -57.11 6.58 64.95
N LYS I 353 -57.57 5.77 65.90
CA LYS I 353 -58.36 6.30 67.01
C LYS I 353 -57.51 7.19 67.90
N TYR I 354 -56.23 6.86 67.98
CA TYR I 354 -55.30 7.59 68.83
C TYR I 354 -54.67 8.76 68.11
N ILE I 355 -55.45 9.82 67.94
CA ILE I 355 -54.96 11.03 67.27
C ILE I 355 -54.35 12.03 68.24
N GLU I 356 -53.49 11.55 69.13
CA GLU I 356 -52.83 12.44 70.07
C GLU I 356 -52.03 13.49 69.32
N THR I 357 -52.30 14.75 69.63
CA THR I 357 -51.60 15.84 68.99
C THR I 357 -50.15 15.88 69.46
N SER I 358 -49.23 15.74 68.51
CA SER I 358 -47.82 15.64 68.83
C SER I 358 -46.95 15.90 67.61
N GLU I 359 -45.72 15.39 67.65
CA GLU I 359 -44.84 15.43 66.49
C GLU I 359 -45.45 14.71 65.31
N LEU I 360 -45.26 15.29 64.12
CA LEU I 360 -45.78 14.71 62.91
C LEU I 360 -45.24 13.30 62.72
N CYS I 361 -46.14 12.34 62.57
CA CYS I 361 -45.73 10.95 62.44
C CYS I 361 -46.79 10.09 61.76
N GLY I 362 -46.40 8.87 61.40
CA GLY I 362 -47.34 7.86 60.94
C GLY I 362 -47.73 8.02 59.48
N GLY I 363 -48.50 9.06 59.20
CA GLY I 363 -49.05 9.26 57.86
C GLY I 363 -48.37 10.42 57.14
N ALA I 364 -48.84 11.63 57.44
CA ALA I 364 -48.39 12.84 56.73
C ALA I 364 -46.91 13.13 56.95
N ARG I 365 -46.29 12.47 57.91
CA ARG I 365 -44.85 12.52 58.07
C ARG I 365 -44.14 11.91 56.88
N ILE I 366 -44.74 10.89 56.29
CA ILE I 366 -44.21 10.30 55.09
C ILE I 366 -44.47 11.21 53.90
N CYS I 367 -45.63 11.88 53.90
CA CYS I 367 -45.90 12.93 52.92
C CYS I 367 -44.82 14.00 52.99
N TYR I 368 -44.46 14.39 54.21
CA TYR I 368 -43.37 15.31 54.46
C TYR I 368 -42.08 14.76 53.85
N ILE I 369 -41.77 13.50 54.13
CA ILE I 369 -40.59 12.85 53.58
C ILE I 369 -40.57 12.92 52.05
N PHE I 370 -41.72 12.77 51.43
CA PHE I 370 -41.80 12.72 49.97
C PHE I 370 -41.91 14.10 49.33
N HIS I 371 -41.78 15.14 50.11
CA HIS I 371 -41.91 16.50 49.58
C HIS I 371 -40.90 17.41 50.21
N GLU I 372 -41.06 17.66 51.50
CA GLU I 372 -40.22 18.59 52.21
C GLU I 372 -38.81 18.07 52.35
N THR I 373 -38.69 16.75 52.48
CA THR I 373 -37.37 16.15 52.49
C THR I 373 -36.91 15.80 51.09
N PHE I 374 -37.55 14.79 50.50
CA PHE I 374 -37.13 14.20 49.24
C PHE I 374 -37.19 15.17 48.08
N GLY I 375 -38.33 15.83 47.90
CA GLY I 375 -38.52 16.75 46.80
C GLY I 375 -37.50 17.86 46.84
N ARG I 376 -37.32 18.44 48.02
CA ARG I 376 -36.33 19.50 48.19
C ARG I 376 -34.92 18.99 47.97
N THR I 377 -34.63 17.81 48.51
CA THR I 377 -33.32 17.21 48.33
C THR I 377 -32.95 17.14 46.87
N LEU I 378 -33.88 16.67 46.05
CA LEU I 378 -33.62 16.59 44.63
C LEU I 378 -33.47 17.96 44.01
N GLU I 379 -34.25 18.93 44.47
CA GLU I 379 -34.15 20.28 43.96
C GLU I 379 -32.75 20.88 44.16
N SER I 380 -32.06 20.43 45.20
CA SER I 380 -30.70 20.91 45.46
C SER I 380 -29.64 20.27 44.55
N VAL I 381 -30.01 19.21 43.83
CA VAL I 381 -29.03 18.45 43.06
C VAL I 381 -28.73 19.10 41.71
N ASP I 382 -27.45 19.32 41.45
CA ASP I 382 -26.98 19.90 40.19
C ASP I 382 -27.78 21.20 39.86
N PRO I 383 -28.52 21.33 38.73
CA PRO I 383 -28.52 20.66 37.41
C PRO I 383 -27.29 20.98 36.56
N LEU I 384 -26.49 21.93 37.01
CA LEU I 384 -25.25 22.26 36.31
C LEU I 384 -24.02 21.75 37.04
N GLY I 385 -24.24 20.92 38.06
CA GLY I 385 -23.15 20.40 38.85
C GLY I 385 -22.24 19.50 38.03
N GLY I 386 -20.94 19.71 38.16
CA GLY I 386 -19.94 18.90 37.47
C GLY I 386 -19.61 19.41 36.07
N LEU I 387 -20.37 20.39 35.58
CA LEU I 387 -20.21 20.84 34.21
C LEU I 387 -19.12 21.88 34.06
N ASN I 388 -17.88 21.44 34.11
CA ASN I 388 -16.74 22.27 33.77
C ASN I 388 -16.58 22.35 32.28
N THR I 389 -16.80 23.53 31.71
CA THR I 389 -16.76 23.74 30.27
C THR I 389 -15.54 23.10 29.63
N ILE I 390 -14.39 23.26 30.26
CA ILE I 390 -13.14 22.80 29.68
C ILE I 390 -13.04 21.30 29.72
N ASP I 391 -13.49 20.71 30.81
CA ASP I 391 -13.51 19.26 30.95
C ASP I 391 -14.48 18.65 29.96
N ILE I 392 -15.57 19.35 29.69
CA ILE I 392 -16.54 18.92 28.70
C ILE I 392 -15.94 18.95 27.30
N LEU I 393 -15.20 20.01 27.01
CA LEU I 393 -14.51 20.10 25.74
C LEU I 393 -13.55 18.92 25.55
N THR I 394 -12.88 18.54 26.62
CA THR I 394 -12.06 17.34 26.60
C THR I 394 -12.91 16.09 26.36
N ALA I 395 -14.04 16.03 27.05
CA ALA I 395 -14.92 14.88 26.95
C ALA I 395 -15.45 14.68 25.54
N ILE I 396 -15.80 15.77 24.86
CA ILE I 396 -16.33 15.67 23.51
C ILE I 396 -15.23 15.38 22.50
N ARG I 397 -14.00 15.78 22.82
CA ARG I 397 -12.86 15.34 22.03
C ARG I 397 -12.65 13.85 22.18
N ASN I 398 -12.83 13.34 23.41
CA ASN I 398 -12.77 11.92 23.65
C ASN I 398 -13.91 11.19 22.96
N ALA I 399 -15.09 11.82 22.97
CA ALA I 399 -16.28 11.25 22.32
C ALA I 399 -16.04 11.08 20.83
N THR I 400 -15.33 12.02 20.22
CA THR I 400 -14.94 11.88 18.83
C THR I 400 -14.02 10.68 18.65
N GLY I 401 -13.00 10.60 19.50
CA GLY I 401 -12.08 9.48 19.44
C GLY I 401 -11.08 9.65 18.32
N PRO I 402 -10.48 8.54 17.90
CA PRO I 402 -9.37 8.46 16.94
C PRO I 402 -9.66 9.11 15.58
N ARG I 403 -10.95 9.22 15.22
CA ARG I 403 -11.33 9.81 13.96
C ARG I 403 -11.28 11.33 14.00
N PRO I 404 -11.43 11.96 12.83
CA PRO I 404 -11.73 13.38 12.64
C PRO I 404 -13.24 13.58 12.67
N ALA I 405 -13.67 14.82 12.88
CA ALA I 405 -15.09 15.11 13.02
C ALA I 405 -15.49 16.36 12.26
N LEU I 406 -16.72 16.38 11.78
CA LEU I 406 -17.29 17.55 11.12
C LEU I 406 -18.09 18.37 12.11
N PHE I 407 -18.48 17.73 13.21
CA PHE I 407 -19.27 18.35 14.26
C PHE I 407 -19.21 17.51 15.52
N VAL I 408 -19.58 18.12 16.63
CA VAL I 408 -19.52 17.45 17.92
C VAL I 408 -20.58 16.33 18.01
N PRO I 409 -20.19 15.20 18.59
CA PRO I 409 -21.05 14.03 18.80
C PRO I 409 -22.13 14.32 19.82
N GLU I 410 -23.27 13.65 19.68
CA GLU I 410 -24.34 13.76 20.67
C GLU I 410 -23.94 13.07 21.97
N VAL I 411 -22.94 12.18 21.88
CA VAL I 411 -22.41 11.46 23.03
C VAL I 411 -22.17 12.38 24.20
N SER I 412 -21.43 13.47 23.96
CA SER I 412 -21.43 14.69 24.79
C SER I 412 -22.37 14.59 25.98
N PHE I 413 -23.50 15.28 25.88
CA PHE I 413 -24.50 15.31 26.93
C PHE I 413 -25.06 13.94 27.24
N GLU I 414 -25.03 13.04 26.26
CA GLU I 414 -25.58 11.71 26.50
C GLU I 414 -24.86 11.00 27.64
N LEU I 415 -23.61 11.35 27.88
CA LEU I 415 -22.89 10.76 29.00
C LEU I 415 -22.87 11.69 30.20
N LEU I 416 -22.76 12.99 29.93
CA LEU I 416 -22.67 13.98 30.99
C LEU I 416 -23.97 14.08 31.78
N VAL I 417 -25.09 13.98 31.07
CA VAL I 417 -26.39 13.88 31.72
C VAL I 417 -26.45 12.68 32.62
N LYS I 418 -25.96 11.55 32.13
CA LYS I 418 -26.00 10.30 32.89
C LYS I 418 -25.24 10.42 34.18
N ARG I 419 -24.10 11.10 34.15
CA ARG I 419 -23.34 11.34 35.37
C ARG I 419 -24.18 12.05 36.41
N GLN I 420 -24.92 13.06 35.98
CA GLN I 420 -25.79 13.78 36.87
C GLN I 420 -26.97 12.93 37.32
N ILE I 421 -27.49 12.10 36.43
CA ILE I 421 -28.56 11.18 36.79
C ILE I 421 -28.12 10.20 37.86
N LYS I 422 -26.91 9.70 37.73
CA LYS I 422 -26.36 8.77 38.72
C LYS I 422 -26.35 9.39 40.12
N ARG I 423 -26.13 10.70 40.18
CA ARG I 423 -26.15 11.42 41.45
C ARG I 423 -27.53 11.44 42.11
N LEU I 424 -28.57 11.13 41.34
CA LEU I 424 -29.93 11.15 41.83
C LEU I 424 -30.32 9.84 42.51
N GLU I 425 -29.44 8.83 42.42
CA GLU I 425 -29.72 7.53 43.01
C GLU I 425 -29.56 7.56 44.52
N GLU I 426 -28.48 8.17 44.98
CA GLU I 426 -28.19 8.26 46.40
C GLU I 426 -29.37 8.79 47.24
N PRO I 427 -29.70 10.09 47.15
CA PRO I 427 -30.78 10.70 47.91
C PRO I 427 -32.11 9.97 47.77
N SER I 428 -32.32 9.30 46.63
CA SER I 428 -33.53 8.51 46.44
C SER I 428 -33.55 7.32 47.37
N LEU I 429 -32.41 6.66 47.48
CA LEU I 429 -32.28 5.52 48.38
C LEU I 429 -32.33 5.98 49.83
N ARG I 430 -31.79 7.17 50.10
CA ARG I 430 -31.87 7.75 51.43
C ARG I 430 -33.31 7.97 51.82
N CYS I 431 -34.12 8.46 50.88
CA CYS I 431 -35.54 8.65 51.10
C CYS I 431 -36.21 7.35 51.51
N VAL I 432 -35.89 6.27 50.81
CA VAL I 432 -36.45 4.97 51.13
C VAL I 432 -36.12 4.58 52.56
N GLU I 433 -34.87 4.78 52.95
CA GLU I 433 -34.41 4.47 54.28
C GLU I 433 -35.15 5.29 55.33
N LEU I 434 -35.41 6.55 55.02
CA LEU I 434 -36.13 7.43 55.92
C LEU I 434 -37.56 6.96 56.14
N VAL I 435 -38.18 6.47 55.08
CA VAL I 435 -39.51 5.91 55.22
C VAL I 435 -39.49 4.65 56.06
N HIS I 436 -38.52 3.78 55.79
CA HIS I 436 -38.35 2.56 56.57
C HIS I 436 -38.26 2.87 58.06
N GLU I 437 -37.48 3.90 58.40
CA GLU I 437 -37.41 4.37 59.76
C GLU I 437 -38.78 4.79 60.30
N GLU I 438 -39.51 5.57 59.51
CA GLU I 438 -40.82 6.05 59.92
C GLU I 438 -41.81 4.90 60.10
N MET I 439 -41.70 3.89 59.26
CA MET I 439 -42.55 2.72 59.36
C MET I 439 -42.32 2.01 60.69
N GLN I 440 -41.08 2.05 61.17
CA GLN I 440 -40.76 1.51 62.47
C GLN I 440 -41.29 2.43 63.58
N ARG I 441 -41.24 3.74 63.34
CA ARG I 441 -41.76 4.73 64.29
C ARG I 441 -43.26 4.57 64.51
N ILE I 442 -43.97 4.05 63.51
CA ILE I 442 -45.38 3.75 63.67
C ILE I 442 -45.61 2.78 64.82
N ILE I 443 -44.69 1.85 65.01
CA ILE I 443 -44.79 0.90 66.12
C ILE I 443 -44.69 1.64 67.44
N GLN I 444 -43.73 2.56 67.51
CA GLN I 444 -43.54 3.37 68.70
C GLN I 444 -44.79 4.16 69.01
N HIS I 445 -45.41 4.70 67.96
CA HIS I 445 -46.70 5.38 68.10
C HIS I 445 -47.75 4.41 68.60
N CYS I 446 -47.81 3.24 67.99
CA CYS I 446 -48.77 2.21 68.36
C CYS I 446 -48.60 1.77 69.80
N SER I 447 -47.38 1.87 70.33
CA SER I 447 -47.13 1.43 71.70
C SER I 447 -47.69 2.39 72.75
N ASN I 448 -48.22 3.54 72.30
CA ASN I 448 -48.81 4.52 73.21
C ASN I 448 -50.22 4.13 73.64
N TYR I 449 -50.79 3.12 72.99
CA TYR I 449 -52.14 2.68 73.26
C TYR I 449 -52.28 1.22 72.87
N SER I 450 -53.38 0.58 73.29
CA SER I 450 -53.61 -0.86 73.03
C SER I 450 -52.68 -1.77 73.84
N THR I 451 -51.37 -1.47 73.82
CA THR I 451 -50.36 -2.13 74.63
C THR I 451 -50.81 -2.45 76.04
N GLN I 452 -51.61 -1.58 76.67
CA GLN I 452 -52.05 -1.81 78.04
C GLN I 452 -52.82 -3.13 78.18
N GLU I 453 -53.44 -3.59 77.10
CA GLU I 453 -54.05 -4.91 77.07
C GLU I 453 -52.99 -5.95 76.82
N LEU I 454 -52.04 -5.60 75.97
CA LEU I 454 -50.91 -6.46 75.65
C LEU I 454 -49.89 -6.52 76.79
N LEU I 455 -50.04 -5.67 77.80
CA LEU I 455 -49.26 -5.80 79.01
C LEU I 455 -49.66 -7.03 79.79
N ARG I 456 -50.85 -7.55 79.50
CA ARG I 456 -51.25 -8.83 80.05
C ARG I 456 -50.58 -9.98 79.34
N PHE I 457 -49.92 -9.71 78.21
CA PHE I 457 -49.14 -10.74 77.53
C PHE I 457 -47.85 -10.16 76.95
N PRO I 458 -47.10 -9.38 77.75
CA PRO I 458 -45.84 -8.70 77.36
C PRO I 458 -45.03 -9.47 76.32
N LYS I 459 -44.87 -10.78 76.53
CA LYS I 459 -44.11 -11.61 75.61
C LYS I 459 -44.68 -11.55 74.20
N LEU I 460 -46.00 -11.76 74.10
CA LEU I 460 -46.72 -11.55 72.85
C LEU I 460 -46.46 -10.18 72.29
N HIS I 461 -46.59 -9.16 73.13
CA HIS I 461 -46.46 -7.78 72.69
C HIS I 461 -45.19 -7.57 71.89
N ASP I 462 -44.08 -8.02 72.47
CA ASP I 462 -42.80 -7.81 71.85
C ASP I 462 -42.62 -8.68 70.62
N ALA I 463 -43.18 -9.89 70.66
CA ALA I 463 -43.14 -10.78 69.52
C ALA I 463 -43.83 -10.17 68.32
N ILE I 464 -44.95 -9.48 68.57
CA ILE I 464 -45.66 -8.77 67.51
C ILE I 464 -44.76 -7.76 66.85
N VAL I 465 -44.10 -6.95 67.67
CA VAL I 465 -43.22 -5.92 67.18
C VAL I 465 -42.12 -6.50 66.31
N GLU I 466 -41.51 -7.59 66.78
CA GLU I 466 -40.44 -8.23 66.03
C GLU I 466 -40.92 -8.65 64.66
N VAL I 467 -42.08 -9.29 64.60
CA VAL I 467 -42.64 -9.75 63.34
C VAL I 467 -42.89 -8.60 62.38
N VAL I 468 -43.40 -7.50 62.90
CA VAL I 468 -43.66 -6.34 62.06
C VAL I 468 -42.40 -5.85 61.38
N THR I 469 -41.32 -5.72 62.15
CA THR I 469 -40.09 -5.18 61.60
C THR I 469 -39.43 -6.17 60.67
N CYS I 470 -39.67 -7.46 60.91
CA CYS I 470 -39.21 -8.48 59.98
C CYS I 470 -39.82 -8.25 58.62
N LEU I 471 -41.14 -8.07 58.60
CA LEU I 471 -41.85 -7.81 57.37
C LEU I 471 -41.33 -6.55 56.68
N LEU I 472 -41.09 -5.51 57.46
CA LEU I 472 -40.56 -4.28 56.90
C LEU I 472 -39.22 -4.51 56.23
N ARG I 473 -38.36 -5.29 56.88
CA ARG I 473 -37.05 -5.60 56.35
C ARG I 473 -37.14 -6.49 55.12
N LYS I 474 -38.15 -7.34 55.08
CA LYS I 474 -38.38 -8.19 53.92
C LYS I 474 -38.71 -7.37 52.68
N ARG I 475 -39.48 -6.30 52.87
CA ARG I 475 -39.92 -5.47 51.76
C ARG I 475 -38.96 -4.32 51.47
N LEU I 476 -38.03 -4.07 52.38
CA LEU I 476 -37.05 -3.01 52.19
C LEU I 476 -36.23 -3.15 50.89
N PRO I 477 -35.36 -4.17 50.79
CA PRO I 477 -34.49 -4.40 49.64
C PRO I 477 -35.28 -4.46 48.33
N VAL I 478 -36.53 -4.90 48.40
CA VAL I 478 -37.36 -4.99 47.21
C VAL I 478 -37.58 -3.61 46.63
N THR I 479 -37.94 -2.66 47.48
CA THR I 479 -38.10 -1.29 47.07
C THR I 479 -36.78 -0.71 46.61
N ASN I 480 -35.71 -1.06 47.32
CA ASN I 480 -34.37 -0.60 46.95
C ASN I 480 -34.02 -1.01 45.53
N GLU I 481 -34.34 -2.26 45.19
CA GLU I 481 -34.08 -2.76 43.86
C GLU I 481 -34.87 -1.98 42.83
N MET I 482 -36.13 -1.69 43.16
CA MET I 482 -36.97 -0.92 42.26
C MET I 482 -36.40 0.44 42.00
N VAL I 483 -36.05 1.14 43.08
CA VAL I 483 -35.52 2.50 42.96
C VAL I 483 -34.24 2.52 42.18
N HIS I 484 -33.36 1.57 42.47
CA HIS I 484 -32.15 1.38 41.69
C HIS I 484 -32.48 1.23 40.22
N ASN I 485 -33.45 0.37 39.93
CA ASN I 485 -33.87 0.14 38.57
C ASN I 485 -34.42 1.39 37.95
N LEU I 486 -35.19 2.17 38.71
CA LEU I 486 -35.80 3.38 38.19
C LEU I 486 -34.75 4.36 37.70
N VAL I 487 -33.67 4.48 38.46
CA VAL I 487 -32.56 5.31 38.03
C VAL I 487 -31.91 4.74 36.79
N ALA I 488 -31.70 3.43 36.78
CA ALA I 488 -31.10 2.75 35.65
C ALA I 488 -31.92 2.96 34.39
N ILE I 489 -33.24 2.99 34.54
CA ILE I 489 -34.13 3.27 33.44
C ILE I 489 -33.90 4.64 32.84
N GLU I 490 -33.67 5.62 33.70
CA GLU I 490 -33.36 6.96 33.23
C GLU I 490 -32.01 7.00 32.54
N LEU I 491 -31.09 6.18 33.02
CA LEU I 491 -29.77 6.03 32.41
C LEU I 491 -29.83 5.23 31.11
N ALA I 492 -30.83 4.35 31.01
CA ALA I 492 -30.93 3.43 29.87
C ALA I 492 -31.10 4.14 28.54
N TYR I 493 -31.82 5.25 28.53
CA TYR I 493 -32.16 5.90 27.28
C TYR I 493 -32.51 7.37 27.44
N ILE I 494 -31.99 8.20 26.55
CA ILE I 494 -32.32 9.60 26.50
C ILE I 494 -33.23 9.93 25.34
N ASN I 495 -34.39 10.50 25.65
CA ASN I 495 -35.36 10.86 24.63
C ASN I 495 -35.23 12.31 24.25
N THR I 496 -34.49 12.59 23.19
CA THR I 496 -34.35 13.96 22.71
C THR I 496 -35.61 14.46 22.00
N LYS I 497 -36.56 13.55 21.79
CA LYS I 497 -37.85 13.92 21.22
C LYS I 497 -38.86 14.19 22.32
N HIS I 498 -38.41 14.19 23.58
CA HIS I 498 -39.28 14.47 24.70
C HIS I 498 -40.03 15.79 24.49
N PRO I 499 -41.31 15.83 24.86
CA PRO I 499 -42.21 16.92 24.56
C PRO I 499 -41.79 18.22 25.23
N ASP I 500 -41.05 18.13 26.33
CA ASP I 500 -40.61 19.30 27.05
C ASP I 500 -39.17 19.65 26.71
N PHE I 501 -38.60 18.93 25.75
CA PHE I 501 -37.20 19.10 25.42
C PHE I 501 -37.03 19.60 23.99
N ALA I 502 -36.62 20.84 23.87
CA ALA I 502 -36.43 21.45 22.56
C ALA I 502 -35.40 22.56 22.63
N ASP I 503 -34.74 22.82 21.51
CA ASP I 503 -33.71 23.84 21.48
C ASP I 503 -33.42 24.29 20.05
N SER I 611 -10.09 27.38 22.11
CA SER I 611 -11.19 27.56 21.18
C SER I 611 -12.35 28.32 21.82
N ALA I 612 -13.08 29.07 21.00
CA ALA I 612 -14.19 29.88 21.50
C ALA I 612 -15.50 29.38 20.93
N ARG I 613 -15.53 29.12 19.63
CA ARG I 613 -16.71 28.56 18.99
C ARG I 613 -17.10 27.24 19.64
N GLU I 614 -16.11 26.41 19.93
CA GLU I 614 -16.33 25.15 20.58
C GLU I 614 -16.82 25.34 22.01
N GLN I 615 -16.33 26.38 22.69
CA GLN I 615 -16.85 26.72 24.01
C GLN I 615 -18.32 27.09 23.93
N ARG I 616 -18.69 27.81 22.89
CA ARG I 616 -20.09 28.16 22.69
C ARG I 616 -20.91 26.91 22.41
N ASP I 617 -20.36 25.98 21.63
CA ASP I 617 -21.00 24.70 21.40
C ASP I 617 -21.11 23.90 22.69
N CYS I 618 -20.10 24.00 23.55
CA CYS I 618 -20.12 23.38 24.86
C CYS I 618 -21.23 23.96 25.72
N GLU I 619 -21.39 25.28 25.65
CA GLU I 619 -22.46 25.95 26.39
C GLU I 619 -23.83 25.48 25.94
N VAL I 620 -23.97 25.22 24.63
CA VAL I 620 -25.19 24.63 24.10
C VAL I 620 -25.43 23.27 24.72
N ILE I 621 -24.37 22.46 24.77
CA ILE I 621 -24.42 21.15 25.37
C ILE I 621 -24.82 21.24 26.84
N GLU I 622 -24.22 22.19 27.56
CA GLU I 622 -24.53 22.40 28.97
C GLU I 622 -26.00 22.73 29.17
N ARG I 623 -26.54 23.55 28.27
CA ARG I 623 -27.95 23.89 28.31
C ARG I 623 -28.82 22.67 28.08
N LEU I 624 -28.43 21.83 27.12
CA LEU I 624 -29.14 20.60 26.83
C LEU I 624 -29.09 19.65 28.00
N ILE I 625 -27.93 19.59 28.66
CA ILE I 625 -27.76 18.77 29.84
C ILE I 625 -28.68 19.21 30.95
N LYS I 626 -28.66 20.50 31.24
CA LYS I 626 -29.49 21.07 32.29
C LYS I 626 -30.95 20.79 32.03
N SER I 627 -31.40 21.12 30.83
CA SER I 627 -32.81 21.01 30.48
C SER I 627 -33.32 19.58 30.59
N TYR I 628 -32.58 18.65 29.98
CA TYR I 628 -33.02 17.27 30.01
C TYR I 628 -32.93 16.70 31.41
N PHE I 629 -31.84 17.02 32.11
CA PHE I 629 -31.67 16.58 33.47
C PHE I 629 -32.85 16.96 34.34
N LEU I 630 -33.26 18.22 34.24
CA LEU I 630 -34.35 18.71 35.04
C LEU I 630 -35.65 17.99 34.70
N ILE I 631 -35.84 17.65 33.44
CA ILE I 631 -36.98 16.84 33.04
C ILE I 631 -36.95 15.48 33.73
N VAL I 632 -35.78 14.84 33.71
CA VAL I 632 -35.59 13.55 34.35
C VAL I 632 -35.84 13.63 35.85
N ARG I 633 -35.19 14.61 36.49
CA ARG I 633 -35.29 14.77 37.92
C ARG I 633 -36.73 15.00 38.34
N LYS I 634 -37.42 15.85 37.58
CA LYS I 634 -38.82 16.14 37.83
C LYS I 634 -39.66 14.87 37.86
N ASN I 635 -39.41 13.99 36.91
CA ASN I 635 -40.13 12.72 36.86
C ASN I 635 -39.79 11.84 38.05
N ILE I 636 -38.52 11.82 38.43
CA ILE I 636 -38.06 11.04 39.57
C ILE I 636 -38.72 11.47 40.86
N GLN I 637 -38.94 12.78 41.00
CA GLN I 637 -39.59 13.33 42.18
C GLN I 637 -40.95 12.68 42.45
N ASP I 638 -41.62 12.20 41.40
CA ASP I 638 -42.91 11.54 41.55
C ASP I 638 -42.76 10.02 41.54
N SER I 639 -41.76 9.54 40.81
CA SER I 639 -41.57 8.10 40.61
C SER I 639 -41.24 7.36 41.89
N VAL I 640 -40.27 7.88 42.64
CA VAL I 640 -39.79 7.19 43.83
C VAL I 640 -40.87 6.99 44.90
N PRO I 641 -41.37 8.08 45.51
CA PRO I 641 -42.52 8.04 46.42
C PRO I 641 -43.49 6.91 46.07
N LYS I 642 -43.90 6.86 44.81
CA LYS I 642 -44.88 5.88 44.36
C LYS I 642 -44.36 4.46 44.54
N ALA I 643 -43.11 4.23 44.16
CA ALA I 643 -42.48 2.92 44.30
C ALA I 643 -42.44 2.51 45.75
N VAL I 644 -42.15 3.46 46.63
CA VAL I 644 -42.09 3.16 48.04
C VAL I 644 -43.44 2.78 48.57
N MET I 645 -44.45 3.54 48.19
CA MET I 645 -45.80 3.25 48.59
C MET I 645 -46.24 1.90 48.07
N HIS I 646 -45.89 1.61 46.82
CA HIS I 646 -46.35 0.38 46.20
C HIS I 646 -45.69 -0.85 46.78
N PHE I 647 -44.37 -0.85 46.82
CA PHE I 647 -43.63 -2.05 47.16
C PHE I 647 -43.48 -2.25 48.66
N LEU I 648 -43.48 -1.16 49.41
CA LEU I 648 -43.35 -1.28 50.84
C LEU I 648 -44.65 -1.01 51.57
N VAL I 649 -45.15 0.21 51.46
CA VAL I 649 -46.16 0.67 52.39
C VAL I 649 -47.49 -0.01 52.19
N ASN I 650 -47.98 0.03 50.97
CA ASN I 650 -49.27 -0.57 50.65
C ASN I 650 -49.19 -2.07 50.74
N HIS I 651 -47.99 -2.61 50.51
CA HIS I 651 -47.80 -4.05 50.57
C HIS I 651 -47.99 -4.56 51.98
N VAL I 652 -47.23 -4.00 52.92
CA VAL I 652 -47.26 -4.48 54.30
C VAL I 652 -48.56 -4.11 54.95
N LYS I 653 -49.20 -3.06 54.46
CA LYS I 653 -50.50 -2.65 54.93
C LYS I 653 -51.52 -3.79 54.81
N ASP I 654 -51.34 -4.65 53.81
CA ASP I 654 -52.25 -5.76 53.62
C ASP I 654 -51.65 -7.08 54.10
N THR I 655 -50.34 -7.23 53.92
CA THR I 655 -49.66 -8.47 54.27
C THR I 655 -49.63 -8.70 55.78
N LEU I 656 -49.38 -7.64 56.54
CA LEU I 656 -49.11 -7.76 57.96
C LEU I 656 -50.12 -8.60 58.71
N GLN I 657 -51.38 -8.48 58.34
CA GLN I 657 -52.43 -9.24 59.01
C GLN I 657 -52.17 -10.73 58.91
N SER I 658 -51.85 -11.18 57.71
CA SER I 658 -51.59 -12.59 57.46
C SER I 658 -50.23 -12.98 58.01
N GLU I 659 -49.32 -12.02 58.05
CA GLU I 659 -48.00 -12.25 58.60
C GLU I 659 -48.08 -12.51 60.09
N LEU I 660 -48.81 -11.66 60.80
CA LEU I 660 -48.95 -11.78 62.24
C LEU I 660 -49.67 -13.05 62.62
N VAL I 661 -50.74 -13.38 61.89
CA VAL I 661 -51.46 -14.60 62.16
C VAL I 661 -50.63 -15.82 61.81
N GLY I 662 -50.02 -15.81 60.64
CA GLY I 662 -49.22 -16.93 60.19
C GLY I 662 -48.06 -17.23 61.14
N GLN I 663 -47.52 -16.18 61.74
CA GLN I 663 -46.38 -16.34 62.65
C GLN I 663 -46.80 -16.60 64.08
N LEU I 664 -47.79 -15.85 64.56
CA LEU I 664 -48.08 -15.82 65.99
C LEU I 664 -49.19 -16.78 66.39
N TYR I 665 -50.09 -17.09 65.46
CA TYR I 665 -51.25 -17.92 65.82
C TYR I 665 -50.90 -19.39 65.76
N LYS I 666 -50.16 -19.86 66.75
CA LYS I 666 -49.85 -21.27 66.91
C LYS I 666 -50.36 -21.76 68.25
N SER I 667 -50.71 -23.04 68.30
CA SER I 667 -51.28 -23.61 69.52
C SER I 667 -50.29 -23.59 70.68
N SER I 668 -49.00 -23.66 70.37
CA SER I 668 -47.97 -23.61 71.40
C SER I 668 -47.77 -22.18 71.88
N LEU I 669 -47.92 -21.24 70.95
CA LEU I 669 -47.72 -19.84 71.26
C LEU I 669 -48.87 -19.28 72.08
N LEU I 670 -50.02 -19.95 72.02
CA LEU I 670 -51.15 -19.65 72.89
C LEU I 670 -50.85 -19.92 74.36
N ASP I 671 -49.81 -20.70 74.62
CA ASP I 671 -49.35 -20.89 75.99
C ASP I 671 -48.09 -20.08 76.26
N ASP I 672 -47.26 -19.94 75.23
CA ASP I 672 -46.00 -19.22 75.37
C ASP I 672 -46.21 -17.71 75.32
N LEU I 673 -46.57 -17.19 74.15
CA LEU I 673 -46.69 -15.74 73.96
C LEU I 673 -47.71 -15.18 74.91
N LEU I 674 -48.75 -15.96 75.16
CA LEU I 674 -49.77 -15.54 76.10
C LEU I 674 -49.35 -15.90 77.52
N THR I 675 -48.32 -15.20 78.01
CA THR I 675 -47.90 -15.29 79.40
C THR I 675 -48.06 -13.95 80.08
N GLU I 676 -48.73 -13.94 81.22
CA GLU I 676 -49.04 -12.70 81.91
C GLU I 676 -47.90 -12.19 82.76
N SER I 677 -47.80 -10.87 82.86
CA SER I 677 -46.85 -10.26 83.77
C SER I 677 -47.14 -10.65 85.19
N GLU I 678 -46.12 -11.15 85.89
CA GLU I 678 -46.30 -11.58 87.26
C GLU I 678 -46.51 -10.40 88.17
N ASP I 679 -45.82 -9.30 87.89
CA ASP I 679 -46.01 -8.08 88.66
C ASP I 679 -47.44 -7.59 88.55
N MET I 680 -47.98 -7.62 87.35
CA MET I 680 -49.38 -7.29 87.13
C MET I 680 -50.29 -8.27 87.83
N ALA I 681 -49.97 -9.56 87.73
CA ALA I 681 -50.76 -10.61 88.36
C ALA I 681 -50.79 -10.45 89.87
N GLN I 682 -49.66 -10.07 90.45
CA GLN I 682 -49.58 -9.85 91.88
C GLN I 682 -50.36 -8.62 92.28
N ARG I 683 -50.26 -7.56 91.48
CA ARG I 683 -51.00 -6.34 91.75
C ARG I 683 -52.49 -6.59 91.82
N ARG I 684 -53.01 -7.29 90.81
CA ARG I 684 -54.42 -7.59 90.76
C ARG I 684 -54.79 -8.65 91.81
N LYS I 685 -53.85 -9.54 92.11
CA LYS I 685 -54.05 -10.53 93.16
C LYS I 685 -54.28 -9.85 94.48
N GLU I 686 -53.48 -8.85 94.77
CA GLU I 686 -53.61 -8.08 96.00
C GLU I 686 -54.97 -7.40 96.07
N ALA I 687 -55.43 -6.85 94.95
CA ALA I 687 -56.75 -6.25 94.90
C ALA I 687 -57.82 -7.27 95.22
N ALA I 688 -57.67 -8.47 94.65
CA ALA I 688 -58.58 -9.56 94.91
C ALA I 688 -58.50 -10.01 96.36
N ASP I 689 -57.29 -10.05 96.89
CA ASP I 689 -57.07 -10.48 98.26
C ASP I 689 -57.65 -9.50 99.25
N MET I 690 -57.57 -8.22 98.92
CA MET I 690 -58.22 -7.20 99.73
C MET I 690 -59.73 -7.32 99.62
N LEU I 691 -60.21 -7.69 98.44
CA LEU I 691 -61.62 -7.96 98.27
C LEU I 691 -62.02 -9.22 99.06
N LYS I 692 -61.12 -10.19 99.13
CA LYS I 692 -61.33 -11.37 99.97
C LYS I 692 -61.39 -10.98 101.44
N ALA I 693 -60.62 -9.97 101.83
CA ALA I 693 -60.73 -9.42 103.16
C ALA I 693 -62.10 -8.81 103.37
N LEU I 694 -62.67 -8.23 102.32
CA LEU I 694 -64.00 -7.68 102.40
C LEU I 694 -65.08 -8.77 102.33
N GLN I 695 -64.72 -9.91 101.75
CA GLN I 695 -65.54 -11.10 101.91
C GLN I 695 -65.48 -11.54 103.36
N GLY I 696 -64.30 -11.43 103.97
CA GLY I 696 -64.15 -11.64 105.39
C GLY I 696 -64.89 -10.55 106.20
N ALA I 697 -65.07 -9.38 105.59
CA ALA I 697 -65.84 -8.31 106.21
C ALA I 697 -67.35 -8.57 106.14
N SER I 698 -67.75 -9.68 105.54
CA SER I 698 -69.12 -10.15 105.71
C SER I 698 -69.24 -10.84 107.06
N GLN I 699 -68.09 -11.24 107.63
CA GLN I 699 -68.03 -11.73 108.99
C GLN I 699 -67.93 -10.56 109.95
N ILE I 700 -67.36 -9.45 109.48
CA ILE I 700 -67.50 -8.18 110.18
C ILE I 700 -68.96 -7.78 110.24
N ILE I 701 -69.66 -7.93 109.12
CA ILE I 701 -71.09 -7.69 109.08
C ILE I 701 -71.85 -8.72 109.92
N ALA I 702 -71.34 -9.94 109.98
CA ALA I 702 -71.88 -10.91 110.93
C ALA I 702 -71.70 -10.40 112.33
N GLU I 703 -70.54 -9.85 112.63
CA GLU I 703 -70.30 -9.24 113.92
C GLU I 703 -71.23 -8.05 114.16
N ILE I 704 -71.48 -7.27 113.11
CA ILE I 704 -72.48 -6.20 113.21
C ILE I 704 -73.81 -6.75 113.69
N ARG I 705 -74.22 -7.87 113.14
CA ARG I 705 -75.42 -8.56 113.59
C ARG I 705 -75.28 -9.07 115.02
N GLU I 706 -74.12 -9.59 115.36
CA GLU I 706 -73.85 -10.13 116.69
C GLU I 706 -73.95 -9.07 117.77
N THR I 707 -73.63 -7.82 117.43
CA THR I 707 -73.70 -6.72 118.41
C THR I 707 -75.14 -6.33 118.73
N HIS I 708 -76.09 -6.87 117.98
CA HIS I 708 -77.49 -6.68 118.29
C HIS I 708 -77.99 -7.77 119.23
N LEU I 709 -77.09 -8.68 119.62
CA LEU I 709 -77.40 -9.74 120.54
C LEU I 709 -76.76 -9.47 121.90
N TRP I 710 -77.52 -8.88 122.80
CA TRP I 710 -76.99 -8.51 124.12
C TRP I 710 -78.10 -8.30 125.13
N THR J 1 -63.90 66.68 81.69
CA THR J 1 -62.56 66.26 82.07
C THR J 1 -62.57 64.90 82.72
N LEU J 2 -61.38 64.37 82.99
CA LEU J 2 -61.23 63.11 83.72
C LEU J 2 -61.86 63.18 85.09
N GLN J 3 -61.57 64.25 85.81
CA GLN J 3 -62.12 64.47 87.14
C GLN J 3 -63.63 64.43 87.12
N GLU J 4 -64.23 65.18 86.20
CA GLU J 4 -65.68 65.22 86.07
C GLU J 4 -66.23 63.88 85.63
N ARG J 5 -65.51 63.22 84.72
CA ARG J 5 -65.94 61.94 84.20
C ARG J 5 -65.94 60.87 85.25
N LEU J 6 -64.91 60.86 86.10
CA LEU J 6 -64.82 59.90 87.21
C LEU J 6 -65.96 60.09 88.19
N LEU J 7 -66.31 61.34 88.48
CA LEU J 7 -67.39 61.63 89.40
C LEU J 7 -68.72 61.12 88.86
N ALA J 8 -68.96 61.35 87.57
CA ALA J 8 -70.14 60.81 86.91
C ALA J 8 -70.05 59.29 86.80
N PHE J 9 -68.86 58.80 86.49
CA PHE J 9 -68.60 57.37 86.33
C PHE J 9 -68.94 56.61 87.59
N GLU J 10 -68.59 57.17 88.75
CA GLU J 10 -69.00 56.57 90.01
C GLU J 10 -70.51 56.46 90.08
N ARG J 11 -71.20 57.57 89.84
CA ARG J 11 -72.65 57.60 89.89
C ARG J 11 -73.28 56.64 88.88
N ASP J 12 -72.65 56.51 87.71
CA ASP J 12 -73.25 55.76 86.62
C ASP J 12 -72.78 54.30 86.54
N ARG J 13 -71.60 53.99 87.06
CA ARG J 13 -71.03 52.66 86.87
C ARG J 13 -70.55 51.98 88.15
N VAL J 14 -70.17 52.77 89.15
CA VAL J 14 -69.78 52.18 90.44
C VAL J 14 -71.00 51.84 91.28
N THR J 15 -71.93 52.79 91.38
CA THR J 15 -73.12 52.62 92.21
C THR J 15 -74.08 51.57 91.65
N ILE J 16 -74.35 50.56 92.46
CA ILE J 16 -75.31 49.51 92.11
C ILE J 16 -76.55 49.62 93.01
N PRO J 17 -77.71 49.94 92.42
CA PRO J 17 -78.92 50.46 93.12
C PRO J 17 -79.06 49.97 94.56
N ALA J 18 -79.35 50.90 95.45
CA ALA J 18 -79.45 50.64 96.88
C ALA J 18 -80.50 49.59 97.20
N ALA J 19 -81.58 49.57 96.44
CA ALA J 19 -82.65 48.59 96.65
C ALA J 19 -82.09 47.18 96.49
N GLN J 20 -81.29 46.98 95.46
CA GLN J 20 -80.65 45.69 95.24
C GLN J 20 -79.63 45.37 96.33
N VAL J 21 -78.91 46.42 96.77
CA VAL J 21 -77.94 46.25 97.85
C VAL J 21 -78.59 45.79 99.13
N ALA J 22 -79.66 46.45 99.52
CA ALA J 22 -80.37 46.10 100.75
C ALA J 22 -80.95 44.71 100.66
N LEU J 23 -81.54 44.38 99.52
CA LEU J 23 -82.09 43.05 99.29
C LEU J 23 -81.00 41.99 99.32
N ALA J 24 -79.85 42.31 98.72
CA ALA J 24 -78.72 41.41 98.71
C ALA J 24 -78.23 41.12 100.12
N LYS J 25 -78.17 42.15 100.94
CA LYS J 25 -77.73 42.02 102.32
C LYS J 25 -78.72 41.19 103.13
N GLN J 26 -80.01 41.41 102.88
CA GLN J 26 -81.05 40.62 103.52
C GLN J 26 -80.92 39.15 103.17
N LEU J 27 -80.75 38.86 101.88
CA LEU J 27 -80.62 37.50 101.41
C LEU J 27 -79.32 36.87 101.87
N ALA J 28 -78.26 37.68 101.97
CA ALA J 28 -77.00 37.20 102.49
C ALA J 28 -77.19 36.64 103.89
N GLY J 29 -77.90 37.38 104.73
CA GLY J 29 -78.22 36.93 106.07
C GLY J 29 -79.14 35.71 106.05
N ASP J 30 -80.18 35.77 105.21
CA ASP J 30 -81.18 34.71 105.15
C ASP J 30 -80.58 33.39 104.71
N ILE J 31 -79.75 33.44 103.68
CA ILE J 31 -79.06 32.25 103.19
C ILE J 31 -78.13 31.70 104.26
N ALA J 32 -77.39 32.60 104.91
CA ALA J 32 -76.49 32.21 105.98
C ALA J 32 -77.25 31.51 107.09
N LEU J 33 -78.37 32.10 107.51
CA LEU J 33 -79.18 31.55 108.59
C LEU J 33 -79.77 30.19 108.24
N GLU J 34 -80.19 30.04 106.99
CA GLU J 34 -80.70 28.76 106.54
C GLU J 34 -79.60 27.72 106.58
N LEU J 35 -78.42 28.09 106.09
CA LEU J 35 -77.31 27.17 106.06
C LEU J 35 -76.79 26.88 107.46
N GLN J 36 -76.89 27.85 108.36
CA GLN J 36 -76.58 27.60 109.77
C GLN J 36 -77.48 26.52 110.32
N ALA J 37 -78.78 26.68 110.12
CA ALA J 37 -79.75 25.70 110.57
C ALA J 37 -79.51 24.34 109.93
N TYR J 38 -79.18 24.35 108.64
CA TYR J 38 -78.94 23.13 107.91
C TYR J 38 -77.72 22.41 108.43
N PHE J 39 -76.63 23.15 108.66
CA PHE J 39 -75.40 22.54 109.14
C PHE J 39 -75.52 22.06 110.58
N ARG J 40 -76.38 22.71 111.36
CA ARG J 40 -76.68 22.23 112.70
C ARG J 40 -77.32 20.85 112.65
N SER J 41 -78.18 20.61 111.67
CA SER J 41 -78.85 19.32 111.53
C SER J 41 -78.06 18.33 110.67
N LYS J 42 -77.28 18.86 109.73
CA LYS J 42 -76.51 18.01 108.81
C LYS J 42 -75.18 17.62 109.41
N PHE J 43 -74.58 18.52 110.17
CA PHE J 43 -73.30 18.26 110.79
C PHE J 43 -73.29 18.65 112.26
N PRO J 44 -74.28 18.17 113.04
CA PRO J 44 -74.36 18.39 114.48
C PRO J 44 -73.08 17.99 115.21
N GLU J 45 -72.32 17.04 114.65
CA GLU J 45 -71.07 16.60 115.25
C GLU J 45 -69.96 17.65 115.13
N LEU J 46 -70.05 18.52 114.14
CA LEU J 46 -69.01 19.50 113.92
C LEU J 46 -69.40 20.83 114.56
N PRO J 47 -68.42 21.56 115.10
CA PRO J 47 -68.62 22.82 115.79
C PRO J 47 -68.57 23.99 114.83
N PHE J 48 -69.60 24.07 113.98
CA PHE J 48 -69.74 25.21 113.10
C PHE J 48 -70.27 26.42 113.86
N GLY J 49 -69.58 27.54 113.70
CA GLY J 49 -70.04 28.79 114.32
C GLY J 49 -71.10 29.46 113.46
N ALA J 50 -71.53 30.65 113.87
CA ALA J 50 -72.49 31.40 113.10
C ALA J 50 -71.86 31.93 111.83
N PHE J 51 -72.55 31.75 110.71
CA PHE J 51 -72.00 32.13 109.41
C PHE J 51 -72.06 33.63 109.22
N VAL J 52 -71.03 34.18 108.59
CA VAL J 52 -70.91 35.63 108.51
C VAL J 52 -70.88 36.12 107.07
N PRO J 53 -71.85 36.94 106.69
CA PRO J 53 -71.88 37.64 105.42
C PRO J 53 -70.89 38.79 105.40
N GLY J 54 -70.25 39.00 104.25
CA GLY J 54 -69.29 40.08 104.11
C GLY J 54 -68.90 40.30 102.64
N GLY J 55 -67.80 40.98 102.42
CA GLY J 55 -67.34 41.28 101.07
C GLY J 55 -67.81 42.66 100.64
N PRO J 56 -67.36 43.11 99.47
CA PRO J 56 -67.68 44.38 98.78
C PRO J 56 -69.08 44.93 99.07
N LEU J 57 -70.07 44.04 99.10
CA LEU J 57 -71.46 44.40 99.42
C LEU J 57 -71.54 45.25 100.69
N TYR J 58 -70.69 44.93 101.66
CA TYR J 58 -70.58 45.69 102.88
C TYR J 58 -69.30 46.53 102.87
N ASP J 59 -68.25 45.98 102.26
CA ASP J 59 -66.93 46.59 102.28
C ASP J 59 -66.77 47.64 101.19
N GLY J 60 -67.37 48.80 101.42
CA GLY J 60 -67.29 49.89 100.46
C GLY J 60 -68.62 50.60 100.32
N LEU J 61 -69.00 50.90 99.09
CA LEU J 61 -70.27 51.55 98.82
C LEU J 61 -71.27 50.55 98.24
N GLN J 62 -72.17 51.03 97.39
CA GLN J 62 -73.21 50.17 96.84
C GLN J 62 -72.66 49.22 95.78
N ALA J 63 -72.03 48.14 96.22
CA ALA J 63 -71.51 47.12 95.32
C ALA J 63 -72.62 46.20 94.83
N GLY J 64 -73.55 45.86 95.72
CA GLY J 64 -74.69 45.07 95.33
C GLY J 64 -74.27 43.73 94.73
N ALA J 65 -74.68 43.51 93.49
CA ALA J 65 -74.43 42.26 92.77
C ALA J 65 -73.14 42.33 91.93
N ALA J 66 -72.39 43.43 92.06
CA ALA J 66 -71.17 43.63 91.27
C ALA J 66 -70.13 42.54 91.57
N ASP J 67 -70.16 42.01 92.79
CA ASP J 67 -69.26 40.94 93.16
C ASP J 67 -69.94 39.99 94.15
N HIS J 68 -69.26 38.91 94.52
CA HIS J 68 -69.82 37.86 95.35
C HIS J 68 -70.14 38.33 96.77
N VAL J 69 -71.22 37.78 97.31
CA VAL J 69 -71.45 37.84 98.73
C VAL J 69 -70.57 36.83 99.42
N ARG J 70 -69.69 37.28 100.30
CA ARG J 70 -68.79 36.35 100.97
C ARG J 70 -69.44 35.80 102.22
N LEU J 71 -69.48 34.49 102.33
CA LEU J 71 -70.15 33.85 103.45
C LEU J 71 -69.20 32.96 104.24
N LEU J 72 -68.81 33.42 105.41
CA LEU J 72 -67.93 32.66 106.26
C LEU J 72 -68.63 31.49 106.92
N VAL J 73 -68.02 30.32 106.85
CA VAL J 73 -68.42 29.16 107.64
C VAL J 73 -67.31 28.79 108.63
N PRO J 74 -67.56 28.98 109.94
CA PRO J 74 -66.49 28.96 110.95
C PRO J 74 -66.16 27.56 111.42
N LEU J 75 -64.98 27.09 111.03
CA LEU J 75 -64.47 25.78 111.43
C LEU J 75 -63.83 25.84 112.80
N VAL J 76 -64.64 25.79 113.84
CA VAL J 76 -64.10 25.94 115.18
C VAL J 76 -63.29 24.73 115.59
N LEU J 77 -61.99 24.78 115.27
CA LEU J 77 -61.06 23.72 115.65
C LEU J 77 -60.82 23.73 117.14
N GLU J 78 -60.57 22.55 117.70
CA GLU J 78 -60.38 22.41 119.13
C GLU J 78 -58.98 22.86 119.53
N PRO J 79 -58.84 24.11 120.02
CA PRO J 79 -57.59 24.73 120.48
C PRO J 79 -56.67 23.74 121.16
N GLY J 80 -55.45 23.63 120.66
CA GLY J 80 -54.44 22.77 121.27
C GLY J 80 -54.28 21.45 120.52
N LEU J 81 -55.33 21.02 119.83
CA LEU J 81 -55.25 19.79 119.06
C LEU J 81 -54.87 20.07 117.63
N TRP J 82 -54.93 21.33 117.22
CA TRP J 82 -54.61 21.70 115.86
C TRP J 82 -53.66 22.89 115.83
N SER J 83 -52.72 22.87 114.87
CA SER J 83 -51.69 23.91 114.80
C SER J 83 -51.40 24.35 113.35
N LEU J 84 -51.06 25.63 113.19
CA LEU J 84 -50.84 26.18 111.86
C LEU J 84 -49.40 26.00 111.38
N VAL J 85 -49.25 25.37 110.21
CA VAL J 85 -47.95 25.09 109.61
C VAL J 85 -47.87 25.71 108.21
N PRO J 86 -46.71 26.28 107.86
CA PRO J 86 -46.46 26.77 106.52
C PRO J 86 -46.31 25.63 105.53
N GLY J 87 -46.93 25.77 104.36
CA GLY J 87 -46.85 24.73 103.32
C GLY J 87 -45.40 24.43 102.95
N VAL J 88 -44.59 25.48 102.85
CA VAL J 88 -43.18 25.35 102.50
C VAL J 88 -42.39 24.48 103.48
N ASP J 89 -42.89 24.34 104.71
CA ASP J 89 -42.22 23.55 105.73
C ASP J 89 -42.38 22.05 105.48
N THR J 90 -43.32 21.69 104.61
CA THR J 90 -43.60 20.29 104.31
C THR J 90 -43.01 19.89 102.97
N VAL J 91 -43.12 18.61 102.63
CA VAL J 91 -42.64 18.09 101.34
C VAL J 91 -43.32 18.80 100.19
N ALA J 92 -44.60 19.10 100.36
CA ALA J 92 -45.35 19.90 99.40
C ALA J 92 -45.00 21.36 99.57
N ARG J 93 -43.82 21.74 99.10
CA ARG J 93 -43.22 23.01 99.46
C ARG J 93 -43.83 24.19 98.73
N ASP J 94 -44.98 24.63 99.20
CA ASP J 94 -45.64 25.82 98.66
C ASP J 94 -46.02 26.81 99.76
N PRO J 95 -45.14 27.79 100.03
CA PRO J 95 -45.27 28.81 101.08
C PRO J 95 -46.59 29.60 101.04
N ARG J 96 -47.25 29.61 99.88
CA ARG J 96 -48.49 30.36 99.74
C ARG J 96 -49.64 29.60 100.38
N CYS J 97 -49.46 28.29 100.54
CA CYS J 97 -50.47 27.44 101.14
C CYS J 97 -50.05 27.02 102.54
N TRP J 98 -51.02 26.57 103.33
CA TRP J 98 -50.81 26.30 104.74
C TRP J 98 -51.37 24.95 105.13
N ALA J 99 -50.88 24.41 106.22
CA ALA J 99 -51.37 23.12 106.71
C ALA J 99 -51.86 23.23 108.14
N VAL J 100 -52.88 22.44 108.46
CA VAL J 100 -53.37 22.38 109.84
C VAL J 100 -52.99 21.05 110.47
N ARG J 101 -52.07 21.10 111.43
CA ARG J 101 -51.45 19.91 112.01
C ARG J 101 -52.20 19.40 113.22
N ARG J 102 -52.51 18.11 113.22
CA ARG J 102 -53.08 17.46 114.39
C ARG J 102 -52.01 17.14 115.41
N THR J 103 -52.25 17.49 116.65
CA THR J 103 -51.30 17.24 117.71
C THR J 103 -51.97 16.88 119.02
N GLN J 104 -51.16 16.70 120.06
CA GLN J 104 -51.61 16.24 121.36
C GLN J 104 -52.35 14.90 121.29
N LEU J 105 -51.90 14.02 120.39
CA LEU J 105 -52.50 12.70 120.21
C LEU J 105 -52.21 11.77 121.38
N GLU J 106 -51.21 12.12 122.19
CA GLU J 106 -50.87 11.36 123.38
C GLU J 106 -51.89 11.58 124.51
N PHE J 107 -52.72 12.62 124.39
CA PHE J 107 -53.76 12.88 125.39
C PHE J 107 -55.14 12.83 124.75
N CYS J 108 -55.21 13.21 123.48
CA CYS J 108 -56.46 13.15 122.74
C CYS J 108 -56.27 12.49 121.36
N PRO J 109 -56.39 11.16 121.31
CA PRO J 109 -56.15 10.36 120.11
C PRO J 109 -57.19 10.60 119.03
N ARG J 110 -56.81 10.30 117.79
CA ARG J 110 -57.70 10.50 116.67
C ARG J 110 -58.96 9.68 116.81
N GLY J 111 -60.10 10.32 116.58
CA GLY J 111 -61.39 9.72 116.81
C GLY J 111 -62.09 10.43 117.95
N SER J 112 -61.31 11.15 118.76
CA SER J 112 -61.85 11.92 119.87
C SER J 112 -62.42 13.27 119.40
N SER J 113 -61.81 13.86 118.37
CA SER J 113 -62.32 15.11 117.83
C SER J 113 -63.22 14.83 116.64
N PRO J 114 -64.21 15.69 116.43
CA PRO J 114 -65.07 15.59 115.27
C PRO J 114 -64.33 15.93 113.99
N TRP J 115 -63.24 16.69 114.13
CA TRP J 115 -62.48 17.09 112.97
C TRP J 115 -61.51 15.98 112.53
N ASP J 116 -61.47 14.88 113.29
CA ASP J 116 -60.60 13.76 112.94
C ASP J 116 -61.16 12.94 111.79
N ARG J 117 -62.40 13.22 111.40
CA ARG J 117 -62.95 12.64 110.18
C ARG J 117 -62.22 13.17 108.94
N PHE J 118 -61.52 14.29 109.11
CA PHE J 118 -60.75 14.88 108.03
C PHE J 118 -59.26 14.67 108.25
N LEU J 119 -58.90 13.76 109.15
CA LEU J 119 -57.50 13.58 109.50
C LEU J 119 -56.81 12.61 108.54
N VAL J 120 -55.87 13.13 107.77
CA VAL J 120 -55.07 12.31 106.86
C VAL J 120 -53.62 12.42 107.24
N GLY J 121 -52.98 11.29 107.55
CA GLY J 121 -51.65 11.34 108.13
C GLY J 121 -51.75 11.98 109.51
N GLY J 122 -51.26 13.22 109.60
CA GLY J 122 -51.42 13.99 110.83
C GLY J 122 -51.91 15.41 110.54
N TYR J 123 -52.67 15.58 109.46
CA TYR J 123 -53.14 16.92 109.07
C TYR J 123 -54.64 16.96 108.75
N LEU J 124 -55.24 18.13 108.95
CA LEU J 124 -56.66 18.34 108.64
C LEU J 124 -56.86 18.50 107.13
N SER J 125 -57.76 17.71 106.57
CA SER J 125 -58.00 17.71 105.12
C SER J 125 -59.00 18.77 104.71
N SER J 126 -58.51 19.85 104.10
CA SER J 126 -59.39 20.84 103.50
C SER J 126 -60.16 20.24 102.34
N ARG J 127 -59.54 19.30 101.64
CA ARG J 127 -60.15 18.67 100.47
C ARG J 127 -61.42 17.91 100.82
N VAL J 128 -61.32 17.00 101.79
CA VAL J 128 -62.46 16.18 102.15
C VAL J 128 -63.58 17.03 102.73
N LEU J 129 -63.18 18.03 103.53
CA LEU J 129 -64.13 18.99 104.05
C LEU J 129 -64.91 19.66 102.93
N LEU J 130 -64.19 20.13 101.92
CA LEU J 130 -64.83 20.76 100.76
C LEU J 130 -65.73 19.80 100.04
N GLU J 131 -65.29 18.57 99.87
CA GLU J 131 -66.06 17.57 99.15
C GLU J 131 -67.41 17.34 99.81
N LEU J 132 -67.40 17.22 101.13
CA LEU J 132 -68.63 16.96 101.87
C LEU J 132 -69.54 18.18 101.91
N LEU J 133 -68.96 19.35 102.13
CA LEU J 133 -69.74 20.56 102.27
C LEU J 133 -70.28 21.03 100.93
N ARG J 134 -69.50 20.85 99.88
CA ARG J 134 -69.97 21.17 98.55
C ARG J 134 -71.06 20.23 98.12
N LYS J 135 -70.96 18.95 98.52
CA LYS J 135 -72.02 17.98 98.29
C LYS J 135 -73.28 18.37 99.02
N ALA J 136 -73.13 18.87 100.25
CA ALA J 136 -74.27 19.31 101.03
C ALA J 136 -74.99 20.43 100.31
N LEU J 137 -74.24 21.40 99.81
CA LEU J 137 -74.83 22.49 99.05
C LEU J 137 -75.35 22.01 97.71
N ALA J 138 -74.63 21.09 97.08
CA ALA J 138 -74.97 20.61 95.75
C ALA J 138 -76.33 19.94 95.71
N ALA J 139 -76.65 19.17 96.76
CA ALA J 139 -77.86 18.37 96.73
C ALA J 139 -78.59 18.33 98.07
N SER J 140 -77.84 18.20 99.16
CA SER J 140 -78.46 17.93 100.47
C SER J 140 -79.37 19.07 100.92
N VAL J 141 -78.92 20.31 100.72
CA VAL J 141 -79.70 21.48 101.10
C VAL J 141 -80.97 21.58 100.28
N ASN J 142 -82.10 21.79 100.96
CA ASN J 142 -83.39 21.83 100.29
C ASN J 142 -83.63 23.21 99.69
N TRP J 143 -83.01 23.45 98.54
CA TRP J 143 -83.09 24.74 97.86
C TRP J 143 -84.51 25.10 97.41
N PRO J 144 -85.39 24.10 97.30
CA PRO J 144 -86.80 24.36 97.06
C PRO J 144 -87.48 25.00 98.26
N ALA J 145 -86.99 24.66 99.45
CA ALA J 145 -87.50 25.27 100.67
C ALA J 145 -86.98 26.68 100.82
N ILE J 146 -85.71 26.87 100.46
CA ILE J 146 -85.08 28.18 100.53
C ILE J 146 -85.73 29.15 99.55
N GLY J 147 -85.92 28.70 98.32
CA GLY J 147 -86.58 29.51 97.30
C GLY J 147 -88.01 29.83 97.69
N SER J 148 -88.72 28.84 98.22
CA SER J 148 -90.09 29.04 98.66
C SER J 148 -90.16 30.02 99.83
N LEU J 149 -89.22 29.88 100.76
CA LEU J 149 -89.18 30.73 101.95
C LEU J 149 -88.89 32.18 101.60
N LEU J 150 -87.84 32.38 100.82
CA LEU J 150 -87.34 33.72 100.57
C LEU J 150 -88.00 34.37 99.36
N GLY J 151 -88.72 33.57 98.57
CA GLY J 151 -89.41 34.07 97.40
C GLY J 151 -88.42 34.34 96.28
N CYS J 152 -87.71 33.31 95.87
CA CYS J 152 -86.63 33.47 94.93
C CYS J 152 -86.14 32.17 94.34
N LEU J 153 -85.29 32.27 93.35
CA LEU J 153 -84.58 31.10 92.84
C LEU J 153 -83.13 31.11 93.31
N ILE J 154 -82.80 30.23 94.25
CA ILE J 154 -81.42 30.08 94.72
C ILE J 154 -80.95 28.63 94.60
N ARG J 155 -79.79 28.47 93.99
CA ARG J 155 -79.20 27.15 93.78
C ARG J 155 -77.68 27.24 93.91
N PRO J 156 -77.01 26.09 93.87
CA PRO J 156 -75.55 25.98 93.97
C PRO J 156 -74.90 26.16 92.61
N SER J 157 -73.68 26.71 92.61
CA SER J 157 -72.92 26.88 91.39
C SER J 157 -72.34 25.55 90.94
N MET J 158 -71.69 25.56 89.80
CA MET J 158 -71.06 24.36 89.27
C MET J 158 -69.54 24.46 89.34
N ALA J 159 -69.04 25.31 90.24
CA ALA J 159 -67.60 25.46 90.40
C ALA J 159 -67.27 26.01 91.78
N SER J 160 -66.13 25.58 92.33
CA SER J 160 -65.73 25.98 93.67
C SER J 160 -66.85 25.73 94.68
N GLU J 161 -67.05 26.69 95.57
CA GLU J 161 -68.15 26.61 96.52
C GLU J 161 -68.93 27.91 96.52
N GLU J 162 -69.68 28.12 95.46
CA GLU J 162 -70.45 29.35 95.31
C GLU J 162 -71.91 29.04 95.11
N LEU J 163 -72.76 30.01 95.43
CA LEU J 163 -74.20 29.88 95.22
C LEU J 163 -74.69 30.94 94.25
N LEU J 164 -75.80 30.65 93.58
CA LEU J 164 -76.39 31.61 92.65
C LEU J 164 -77.82 31.95 92.99
N LEU J 165 -78.08 33.24 93.15
CA LEU J 165 -79.43 33.76 93.13
C LEU J 165 -79.85 34.00 91.70
N GLU J 166 -80.61 33.07 91.15
CA GLU J 166 -81.04 33.16 89.76
C GLU J 166 -82.02 34.29 89.58
N VAL J 167 -82.75 34.62 90.65
CA VAL J 167 -83.63 35.80 90.68
C VAL J 167 -84.48 35.86 91.92
N GLN J 168 -84.25 36.89 92.72
CA GLN J 168 -85.16 37.28 93.78
C GLN J 168 -86.31 38.05 93.19
N HIS J 169 -87.53 37.74 93.65
CA HIS J 169 -88.75 38.32 93.07
C HIS J 169 -88.61 39.83 92.83
N GLU J 170 -87.98 40.54 93.76
CA GLU J 170 -87.74 41.97 93.60
C GLU J 170 -86.52 42.26 92.69
N ARG J 171 -86.62 41.83 91.43
CA ARG J 171 -85.65 42.15 90.38
C ARG J 171 -84.19 42.15 90.85
N LEU J 172 -83.76 41.09 91.54
CA LEU J 172 -82.38 41.01 91.99
C LEU J 172 -81.74 39.67 91.68
N GLU J 173 -80.54 39.73 91.10
CA GLU J 173 -79.74 38.53 90.88
C GLU J 173 -78.33 38.74 91.46
N LEU J 174 -77.73 37.67 91.98
CA LEU J 174 -76.40 37.79 92.58
C LEU J 174 -75.78 36.43 92.86
N THR J 175 -74.51 36.43 93.22
CA THR J 175 -73.81 35.20 93.57
C THR J 175 -73.21 35.28 94.98
N VAL J 176 -73.01 34.12 95.60
CA VAL J 176 -72.46 34.04 96.94
C VAL J 176 -71.21 33.19 96.95
N ALA J 177 -70.11 33.75 97.43
CA ALA J 177 -68.88 32.99 97.63
C ALA J 177 -68.82 32.44 99.03
N VAL J 178 -69.06 31.14 99.18
CA VAL J 178 -69.04 30.55 100.50
C VAL J 178 -67.62 30.24 100.91
N LEU J 179 -67.17 30.89 101.97
CA LEU J 179 -65.81 30.74 102.45
C LEU J 179 -65.77 29.92 103.71
N VAL J 180 -65.53 28.63 103.56
CA VAL J 180 -65.38 27.76 104.70
C VAL J 180 -63.97 27.87 105.25
N ALA J 181 -63.86 28.35 106.49
CA ALA J 181 -62.55 28.70 107.01
C ALA J 181 -62.50 28.63 108.52
N VAL J 182 -61.31 28.37 109.05
CA VAL J 182 -61.08 28.36 110.49
C VAL J 182 -61.04 29.79 111.00
N PRO J 183 -61.99 30.17 111.89
CA PRO J 183 -61.99 31.46 112.63
C PRO J 183 -60.61 32.12 112.66
N GLY J 184 -59.59 31.40 113.12
CA GLY J 184 -58.23 31.84 112.91
C GLY J 184 -57.74 32.70 114.05
N VAL J 185 -57.98 34.00 113.94
CA VAL J 185 -57.42 34.96 114.88
C VAL J 185 -58.50 35.71 115.65
N ASP J 186 -58.11 36.25 116.79
CA ASP J 186 -59.03 36.99 117.66
C ASP J 186 -59.28 38.40 117.16
N ALA J 187 -58.58 38.78 116.08
CA ALA J 187 -58.83 40.04 115.41
C ALA J 187 -60.04 39.95 114.49
N ASP J 188 -60.55 38.73 114.29
CA ASP J 188 -61.68 38.50 113.40
C ASP J 188 -61.37 38.94 111.99
N ASP J 189 -60.16 38.61 111.53
CA ASP J 189 -59.70 39.00 110.20
C ASP J 189 -59.12 37.82 109.45
N ARG J 190 -57.88 37.47 109.79
CA ARG J 190 -57.17 36.41 109.10
C ARG J 190 -57.83 35.05 109.33
N LEU J 191 -58.14 34.36 108.23
CA LEU J 191 -58.80 33.06 108.29
C LEU J 191 -57.94 31.97 107.68
N LEU J 192 -58.21 30.72 108.05
CA LEU J 192 -57.60 29.60 107.33
C LEU J 192 -58.62 28.97 106.40
N LEU J 193 -58.60 29.38 105.15
CA LEU J 193 -59.59 28.98 104.17
C LEU J 193 -59.38 27.55 103.72
N ALA J 194 -60.46 26.79 103.67
CA ALA J 194 -60.40 25.45 103.09
C ALA J 194 -60.15 25.56 101.60
N TRP J 195 -58.88 25.63 101.25
CA TRP J 195 -58.47 25.88 99.89
C TRP J 195 -58.61 24.63 99.03
N PRO J 196 -58.95 24.80 97.75
CA PRO J 196 -59.06 23.67 96.82
C PRO J 196 -57.84 23.56 95.93
N LEU J 197 -56.70 23.27 96.53
CA LEU J 197 -55.49 23.02 95.77
C LEU J 197 -55.60 21.70 95.03
N GLU J 198 -55.32 21.74 93.73
CA GLU J 198 -55.41 20.54 92.91
C GLU J 198 -54.08 19.78 92.88
N GLY J 199 -52.99 20.54 92.92
CA GLY J 199 -51.66 19.93 92.91
C GLY J 199 -51.17 19.62 94.32
N LEU J 200 -49.99 19.01 94.40
CA LEU J 200 -49.38 18.69 95.69
C LEU J 200 -50.38 18.02 96.62
N ALA J 201 -50.49 18.54 97.84
CA ALA J 201 -51.48 18.07 98.79
C ALA J 201 -52.72 18.95 98.72
N GLY J 202 -53.83 18.35 98.30
CA GLY J 202 -55.10 19.08 98.22
C GLY J 202 -55.70 19.34 99.60
N ASN J 203 -55.05 18.82 100.64
CA ASN J 203 -55.46 19.02 102.01
C ASN J 203 -55.04 20.40 102.53
N LEU J 204 -54.22 21.12 101.76
CA LEU J 204 -53.67 22.40 102.19
C LEU J 204 -54.69 23.54 102.19
N TRP J 205 -54.33 24.61 102.89
CA TRP J 205 -55.24 25.69 103.24
C TRP J 205 -54.70 27.02 102.74
N LEU J 206 -55.57 28.02 102.66
CA LEU J 206 -55.14 29.34 102.22
C LEU J 206 -55.31 30.37 103.32
N GLN J 207 -54.24 31.08 103.64
CA GLN J 207 -54.30 32.16 104.61
C GLN J 207 -55.05 33.34 104.02
N ASP J 208 -56.23 33.60 104.55
CA ASP J 208 -57.12 34.63 104.02
C ASP J 208 -56.81 35.99 104.61
N LEU J 209 -56.19 36.84 103.82
CA LEU J 209 -55.85 38.19 104.25
C LEU J 209 -56.73 39.25 103.61
N TYR J 210 -57.90 38.83 103.10
CA TYR J 210 -58.85 39.78 102.50
C TYR J 210 -59.22 40.93 103.45
N PRO J 211 -59.98 40.64 104.53
CA PRO J 211 -60.42 41.64 105.49
C PRO J 211 -59.24 42.42 106.10
N VAL J 212 -58.05 41.83 106.09
CA VAL J 212 -56.85 42.52 106.52
C VAL J 212 -56.51 43.63 105.53
N GLU J 213 -56.53 43.30 104.25
CA GLU J 213 -56.30 44.27 103.18
C GLU J 213 -57.38 45.34 103.16
N ALA J 214 -58.63 44.90 103.34
CA ALA J 214 -59.77 45.81 103.35
C ALA J 214 -59.70 46.76 104.54
N ALA J 215 -59.38 46.22 105.70
CA ALA J 215 -59.22 47.01 106.91
C ALA J 215 -58.06 47.96 106.79
N ARG J 216 -57.01 47.54 106.09
CA ARG J 216 -55.84 48.39 105.90
C ARG J 216 -56.17 49.61 105.07
N LEU J 217 -56.89 49.40 103.96
CA LEU J 217 -57.30 50.51 103.11
C LEU J 217 -58.29 51.41 103.85
N ARG J 218 -59.16 50.80 104.64
CA ARG J 218 -60.07 51.56 105.49
C ARG J 218 -59.30 52.41 106.49
N ALA J 219 -58.32 51.81 107.17
CA ALA J 219 -57.51 52.51 108.16
C ALA J 219 -56.72 53.63 107.52
N LEU J 220 -56.13 53.33 106.36
CA LEU J 220 -55.34 54.33 105.63
C LEU J 220 -56.18 55.54 105.28
N ASP J 221 -57.42 55.30 104.85
CA ASP J 221 -58.35 56.39 104.60
C ASP J 221 -58.73 57.11 105.89
N ASP J 222 -58.96 56.36 106.95
CA ASP J 222 -59.36 56.94 108.23
C ASP J 222 -58.22 57.73 108.88
N HIS J 223 -56.99 57.47 108.45
CA HIS J 223 -55.84 58.20 108.97
C HIS J 223 -55.86 59.67 108.57
N ASP J 224 -56.42 59.96 107.39
CA ASP J 224 -56.40 61.32 106.87
C ASP J 224 -57.65 61.65 106.06
N ALA J 225 -58.73 60.91 106.31
CA ALA J 225 -59.98 61.12 105.58
C ALA J 225 -59.76 61.10 104.07
N GLY J 226 -58.98 60.13 103.61
CA GLY J 226 -58.62 60.04 102.21
C GLY J 226 -59.61 59.21 101.41
N THR J 227 -59.36 59.08 100.12
CA THR J 227 -60.27 58.37 99.23
C THR J 227 -59.57 57.26 98.45
N ARG J 228 -58.76 56.47 99.15
CA ARG J 228 -58.05 55.35 98.54
C ARG J 228 -59.03 54.29 98.08
N ARG J 229 -60.04 54.01 98.91
CA ARG J 229 -61.04 53.01 98.59
C ARG J 229 -61.98 53.50 97.49
N ARG J 230 -62.17 54.81 97.39
CA ARG J 230 -62.98 55.38 96.33
C ARG J 230 -62.32 55.16 94.98
N LEU J 231 -61.00 55.36 94.93
CA LEU J 231 -60.22 55.06 93.75
C LEU J 231 -60.35 53.58 93.37
N LEU J 232 -60.23 52.70 94.37
CA LEU J 232 -60.41 51.27 94.15
C LEU J 232 -61.78 50.96 93.57
N LEU J 233 -62.82 51.57 94.14
CA LEU J 233 -64.18 51.37 93.66
C LEU J 233 -64.34 51.82 92.21
N LEU J 234 -63.72 52.95 91.87
CA LEU J 234 -63.71 53.43 90.50
C LEU J 234 -63.02 52.43 89.59
N LEU J 235 -61.86 51.95 90.02
CA LEU J 235 -61.08 50.99 89.24
C LEU J 235 -61.83 49.69 89.02
N CYS J 236 -62.59 49.27 90.04
CA CYS J 236 -63.39 48.06 89.94
C CYS J 236 -64.41 48.18 88.82
N ALA J 237 -65.12 49.30 88.79
CA ALA J 237 -66.11 49.56 87.75
C ALA J 237 -65.45 49.69 86.39
N VAL J 238 -64.24 50.26 86.34
CA VAL J 238 -63.48 50.35 85.10
C VAL J 238 -63.19 48.97 84.54
N CYS J 239 -62.80 48.05 85.42
CA CYS J 239 -62.56 46.67 85.01
C CYS J 239 -63.85 45.98 84.58
N ARG J 240 -64.95 46.27 85.28
CA ARG J 240 -66.24 45.72 84.89
C ARG J 240 -66.66 46.20 83.50
N GLY J 241 -66.33 47.44 83.18
CA GLY J 241 -66.69 48.02 81.90
C GLY J 241 -65.57 47.95 80.84
N CYS J 242 -64.57 47.10 81.09
CA CYS J 242 -63.46 46.98 80.14
C CYS J 242 -62.97 45.55 80.03
N SER J 243 -63.26 44.91 78.90
CA SER J 243 -62.94 43.51 78.69
C SER J 243 -61.43 43.26 78.66
N ALA J 244 -60.66 44.29 78.32
CA ALA J 244 -59.20 44.21 78.35
C ALA J 244 -58.70 43.94 79.76
N LEU J 245 -59.47 44.37 80.76
CA LEU J 245 -59.07 44.22 82.14
C LEU J 245 -59.74 43.03 82.81
N GLY J 246 -60.30 42.13 82.00
CA GLY J 246 -60.97 40.95 82.52
C GLY J 246 -60.02 40.02 83.29
N GLN J 247 -58.72 40.15 83.04
CA GLN J 247 -57.72 39.35 83.74
C GLN J 247 -57.30 39.98 85.07
N LEU J 248 -57.72 41.22 85.31
CA LEU J 248 -57.38 41.92 86.54
C LEU J 248 -58.61 42.10 87.41
N GLY J 249 -58.69 41.32 88.49
CA GLY J 249 -59.87 41.32 89.32
C GLY J 249 -59.72 42.28 90.50
N ARG J 250 -60.62 42.15 91.47
CA ARG J 250 -60.59 42.98 92.66
C ARG J 250 -59.29 42.80 93.43
N GLY J 251 -58.81 41.56 93.50
CA GLY J 251 -57.55 41.26 94.18
C GLY J 251 -56.39 41.98 93.52
N HIS J 252 -56.36 42.01 92.19
CA HIS J 252 -55.30 42.67 91.45
C HIS J 252 -55.31 44.16 91.73
N LEU J 253 -56.49 44.75 91.72
CA LEU J 253 -56.66 46.16 91.98
C LEU J 253 -56.31 46.49 93.42
N THR J 254 -56.68 45.59 94.33
CA THR J 254 -56.42 45.77 95.74
C THR J 254 -54.93 45.90 96.02
N GLN J 255 -54.12 45.05 95.38
CA GLN J 255 -52.67 45.10 95.58
C GLN J 255 -52.11 46.43 95.11
N VAL J 256 -52.61 46.92 93.97
CA VAL J 256 -52.19 48.20 93.43
C VAL J 256 -52.57 49.35 94.34
N VAL J 257 -53.83 49.35 94.79
CA VAL J 257 -54.33 50.42 95.63
C VAL J 257 -53.70 50.42 97.02
N LEU J 258 -53.35 49.24 97.54
CA LEU J 258 -52.59 49.16 98.78
C LEU J 258 -51.23 49.84 98.65
N ARG J 259 -50.56 49.60 97.51
CA ARG J 259 -49.29 50.27 97.23
C ARG J 259 -49.48 51.77 97.13
N LEU J 260 -50.54 52.18 96.44
CA LEU J 260 -50.86 53.59 96.32
C LEU J 260 -51.20 54.18 97.67
N GLY J 261 -51.96 53.43 98.46
CA GLY J 261 -52.45 53.89 99.74
C GLY J 261 -51.32 54.24 100.68
N GLU J 262 -50.23 53.47 100.60
CA GLU J 262 -49.04 53.77 101.39
C GLU J 262 -48.26 54.93 100.77
N ASP J 263 -48.85 56.12 100.83
CA ASP J 263 -48.22 57.31 100.30
C ASP J 263 -48.86 58.56 100.91
N ASN J 264 -48.25 59.70 100.68
CA ASN J 264 -48.71 60.96 101.25
C ASN J 264 -48.95 61.99 100.16
N VAL J 265 -50.05 61.83 99.44
CA VAL J 265 -50.41 62.72 98.35
C VAL J 265 -51.80 63.30 98.59
N ASP J 266 -52.29 64.09 97.65
CA ASP J 266 -53.64 64.62 97.78
C ASP J 266 -54.65 63.50 97.65
N TRP J 267 -55.24 63.11 98.79
CA TRP J 267 -56.14 61.97 98.86
C TRP J 267 -57.61 62.38 98.84
N THR J 268 -57.90 63.62 98.48
CA THR J 268 -59.28 64.08 98.46
C THR J 268 -59.93 63.77 97.12
N GLU J 269 -61.26 63.92 97.07
CA GLU J 269 -62.02 63.62 95.85
C GLU J 269 -61.61 64.52 94.69
N GLU J 270 -61.10 65.70 95.01
CA GLU J 270 -60.71 66.68 94.00
C GLU J 270 -59.54 66.21 93.15
N ALA J 271 -58.81 65.20 93.62
CA ALA J 271 -57.67 64.68 92.89
C ALA J 271 -57.87 63.22 92.52
N LEU J 272 -59.14 62.82 92.31
CA LEU J 272 -59.43 61.50 91.80
C LEU J 272 -58.78 61.29 90.44
N GLY J 273 -58.88 62.31 89.58
CA GLY J 273 -58.30 62.24 88.25
C GLY J 273 -56.79 62.06 88.30
N GLU J 274 -56.13 62.83 89.17
CA GLU J 274 -54.69 62.72 89.32
C GLU J 274 -54.28 61.32 89.75
N ARG J 275 -54.93 60.84 90.81
CA ARG J 275 -54.59 59.55 91.37
C ARG J 275 -55.05 58.40 90.48
N PHE J 276 -56.08 58.65 89.68
CA PHE J 276 -56.52 57.68 88.68
C PHE J 276 -55.41 57.40 87.70
N LEU J 277 -54.80 58.45 87.17
CA LEU J 277 -53.71 58.31 86.23
C LEU J 277 -52.49 57.70 86.91
N GLN J 278 -52.27 58.05 88.18
CA GLN J 278 -51.19 57.45 88.96
C GLN J 278 -51.40 55.95 89.12
N ALA J 279 -52.65 55.56 89.37
CA ALA J 279 -53.00 54.15 89.49
C ALA J 279 -52.71 53.41 88.21
N LEU J 280 -53.02 54.05 87.08
CA LEU J 280 -52.74 53.47 85.79
C LEU J 280 -51.24 53.31 85.58
N GLU J 281 -50.48 54.33 85.96
CA GLU J 281 -49.02 54.29 85.80
C GLU J 281 -48.39 53.17 86.62
N LEU J 282 -48.83 53.02 87.86
CA LEU J 282 -48.32 51.98 88.74
C LEU J 282 -48.67 50.59 88.21
N LEU J 283 -49.93 50.42 87.83
CA LEU J 283 -50.40 49.15 87.29
C LEU J 283 -49.69 48.80 85.98
N ILE J 284 -49.60 49.77 85.08
CA ILE J 284 -48.92 49.56 83.81
C ILE J 284 -47.46 49.17 84.00
N GLY J 285 -46.78 49.86 84.92
CA GLY J 285 -45.39 49.53 85.22
C GLY J 285 -45.25 48.09 85.69
N SER J 286 -46.16 47.67 86.59
CA SER J 286 -46.17 46.30 87.06
C SER J 286 -46.43 45.33 85.93
N LEU J 287 -47.33 45.71 85.02
CA LEU J 287 -47.63 44.90 83.86
C LEU J 287 -46.43 44.82 82.91
N GLU J 288 -45.72 45.93 82.75
CA GLU J 288 -44.51 45.94 81.93
C GLU J 288 -43.44 45.00 82.49
N GLN J 289 -43.42 44.84 83.82
CA GLN J 289 -42.50 43.90 84.46
C GLN J 289 -43.08 42.49 84.54
N ALA J 290 -44.34 42.32 84.14
CA ALA J 290 -45.08 41.08 84.31
C ALA J 290 -44.99 40.58 85.75
N SER J 291 -45.15 41.50 86.70
CA SER J 291 -44.98 41.17 88.10
C SER J 291 -45.83 42.05 89.00
N LEU J 292 -46.71 41.41 89.77
CA LEU J 292 -47.46 42.09 90.82
C LEU J 292 -47.36 41.35 92.15
N PRO J 293 -46.35 41.68 92.94
CA PRO J 293 -46.17 41.17 94.29
C PRO J 293 -47.26 41.69 95.23
N CYS J 294 -47.98 40.75 95.84
CA CYS J 294 -48.99 41.08 96.83
C CYS J 294 -48.44 41.95 97.94
N HIS J 295 -49.19 42.97 98.32
CA HIS J 295 -48.75 43.93 99.32
C HIS J 295 -48.37 43.27 100.64
N PHE J 296 -49.18 42.28 101.05
CA PHE J 296 -48.94 41.59 102.31
C PHE J 296 -48.15 40.29 102.11
N ASN J 297 -47.65 40.08 100.91
CA ASN J 297 -46.81 38.92 100.62
C ASN J 297 -46.18 39.02 99.23
N PRO J 298 -45.00 39.64 99.14
CA PRO J 298 -44.34 40.01 97.91
C PRO J 298 -43.94 38.80 97.06
N SER J 299 -43.97 37.61 97.65
CA SER J 299 -43.61 36.41 96.90
C SER J 299 -44.76 35.95 96.00
N VAL J 300 -45.94 36.56 96.16
CA VAL J 300 -47.09 36.24 95.33
C VAL J 300 -47.20 37.18 94.15
N ASN J 301 -46.81 36.69 92.98
CA ASN J 301 -46.94 37.44 91.73
C ASN J 301 -48.29 37.20 91.09
N LEU J 302 -49.16 38.20 91.18
CA LEU J 302 -50.53 38.07 90.72
C LEU J 302 -50.65 38.06 89.19
N PHE J 303 -49.55 38.34 88.50
CA PHE J 303 -49.52 38.28 87.04
C PHE J 303 -48.89 37.00 86.54
N SER J 304 -48.46 36.13 87.46
CA SER J 304 -47.75 34.90 87.08
C SER J 304 -48.67 33.91 86.38
N SER J 305 -49.97 34.05 86.58
CA SER J 305 -50.95 33.18 85.93
C SER J 305 -51.39 33.72 84.57
N LEU J 306 -50.85 34.87 84.17
CA LEU J 306 -51.26 35.50 82.93
C LEU J 306 -50.14 35.44 81.89
N ARG J 307 -50.52 35.41 80.62
CA ARG J 307 -49.56 35.40 79.52
C ARG J 307 -48.85 36.73 79.39
N GLU J 308 -47.52 36.69 79.29
CA GLU J 308 -46.70 37.90 79.24
C GLU J 308 -47.14 38.87 78.15
N GLU J 309 -47.47 38.32 76.98
CA GLU J 309 -47.92 39.13 75.86
C GLU J 309 -49.25 39.81 76.17
N GLU J 310 -50.16 39.07 76.78
CA GLU J 310 -51.45 39.62 77.19
C GLU J 310 -51.27 40.66 78.29
N ILE J 311 -50.34 40.40 79.20
CA ILE J 311 -50.01 41.34 80.25
C ILE J 311 -49.56 42.67 79.67
N ASP J 312 -48.67 42.60 78.69
CA ASP J 312 -48.19 43.80 78.01
C ASP J 312 -49.31 44.51 77.26
N ASP J 313 -50.17 43.72 76.61
CA ASP J 313 -51.31 44.27 75.89
C ASP J 313 -52.26 45.00 76.82
N ILE J 314 -52.44 44.48 78.03
CA ILE J 314 -53.24 45.16 79.03
C ILE J 314 -52.61 46.49 79.40
N GLY J 315 -51.29 46.48 79.58
CA GLY J 315 -50.55 47.70 79.87
C GLY J 315 -50.69 48.71 78.74
N TYR J 316 -50.67 48.23 77.50
CA TYR J 316 -50.84 49.08 76.33
C TYR J 316 -52.25 49.65 76.27
N ALA J 317 -53.24 48.84 76.63
CA ALA J 317 -54.62 49.30 76.69
C ALA J 317 -54.77 50.39 77.75
N LEU J 318 -54.17 50.17 78.91
CA LEU J 318 -54.20 51.14 79.99
C LEU J 318 -53.37 52.37 79.64
N TYR J 319 -52.29 52.18 78.88
CA TYR J 319 -51.48 53.28 78.39
C TYR J 319 -52.30 54.20 77.49
N SER J 320 -53.10 53.61 76.60
CA SER J 320 -54.04 54.40 75.81
C SER J 320 -55.07 55.03 76.72
N GLY J 321 -55.35 54.37 77.85
CA GLY J 321 -56.16 54.95 78.92
C GLY J 321 -55.50 56.20 79.50
N LEU J 322 -54.18 56.17 79.69
CA LEU J 322 -53.45 57.36 80.12
C LEU J 322 -53.55 58.47 79.08
N GLN J 323 -53.46 58.08 77.81
CA GLN J 323 -53.52 59.04 76.71
C GLN J 323 -54.91 59.68 76.61
N GLU J 324 -55.95 58.88 76.82
CA GLU J 324 -57.31 59.38 76.80
C GLU J 324 -58.09 58.93 78.02
N PRO J 325 -57.65 59.36 79.21
CA PRO J 325 -58.24 59.06 80.54
C PRO J 325 -59.73 58.65 80.49
N GLU J 326 -60.56 59.51 79.90
CA GLU J 326 -62.02 59.34 79.94
C GLU J 326 -62.49 58.11 79.13
N GLY J 327 -61.63 57.60 78.26
CA GLY J 327 -61.93 56.44 77.43
C GLY J 327 -62.04 55.14 78.25
N LEU J 328 -61.52 55.16 79.48
CA LEU J 328 -61.67 54.03 80.39
C LEU J 328 -62.97 54.11 81.18
N LEU J 329 -63.69 55.22 81.01
CA LEU J 329 -64.83 55.50 81.84
C LEU J 329 -66.13 55.53 81.04
N MET K 1 0.36 -41.92 -42.45
CA MET K 1 -0.40 -42.20 -41.23
C MET K 1 -0.10 -43.58 -40.69
N GLU K 2 0.39 -43.63 -39.45
CA GLU K 2 0.74 -44.89 -38.80
C GLU K 2 0.66 -44.73 -37.29
N ALA K 3 1.74 -44.24 -36.68
CA ALA K 3 1.74 -43.93 -35.26
C ALA K 3 0.82 -42.76 -34.96
N LEU K 4 0.50 -41.99 -35.99
CA LEU K 4 -0.46 -40.90 -35.87
C LEU K 4 -1.81 -41.39 -35.39
N ILE K 5 -2.14 -42.65 -35.68
CA ILE K 5 -3.43 -43.19 -35.32
C ILE K 5 -3.69 -43.10 -33.81
N PRO K 6 -2.70 -43.43 -32.97
CA PRO K 6 -2.86 -43.39 -31.52
C PRO K 6 -2.45 -42.06 -30.97
N VAL K 7 -1.52 -41.39 -31.63
CA VAL K 7 -1.13 -40.05 -31.24
C VAL K 7 -2.32 -39.12 -31.35
N ILE K 8 -2.98 -39.16 -32.50
CA ILE K 8 -4.14 -38.33 -32.73
C ILE K 8 -5.28 -38.68 -31.80
N ASN K 9 -5.52 -39.96 -31.58
CA ASN K 9 -6.57 -40.39 -30.66
C ASN K 9 -6.35 -39.83 -29.26
N LYS K 10 -5.11 -39.87 -28.80
CA LYS K 10 -4.76 -39.23 -27.53
C LYS K 10 -5.04 -37.74 -27.60
N LEU K 11 -4.73 -37.15 -28.76
CA LEU K 11 -4.96 -35.73 -29.01
C LEU K 11 -6.41 -35.39 -29.35
N GLN K 12 -7.28 -36.38 -29.30
CA GLN K 12 -8.71 -36.10 -29.34
C GLN K 12 -9.20 -35.94 -27.92
N ASP K 13 -8.71 -36.81 -27.05
CA ASP K 13 -9.06 -36.80 -25.64
C ASP K 13 -8.60 -35.53 -24.92
N VAL K 14 -7.55 -34.90 -25.45
CA VAL K 14 -7.10 -33.64 -24.86
C VAL K 14 -8.17 -32.57 -24.98
N PHE K 15 -9.07 -32.73 -25.96
CA PHE K 15 -10.16 -31.80 -26.15
C PHE K 15 -11.40 -32.31 -25.43
N ASN K 16 -11.60 -33.62 -25.50
CA ASN K 16 -12.76 -34.25 -24.89
C ASN K 16 -12.80 -34.00 -23.39
N THR K 17 -11.63 -34.02 -22.76
CA THR K 17 -11.54 -33.90 -21.31
C THR K 17 -11.49 -32.45 -20.84
N VAL K 18 -11.49 -31.50 -21.78
CA VAL K 18 -11.57 -30.09 -21.41
C VAL K 18 -12.83 -29.46 -21.99
N GLY K 19 -13.56 -30.24 -22.80
CA GLY K 19 -14.83 -29.79 -23.36
C GLY K 19 -14.64 -28.90 -24.57
N ALA K 20 -13.52 -29.09 -25.27
CA ALA K 20 -13.21 -28.28 -26.43
C ALA K 20 -13.48 -29.04 -27.71
N ASP K 21 -13.56 -28.31 -28.81
CA ASP K 21 -13.69 -28.93 -30.12
C ASP K 21 -12.34 -29.45 -30.59
N ILE K 22 -12.35 -30.63 -31.20
CA ILE K 22 -11.13 -31.26 -31.66
C ILE K 22 -10.61 -30.60 -32.93
N ILE K 23 -9.31 -30.31 -32.95
CA ILE K 23 -8.68 -29.70 -34.11
C ILE K 23 -9.04 -30.44 -35.38
N GLN K 24 -9.43 -29.69 -36.40
CA GLN K 24 -9.76 -30.27 -37.68
C GLN K 24 -8.55 -30.28 -38.58
N LEU K 25 -8.34 -31.39 -39.27
CA LEU K 25 -7.22 -31.54 -40.19
C LEU K 25 -7.56 -30.88 -41.53
N PRO K 26 -6.59 -30.18 -42.12
CA PRO K 26 -6.77 -29.50 -43.38
C PRO K 26 -7.24 -30.45 -44.47
N GLN K 27 -8.09 -29.96 -45.35
CA GLN K 27 -8.66 -30.75 -46.43
C GLN K 27 -7.60 -31.08 -47.47
N ILE K 28 -7.55 -32.33 -47.89
CA ILE K 28 -6.54 -32.75 -48.85
C ILE K 28 -7.07 -32.65 -50.27
N VAL K 29 -6.56 -31.68 -51.03
CA VAL K 29 -7.10 -31.44 -52.37
C VAL K 29 -6.01 -31.59 -53.44
N VAL K 30 -6.27 -32.46 -54.40
CA VAL K 30 -5.29 -32.71 -55.47
C VAL K 30 -5.67 -32.00 -56.76
N VAL K 31 -4.72 -31.28 -57.33
CA VAL K 31 -4.97 -30.48 -58.54
C VAL K 31 -3.94 -30.76 -59.63
N GLY K 32 -4.29 -30.42 -60.87
CA GLY K 32 -3.37 -30.59 -61.99
C GLY K 32 -4.09 -30.95 -63.29
N THR K 33 -3.33 -31.01 -64.38
CA THR K 33 -3.89 -31.28 -65.69
C THR K 33 -4.28 -32.73 -65.84
N GLN K 34 -5.16 -32.98 -66.80
CA GLN K 34 -5.69 -34.33 -67.06
C GLN K 34 -4.58 -35.34 -67.26
N SER K 35 -4.72 -36.48 -66.58
CA SER K 35 -3.79 -37.59 -66.69
C SER K 35 -2.39 -37.27 -66.17
N SER K 36 -2.29 -36.32 -65.24
CA SER K 36 -1.00 -36.04 -64.59
C SER K 36 -0.66 -37.08 -63.52
N GLY K 37 -1.67 -37.77 -62.99
CA GLY K 37 -1.42 -38.81 -61.99
C GLY K 37 -2.12 -38.52 -60.65
N LYS K 38 -3.11 -37.62 -60.68
CA LYS K 38 -3.76 -37.12 -59.47
C LYS K 38 -4.37 -38.25 -58.61
N SER K 39 -5.26 -39.02 -59.21
CA SER K 39 -5.97 -40.06 -58.46
C SER K 39 -4.98 -41.07 -57.90
N SER K 40 -3.99 -41.44 -58.70
CA SER K 40 -2.93 -42.35 -58.26
C SER K 40 -2.21 -41.86 -57.01
N VAL K 41 -1.95 -40.56 -56.92
CA VAL K 41 -1.34 -40.01 -55.71
C VAL K 41 -2.20 -40.29 -54.49
N LEU K 42 -3.50 -40.04 -54.63
CA LEU K 42 -4.43 -40.33 -53.55
C LEU K 42 -4.50 -41.82 -53.24
N GLU K 43 -4.40 -42.65 -54.27
CA GLU K 43 -4.43 -44.10 -54.08
C GLU K 43 -3.26 -44.57 -53.23
N SER K 44 -2.10 -43.95 -53.42
CA SER K 44 -0.91 -44.30 -52.66
C SER K 44 -1.04 -43.91 -51.18
N LEU K 45 -2.00 -43.05 -50.87
CA LEU K 45 -2.24 -42.62 -49.51
C LEU K 45 -3.27 -43.50 -48.81
N VAL K 46 -3.86 -44.42 -49.56
CA VAL K 46 -4.89 -45.29 -49.02
C VAL K 46 -4.41 -46.73 -48.93
N GLY K 47 -3.88 -47.24 -50.04
CA GLY K 47 -3.45 -48.63 -50.12
C GLY K 47 -4.50 -49.51 -50.79
N ARG K 48 -5.64 -48.92 -51.13
CA ARG K 48 -6.71 -49.63 -51.81
C ARG K 48 -7.05 -48.94 -53.12
N ASP K 49 -7.51 -49.72 -54.08
CA ASP K 49 -7.94 -49.17 -55.36
C ASP K 49 -9.36 -48.63 -55.27
N LEU K 50 -9.51 -47.49 -54.59
CA LEU K 50 -10.84 -46.91 -54.36
C LEU K 50 -11.21 -45.93 -55.44
N LEU K 51 -10.21 -45.39 -56.12
CA LEU K 51 -10.45 -44.40 -57.15
C LEU K 51 -10.34 -45.02 -58.52
N PRO K 52 -11.05 -44.45 -59.47
CA PRO K 52 -10.91 -44.73 -60.87
C PRO K 52 -9.58 -44.20 -61.34
N ARG K 53 -9.02 -44.83 -62.36
CA ARG K 53 -7.69 -44.47 -62.87
C ARG K 53 -7.57 -44.80 -64.34
N GLY K 54 -6.75 -44.05 -65.05
CA GLY K 54 -6.55 -44.33 -66.47
C GLY K 54 -6.06 -43.12 -67.26
N THR K 55 -5.87 -43.32 -68.56
CA THR K 55 -5.34 -42.27 -69.42
C THR K 55 -6.44 -41.35 -69.92
N GLY K 56 -6.03 -40.21 -70.49
CA GLY K 56 -6.96 -39.24 -71.04
C GLY K 56 -7.81 -38.62 -69.94
N ILE K 57 -9.12 -38.80 -70.05
CA ILE K 57 -10.05 -38.30 -69.06
C ILE K 57 -10.70 -39.44 -68.28
N VAL K 58 -10.62 -39.37 -66.95
CA VAL K 58 -11.21 -40.39 -66.07
C VAL K 58 -12.07 -39.77 -64.99
N THR K 59 -11.45 -38.97 -64.13
CA THR K 59 -12.18 -38.26 -63.09
C THR K 59 -12.97 -37.14 -63.72
N ARG K 60 -14.29 -37.22 -63.62
CA ARG K 60 -15.16 -36.28 -64.30
C ARG K 60 -16.21 -35.72 -63.37
N ARG K 61 -15.90 -35.72 -62.08
CA ARG K 61 -16.86 -35.33 -61.07
C ARG K 61 -16.23 -35.44 -59.69
N PRO K 62 -15.70 -34.33 -59.17
CA PRO K 62 -14.98 -34.27 -57.88
C PRO K 62 -15.49 -35.31 -56.88
N LEU K 63 -14.57 -36.03 -56.26
CA LEU K 63 -14.96 -36.95 -55.19
C LEU K 63 -14.64 -36.35 -53.83
N ILE K 64 -15.63 -36.32 -52.96
CA ILE K 64 -15.43 -35.91 -51.58
C ILE K 64 -15.26 -37.13 -50.71
N LEU K 65 -14.02 -37.39 -50.32
CA LEU K 65 -13.71 -38.57 -49.54
C LEU K 65 -13.56 -38.24 -48.07
N GLN K 66 -14.38 -38.88 -47.25
CA GLN K 66 -14.26 -38.71 -45.82
C GLN K 66 -13.74 -39.98 -45.18
N LEU K 67 -12.49 -39.96 -44.79
CA LEU K 67 -11.90 -41.07 -44.05
C LEU K 67 -12.45 -41.05 -42.63
N VAL K 68 -12.84 -42.23 -42.14
CA VAL K 68 -13.52 -42.32 -40.84
C VAL K 68 -12.83 -43.29 -39.89
N HIS K 69 -12.42 -42.78 -38.73
CA HIS K 69 -11.89 -43.61 -37.66
C HIS K 69 -12.99 -44.42 -37.02
N VAL K 70 -12.77 -45.72 -36.87
CA VAL K 70 -13.76 -46.59 -36.23
C VAL K 70 -13.27 -47.09 -34.88
N SER K 71 -14.14 -47.00 -33.89
CA SER K 71 -13.83 -47.45 -32.53
C SER K 71 -13.91 -48.96 -32.40
N GLN K 72 -13.81 -49.45 -31.17
CA GLN K 72 -13.88 -50.88 -30.91
C GLN K 72 -15.33 -51.38 -30.77
N GLU K 73 -16.30 -50.46 -30.97
CA GLU K 73 -17.70 -50.84 -30.91
C GLU K 73 -18.04 -51.82 -32.03
N ALA K 87 -18.36 -56.08 -40.21
CA ALA K 87 -17.52 -55.26 -41.07
C ALA K 87 -16.37 -54.66 -40.28
N GLU K 88 -15.15 -55.05 -40.62
CA GLU K 88 -13.96 -54.45 -40.03
C GLU K 88 -13.65 -53.14 -40.74
N GLU K 89 -13.58 -53.21 -42.06
CA GLU K 89 -13.43 -52.02 -42.87
C GLU K 89 -14.55 -51.96 -43.91
N TRP K 90 -15.08 -50.78 -44.15
CA TRP K 90 -16.17 -50.63 -45.10
C TRP K 90 -16.33 -49.18 -45.56
N GLY K 91 -17.07 -48.95 -46.62
CA GLY K 91 -17.35 -47.60 -47.08
C GLY K 91 -18.83 -47.26 -46.96
N LYS K 92 -19.18 -46.04 -47.37
CA LYS K 92 -20.58 -45.61 -47.37
C LYS K 92 -20.76 -44.37 -48.24
N PHE K 93 -21.66 -44.44 -49.21
CA PHE K 93 -21.93 -43.29 -50.06
C PHE K 93 -23.14 -42.51 -49.59
N LEU K 94 -23.08 -41.21 -49.74
CA LEU K 94 -24.18 -40.33 -49.36
C LEU K 94 -25.46 -40.73 -50.06
N HIS K 95 -25.37 -41.00 -51.35
CA HIS K 95 -26.54 -41.29 -52.16
C HIS K 95 -27.08 -42.72 -51.95
N THR K 96 -26.41 -43.52 -51.12
CA THR K 96 -26.94 -44.82 -50.75
C THR K 96 -27.13 -44.92 -49.25
N LYS K 97 -27.28 -43.76 -48.61
CA LYS K 97 -27.59 -43.71 -47.19
C LYS K 97 -26.62 -44.53 -46.37
N ASN K 98 -27.13 -45.47 -45.58
CA ASN K 98 -26.30 -46.22 -44.65
C ASN K 98 -25.87 -47.57 -45.19
N LYS K 99 -25.91 -47.74 -46.51
CA LYS K 99 -25.37 -48.95 -47.13
C LYS K 99 -23.89 -49.08 -46.82
N LEU K 100 -23.49 -50.24 -46.32
CA LEU K 100 -22.11 -50.47 -45.95
C LEU K 100 -21.39 -51.23 -47.06
N TYR K 101 -20.19 -50.77 -47.40
CA TYR K 101 -19.44 -51.39 -48.49
C TYR K 101 -18.16 -52.02 -47.99
N THR K 102 -18.21 -53.31 -47.68
CA THR K 102 -16.99 -54.05 -47.36
C THR K 102 -16.28 -54.46 -48.63
N ASP K 103 -17.00 -54.41 -49.75
CA ASP K 103 -16.43 -54.60 -51.06
C ASP K 103 -15.90 -53.28 -51.60
N PHE K 104 -14.59 -53.14 -51.61
CA PHE K 104 -13.96 -51.89 -51.97
C PHE K 104 -13.79 -51.73 -53.49
N ASP K 105 -14.12 -52.79 -54.23
CA ASP K 105 -14.18 -52.70 -55.67
C ASP K 105 -15.53 -52.20 -56.09
N GLU K 106 -16.55 -52.58 -55.32
CA GLU K 106 -17.88 -52.03 -55.48
C GLU K 106 -17.86 -50.54 -55.24
N ILE K 107 -17.09 -50.10 -54.25
CA ILE K 107 -16.94 -48.68 -54.00
C ILE K 107 -16.38 -47.94 -55.20
N ARG K 108 -15.25 -48.43 -55.73
CA ARG K 108 -14.67 -47.82 -56.92
C ARG K 108 -15.65 -47.82 -58.08
N GLN K 109 -16.31 -48.96 -58.28
CA GLN K 109 -17.27 -49.10 -59.36
C GLN K 109 -18.50 -48.22 -59.14
N GLU K 110 -18.88 -48.03 -57.89
CA GLU K 110 -20.01 -47.18 -57.57
C GLU K 110 -19.67 -45.73 -57.84
N ILE K 111 -18.43 -45.34 -57.60
CA ILE K 111 -17.96 -44.02 -58.00
C ILE K 111 -18.07 -43.86 -59.50
N GLU K 112 -17.66 -44.88 -60.24
CA GLU K 112 -17.77 -44.89 -61.69
C GLU K 112 -19.21 -44.77 -62.13
N ASN K 113 -20.08 -45.54 -61.48
CA ASN K 113 -21.50 -45.52 -61.80
C ASN K 113 -22.09 -44.16 -61.56
N GLU K 114 -21.84 -43.62 -60.37
CA GLU K 114 -22.40 -42.36 -59.96
C GLU K 114 -21.85 -41.23 -60.80
N THR K 115 -20.57 -41.30 -61.13
CA THR K 115 -19.96 -40.34 -62.05
C THR K 115 -20.73 -40.28 -63.36
N GLU K 116 -21.00 -41.44 -63.93
CA GLU K 116 -21.72 -41.51 -65.20
C GLU K 116 -23.17 -41.04 -65.05
N ARG K 117 -23.76 -41.24 -63.88
CA ARG K 117 -25.14 -40.84 -63.65
C ARG K 117 -25.34 -39.32 -63.79
N ILE K 118 -24.38 -38.53 -63.33
CA ILE K 118 -24.52 -37.07 -63.45
C ILE K 118 -23.58 -36.47 -64.50
N SER K 119 -22.28 -36.75 -64.42
CA SER K 119 -21.34 -36.14 -65.36
C SER K 119 -21.44 -36.78 -66.74
N GLY K 120 -21.83 -38.05 -66.76
CA GLY K 120 -22.03 -38.76 -68.03
C GLY K 120 -20.80 -39.57 -68.41
N ASN K 121 -20.79 -40.09 -69.62
CA ASN K 121 -19.69 -40.90 -70.11
C ASN K 121 -19.23 -40.42 -71.49
N ASN K 122 -19.02 -39.13 -71.60
CA ASN K 122 -18.56 -38.53 -72.85
C ASN K 122 -17.74 -37.29 -72.56
N LYS K 123 -16.73 -37.45 -71.70
CA LYS K 123 -15.83 -36.37 -71.30
C LYS K 123 -16.51 -35.21 -70.54
N GLY K 124 -17.82 -35.33 -70.28
CA GLY K 124 -18.52 -34.29 -69.55
C GLY K 124 -18.13 -34.31 -68.10
N VAL K 125 -18.04 -33.13 -67.50
CA VAL K 125 -17.67 -33.02 -66.10
C VAL K 125 -18.77 -32.38 -65.28
N SER K 126 -19.14 -33.03 -64.18
CA SER K 126 -20.17 -32.51 -63.31
C SER K 126 -19.58 -31.57 -62.27
N PRO K 127 -20.35 -30.56 -61.89
CA PRO K 127 -20.02 -29.69 -60.77
C PRO K 127 -20.51 -30.26 -59.46
N GLU K 128 -21.32 -31.31 -59.54
CA GLU K 128 -21.84 -31.96 -58.36
C GLU K 128 -20.95 -33.10 -57.92
N PRO K 129 -20.12 -32.88 -56.90
CA PRO K 129 -19.22 -33.87 -56.36
C PRO K 129 -19.94 -35.10 -55.79
N ILE K 130 -19.20 -36.19 -55.62
CA ILE K 130 -19.71 -37.41 -55.00
C ILE K 130 -19.20 -37.53 -53.56
N HIS K 131 -20.10 -37.75 -52.60
CA HIS K 131 -19.63 -37.92 -51.23
C HIS K 131 -19.51 -39.39 -50.83
N LEU K 132 -18.33 -39.75 -50.36
CA LEU K 132 -18.01 -41.11 -49.91
C LEU K 132 -17.30 -41.11 -48.59
N LYS K 133 -17.80 -41.89 -47.64
CA LYS K 133 -17.10 -42.14 -46.39
C LYS K 133 -16.39 -43.49 -46.41
N ILE K 134 -15.17 -43.53 -45.90
CA ILE K 134 -14.45 -44.80 -45.74
C ILE K 134 -14.14 -45.07 -44.29
N PHE K 135 -14.52 -46.25 -43.83
CA PHE K 135 -14.43 -46.59 -42.42
C PHE K 135 -13.37 -47.65 -42.15
N SER K 136 -12.59 -47.41 -41.10
CA SER K 136 -11.68 -48.42 -40.58
C SER K 136 -11.21 -48.02 -39.19
N PRO K 137 -10.77 -49.00 -38.42
CA PRO K 137 -10.27 -48.81 -37.06
C PRO K 137 -8.79 -48.52 -37.08
N ASN K 138 -8.18 -48.63 -38.26
CA ASN K 138 -6.79 -48.31 -38.43
C ASN K 138 -6.61 -47.09 -39.31
N VAL K 139 -7.62 -46.22 -39.35
CA VAL K 139 -7.49 -44.94 -40.03
C VAL K 139 -8.00 -43.80 -39.17
N VAL K 140 -7.66 -42.58 -39.55
CA VAL K 140 -8.07 -41.40 -38.80
C VAL K 140 -8.94 -40.48 -39.64
N ASN K 141 -9.90 -39.82 -38.98
CA ASN K 141 -10.79 -38.89 -39.64
C ASN K 141 -10.02 -37.90 -40.52
N LEU K 142 -10.36 -37.85 -41.81
CA LEU K 142 -9.68 -36.95 -42.74
C LEU K 142 -10.50 -36.71 -44.02
N THR K 143 -10.59 -35.45 -44.42
CA THR K 143 -11.33 -35.09 -45.62
C THR K 143 -10.40 -34.90 -46.82
N LEU K 144 -10.69 -35.60 -47.92
CA LEU K 144 -9.88 -35.53 -49.13
C LEU K 144 -10.74 -35.27 -50.37
N VAL K 145 -10.14 -34.63 -51.39
CA VAL K 145 -10.86 -34.32 -52.62
C VAL K 145 -10.10 -34.75 -53.88
N ASP K 146 -10.76 -35.56 -54.72
CA ASP K 146 -10.20 -35.97 -56.01
C ASP K 146 -10.83 -35.19 -57.16
N LEU K 147 -10.07 -34.28 -57.75
CA LEU K 147 -10.62 -33.38 -58.77
C LEU K 147 -10.35 -33.84 -60.20
N PRO K 148 -11.17 -33.37 -61.13
CA PRO K 148 -11.00 -33.57 -62.55
C PRO K 148 -9.81 -32.77 -63.03
N GLY K 149 -9.14 -33.27 -64.06
CA GLY K 149 -7.94 -32.61 -64.56
C GLY K 149 -8.25 -31.32 -65.26
N MET K 150 -7.31 -30.39 -65.19
CA MET K 150 -7.42 -29.14 -65.91
C MET K 150 -7.36 -29.35 -67.42
N THR K 151 -8.17 -28.59 -68.15
CA THR K 151 -8.22 -28.69 -69.59
C THR K 151 -8.17 -27.33 -70.25
N LYS K 152 -8.32 -27.33 -71.56
CA LYS K 152 -8.31 -26.10 -72.36
C LYS K 152 -9.40 -26.16 -73.44
N VAL K 153 -9.59 -27.34 -74.01
CA VAL K 153 -10.55 -27.53 -75.08
C VAL K 153 -11.83 -28.21 -74.58
N PRO K 154 -12.98 -27.68 -74.96
CA PRO K 154 -14.29 -28.24 -74.68
C PRO K 154 -14.56 -29.45 -75.58
N VAL K 155 -14.50 -30.63 -74.98
CA VAL K 155 -14.66 -31.87 -75.74
C VAL K 155 -15.79 -32.72 -75.18
N GLY K 156 -16.40 -33.52 -76.05
CA GLY K 156 -17.49 -34.38 -75.66
C GLY K 156 -18.69 -33.57 -75.19
N ASP K 157 -19.12 -33.81 -73.95
CA ASP K 157 -20.26 -33.10 -73.39
C ASP K 157 -19.84 -31.84 -72.63
N GLN K 158 -18.58 -31.46 -72.74
CA GLN K 158 -18.07 -30.30 -72.03
C GLN K 158 -18.58 -28.99 -72.63
N PRO K 159 -18.70 -27.96 -71.79
CA PRO K 159 -19.12 -26.61 -72.14
C PRO K 159 -17.96 -25.79 -72.64
N LYS K 160 -18.27 -24.71 -73.35
CA LYS K 160 -17.24 -23.81 -73.87
C LYS K 160 -16.28 -23.35 -72.78
N ASP K 161 -16.81 -23.13 -71.59
CA ASP K 161 -16.02 -22.67 -70.47
C ASP K 161 -15.73 -23.78 -69.47
N ILE K 162 -15.65 -25.02 -69.95
CA ILE K 162 -15.31 -26.16 -69.09
C ILE K 162 -13.99 -25.97 -68.36
N GLU K 163 -13.04 -25.30 -69.00
CA GLU K 163 -11.79 -24.95 -68.35
C GLU K 163 -12.06 -24.14 -67.11
N LEU K 164 -12.91 -23.14 -67.25
CA LEU K 164 -13.26 -22.26 -66.15
C LEU K 164 -14.16 -22.96 -65.14
N GLN K 165 -15.01 -23.86 -65.63
CA GLN K 165 -15.85 -24.65 -64.74
C GLN K 165 -15.00 -25.48 -63.81
N ILE K 166 -14.08 -26.25 -64.39
CA ILE K 166 -13.17 -27.07 -63.61
C ILE K 166 -12.28 -26.21 -62.73
N ARG K 167 -11.83 -25.08 -63.27
CA ARG K 167 -11.08 -24.10 -62.50
C ARG K 167 -11.83 -23.68 -61.24
N GLU K 168 -13.11 -23.35 -61.40
CA GLU K 168 -13.94 -22.97 -60.27
C GLU K 168 -14.21 -24.14 -59.34
N LEU K 169 -14.34 -25.34 -59.91
CA LEU K 169 -14.50 -26.55 -59.11
C LEU K 169 -13.27 -26.81 -58.27
N ILE K 170 -12.10 -26.50 -58.81
CA ILE K 170 -10.87 -26.60 -58.07
C ILE K 170 -10.82 -25.54 -56.97
N LEU K 171 -11.12 -24.30 -57.35
CA LEU K 171 -11.10 -23.15 -56.43
C LEU K 171 -12.06 -23.36 -55.27
N ARG K 172 -13.17 -24.04 -55.53
CA ARG K 172 -14.13 -24.40 -54.50
C ARG K 172 -13.48 -25.04 -53.28
N PHE K 173 -12.36 -25.74 -53.48
CA PHE K 173 -11.73 -26.44 -52.37
C PHE K 173 -10.39 -25.81 -51.99
N ILE K 174 -9.59 -25.43 -52.99
CA ILE K 174 -8.24 -24.94 -52.70
C ILE K 174 -8.25 -23.53 -52.15
N SER K 175 -9.38 -22.82 -52.33
CA SER K 175 -9.53 -21.49 -51.77
C SER K 175 -9.60 -21.49 -50.25
N ASN K 176 -9.78 -22.66 -49.64
CA ASN K 176 -9.82 -22.77 -48.19
C ASN K 176 -8.40 -22.88 -47.61
N PRO K 177 -7.89 -21.81 -46.98
CA PRO K 177 -6.67 -21.79 -46.14
C PRO K 177 -6.44 -23.11 -45.42
N ASN K 178 -7.49 -23.69 -44.84
CA ASN K 178 -7.37 -24.93 -44.09
C ASN K 178 -7.40 -26.14 -45.03
N SER K 179 -6.36 -26.27 -45.84
CA SER K 179 -6.26 -27.35 -46.79
C SER K 179 -4.82 -27.57 -47.22
N ILE K 180 -4.57 -28.73 -47.79
CA ILE K 180 -3.28 -29.02 -48.39
C ILE K 180 -3.45 -29.23 -49.88
N ILE K 181 -2.81 -28.39 -50.66
CA ILE K 181 -2.95 -28.42 -52.10
C ILE K 181 -1.82 -29.23 -52.71
N LEU K 182 -2.17 -30.33 -53.35
CA LEU K 182 -1.16 -31.18 -53.97
C LEU K 182 -1.08 -30.94 -55.46
N ALA K 183 -0.05 -30.22 -55.87
CA ALA K 183 0.09 -29.79 -57.25
C ALA K 183 0.70 -30.89 -58.11
N VAL K 184 -0.14 -31.83 -58.52
CA VAL K 184 0.32 -33.01 -59.25
C VAL K 184 0.47 -32.78 -60.75
N THR K 185 1.71 -32.75 -61.22
CA THR K 185 2.02 -32.56 -62.63
C THR K 185 3.07 -33.59 -63.10
N ALA K 186 2.89 -34.07 -64.33
CA ALA K 186 3.74 -35.13 -64.87
C ALA K 186 5.16 -34.63 -65.17
N ALA K 187 6.14 -35.50 -64.92
CA ALA K 187 7.56 -35.20 -65.08
C ALA K 187 7.96 -34.95 -66.51
N ASN K 188 7.26 -35.58 -67.45
CA ASN K 188 7.58 -35.43 -68.85
C ASN K 188 6.91 -34.21 -69.47
N THR K 189 6.24 -33.41 -68.64
CA THR K 189 5.73 -32.13 -69.08
C THR K 189 6.54 -31.01 -68.44
N ASP K 190 6.32 -29.79 -68.89
CA ASP K 190 7.07 -28.66 -68.35
C ASP K 190 6.49 -28.20 -67.04
N MET K 191 7.20 -28.50 -65.95
CA MET K 191 6.77 -28.15 -64.61
C MET K 191 6.60 -26.65 -64.44
N ALA K 192 7.35 -25.87 -65.22
CA ALA K 192 7.28 -24.41 -65.13
C ALA K 192 5.93 -23.88 -65.58
N THR K 193 5.17 -24.70 -66.30
CA THR K 193 3.84 -24.32 -66.77
C THR K 193 2.76 -25.10 -66.04
N SER K 194 3.13 -25.75 -64.94
CA SER K 194 2.20 -26.56 -64.17
C SER K 194 0.92 -25.83 -63.86
N GLU K 195 -0.18 -26.27 -64.48
CA GLU K 195 -1.49 -25.69 -64.22
C GLU K 195 -1.90 -25.91 -62.78
N ALA K 196 -1.43 -27.02 -62.21
CA ALA K 196 -1.63 -27.32 -60.82
C ALA K 196 -1.17 -26.18 -59.94
N LEU K 197 0.08 -25.78 -60.14
CA LEU K 197 0.65 -24.66 -59.41
C LEU K 197 0.05 -23.33 -59.84
N LYS K 198 -0.22 -23.18 -61.14
CA LYS K 198 -0.78 -21.93 -61.66
C LYS K 198 -2.10 -21.57 -60.99
N ILE K 199 -2.98 -22.56 -60.85
CA ILE K 199 -4.24 -22.32 -60.14
C ILE K 199 -4.05 -22.26 -58.64
N SER K 200 -3.07 -22.99 -58.12
CA SER K 200 -2.77 -22.94 -56.69
C SER K 200 -2.39 -21.52 -56.26
N ARG K 201 -1.65 -20.83 -57.12
CA ARG K 201 -1.21 -19.48 -56.83
C ARG K 201 -2.37 -18.47 -56.77
N GLU K 202 -3.52 -18.85 -57.31
CA GLU K 202 -4.70 -17.98 -57.27
C GLU K 202 -5.27 -17.87 -55.87
N VAL K 203 -5.07 -18.91 -55.07
CA VAL K 203 -5.59 -18.96 -53.72
C VAL K 203 -4.47 -19.04 -52.71
N ASP K 204 -3.27 -19.34 -53.20
CA ASP K 204 -2.10 -19.50 -52.37
C ASP K 204 -0.86 -19.10 -53.15
N PRO K 205 -0.81 -17.82 -53.55
CA PRO K 205 0.23 -17.20 -54.36
C PRO K 205 1.65 -17.42 -53.80
N ASP K 206 1.74 -17.67 -52.49
CA ASP K 206 3.03 -17.85 -51.85
C ASP K 206 3.38 -19.32 -51.66
N GLY K 207 2.39 -20.21 -51.83
CA GLY K 207 2.62 -21.65 -51.78
C GLY K 207 2.68 -22.17 -50.34
N ARG K 208 2.09 -21.43 -49.40
CA ARG K 208 2.20 -21.75 -47.98
C ARG K 208 1.54 -23.07 -47.61
N ARG K 209 0.54 -23.47 -48.40
CA ARG K 209 -0.15 -24.72 -48.15
C ARG K 209 -0.22 -25.53 -49.43
N THR K 210 0.74 -25.29 -50.33
CA THR K 210 0.79 -26.00 -51.59
C THR K 210 2.08 -26.79 -51.71
N LEU K 211 1.96 -28.07 -52.02
CA LEU K 211 3.10 -28.94 -52.21
C LEU K 211 3.23 -29.34 -53.66
N ALA K 212 4.41 -29.16 -54.24
CA ALA K 212 4.62 -29.50 -55.63
C ALA K 212 4.92 -30.99 -55.77
N VAL K 213 4.18 -31.65 -56.66
CA VAL K 213 4.33 -33.09 -56.88
C VAL K 213 4.68 -33.40 -58.32
N ILE K 214 5.78 -34.10 -58.53
CA ILE K 214 6.19 -34.46 -59.88
C ILE K 214 6.08 -35.95 -60.12
N THR K 215 5.08 -36.36 -60.88
CA THR K 215 4.82 -37.79 -61.09
C THR K 215 5.40 -38.25 -62.39
N LYS K 216 5.36 -39.56 -62.63
CA LYS K 216 5.87 -40.12 -63.88
C LYS K 216 7.32 -39.75 -64.13
N LEU K 217 8.15 -39.73 -63.07
CA LEU K 217 9.58 -39.51 -63.24
C LEU K 217 10.17 -40.59 -64.14
N ASP K 218 9.63 -41.80 -64.05
CA ASP K 218 10.08 -42.91 -64.87
C ASP K 218 9.77 -42.69 -66.36
N LEU K 219 8.86 -41.75 -66.66
CA LEU K 219 8.52 -41.40 -68.02
C LEU K 219 9.15 -40.07 -68.43
N MET K 220 9.98 -39.50 -67.56
CA MET K 220 10.58 -38.19 -67.85
C MET K 220 11.39 -38.25 -69.13
N ASP K 221 11.33 -37.17 -69.90
CA ASP K 221 12.02 -37.12 -71.18
C ASP K 221 13.51 -37.38 -70.99
N ALA K 222 13.99 -38.44 -71.65
CA ALA K 222 15.37 -38.86 -71.48
C ALA K 222 16.34 -37.78 -71.90
N GLY K 223 17.34 -37.54 -71.07
CA GLY K 223 18.33 -36.51 -71.33
C GLY K 223 18.05 -35.23 -70.54
N THR K 224 16.82 -35.10 -70.05
CA THR K 224 16.44 -33.93 -69.26
C THR K 224 16.29 -34.30 -67.79
N ASP K 225 16.07 -33.29 -66.96
CA ASP K 225 15.85 -33.52 -65.53
C ASP K 225 14.97 -32.44 -64.93
N ALA K 226 14.59 -32.65 -63.67
CA ALA K 226 13.83 -31.66 -62.93
C ALA K 226 14.55 -31.26 -61.67
N MET K 227 15.89 -31.33 -61.70
CA MET K 227 16.68 -31.03 -60.52
C MET K 227 16.51 -29.59 -60.11
N ASP K 228 16.46 -28.71 -61.10
CA ASP K 228 16.29 -27.30 -60.85
C ASP K 228 14.91 -26.99 -60.28
N VAL K 229 13.91 -27.73 -60.73
CA VAL K 229 12.58 -27.62 -60.16
C VAL K 229 12.56 -28.16 -58.73
N LEU K 230 13.13 -29.35 -58.56
CA LEU K 230 13.20 -30.02 -57.27
C LEU K 230 13.98 -29.20 -56.24
N MET K 231 15.02 -28.51 -56.70
CA MET K 231 15.86 -27.72 -55.81
C MET K 231 15.37 -26.29 -55.64
N GLY K 232 14.23 -25.95 -56.26
CA GLY K 232 13.63 -24.65 -56.08
C GLY K 232 14.28 -23.57 -56.96
N ARG K 233 15.12 -24.00 -57.90
CA ARG K 233 15.80 -23.06 -58.78
C ARG K 233 14.84 -22.51 -59.82
N VAL K 234 13.87 -23.32 -60.24
CA VAL K 234 12.84 -22.88 -61.15
C VAL K 234 11.57 -22.53 -60.39
N ILE K 235 11.13 -23.44 -59.53
CA ILE K 235 9.89 -23.24 -58.79
C ILE K 235 10.11 -23.29 -57.28
N PRO K 236 10.00 -22.14 -56.62
CA PRO K 236 10.09 -22.04 -55.16
C PRO K 236 8.77 -22.43 -54.51
N VAL K 237 8.82 -23.41 -53.60
CA VAL K 237 7.63 -23.91 -52.93
C VAL K 237 7.86 -24.00 -51.42
N LYS K 238 6.94 -23.43 -50.64
CA LYS K 238 7.11 -23.37 -49.18
C LYS K 238 7.11 -24.76 -48.56
N LEU K 239 6.37 -25.70 -49.15
CA LEU K 239 6.33 -27.05 -48.65
C LEU K 239 7.32 -27.97 -49.37
N GLY K 240 8.12 -27.40 -50.27
CA GLY K 240 9.12 -28.16 -51.00
C GLY K 240 8.57 -28.81 -52.26
N ILE K 241 9.43 -29.51 -52.98
CA ILE K 241 9.05 -30.21 -54.21
C ILE K 241 9.45 -31.67 -54.14
N ILE K 242 8.49 -32.57 -54.30
CA ILE K 242 8.75 -34.00 -54.20
C ILE K 242 8.27 -34.76 -55.43
N GLY K 243 9.16 -35.56 -56.01
CA GLY K 243 8.83 -36.34 -57.21
C GLY K 243 8.18 -37.68 -56.87
N VAL K 244 7.56 -38.31 -57.86
CA VAL K 244 6.83 -39.56 -57.67
C VAL K 244 7.04 -40.55 -58.83
N VAL K 245 7.19 -41.82 -58.50
CA VAL K 245 7.15 -42.92 -59.48
C VAL K 245 6.00 -43.86 -59.16
N ASN K 246 5.24 -44.25 -60.18
CA ASN K 246 4.05 -45.06 -59.97
C ASN K 246 3.76 -45.95 -61.17
N ARG K 247 2.68 -46.73 -61.06
CA ARG K 247 2.32 -47.71 -62.07
C ARG K 247 1.75 -47.10 -63.35
N SER K 248 2.18 -47.62 -64.49
CA SER K 248 1.58 -47.27 -65.77
C SER K 248 0.32 -48.08 -65.97
N GLN K 249 -0.30 -47.91 -67.14
CA GLN K 249 -1.44 -48.72 -67.55
C GLN K 249 -1.13 -50.19 -67.46
N LEU K 250 0.08 -50.55 -67.79
CA LEU K 250 0.46 -51.94 -67.87
C LEU K 250 0.75 -52.46 -66.49
N ASP K 251 1.33 -51.62 -65.66
CA ASP K 251 1.75 -52.05 -64.35
C ASP K 251 0.55 -52.15 -63.41
N ILE K 252 -0.46 -51.32 -63.65
CA ILE K 252 -1.73 -51.47 -62.95
C ILE K 252 -2.42 -52.74 -63.38
N ASN K 253 -2.47 -52.97 -64.69
CA ASN K 253 -3.11 -54.15 -65.24
C ASN K 253 -2.31 -55.42 -64.96
N ASN K 254 -1.01 -55.27 -64.71
CA ASN K 254 -0.18 -56.40 -64.33
C ASN K 254 -0.09 -56.56 -62.81
N LYS K 255 -0.87 -55.74 -62.09
CA LYS K 255 -0.93 -55.82 -60.64
C LYS K 255 0.44 -55.75 -59.98
N LYS K 256 1.27 -54.82 -60.46
CA LYS K 256 2.55 -54.57 -59.81
C LYS K 256 2.34 -54.24 -58.36
N SER K 257 3.03 -54.94 -57.47
CA SER K 257 2.84 -54.74 -56.05
C SER K 257 3.50 -53.47 -55.59
N VAL K 258 3.19 -53.07 -54.37
CA VAL K 258 3.80 -51.89 -53.79
C VAL K 258 5.29 -52.08 -53.66
N THR K 259 5.70 -53.26 -53.23
CA THR K 259 7.12 -53.59 -53.11
C THR K 259 7.82 -53.48 -54.45
N ASP K 260 7.17 -53.98 -55.50
CA ASP K 260 7.71 -53.87 -56.84
C ASP K 260 7.82 -52.41 -57.26
N SER K 261 6.79 -51.63 -56.95
CA SER K 261 6.78 -50.21 -57.25
C SER K 261 7.89 -49.49 -56.51
N ILE K 262 8.11 -49.86 -55.26
CA ILE K 262 9.18 -49.31 -54.45
C ILE K 262 10.53 -49.63 -55.04
N ARG K 263 10.73 -50.88 -55.43
CA ARG K 263 11.98 -51.31 -56.02
C ARG K 263 12.30 -50.52 -57.28
N ASP K 264 11.30 -50.35 -58.14
CA ASP K 264 11.48 -49.62 -59.37
C ASP K 264 11.70 -48.14 -59.11
N GLU K 265 10.92 -47.59 -58.19
CA GLU K 265 11.05 -46.20 -57.78
C GLU K 265 12.42 -45.94 -57.22
N TYR K 266 12.80 -46.72 -56.23
CA TYR K 266 14.07 -46.57 -55.54
C TYR K 266 15.23 -46.69 -56.50
N ALA K 267 15.25 -47.78 -57.26
CA ALA K 267 16.34 -48.02 -58.19
C ALA K 267 16.42 -46.93 -59.23
N PHE K 268 15.26 -46.52 -59.75
CA PHE K 268 15.22 -45.44 -60.72
C PHE K 268 15.79 -44.17 -60.14
N LEU K 269 15.29 -43.79 -58.96
CA LEU K 269 15.68 -42.55 -58.34
C LEU K 269 17.13 -42.53 -57.95
N GLN K 270 17.63 -43.66 -57.46
CA GLN K 270 19.04 -43.77 -57.14
C GLN K 270 19.90 -43.61 -58.38
N LYS K 271 19.40 -44.10 -59.51
CA LYS K 271 20.08 -43.95 -60.78
C LYS K 271 19.83 -42.58 -61.40
N LYS K 272 18.71 -41.95 -61.06
CA LYS K 272 18.34 -40.68 -61.66
C LYS K 272 18.83 -39.50 -60.83
N TYR K 273 18.36 -39.42 -59.59
CA TYR K 273 18.82 -38.37 -58.68
C TYR K 273 19.29 -38.94 -57.36
N PRO K 274 20.32 -39.77 -57.38
CA PRO K 274 20.97 -40.33 -56.17
C PRO K 274 20.69 -39.50 -54.89
N SER K 275 21.01 -38.20 -54.95
CA SER K 275 20.95 -37.33 -53.78
C SER K 275 19.53 -36.87 -53.45
N LEU K 276 18.68 -36.78 -54.46
CA LEU K 276 17.29 -36.36 -54.24
C LEU K 276 16.38 -37.57 -54.12
N ALA K 277 16.94 -38.76 -54.39
CA ALA K 277 16.20 -40.00 -54.38
C ALA K 277 15.54 -40.26 -53.04
N ASN K 278 16.21 -39.85 -51.97
CA ASN K 278 15.71 -40.08 -50.63
C ASN K 278 14.75 -38.98 -50.18
N ARG K 279 14.48 -38.02 -51.08
CA ARG K 279 13.45 -37.03 -50.86
C ARG K 279 12.25 -37.32 -51.75
N ASN K 280 12.51 -37.88 -52.92
CA ASN K 280 11.45 -38.22 -53.86
C ASN K 280 10.71 -39.48 -53.41
N GLY K 281 11.47 -40.49 -52.98
CA GLY K 281 10.94 -41.68 -52.31
C GLY K 281 9.57 -41.43 -51.67
N THR K 282 8.51 -41.95 -52.29
CA THR K 282 7.14 -41.82 -51.77
C THR K 282 7.03 -41.96 -50.25
N LYS K 283 7.84 -42.85 -49.66
CA LYS K 283 7.86 -43.00 -48.22
C LYS K 283 8.25 -41.69 -47.53
N TYR K 284 9.27 -41.01 -48.08
CA TYR K 284 9.67 -39.70 -47.60
C TYR K 284 8.51 -38.73 -47.65
N LEU K 285 7.79 -38.75 -48.77
CA LEU K 285 6.61 -37.92 -48.94
C LEU K 285 5.57 -38.21 -47.87
N ALA K 286 5.28 -39.48 -47.67
CA ALA K 286 4.29 -39.88 -46.67
C ALA K 286 4.69 -39.41 -45.29
N ARG K 287 5.98 -39.53 -44.96
CA ARG K 287 6.49 -39.06 -43.69
C ARG K 287 6.41 -37.55 -43.60
N THR K 288 6.68 -36.89 -44.73
CA THR K 288 6.58 -35.44 -44.81
C THR K 288 5.16 -35.00 -44.55
N LEU K 289 4.21 -35.69 -45.16
CA LEU K 289 2.81 -35.39 -44.96
C LEU K 289 2.40 -35.60 -43.53
N ASN K 290 2.93 -36.65 -42.91
CA ASN K 290 2.72 -36.89 -41.50
C ASN K 290 3.24 -35.73 -40.68
N ARG K 291 4.43 -35.26 -41.02
CA ARG K 291 5.05 -34.13 -40.34
C ARG K 291 4.20 -32.88 -40.50
N LEU K 292 3.67 -32.67 -41.71
CA LEU K 292 2.84 -31.51 -41.96
C LEU K 292 1.60 -31.51 -41.09
N LEU K 293 1.03 -32.69 -40.89
CA LEU K 293 -0.10 -32.85 -39.99
C LEU K 293 0.32 -32.62 -38.55
N MET K 294 1.51 -33.09 -38.20
CA MET K 294 2.04 -32.86 -36.87
C MET K 294 2.26 -31.40 -36.62
N HIS K 295 2.72 -30.67 -37.64
CA HIS K 295 2.89 -29.25 -37.55
C HIS K 295 1.55 -28.56 -37.39
N HIS K 296 0.58 -29.01 -38.18
CA HIS K 296 -0.79 -28.53 -38.09
C HIS K 296 -1.32 -28.69 -36.67
N ILE K 297 -1.02 -29.83 -36.06
CA ILE K 297 -1.36 -30.08 -34.67
C ILE K 297 -0.64 -29.12 -33.74
N ARG K 298 0.67 -29.01 -33.92
CA ARG K 298 1.52 -28.20 -33.05
C ARG K 298 1.05 -26.77 -32.99
N ASP K 299 0.55 -26.27 -34.11
CA ASP K 299 0.08 -24.90 -34.21
C ASP K 299 -0.93 -24.51 -33.13
N CYS K 300 -1.74 -25.46 -32.66
CA CYS K 300 -2.83 -25.13 -31.76
C CYS K 300 -2.65 -25.73 -30.36
N LEU K 301 -1.45 -26.21 -30.06
CA LEU K 301 -1.21 -26.82 -28.76
C LEU K 301 -1.14 -25.77 -27.65
N PRO K 302 -0.69 -24.57 -27.98
CA PRO K 302 -0.72 -23.44 -27.06
C PRO K 302 -2.14 -22.98 -26.77
N GLU K 303 -3.02 -23.12 -27.76
CA GLU K 303 -4.42 -22.79 -27.58
C GLU K 303 -5.06 -23.80 -26.64
N LEU K 304 -4.69 -25.05 -26.82
CA LEU K 304 -5.10 -26.12 -25.92
C LEU K 304 -4.63 -25.85 -24.50
N LYS K 305 -3.35 -25.52 -24.35
CA LYS K 305 -2.77 -25.20 -23.06
C LYS K 305 -3.41 -23.95 -22.45
N THR K 306 -3.73 -22.98 -23.29
CA THR K 306 -4.40 -21.77 -22.85
C THR K 306 -5.73 -22.08 -22.19
N ARG K 307 -6.52 -22.95 -22.82
CA ARG K 307 -7.79 -23.37 -22.26
C ARG K 307 -7.59 -24.05 -20.91
N ILE K 308 -6.57 -24.91 -20.83
CA ILE K 308 -6.25 -25.58 -19.58
C ILE K 308 -6.00 -24.57 -18.46
N ASN K 309 -5.28 -23.51 -18.80
CA ASN K 309 -4.99 -22.44 -17.84
C ASN K 309 -6.25 -21.69 -17.43
N VAL K 310 -7.09 -21.36 -18.42
CA VAL K 310 -8.33 -20.66 -18.18
C VAL K 310 -9.25 -21.44 -17.27
N LEU K 311 -9.38 -22.72 -17.56
CA LEU K 311 -10.24 -23.59 -16.79
C LEU K 311 -9.77 -23.69 -15.35
N ALA K 312 -8.45 -23.74 -15.16
CA ALA K 312 -7.87 -23.85 -13.83
C ALA K 312 -8.25 -22.64 -13.00
N ALA K 313 -8.21 -21.46 -13.59
CA ALA K 313 -8.61 -20.25 -12.91
C ALA K 313 -10.09 -20.32 -12.53
N GLN K 314 -10.90 -20.86 -13.43
CA GLN K 314 -12.33 -21.00 -13.18
C GLN K 314 -12.61 -21.97 -12.05
N TYR K 315 -11.88 -23.08 -12.04
CA TYR K 315 -12.11 -24.10 -11.03
C TYR K 315 -11.61 -23.64 -9.68
N GLN K 316 -10.52 -22.91 -9.67
CA GLN K 316 -10.03 -22.33 -8.43
C GLN K 316 -10.98 -21.27 -7.92
N SER K 317 -11.56 -20.50 -8.83
CA SER K 317 -12.57 -19.51 -8.47
C SER K 317 -13.76 -20.19 -7.81
N LEU K 318 -14.13 -21.36 -8.32
CA LEU K 318 -15.17 -22.17 -7.70
C LEU K 318 -14.73 -22.68 -6.33
N LEU K 319 -13.47 -23.05 -6.21
CA LEU K 319 -12.93 -23.49 -4.93
C LEU K 319 -12.89 -22.32 -3.94
N ASN K 320 -12.72 -21.11 -4.45
CA ASN K 320 -12.72 -19.92 -3.61
C ASN K 320 -14.12 -19.59 -3.09
N SER K 321 -15.14 -20.30 -3.59
CA SER K 321 -16.50 -20.09 -3.13
C SER K 321 -16.73 -20.61 -1.72
N TYR K 322 -15.86 -21.51 -1.27
CA TYR K 322 -15.96 -22.04 0.09
C TYR K 322 -14.70 -21.72 0.87
N GLY K 323 -13.59 -21.55 0.16
CA GLY K 323 -12.33 -21.09 0.76
C GLY K 323 -11.55 -22.23 1.41
N GLU K 324 -12.11 -22.80 2.47
CA GLU K 324 -11.44 -23.87 3.20
C GLU K 324 -12.45 -24.78 3.90
N PRO K 325 -11.99 -25.95 4.33
CA PRO K 325 -12.80 -26.97 4.98
C PRO K 325 -12.72 -26.85 6.49
N VAL K 326 -11.85 -25.95 6.96
CA VAL K 326 -11.71 -25.64 8.38
C VAL K 326 -11.19 -26.80 9.21
N ASP K 327 -9.90 -26.79 9.49
CA ASP K 327 -9.29 -27.78 10.35
C ASP K 327 -8.99 -27.23 11.75
N ASP K 328 -9.42 -26.00 12.01
CA ASP K 328 -9.17 -25.35 13.29
C ASP K 328 -10.31 -25.56 14.27
N LYS K 329 -11.53 -25.55 13.74
CA LYS K 329 -12.75 -25.80 14.51
C LYS K 329 -13.02 -24.75 15.57
N SER K 330 -12.23 -24.76 16.64
CA SER K 330 -12.45 -23.93 17.80
C SER K 330 -12.44 -22.46 17.45
N ALA K 331 -11.29 -21.99 16.97
CA ALA K 331 -11.13 -20.60 16.59
C ALA K 331 -12.15 -20.21 15.54
N THR K 332 -12.38 -21.09 14.59
CA THR K 332 -13.34 -20.85 13.53
C THR K 332 -14.72 -20.60 14.10
N LEU K 333 -15.15 -21.48 14.99
CA LEU K 333 -16.45 -21.35 15.62
C LEU K 333 -16.57 -20.04 16.35
N LEU K 334 -15.56 -19.72 17.13
CA LEU K 334 -15.57 -18.49 17.91
C LEU K 334 -15.64 -17.26 17.02
N GLN K 335 -14.94 -17.31 15.89
CA GLN K 335 -14.97 -16.23 14.93
C GLN K 335 -16.35 -16.08 14.31
N LEU K 336 -16.94 -17.21 13.95
CA LEU K 336 -18.28 -17.20 13.37
C LEU K 336 -19.29 -16.63 14.34
N ILE K 337 -19.18 -17.05 15.59
CA ILE K 337 -20.03 -16.53 16.66
C ILE K 337 -19.80 -15.04 16.86
N THR K 338 -18.53 -14.65 16.93
CA THR K 338 -18.17 -13.27 17.17
C THR K 338 -18.71 -12.36 16.10
N LYS K 339 -18.50 -12.76 14.85
CA LYS K 339 -18.93 -11.96 13.72
C LYS K 339 -20.43 -11.80 13.70
N PHE K 340 -21.15 -12.89 13.96
CA PHE K 340 -22.60 -12.83 14.02
C PHE K 340 -23.07 -11.88 15.08
N ALA K 341 -22.58 -12.08 16.31
CA ALA K 341 -23.02 -11.29 17.44
C ALA K 341 -22.67 -9.83 17.23
N THR K 342 -21.51 -9.59 16.64
CA THR K 342 -21.07 -8.24 16.35
C THR K 342 -22.03 -7.54 15.43
N GLU K 343 -22.31 -8.16 14.29
CA GLU K 343 -23.20 -7.56 13.32
C GLU K 343 -24.64 -7.54 13.79
N TYR K 344 -25.01 -8.51 14.61
CA TYR K 344 -26.31 -8.54 15.24
C TYR K 344 -26.52 -7.29 16.09
N CYS K 345 -25.54 -7.02 16.95
CA CYS K 345 -25.59 -5.85 17.80
C CYS K 345 -25.48 -4.58 16.99
N ASN K 346 -24.67 -4.63 15.93
CA ASN K 346 -24.55 -3.50 15.05
C ASN K 346 -25.85 -3.21 14.34
N THR K 347 -26.59 -4.26 14.00
CA THR K 347 -27.90 -4.12 13.39
C THR K 347 -28.85 -3.40 14.33
N ILE K 348 -28.77 -3.74 15.62
CA ILE K 348 -29.53 -3.04 16.62
C ILE K 348 -29.18 -1.56 16.64
N GLU K 349 -27.89 -1.26 16.57
CA GLU K 349 -27.41 0.11 16.55
C GLU K 349 -27.76 0.82 15.24
N GLY K 350 -27.81 0.07 14.15
CA GLY K 350 -27.93 0.66 12.83
C GLY K 350 -26.55 0.94 12.25
N THR K 351 -25.55 0.27 12.80
CA THR K 351 -24.16 0.48 12.42
C THR K 351 -23.59 -0.75 11.74
N ALA K 352 -24.47 -1.63 11.25
CA ALA K 352 -24.07 -2.86 10.60
C ALA K 352 -23.38 -2.58 9.27
N LYS K 353 -22.52 -3.50 8.85
CA LYS K 353 -21.87 -3.38 7.54
C LYS K 353 -22.89 -3.56 6.44
N TYR K 354 -23.91 -4.37 6.70
CA TYR K 354 -24.93 -4.67 5.72
C TYR K 354 -26.07 -3.68 5.77
N ILE K 355 -25.84 -2.49 5.25
CA ILE K 355 -26.86 -1.45 5.22
C ILE K 355 -27.70 -1.48 3.96
N GLU K 356 -28.16 -2.66 3.57
CA GLU K 356 -29.01 -2.77 2.41
C GLU K 356 -30.25 -1.93 2.57
N THR K 357 -30.50 -1.05 1.60
CA THR K 357 -31.67 -0.20 1.64
C THR K 357 -32.92 -1.02 1.41
N SER K 358 -33.81 -1.01 2.39
CA SER K 358 -35.01 -1.83 2.36
C SER K 358 -36.05 -1.34 3.36
N GLU K 359 -36.94 -2.24 3.75
CA GLU K 359 -37.91 -1.97 4.81
C GLU K 359 -37.21 -1.60 6.10
N LEU K 360 -37.77 -0.63 6.81
CA LEU K 360 -37.21 -0.19 8.07
C LEU K 360 -37.15 -1.34 9.05
N CYS K 361 -35.95 -1.61 9.57
CA CYS K 361 -35.77 -2.73 10.48
C CYS K 361 -34.54 -2.56 11.37
N GLY K 362 -34.43 -3.42 12.38
CA GLY K 362 -33.22 -3.54 13.18
C GLY K 362 -33.13 -2.47 14.26
N GLY K 363 -32.89 -1.24 13.85
CA GLY K 363 -32.66 -0.15 14.78
C GLY K 363 -33.83 0.81 14.84
N ALA K 364 -33.89 1.74 13.89
CA ALA K 364 -34.87 2.82 13.89
C ALA K 364 -36.31 2.30 13.75
N ARG K 365 -36.46 1.04 13.38
CA ARG K 365 -37.77 0.41 13.39
C ARG K 365 -38.30 0.31 14.81
N ILE K 366 -37.41 0.11 15.76
CA ILE K 366 -37.80 0.10 17.16
C ILE K 366 -38.10 1.52 17.63
N CYS K 367 -37.33 2.48 17.13
CA CYS K 367 -37.64 3.90 17.35
C CYS K 367 -39.05 4.20 16.84
N TYR K 368 -39.37 3.69 15.67
CA TYR K 368 -40.71 3.78 15.11
C TYR K 368 -41.73 3.17 16.07
N ILE K 369 -41.44 1.96 16.56
CA ILE K 369 -42.31 1.30 17.52
C ILE K 369 -42.56 2.15 18.75
N PHE K 370 -41.52 2.85 19.21
CA PHE K 370 -41.63 3.63 20.43
C PHE K 370 -42.18 5.03 20.23
N HIS K 371 -42.63 5.34 19.03
CA HIS K 371 -43.14 6.66 18.73
C HIS K 371 -44.35 6.58 17.84
N GLU K 372 -44.14 6.15 16.61
CA GLU K 372 -45.19 6.11 15.62
C GLU K 372 -46.22 5.06 15.98
N THR K 373 -45.79 3.97 16.59
CA THR K 373 -46.72 2.97 17.07
C THR K 373 -47.16 3.27 18.49
N PHE K 374 -46.24 3.12 19.43
CA PHE K 374 -46.54 3.18 20.85
C PHE K 374 -47.04 4.54 21.29
N GLY K 375 -46.29 5.59 20.95
CA GLY K 375 -46.65 6.94 21.37
C GLY K 375 -48.03 7.31 20.86
N ARG K 376 -48.28 7.05 19.58
CA ARG K 376 -49.58 7.32 18.99
C ARG K 376 -50.68 6.47 19.63
N THR K 377 -50.38 5.20 19.86
CA THR K 377 -51.33 4.30 20.49
C THR K 377 -51.83 4.88 21.79
N LEU K 378 -50.91 5.36 22.61
CA LEU K 378 -51.28 5.95 23.88
C LEU K 378 -52.07 7.24 23.68
N GLU K 379 -51.70 8.02 22.68
CA GLU K 379 -52.42 9.26 22.39
C GLU K 379 -53.90 9.01 22.08
N SER K 380 -54.21 7.83 21.54
CA SER K 380 -55.60 7.49 21.24
C SER K 380 -56.40 7.06 22.48
N VAL K 381 -55.73 6.82 23.60
CA VAL K 381 -56.39 6.28 24.77
C VAL K 381 -57.09 7.35 25.60
N ASP K 382 -58.38 7.12 25.86
CA ASP K 382 -59.20 8.03 26.66
C ASP K 382 -59.05 9.50 26.13
N PRO K 383 -58.59 10.50 26.92
CA PRO K 383 -58.48 10.72 28.38
C PRO K 383 -59.82 10.89 29.07
N LEU K 384 -60.89 11.02 28.29
CA LEU K 384 -62.22 11.13 28.85
C LEU K 384 -63.03 9.86 28.67
N GLY K 385 -62.37 8.80 28.24
CA GLY K 385 -63.03 7.52 27.99
C GLY K 385 -63.59 6.94 29.28
N GLY K 386 -64.84 6.48 29.22
CA GLY K 386 -65.49 5.84 30.36
C GLY K 386 -66.17 6.83 31.29
N LEU K 387 -65.94 8.12 31.08
CA LEU K 387 -66.45 9.12 32.02
C LEU K 387 -67.89 9.51 31.71
N ASN K 388 -68.81 8.65 32.08
CA ASN K 388 -70.23 8.98 32.05
C ASN K 388 -70.59 9.77 33.28
N THR K 389 -70.95 11.03 33.09
CA THR K 389 -71.26 11.95 34.18
C THR K 389 -72.17 11.32 35.23
N ILE K 390 -73.20 10.61 34.76
CA ILE K 390 -74.22 10.08 35.65
C ILE K 390 -73.68 8.90 36.43
N ASP K 391 -72.89 8.08 35.77
CA ASP K 391 -72.26 6.95 36.43
C ASP K 391 -71.26 7.41 37.47
N ILE K 392 -70.59 8.53 37.17
CA ILE K 392 -69.68 9.14 38.11
C ILE K 392 -70.39 9.67 39.33
N LEU K 393 -71.54 10.30 39.11
CA LEU K 393 -72.36 10.76 40.21
C LEU K 393 -72.77 9.60 41.12
N THR K 394 -73.08 8.46 40.51
CA THR K 394 -73.32 7.25 41.28
C THR K 394 -72.08 6.82 42.03
N ALA K 395 -70.94 6.85 41.35
CA ALA K 395 -69.68 6.43 41.93
C ALA K 395 -69.31 7.26 43.15
N ILE K 396 -69.52 8.58 43.08
CA ILE K 396 -69.17 9.43 44.21
C ILE K 396 -70.18 9.31 45.35
N ARG K 397 -71.41 8.93 45.03
CA ARG K 397 -72.35 8.55 46.06
C ARG K 397 -71.91 7.28 46.76
N ASN K 398 -71.39 6.34 45.99
CA ASN K 398 -70.81 5.13 46.55
C ASN K 398 -69.58 5.44 47.36
N ALA K 399 -68.77 6.39 46.87
CA ALA K 399 -67.56 6.80 47.57
C ALA K 399 -67.88 7.37 48.94
N THR K 400 -68.98 8.10 49.05
CA THR K 400 -69.46 8.57 50.33
C THR K 400 -69.82 7.41 51.23
N GLY K 401 -70.59 6.47 50.70
CA GLY K 401 -70.97 5.30 51.45
C GLY K 401 -72.08 5.61 52.43
N PRO K 402 -72.23 4.77 53.46
CA PRO K 402 -73.31 4.77 54.44
C PRO K 402 -73.49 6.10 55.19
N ARG K 403 -72.43 6.90 55.26
CA ARG K 403 -72.48 8.18 55.95
C ARG K 403 -73.14 9.25 55.11
N PRO K 404 -73.42 10.40 55.72
CA PRO K 404 -73.76 11.66 55.09
C PRO K 404 -72.48 12.43 54.77
N ALA K 405 -72.57 13.40 53.88
CA ALA K 405 -71.40 14.13 53.43
C ALA K 405 -71.66 15.62 53.34
N LEU K 406 -70.61 16.40 53.58
CA LEU K 406 -70.66 17.85 53.43
C LEU K 406 -70.16 18.26 52.06
N PHE K 407 -69.40 17.36 51.43
CA PHE K 407 -68.82 17.58 50.13
C PHE K 407 -68.36 16.27 49.53
N VAL K 408 -68.14 16.27 48.22
CA VAL K 408 -67.74 15.06 47.52
C VAL K 408 -66.33 14.63 47.90
N PRO K 409 -66.13 13.32 48.08
CA PRO K 409 -64.85 12.71 48.42
C PRO K 409 -63.86 12.82 47.28
N GLU K 410 -62.57 12.87 47.61
CA GLU K 410 -61.52 12.86 46.59
C GLU K 410 -61.44 11.49 45.92
N VAL K 411 -61.98 10.48 46.60
CA VAL K 411 -62.02 9.11 46.09
C VAL K 411 -62.48 9.05 44.65
N SER K 412 -63.62 9.69 44.36
CA SER K 412 -64.01 10.14 43.02
C SER K 412 -62.96 9.81 41.95
N PHE K 413 -62.24 10.85 41.53
CA PHE K 413 -61.23 10.73 40.50
C PHE K 413 -60.11 9.78 40.91
N GLU K 414 -59.89 9.62 42.21
CA GLU K 414 -58.82 8.75 42.65
C GLU K 414 -59.03 7.32 42.17
N LEU K 415 -60.27 6.92 41.95
CA LEU K 415 -60.55 5.60 41.42
C LEU K 415 -60.79 5.64 39.92
N LEU K 416 -61.45 6.68 39.46
CA LEU K 416 -61.82 6.82 38.06
C LEU K 416 -60.58 7.00 37.18
N VAL K 417 -59.61 7.77 37.68
CA VAL K 417 -58.32 7.89 37.03
C VAL K 417 -57.65 6.53 36.91
N LYS K 418 -57.69 5.76 37.99
CA LYS K 418 -57.05 4.46 38.01
C LYS K 418 -57.62 3.54 36.97
N ARG K 419 -58.92 3.59 36.77
CA ARG K 419 -59.56 2.80 35.72
C ARG K 419 -58.96 3.11 34.38
N GLN K 420 -58.77 4.39 34.10
CA GLN K 420 -58.17 4.80 32.85
C GLN K 420 -56.69 4.42 32.78
N ILE K 421 -55.99 4.50 33.92
CA ILE K 421 -54.60 4.08 33.96
C ILE K 421 -54.45 2.60 33.65
N LYS K 422 -55.37 1.80 34.17
CA LYS K 422 -55.35 0.36 33.92
C LYS K 422 -55.44 0.07 32.42
N ARG K 423 -56.16 0.91 31.68
CA ARG K 423 -56.28 0.77 30.25
C ARG K 423 -54.96 1.00 29.52
N LEU K 424 -54.00 1.62 30.19
CA LEU K 424 -52.71 1.93 29.59
C LEU K 424 -51.73 0.75 29.69
N GLU K 425 -52.13 -0.30 30.41
CA GLU K 425 -51.27 -1.46 30.57
C GLU K 425 -51.22 -2.30 29.31
N GLU K 426 -52.39 -2.56 28.75
CA GLU K 426 -52.52 -3.37 27.54
C GLU K 426 -51.56 -2.95 26.42
N PRO K 427 -51.81 -1.81 25.75
CA PRO K 427 -51.00 -1.31 24.65
C PRO K 427 -49.50 -1.23 25.00
N SER K 428 -49.18 -1.03 26.27
CA SER K 428 -47.79 -1.00 26.71
C SER K 428 -47.17 -2.37 26.56
N LEU K 429 -47.91 -3.39 26.96
CA LEU K 429 -47.45 -4.75 26.83
C LEU K 429 -47.40 -5.18 25.37
N ARG K 430 -48.34 -4.67 24.59
CA ARG K 430 -48.34 -4.92 23.15
C ARG K 430 -47.08 -4.37 22.52
N CYS K 431 -46.68 -3.17 22.94
CA CYS K 431 -45.45 -2.56 22.48
C CYS K 431 -44.26 -3.46 22.74
N VAL K 432 -44.18 -4.01 23.95
CA VAL K 432 -43.10 -4.92 24.31
C VAL K 432 -43.06 -6.10 23.36
N GLU K 433 -44.22 -6.68 23.09
CA GLU K 433 -44.33 -7.81 22.20
C GLU K 433 -43.86 -7.46 20.79
N LEU K 434 -44.19 -6.25 20.34
CA LEU K 434 -43.79 -5.79 19.03
C LEU K 434 -42.30 -5.68 18.91
N VAL K 435 -41.65 -5.21 19.98
CA VAL K 435 -40.20 -5.14 20.00
C VAL K 435 -39.60 -6.53 19.97
N HIS K 436 -40.15 -7.43 20.77
CA HIS K 436 -39.70 -8.82 20.80
C HIS K 436 -39.72 -9.41 19.41
N GLU K 437 -40.80 -9.17 18.68
CA GLU K 437 -40.89 -9.57 17.29
C GLU K 437 -39.75 -8.99 16.45
N GLU K 438 -39.53 -7.69 16.60
CA GLU K 438 -38.49 -7.02 15.83
C GLU K 438 -37.10 -7.55 16.17
N MET K 439 -36.89 -7.89 17.43
CA MET K 439 -35.63 -8.46 17.86
C MET K 439 -35.37 -9.79 17.16
N GLN K 440 -36.44 -10.53 16.91
CA GLN K 440 -36.35 -11.75 16.13
C GLN K 440 -36.10 -11.45 14.65
N ARG K 441 -36.72 -10.38 14.16
CA ARG K 441 -36.53 -9.94 12.77
C ARG K 441 -35.09 -9.55 12.48
N ILE K 442 -34.36 -9.11 13.50
CA ILE K 442 -32.94 -8.83 13.34
C ILE K 442 -32.19 -10.07 12.87
N ILE K 443 -32.61 -11.24 13.33
CA ILE K 443 -31.99 -12.49 12.90
C ILE K 443 -32.22 -12.70 11.41
N GLN K 444 -33.45 -12.44 10.98
CA GLN K 444 -33.81 -12.57 9.59
C GLN K 444 -32.96 -11.63 8.74
N HIS K 445 -32.76 -10.42 9.24
CA HIS K 445 -31.88 -9.47 8.61
C HIS K 445 -30.45 -10.00 8.58
N CYS K 446 -30.00 -10.53 9.71
CA CYS K 446 -28.66 -11.07 9.82
C CYS K 446 -28.44 -12.24 8.88
N SER K 447 -29.51 -12.95 8.54
CA SER K 447 -29.40 -14.12 7.67
C SER K 447 -29.14 -13.73 6.20
N ASN K 448 -29.20 -12.43 5.89
CA ASN K 448 -28.96 -11.96 4.53
C ASN K 448 -27.47 -11.89 4.20
N TYR K 449 -26.63 -12.05 5.22
CA TYR K 449 -25.19 -11.97 5.05
C TYR K 449 -24.50 -12.78 6.14
N SER K 450 -23.19 -13.01 5.99
CA SER K 450 -22.42 -13.84 6.95
C SER K 450 -22.79 -15.33 6.87
N THR K 451 -24.10 -15.64 6.90
CA THR K 451 -24.63 -16.97 6.71
C THR K 451 -23.91 -17.79 5.64
N GLN K 452 -23.47 -17.14 4.56
CA GLN K 452 -22.81 -17.86 3.48
C GLN K 452 -21.55 -18.60 3.96
N GLU K 453 -20.94 -18.10 5.03
CA GLU K 453 -19.85 -18.80 5.68
C GLU K 453 -20.40 -19.88 6.59
N LEU K 454 -21.52 -19.56 7.23
CA LEU K 454 -22.22 -20.49 8.10
C LEU K 454 -22.97 -21.56 7.32
N LEU K 455 -23.05 -21.41 6.00
CA LEU K 455 -23.56 -22.48 5.15
C LEU K 455 -22.58 -23.63 5.10
N ARG K 456 -21.33 -23.37 5.49
CA ARG K 456 -20.37 -24.44 5.65
C ARG K 456 -20.60 -25.18 6.95
N PHE K 457 -21.44 -24.65 7.83
CA PHE K 457 -21.81 -25.37 9.04
C PHE K 457 -23.29 -25.18 9.39
N PRO K 458 -24.17 -25.33 8.40
CA PRO K 458 -25.64 -25.14 8.51
C PRO K 458 -26.19 -25.49 9.91
N LYS K 459 -25.77 -26.63 10.45
CA LYS K 459 -26.22 -27.06 11.76
C LYS K 459 -25.91 -26.03 12.82
N LEU K 460 -24.65 -25.59 12.86
CA LEU K 460 -24.26 -24.47 13.69
C LEU K 460 -25.12 -23.26 13.47
N HIS K 461 -25.31 -22.91 12.20
CA HIS K 461 -26.06 -21.71 11.85
C HIS K 461 -27.39 -21.66 12.55
N ASP K 462 -28.13 -22.75 12.46
CA ASP K 462 -29.46 -22.80 13.03
C ASP K 462 -29.42 -22.85 14.55
N ALA K 463 -28.40 -23.53 15.09
CA ALA K 463 -28.21 -23.60 16.53
C ALA K 463 -28.01 -22.22 17.11
N ILE K 464 -27.25 -21.38 16.39
CA ILE K 464 -27.04 -20.00 16.81
C ILE K 464 -28.35 -19.28 16.93
N VAL K 465 -29.17 -19.39 15.89
CA VAL K 465 -30.47 -18.73 15.87
C VAL K 465 -31.32 -19.15 17.04
N GLU K 466 -31.35 -20.44 17.31
CA GLU K 466 -32.14 -20.97 18.41
C GLU K 466 -31.72 -20.34 19.72
N VAL K 467 -30.42 -20.30 19.97
CA VAL K 467 -29.88 -19.74 21.20
C VAL K 467 -30.26 -18.28 21.35
N VAL K 468 -30.19 -17.52 20.27
CA VAL K 468 -30.53 -16.12 20.31
C VAL K 468 -31.96 -15.92 20.78
N THR K 469 -32.88 -16.67 20.20
CA THR K 469 -34.29 -16.48 20.52
C THR K 469 -34.60 -17.01 21.92
N CYS K 470 -33.81 -17.97 22.38
CA CYS K 470 -33.93 -18.42 23.76
C CYS K 470 -33.64 -17.27 24.69
N LEU K 471 -32.53 -16.59 24.45
CA LEU K 471 -32.15 -15.43 25.24
C LEU K 471 -33.22 -14.36 25.22
N LEU K 472 -33.78 -14.10 24.04
CA LEU K 472 -34.83 -13.12 23.91
C LEU K 472 -36.04 -13.49 24.76
N ARG K 473 -36.41 -14.76 24.74
CA ARG K 473 -37.53 -15.24 25.53
C ARG K 473 -37.23 -15.21 27.02
N LYS K 474 -35.97 -15.40 27.38
CA LYS K 474 -35.57 -15.31 28.77
C LYS K 474 -35.76 -13.89 29.33
N ARG K 475 -35.49 -12.89 28.50
CA ARG K 475 -35.58 -11.51 28.92
C ARG K 475 -36.95 -10.90 28.68
N LEU K 476 -37.78 -11.59 27.89
CA LEU K 476 -39.12 -11.12 27.61
C LEU K 476 -39.97 -10.87 28.88
N PRO K 477 -40.35 -11.92 29.62
CA PRO K 477 -41.19 -11.81 30.81
C PRO K 477 -40.61 -10.84 31.84
N VAL K 478 -39.30 -10.69 31.86
CA VAL K 478 -38.66 -9.78 32.78
C VAL K 478 -39.10 -8.36 32.51
N THR K 479 -39.07 -7.97 31.24
CA THR K 479 -39.54 -6.68 30.84
C THR K 479 -41.03 -6.55 31.08
N ASN K 480 -41.77 -7.63 30.80
CA ASN K 480 -43.20 -7.64 31.04
C ASN K 480 -43.53 -7.33 32.49
N GLU K 481 -42.77 -7.93 33.40
CA GLU K 481 -42.96 -7.69 34.81
C GLU K 481 -42.71 -6.25 35.15
N MET K 482 -41.64 -5.69 34.57
CA MET K 482 -41.32 -4.30 34.80
C MET K 482 -42.43 -3.39 34.35
N VAL K 483 -42.90 -3.58 33.13
CA VAL K 483 -43.95 -2.75 32.57
C VAL K 483 -45.23 -2.84 33.38
N HIS K 484 -45.59 -4.06 33.75
CA HIS K 484 -46.69 -4.28 34.65
C HIS K 484 -46.53 -3.47 35.92
N ASN K 485 -45.33 -3.54 36.49
CA ASN K 485 -45.02 -2.82 37.70
C ASN K 485 -45.13 -1.33 37.48
N LEU K 486 -44.65 -0.85 36.34
CA LEU K 486 -44.67 0.57 36.04
C LEU K 486 -46.09 1.12 36.07
N VAL K 487 -47.02 0.36 35.50
CA VAL K 487 -48.42 0.74 35.56
C VAL K 487 -48.93 0.72 36.98
N ALA K 488 -48.57 -0.33 37.71
CA ALA K 488 -48.97 -0.48 39.10
C ALA K 488 -48.49 0.70 39.94
N ILE K 489 -47.29 1.18 39.62
CA ILE K 489 -46.74 2.35 40.28
C ILE K 489 -47.59 3.58 40.08
N GLU K 490 -48.09 3.75 38.86
CA GLU K 490 -48.99 4.86 38.58
C GLU K 490 -50.30 4.69 39.31
N LEU K 491 -50.74 3.45 39.47
CA LEU K 491 -51.94 3.14 40.22
C LEU K 491 -51.71 3.27 41.72
N ALA K 492 -50.47 3.08 42.16
CA ALA K 492 -50.14 3.05 43.58
C ALA K 492 -50.46 4.35 44.29
N TYR K 493 -50.26 5.48 43.62
CA TYR K 493 -50.39 6.77 44.27
C TYR K 493 -50.65 7.91 43.31
N ILE K 494 -51.58 8.78 43.68
CA ILE K 494 -51.88 9.98 42.92
C ILE K 494 -51.34 11.22 43.60
N ASN K 495 -50.48 11.94 42.89
CA ASN K 495 -49.90 13.16 43.42
C ASN K 495 -50.65 14.37 42.98
N THR K 496 -51.57 14.84 43.81
CA THR K 496 -52.33 16.04 43.49
C THR K 496 -51.49 17.31 43.65
N LYS K 497 -50.28 17.16 44.20
CA LYS K 497 -49.35 18.26 44.31
C LYS K 497 -48.40 18.30 43.12
N HIS K 498 -48.64 17.44 42.13
CA HIS K 498 -47.84 17.40 40.92
C HIS K 498 -47.73 18.80 40.30
N PRO K 499 -46.55 19.15 39.81
CA PRO K 499 -46.22 20.49 39.35
C PRO K 499 -47.06 20.92 38.15
N ASP K 500 -47.53 19.96 37.39
CA ASP K 500 -48.34 20.26 36.21
C ASP K 500 -49.82 20.09 36.49
N PHE K 501 -50.16 19.84 37.76
CA PHE K 501 -51.53 19.57 38.12
C PHE K 501 -52.07 20.62 39.06
N ALA K 502 -52.98 21.45 38.56
CA ALA K 502 -53.56 22.52 39.35
C ALA K 502 -54.94 22.87 38.82
N ASP K 503 -55.78 23.39 39.70
CA ASP K 503 -57.14 23.73 39.32
C ASP K 503 -57.77 24.71 40.30
N SER K 611 -79.82 16.23 39.90
CA SER K 611 -79.03 17.32 40.45
C SER K 611 -78.21 18.03 39.36
N ALA K 612 -77.97 19.32 39.55
CA ALA K 612 -77.23 20.11 38.56
C ALA K 612 -75.92 20.58 39.12
N ARG K 613 -75.95 21.11 40.34
CA ARG K 613 -74.74 21.51 41.04
C ARG K 613 -73.76 20.36 41.14
N GLU K 614 -74.27 19.19 41.48
CA GLU K 614 -73.46 17.99 41.58
C GLU K 614 -72.92 17.56 40.22
N GLN K 615 -73.70 17.78 39.16
CA GLN K 615 -73.21 17.53 37.81
C GLN K 615 -72.05 18.45 37.48
N ARG K 616 -72.14 19.70 37.92
CA ARG K 616 -71.06 20.64 37.73
C ARG K 616 -69.82 20.20 38.52
N ASP K 617 -70.05 19.71 39.74
CA ASP K 617 -68.97 19.15 40.54
C ASP K 617 -68.36 17.92 39.87
N CYS K 618 -69.23 17.12 39.24
CA CYS K 618 -68.76 15.97 38.47
C CYS K 618 -67.90 16.39 37.30
N GLU K 619 -68.30 17.47 36.62
CA GLU K 619 -67.53 18.01 35.52
C GLU K 619 -66.15 18.47 35.98
N VAL K 620 -66.09 19.04 37.19
CA VAL K 620 -64.81 19.39 37.79
C VAL K 620 -63.96 18.15 37.97
N ILE K 621 -64.57 17.10 38.50
CA ILE K 621 -63.91 15.82 38.68
C ILE K 621 -63.40 15.27 37.36
N GLU K 622 -64.24 15.33 36.33
CA GLU K 622 -63.87 14.86 35.00
C GLU K 622 -62.66 15.61 34.47
N ARG K 623 -62.62 16.92 34.71
CA ARG K 623 -61.48 17.73 34.32
C ARG K 623 -60.22 17.31 35.06
N LEU K 624 -60.35 17.05 36.36
CA LEU K 624 -59.24 16.60 37.16
C LEU K 624 -58.75 15.24 36.70
N ILE K 625 -59.68 14.37 36.32
CA ILE K 625 -59.35 13.06 35.81
C ILE K 625 -58.56 13.17 34.53
N LYS K 626 -59.08 13.95 33.59
CA LYS K 626 -58.43 14.15 32.31
C LYS K 626 -57.02 14.70 32.49
N SER K 627 -56.91 15.77 33.26
CA SER K 627 -55.64 16.46 33.42
C SER K 627 -54.58 15.55 34.03
N TYR K 628 -54.93 14.89 35.14
CA TYR K 628 -53.97 14.03 35.81
C TYR K 628 -53.63 12.82 34.95
N PHE K 629 -54.65 12.24 34.33
CA PHE K 629 -54.45 11.11 33.44
C PHE K 629 -53.45 11.42 32.37
N LEU K 630 -53.61 12.57 31.73
CA LEU K 630 -52.71 12.96 30.65
C LEU K 630 -51.29 13.14 31.15
N ILE K 631 -51.14 13.64 32.37
CA ILE K 631 -49.83 13.73 33.00
C ILE K 631 -49.21 12.35 33.14
N VAL K 632 -50.00 11.41 33.65
CA VAL K 632 -49.55 10.04 33.83
C VAL K 632 -49.19 9.40 32.51
N ARG K 633 -50.07 9.51 31.54
CA ARG K 633 -49.87 8.90 30.23
C ARG K 633 -48.62 9.44 29.58
N LYS K 634 -48.44 10.76 29.67
CA LYS K 634 -47.27 11.41 29.12
C LYS K 634 -45.98 10.81 29.67
N ASN K 635 -45.96 10.56 30.97
CA ASN K 635 -44.80 9.96 31.61
C ASN K 635 -44.59 8.53 31.13
N ILE K 636 -45.68 7.79 30.99
CA ILE K 636 -45.63 6.41 30.50
C ILE K 636 -45.04 6.31 29.11
N GLN K 637 -45.36 7.29 28.27
CA GLN K 637 -44.86 7.34 26.91
C GLN K 637 -43.32 7.27 26.85
N ASP K 638 -42.66 7.76 27.90
CA ASP K 638 -41.21 7.72 27.97
C ASP K 638 -40.72 6.55 28.80
N SER K 639 -41.52 6.17 29.81
CA SER K 639 -41.12 5.14 30.77
C SER K 639 -40.95 3.77 30.13
N VAL K 640 -41.94 3.35 29.34
CA VAL K 640 -41.94 2.01 28.79
C VAL K 640 -40.75 1.74 27.86
N PRO K 641 -40.66 2.42 26.71
CA PRO K 641 -39.49 2.37 25.82
C PRO K 641 -38.19 2.14 26.58
N LYS K 642 -37.96 2.94 27.63
CA LYS K 642 -36.74 2.86 28.40
C LYS K 642 -36.60 1.50 29.08
N ALA K 643 -37.68 1.03 29.68
CA ALA K 643 -37.68 -0.27 30.33
C ALA K 643 -37.37 -1.38 29.35
N VAL K 644 -37.90 -1.26 28.15
CA VAL K 644 -37.67 -2.27 27.13
C VAL K 644 -36.22 -2.26 26.73
N MET K 645 -35.67 -1.08 26.50
CA MET K 645 -34.28 -0.96 26.16
C MET K 645 -33.40 -1.50 27.27
N HIS K 646 -33.75 -1.18 28.49
CA HIS K 646 -32.91 -1.56 29.62
C HIS K 646 -32.91 -3.05 29.87
N PHE K 647 -34.10 -3.63 30.01
CA PHE K 647 -34.22 -4.99 30.46
C PHE K 647 -34.09 -6.00 29.35
N LEU K 648 -34.45 -5.60 28.13
CA LEU K 648 -34.34 -6.51 27.01
C LEU K 648 -33.19 -6.17 26.09
N VAL K 649 -33.24 -5.00 25.47
CA VAL K 649 -32.40 -4.73 24.32
C VAL K 649 -30.95 -4.59 24.67
N ASN K 650 -30.67 -3.70 25.62
CA ASN K 650 -29.31 -3.44 26.04
C ASN K 650 -28.76 -4.63 26.78
N HIS K 651 -29.63 -5.39 27.42
CA HIS K 651 -29.21 -6.57 28.15
C HIS K 651 -28.65 -7.62 27.22
N VAL K 652 -29.45 -8.03 26.23
CA VAL K 652 -29.05 -9.10 25.34
C VAL K 652 -27.94 -8.64 24.43
N LYS K 653 -27.86 -7.33 24.19
CA LYS K 653 -26.79 -6.75 23.42
C LYS K 653 -25.43 -7.11 24.00
N ASP K 654 -25.35 -7.29 25.30
CA ASP K 654 -24.11 -7.62 25.96
C ASP K 654 -24.04 -9.10 26.34
N THR K 655 -25.18 -9.66 26.73
CA THR K 655 -25.24 -11.04 27.19
C THR K 655 -24.98 -12.03 26.07
N LEU K 656 -25.54 -11.76 24.89
CA LEU K 656 -25.56 -12.71 23.80
C LEU K 656 -24.20 -13.33 23.50
N GLN K 657 -23.16 -12.52 23.58
CA GLN K 657 -21.82 -13.01 23.29
C GLN K 657 -21.45 -14.15 24.20
N SER K 658 -21.70 -13.97 25.49
CA SER K 658 -21.39 -14.99 26.48
C SER K 658 -22.38 -16.13 26.41
N GLU K 659 -23.59 -15.82 25.98
CA GLU K 659 -24.62 -16.83 25.81
C GLU K 659 -24.26 -17.79 24.69
N LEU K 660 -23.85 -17.24 23.55
CA LEU K 660 -23.50 -18.04 22.40
C LEU K 660 -22.26 -18.88 22.67
N VAL K 661 -21.27 -18.28 23.32
CA VAL K 661 -20.07 -19.03 23.66
C VAL K 661 -20.36 -20.09 24.70
N GLY K 662 -21.06 -19.70 25.75
CA GLY K 662 -21.38 -20.62 26.83
C GLY K 662 -22.18 -21.82 26.35
N GLN K 663 -23.03 -21.60 25.35
CA GLN K 663 -23.87 -22.68 24.84
C GLN K 663 -23.21 -23.47 23.71
N LEU K 664 -22.57 -22.76 22.78
CA LEU K 664 -22.13 -23.38 21.54
C LEU K 664 -20.68 -23.85 21.57
N TYR K 665 -19.86 -23.20 22.40
CA TYR K 665 -18.44 -23.53 22.40
C TYR K 665 -18.14 -24.72 23.28
N LYS K 666 -18.50 -25.90 22.80
CA LYS K 666 -18.17 -27.15 23.45
C LYS K 666 -17.34 -28.02 22.55
N SER K 667 -16.48 -28.85 23.13
CA SER K 667 -15.58 -29.69 22.36
C SER K 667 -16.34 -30.70 21.51
N SER K 668 -17.51 -31.12 21.96
CA SER K 668 -18.32 -32.05 21.20
C SER K 668 -19.03 -31.34 20.06
N LEU K 669 -19.42 -30.10 20.31
CA LEU K 669 -20.13 -29.31 19.33
C LEU K 669 -19.22 -28.87 18.20
N LEU K 670 -17.91 -28.86 18.47
CA LEU K 670 -16.91 -28.62 17.43
C LEU K 670 -16.88 -29.74 16.39
N ASP K 671 -17.47 -30.89 16.71
CA ASP K 671 -17.62 -31.94 15.74
C ASP K 671 -19.06 -32.00 15.24
N ASP K 672 -19.99 -31.70 16.13
CA ASP K 672 -21.41 -31.75 15.79
C ASP K 672 -21.85 -30.54 14.99
N LEU K 673 -21.90 -29.38 15.65
CA LEU K 673 -22.40 -28.17 15.02
C LEU K 673 -21.59 -27.84 13.79
N LEU K 674 -20.29 -28.11 13.87
CA LEU K 674 -19.44 -27.89 12.73
C LEU K 674 -19.49 -29.08 11.78
N THR K 675 -20.64 -29.27 11.14
CA THR K 675 -20.80 -30.24 10.08
C THR K 675 -21.13 -29.55 8.78
N GLU K 676 -20.39 -29.87 7.73
CA GLU K 676 -20.52 -29.20 6.45
C GLU K 676 -21.67 -29.75 5.63
N SER K 677 -22.28 -28.88 4.84
CA SER K 677 -23.29 -29.30 3.87
C SER K 677 -22.68 -30.23 2.85
N GLU K 678 -23.30 -31.39 2.67
CA GLU K 678 -22.78 -32.37 1.73
C GLU K 678 -22.96 -31.90 0.31
N ASP K 679 -24.07 -31.23 0.05
CA ASP K 679 -24.32 -30.67 -1.27
C ASP K 679 -23.25 -29.65 -1.63
N MET K 680 -22.89 -28.81 -0.67
CA MET K 680 -21.80 -27.87 -0.84
C MET K 680 -20.48 -28.59 -1.03
N ALA K 681 -20.25 -29.62 -0.21
CA ALA K 681 -19.03 -30.41 -0.28
C ALA K 681 -18.87 -31.09 -1.62
N GLN K 682 -19.97 -31.57 -2.17
CA GLN K 682 -19.95 -32.22 -3.47
C GLN K 682 -19.71 -31.21 -4.57
N ARG K 683 -20.34 -30.04 -4.45
CA ARG K 683 -20.15 -28.98 -5.42
C ARG K 683 -18.69 -28.58 -5.52
N ARG K 684 -18.05 -28.34 -4.38
CA ARG K 684 -16.66 -27.96 -4.36
C ARG K 684 -15.76 -29.14 -4.72
N LYS K 685 -16.20 -30.34 -4.36
CA LYS K 685 -15.48 -31.55 -4.74
C LYS K 685 -15.38 -31.67 -6.24
N GLU K 686 -16.49 -31.42 -6.92
CA GLU K 686 -16.52 -31.45 -8.37
C GLU K 686 -15.56 -30.43 -8.97
N ALA K 687 -15.53 -29.23 -8.39
CA ALA K 687 -14.59 -28.21 -8.83
C ALA K 687 -13.16 -28.71 -8.68
N ALA K 688 -12.87 -29.34 -7.55
CA ALA K 688 -11.57 -29.91 -7.29
C ALA K 688 -11.28 -31.04 -8.26
N ASP K 689 -12.28 -31.86 -8.52
CA ASP K 689 -12.13 -33.01 -9.41
C ASP K 689 -11.89 -32.57 -10.84
N MET K 690 -12.52 -31.48 -11.24
CA MET K 690 -12.25 -30.89 -12.54
C MET K 690 -10.86 -30.30 -12.58
N LEU K 691 -10.43 -29.74 -11.46
CA LEU K 691 -9.06 -29.27 -11.35
C LEU K 691 -8.09 -30.44 -11.39
N LYS K 692 -8.48 -31.58 -10.82
CA LYS K 692 -7.70 -32.81 -10.91
C LYS K 692 -7.63 -33.29 -12.36
N ALA K 693 -8.69 -33.07 -13.11
CA ALA K 693 -8.66 -33.33 -14.54
C ALA K 693 -7.62 -32.43 -15.22
N LEU K 694 -7.50 -31.20 -14.72
CA LEU K 694 -6.49 -30.29 -15.26
C LEU K 694 -5.10 -30.61 -14.75
N GLN K 695 -5.02 -31.29 -13.60
CA GLN K 695 -3.77 -31.91 -13.20
C GLN K 695 -3.45 -33.04 -14.17
N GLY K 696 -4.49 -33.76 -14.59
CA GLY K 696 -4.36 -34.75 -15.66
C GLY K 696 -4.04 -34.07 -17.00
N ALA K 697 -4.43 -32.80 -17.14
CA ALA K 697 -4.10 -32.03 -18.33
C ALA K 697 -2.65 -31.57 -18.33
N SER K 698 -1.90 -31.89 -17.28
CA SER K 698 -0.45 -31.77 -17.36
C SER K 698 0.11 -32.95 -18.13
N GLN K 699 -0.69 -34.02 -18.24
CA GLN K 699 -0.36 -35.13 -19.10
C GLN K 699 -0.82 -34.83 -20.52
N ILE K 700 -1.84 -34.00 -20.64
CA ILE K 700 -2.15 -33.38 -21.92
C ILE K 700 -0.99 -32.51 -22.37
N ILE K 701 -0.44 -31.74 -21.45
CA ILE K 701 0.73 -30.95 -21.72
C ILE K 701 1.95 -31.83 -21.98
N ALA K 702 2.01 -32.98 -21.30
CA ALA K 702 3.01 -33.98 -21.65
C ALA K 702 2.83 -34.43 -23.07
N GLU K 703 1.58 -34.66 -23.47
CA GLU K 703 1.29 -35.00 -24.84
C GLU K 703 1.67 -33.88 -25.79
N ILE K 704 1.43 -32.62 -25.37
CA ILE K 704 1.89 -31.48 -26.14
C ILE K 704 3.39 -31.60 -26.44
N ARG K 705 4.15 -31.96 -25.42
CA ARG K 705 5.59 -32.20 -25.58
C ARG K 705 5.85 -33.40 -26.49
N GLU K 706 5.05 -34.46 -26.33
CA GLU K 706 5.21 -35.67 -27.13
C GLU K 706 5.00 -35.42 -28.62
N THR K 707 4.14 -34.46 -28.96
CA THR K 707 3.88 -34.15 -30.37
C THR K 707 5.05 -33.44 -31.03
N HIS K 708 6.05 -33.04 -30.24
CA HIS K 708 7.26 -32.47 -30.77
C HIS K 708 8.29 -33.58 -31.04
N LEU K 709 7.90 -34.83 -30.76
CA LEU K 709 8.74 -35.98 -31.00
C LEU K 709 8.21 -36.77 -32.20
N TRP K 710 8.77 -36.50 -33.37
CA TRP K 710 8.31 -37.17 -34.59
C TRP K 710 9.35 -37.08 -35.70
N THR L 1 -39.96 35.54 -37.73
CA THR L 1 -40.94 34.48 -37.66
C THR L 1 -40.28 33.12 -37.47
N LEU L 2 -41.11 32.10 -37.27
CA LEU L 2 -40.63 30.73 -37.18
C LEU L 2 -39.92 30.31 -38.44
N GLN L 3 -40.53 30.59 -39.58
CA GLN L 3 -39.96 30.26 -40.87
C GLN L 3 -38.58 30.87 -41.03
N GLU L 4 -38.46 32.15 -40.74
CA GLU L 4 -37.20 32.86 -40.84
C GLU L 4 -36.20 32.34 -39.83
N ARG L 5 -36.70 32.04 -38.62
CA ARG L 5 -35.84 31.57 -37.56
C ARG L 5 -35.27 30.20 -37.86
N LEU L 6 -36.08 29.31 -38.43
CA LEU L 6 -35.62 27.98 -38.83
C LEU L 6 -34.55 28.05 -39.90
N LEU L 7 -34.72 28.97 -40.85
CA LEU L 7 -33.75 29.14 -41.91
C LEU L 7 -32.40 29.59 -41.36
N ALA L 8 -32.43 30.56 -40.44
CA ALA L 8 -31.24 31.00 -39.74
C ALA L 8 -30.71 29.90 -38.84
N PHE L 9 -31.61 29.22 -38.16
CA PHE L 9 -31.28 28.14 -37.24
C PHE L 9 -30.50 27.04 -37.93
N GLU L 10 -30.90 26.70 -39.15
CA GLU L 10 -30.13 25.76 -39.92
C GLU L 10 -28.71 26.25 -40.12
N ARG L 11 -28.58 27.48 -40.59
CA ARG L 11 -27.28 28.07 -40.84
C ARG L 11 -26.43 28.17 -39.57
N ASP L 12 -27.09 28.44 -38.43
CA ASP L 12 -26.39 28.72 -37.20
C ASP L 12 -26.21 27.50 -36.29
N ARG L 13 -27.08 26.50 -36.42
CA ARG L 13 -27.07 25.39 -35.46
C ARG L 13 -27.06 24.00 -36.11
N VAL L 14 -27.60 23.88 -37.32
CA VAL L 14 -27.55 22.60 -38.03
C VAL L 14 -26.20 22.41 -38.70
N THR L 15 -25.74 23.43 -39.42
CA THR L 15 -24.49 23.36 -40.18
C THR L 15 -23.27 23.28 -39.26
N ILE L 16 -22.50 22.22 -39.44
CA ILE L 16 -21.25 22.02 -38.70
C ILE L 16 -20.06 22.13 -39.67
N PRO L 17 -19.23 23.17 -39.50
CA PRO L 17 -18.26 23.67 -40.51
C PRO L 17 -17.74 22.60 -41.46
N ALA L 18 -17.75 22.94 -42.75
CA ALA L 18 -17.38 22.01 -43.81
C ALA L 18 -15.95 21.50 -43.66
N ALA L 19 -15.07 22.34 -43.15
CA ALA L 19 -13.67 21.95 -42.93
C ALA L 19 -13.61 20.77 -41.99
N GLN L 20 -14.38 20.84 -40.91
CA GLN L 20 -14.46 19.75 -39.96
C GLN L 20 -15.11 18.52 -40.56
N VAL L 21 -16.12 18.74 -41.40
CA VAL L 21 -16.81 17.64 -42.09
C VAL L 21 -15.86 16.88 -43.00
N ALA L 22 -15.11 17.61 -43.82
CA ALA L 22 -14.18 16.99 -44.74
C ALA L 22 -13.09 16.24 -43.99
N LEU L 23 -12.57 16.85 -42.93
CA LEU L 23 -11.56 16.23 -42.10
C LEU L 23 -12.09 14.98 -41.43
N ALA L 24 -13.34 15.06 -40.95
CA ALA L 24 -13.99 13.93 -40.31
C ALA L 24 -14.14 12.77 -41.27
N LYS L 25 -14.50 13.06 -42.50
CA LYS L 25 -14.67 12.05 -43.53
C LYS L 25 -13.33 11.41 -43.90
N GLN L 26 -12.29 12.24 -43.95
CA GLN L 26 -10.95 11.75 -44.21
C GLN L 26 -10.50 10.80 -43.11
N LEU L 27 -10.70 11.21 -41.86
CA LEU L 27 -10.32 10.38 -40.72
C LEU L 27 -11.17 9.15 -40.61
N ALA L 28 -12.43 9.26 -40.99
CA ALA L 28 -13.32 8.10 -41.01
C ALA L 28 -12.74 7.02 -41.89
N GLY L 29 -12.28 7.41 -43.08
CA GLY L 29 -11.64 6.49 -44.00
C GLY L 29 -10.32 5.99 -43.45
N ASP L 30 -9.51 6.91 -42.92
CA ASP L 30 -8.18 6.58 -42.42
C ASP L 30 -8.24 5.58 -41.28
N ILE L 31 -9.14 5.82 -40.32
CA ILE L 31 -9.33 4.93 -39.20
C ILE L 31 -9.80 3.57 -39.68
N ALA L 32 -10.76 3.58 -40.61
CA ALA L 32 -11.26 2.35 -41.18
C ALA L 32 -10.15 1.54 -41.83
N LEU L 33 -9.33 2.22 -42.64
CA LEU L 33 -8.24 1.56 -43.35
C LEU L 33 -7.20 1.01 -42.40
N GLU L 34 -6.91 1.73 -41.33
CA GLU L 34 -5.98 1.24 -40.34
C GLU L 34 -6.54 0.01 -39.67
N LEU L 35 -7.81 0.05 -39.31
CA LEU L 35 -8.44 -1.07 -38.65
C LEU L 35 -8.62 -2.26 -39.61
N GLN L 36 -8.81 -1.98 -40.89
CA GLN L 36 -8.81 -3.04 -41.89
C GLN L 36 -7.48 -3.76 -41.89
N ALA L 37 -6.39 -3.00 -41.97
CA ALA L 37 -5.05 -3.56 -41.94
C ALA L 37 -4.79 -4.32 -40.66
N TYR L 38 -5.26 -3.75 -39.54
CA TYR L 38 -5.07 -4.37 -38.25
C TYR L 38 -5.80 -5.69 -38.14
N PHE L 39 -7.05 -5.71 -38.59
CA PHE L 39 -7.86 -6.92 -38.50
C PHE L 39 -7.36 -8.00 -39.46
N ARG L 40 -6.76 -7.58 -40.57
CA ARG L 40 -6.12 -8.53 -41.47
C ARG L 40 -4.98 -9.26 -40.78
N SER L 41 -4.23 -8.55 -39.93
CA SER L 41 -3.11 -9.14 -39.21
C SER L 41 -3.53 -9.74 -37.86
N LYS L 42 -4.56 -9.18 -37.26
CA LYS L 42 -5.03 -9.62 -35.95
C LYS L 42 -5.99 -10.78 -36.06
N PHE L 43 -6.81 -10.78 -37.11
CA PHE L 43 -7.77 -11.83 -37.32
C PHE L 43 -7.75 -12.33 -38.76
N PRO L 44 -6.57 -12.69 -39.28
CA PRO L 44 -6.39 -13.27 -40.60
C PRO L 44 -7.30 -14.48 -40.85
N GLU L 45 -7.66 -15.19 -39.77
CA GLU L 45 -8.53 -16.35 -39.88
C GLU L 45 -9.97 -15.98 -40.20
N LEU L 46 -10.38 -14.76 -39.83
CA LEU L 46 -11.76 -14.36 -40.06
C LEU L 46 -11.87 -13.56 -41.36
N PRO L 47 -12.98 -13.71 -42.06
CA PRO L 47 -13.23 -13.07 -43.35
C PRO L 47 -13.89 -11.71 -43.16
N PHE L 48 -13.11 -10.78 -42.63
CA PHE L 48 -13.56 -9.41 -42.51
C PHE L 48 -13.48 -8.71 -43.86
N GLY L 49 -14.59 -8.08 -44.26
CA GLY L 49 -14.61 -7.31 -45.49
C GLY L 49 -14.04 -5.92 -45.27
N ALA L 50 -14.10 -5.08 -46.31
CA ALA L 50 -13.63 -3.71 -46.18
C ALA L 50 -14.59 -2.90 -45.32
N PHE L 51 -14.04 -2.15 -44.38
CA PHE L 51 -14.84 -1.40 -43.43
C PHE L 51 -15.43 -0.17 -44.08
N VAL L 52 -16.68 0.15 -43.72
CA VAL L 52 -17.40 1.21 -44.41
C VAL L 52 -17.81 2.33 -43.46
N PRO L 53 -17.31 3.53 -43.72
CA PRO L 53 -17.74 4.74 -43.03
C PRO L 53 -19.12 5.19 -43.50
N GLY L 54 -19.92 5.69 -42.58
CA GLY L 54 -21.26 6.17 -42.91
C GLY L 54 -21.88 6.95 -41.75
N GLY L 55 -23.19 7.12 -41.79
CA GLY L 55 -23.89 7.87 -40.77
C GLY L 55 -24.09 9.32 -41.21
N PRO L 56 -24.84 10.09 -40.41
CA PRO L 56 -25.16 11.53 -40.56
C PRO L 56 -24.09 12.35 -41.27
N LEU L 57 -22.82 12.08 -40.95
CA LEU L 57 -21.68 12.76 -41.59
C LEU L 57 -21.80 12.74 -43.11
N TYR L 58 -22.30 11.64 -43.64
CA TYR L 58 -22.57 11.50 -45.05
C TYR L 58 -24.07 11.59 -45.32
N ASP L 59 -24.86 11.08 -44.38
CA ASP L 59 -26.31 10.96 -44.56
C ASP L 59 -27.01 12.26 -44.20
N GLY L 60 -26.93 13.24 -45.09
CA GLY L 60 -27.58 14.53 -44.86
C GLY L 60 -26.69 15.68 -45.30
N LEU L 61 -26.62 16.71 -44.47
CA LEU L 61 -25.78 17.86 -44.76
C LEU L 61 -24.54 17.84 -43.87
N GLN L 62 -24.03 19.02 -43.52
CA GLN L 62 -22.81 19.12 -42.74
C GLN L 62 -23.05 18.76 -41.27
N ALA L 63 -23.11 17.46 -40.99
CA ALA L 63 -23.27 16.98 -39.63
C ALA L 63 -21.96 17.03 -38.86
N GLY L 64 -20.87 16.67 -39.54
CA GLY L 64 -19.55 16.77 -38.94
C GLY L 64 -19.46 15.94 -37.67
N ALA L 65 -19.15 16.62 -36.56
CA ALA L 65 -18.96 15.97 -35.27
C ALA L 65 -20.26 15.94 -34.43
N ALA L 66 -21.36 16.37 -35.03
CA ALA L 66 -22.65 16.43 -34.33
C ALA L 66 -23.11 15.04 -33.87
N ASP L 67 -22.70 14.01 -34.60
CA ASP L 67 -23.03 12.65 -34.23
C ASP L 67 -21.89 11.70 -34.63
N HIS L 68 -22.03 10.43 -34.28
CA HIS L 68 -20.98 9.44 -34.48
C HIS L 68 -20.69 9.16 -35.95
N VAL L 69 -19.42 8.92 -36.25
CA VAL L 69 -19.06 8.28 -37.50
C VAL L 69 -19.35 6.81 -37.42
N ARG L 70 -20.22 6.31 -38.27
CA ARG L 70 -20.56 4.90 -38.23
C ARG L 70 -19.59 4.10 -39.05
N LEU L 71 -19.00 3.07 -38.46
CA LEU L 71 -17.99 2.28 -39.13
C LEU L 71 -18.37 0.82 -39.19
N LEU L 72 -18.77 0.37 -40.36
CA LEU L 72 -19.14 -1.02 -40.56
C LEU L 72 -17.94 -1.92 -40.59
N VAL L 73 -18.02 -3.01 -39.81
CA VAL L 73 -17.07 -4.12 -39.91
C VAL L 73 -17.80 -5.38 -40.40
N PRO L 74 -17.48 -5.84 -41.61
CA PRO L 74 -18.31 -6.84 -42.32
C PRO L 74 -17.97 -8.27 -41.92
N LEU L 75 -18.90 -8.88 -41.19
CA LEU L 75 -18.75 -10.27 -40.76
C LEU L 75 -19.18 -11.22 -41.85
N VAL L 76 -18.30 -11.49 -42.80
CA VAL L 76 -18.67 -12.31 -43.94
C VAL L 76 -18.87 -13.76 -43.51
N LEU L 77 -20.09 -14.09 -43.12
CA LEU L 77 -20.45 -15.45 -42.75
C LEU L 77 -20.47 -16.35 -43.96
N GLU L 78 -20.14 -17.62 -43.77
CA GLU L 78 -20.08 -18.56 -44.87
C GLU L 78 -21.48 -19.03 -45.27
N PRO L 79 -22.05 -18.43 -46.33
CA PRO L 79 -23.38 -18.73 -46.88
C PRO L 79 -23.71 -20.20 -46.80
N GLY L 80 -24.83 -20.52 -46.17
CA GLY L 80 -25.31 -21.89 -46.09
C GLY L 80 -25.01 -22.53 -44.74
N LEU L 81 -23.97 -22.06 -44.06
CA LEU L 81 -23.62 -22.58 -42.75
C LEU L 81 -24.27 -21.77 -41.65
N TRP L 82 -24.78 -20.59 -42.00
CA TRP L 82 -25.40 -19.72 -41.02
C TRP L 82 -26.76 -19.23 -41.50
N SER L 83 -27.72 -19.10 -40.58
CA SER L 83 -29.09 -18.73 -40.94
C SER L 83 -29.70 -17.76 -39.94
N LEU L 84 -30.57 -16.87 -40.43
CA LEU L 84 -31.16 -15.84 -39.59
C LEU L 84 -32.44 -16.31 -38.91
N VAL L 85 -32.47 -16.21 -37.58
CA VAL L 85 -33.61 -16.63 -36.77
C VAL L 85 -34.12 -15.46 -35.92
N PRO L 86 -35.43 -15.33 -35.78
CA PRO L 86 -36.03 -14.35 -34.90
C PRO L 86 -35.82 -14.73 -33.44
N GLY L 87 -35.48 -13.75 -32.61
CA GLY L 87 -35.25 -13.99 -31.19
C GLY L 87 -36.48 -14.60 -30.52
N VAL L 88 -37.65 -14.12 -30.90
CA VAL L 88 -38.92 -14.60 -30.36
C VAL L 88 -39.15 -16.10 -30.61
N ASP L 89 -38.48 -16.65 -31.62
CA ASP L 89 -38.63 -18.06 -31.96
C ASP L 89 -37.89 -18.96 -30.98
N THR L 90 -37.01 -18.37 -30.17
CA THR L 90 -36.21 -19.13 -29.22
C THR L 90 -36.76 -18.95 -27.80
N VAL L 91 -36.17 -19.67 -26.86
CA VAL L 91 -36.55 -19.57 -25.45
C VAL L 91 -36.37 -18.13 -24.93
N ALA L 92 -35.32 -17.48 -25.41
CA ALA L 92 -35.10 -16.07 -25.13
C ALA L 92 -35.99 -15.22 -26.01
N ARG L 93 -37.28 -15.19 -25.67
CA ARG L 93 -38.31 -14.69 -26.58
C ARG L 93 -38.33 -13.18 -26.67
N ASP L 94 -37.41 -12.62 -27.45
CA ASP L 94 -37.38 -11.20 -27.71
C ASP L 94 -37.31 -10.89 -29.22
N PRO L 95 -38.47 -10.69 -29.85
CA PRO L 95 -38.64 -10.43 -31.29
C PRO L 95 -37.79 -9.29 -31.84
N ARG L 96 -37.34 -8.39 -30.97
CA ARG L 96 -36.55 -7.25 -31.41
C ARG L 96 -35.12 -7.68 -31.69
N CYS L 97 -34.71 -8.79 -31.10
CA CYS L 97 -33.38 -9.33 -31.27
C CYS L 97 -33.42 -10.56 -32.16
N TRP L 98 -32.25 -10.91 -32.70
CA TRP L 98 -32.15 -11.95 -33.71
C TRP L 98 -31.03 -12.93 -33.39
N ALA L 99 -31.11 -14.12 -33.95
CA ALA L 99 -30.08 -15.12 -33.72
C ALA L 99 -29.49 -15.60 -35.04
N VAL L 100 -28.20 -15.93 -35.02
CA VAL L 100 -27.57 -16.51 -36.19
C VAL L 100 -27.28 -18.00 -35.96
N ARG L 101 -28.01 -18.85 -36.67
CA ARG L 101 -28.00 -20.28 -36.44
C ARG L 101 -26.97 -20.99 -37.28
N ARG L 102 -26.15 -21.82 -36.63
CA ARG L 102 -25.22 -22.69 -37.32
C ARG L 102 -25.92 -23.91 -37.87
N THR L 103 -25.69 -24.21 -39.13
CA THR L 103 -26.31 -25.36 -39.75
C THR L 103 -25.38 -26.06 -40.74
N GLN L 104 -25.91 -27.08 -41.41
CA GLN L 104 -25.15 -27.94 -42.31
C GLN L 104 -23.94 -28.57 -41.62
N LEU L 105 -24.10 -28.92 -40.35
CA LEU L 105 -23.03 -29.55 -39.57
C LEU L 105 -22.77 -30.99 -40.01
N GLU L 106 -23.71 -31.57 -40.74
CA GLU L 106 -23.54 -32.91 -41.30
C GLU L 106 -22.57 -32.93 -42.48
N PHE L 107 -22.26 -31.77 -43.04
CA PHE L 107 -21.31 -31.67 -44.14
C PHE L 107 -20.13 -30.80 -43.76
N CYS L 108 -20.38 -29.81 -42.91
CA CYS L 108 -19.33 -28.93 -42.42
C CYS L 108 -19.41 -28.77 -40.91
N PRO L 109 -18.74 -29.66 -40.16
CA PRO L 109 -18.79 -29.73 -38.70
C PRO L 109 -18.09 -28.53 -38.06
N ARG L 110 -18.46 -28.25 -36.82
CA ARG L 110 -17.89 -27.13 -36.10
C ARG L 110 -16.39 -27.29 -35.94
N GLY L 111 -15.66 -26.23 -36.23
CA GLY L 111 -14.22 -26.25 -36.26
C GLY L 111 -13.73 -26.06 -37.69
N SER L 112 -14.63 -26.28 -38.65
CA SER L 112 -14.32 -26.08 -40.06
C SER L 112 -14.42 -24.61 -40.46
N SER L 113 -15.35 -23.87 -39.84
CA SER L 113 -15.47 -22.45 -40.12
C SER L 113 -14.70 -21.65 -39.09
N PRO L 114 -14.19 -20.50 -39.49
CA PRO L 114 -13.51 -19.58 -38.59
C PRO L 114 -14.48 -18.95 -37.61
N TRP L 115 -15.76 -18.92 -37.98
CA TRP L 115 -16.77 -18.32 -37.14
C TRP L 115 -17.24 -19.30 -36.06
N ASP L 116 -16.72 -20.54 -36.09
CA ASP L 116 -17.09 -21.53 -35.10
C ASP L 116 -16.40 -21.29 -33.77
N ARG L 117 -15.45 -20.36 -33.75
CA ARG L 117 -14.86 -19.92 -32.49
C ARG L 117 -15.89 -19.17 -31.65
N PHE L 118 -16.97 -18.71 -32.30
CA PHE L 118 -18.04 -18.03 -31.62
C PHE L 118 -19.27 -18.92 -31.48
N LEU L 119 -19.11 -20.22 -31.71
CA LEU L 119 -20.25 -21.11 -31.73
C LEU L 119 -20.58 -21.60 -30.32
N VAL L 120 -21.76 -21.20 -29.83
CA VAL L 120 -22.25 -21.64 -28.54
C VAL L 120 -23.56 -22.37 -28.72
N GLY L 121 -23.62 -23.62 -28.30
CA GLY L 121 -24.77 -24.43 -28.64
C GLY L 121 -24.77 -24.66 -30.15
N GLY L 122 -25.71 -24.01 -30.83
CA GLY L 122 -25.72 -24.03 -32.28
C GLY L 122 -25.91 -22.63 -32.87
N TYR L 123 -25.44 -21.60 -32.15
CA TYR L 123 -25.61 -20.23 -32.60
C TYR L 123 -24.32 -19.40 -32.54
N LEU L 124 -24.23 -18.40 -33.41
CA LEU L 124 -23.09 -17.49 -33.46
C LEU L 124 -23.16 -16.48 -32.30
N SER L 125 -22.08 -16.39 -31.52
CA SER L 125 -22.06 -15.51 -30.35
C SER L 125 -21.65 -14.10 -30.69
N SER L 126 -22.61 -13.19 -30.71
CA SER L 126 -22.31 -11.78 -30.84
C SER L 126 -21.52 -11.28 -29.65
N ARG L 127 -21.78 -11.86 -28.49
CA ARG L 127 -21.11 -11.44 -27.25
C ARG L 127 -19.61 -11.66 -27.30
N VAL L 128 -19.20 -12.89 -27.61
CA VAL L 128 -17.77 -13.20 -27.62
C VAL L 128 -17.06 -12.44 -28.70
N LEU L 129 -17.72 -12.29 -29.85
CA LEU L 129 -17.20 -11.47 -30.92
C LEU L 129 -16.92 -10.06 -30.44
N LEU L 130 -17.89 -9.46 -29.75
CA LEU L 130 -17.73 -8.12 -29.21
C LEU L 130 -16.60 -8.07 -28.20
N GLU L 131 -16.51 -9.07 -27.34
CA GLU L 131 -15.49 -9.09 -26.31
C GLU L 131 -14.10 -9.07 -26.91
N LEU L 132 -13.89 -9.86 -27.96
CA LEU L 132 -12.57 -9.93 -28.58
C LEU L 132 -12.26 -8.69 -29.39
N LEU L 133 -13.25 -8.18 -30.12
CA LEU L 133 -13.01 -7.04 -30.99
C LEU L 133 -12.89 -5.75 -30.19
N ARG L 134 -13.66 -5.64 -29.12
CA ARG L 134 -13.54 -4.50 -28.23
C ARG L 134 -12.21 -4.52 -27.51
N LYS L 135 -11.74 -5.71 -27.15
CA LYS L 135 -10.41 -5.87 -26.57
C LYS L 135 -9.33 -5.45 -27.56
N ALA L 136 -9.51 -5.81 -28.83
CA ALA L 136 -8.58 -5.43 -29.86
C ALA L 136 -8.48 -3.91 -29.95
N LEU L 137 -9.62 -3.25 -29.95
CA LEU L 137 -9.63 -1.79 -29.98
C LEU L 137 -9.14 -1.21 -28.67
N ALA L 138 -9.49 -1.85 -27.56
CA ALA L 138 -9.15 -1.35 -26.24
C ALA L 138 -7.65 -1.27 -26.02
N ALA L 139 -6.92 -2.26 -26.52
CA ALA L 139 -5.49 -2.33 -26.23
C ALA L 139 -4.65 -2.77 -27.41
N SER L 140 -5.13 -3.77 -28.16
CA SER L 140 -4.30 -4.41 -29.19
C SER L 140 -3.89 -3.44 -30.29
N VAL L 141 -4.83 -2.60 -30.73
CA VAL L 141 -4.56 -1.62 -31.77
C VAL L 141 -3.55 -0.58 -31.30
N ASN L 142 -2.55 -0.33 -32.12
CA ASN L 142 -1.49 0.60 -31.76
C ASN L 142 -1.92 2.03 -32.02
N TRP L 143 -2.71 2.57 -31.11
CA TRP L 143 -3.26 3.91 -31.23
C TRP L 143 -2.19 5.01 -31.24
N PRO L 144 -1.00 4.70 -30.72
CA PRO L 144 0.13 5.60 -30.84
C PRO L 144 0.63 5.70 -32.27
N ALA L 145 0.49 4.62 -33.03
CA ALA L 145 0.85 4.63 -34.44
C ALA L 145 -0.19 5.36 -35.25
N ILE L 146 -1.46 5.17 -34.88
CA ILE L 146 -2.55 5.85 -35.56
C ILE L 146 -2.49 7.35 -35.34
N GLY L 147 -2.29 7.76 -34.10
CA GLY L 147 -2.16 9.17 -33.76
C GLY L 147 -0.96 9.79 -34.45
N SER L 148 0.16 9.06 -34.46
CA SER L 148 1.38 9.55 -35.10
C SER L 148 1.18 9.67 -36.61
N LEU L 149 0.51 8.69 -37.19
CA LEU L 149 0.27 8.65 -38.63
C LEU L 149 -0.64 9.78 -39.09
N LEU L 150 -1.76 9.93 -38.41
CA LEU L 150 -2.80 10.84 -38.85
C LEU L 150 -2.63 12.24 -38.26
N GLY L 151 -1.74 12.37 -37.28
CA GLY L 151 -1.48 13.65 -36.66
C GLY L 151 -2.62 14.04 -35.74
N CYS L 152 -2.88 13.21 -34.75
CA CYS L 152 -4.05 13.38 -33.91
C CYS L 152 -4.02 12.53 -32.67
N LEU L 153 -4.97 12.78 -31.78
CA LEU L 153 -5.19 11.91 -30.64
C LEU L 153 -6.45 11.07 -30.85
N ILE L 154 -6.26 9.77 -31.12
CA ILE L 154 -7.37 8.83 -31.27
C ILE L 154 -7.22 7.65 -30.33
N ARG L 155 -8.28 7.37 -29.58
CA ARG L 155 -8.29 6.26 -28.63
C ARG L 155 -9.68 5.64 -28.58
N PRO L 156 -9.82 4.53 -27.86
CA PRO L 156 -11.07 3.79 -27.70
C PRO L 156 -11.91 4.39 -26.59
N SER L 157 -13.24 4.29 -26.72
CA SER L 157 -14.15 4.75 -25.68
C SER L 157 -14.17 3.77 -24.53
N MET L 158 -14.92 4.12 -23.49
CA MET L 158 -15.06 3.26 -22.33
C MET L 158 -16.45 2.66 -22.25
N ALA L 159 -17.15 2.61 -23.39
CA ALA L 159 -18.48 2.04 -23.42
C ALA L 159 -18.83 1.57 -24.83
N SER L 160 -19.61 0.49 -24.92
CA SER L 160 -19.96 -0.10 -26.19
C SER L 160 -18.73 -0.36 -27.05
N GLU L 161 -18.82 -0.05 -28.33
CA GLU L 161 -17.68 -0.17 -29.22
C GLU L 161 -17.51 1.11 -30.02
N GLU L 162 -17.06 2.15 -29.34
CA GLU L 162 -16.90 3.45 -29.97
C GLU L 162 -15.47 3.94 -29.83
N LEU L 163 -15.07 4.84 -30.71
CA LEU L 163 -13.74 5.44 -30.65
C LEU L 163 -13.86 6.94 -30.47
N LEU L 164 -12.83 7.56 -29.90
CA LEU L 164 -12.81 8.99 -29.71
C LEU L 164 -11.62 9.65 -30.36
N LEU L 165 -11.90 10.62 -31.22
CA LEU L 165 -10.89 11.58 -31.65
C LEU L 165 -10.80 12.69 -30.64
N GLU L 166 -9.80 12.62 -29.77
CA GLU L 166 -9.63 13.60 -28.72
C GLU L 166 -9.23 14.94 -29.30
N VAL L 167 -8.58 14.92 -30.47
CA VAL L 167 -8.26 16.13 -31.22
C VAL L 167 -7.36 15.85 -32.41
N GLN L 168 -7.89 16.11 -33.60
CA GLN L 168 -7.10 16.19 -34.81
C GLN L 168 -6.45 17.55 -34.88
N HIS L 169 -5.17 17.58 -35.25
CA HIS L 169 -4.39 18.82 -35.23
C HIS L 169 -5.16 20.00 -35.82
N GLU L 170 -5.90 19.77 -36.90
CA GLU L 170 -6.74 20.81 -37.49
C GLU L 170 -8.06 21.01 -36.74
N ARG L 171 -7.96 21.41 -35.47
CA ARG L 171 -9.10 21.81 -34.64
C ARG L 171 -10.36 20.96 -34.84
N LEU L 172 -10.22 19.63 -34.80
CA LEU L 172 -11.37 18.75 -34.97
C LEU L 172 -11.44 17.67 -33.89
N GLU L 173 -12.62 17.52 -33.30
CA GLU L 173 -12.88 16.43 -32.37
C GLU L 173 -14.16 15.69 -32.78
N LEU L 174 -14.19 14.38 -32.57
CA LEU L 174 -15.36 13.59 -32.96
C LEU L 174 -15.32 12.18 -32.39
N THR L 175 -16.43 11.46 -32.52
CA THR L 175 -16.49 10.08 -32.07
C THR L 175 -16.90 9.14 -33.21
N VAL L 176 -16.51 7.88 -33.09
CA VAL L 176 -16.81 6.87 -34.10
C VAL L 176 -17.59 5.71 -33.50
N ALA L 177 -18.75 5.42 -34.06
CA ALA L 177 -19.51 4.26 -33.65
C ALA L 177 -19.17 3.07 -34.52
N VAL L 178 -18.39 2.13 -33.99
CA VAL L 178 -18.01 0.98 -34.76
C VAL L 178 -19.10 -0.06 -34.75
N LEU L 179 -19.64 -0.33 -35.94
CA LEU L 179 -20.74 -1.26 -36.08
C LEU L 179 -20.29 -2.55 -36.70
N VAL L 180 -19.98 -3.52 -35.85
CA VAL L 180 -19.61 -4.84 -36.31
C VAL L 180 -20.86 -5.63 -36.66
N ALA L 181 -21.00 -5.99 -37.93
CA ALA L 181 -22.26 -6.56 -38.39
C ALA L 181 -22.09 -7.44 -39.61
N VAL L 182 -22.98 -8.40 -39.76
CA VAL L 182 -23.01 -9.28 -40.92
C VAL L 182 -23.56 -8.50 -42.11
N PRO L 183 -22.75 -8.31 -43.19
CA PRO L 183 -23.19 -7.76 -44.49
C PRO L 183 -24.71 -7.85 -44.69
N GLY L 184 -25.26 -9.05 -44.55
CA GLY L 184 -26.70 -9.18 -44.44
C GLY L 184 -27.35 -9.36 -45.80
N VAL L 185 -27.69 -8.24 -46.43
CA VAL L 185 -28.47 -8.27 -47.66
C VAL L 185 -27.71 -7.69 -48.83
N ASP L 186 -28.13 -8.06 -50.04
CA ASP L 186 -27.51 -7.60 -51.27
C ASP L 186 -27.93 -6.18 -51.63
N ALA L 187 -28.85 -5.62 -50.85
CA ALA L 187 -29.24 -4.23 -51.00
C ALA L 187 -28.23 -3.30 -50.33
N ASP L 188 -27.29 -3.88 -49.58
CA ASP L 188 -26.28 -3.11 -48.86
C ASP L 188 -26.93 -2.16 -47.87
N ASP L 189 -27.93 -2.65 -47.16
CA ASP L 189 -28.68 -1.84 -46.20
C ASP L 189 -28.82 -2.56 -44.87
N ARG L 190 -29.74 -3.50 -44.80
CA ARG L 190 -30.03 -4.22 -43.57
C ARG L 190 -28.85 -5.06 -43.11
N LEU L 191 -28.42 -4.85 -41.87
CA LEU L 191 -27.28 -5.57 -41.31
C LEU L 191 -27.68 -6.40 -40.10
N LEU L 192 -26.88 -7.41 -39.78
CA LEU L 192 -27.05 -8.10 -38.51
C LEU L 192 -25.99 -7.66 -37.52
N LEU L 193 -26.35 -6.69 -36.69
CA LEU L 193 -25.41 -6.05 -35.78
C LEU L 193 -25.07 -6.94 -34.61
N ALA L 194 -23.78 -7.04 -34.29
CA ALA L 194 -23.35 -7.74 -33.10
C ALA L 194 -23.81 -6.96 -31.89
N TRP L 195 -25.03 -7.24 -31.46
CA TRP L 195 -25.67 -6.50 -30.41
C TRP L 195 -25.15 -6.90 -29.04
N PRO L 196 -25.08 -5.96 -28.11
CA PRO L 196 -24.63 -6.25 -26.74
C PRO L 196 -25.79 -6.35 -25.77
N LEU L 197 -26.62 -7.37 -25.98
CA LEU L 197 -27.71 -7.64 -25.06
C LEU L 197 -27.16 -8.17 -23.75
N GLU L 198 -27.59 -7.56 -22.64
CA GLU L 198 -27.12 -7.97 -21.33
C GLU L 198 -28.01 -9.05 -20.74
N GLY L 199 -29.30 -8.98 -21.03
CA GLY L 199 -30.26 -9.96 -20.53
C GLY L 199 -30.38 -11.14 -21.47
N LEU L 200 -31.20 -12.13 -21.07
CA LEU L 200 -31.45 -13.31 -21.89
C LEU L 200 -30.14 -13.89 -22.45
N ALA L 201 -30.10 -14.11 -23.75
CA ALA L 201 -28.90 -14.55 -24.42
C ALA L 201 -28.15 -13.36 -25.00
N GLY L 202 -26.96 -13.11 -24.47
CA GLY L 202 -26.12 -12.02 -24.95
C GLY L 202 -25.52 -12.32 -26.31
N ASN L 203 -25.76 -13.52 -26.82
CA ASN L 203 -25.30 -13.94 -28.13
C ASN L 203 -26.17 -13.38 -29.25
N LEU L 204 -27.31 -12.77 -28.88
CA LEU L 204 -28.28 -12.29 -29.85
C LEU L 204 -27.83 -11.02 -30.60
N TRP L 205 -28.51 -10.75 -31.70
CA TRP L 205 -28.09 -9.77 -32.70
C TRP L 205 -29.18 -8.74 -32.92
N LEU L 206 -28.83 -7.61 -33.51
CA LEU L 206 -29.82 -6.58 -33.79
C LEU L 206 -29.94 -6.34 -35.28
N GLN L 207 -31.16 -6.43 -35.78
CA GLN L 207 -31.44 -6.12 -37.17
C GLN L 207 -31.32 -4.63 -37.42
N ASP L 208 -30.30 -4.23 -38.15
CA ASP L 208 -29.99 -2.83 -38.37
C ASP L 208 -30.75 -2.27 -39.55
N LEU L 209 -31.77 -1.47 -39.26
CA LEU L 209 -32.57 -0.85 -40.30
C LEU L 209 -32.30 0.64 -40.44
N TYR L 210 -31.13 1.09 -39.95
CA TYR L 210 -30.76 2.50 -40.08
C TYR L 210 -30.77 2.98 -41.54
N PRO L 211 -29.83 2.51 -42.37
CA PRO L 211 -29.72 2.91 -43.77
C PRO L 211 -31.02 2.69 -44.54
N VAL L 212 -31.86 1.76 -44.08
CA VAL L 212 -33.18 1.54 -44.64
C VAL L 212 -34.07 2.75 -44.37
N GLU L 213 -34.07 3.20 -43.12
CA GLU L 213 -34.81 4.39 -42.72
C GLU L 213 -34.28 5.64 -43.42
N ALA L 214 -32.95 5.74 -43.49
CA ALA L 214 -32.31 6.87 -44.13
C ALA L 214 -32.61 6.91 -45.61
N ALA L 215 -32.53 5.74 -46.26
CA ALA L 215 -32.84 5.62 -47.68
C ALA L 215 -34.31 5.91 -47.94
N ARG L 216 -35.17 5.54 -47.00
CA ARG L 216 -36.59 5.78 -47.15
C ARG L 216 -36.90 7.26 -47.14
N LEU L 217 -36.31 7.99 -46.19
CA LEU L 217 -36.50 9.44 -46.14
C LEU L 217 -35.90 10.12 -47.35
N ARG L 218 -34.75 9.60 -47.81
CA ARG L 218 -34.13 10.07 -49.04
C ARG L 218 -35.06 9.86 -50.23
N ALA L 219 -35.60 8.65 -50.34
CA ALA L 219 -36.48 8.30 -51.43
C ALA L 219 -37.75 9.14 -51.40
N LEU L 220 -38.32 9.30 -50.20
CA LEU L 220 -39.52 10.09 -50.03
C LEU L 220 -39.31 11.52 -50.49
N ASP L 221 -38.16 12.09 -50.16
CA ASP L 221 -37.79 13.41 -50.66
C ASP L 221 -37.58 13.41 -52.17
N ASP L 222 -36.92 12.38 -52.68
CA ASP L 222 -36.65 12.29 -54.11
C ASP L 222 -37.91 12.06 -54.93
N HIS L 223 -38.97 11.57 -54.29
CA HIS L 223 -40.25 11.36 -54.95
C HIS L 223 -40.89 12.67 -55.41
N ASP L 224 -40.65 13.74 -54.65
CA ASP L 224 -41.30 15.01 -54.94
C ASP L 224 -40.42 16.21 -54.60
N ALA L 225 -39.11 15.98 -54.55
CA ALA L 225 -38.15 17.05 -54.22
C ALA L 225 -38.52 17.74 -52.91
N GLY L 226 -38.89 16.95 -51.91
CA GLY L 226 -39.37 17.48 -50.65
C GLY L 226 -38.23 17.71 -49.67
N THR L 227 -38.56 18.20 -48.48
CA THR L 227 -37.57 18.54 -47.47
C THR L 227 -37.84 17.84 -46.14
N ARG L 228 -38.15 16.54 -46.20
CA ARG L 228 -38.41 15.76 -45.00
C ARG L 228 -37.14 15.63 -44.17
N ARG L 229 -36.02 15.40 -44.85
CA ARG L 229 -34.73 15.25 -44.17
C ARG L 229 -34.23 16.58 -43.63
N ARG L 230 -34.62 17.68 -44.28
CA ARG L 230 -34.25 19.00 -43.80
C ARG L 230 -34.93 19.28 -42.47
N LEU L 231 -36.20 18.91 -42.37
CA LEU L 231 -36.93 19.01 -41.11
C LEU L 231 -36.27 18.17 -40.03
N LEU L 232 -35.88 16.94 -40.38
CA LEU L 232 -35.16 16.08 -39.46
C LEU L 232 -33.86 16.73 -38.98
N LEU L 233 -33.10 17.30 -39.91
CA LEU L 233 -31.85 17.97 -39.57
C LEU L 233 -32.09 19.15 -38.62
N LEU L 234 -33.15 19.90 -38.87
CA LEU L 234 -33.53 20.99 -37.98
C LEU L 234 -33.85 20.45 -36.59
N LEU L 235 -34.65 19.39 -36.54
CA LEU L 235 -35.06 18.79 -35.29
C LEU L 235 -33.87 18.25 -34.51
N CYS L 236 -32.89 17.71 -35.22
CA CYS L 236 -31.68 17.20 -34.60
C CYS L 236 -30.95 18.31 -33.86
N ALA L 237 -30.77 19.45 -34.53
CA ALA L 237 -30.12 20.59 -33.92
C ALA L 237 -30.95 21.15 -32.77
N VAL L 238 -32.28 21.09 -32.89
CA VAL L 238 -33.15 21.51 -31.79
C VAL L 238 -32.91 20.67 -30.55
N CYS L 239 -32.79 19.36 -30.74
CA CYS L 239 -32.48 18.47 -29.63
C CYS L 239 -31.08 18.73 -29.06
N ARG L 240 -30.12 19.02 -29.95
CA ARG L 240 -28.78 19.35 -29.50
C ARG L 240 -28.77 20.62 -28.64
N GLY L 241 -29.64 21.58 -28.99
CA GLY L 241 -29.70 22.84 -28.28
C GLY L 241 -30.82 22.88 -27.22
N CYS L 242 -31.34 21.71 -26.84
CA CYS L 242 -32.42 21.67 -25.85
C CYS L 242 -32.27 20.47 -24.92
N SER L 243 -31.89 20.73 -23.68
CA SER L 243 -31.63 19.67 -22.70
C SER L 243 -32.89 18.88 -22.36
N ALA L 244 -34.06 19.50 -22.52
CA ALA L 244 -35.34 18.83 -22.32
C ALA L 244 -35.50 17.67 -23.30
N LEU L 245 -34.85 17.76 -24.45
CA LEU L 245 -34.98 16.76 -25.48
C LEU L 245 -33.80 15.81 -25.49
N GLY L 246 -33.03 15.79 -24.40
CA GLY L 246 -31.86 14.92 -24.29
C GLY L 246 -32.23 13.44 -24.31
N GLN L 247 -33.49 13.13 -24.01
CA GLN L 247 -33.97 11.75 -24.03
C GLN L 247 -34.44 11.34 -25.43
N LEU L 248 -34.54 12.29 -26.34
CA LEU L 248 -34.99 12.01 -27.70
C LEU L 248 -33.84 12.18 -28.68
N GLY L 249 -33.31 11.07 -29.18
CA GLY L 249 -32.14 11.11 -30.03
C GLY L 249 -32.52 11.11 -31.50
N ARG L 250 -31.54 10.88 -32.35
CA ARG L 250 -31.75 10.84 -33.80
C ARG L 250 -32.75 9.77 -34.17
N GLY L 251 -32.66 8.61 -33.51
CA GLY L 251 -33.59 7.51 -33.75
C GLY L 251 -35.03 7.91 -33.44
N HIS L 252 -35.22 8.63 -32.35
CA HIS L 252 -36.55 9.07 -31.95
C HIS L 252 -37.13 10.03 -32.97
N LEU L 253 -36.30 10.96 -33.43
CA LEU L 253 -36.71 11.93 -34.43
C LEU L 253 -36.96 11.26 -35.76
N THR L 254 -36.16 10.25 -36.08
CA THR L 254 -36.28 9.52 -37.32
C THR L 254 -37.64 8.85 -37.44
N GLN L 255 -38.10 8.24 -36.35
CA GLN L 255 -39.39 7.57 -36.36
C GLN L 255 -40.51 8.58 -36.61
N VAL L 256 -40.40 9.75 -35.98
CA VAL L 256 -41.39 10.81 -36.15
C VAL L 256 -41.40 11.32 -37.59
N VAL L 257 -40.22 11.59 -38.12
CA VAL L 257 -40.09 12.15 -39.46
C VAL L 257 -40.48 11.15 -40.54
N LEU L 258 -40.25 9.86 -40.29
CA LEU L 258 -40.74 8.82 -41.19
C LEU L 258 -42.26 8.82 -41.27
N ARG L 259 -42.92 8.97 -40.11
CA ARG L 259 -44.37 9.09 -40.08
C ARG L 259 -44.84 10.34 -40.82
N LEU L 260 -44.14 11.44 -40.59
CA LEU L 260 -44.44 12.69 -41.29
C LEU L 260 -44.21 12.54 -42.77
N GLY L 261 -43.11 11.87 -43.12
CA GLY L 261 -42.69 11.73 -44.50
C GLY L 261 -43.74 11.02 -45.32
N GLU L 262 -44.41 10.04 -44.73
CA GLU L 262 -45.51 9.35 -45.38
C GLU L 262 -46.77 10.21 -45.40
N ASP L 263 -46.72 11.30 -46.15
CA ASP L 263 -47.85 12.21 -46.27
C ASP L 263 -47.71 13.06 -47.53
N ASN L 264 -48.78 13.77 -47.87
CA ASN L 264 -48.80 14.58 -49.07
C ASN L 264 -49.15 16.02 -48.74
N VAL L 265 -48.18 16.75 -48.21
CA VAL L 265 -48.36 18.14 -47.81
C VAL L 265 -47.32 19.01 -48.50
N ASP L 266 -47.32 20.30 -48.20
CA ASP L 266 -46.31 21.18 -48.75
C ASP L 266 -44.95 20.83 -48.18
N TRP L 267 -44.12 20.19 -49.00
CA TRP L 267 -42.83 19.68 -48.57
C TRP L 267 -41.66 20.59 -48.95
N THR L 268 -41.96 21.82 -49.36
CA THR L 268 -40.91 22.74 -49.77
C THR L 268 -40.37 23.49 -48.57
N GLU L 269 -39.25 24.19 -48.76
CA GLU L 269 -38.59 24.93 -47.69
C GLU L 269 -39.47 26.05 -47.15
N GLU L 270 -40.38 26.54 -47.98
CA GLU L 270 -41.27 27.64 -47.61
C GLU L 270 -42.24 27.26 -46.50
N ALA L 271 -42.42 25.96 -46.26
CA ALA L 271 -43.32 25.50 -45.23
C ALA L 271 -42.58 24.71 -44.16
N LEU L 272 -41.30 25.05 -43.93
CA LEU L 272 -40.56 24.47 -42.83
C LEU L 272 -41.23 24.77 -41.51
N GLY L 273 -41.67 26.02 -41.35
CA GLY L 273 -42.34 26.45 -40.13
C GLY L 273 -43.63 25.66 -39.88
N GLU L 274 -44.42 25.49 -40.93
CA GLU L 274 -45.66 24.73 -40.82
C GLU L 274 -45.38 23.31 -40.38
N ARG L 275 -44.48 22.65 -41.08
CA ARG L 275 -44.17 21.26 -40.82
C ARG L 275 -43.41 21.07 -39.52
N PHE L 276 -42.68 22.11 -39.12
CA PHE L 276 -42.01 22.12 -37.82
C PHE L 276 -43.02 21.98 -36.71
N LEU L 277 -44.06 22.79 -36.76
CA LEU L 277 -45.11 22.74 -35.75
C LEU L 277 -45.87 21.41 -35.83
N GLN L 278 -46.05 20.91 -37.05
CA GLN L 278 -46.68 19.60 -37.25
C GLN L 278 -45.85 18.49 -36.62
N ALA L 279 -44.53 18.59 -36.76
CA ALA L 279 -43.62 17.63 -36.16
C ALA L 279 -43.74 17.66 -34.65
N LEU L 280 -43.86 18.86 -34.09
CA LEU L 280 -44.04 19.01 -32.67
C LEU L 280 -45.35 18.37 -32.22
N GLU L 281 -46.41 18.61 -32.98
CA GLU L 281 -47.72 18.07 -32.65
C GLU L 281 -47.73 16.55 -32.65
N LEU L 282 -47.11 15.95 -33.67
CA LEU L 282 -47.03 14.50 -33.77
C LEU L 282 -46.21 13.90 -32.64
N LEU L 283 -45.06 14.50 -32.38
CA LEU L 283 -44.17 14.06 -31.32
C LEU L 283 -44.82 14.20 -29.94
N ILE L 284 -45.44 15.35 -29.70
CA ILE L 284 -46.13 15.61 -28.44
C ILE L 284 -47.25 14.62 -28.20
N GLY L 285 -48.03 14.34 -29.25
CA GLY L 285 -49.11 13.38 -29.15
C GLY L 285 -48.58 12.00 -28.75
N SER L 286 -47.49 11.59 -29.39
CA SER L 286 -46.84 10.32 -29.06
C SER L 286 -46.36 10.32 -27.62
N LEU L 287 -45.81 11.46 -27.18
CA LEU L 287 -45.35 11.62 -25.81
C LEU L 287 -46.52 11.56 -24.83
N GLU L 288 -47.64 12.17 -25.19
CA GLU L 288 -48.84 12.12 -24.36
C GLU L 288 -49.35 10.69 -24.19
N GLN L 289 -49.14 9.85 -25.21
CA GLN L 289 -49.49 8.43 -25.13
C GLN L 289 -48.37 7.60 -24.52
N ALA L 290 -47.22 8.21 -24.26
CA ALA L 290 -46.02 7.51 -23.82
C ALA L 290 -45.70 6.33 -24.74
N SER L 291 -45.83 6.56 -26.05
CA SER L 291 -45.66 5.50 -27.02
C SER L 291 -45.13 6.02 -28.35
N LEU L 292 -43.99 5.49 -28.78
CA LEU L 292 -43.46 5.75 -30.12
C LEU L 292 -43.07 4.45 -30.82
N PRO L 293 -44.03 3.85 -31.52
CA PRO L 293 -43.80 2.69 -32.35
C PRO L 293 -42.91 3.00 -33.55
N CYS L 294 -41.80 2.28 -33.66
CA CYS L 294 -40.89 2.42 -34.79
C CYS L 294 -41.62 2.24 -36.10
N HIS L 295 -41.31 3.09 -37.07
CA HIS L 295 -41.98 3.09 -38.36
C HIS L 295 -41.87 1.74 -39.06
N PHE L 296 -40.69 1.12 -38.98
CA PHE L 296 -40.46 -0.17 -39.62
C PHE L 296 -40.66 -1.35 -38.67
N ASN L 297 -41.18 -1.06 -37.47
CA ASN L 297 -41.49 -2.10 -36.51
C ASN L 297 -42.27 -1.55 -35.33
N PRO L 298 -43.60 -1.54 -35.44
CA PRO L 298 -44.51 -0.86 -34.51
C PRO L 298 -44.48 -1.46 -33.11
N SER L 299 -43.88 -2.65 -32.96
CA SER L 299 -43.81 -3.28 -31.66
C SER L 299 -42.69 -2.67 -30.80
N VAL L 300 -41.86 -1.82 -31.41
CA VAL L 300 -40.81 -1.13 -30.70
C VAL L 300 -41.24 0.24 -30.23
N ASN L 301 -41.54 0.34 -28.93
CA ASN L 301 -41.90 1.61 -28.31
C ASN L 301 -40.65 2.34 -27.82
N LEU L 302 -40.27 3.40 -28.54
CA LEU L 302 -39.04 4.11 -28.26
C LEU L 302 -39.12 4.96 -26.99
N PHE L 303 -40.33 5.08 -26.42
CA PHE L 303 -40.51 5.81 -25.18
C PHE L 303 -40.61 4.87 -23.99
N SER L 304 -40.52 3.57 -24.24
CA SER L 304 -40.70 2.57 -23.18
C SER L 304 -39.55 2.59 -22.17
N SER L 305 -38.41 3.14 -22.58
CA SER L 305 -37.25 3.24 -21.71
C SER L 305 -37.25 4.54 -20.91
N LEU L 306 -38.26 5.38 -21.12
CA LEU L 306 -38.32 6.68 -20.48
C LEU L 306 -39.43 6.73 -19.43
N ARG L 307 -39.24 7.55 -18.40
CA ARG L 307 -40.23 7.73 -17.35
C ARG L 307 -41.45 8.49 -17.87
N GLU L 308 -42.64 7.95 -17.61
CA GLU L 308 -43.88 8.54 -18.10
C GLU L 308 -44.02 10.02 -17.77
N GLU L 309 -43.65 10.38 -16.53
CA GLU L 309 -43.72 11.77 -16.10
C GLU L 309 -42.76 12.65 -16.88
N GLU L 310 -41.55 12.16 -17.11
CA GLU L 310 -40.58 12.88 -17.91
C GLU L 310 -41.02 12.98 -19.36
N ILE L 311 -41.64 11.91 -19.86
CA ILE L 311 -42.20 11.90 -21.21
C ILE L 311 -43.23 13.00 -21.38
N ASP L 312 -44.13 13.12 -20.40
CA ASP L 312 -45.14 14.16 -20.42
C ASP L 312 -44.52 15.54 -20.31
N ASP L 313 -43.50 15.67 -19.46
CA ASP L 313 -42.79 16.94 -19.29
C ASP L 313 -42.11 17.37 -20.58
N ILE L 314 -41.57 16.41 -21.33
CA ILE L 314 -41.02 16.71 -22.64
C ILE L 314 -42.08 17.22 -23.58
N GLY L 315 -43.25 16.58 -23.56
CA GLY L 315 -44.38 17.01 -24.36
C GLY L 315 -44.83 18.42 -23.97
N TYR L 316 -44.79 18.72 -22.68
CA TYR L 316 -45.14 20.04 -22.18
C TYR L 316 -44.12 21.09 -22.61
N ALA L 317 -42.84 20.71 -22.61
CA ALA L 317 -41.78 21.58 -23.08
C ALA L 317 -41.95 21.88 -24.56
N LEU L 318 -42.26 20.84 -25.34
CA LEU L 318 -42.51 20.99 -26.76
C LEU L 318 -43.80 21.74 -27.02
N TYR L 319 -44.79 21.56 -26.15
CA TYR L 319 -46.03 22.31 -26.23
C TYR L 319 -45.79 23.80 -26.07
N SER L 320 -44.94 24.17 -25.11
CA SER L 320 -44.52 25.56 -25.00
C SER L 320 -43.73 25.98 -26.24
N GLY L 321 -43.07 24.99 -26.85
CA GLY L 321 -42.45 25.18 -28.16
C GLY L 321 -43.48 25.53 -29.22
N LEU L 322 -44.63 24.85 -29.21
CA LEU L 322 -45.73 25.21 -30.11
C LEU L 322 -46.23 26.62 -29.84
N GLN L 323 -46.31 26.97 -28.57
CA GLN L 323 -46.79 28.29 -28.17
C GLN L 323 -45.82 29.39 -28.60
N GLU L 324 -44.52 29.11 -28.48
CA GLU L 324 -43.50 30.07 -28.90
C GLU L 324 -42.45 29.39 -29.78
N PRO L 325 -42.88 28.89 -30.96
CA PRO L 325 -42.05 28.21 -31.98
C PRO L 325 -40.55 28.55 -31.91
N GLU L 326 -40.23 29.84 -31.98
CA GLU L 326 -38.84 30.29 -32.11
C GLU L 326 -38.01 30.02 -30.84
N GLY L 327 -38.69 29.75 -29.73
CA GLY L 327 -38.04 29.46 -28.45
C GLY L 327 -37.31 28.11 -28.45
N LEU L 328 -37.63 27.25 -29.42
CA LEU L 328 -36.91 26.00 -29.59
C LEU L 328 -35.67 26.16 -30.47
N LEU L 329 -35.50 27.38 -31.01
CA LEU L 329 -34.48 27.61 -32.01
C LEU L 329 -33.41 28.60 -31.51
N MET M 1 51.30 -12.50 20.46
CA MET M 1 52.24 -13.05 19.48
C MET M 1 52.57 -14.49 19.77
N GLU M 2 52.28 -15.36 18.78
CA GLU M 2 52.51 -16.79 18.91
C GLU M 2 52.69 -17.41 17.54
N ALA M 3 51.58 -17.77 16.89
CA ALA M 3 51.63 -18.26 15.52
C ALA M 3 52.05 -17.15 14.56
N LEU M 4 51.94 -15.90 15.01
CA LEU M 4 52.40 -14.77 14.25
C LEU M 4 53.88 -14.86 13.94
N ILE M 5 54.63 -15.55 14.80
CA ILE M 5 56.07 -15.65 14.62
C ILE M 5 56.45 -16.26 13.25
N PRO M 6 55.75 -17.32 12.81
CA PRO M 6 56.05 -17.97 11.55
C PRO M 6 55.23 -17.38 10.44
N VAL M 7 54.03 -16.89 10.77
CA VAL M 7 53.20 -16.20 9.79
C VAL M 7 53.92 -14.98 9.28
N ILE M 8 54.42 -14.16 10.20
CA ILE M 8 55.13 -12.97 9.84
C ILE M 8 56.42 -13.27 9.10
N ASN M 9 57.16 -14.27 9.56
CA ASN M 9 58.39 -14.66 8.87
C ASN M 9 58.12 -15.03 7.41
N LYS M 10 57.06 -15.78 7.17
CA LYS M 10 56.63 -16.07 5.81
C LYS M 10 56.31 -14.77 5.08
N LEU M 11 55.66 -13.85 5.79
CA LEU M 11 55.29 -12.54 5.26
C LEU M 11 56.45 -11.56 5.22
N GLN M 12 57.64 -12.00 5.58
CA GLN M 12 58.83 -11.21 5.32
C GLN M 12 59.38 -11.62 3.96
N ASP M 13 59.37 -12.94 3.72
CA ASP M 13 59.85 -13.50 2.48
C ASP M 13 59.01 -13.07 1.27
N VAL M 14 57.75 -12.73 1.51
CA VAL M 14 56.91 -12.23 0.42
C VAL M 14 57.48 -10.93 -0.14
N PHE M 15 58.24 -10.21 0.66
CA PHE M 15 58.86 -8.98 0.23
C PHE M 15 60.28 -9.26 -0.25
N ASN M 16 60.96 -10.15 0.46
CA ASN M 16 62.33 -10.49 0.12
C ASN M 16 62.44 -11.05 -1.29
N THR M 17 61.45 -11.84 -1.68
CA THR M 17 61.48 -12.52 -2.97
C THR M 17 60.93 -11.67 -4.10
N VAL M 18 60.45 -10.47 -3.79
CA VAL M 18 60.03 -9.53 -4.82
C VAL M 18 60.89 -8.27 -4.80
N GLY M 19 61.75 -8.16 -3.79
CA GLY M 19 62.68 -7.05 -3.69
C GLY M 19 62.02 -5.82 -3.08
N ALA M 20 61.00 -6.05 -2.27
CA ALA M 20 60.26 -4.96 -1.65
C ALA M 20 60.67 -4.77 -0.21
N ASP M 21 60.34 -3.63 0.35
CA ASP M 21 60.54 -3.39 1.77
C ASP M 21 59.46 -4.07 2.59
N ILE M 22 59.86 -4.65 3.71
CA ILE M 22 58.93 -5.37 4.55
C ILE M 22 58.06 -4.43 5.36
N ILE M 23 56.76 -4.69 5.37
CA ILE M 23 55.81 -3.87 6.12
C ILE M 23 56.28 -3.66 7.54
N GLN M 24 56.23 -2.41 7.98
CA GLN M 24 56.61 -2.08 9.33
C GLN M 24 55.40 -2.09 10.24
N LEU M 25 55.57 -2.68 11.43
CA LEU M 25 54.49 -2.74 12.40
C LEU M 25 54.40 -1.42 13.17
N PRO M 26 53.18 -0.97 13.42
CA PRO M 26 52.93 0.27 14.13
C PRO M 26 53.61 0.27 15.49
N GLN M 27 54.11 1.44 15.90
CA GLN M 27 54.81 1.60 17.17
C GLN M 27 53.85 1.46 18.34
N ILE M 28 54.24 0.69 19.34
CA ILE M 28 53.37 0.47 20.49
C ILE M 28 53.66 1.48 21.58
N VAL M 29 52.73 2.41 21.79
CA VAL M 29 52.97 3.49 22.75
C VAL M 29 51.93 3.50 23.86
N VAL M 30 52.38 3.41 25.10
CA VAL M 30 51.46 3.40 26.24
C VAL M 30 51.40 4.74 26.94
N VAL M 31 50.18 5.23 27.16
CA VAL M 31 49.97 6.55 27.76
C VAL M 31 49.00 6.50 28.94
N GLY M 32 49.06 7.53 29.79
CA GLY M 32 48.15 7.61 30.93
C GLY M 32 48.81 8.27 32.15
N THR M 33 48.01 8.49 33.19
CA THR M 33 48.48 9.17 34.38
C THR M 33 49.39 8.28 35.21
N GLN M 34 50.18 8.91 36.06
CA GLN M 34 51.15 8.22 36.90
C GLN M 34 50.51 7.12 37.72
N SER M 35 51.15 5.95 37.71
CA SER M 35 50.72 4.78 38.47
C SER M 35 49.37 4.22 38.01
N SER M 36 49.01 4.45 36.75
CA SER M 36 47.81 3.84 36.20
C SER M 36 48.01 2.36 35.85
N GLY M 37 49.26 1.95 35.64
CA GLY M 37 49.55 0.54 35.34
C GLY M 37 50.23 0.35 33.98
N LYS M 38 50.77 1.43 33.44
CA LYS M 38 51.32 1.45 32.08
C LYS M 38 52.40 0.39 31.85
N SER M 39 53.45 0.44 32.66
CA SER M 39 54.59 -0.47 32.48
C SER M 39 54.14 -1.90 32.62
N SER M 40 53.28 -2.15 33.61
CA SER M 40 52.71 -3.50 33.80
C SER M 40 52.00 -4.04 32.57
N VAL M 41 51.27 -3.18 31.86
CA VAL M 41 50.64 -3.61 30.61
C VAL M 41 51.67 -4.11 29.62
N LEU M 42 52.75 -3.35 29.47
CA LEU M 42 53.83 -3.76 28.59
C LEU M 42 54.50 -5.05 29.07
N GLU M 43 54.62 -5.19 30.39
CA GLU M 43 55.23 -6.40 30.96
C GLU M 43 54.43 -7.65 30.62
N SER M 44 53.10 -7.52 30.59
CA SER M 44 52.24 -8.63 30.24
C SER M 44 52.38 -9.04 28.78
N LEU M 45 52.95 -8.15 27.97
CA LEU M 45 53.16 -8.42 26.56
C LEU M 45 54.52 -9.07 26.29
N VAL M 46 55.35 -9.16 27.34
CA VAL M 46 56.68 -9.72 27.22
C VAL M 46 56.80 -11.06 27.92
N GLY M 47 56.39 -11.08 29.19
CA GLY M 47 56.52 -12.28 30.01
C GLY M 47 57.75 -12.21 30.91
N ARG M 48 58.52 -11.14 30.77
CA ARG M 48 59.70 -10.93 31.60
C ARG M 48 59.60 -9.59 32.32
N ASP M 49 60.22 -9.53 33.50
CA ASP M 49 60.25 -8.29 34.26
C ASP M 49 61.35 -7.37 33.74
N LEU M 50 61.13 -6.78 32.58
CA LEU M 50 62.14 -5.95 31.93
C LEU M 50 61.99 -4.49 32.32
N LEU M 51 60.79 -4.11 32.73
CA LEU M 51 60.50 -2.74 33.07
C LEU M 51 60.49 -2.56 34.57
N PRO M 52 60.82 -1.36 35.01
CA PRO M 52 60.64 -0.91 36.37
C PRO M 52 59.17 -0.78 36.65
N ARG M 53 58.78 -0.96 37.90
CA ARG M 53 57.37 -0.94 38.30
C ARG M 53 57.23 -0.48 39.73
N GLY M 54 56.10 0.13 40.04
CA GLY M 54 55.86 0.57 41.41
C GLY M 54 54.86 1.70 41.53
N THR M 55 54.61 2.14 42.76
CA THR M 55 53.62 3.19 43.02
C THR M 55 54.23 4.57 42.85
N GLY M 56 53.36 5.58 42.80
CA GLY M 56 53.76 6.96 42.67
C GLY M 56 54.43 7.21 41.33
N ILE M 57 55.69 7.63 41.36
CA ILE M 57 56.46 7.87 40.15
C ILE M 57 57.57 6.84 40.00
N VAL M 58 57.63 6.19 38.85
CA VAL M 58 58.65 5.20 38.55
C VAL M 58 59.32 5.45 37.22
N THR M 59 58.54 5.39 36.14
CA THR M 59 59.06 5.68 34.82
C THR M 59 59.28 7.18 34.70
N ARG M 60 60.53 7.57 34.50
CA ARG M 60 60.89 8.98 34.51
C ARG M 60 61.73 9.33 33.31
N ARG M 61 61.61 8.56 32.25
CA ARG M 61 62.44 8.71 31.08
C ARG M 61 62.06 7.68 30.03
N PRO M 62 61.21 8.06 29.08
CA PRO M 62 60.67 7.16 28.02
C PRO M 62 61.65 6.06 27.66
N LEU M 63 61.15 4.82 27.59
CA LEU M 63 61.98 3.72 27.10
C LEU M 63 61.61 3.37 25.68
N ILE M 64 62.61 3.34 24.81
CA ILE M 64 62.43 2.87 23.44
C ILE M 64 62.83 1.42 23.33
N LEU M 65 61.85 0.55 23.29
CA LEU M 65 62.11 -0.87 23.26
C LEU M 65 62.00 -1.43 21.85
N GLN M 66 63.09 -2.02 21.38
CA GLN M 66 63.07 -2.67 20.09
C GLN M 66 63.17 -4.18 20.24
N LEU M 67 62.05 -4.85 20.04
CA LEU M 67 62.02 -6.30 20.04
C LEU M 67 62.68 -6.80 18.76
N VAL M 68 63.56 -7.80 18.90
CA VAL M 68 64.35 -8.27 17.76
C VAL M 68 64.19 -9.77 17.52
N HIS M 69 63.75 -10.12 16.32
CA HIS M 69 63.71 -11.51 15.90
C HIS M 69 65.11 -12.03 15.64
N VAL M 70 65.42 -13.20 16.19
CA VAL M 70 66.72 -13.81 15.99
C VAL M 70 66.63 -15.07 15.14
N SER M 71 67.51 -15.18 14.16
CA SER M 71 67.54 -16.33 13.26
C SER M 71 68.22 -17.53 13.92
N GLN M 72 68.45 -18.56 13.13
CA GLN M 72 69.10 -19.77 13.63
C GLN M 72 70.63 -19.66 13.59
N GLU M 73 71.14 -18.50 13.20
CA GLU M 73 72.58 -18.27 13.19
C GLU M 73 73.14 -18.32 14.60
N ALA M 87 74.17 -17.30 23.72
CA ALA M 87 72.98 -16.56 24.12
C ALA M 87 71.78 -16.95 23.26
N GLU M 88 70.78 -17.55 23.89
CA GLU M 88 69.52 -17.84 23.21
C GLU M 88 68.65 -16.59 23.18
N GLU M 89 68.46 -15.99 24.35
CA GLU M 89 67.79 -14.72 24.47
C GLU M 89 68.67 -13.72 25.19
N TRP M 90 68.67 -12.48 24.73
CA TRP M 90 69.51 -11.45 25.35
C TRP M 90 69.04 -10.06 24.97
N GLY M 91 69.50 -9.05 25.70
CA GLY M 91 69.20 -7.67 25.36
C GLY M 91 70.43 -6.90 24.92
N LYS M 92 70.24 -5.61 24.62
CA LYS M 92 71.35 -4.74 24.24
C LYS M 92 70.94 -3.27 24.31
N PHE M 93 71.69 -2.48 25.09
CA PHE M 93 71.39 -1.07 25.20
C PHE M 93 72.26 -0.24 24.26
N LEU M 94 71.67 0.81 23.73
CA LEU M 94 72.38 1.71 22.84
C LEU M 94 73.64 2.27 23.50
N HIS M 95 73.51 2.68 24.75
CA HIS M 95 74.61 3.32 25.45
C HIS M 95 75.67 2.33 25.95
N THR M 96 75.47 1.03 25.72
CA THR M 96 76.50 0.05 26.01
C THR M 96 76.87 -0.72 24.76
N LYS M 97 76.63 -0.11 23.60
CA LYS M 97 77.07 -0.66 22.33
C LYS M 97 76.58 -2.10 22.16
N ASN M 98 77.50 -3.02 21.90
CA ASN M 98 77.13 -4.39 21.59
C ASN M 98 77.21 -5.32 22.80
N LYS M 99 77.15 -4.76 24.00
CA LYS M 99 77.06 -5.58 25.20
C LYS M 99 75.78 -6.41 25.17
N LEU M 100 75.92 -7.71 25.38
CA LEU M 100 74.78 -8.61 25.33
C LEU M 100 74.29 -8.91 26.74
N TYR M 101 72.98 -8.84 26.93
CA TYR M 101 72.41 -9.05 28.26
C TYR M 101 71.54 -10.28 28.30
N THR M 102 72.11 -11.42 28.68
CA THR M 102 71.32 -12.63 28.92
C THR M 102 70.67 -12.55 30.30
N ASP M 103 71.20 -11.68 31.14
CA ASP M 103 70.61 -11.37 32.43
C ASP M 103 69.55 -10.29 32.28
N PHE M 104 68.29 -10.69 32.35
CA PHE M 104 67.19 -9.78 32.09
C PHE M 104 66.81 -8.95 33.33
N ASP M 105 67.44 -9.25 34.46
CA ASP M 105 67.28 -8.44 35.64
C ASP M 105 68.29 -7.31 35.58
N GLU M 106 69.46 -7.61 35.02
CA GLU M 106 70.45 -6.58 34.71
C GLU M 106 69.88 -5.57 33.77
N ILE M 107 69.12 -6.03 32.78
CA ILE M 107 68.46 -5.12 31.86
C ILE M 107 67.52 -4.17 32.56
N ARG M 108 66.62 -4.70 33.39
CA ARG M 108 65.72 -3.86 34.15
C ARG M 108 66.49 -2.89 35.03
N GLN M 109 67.51 -3.39 35.72
CA GLN M 109 68.33 -2.59 36.60
C GLN M 109 69.12 -1.55 35.84
N GLU M 110 69.55 -1.90 34.62
CA GLU M 110 70.29 -0.96 33.79
C GLU M 110 69.39 0.17 33.32
N ILE M 111 68.13 -0.15 33.06
CA ILE M 111 67.14 0.89 32.78
C ILE M 111 67.02 1.83 33.96
N GLU M 112 66.95 1.25 35.16
CA GLU M 112 66.88 2.03 36.39
C GLU M 112 68.12 2.90 36.55
N ASN M 113 69.28 2.32 36.28
CA ASN M 113 70.54 3.04 36.39
C ASN M 113 70.59 4.19 35.43
N GLU M 114 70.29 3.90 34.17
CA GLU M 114 70.35 4.88 33.11
C GLU M 114 69.32 5.97 33.31
N THR M 115 68.13 5.58 33.78
CA THR M 115 67.10 6.54 34.13
C THR M 115 67.63 7.56 35.13
N GLU M 116 68.27 7.07 36.19
CA GLU M 116 68.82 7.94 37.21
C GLU M 116 69.97 8.80 36.69
N ARG M 117 70.73 8.26 35.73
CA ARG M 117 71.86 9.00 35.17
C ARG M 117 71.44 10.31 34.50
N ILE M 118 70.30 10.30 33.80
CA ILE M 118 69.86 11.54 33.16
C ILE M 118 68.65 12.18 33.84
N SER M 119 67.58 11.42 34.06
CA SER M 119 66.38 12.00 34.66
C SER M 119 66.57 12.26 36.15
N GLY M 120 67.40 11.44 36.78
CA GLY M 120 67.71 11.62 38.19
C GLY M 120 66.86 10.71 39.06
N ASN M 121 66.92 10.94 40.37
CA ASN M 121 66.16 10.13 41.32
C ASN M 121 65.41 11.02 42.30
N ASN M 122 64.70 11.99 41.76
CA ASN M 122 63.91 12.91 42.57
C ASN M 122 62.72 13.40 41.78
N LYS M 123 61.95 12.46 41.24
CA LYS M 123 60.75 12.73 40.44
C LYS M 123 61.02 13.49 39.14
N GLY M 124 62.28 13.77 38.82
CA GLY M 124 62.62 14.48 37.60
C GLY M 124 62.42 13.57 36.41
N VAL M 125 61.96 14.13 35.30
CA VAL M 125 61.73 13.36 34.10
C VAL M 125 62.59 13.87 32.96
N SER M 126 63.29 12.94 32.31
CA SER M 126 64.13 13.30 31.18
C SER M 126 63.35 13.25 29.89
N PRO M 127 63.71 14.14 28.96
CA PRO M 127 63.18 14.11 27.60
C PRO M 127 64.01 13.19 26.72
N GLU M 128 65.15 12.73 27.23
CA GLU M 128 66.01 11.84 26.49
C GLU M 128 65.68 10.40 26.80
N PRO M 129 64.95 9.73 25.92
CA PRO M 129 64.57 8.34 26.05
C PRO M 129 65.77 7.39 26.12
N ILE M 130 65.52 6.18 26.61
CA ILE M 130 66.54 5.11 26.65
C ILE M 130 66.28 4.10 25.54
N HIS M 131 67.29 3.77 24.74
CA HIS M 131 67.08 2.78 23.70
C HIS M 131 67.58 1.39 24.12
N LEU M 132 66.69 0.42 24.05
CA LEU M 132 66.98 -0.97 24.38
C LEU M 132 66.47 -1.93 23.33
N LYS M 133 67.34 -2.82 22.87
CA LYS M 133 66.93 -3.92 22.01
C LYS M 133 66.81 -5.22 22.80
N ILE M 134 65.76 -5.99 22.51
CA ILE M 134 65.61 -7.32 23.10
C ILE M 134 65.59 -8.38 22.04
N PHE M 135 66.44 -9.38 22.21
CA PHE M 135 66.65 -10.40 21.19
C PHE M 135 66.13 -11.75 21.61
N SER M 136 65.43 -12.40 20.69
CA SER M 136 65.05 -13.80 20.85
C SER M 136 64.62 -14.40 19.52
N PRO M 137 64.68 -15.71 19.41
CA PRO M 137 64.30 -16.44 18.22
C PRO M 137 62.83 -16.78 18.25
N ASN M 138 62.20 -16.50 19.38
CA ASN M 138 60.78 -16.71 19.51
C ASN M 138 60.03 -15.39 19.66
N VAL M 139 60.61 -14.31 19.13
CA VAL M 139 59.92 -13.03 19.08
C VAL M 139 60.06 -12.40 17.71
N VAL M 140 59.24 -11.39 17.44
CA VAL M 140 59.24 -10.71 16.16
C VAL M 140 59.58 -9.24 16.30
N ASN M 141 60.27 -8.71 15.30
CA ASN M 141 60.66 -7.30 15.29
C ASN M 141 59.47 -6.39 15.62
N LEU M 142 59.63 -5.56 16.65
CA LEU M 142 58.55 -4.66 17.07
C LEU M 142 59.06 -3.52 17.94
N THR M 143 58.62 -2.30 17.64
CA THR M 143 59.03 -1.12 18.39
C THR M 143 57.97 -0.71 19.42
N LEU M 144 58.38 -0.60 20.68
CA LEU M 144 57.46 -0.24 21.77
C LEU M 144 58.01 0.94 22.60
N VAL M 145 57.11 1.71 23.21
CA VAL M 145 57.51 2.86 24.02
C VAL M 145 56.84 2.87 25.40
N ASP M 146 57.66 2.94 26.46
CA ASP M 146 57.16 3.06 27.83
C ASP M 146 57.31 4.49 28.34
N LEU M 147 56.19 5.21 28.47
CA LEU M 147 56.22 6.62 28.82
C LEU M 147 56.01 6.90 30.30
N PRO M 148 56.47 8.05 30.74
CA PRO M 148 56.23 8.55 32.08
C PRO M 148 54.77 8.95 32.22
N GLY M 149 54.24 8.83 33.43
CA GLY M 149 52.84 9.12 33.65
C GLY M 149 52.54 10.60 33.56
N MET M 150 51.33 10.91 33.13
CA MET M 150 50.87 12.29 33.09
C MET M 150 50.72 12.87 34.49
N THR M 151 51.09 14.13 34.64
CA THR M 151 51.02 14.82 35.91
C THR M 151 50.37 16.18 35.78
N LYS M 152 50.35 16.92 36.89
CA LYS M 152 49.79 18.26 36.94
C LYS M 152 50.68 19.18 37.77
N VAL M 153 51.25 18.64 38.84
CA VAL M 153 52.09 19.42 39.74
C VAL M 153 53.57 19.12 39.52
N PRO M 154 54.37 20.18 39.45
CA PRO M 154 55.83 20.11 39.36
C PRO M 154 56.43 19.73 40.70
N VAL M 155 56.90 18.50 40.81
CA VAL M 155 57.45 18.01 42.05
C VAL M 155 58.88 17.49 41.91
N GLY M 156 59.64 17.56 42.98
CA GLY M 156 61.02 17.12 42.97
C GLY M 156 61.86 17.97 42.02
N ASP M 157 62.48 17.33 41.04
CA ASP M 157 63.32 18.02 40.06
C ASP M 157 62.53 18.44 38.82
N GLN M 158 61.21 18.30 38.87
CA GLN M 158 60.37 18.63 37.73
C GLN M 158 60.28 20.14 37.51
N PRO M 159 60.09 20.55 36.26
CA PRO M 159 59.91 21.93 35.82
C PRO M 159 58.47 22.37 35.96
N LYS M 160 58.26 23.68 35.98
CA LYS M 160 56.90 24.23 36.08
C LYS M 160 55.97 23.66 35.02
N ASP M 161 56.51 23.42 33.83
CA ASP M 161 55.73 22.91 32.73
C ASP M 161 56.01 21.43 32.47
N ILE M 162 56.36 20.68 33.52
CA ILE M 162 56.59 19.25 33.41
C ILE M 162 55.39 18.51 32.84
N GLU M 163 54.19 18.99 33.15
CA GLU M 163 52.99 18.44 32.55
C GLU M 163 53.05 18.54 31.05
N LEU M 164 53.43 19.71 30.56
CA LEU M 164 53.54 19.96 29.14
C LEU M 164 54.74 19.25 28.54
N GLN M 165 55.82 19.14 29.31
CA GLN M 165 56.99 18.40 28.87
C GLN M 165 56.63 16.96 28.60
N ILE M 166 56.02 16.31 29.58
CA ILE M 166 55.58 14.93 29.44
C ILE M 166 54.55 14.80 28.34
N ARG M 167 53.64 15.77 28.27
CA ARG M 167 52.65 15.83 27.20
C ARG M 167 53.33 15.80 25.84
N GLU M 168 54.35 16.63 25.66
CA GLU M 168 55.09 16.68 24.40
C GLU M 168 55.90 15.41 24.18
N LEU M 169 56.41 14.82 25.27
CA LEU M 169 57.12 13.55 25.19
C LEU M 169 56.19 12.44 24.74
N ILE M 170 54.93 12.51 25.18
CA ILE M 170 53.93 11.58 24.72
C ILE M 170 53.60 11.82 23.25
N LEU M 171 53.36 13.08 22.91
CA LEU M 171 52.99 13.48 21.55
C LEU M 171 54.08 13.10 20.55
N ARG M 172 55.33 13.14 21.00
CA ARG M 172 56.46 12.70 20.20
C ARG M 172 56.25 11.34 19.56
N PHE M 173 55.48 10.46 20.20
CA PHE M 173 55.30 9.13 19.69
C PHE M 173 53.87 8.89 19.19
N ILE M 174 52.88 9.38 19.93
CA ILE M 174 51.48 9.09 19.59
C ILE M 174 51.01 9.91 18.40
N SER M 175 51.75 10.97 18.07
CA SER M 175 51.43 11.78 16.89
C SER M 175 51.67 11.02 15.59
N ASN M 176 52.36 9.88 15.65
CA ASN M 176 52.60 9.08 14.46
C ASN M 176 51.40 8.15 14.18
N PRO M 177 50.59 8.46 13.15
CA PRO M 177 49.57 7.57 12.56
C PRO M 177 49.94 6.09 12.65
N ASN M 178 51.19 5.76 12.33
CA ASN M 178 51.65 4.38 12.34
C ASN M 178 52.03 3.94 13.75
N SER M 179 51.04 3.86 14.63
CA SER M 179 51.27 3.46 16.00
C SER M 179 49.98 2.97 16.64
N ILE M 180 50.13 2.26 17.74
CA ILE M 180 48.99 1.85 18.55
C ILE M 180 49.07 2.51 19.90
N ILE M 181 48.06 3.31 20.21
CA ILE M 181 48.05 4.07 21.44
C ILE M 181 47.25 3.33 22.50
N LEU M 182 47.92 2.94 23.57
CA LEU M 182 47.26 2.21 24.64
C LEU M 182 46.93 3.14 25.79
N ALA M 183 45.65 3.49 25.89
CA ALA M 183 45.21 4.47 26.86
C ALA M 183 44.98 3.83 28.22
N VAL M 184 46.06 3.64 28.97
CA VAL M 184 46.02 2.92 30.24
C VAL M 184 45.63 3.81 31.41
N THR M 185 44.43 3.59 31.93
CA THR M 185 43.90 4.34 33.08
C THR M 185 43.30 3.39 34.12
N ALA M 186 43.50 3.71 35.40
CA ALA M 186 43.07 2.85 36.50
C ALA M 186 41.55 2.83 36.65
N ALA M 187 41.02 1.66 36.99
CA ALA M 187 39.59 1.42 37.13
C ALA M 187 38.96 2.19 38.26
N ASN M 188 39.73 2.46 39.30
CA ASN M 188 39.22 3.16 40.46
C ASN M 188 39.30 4.68 40.30
N THR M 189 39.69 5.12 39.11
CA THR M 189 39.62 6.54 38.77
C THR M 189 38.52 6.75 37.75
N ASP M 190 38.20 8.01 37.48
CA ASP M 190 37.14 8.32 36.53
C ASP M 190 37.64 8.21 35.11
N MET M 191 37.23 7.15 34.41
CA MET M 191 37.63 6.91 33.04
C MET M 191 37.23 8.04 32.11
N ALA M 192 36.15 8.76 32.47
CA ALA M 192 35.67 9.85 31.64
C ALA M 192 36.66 11.01 31.60
N THR M 193 37.58 11.04 32.56
CA THR M 193 38.60 12.08 32.61
C THR M 193 39.97 11.53 32.26
N SER M 194 40.00 10.33 31.70
CA SER M 194 41.26 9.67 31.35
C SER M 194 42.18 10.58 30.57
N GLU M 195 43.29 10.97 31.20
CA GLU M 195 44.30 11.79 30.54
C GLU M 195 44.91 11.04 29.39
N ALA M 196 44.97 9.72 29.52
CA ALA M 196 45.45 8.85 28.46
C ALA M 196 44.67 9.11 27.17
N LEU M 197 43.35 9.04 27.28
CA LEU M 197 42.48 9.30 26.15
C LEU M 197 42.47 10.78 25.77
N LYS M 198 42.51 11.65 26.78
CA LYS M 198 42.48 13.09 26.52
C LYS M 198 43.63 13.54 25.62
N ILE M 199 44.83 13.05 25.90
CA ILE M 199 45.98 13.36 25.05
C ILE M 199 45.95 12.56 23.75
N SER M 200 45.38 11.35 23.79
CA SER M 200 45.25 10.55 22.58
C SER M 200 44.41 11.28 21.53
N ARG M 201 43.37 11.96 21.99
CA ARG M 201 42.47 12.69 21.10
C ARG M 201 43.15 13.88 20.41
N GLU M 202 44.30 14.31 20.93
CA GLU M 202 45.04 15.41 20.33
C GLU M 202 45.68 15.00 19.01
N VAL M 203 45.98 13.71 18.88
CA VAL M 203 46.63 13.18 17.69
C VAL M 203 45.74 12.18 17.00
N ASP M 204 44.72 11.73 17.71
CA ASP M 204 43.79 10.74 17.21
C ASP M 204 42.41 10.97 17.81
N PRO M 205 41.83 12.13 17.51
CA PRO M 205 40.55 12.61 18.00
C PRO M 205 39.41 11.62 17.78
N ASP M 206 39.56 10.73 16.80
CA ASP M 206 38.52 9.76 16.49
C ASP M 206 38.79 8.40 17.12
N GLY M 207 40.02 8.19 17.61
CA GLY M 207 40.36 6.96 18.32
C GLY M 207 40.68 5.81 17.37
N ARG M 208 41.04 6.13 16.13
CA ARG M 208 41.22 5.12 15.09
C ARG M 208 42.37 4.17 15.38
N ARG M 209 43.35 4.64 16.13
CA ARG M 209 44.50 3.82 16.50
C ARG M 209 44.73 3.88 17.99
N THR M 210 43.66 4.14 18.73
CA THR M 210 43.74 4.23 20.18
C THR M 210 42.85 3.19 20.84
N LEU M 211 43.43 2.40 21.73
CA LEU M 211 42.69 1.39 22.46
C LEU M 211 42.57 1.78 23.93
N ALA M 212 41.35 1.75 24.45
CA ALA M 212 41.14 2.12 25.85
C ALA M 212 41.41 0.93 26.75
N VAL M 213 42.25 1.16 27.77
CA VAL M 213 42.64 0.11 28.69
C VAL M 213 42.28 0.47 30.14
N ILE M 214 41.52 -0.39 30.79
CA ILE M 214 41.13 -0.13 32.17
C ILE M 214 41.78 -1.11 33.12
N THR M 215 42.77 -0.65 33.87
CA THR M 215 43.53 -1.54 34.74
C THR M 215 43.03 -1.47 36.16
N LYS M 216 43.54 -2.33 37.02
CA LYS M 216 43.16 -2.32 38.42
C LYS M 216 41.66 -2.47 38.62
N LEU M 217 41.01 -3.31 37.80
CA LEU M 217 39.60 -3.62 37.99
C LEU M 217 39.36 -4.21 39.36
N ASP M 218 40.35 -4.97 39.85
CA ASP M 218 40.27 -5.58 41.16
C ASP M 218 40.30 -4.54 42.28
N LEU M 219 40.74 -3.32 41.96
CA LEU M 219 40.75 -2.22 42.91
C LEU M 219 39.63 -1.23 42.65
N MET M 220 38.74 -1.54 41.71
CA MET M 220 37.66 -0.63 41.35
C MET M 220 36.79 -0.33 42.56
N ASP M 221 36.35 0.91 42.66
CA ASP M 221 35.55 1.34 43.80
C ASP M 221 34.31 0.46 43.94
N ALA M 222 34.20 -0.20 45.09
CA ALA M 222 33.12 -1.15 45.32
C ALA M 222 31.77 -0.47 45.24
N GLY M 223 30.85 -1.10 44.51
CA GLY M 223 29.51 -0.55 44.32
C GLY M 223 29.37 0.14 42.97
N THR M 224 30.49 0.46 42.34
CA THR M 224 30.48 1.10 41.03
C THR M 224 30.93 0.13 39.94
N ASP M 225 30.84 0.56 38.69
CA ASP M 225 31.28 -0.26 37.57
C ASP M 225 31.75 0.60 36.41
N ALA M 226 32.32 -0.05 35.41
CA ALA M 226 32.72 0.63 34.19
C ALA M 226 32.04 0.00 32.99
N MET M 227 30.84 -0.54 33.19
CA MET M 227 30.13 -1.23 32.12
C MET M 227 29.77 -0.26 31.02
N ASP M 228 29.38 0.95 31.41
CA ASP M 228 29.02 1.97 30.46
C ASP M 228 30.22 2.44 29.65
N VAL M 229 31.38 2.49 30.31
CA VAL M 229 32.62 2.80 29.62
C VAL M 229 33.00 1.67 28.68
N LEU M 230 32.95 0.45 29.21
CA LEU M 230 33.29 -0.76 28.44
C LEU M 230 32.39 -0.95 27.25
N MET M 231 31.11 -0.59 27.39
CA MET M 231 30.13 -0.76 26.33
C MET M 231 30.05 0.45 25.40
N GLY M 232 30.90 1.45 25.63
CA GLY M 232 30.96 2.60 24.73
C GLY M 232 29.85 3.62 25.01
N ARG M 233 29.14 3.46 26.12
CA ARG M 233 28.06 4.36 26.48
C ARG M 233 28.62 5.69 26.96
N VAL M 234 29.76 5.63 27.63
CA VAL M 234 30.44 6.84 28.07
C VAL M 234 31.55 7.22 27.11
N ILE M 235 32.40 6.25 26.79
CA ILE M 235 33.54 6.50 25.92
C ILE M 235 33.51 5.61 24.68
N PRO M 236 33.25 6.20 23.52
CA PRO M 236 33.30 5.50 22.24
C PRO M 236 34.73 5.38 21.72
N VAL M 237 35.16 4.15 21.46
CA VAL M 237 36.52 3.88 21.01
C VAL M 237 36.52 2.95 19.79
N LYS M 238 37.23 3.35 18.74
CA LYS M 238 37.22 2.58 17.49
C LYS M 238 37.82 1.19 17.66
N LEU M 239 38.79 1.06 18.57
CA LEU M 239 39.41 -0.23 18.83
C LEU M 239 38.77 -0.94 20.01
N GLY M 240 37.72 -0.35 20.58
CA GLY M 240 37.01 -0.96 21.71
C GLY M 240 37.63 -0.58 23.05
N ILE M 241 37.03 -1.09 24.12
CA ILE M 241 37.51 -0.86 25.47
C ILE M 241 37.71 -2.18 26.21
N ILE M 242 38.93 -2.41 26.69
CA ILE M 242 39.24 -3.67 27.38
C ILE M 242 39.84 -3.43 28.76
N GLY M 243 39.27 -4.09 29.76
CA GLY M 243 39.74 -3.96 31.13
C GLY M 243 40.89 -4.92 31.45
N VAL M 244 41.58 -4.65 32.57
CA VAL M 244 42.76 -5.43 32.96
C VAL M 244 42.82 -5.67 34.48
N VAL M 245 43.22 -6.88 34.85
CA VAL M 245 43.56 -7.20 36.24
C VAL M 245 45.02 -7.65 36.33
N ASN M 246 45.74 -7.14 37.32
CA ASN M 246 47.18 -7.41 37.41
C ASN M 246 47.65 -7.36 38.87
N ARG M 247 48.94 -7.61 39.05
CA ARG M 247 49.54 -7.71 40.37
C ARG M 247 49.68 -6.36 41.08
N SER M 248 49.36 -6.35 42.37
CA SER M 248 49.63 -5.21 43.21
C SER M 248 51.08 -5.22 43.68
N GLN M 249 51.44 -4.25 44.50
CA GLN M 249 52.75 -4.24 45.14
C GLN M 249 53.05 -5.53 45.85
N LEU M 250 52.04 -6.10 46.46
CA LEU M 250 52.23 -7.29 47.27
C LEU M 250 52.32 -8.49 46.39
N ASP M 251 51.55 -8.50 45.32
CA ASP M 251 51.48 -9.66 44.46
C ASP M 251 52.72 -9.75 43.58
N ILE M 252 53.30 -8.59 43.25
CA ILE M 252 54.60 -8.58 42.59
C ILE M 252 55.67 -9.07 43.54
N ASN M 253 55.65 -8.56 44.76
CA ASN M 253 56.64 -8.94 45.77
C ASN M 253 56.43 -10.37 46.26
N ASN M 254 55.21 -10.89 46.12
CA ASN M 254 54.93 -12.27 46.46
C ASN M 254 55.08 -13.19 45.26
N LYS M 255 55.55 -12.63 44.13
CA LYS M 255 55.81 -13.42 42.93
C LYS M 255 54.60 -14.22 42.48
N LYS M 256 53.43 -13.58 42.50
CA LYS M 256 52.23 -14.20 41.97
C LYS M 256 52.45 -14.62 40.53
N SER M 257 52.18 -15.88 40.22
CA SER M 257 52.45 -16.37 38.88
C SER M 257 51.41 -15.89 37.91
N VAL M 258 51.67 -16.08 36.63
CA VAL M 258 50.73 -15.71 35.60
C VAL M 258 49.45 -16.50 35.74
N THR M 259 49.57 -17.79 36.04
CA THR M 259 48.42 -18.65 36.27
C THR M 259 47.59 -18.14 37.42
N ASP M 260 48.25 -17.75 38.50
CA ASP M 260 47.56 -17.18 39.65
C ASP M 260 46.85 -15.89 39.28
N SER M 261 47.53 -15.06 38.51
CA SER M 261 46.96 -13.80 38.03
C SER M 261 45.75 -14.05 37.15
N ILE M 262 45.83 -15.07 36.30
CA ILE M 262 44.73 -15.47 35.45
C ILE M 262 43.55 -15.94 36.26
N ARG M 263 43.81 -16.77 37.26
CA ARG M 263 42.76 -17.29 38.11
C ARG M 263 42.02 -16.16 38.82
N ASP M 264 42.78 -15.21 39.36
CA ASP M 264 42.19 -14.09 40.05
C ASP M 264 41.45 -13.16 39.10
N GLU M 265 42.06 -12.92 37.95
CA GLU M 265 41.45 -12.10 36.91
C GLU M 265 40.15 -12.72 36.44
N TYR M 266 40.22 -13.98 36.04
CA TYR M 266 39.08 -14.69 35.52
C TYR M 266 37.95 -14.74 36.53
N ALA M 267 38.27 -15.20 37.74
CA ALA M 267 37.25 -15.34 38.77
C ALA M 267 36.64 -13.99 39.11
N PHE M 268 37.49 -12.96 39.22
CA PHE M 268 37.00 -11.63 39.48
C PHE M 268 36.06 -11.16 38.40
N LEU M 269 36.50 -11.29 37.15
CA LEU M 269 35.74 -10.79 36.03
C LEU M 269 34.44 -11.54 35.85
N GLN M 270 34.48 -12.85 36.07
CA GLN M 270 33.26 -13.64 36.00
C GLN M 270 32.27 -13.22 37.07
N LYS M 271 32.80 -12.83 38.23
CA LYS M 271 31.98 -12.33 39.32
C LYS M 271 31.60 -10.86 39.11
N LYS M 272 32.43 -10.13 38.38
CA LYS M 272 32.21 -8.70 38.20
C LYS M 272 31.40 -8.41 36.94
N TYR M 273 31.93 -8.79 35.79
CA TYR M 273 31.21 -8.62 34.53
C TYR M 273 31.15 -9.92 33.75
N PRO M 274 30.52 -10.95 34.31
CA PRO M 274 30.28 -12.24 33.62
C PRO M 274 30.36 -12.14 32.09
N SER M 275 29.56 -11.24 31.51
CA SER M 275 29.41 -11.15 30.06
C SER M 275 30.57 -10.42 29.38
N LEU M 276 31.20 -9.50 30.10
CA LEU M 276 32.33 -8.76 29.56
C LEU M 276 33.64 -9.40 29.97
N ALA M 277 33.56 -10.39 30.87
CA ALA M 277 34.72 -11.07 31.41
C ALA M 277 35.57 -11.69 30.33
N ASN M 278 34.93 -12.18 29.28
CA ASN M 278 35.62 -12.85 28.19
C ASN M 278 36.12 -11.85 27.15
N ARG M 279 35.90 -10.57 27.39
CA ARG M 279 36.49 -9.51 26.59
C ARG M 279 37.60 -8.82 27.36
N ASN M 280 37.44 -8.76 28.67
CA ASN M 280 38.44 -8.13 29.53
C ASN M 280 39.65 -9.04 29.71
N GLY M 281 39.39 -10.32 29.94
CA GLY M 281 40.42 -11.37 29.92
C GLY M 281 41.65 -10.98 29.09
N THR M 282 42.75 -10.66 29.77
CA THR M 282 44.01 -10.30 29.11
C THR M 282 44.33 -11.14 27.88
N LYS M 283 44.00 -12.42 27.92
CA LYS M 283 44.20 -13.29 26.77
C LYS M 283 43.42 -12.79 25.56
N TYR M 284 42.17 -12.37 25.79
CA TYR M 284 41.35 -11.77 24.75
C TYR M 284 42.03 -10.55 24.17
N LEU M 285 42.57 -9.71 25.06
CA LEU M 285 43.32 -8.54 24.64
C LEU M 285 44.50 -8.90 23.77
N ALA M 286 45.28 -9.88 24.21
CA ALA M 286 46.44 -10.31 23.46
C ALA M 286 46.05 -10.80 22.08
N ARG M 287 44.95 -11.55 22.01
CA ARG M 287 44.46 -12.04 20.74
C ARG M 287 43.95 -10.89 19.89
N THR M 288 43.32 -9.91 20.54
CA THR M 288 42.85 -8.72 19.86
C THR M 288 44.01 -7.96 19.25
N LEU M 289 45.08 -7.82 20.02
CA LEU M 289 46.27 -7.15 19.55
C LEU M 289 46.87 -7.88 18.38
N ASN M 290 46.85 -9.22 18.45
CA ASN M 290 47.32 -10.03 17.36
C ASN M 290 46.48 -9.77 16.11
N ARG M 291 45.16 -9.69 16.30
CA ARG M 291 44.24 -9.39 15.21
C ARG M 291 44.52 -8.03 14.61
N LEU M 292 44.79 -7.05 15.47
CA LEU M 292 45.07 -5.70 15.01
C LEU M 292 46.31 -5.69 14.12
N LEU M 293 47.31 -6.47 14.50
CA LEU M 293 48.51 -6.60 13.68
C LEU M 293 48.19 -7.33 12.39
N MET M 294 47.32 -8.33 12.46
CA MET M 294 46.90 -9.05 11.27
C MET M 294 46.15 -8.12 10.33
N HIS M 295 45.35 -7.23 10.89
CA HIS M 295 44.64 -6.23 10.10
C HIS M 295 45.62 -5.27 9.46
N HIS M 296 46.60 -4.84 10.26
CA HIS M 296 47.68 -3.99 9.78
C HIS M 296 48.39 -4.63 8.59
N ILE M 297 48.62 -5.94 8.69
CA ILE M 297 49.19 -6.70 7.59
C ILE M 297 48.27 -6.73 6.39
N ARG M 298 46.99 -7.05 6.64
CA ARG M 298 46.01 -7.20 5.58
C ARG M 298 45.89 -5.96 4.74
N ASP M 299 46.03 -4.81 5.39
CA ASP M 299 45.92 -3.51 4.73
C ASP M 299 46.81 -3.37 3.49
N CYS M 300 47.97 -4.04 3.49
CA CYS M 300 48.95 -3.82 2.43
C CYS M 300 49.17 -5.06 1.56
N LEU M 301 48.30 -6.05 1.68
CA LEU M 301 48.46 -7.27 0.92
C LEU M 301 48.11 -7.07 -0.57
N PRO M 302 47.20 -6.14 -0.85
CA PRO M 302 46.90 -5.74 -2.21
C PRO M 302 48.04 -4.98 -2.85
N GLU M 303 48.79 -4.24 -2.03
CA GLU M 303 49.98 -3.54 -2.51
C GLU M 303 51.06 -4.54 -2.86
N LEU M 304 51.18 -5.56 -2.04
CA LEU M 304 52.06 -6.68 -2.30
C LEU M 304 51.70 -7.38 -3.60
N LYS M 305 50.41 -7.69 -3.74
CA LYS M 305 49.90 -8.34 -4.95
C LYS M 305 50.07 -7.44 -6.18
N THR M 306 49.90 -6.13 -5.98
CA THR M 306 50.10 -5.18 -7.07
C THR M 306 51.50 -5.25 -7.60
N ARG M 307 52.49 -5.27 -6.71
CA ARG M 307 53.88 -5.39 -7.13
C ARG M 307 54.11 -6.69 -7.90
N ILE M 308 53.53 -7.78 -7.42
CA ILE M 308 53.61 -9.07 -8.10
C ILE M 308 53.14 -8.94 -9.55
N ASN M 309 52.03 -8.24 -9.73
CA ASN M 309 51.45 -8.02 -11.05
C ASN M 309 52.36 -7.15 -11.93
N VAL M 310 52.89 -6.08 -11.34
CA VAL M 310 53.79 -5.18 -12.05
C VAL M 310 55.03 -5.90 -12.52
N LEU M 311 55.63 -6.67 -11.64
CA LEU M 311 56.83 -7.41 -11.95
C LEU M 311 56.59 -8.40 -13.07
N ALA M 312 55.42 -9.04 -13.05
CA ALA M 312 55.08 -10.02 -14.08
C ALA M 312 55.06 -9.39 -15.44
N ALA M 313 54.49 -8.19 -15.53
CA ALA M 313 54.48 -7.44 -16.77
C ALA M 313 55.90 -7.13 -17.23
N GLN M 314 56.75 -6.77 -16.28
CA GLN M 314 58.14 -6.45 -16.58
C GLN M 314 58.90 -7.67 -17.08
N TYR M 315 58.67 -8.81 -16.44
CA TYR M 315 59.38 -10.02 -16.80
C TYR M 315 58.90 -10.54 -18.13
N GLN M 316 57.61 -10.42 -18.40
CA GLN M 316 57.08 -10.78 -19.70
C GLN M 316 57.60 -9.86 -20.78
N SER M 317 57.73 -8.59 -20.45
CA SER M 317 58.31 -7.62 -21.37
C SER M 317 59.74 -8.01 -21.72
N LEU M 318 60.48 -8.52 -20.73
CA LEU M 318 61.81 -9.05 -20.96
C LEU M 318 61.76 -10.31 -21.82
N LEU M 319 60.75 -11.15 -21.59
CA LEU M 319 60.57 -12.35 -22.41
C LEU M 319 60.20 -11.97 -23.84
N ASN M 320 59.52 -10.84 -24.01
CA ASN M 320 59.17 -10.35 -25.32
C ASN M 320 60.37 -9.83 -26.10
N SER M 321 61.52 -9.72 -25.43
CA SER M 321 62.75 -9.26 -26.07
C SER M 321 63.31 -10.31 -27.03
N TYR M 322 62.91 -11.56 -26.86
CA TYR M 322 63.36 -12.61 -27.76
C TYR M 322 62.17 -13.26 -28.45
N GLY M 323 61.01 -13.20 -27.81
CA GLY M 323 59.75 -13.64 -28.42
C GLY M 323 59.55 -15.13 -28.30
N GLU M 324 60.39 -15.90 -28.99
CA GLU M 324 60.27 -17.35 -28.98
C GLU M 324 61.62 -18.02 -29.22
N PRO M 325 61.71 -19.32 -28.94
CA PRO M 325 62.92 -20.13 -29.07
C PRO M 325 62.96 -20.83 -30.41
N VAL M 326 61.88 -20.72 -31.18
CA VAL M 326 61.79 -21.25 -32.52
C VAL M 326 61.86 -22.77 -32.58
N ASP M 327 60.69 -23.40 -32.69
CA ASP M 327 60.62 -24.84 -32.85
C ASP M 327 60.29 -25.25 -34.29
N ASP M 328 60.24 -24.26 -35.19
CA ASP M 328 59.89 -24.52 -36.58
C ASP M 328 61.13 -24.73 -37.43
N LYS M 329 62.19 -23.99 -37.13
CA LYS M 329 63.49 -24.11 -37.79
C LYS M 329 63.45 -23.73 -39.26
N SER M 330 62.85 -24.59 -40.07
CA SER M 330 62.85 -24.46 -41.52
C SER M 330 62.24 -23.16 -41.97
N ALA M 331 60.96 -23.00 -41.65
CA ALA M 331 60.23 -21.80 -42.04
C ALA M 331 60.89 -20.57 -41.46
N THR M 332 61.35 -20.66 -40.22
CA THR M 332 62.00 -19.56 -39.54
C THR M 332 63.24 -19.13 -40.31
N LEU M 333 64.07 -20.10 -40.66
CA LEU M 333 65.29 -19.82 -41.41
C LEU M 333 64.97 -19.14 -42.71
N LEU M 334 64.01 -19.68 -43.45
CA LEU M 334 63.64 -19.13 -44.73
C LEU M 334 63.13 -17.71 -44.60
N GLN M 335 62.37 -17.44 -43.54
CA GLN M 335 61.88 -16.10 -43.28
C GLN M 335 63.01 -15.15 -42.97
N LEU M 336 63.95 -15.59 -42.16
CA LEU M 336 65.09 -14.77 -41.81
C LEU M 336 65.92 -14.44 -43.05
N ILE M 337 66.12 -15.45 -43.89
CA ILE M 337 66.81 -15.26 -45.15
C ILE M 337 66.06 -14.31 -46.05
N THR M 338 64.76 -14.53 -46.18
CA THR M 338 63.92 -13.74 -47.05
C THR M 338 63.94 -12.29 -46.66
N LYS M 339 63.76 -12.04 -45.37
CA LYS M 339 63.72 -10.68 -44.86
C LYS M 339 65.03 -9.96 -45.08
N PHE M 340 66.13 -10.65 -44.83
CA PHE M 340 67.44 -10.08 -45.08
C PHE M 340 67.63 -9.71 -46.52
N ALA M 341 67.40 -10.68 -47.40
CA ALA M 341 67.62 -10.47 -48.83
C ALA M 341 66.72 -9.39 -49.35
N THR M 342 65.49 -9.35 -48.84
CA THR M 342 64.54 -8.34 -49.24
C THR M 342 65.05 -6.95 -48.92
N GLU M 343 65.42 -6.74 -47.67
CA GLU M 343 65.89 -5.43 -47.22
C GLU M 343 67.25 -5.10 -47.81
N TYR M 344 68.05 -6.13 -48.05
CA TYR M 344 69.33 -5.97 -48.72
C TYR M 344 69.13 -5.36 -50.10
N CYS M 345 68.23 -5.97 -50.86
CA CYS M 345 67.93 -5.49 -52.19
C CYS M 345 67.23 -4.14 -52.14
N ASN M 346 66.40 -3.95 -51.12
CA ASN M 346 65.75 -2.68 -50.93
C ASN M 346 66.75 -1.59 -50.62
N THR M 347 67.80 -1.95 -49.88
CA THR M 347 68.87 -1.01 -49.57
C THR M 347 69.57 -0.58 -50.84
N ILE M 348 69.77 -1.53 -51.76
CA ILE M 348 70.31 -1.21 -53.07
C ILE M 348 69.42 -0.21 -53.78
N GLU M 349 68.11 -0.45 -53.74
CA GLU M 349 67.15 0.44 -54.36
C GLU M 349 67.04 1.78 -53.66
N GLY M 350 67.26 1.78 -52.35
CA GLY M 350 67.00 2.95 -51.54
C GLY M 350 65.56 2.93 -51.03
N THR M 351 64.96 1.75 -51.05
CA THR M 351 63.56 1.57 -50.68
C THR M 351 63.44 0.75 -49.40
N ALA M 352 64.53 0.66 -48.63
CA ALA M 352 64.57 -0.11 -47.40
C ALA M 352 63.67 0.52 -46.34
N LYS M 353 63.19 -0.31 -45.43
CA LYS M 353 62.40 0.20 -44.30
C LYS M 353 63.29 1.03 -43.37
N TYR M 354 64.56 0.67 -43.30
CA TYR M 354 65.51 1.32 -42.42
C TYR M 354 66.17 2.49 -43.10
N ILE M 355 65.44 3.59 -43.24
CA ILE M 355 65.97 4.80 -43.86
C ILE M 355 66.61 5.75 -42.86
N GLU M 356 67.45 5.21 -41.97
CA GLU M 356 68.14 6.05 -41.00
C GLU M 356 68.97 7.09 -41.72
N THR M 357 68.75 8.36 -41.36
CA THR M 357 69.50 9.44 -41.96
C THR M 357 70.94 9.42 -41.50
N SER M 358 71.85 9.27 -42.44
CA SER M 358 73.26 9.11 -42.12
C SER M 358 74.13 9.38 -43.34
N GLU M 359 75.35 8.83 -43.31
CA GLU M 359 76.24 8.88 -44.45
C GLU M 359 75.60 8.23 -45.67
N LEU M 360 75.82 8.84 -46.83
CA LEU M 360 75.29 8.32 -48.07
C LEU M 360 75.78 6.90 -48.31
N CYS M 361 74.85 5.97 -48.48
CA CYS M 361 75.21 4.57 -48.67
C CYS M 361 74.13 3.78 -49.38
N GLY M 362 74.47 2.55 -49.78
CA GLY M 362 73.50 1.60 -50.28
C GLY M 362 73.12 1.83 -51.74
N GLY M 363 72.38 2.89 -51.98
CA GLY M 363 71.85 3.17 -53.31
C GLY M 363 72.57 4.32 -53.98
N ALA M 364 72.15 5.54 -53.65
CA ALA M 364 72.64 6.75 -54.30
C ALA M 364 74.13 6.98 -54.08
N ARG M 365 74.72 6.26 -53.14
CA ARG M 365 76.16 6.27 -52.97
C ARG M 365 76.85 5.67 -54.19
N ILE M 366 76.22 4.70 -54.81
CA ILE M 366 76.74 4.13 -56.03
C ILE M 366 76.52 5.10 -57.19
N CYS M 367 75.38 5.79 -57.17
CA CYS M 367 75.14 6.89 -58.11
C CYS M 367 76.26 7.92 -58.00
N TYR M 368 76.63 8.25 -56.76
CA TYR M 368 77.76 9.12 -56.48
C TYR M 368 79.03 8.57 -57.11
N ILE M 369 79.28 7.27 -56.87
CA ILE M 369 80.44 6.61 -57.44
C ILE M 369 80.48 6.72 -58.96
N PHE M 370 79.31 6.64 -59.59
CA PHE M 370 79.25 6.64 -61.05
C PHE M 370 79.20 8.04 -61.65
N HIS M 371 79.35 9.06 -60.83
CA HIS M 371 79.27 10.43 -61.31
C HIS M 371 80.31 11.29 -60.64
N GLU M 372 80.15 11.50 -59.35
CA GLU M 372 81.01 12.38 -58.61
C GLU M 372 82.41 11.79 -58.49
N THR M 373 82.49 10.48 -58.40
CA THR M 373 83.79 9.83 -58.41
C THR M 373 84.24 9.51 -59.82
N PHE M 374 83.56 8.55 -60.44
CA PHE M 374 83.97 7.98 -61.72
C PHE M 374 83.95 9.00 -62.85
N GLY M 375 82.82 9.69 -63.01
CA GLY M 375 82.68 10.66 -64.08
C GLY M 375 83.73 11.74 -63.99
N ARG M 376 83.92 12.28 -62.80
CA ARG M 376 84.95 13.29 -62.58
C ARG M 376 86.34 12.74 -62.82
N THR M 377 86.60 11.53 -62.32
CA THR M 377 87.88 10.89 -62.52
C THR M 377 88.26 10.86 -63.98
N LEU M 378 87.31 10.45 -64.82
CA LEU M 378 87.57 10.41 -66.24
C LEU M 378 87.78 11.80 -66.81
N GLU M 379 87.02 12.77 -66.32
CA GLU M 379 87.18 14.14 -66.79
C GLU M 379 88.59 14.68 -66.55
N SER M 380 89.27 14.18 -65.53
CA SER M 380 90.65 14.60 -65.25
C SER M 380 91.68 13.95 -66.17
N VAL M 381 91.28 12.93 -66.94
CA VAL M 381 92.23 12.17 -67.73
C VAL M 381 92.56 12.85 -69.05
N ASP M 382 93.84 13.04 -69.31
CA ASP M 382 94.34 13.63 -70.54
C ASP M 382 93.58 14.98 -70.83
N PRO M 383 92.86 15.18 -71.97
CA PRO M 383 92.84 14.55 -73.31
C PRO M 383 94.08 14.85 -74.13
N LEU M 384 94.92 15.76 -73.64
CA LEU M 384 96.15 16.08 -74.33
C LEU M 384 97.37 15.50 -73.62
N GLY M 385 97.12 14.64 -72.63
CA GLY M 385 98.20 14.06 -71.84
C GLY M 385 99.08 13.16 -72.71
N GLY M 386 100.38 13.32 -72.56
CA GLY M 386 101.35 12.50 -73.27
C GLY M 386 101.71 13.05 -74.65
N LEU M 387 100.97 14.07 -75.12
CA LEU M 387 101.15 14.55 -76.47
C LEU M 387 102.29 15.56 -76.57
N ASN M 388 103.51 15.07 -76.54
CA ASN M 388 104.67 15.89 -76.85
C ASN M 388 104.85 16.00 -78.34
N THR M 389 104.67 17.21 -78.87
CA THR M 389 104.72 17.47 -80.30
C THR M 389 105.92 16.81 -80.95
N ILE M 390 107.08 16.91 -80.32
CA ILE M 390 108.32 16.44 -80.92
C ILE M 390 108.37 14.92 -80.93
N ASP M 391 107.89 14.31 -79.85
CA ASP M 391 107.82 12.86 -79.76
C ASP M 391 106.83 12.31 -80.77
N ILE M 392 105.76 13.06 -81.02
CA ILE M 392 104.78 12.70 -82.04
C ILE M 392 105.38 12.76 -83.42
N LEU M 393 106.17 13.80 -83.68
CA LEU M 393 106.86 13.92 -84.95
C LEU M 393 107.79 12.72 -85.18
N THR M 394 108.44 12.26 -84.11
CA THR M 394 109.23 11.04 -84.18
C THR M 394 108.33 9.84 -84.46
N ALA M 395 107.20 9.78 -83.77
CA ALA M 395 106.27 8.67 -83.91
C ALA M 395 105.74 8.54 -85.33
N ILE M 396 105.43 9.67 -85.97
CA ILE M 396 104.90 9.63 -87.32
C ILE M 396 106.00 9.33 -88.35
N ARG M 397 107.24 9.67 -88.01
CA ARG M 397 108.36 9.23 -88.81
C ARG M 397 108.52 7.73 -88.71
N ASN M 398 108.32 7.19 -87.51
CA ASN M 398 108.33 5.75 -87.30
C ASN M 398 107.17 5.10 -88.03
N ALA M 399 106.01 5.76 -88.00
CA ALA M 399 104.81 5.26 -88.67
C ALA M 399 105.04 5.12 -90.17
N THR M 400 105.78 6.06 -90.75
CA THR M 400 106.18 5.95 -92.14
C THR M 400 107.06 4.74 -92.35
N GLY M 401 108.07 4.58 -91.50
CA GLY M 401 108.95 3.43 -91.59
C GLY M 401 109.96 3.61 -92.72
N PRO M 402 110.54 2.51 -93.17
CA PRO M 402 111.63 2.42 -94.13
C PRO M 402 111.38 3.12 -95.47
N ARG M 403 110.10 3.29 -95.82
CA ARG M 403 109.74 3.94 -97.07
C ARG M 403 109.84 5.46 -96.98
N PRO M 404 109.72 6.13 -98.11
CA PRO M 404 109.46 7.55 -98.25
C PRO M 404 107.96 7.81 -98.23
N ALA M 405 107.57 9.05 -97.97
CA ALA M 405 106.17 9.39 -97.83
C ALA M 405 105.81 10.68 -98.55
N LEU M 406 104.58 10.75 -99.03
CA LEU M 406 104.05 11.96 -99.65
C LEU M 406 103.28 12.78 -98.63
N PHE M 407 102.87 12.11 -97.56
CA PHE M 407 102.10 12.73 -96.50
C PHE M 407 102.12 11.85 -95.26
N VAL M 408 101.76 12.43 -94.13
CA VAL M 408 101.80 11.70 -92.86
C VAL M 408 100.71 10.62 -92.82
N PRO M 409 101.04 9.45 -92.27
CA PRO M 409 100.15 8.32 -92.12
C PRO M 409 99.07 8.61 -91.07
N GLU M 410 97.91 7.98 -91.25
CA GLU M 410 96.84 8.09 -90.26
C GLU M 410 97.22 7.35 -88.98
N VAL M 411 98.18 6.43 -89.10
CA VAL M 411 98.69 5.64 -87.98
C VAL M 411 98.97 6.52 -86.76
N SER M 412 99.73 7.59 -86.98
CA SER M 412 99.76 8.78 -86.10
C SER M 412 98.82 8.67 -84.90
N PHE M 413 97.71 9.40 -84.99
CA PHE M 413 96.70 9.44 -83.95
C PHE M 413 96.11 8.07 -83.69
N GLU M 414 96.11 7.19 -84.69
CA GLU M 414 95.52 5.88 -84.50
C GLU M 414 96.20 5.11 -83.39
N LEU M 415 97.46 5.40 -83.14
CA LEU M 415 98.17 4.76 -82.03
C LEU M 415 98.21 5.65 -80.80
N LEU M 416 98.36 6.95 -81.02
CA LEU M 416 98.48 7.90 -79.93
C LEU M 416 97.18 8.02 -79.14
N VAL M 417 96.06 7.98 -79.85
CA VAL M 417 94.76 7.90 -79.21
C VAL M 417 94.65 6.67 -78.35
N LYS M 418 95.10 5.53 -78.88
CA LYS M 418 95.02 4.27 -78.17
C LYS M 418 95.78 4.32 -76.87
N ARG M 419 96.94 4.97 -76.87
CA ARG M 419 97.71 5.14 -75.65
C ARG M 419 96.88 5.84 -74.58
N GLN M 420 96.18 6.88 -74.98
CA GLN M 420 95.33 7.60 -74.07
C GLN M 420 94.12 6.77 -73.65
N ILE M 421 93.58 5.99 -74.58
CA ILE M 421 92.47 5.10 -74.25
C ILE M 421 92.88 4.08 -73.22
N LYS M 422 94.07 3.54 -73.35
CA LYS M 422 94.58 2.56 -72.39
C LYS M 422 94.61 3.13 -70.98
N ARG M 423 94.87 4.43 -70.86
CA ARG M 423 94.88 5.11 -69.57
C ARG M 423 93.49 5.14 -68.91
N LEU M 424 92.45 4.90 -69.70
CA LEU M 424 91.08 4.94 -69.21
C LEU M 424 90.65 3.62 -68.59
N GLU M 425 91.50 2.60 -68.70
CA GLU M 425 91.17 1.28 -68.15
C GLU M 425 91.32 1.26 -66.65
N GLU M 426 92.42 1.81 -66.16
CA GLU M 426 92.72 1.84 -64.73
C GLU M 426 91.54 2.38 -63.89
N PRO M 427 91.27 3.69 -63.94
CA PRO M 427 90.20 4.32 -63.15
C PRO M 427 88.85 3.63 -63.33
N SER M 428 88.61 3.01 -64.49
CA SER M 428 87.39 2.27 -64.71
C SER M 428 87.32 1.05 -63.82
N LEU M 429 88.44 0.35 -63.73
CA LEU M 429 88.52 -0.82 -62.87
C LEU M 429 88.48 -0.41 -61.41
N ARG M 430 89.07 0.74 -61.09
CA ARG M 430 89.00 1.28 -59.75
C ARG M 430 87.56 1.54 -59.35
N CYS M 431 86.78 2.09 -60.28
CA CYS M 431 85.36 2.32 -60.05
C CYS M 431 84.64 1.04 -59.69
N VAL M 432 84.93 -0.03 -60.43
CA VAL M 432 84.33 -1.32 -60.15
C VAL M 432 84.64 -1.78 -58.74
N GLU M 433 85.90 -1.63 -58.34
CA GLU M 433 86.33 -2.00 -57.01
C GLU M 433 85.61 -1.20 -55.94
N LEU M 434 85.40 0.09 -56.21
CA LEU M 434 84.71 0.96 -55.28
C LEU M 434 83.27 0.53 -55.08
N VAL M 435 82.62 0.10 -56.15
CA VAL M 435 81.27 -0.42 -56.04
C VAL M 435 81.25 -1.71 -55.24
N HIS M 436 82.20 -2.60 -55.53
CA HIS M 436 82.33 -3.85 -54.80
C HIS M 436 82.41 -3.59 -53.30
N GLU M 437 83.22 -2.61 -52.93
CA GLU M 437 83.31 -2.18 -51.54
C GLU M 437 81.95 -1.74 -51.00
N GLU M 438 81.25 -0.91 -51.77
CA GLU M 438 79.95 -0.40 -51.34
C GLU M 438 78.94 -1.52 -51.21
N MET M 439 79.02 -2.51 -52.08
CA MET M 439 78.12 -3.65 -52.02
C MET M 439 78.32 -4.41 -50.72
N GLN M 440 79.55 -4.44 -50.24
CA GLN M 440 79.85 -5.02 -48.95
C GLN M 440 79.35 -4.12 -47.81
N ARG M 441 79.45 -2.81 -48.01
CA ARG M 441 78.96 -1.85 -47.02
C ARG M 441 77.45 -1.95 -46.81
N ILE M 442 76.73 -2.41 -47.83
CA ILE M 442 75.31 -2.68 -47.68
C ILE M 442 75.04 -3.67 -46.57
N ILE M 443 75.93 -4.64 -46.41
CA ILE M 443 75.79 -5.62 -45.33
C ILE M 443 75.91 -4.93 -43.99
N GLN M 444 76.89 -4.05 -43.88
CA GLN M 444 77.12 -3.28 -42.66
C GLN M 444 75.89 -2.46 -42.33
N HIS M 445 75.30 -1.86 -43.35
CA HIS M 445 74.04 -1.16 -43.20
C HIS M 445 72.94 -2.10 -42.74
N CYS M 446 72.85 -3.25 -43.39
CA CYS M 446 71.86 -4.25 -43.06
C CYS M 446 72.00 -4.74 -41.64
N SER M 447 73.22 -4.71 -41.10
CA SER M 447 73.46 -5.20 -39.75
C SER M 447 72.91 -4.26 -38.66
N ASN M 448 72.43 -3.08 -39.08
CA ASN M 448 71.87 -2.11 -38.13
C ASN M 448 70.45 -2.47 -37.72
N TYR M 449 69.85 -3.43 -38.41
CA TYR M 449 68.48 -3.84 -38.15
C TYR M 449 68.28 -5.27 -38.59
N SER M 450 67.16 -5.89 -38.21
CA SER M 450 66.88 -7.32 -38.51
C SER M 450 67.79 -8.28 -37.72
N THR M 451 69.10 -8.03 -37.74
CA THR M 451 70.09 -8.75 -36.95
C THR M 451 69.62 -9.10 -35.55
N GLN M 452 68.84 -8.22 -34.90
CA GLN M 452 68.39 -8.49 -33.54
C GLN M 452 67.59 -9.79 -33.44
N GLU M 453 66.95 -10.19 -34.54
CA GLU M 453 66.29 -11.48 -34.62
C GLU M 453 67.32 -12.55 -34.90
N LEU M 454 68.29 -12.20 -35.73
CA LEU M 454 69.39 -13.09 -36.07
C LEU M 454 70.40 -13.23 -34.94
N LEU M 455 70.27 -12.41 -33.91
CA LEU M 455 71.04 -12.59 -32.69
C LEU M 455 70.59 -13.85 -31.96
N ARG M 456 69.40 -14.32 -32.27
CA ARG M 456 68.95 -15.60 -31.77
C ARG M 456 69.58 -16.75 -32.51
N PHE M 457 70.25 -16.46 -33.63
CA PHE M 457 71.01 -17.48 -34.34
C PHE M 457 72.32 -16.94 -34.89
N PRO M 458 73.08 -16.21 -34.07
CA PRO M 458 74.37 -15.56 -34.43
C PRO M 458 75.17 -16.32 -35.50
N LYS M 459 75.27 -17.64 -35.34
CA LYS M 459 76.01 -18.47 -36.28
C LYS M 459 75.44 -18.33 -37.69
N LEU M 460 74.12 -18.51 -37.80
CA LEU M 460 73.43 -18.23 -39.04
C LEU M 460 73.72 -16.84 -39.56
N HIS M 461 73.62 -15.85 -38.68
CA HIS M 461 73.80 -14.46 -39.08
C HIS M 461 75.08 -14.26 -39.85
N ASP M 462 76.17 -14.77 -39.30
CA ASP M 462 77.47 -14.59 -39.90
C ASP M 462 77.61 -15.42 -41.16
N ALA M 463 77.01 -16.61 -41.17
CA ALA M 463 77.03 -17.47 -42.34
C ALA M 463 76.36 -16.78 -43.51
N ILE M 464 75.27 -16.06 -43.25
CA ILE M 464 74.59 -15.30 -44.28
C ILE M 464 75.53 -14.30 -44.90
N VAL M 465 76.20 -13.54 -44.05
CA VAL M 465 77.13 -12.53 -44.51
C VAL M 465 78.21 -13.11 -45.39
N GLU M 466 78.78 -14.23 -44.96
CA GLU M 466 79.82 -14.89 -45.72
C GLU M 466 79.34 -15.24 -47.12
N VAL M 467 78.15 -15.84 -47.20
CA VAL M 467 77.58 -16.23 -48.47
C VAL M 467 77.38 -15.05 -49.39
N VAL M 468 76.90 -13.94 -48.85
CA VAL M 468 76.68 -12.75 -49.64
C VAL M 468 77.96 -12.28 -50.30
N THR M 469 79.05 -12.22 -49.52
CA THR M 469 80.30 -11.70 -50.05
C THR M 469 80.93 -12.69 -51.00
N CYS M 470 80.64 -13.97 -50.82
CA CYS M 470 81.08 -14.97 -51.78
C CYS M 470 80.48 -14.67 -53.13
N LEU M 471 79.16 -14.45 -53.14
CA LEU M 471 78.46 -14.11 -54.37
C LEU M 471 79.03 -12.86 -55.01
N LEU M 472 79.30 -11.85 -54.20
CA LEU M 472 79.88 -10.62 -54.72
C LEU M 472 81.22 -10.87 -55.39
N ARG M 473 82.04 -11.71 -54.76
CA ARG M 473 83.34 -12.03 -55.31
C ARG M 473 83.23 -12.89 -56.55
N LYS M 474 82.18 -13.70 -56.63
CA LYS M 474 81.93 -14.50 -57.83
C LYS M 474 81.63 -13.62 -59.03
N ARG M 475 80.90 -12.53 -58.80
CA ARG M 475 80.50 -11.65 -59.88
C ARG M 475 81.49 -10.53 -60.14
N LEU M 476 82.43 -10.35 -59.22
CA LEU M 476 83.44 -9.31 -59.37
C LEU M 476 84.27 -9.44 -60.67
N PRO M 477 85.11 -10.49 -60.80
CA PRO M 477 85.96 -10.69 -61.97
C PRO M 477 85.18 -10.69 -63.27
N VAL M 478 83.92 -11.08 -63.22
CA VAL M 478 83.08 -11.10 -64.41
C VAL M 478 82.92 -9.70 -64.95
N THR M 479 82.59 -8.77 -64.06
CA THR M 479 82.48 -7.38 -64.43
C THR M 479 83.82 -6.84 -64.87
N ASN M 480 84.88 -7.24 -64.17
CA ASN M 480 86.22 -6.81 -64.51
C ASN M 480 86.57 -7.19 -65.94
N GLU M 481 86.21 -8.41 -66.33
CA GLU M 481 86.45 -8.87 -67.68
C GLU M 481 85.70 -8.03 -68.67
N MET M 482 84.45 -7.71 -68.36
CA MET M 482 83.63 -6.89 -69.22
C MET M 482 84.25 -5.52 -69.43
N VAL M 483 84.62 -4.87 -68.33
CA VAL M 483 85.20 -3.55 -68.40
C VAL M 483 86.49 -3.53 -69.18
N HIS M 484 87.33 -4.53 -68.92
CA HIS M 484 88.53 -4.72 -69.70
C HIS M 484 88.21 -4.81 -71.17
N ASN M 485 87.21 -5.63 -71.50
CA ASN M 485 86.79 -5.80 -72.86
C ASN M 485 86.28 -4.51 -73.44
N LEU M 486 85.53 -3.74 -72.66
CA LEU M 486 84.96 -2.49 -73.14
C LEU M 486 86.05 -1.53 -73.59
N VAL M 487 87.14 -1.47 -72.83
CA VAL M 487 88.27 -0.66 -73.22
C VAL M 487 88.91 -1.20 -74.48
N ALA M 488 89.07 -2.53 -74.53
CA ALA M 488 89.65 -3.18 -75.69
C ALA M 488 88.84 -2.90 -76.94
N ILE M 489 87.54 -2.83 -76.79
CA ILE M 489 86.65 -2.49 -77.89
C ILE M 489 86.93 -1.11 -78.43
N GLU M 490 87.19 -0.16 -77.54
CA GLU M 490 87.55 1.18 -77.97
C GLU M 490 88.90 1.19 -78.65
N LEU M 491 89.80 0.32 -78.19
CA LEU M 491 91.10 0.16 -78.81
C LEU M 491 91.01 -0.60 -80.14
N ALA M 492 90.00 -1.44 -80.27
CA ALA M 492 89.87 -2.32 -81.42
C ALA M 492 89.73 -1.56 -82.74
N TYR M 493 89.04 -0.42 -82.71
CA TYR M 493 88.74 0.29 -83.94
C TYR M 493 88.44 1.76 -83.73
N ILE M 494 88.99 2.58 -84.60
CA ILE M 494 88.70 4.02 -84.59
C ILE M 494 87.82 4.41 -85.75
N ASN M 495 86.68 5.00 -85.42
CA ASN M 495 85.72 5.43 -86.42
C ASN M 495 85.89 6.90 -86.76
N THR M 496 86.64 7.18 -87.81
CA THR M 496 86.84 8.57 -88.23
C THR M 496 85.60 9.12 -88.92
N LYS M 497 84.62 8.26 -89.18
CA LYS M 497 83.36 8.70 -89.73
C LYS M 497 82.33 8.96 -88.63
N HIS M 498 82.79 8.90 -87.37
CA HIS M 498 81.93 9.18 -86.24
C HIS M 498 81.22 10.52 -86.41
N PRO M 499 79.94 10.59 -86.04
CA PRO M 499 79.08 11.73 -86.30
C PRO M 499 79.54 12.99 -85.59
N ASP M 500 80.26 12.83 -84.49
CA ASP M 500 80.75 13.98 -83.74
C ASP M 500 82.21 14.27 -84.05
N PHE M 501 82.76 13.57 -85.04
CA PHE M 501 84.16 13.71 -85.36
C PHE M 501 84.34 14.24 -86.76
N ALA M 502 84.80 15.48 -86.85
CA ALA M 502 85.01 16.12 -88.13
C ALA M 502 86.08 17.19 -88.02
N ASP M 503 86.75 17.47 -89.13
CA ASP M 503 87.83 18.45 -89.13
C ASP M 503 88.13 18.95 -90.54
N SER M 611 111.54 21.16 -88.31
CA SER M 611 110.45 21.41 -89.24
C SER M 611 109.32 22.19 -88.58
N ALA M 612 108.62 22.99 -89.37
CA ALA M 612 107.53 23.82 -88.85
C ALA M 612 106.20 23.39 -89.42
N ARG M 613 106.17 23.17 -90.73
CA ARG M 613 104.99 22.66 -91.40
C ARG M 613 104.54 21.35 -90.79
N GLU M 614 105.51 20.48 -90.54
CA GLU M 614 105.23 19.19 -89.93
C GLU M 614 104.75 19.36 -88.49
N GLN M 615 105.26 20.36 -87.78
CA GLN M 615 104.76 20.67 -86.45
C GLN M 615 103.30 21.09 -86.51
N ARG M 616 102.96 21.86 -87.53
CA ARG M 616 101.57 22.25 -87.73
C ARG M 616 100.70 21.05 -88.05
N ASP M 617 101.24 20.14 -88.86
CA ASP M 617 100.56 18.88 -89.14
C ASP M 617 100.41 18.04 -87.87
N CYS M 618 101.43 18.08 -87.02
CA CYS M 618 101.37 17.42 -85.73
C CYS M 618 100.28 18.00 -84.85
N GLU M 619 100.16 19.33 -84.86
CA GLU M 619 99.12 20.01 -84.12
C GLU M 619 97.73 19.60 -84.59
N VAL M 620 97.59 19.39 -85.91
CA VAL M 620 96.35 18.86 -86.45
C VAL M 620 96.06 17.49 -85.88
N ILE M 621 97.10 16.65 -85.86
CA ILE M 621 96.99 15.31 -85.30
C ILE M 621 96.60 15.37 -83.83
N GLU M 622 97.23 16.27 -83.08
CA GLU M 622 96.92 16.44 -81.66
C GLU M 622 95.46 16.81 -81.46
N ARG M 623 94.95 17.68 -82.32
CA ARG M 623 93.55 18.07 -82.28
C ARG M 623 92.64 16.89 -82.55
N LEU M 624 93.00 16.07 -83.54
CA LEU M 624 92.25 14.88 -83.88
C LEU M 624 92.27 13.88 -82.73
N ILE M 625 93.43 13.77 -82.08
CA ILE M 625 93.57 12.89 -80.92
C ILE M 625 92.66 13.33 -79.81
N LYS M 626 92.72 14.61 -79.46
CA LYS M 626 91.90 15.17 -78.40
C LYS M 626 90.43 14.95 -78.67
N SER M 627 90.00 15.33 -79.87
CA SER M 627 88.59 15.29 -80.21
C SER M 627 88.04 13.88 -80.16
N TYR M 628 88.73 12.94 -80.81
CA TYR M 628 88.27 11.57 -80.83
C TYR M 628 88.32 10.95 -79.44
N PHE M 629 89.41 11.21 -78.73
CA PHE M 629 89.57 10.72 -77.38
C PHE M 629 88.40 11.11 -76.51
N LEU M 630 88.04 12.38 -76.56
CA LEU M 630 86.95 12.88 -75.75
C LEU M 630 85.63 12.23 -76.11
N ILE M 631 85.43 11.93 -77.40
CA ILE M 631 84.27 11.16 -77.82
C ILE M 631 84.25 9.80 -77.18
N VAL M 632 85.40 9.12 -77.22
CA VAL M 632 85.53 7.80 -76.62
C VAL M 632 85.29 7.84 -75.13
N ARG M 633 85.96 8.77 -74.45
CA ARG M 633 85.86 8.88 -73.01
C ARG M 633 84.44 9.15 -72.59
N LYS M 634 83.77 10.05 -73.31
CA LYS M 634 82.38 10.38 -73.06
C LYS M 634 81.50 9.13 -73.07
N ASN M 635 81.73 8.27 -74.05
CA ASN M 635 80.97 7.03 -74.15
C ASN M 635 81.27 6.10 -72.99
N ILE M 636 82.54 6.03 -72.62
CA ILE M 636 82.97 5.20 -71.50
C ILE M 636 82.32 5.60 -70.19
N GLN M 637 82.14 6.90 -70.01
CA GLN M 637 81.50 7.44 -68.81
C GLN M 637 80.12 6.83 -68.57
N ASP M 638 79.44 6.42 -69.63
CA ASP M 638 78.13 5.79 -69.51
C ASP M 638 78.23 4.27 -69.57
N SER M 639 79.21 3.77 -70.33
CA SER M 639 79.35 2.35 -70.57
C SER M 639 79.66 1.54 -69.32
N VAL M 640 80.64 2.02 -68.53
CA VAL M 640 81.10 1.26 -67.37
C VAL M 640 80.01 1.06 -66.32
N PRO M 641 79.54 2.14 -65.67
CA PRO M 641 78.38 2.11 -64.76
C PRO M 641 77.36 1.04 -65.15
N LYS M 642 76.97 1.04 -66.43
CA LYS M 642 75.96 0.11 -66.91
C LYS M 642 76.43 -1.34 -66.78
N ALA M 643 77.68 -1.59 -67.17
CA ALA M 643 78.25 -2.92 -67.06
C ALA M 643 78.28 -3.39 -65.63
N VAL M 644 78.59 -2.48 -64.71
CA VAL M 644 78.64 -2.83 -63.31
C VAL M 644 77.27 -3.18 -62.80
N MET M 645 76.29 -2.36 -63.16
CA MET M 645 74.93 -2.64 -62.77
C MET M 645 74.45 -3.96 -63.35
N HIS M 646 74.79 -4.21 -64.60
CA HIS M 646 74.30 -5.39 -65.26
C HIS M 646 74.91 -6.67 -64.72
N PHE M 647 76.23 -6.71 -64.68
CA PHE M 647 76.92 -7.95 -64.38
C PHE M 647 77.06 -8.20 -62.90
N LEU M 648 77.09 -7.15 -62.11
CA LEU M 648 77.22 -7.32 -60.67
C LEU M 648 75.93 -7.03 -59.94
N VAL M 649 75.46 -5.79 -60.01
CA VAL M 649 74.46 -5.32 -59.07
C VAL M 649 73.11 -5.96 -59.29
N ASN M 650 72.62 -5.86 -60.51
CA ASN M 650 71.33 -6.41 -60.86
C ASN M 650 71.36 -7.91 -60.82
N HIS M 651 72.52 -8.49 -61.07
CA HIS M 651 72.67 -9.92 -61.04
C HIS M 651 72.46 -10.48 -59.65
N VAL M 652 73.24 -9.98 -58.70
CA VAL M 652 73.19 -10.50 -57.35
C VAL M 652 71.89 -10.11 -56.68
N LYS M 653 71.29 -9.01 -57.13
CA LYS M 653 70.01 -8.58 -56.66
C LYS M 653 68.96 -9.68 -56.81
N ASP M 654 69.10 -10.51 -57.84
CA ASP M 654 68.15 -11.59 -58.08
C ASP M 654 68.71 -12.94 -57.64
N THR M 655 70.01 -13.14 -57.83
CA THR M 655 70.66 -14.40 -57.51
C THR M 655 70.67 -14.70 -56.02
N LEU M 656 70.95 -13.67 -55.22
CA LEU M 656 71.22 -13.84 -53.80
C LEU M 656 70.17 -14.67 -53.08
N GLN M 657 68.91 -14.50 -53.45
CA GLN M 657 67.84 -15.25 -52.81
C GLN M 657 68.05 -16.73 -52.96
N SER M 658 68.35 -17.16 -54.18
CA SER M 658 68.57 -18.56 -54.47
C SER M 658 69.91 -19.02 -53.93
N GLU M 659 70.86 -18.09 -53.86
CA GLU M 659 72.17 -18.38 -53.32
C GLU M 659 72.07 -18.70 -51.83
N LEU M 660 71.37 -17.84 -51.10
CA LEU M 660 71.23 -18.01 -49.66
C LEU M 660 70.44 -19.27 -49.33
N VAL M 661 69.39 -19.54 -50.08
CA VAL M 661 68.61 -20.74 -49.85
C VAL M 661 69.40 -21.97 -50.23
N GLY M 662 70.01 -21.94 -51.40
CA GLY M 662 70.78 -23.07 -51.89
C GLY M 662 71.93 -23.44 -50.95
N GLN M 663 72.51 -22.44 -50.31
CA GLN M 663 73.63 -22.67 -49.42
C GLN M 663 73.19 -22.96 -47.98
N LEU M 664 72.23 -22.19 -47.48
CA LEU M 664 71.94 -22.21 -46.06
C LEU M 664 70.79 -23.14 -45.68
N TYR M 665 69.88 -23.39 -46.62
CA TYR M 665 68.70 -24.18 -46.31
C TYR M 665 68.98 -25.67 -46.41
N LYS M 666 69.72 -26.18 -45.43
CA LYS M 666 69.97 -27.62 -45.32
C LYS M 666 69.44 -28.14 -44.01
N SER M 667 69.05 -29.40 -43.99
CA SER M 667 68.46 -29.99 -42.80
C SER M 667 69.44 -30.05 -41.64
N SER M 668 70.74 -30.16 -41.95
CA SER M 668 71.75 -30.18 -40.92
C SER M 668 72.01 -28.77 -40.39
N LEU M 669 71.90 -27.79 -41.28
CA LEU M 669 72.14 -26.41 -40.92
C LEU M 669 71.00 -25.85 -40.08
N LEU M 670 69.83 -26.48 -40.17
CA LEU M 670 68.71 -26.15 -39.30
C LEU M 670 68.99 -26.50 -37.83
N ASP M 671 70.01 -27.31 -37.58
CA ASP M 671 70.45 -27.56 -36.23
C ASP M 671 71.73 -26.81 -35.94
N ASP M 672 72.58 -26.66 -36.95
CA ASP M 672 73.85 -25.99 -36.79
C ASP M 672 73.71 -24.47 -36.79
N LEU M 673 73.37 -23.91 -37.94
CA LEU M 673 73.28 -22.45 -38.08
C LEU M 673 72.29 -21.89 -37.12
N LEU M 674 71.22 -22.63 -36.90
CA LEU M 674 70.23 -22.22 -35.94
C LEU M 674 70.61 -22.63 -34.53
N THR M 675 71.67 -22.00 -34.01
CA THR M 675 72.08 -22.14 -32.63
C THR M 675 71.97 -20.83 -31.91
N GLU M 676 71.29 -20.83 -30.77
CA GLU M 676 71.01 -19.60 -30.05
C GLU M 676 72.18 -19.17 -29.17
N SER M 677 72.32 -17.85 -29.01
CA SER M 677 73.29 -17.30 -28.09
C SER M 677 72.98 -17.74 -26.67
N GLU M 678 73.97 -18.30 -26.00
CA GLU M 678 73.77 -18.77 -24.64
C GLU M 678 73.59 -17.60 -23.69
N ASP M 679 74.33 -16.53 -23.93
CA ASP M 679 74.19 -15.32 -23.13
C ASP M 679 72.77 -14.78 -23.22
N MET M 680 72.23 -14.75 -24.43
CA MET M 680 70.84 -14.37 -24.64
C MET M 680 69.89 -15.34 -23.96
N ALA M 681 70.17 -16.64 -24.11
CA ALA M 681 69.36 -17.68 -23.53
C ALA M 681 69.31 -17.57 -22.01
N GLN M 682 70.46 -17.25 -21.41
CA GLN M 682 70.53 -17.08 -19.98
C GLN M 682 69.80 -15.84 -19.53
N ARG M 683 69.94 -14.76 -20.29
CA ARG M 683 69.25 -13.53 -19.98
C ARG M 683 67.74 -13.73 -19.94
N ARG M 684 67.21 -14.37 -20.96
CA ARG M 684 65.77 -14.63 -21.02
C ARG M 684 65.37 -15.70 -20.01
N LYS M 685 66.28 -16.64 -19.74
CA LYS M 685 66.05 -17.66 -18.74
C LYS M 685 65.83 -17.02 -17.38
N GLU M 686 66.68 -16.05 -17.06
CA GLU M 686 66.55 -15.32 -15.81
C GLU M 686 65.22 -14.60 -15.72
N ALA M 687 64.78 -13.99 -16.81
CA ALA M 687 63.48 -13.34 -16.85
C ALA M 687 62.38 -14.35 -16.57
N ALA M 688 62.49 -15.52 -17.18
CA ALA M 688 61.54 -16.60 -16.96
C ALA M 688 61.60 -17.09 -15.53
N ASP M 689 62.81 -17.20 -15.00
CA ASP M 689 63.01 -17.69 -13.64
C ASP M 689 62.46 -16.71 -12.61
N MET M 690 62.58 -15.42 -12.89
CA MET M 690 61.96 -14.41 -12.06
C MET M 690 60.45 -14.48 -12.18
N LEU M 691 59.96 -14.79 -13.37
CA LEU M 691 58.54 -15.01 -13.55
C LEU M 691 58.10 -16.27 -12.82
N LYS M 692 58.97 -17.27 -12.76
CA LYS M 692 58.71 -18.47 -11.97
C LYS M 692 58.66 -18.13 -10.49
N ALA M 693 59.47 -17.17 -10.07
CA ALA M 693 59.38 -16.66 -8.71
C ALA M 693 58.02 -16.02 -8.48
N LEU M 694 57.48 -15.37 -9.51
CA LEU M 694 56.15 -14.79 -9.42
C LEU M 694 55.05 -15.83 -9.54
N GLN M 695 55.36 -16.97 -10.15
CA GLN M 695 54.51 -18.13 -10.05
C GLN M 695 54.54 -18.63 -8.60
N GLY M 696 55.73 -18.57 -7.99
CA GLY M 696 55.87 -18.84 -6.56
C GLY M 696 55.16 -17.76 -5.73
N ALA M 697 55.01 -16.56 -6.30
CA ALA M 697 54.29 -15.48 -5.64
C ALA M 697 52.77 -15.69 -5.72
N SER M 698 52.33 -16.76 -6.36
CA SER M 698 50.95 -17.20 -6.21
C SER M 698 50.80 -17.92 -4.88
N GLN M 699 51.93 -18.38 -4.33
CA GLN M 699 51.97 -18.92 -2.99
C GLN M 699 52.11 -17.78 -1.99
N ILE M 700 52.71 -16.68 -2.42
CA ILE M 700 52.61 -15.44 -1.67
C ILE M 700 51.17 -14.99 -1.61
N ILE M 701 50.47 -15.09 -2.73
CA ILE M 701 49.06 -14.78 -2.77
C ILE M 701 48.25 -15.81 -1.97
N ALA M 702 48.72 -17.05 -1.95
CA ALA M 702 48.15 -18.04 -1.04
C ALA M 702 48.33 -17.59 0.39
N GLU M 703 49.52 -17.07 0.71
CA GLU M 703 49.77 -16.53 2.03
C GLU M 703 48.87 -15.32 2.29
N ILE M 704 48.66 -14.49 1.28
CA ILE M 704 47.70 -13.39 1.40
C ILE M 704 46.35 -13.91 1.88
N ARG M 705 45.90 -15.00 1.27
CA ARG M 705 44.67 -15.66 1.70
C ARG M 705 44.79 -16.22 3.12
N GLU M 706 45.94 -16.79 3.44
CA GLU M 706 46.18 -17.38 4.75
C GLU M 706 46.10 -16.36 5.86
N THR M 707 46.47 -15.11 5.57
CA THR M 707 46.44 -14.05 6.59
C THR M 707 45.01 -13.62 6.92
N HIS M 708 44.05 -14.10 6.14
CA HIS M 708 42.65 -13.87 6.45
C HIS M 708 42.11 -14.97 7.36
N LEU M 709 42.97 -15.92 7.71
CA LEU M 709 42.63 -17.01 8.60
C LEU M 709 43.27 -16.80 9.96
N TRP M 710 42.53 -16.22 10.90
CA TRP M 710 43.07 -15.92 12.21
C TRP M 710 41.96 -15.71 13.23
N THR N 1 58.88 60.20 -27.54
CA THR N 1 60.21 59.72 -27.17
C THR N 1 60.14 58.34 -26.56
N LEU N 2 61.31 57.76 -26.32
CA LEU N 2 61.42 56.48 -25.64
C LEU N 2 60.78 56.51 -24.26
N GLN N 3 61.11 57.55 -23.51
CA GLN N 3 60.56 57.74 -22.18
C GLN N 3 59.04 57.75 -22.20
N GLU N 4 58.48 58.55 -23.09
CA GLU N 4 57.04 58.65 -23.22
C GLU N 4 56.45 57.35 -23.71
N ARG N 5 57.14 56.70 -24.63
CA ARG N 5 56.67 55.46 -25.22
C ARG N 5 56.64 54.34 -24.20
N LEU N 6 57.65 54.28 -23.34
CA LEU N 6 57.70 53.27 -22.27
C LEU N 6 56.57 53.46 -21.28
N LEU N 7 56.27 54.70 -20.96
CA LEU N 7 55.19 55.01 -20.03
C LEU N 7 53.84 54.55 -20.58
N ALA N 8 53.61 54.84 -21.86
CA ALA N 8 52.43 54.36 -22.55
C ALA N 8 52.46 52.85 -22.70
N PHE N 9 53.64 52.33 -23.04
CA PHE N 9 53.85 50.91 -23.24
C PHE N 9 53.48 50.11 -22.00
N GLU N 10 53.83 50.62 -20.83
CA GLU N 10 53.41 49.99 -19.60
C GLU N 10 51.89 49.93 -19.53
N ARG N 11 51.24 51.06 -19.74
CA ARG N 11 49.80 51.15 -19.69
C ARG N 11 49.13 50.24 -20.73
N ASP N 12 49.76 50.13 -21.91
CA ASP N 12 49.15 49.44 -23.02
C ASP N 12 49.56 47.97 -23.15
N ARG N 13 50.72 47.60 -22.63
CA ARG N 13 51.25 46.26 -22.88
C ARG N 13 51.70 45.52 -21.61
N VAL N 14 52.11 46.25 -20.58
CA VAL N 14 52.48 45.61 -19.32
C VAL N 14 51.23 45.29 -18.50
N THR N 15 50.34 46.26 -18.36
CA THR N 15 49.15 46.10 -17.54
C THR N 15 48.16 45.11 -18.15
N ILE N 16 47.83 44.08 -17.37
CA ILE N 16 46.84 43.08 -17.75
C ILE N 16 45.61 43.19 -16.85
N PRO N 17 44.46 43.59 -17.44
CA PRO N 17 43.27 44.12 -16.72
C PRO N 17 43.12 43.58 -15.30
N ALA N 18 42.85 44.49 -14.38
CA ALA N 18 42.75 44.18 -12.96
C ALA N 18 41.65 43.16 -12.68
N ALA N 19 40.57 43.20 -13.44
CA ALA N 19 39.47 42.25 -13.27
C ALA N 19 39.98 40.84 -13.47
N GLN N 20 40.78 40.64 -14.52
CA GLN N 20 41.37 39.34 -14.77
C GLN N 20 42.37 38.96 -13.69
N VAL N 21 43.12 39.96 -13.21
CA VAL N 21 44.09 39.72 -12.14
C VAL N 21 43.43 39.24 -10.88
N ALA N 22 42.35 39.92 -10.47
CA ALA N 22 41.64 39.56 -9.26
C ALA N 22 41.02 38.18 -9.39
N LEU N 23 40.42 37.91 -10.55
CA LEU N 23 39.83 36.62 -10.82
C LEU N 23 40.88 35.52 -10.83
N ALA N 24 42.04 35.81 -11.40
CA ALA N 24 43.14 34.87 -11.46
C ALA N 24 43.62 34.53 -10.06
N LYS N 25 43.71 35.53 -9.19
CA LYS N 25 44.14 35.33 -7.81
C LYS N 25 43.11 34.51 -7.03
N GLN N 26 41.83 34.77 -7.29
CA GLN N 26 40.76 34.01 -6.68
C GLN N 26 40.85 32.54 -7.08
N LEU N 27 41.01 32.30 -8.37
CA LEU N 27 41.10 30.94 -8.89
C LEU N 27 42.38 30.26 -8.44
N ALA N 28 43.45 31.03 -8.32
CA ALA N 28 44.70 30.48 -7.82
C ALA N 28 44.49 29.88 -6.44
N GLY N 29 43.79 30.61 -5.58
CA GLY N 29 43.46 30.12 -4.24
C GLY N 29 42.49 28.95 -4.31
N ASP N 30 41.46 29.08 -5.14
CA ASP N 30 40.42 28.05 -5.25
C ASP N 30 40.99 26.72 -5.73
N ILE N 31 41.82 26.78 -6.76
CA ILE N 31 42.47 25.59 -7.28
C ILE N 31 43.37 24.98 -6.24
N ALA N 32 44.15 25.82 -5.55
CA ALA N 32 45.02 25.36 -4.49
C ALA N 32 44.23 24.65 -3.42
N LEU N 33 43.13 25.26 -2.98
CA LEU N 33 42.31 24.70 -1.91
C LEU N 33 41.67 23.39 -2.32
N GLU N 34 41.25 23.28 -3.57
CA GLU N 34 40.70 22.03 -4.07
C GLU N 34 41.76 20.97 -4.06
N LEU N 35 42.95 21.31 -4.53
CA LEU N 35 44.04 20.36 -4.59
C LEU N 35 44.54 20.00 -3.20
N GLN N 36 44.47 20.94 -2.27
CA GLN N 36 44.77 20.63 -0.87
C GLN N 36 43.83 19.56 -0.35
N ALA N 37 42.53 19.78 -0.56
CA ALA N 37 41.52 18.81 -0.15
C ALA N 37 41.73 17.47 -0.83
N TYR N 38 42.06 17.52 -2.12
CA TYR N 38 42.26 16.31 -2.88
C TYR N 38 43.45 15.53 -2.38
N PHE N 39 44.56 16.23 -2.12
CA PHE N 39 45.77 15.56 -1.67
C PHE N 39 45.62 15.03 -0.26
N ARG N 40 44.79 15.69 0.54
CA ARG N 40 44.47 15.17 1.86
C ARG N 40 43.78 13.81 1.78
N SER N 41 42.92 13.65 0.78
CA SER N 41 42.20 12.38 0.60
C SER N 41 42.97 11.39 -0.30
N LYS N 42 43.77 11.93 -1.22
CA LYS N 42 44.51 11.09 -2.16
C LYS N 42 45.83 10.62 -1.57
N PHE N 43 46.45 11.47 -0.77
CA PHE N 43 47.72 11.14 -0.17
C PHE N 43 47.73 11.49 1.32
N PRO N 44 46.73 11.03 2.07
CA PRO N 44 46.65 11.18 3.53
C PRO N 44 47.91 10.73 4.25
N GLU N 45 48.64 9.77 3.66
CA GLU N 45 49.87 9.27 4.24
C GLU N 45 51.01 10.28 4.16
N LEU N 46 50.97 11.19 3.19
CA LEU N 46 52.03 12.15 3.02
C LEU N 46 51.70 13.46 3.71
N PRO N 47 52.69 14.13 4.27
CA PRO N 47 52.54 15.37 5.01
C PRO N 47 52.62 16.58 4.08
N PHE N 48 51.61 16.72 3.23
CA PHE N 48 51.50 17.89 2.39
C PHE N 48 51.02 19.08 3.19
N GLY N 49 51.74 20.19 3.08
CA GLY N 49 51.32 21.43 3.75
C GLY N 49 50.29 22.16 2.90
N ALA N 50 49.90 23.36 3.35
CA ALA N 50 48.96 24.16 2.59
C ALA N 50 49.62 24.72 1.35
N PHE N 51 48.93 24.61 0.22
CA PHE N 51 49.49 25.01 -1.06
C PHE N 51 49.48 26.51 -1.20
N VAL N 52 50.53 27.06 -1.80
CA VAL N 52 50.71 28.50 -1.84
C VAL N 52 50.77 29.04 -3.26
N PRO N 53 49.82 29.90 -3.60
CA PRO N 53 49.82 30.65 -4.85
C PRO N 53 50.86 31.76 -4.83
N GLY N 54 51.50 31.99 -5.98
CA GLY N 54 52.50 33.04 -6.08
C GLY N 54 52.89 33.29 -7.54
N GLY N 55 54.04 33.94 -7.73
CA GLY N 55 54.50 34.28 -9.07
C GLY N 55 54.07 35.69 -9.45
N PRO N 56 54.55 36.16 -10.60
CA PRO N 56 54.28 37.47 -11.25
C PRO N 56 52.89 38.05 -10.94
N LEU N 57 51.87 37.19 -10.94
CA LEU N 57 50.50 37.59 -10.61
C LEU N 57 50.44 38.40 -9.32
N TYR N 58 51.27 38.02 -8.36
CA TYR N 58 51.41 38.74 -7.11
C TYR N 58 52.72 39.53 -7.09
N ASP N 59 53.74 38.96 -7.72
CA ASP N 59 55.09 39.52 -7.67
C ASP N 59 55.29 40.60 -8.72
N GLY N 60 54.73 41.78 -8.46
CA GLY N 60 54.84 42.91 -9.38
C GLY N 60 53.55 43.66 -9.49
N LEU N 61 53.17 44.02 -10.71
CA LEU N 61 51.93 44.72 -10.97
C LEU N 61 50.90 43.77 -11.58
N GLN N 62 50.02 44.30 -12.42
CA GLN N 62 48.95 43.51 -13.01
C GLN N 62 49.47 42.57 -14.09
N ALA N 63 50.06 41.45 -13.68
CA ALA N 63 50.55 40.45 -14.62
C ALA N 63 49.41 39.59 -15.14
N GLY N 64 48.48 39.24 -14.26
CA GLY N 64 47.30 38.51 -14.68
C GLY N 64 47.68 37.18 -15.33
N ALA N 65 47.26 37.02 -16.58
CA ALA N 65 47.48 35.79 -17.35
C ALA N 65 48.77 35.85 -18.18
N ALA N 66 49.55 36.91 -18.01
CA ALA N 66 50.79 37.08 -18.78
C ALA N 66 51.79 35.96 -18.53
N ASP N 67 51.74 35.38 -17.33
CA ASP N 67 52.60 34.27 -16.98
C ASP N 67 51.89 33.31 -16.03
N HIS N 68 52.54 32.20 -15.70
CA HIS N 68 51.92 31.15 -14.90
C HIS N 68 51.61 31.57 -13.48
N VAL N 69 50.52 31.04 -12.96
CA VAL N 69 50.28 31.06 -11.52
C VAL N 69 51.13 29.99 -10.88
N ARG N 70 52.02 30.39 -9.99
CA ARG N 70 52.89 29.41 -9.35
C ARG N 70 52.21 28.84 -8.11
N LEU N 71 52.13 27.52 -8.05
CA LEU N 71 51.44 26.87 -6.96
C LEU N 71 52.34 25.92 -6.20
N LEU N 72 52.75 26.33 -5.01
CA LEU N 72 53.60 25.50 -4.17
C LEU N 72 52.85 24.34 -3.56
N VAL N 73 53.42 23.16 -3.67
CA VAL N 73 52.97 21.99 -2.91
C VAL N 73 54.07 21.54 -1.94
N PRO N 74 53.82 21.69 -0.63
CA PRO N 74 54.89 21.60 0.38
C PRO N 74 55.17 20.17 0.81
N LEU N 75 56.34 19.68 0.40
CA LEU N 75 56.79 18.35 0.76
C LEU N 75 57.43 18.33 2.13
N VAL N 76 56.63 18.28 3.17
CA VAL N 76 57.15 18.36 4.52
C VAL N 76 57.93 17.11 4.88
N LEU N 77 59.22 17.13 4.58
CA LEU N 77 60.12 16.02 4.91
C LEU N 77 60.36 15.97 6.40
N GLU N 78 60.56 14.76 6.92
CA GLU N 78 60.74 14.57 8.35
C GLU N 78 62.16 14.95 8.77
N PRO N 79 62.33 16.18 9.31
CA PRO N 79 63.60 16.75 9.78
C PRO N 79 64.48 15.70 10.44
N GLY N 80 65.70 15.56 9.92
CA GLY N 80 66.68 14.66 10.51
C GLY N 80 66.79 13.36 9.72
N LEU N 81 65.74 12.98 9.02
CA LEU N 81 65.77 11.77 8.20
C LEU N 81 66.18 12.09 6.78
N TRP N 82 66.15 13.37 6.42
CA TRP N 82 66.49 13.77 5.07
C TRP N 82 67.49 14.93 5.08
N SER N 83 68.43 14.92 4.12
CA SER N 83 69.49 15.92 4.09
C SER N 83 69.80 16.40 2.67
N LEU N 84 70.19 17.67 2.55
CA LEU N 84 70.43 18.25 1.24
C LEU N 84 71.86 18.04 0.75
N VAL N 85 72.00 17.46 -0.43
CA VAL N 85 73.29 17.16 -1.04
C VAL N 85 73.41 17.81 -2.42
N PRO N 86 74.58 18.34 -2.75
CA PRO N 86 74.85 18.89 -4.07
C PRO N 86 74.96 17.77 -5.10
N GLY N 87 74.36 17.97 -6.26
CA GLY N 87 74.41 16.96 -7.33
C GLY N 87 75.84 16.63 -7.72
N VAL N 88 76.69 17.65 -7.77
CA VAL N 88 78.10 17.49 -8.13
C VAL N 88 78.85 16.57 -7.18
N ASP N 89 78.35 16.40 -5.96
CA ASP N 89 78.99 15.55 -4.96
C ASP N 89 78.77 14.06 -5.26
N THR N 90 77.82 13.76 -6.15
CA THR N 90 77.49 12.39 -6.49
C THR N 90 78.07 12.02 -7.85
N VAL N 91 77.93 10.75 -8.23
CA VAL N 91 78.39 10.27 -9.52
C VAL N 91 77.73 11.03 -10.67
N ALA N 92 76.47 11.36 -10.48
CA ALA N 92 75.75 12.22 -11.41
C ALA N 92 76.14 13.67 -11.19
N ARG N 93 77.34 14.03 -11.65
CA ARG N 93 77.99 15.26 -11.23
C ARG N 93 77.43 16.49 -11.93
N ASP N 94 76.28 16.95 -11.45
CA ASP N 94 75.67 18.17 -11.95
C ASP N 94 75.32 19.13 -10.81
N PRO N 95 76.23 20.07 -10.51
CA PRO N 95 76.14 21.07 -9.43
C PRO N 95 74.85 21.89 -9.45
N ARG N 96 74.19 21.98 -10.60
CA ARG N 96 72.97 22.77 -10.72
C ARG N 96 71.79 22.03 -10.10
N CYS N 97 71.92 20.71 -10.00
CA CYS N 97 70.89 19.88 -9.43
C CYS N 97 71.29 19.39 -8.04
N TRP N 98 70.31 18.95 -7.28
CA TRP N 98 70.50 18.62 -5.87
C TRP N 98 69.88 17.28 -5.52
N ALA N 99 70.35 16.68 -4.45
CA ALA N 99 69.82 15.40 -4.01
C ALA N 99 69.32 15.48 -2.59
N VAL N 100 68.28 14.71 -2.29
CA VAL N 100 67.78 14.61 -0.93
C VAL N 100 68.12 13.25 -0.33
N ARG N 101 69.03 13.25 0.63
CA ARG N 101 69.60 12.02 1.16
C ARG N 101 68.84 11.49 2.35
N ARG N 102 68.49 10.21 2.31
CA ARG N 102 67.89 9.54 3.45
C ARG N 102 68.94 9.14 4.46
N THR N 103 68.70 9.47 5.72
CA THR N 103 69.65 9.14 6.76
C THR N 103 68.96 8.76 8.07
N GLN N 104 69.76 8.51 9.10
CA GLN N 104 69.29 8.02 10.39
C GLN N 104 68.50 6.71 10.26
N LEU N 105 68.93 5.86 9.34
CA LEU N 105 68.28 4.57 9.12
C LEU N 105 68.54 3.59 10.25
N GLU N 106 69.55 3.87 11.07
CA GLU N 106 69.85 3.06 12.24
C GLU N 106 68.83 3.27 13.37
N PHE N 107 68.04 4.34 13.29
CA PHE N 107 67.01 4.61 14.28
C PHE N 107 65.63 4.62 13.65
N CYS N 108 65.57 5.05 12.39
CA CYS N 108 64.33 5.07 11.64
C CYS N 108 64.51 4.45 10.25
N PRO N 109 64.33 3.12 10.14
CA PRO N 109 64.55 2.35 8.93
C PRO N 109 63.53 2.67 7.85
N ARG N 110 63.90 2.41 6.61
CA ARG N 110 63.02 2.67 5.48
C ARG N 110 61.73 1.88 5.60
N GLY N 111 60.63 2.58 5.39
CA GLY N 111 59.31 2.01 5.58
C GLY N 111 58.62 2.70 6.75
N SER N 112 59.42 3.37 7.59
CA SER N 112 58.91 4.12 8.72
C SER N 112 58.39 5.50 8.30
N SER N 113 59.03 6.10 7.30
CA SER N 113 58.55 7.39 6.79
C SER N 113 57.66 7.18 5.59
N PRO N 114 56.70 8.07 5.40
CA PRO N 114 55.83 8.05 4.24
C PRO N 114 56.58 8.41 2.98
N TRP N 115 57.70 9.12 3.14
CA TRP N 115 58.48 9.54 2.00
C TRP N 115 59.42 8.42 1.53
N ASP N 116 59.41 7.29 2.24
CA ASP N 116 60.25 6.15 1.87
C ASP N 116 59.67 5.39 0.68
N ARG N 117 58.44 5.73 0.29
CA ARG N 117 57.88 5.21 -0.95
C ARG N 117 58.63 5.75 -2.16
N PHE N 118 59.36 6.84 -1.95
CA PHE N 118 60.16 7.44 -3.01
C PHE N 118 61.64 7.17 -2.79
N LEU N 119 61.96 6.23 -1.92
CA LEU N 119 63.36 5.98 -1.58
C LEU N 119 64.01 5.02 -2.56
N VAL N 120 64.98 5.53 -3.32
CA VAL N 120 65.74 4.71 -4.24
C VAL N 120 67.22 4.77 -3.86
N GLY N 121 67.80 3.61 -3.60
CA GLY N 121 69.12 3.59 -3.01
C GLY N 121 69.05 4.19 -1.62
N GLY N 122 69.58 5.40 -1.46
CA GLY N 122 69.44 6.14 -0.21
C GLY N 122 69.00 7.58 -0.46
N TYR N 123 68.25 7.82 -1.53
CA TYR N 123 67.83 9.18 -1.88
C TYR N 123 66.33 9.28 -2.21
N LEU N 124 65.77 10.46 -1.97
CA LEU N 124 64.36 10.74 -2.26
C LEU N 124 64.17 10.95 -3.77
N SER N 125 63.24 10.21 -4.36
CA SER N 125 63.01 10.27 -5.81
C SER N 125 62.05 11.38 -6.19
N SER N 126 62.59 12.46 -6.75
CA SER N 126 61.74 13.50 -7.32
C SER N 126 60.95 12.98 -8.51
N ARG N 127 61.55 12.03 -9.24
CA ARG N 127 60.92 11.46 -10.42
C ARG N 127 59.62 10.74 -10.11
N VAL N 128 59.68 9.79 -9.17
CA VAL N 128 58.50 9.00 -8.84
C VAL N 128 57.43 9.87 -8.23
N LEU N 129 57.85 10.83 -7.41
CA LEU N 129 56.94 11.81 -6.85
C LEU N 129 56.19 12.54 -7.95
N LEU N 130 56.92 13.02 -8.94
CA LEU N 130 56.31 13.70 -10.07
C LEU N 130 55.37 12.80 -10.84
N GLU N 131 55.79 11.56 -11.05
CA GLU N 131 54.98 10.62 -11.81
C GLU N 131 53.61 10.40 -11.15
N LEU N 132 53.61 10.25 -9.83
CA LEU N 132 52.37 10.00 -9.11
C LEU N 132 51.51 11.25 -9.04
N LEU N 133 52.13 12.40 -8.77
CA LEU N 133 51.39 13.62 -8.59
C LEU N 133 50.87 14.16 -9.91
N ARG N 134 51.65 13.99 -10.98
CA ARG N 134 51.19 14.37 -12.29
C ARG N 134 50.07 13.48 -12.76
N LYS N 135 50.14 12.19 -12.39
CA LYS N 135 49.04 11.27 -12.67
C LYS N 135 47.78 11.67 -11.93
N ALA N 136 47.95 12.12 -10.68
CA ALA N 136 46.83 12.58 -9.88
C ALA N 136 46.15 13.75 -10.57
N LEU N 137 46.93 14.71 -11.03
CA LEU N 137 46.38 15.84 -11.75
C LEU N 137 45.86 15.42 -13.12
N ALA N 138 46.54 14.50 -13.77
CA ALA N 138 46.19 14.09 -15.12
C ALA N 138 44.81 13.45 -15.18
N ALA N 139 44.47 12.67 -14.17
CA ALA N 139 43.22 11.91 -14.23
C ALA N 139 42.49 11.85 -12.89
N SER N 140 43.22 11.65 -11.80
CA SER N 140 42.60 11.37 -10.50
C SER N 140 41.72 12.52 -10.01
N VAL N 141 42.21 13.74 -10.17
CA VAL N 141 41.46 14.92 -9.75
C VAL N 141 40.20 15.10 -10.57
N ASN N 142 39.08 15.32 -9.89
CA ASN N 142 37.79 15.43 -10.56
C ASN N 142 37.60 16.83 -11.12
N TRP N 143 38.24 17.10 -12.26
CA TRP N 143 38.21 18.40 -12.89
C TRP N 143 36.80 18.83 -13.34
N PRO N 144 35.88 17.86 -13.48
CA PRO N 144 34.49 18.18 -13.72
C PRO N 144 33.83 18.80 -12.49
N ALA N 145 34.30 18.41 -11.30
CA ALA N 145 33.80 19.00 -10.07
C ALA N 145 34.38 20.38 -9.88
N ILE N 146 35.66 20.54 -10.22
CA ILE N 146 36.32 21.82 -10.11
C ILE N 146 35.71 22.84 -11.05
N GLY N 147 35.51 22.43 -12.31
CA GLY N 147 34.89 23.31 -13.29
C GLY N 147 33.47 23.66 -12.89
N SER N 148 32.72 22.68 -12.40
CA SER N 148 31.35 22.91 -11.96
C SER N 148 31.31 23.86 -10.76
N LEU N 149 32.24 23.65 -9.82
CA LEU N 149 32.31 24.46 -8.62
C LEU N 149 32.66 25.90 -8.90
N LEU N 150 33.71 26.10 -9.69
CA LEU N 150 34.25 27.43 -9.88
C LEU N 150 33.63 28.13 -11.08
N GLY N 151 32.88 27.40 -11.89
CA GLY N 151 32.21 27.96 -13.04
C GLY N 151 33.21 28.24 -14.15
N CYS N 152 33.88 27.19 -14.60
CA CYS N 152 34.97 27.36 -15.53
C CYS N 152 35.42 26.05 -16.15
N LEU N 153 36.28 26.16 -17.14
CA LEU N 153 36.95 24.99 -17.69
C LEU N 153 38.40 24.93 -17.22
N ILE N 154 38.70 24.00 -16.31
CA ILE N 154 40.06 23.79 -15.83
C ILE N 154 40.49 22.35 -16.01
N ARG N 155 41.66 22.15 -16.62
CA ARG N 155 42.19 20.83 -16.86
C ARG N 155 43.72 20.85 -16.74
N PRO N 156 44.35 19.68 -16.81
CA PRO N 156 45.80 19.52 -16.71
C PRO N 156 46.46 19.73 -18.06
N SER N 157 47.70 20.24 -18.04
CA SER N 157 48.47 20.42 -19.25
C SER N 157 49.00 19.08 -19.74
N MET N 158 49.66 19.12 -20.89
CA MET N 158 50.25 17.91 -21.46
C MET N 158 51.78 17.95 -21.37
N ALA N 159 52.30 18.76 -20.46
CA ALA N 159 53.74 18.86 -20.27
C ALA N 159 54.08 19.35 -18.87
N SER N 160 55.20 18.86 -18.34
CA SER N 160 55.61 19.19 -16.98
C SER N 160 54.49 18.95 -15.99
N GLU N 161 54.31 19.88 -15.06
CA GLU N 161 53.21 19.81 -14.12
C GLU N 161 52.46 21.13 -14.07
N GLU N 162 51.72 21.42 -15.13
CA GLU N 162 51.01 22.66 -15.25
C GLU N 162 49.53 22.41 -15.46
N LEU N 163 48.71 23.40 -15.11
CA LEU N 163 47.27 23.32 -15.33
C LEU N 163 46.83 24.43 -16.27
N LEU N 164 45.71 24.21 -16.95
CA LEU N 164 45.16 25.21 -17.84
C LEU N 164 43.74 25.60 -17.50
N LEU N 165 43.52 26.89 -17.29
CA LEU N 165 42.19 27.45 -17.30
C LEU N 165 41.78 27.76 -18.72
N GLU N 166 41.00 26.87 -19.31
CA GLU N 166 40.58 27.02 -20.69
C GLU N 166 39.63 28.19 -20.84
N VAL N 167 38.92 28.52 -19.75
CA VAL N 167 38.08 29.71 -19.69
C VAL N 167 37.22 29.76 -18.44
N GLN N 168 37.47 30.76 -17.61
CA GLN N 168 36.59 31.15 -16.54
C GLN N 168 35.46 31.98 -17.10
N HIS N 169 34.23 31.69 -16.66
CA HIS N 169 33.04 32.33 -17.22
C HIS N 169 33.22 33.84 -17.41
N GLU N 170 33.87 34.50 -16.45
CA GLU N 170 34.17 35.93 -16.57
C GLU N 170 35.39 36.20 -17.46
N ARG N 171 35.29 35.82 -18.73
CA ARG N 171 36.27 36.15 -19.77
C ARG N 171 37.73 36.09 -19.30
N LEU N 172 38.12 34.99 -18.65
CA LEU N 172 39.50 34.84 -18.19
C LEU N 172 40.09 33.49 -18.55
N GLU N 173 41.29 33.52 -19.12
CA GLU N 173 42.06 32.31 -19.38
C GLU N 173 43.47 32.45 -18.79
N LEU N 174 44.02 31.34 -18.30
CA LEU N 174 45.35 31.39 -17.69
C LEU N 174 45.93 30.00 -17.47
N THR N 175 47.20 29.95 -17.10
CA THR N 175 47.85 28.68 -16.79
C THR N 175 48.46 28.70 -15.38
N VAL N 176 48.61 27.51 -14.80
CA VAL N 176 49.14 27.36 -13.46
C VAL N 176 50.38 26.47 -13.46
N ALA N 177 51.49 26.98 -12.97
CA ALA N 177 52.68 26.17 -12.80
C ALA N 177 52.73 25.57 -11.42
N VAL N 178 52.44 24.28 -11.31
CA VAL N 178 52.44 23.63 -10.01
C VAL N 178 53.84 23.27 -9.61
N LEU N 179 54.31 23.87 -8.53
CA LEU N 179 55.66 23.65 -8.05
C LEU N 179 55.67 22.78 -6.81
N VAL N 180 55.86 21.50 -7.01
CA VAL N 180 55.99 20.57 -5.90
C VAL N 180 57.39 20.62 -5.35
N ALA N 181 57.52 21.05 -4.09
CA ALA N 181 58.84 21.34 -3.55
C ALA N 181 58.88 21.21 -2.03
N VAL N 182 60.06 20.90 -1.51
CA VAL N 182 60.28 20.83 -0.08
C VAL N 182 60.36 22.24 0.48
N PRO N 183 59.42 22.63 1.38
CA PRO N 183 59.47 23.89 2.17
C PRO N 183 60.87 24.50 2.22
N GLY N 184 61.86 23.72 2.65
CA GLY N 184 63.24 24.13 2.47
C GLY N 184 63.75 24.93 3.64
N VAL N 185 63.55 26.24 3.57
CA VAL N 185 64.14 27.15 4.55
C VAL N 185 63.09 27.91 5.34
N ASP N 186 63.49 28.39 6.50
CA ASP N 186 62.60 29.13 7.39
C ASP N 186 62.40 30.58 6.93
N ALA N 187 63.10 30.97 5.88
CA ALA N 187 62.92 32.25 5.25
C ALA N 187 61.70 32.24 4.32
N ASP N 188 61.15 31.05 4.07
CA ASP N 188 60.02 30.89 3.18
C ASP N 188 60.35 31.36 1.78
N ASP N 189 61.54 31.01 1.31
CA ASP N 189 62.02 31.43 0.01
C ASP N 189 62.57 30.26 -0.78
N ARG N 190 63.79 29.85 -0.46
CA ARG N 190 64.47 28.79 -1.18
C ARG N 190 63.76 27.45 -1.00
N LEU N 191 63.43 26.81 -2.13
CA LEU N 191 62.73 25.52 -2.12
C LEU N 191 63.55 24.43 -2.76
N LEU N 192 63.24 23.18 -2.44
CA LEU N 192 63.81 22.06 -3.18
C LEU N 192 62.77 21.49 -4.13
N LEU N 193 62.82 21.95 -5.38
CA LEU N 193 61.82 21.61 -6.37
C LEU N 193 61.98 20.20 -6.88
N ALA N 194 60.87 19.47 -6.95
CA ALA N 194 60.88 18.15 -7.57
C ALA N 194 61.14 18.32 -9.05
N TRP N 195 62.41 18.35 -9.41
CA TRP N 195 62.84 18.63 -10.76
C TRP N 195 62.67 17.42 -11.66
N PRO N 196 62.35 17.65 -12.93
CA PRO N 196 62.19 16.55 -13.90
C PRO N 196 63.40 16.43 -14.79
N LEU N 197 64.53 16.08 -14.19
CA LEU N 197 65.74 15.81 -14.97
C LEU N 197 65.59 14.53 -15.76
N GLU N 198 65.87 14.60 -17.05
CA GLU N 198 65.75 13.44 -17.91
C GLU N 198 67.05 12.64 -17.96
N GLY N 199 68.17 13.34 -17.89
CA GLY N 199 69.47 12.70 -17.92
C GLY N 199 69.94 12.33 -16.53
N LEU N 200 71.11 11.68 -16.46
CA LEU N 200 71.70 11.29 -15.18
C LEU N 200 70.68 10.62 -14.27
N ALA N 201 70.58 11.09 -13.04
CA ALA N 201 69.57 10.63 -12.11
C ALA N 201 68.36 11.55 -12.15
N GLY N 202 67.23 11.01 -12.59
CA GLY N 202 65.99 11.79 -12.65
C GLY N 202 65.39 12.01 -11.27
N ASN N 203 66.02 11.43 -10.24
CA ASN N 203 65.62 11.61 -8.86
C ASN N 203 66.07 12.95 -8.30
N LEU N 204 66.92 13.66 -9.05
CA LEU N 204 67.51 14.91 -8.57
C LEU N 204 66.53 16.08 -8.53
N TRP N 205 66.93 17.12 -7.80
CA TRP N 205 66.06 18.22 -7.41
C TRP N 205 66.63 19.54 -7.86
N LEU N 206 65.80 20.58 -7.90
CA LEU N 206 66.28 21.89 -8.29
C LEU N 206 66.14 22.90 -7.16
N GLN N 207 67.23 23.54 -6.82
CA GLN N 207 67.21 24.60 -5.82
C GLN N 207 66.50 25.83 -6.36
N ASP N 208 65.33 26.11 -5.81
CA ASP N 208 64.48 27.18 -6.32
C ASP N 208 64.83 28.50 -5.68
N LEU N 209 65.48 29.36 -6.45
CA LEU N 209 65.87 30.68 -5.97
C LEU N 209 65.03 31.79 -6.58
N TYR N 210 63.84 31.43 -7.09
CA TYR N 210 62.93 32.44 -7.67
C TYR N 210 62.60 33.56 -6.67
N PRO N 211 61.82 33.27 -5.61
CA PRO N 211 61.41 34.25 -4.61
C PRO N 211 62.61 34.96 -3.98
N VAL N 212 63.78 34.33 -4.00
CA VAL N 212 65.01 34.97 -3.55
C VAL N 212 65.39 36.10 -4.49
N GLU N 213 65.36 35.81 -5.79
CA GLU N 213 65.63 36.81 -6.82
C GLU N 213 64.58 37.91 -6.81
N ALA N 214 63.32 37.52 -6.65
CA ALA N 214 62.21 38.46 -6.62
C ALA N 214 62.31 39.37 -5.40
N ALA N 215 62.61 38.77 -4.24
CA ALA N 215 62.79 39.52 -3.00
C ALA N 215 63.98 40.44 -3.09
N ARG N 216 65.03 40.01 -3.81
CA ARG N 216 66.22 40.83 -3.96
C ARG N 216 65.92 42.08 -4.76
N LEU N 217 65.21 41.92 -5.87
CA LEU N 217 64.84 43.08 -6.67
C LEU N 217 63.88 43.99 -5.92
N ARG N 218 62.98 43.39 -5.14
CA ARG N 218 62.10 44.14 -4.27
C ARG N 218 62.89 44.93 -3.24
N ALA N 219 63.85 44.28 -2.59
CA ALA N 219 64.67 44.91 -1.57
C ALA N 219 65.51 46.03 -2.17
N LEU N 220 66.10 45.75 -3.34
CA LEU N 220 66.93 46.75 -4.02
C LEU N 220 66.12 48.00 -4.33
N ASP N 221 64.88 47.81 -4.78
CA ASP N 221 63.99 48.94 -4.99
C ASP N 221 63.63 49.63 -3.68
N ASP N 222 63.36 48.85 -2.65
CA ASP N 222 62.98 49.40 -1.34
C ASP N 222 64.14 50.13 -0.66
N HIS N 223 65.37 49.85 -1.10
CA HIS N 223 66.54 50.51 -0.55
C HIS N 223 66.57 52.00 -0.90
N ASP N 224 66.02 52.34 -2.07
CA ASP N 224 66.09 53.72 -2.54
C ASP N 224 64.87 54.12 -3.35
N ALA N 225 63.76 53.41 -3.13
CA ALA N 225 62.50 53.69 -3.85
C ALA N 225 62.73 53.70 -5.35
N GLY N 226 63.48 52.72 -5.84
CA GLY N 226 63.86 52.68 -7.25
C GLY N 226 62.83 51.91 -8.07
N THR N 227 63.08 51.82 -9.38
CA THR N 227 62.16 51.18 -10.30
C THR N 227 62.82 50.06 -11.10
N ARG N 228 63.60 49.22 -10.43
CA ARG N 228 64.27 48.09 -11.08
C ARG N 228 63.26 47.08 -11.58
N ARG N 229 62.25 46.82 -10.77
CA ARG N 229 61.21 45.87 -11.12
C ARG N 229 60.28 46.42 -12.21
N ARG N 230 60.15 47.74 -12.25
CA ARG N 230 59.36 48.37 -13.31
C ARG N 230 60.01 48.18 -14.65
N LEU N 231 61.34 48.32 -14.69
CA LEU N 231 62.11 48.05 -15.89
C LEU N 231 61.93 46.59 -16.31
N LEU N 232 62.02 45.68 -15.34
CA LEU N 232 61.80 44.26 -15.61
C LEU N 232 60.42 44.02 -16.21
N LEU N 233 59.39 44.64 -15.63
CA LEU N 233 58.02 44.50 -16.12
C LEU N 233 57.89 45.01 -17.55
N LEU N 234 58.55 46.13 -17.85
CA LEU N 234 58.58 46.66 -19.20
C LEU N 234 59.24 45.66 -20.14
N LEU N 235 60.39 45.13 -19.73
CA LEU N 235 61.13 44.18 -20.54
C LEU N 235 60.33 42.91 -20.80
N CYS N 236 59.56 42.48 -19.80
CA CYS N 236 58.73 41.30 -19.95
C CYS N 236 57.71 41.50 -21.06
N ALA N 237 57.04 42.65 -21.05
CA ALA N 237 56.07 42.97 -22.08
C ALA N 237 56.74 43.12 -23.45
N VAL N 238 57.96 43.65 -23.46
CA VAL N 238 58.72 43.76 -24.71
C VAL N 238 58.97 42.38 -25.31
N CYS N 239 59.34 41.42 -24.46
CA CYS N 239 59.53 40.06 -24.92
C CYS N 239 58.21 39.43 -25.37
N ARG N 240 57.12 39.73 -24.67
CA ARG N 240 55.81 39.23 -25.08
C ARG N 240 55.41 39.77 -26.45
N GLY N 241 55.80 41.01 -26.73
CA GLY N 241 55.45 41.66 -28.00
C GLY N 241 56.57 41.57 -29.04
N CYS N 242 57.54 40.68 -28.82
CA CYS N 242 58.65 40.56 -29.78
C CYS N 242 59.09 39.12 -29.93
N SER N 243 58.78 38.54 -31.09
CA SER N 243 59.07 37.12 -31.35
C SER N 243 60.56 36.83 -31.38
N ALA N 244 61.37 37.84 -31.68
CA ALA N 244 62.82 37.70 -31.65
C ALA N 244 63.31 37.38 -30.24
N LEU N 245 62.55 37.79 -29.23
CA LEU N 245 62.94 37.59 -27.86
C LEU N 245 62.22 36.40 -27.24
N GLY N 246 61.64 35.54 -28.08
CA GLY N 246 60.92 34.37 -27.59
C GLY N 246 61.83 33.38 -26.85
N GLN N 247 63.14 33.47 -27.10
CA GLN N 247 64.11 32.62 -26.42
C GLN N 247 64.55 33.18 -25.08
N LEU N 248 64.17 34.43 -24.80
CA LEU N 248 64.54 35.07 -23.55
C LEU N 248 63.31 35.26 -22.66
N GLY N 249 63.19 34.45 -21.62
CA GLY N 249 62.00 34.47 -20.78
C GLY N 249 62.19 35.37 -19.57
N ARG N 250 61.28 35.25 -18.62
CA ARG N 250 61.33 36.03 -17.39
C ARG N 250 62.62 35.79 -16.63
N GLY N 251 63.07 34.53 -16.60
CA GLY N 251 64.30 34.17 -15.93
C GLY N 251 65.50 34.86 -16.55
N HIS N 252 65.53 34.94 -17.88
CA HIS N 252 66.62 35.59 -18.59
C HIS N 252 66.66 37.06 -18.27
N LEU N 253 65.49 37.69 -18.27
CA LEU N 253 65.38 39.10 -17.95
C LEU N 253 65.73 39.37 -16.50
N THR N 254 65.33 38.44 -15.63
CA THR N 254 65.59 38.57 -14.20
C THR N 254 67.08 38.64 -13.92
N GLN N 255 67.87 37.79 -14.58
CA GLN N 255 69.31 37.79 -14.38
C GLN N 255 69.92 39.11 -14.80
N VAL N 256 69.44 39.65 -15.93
CA VAL N 256 69.91 40.93 -16.42
C VAL N 256 69.56 42.06 -15.47
N VAL N 257 68.31 42.09 -15.02
CA VAL N 257 67.83 43.15 -14.15
C VAL N 257 68.45 43.08 -12.76
N LEU N 258 68.76 41.87 -12.29
CA LEU N 258 69.52 41.72 -11.04
C LEU N 258 70.90 42.36 -11.15
N ARG N 259 71.57 42.14 -12.28
CA ARG N 259 72.86 42.77 -12.54
C ARG N 259 72.72 44.28 -12.59
N LEU N 260 71.69 44.75 -13.27
CA LEU N 260 71.40 46.18 -13.35
C LEU N 260 71.08 46.73 -11.97
N GLY N 261 70.30 45.97 -11.22
CA GLY N 261 69.81 46.41 -9.91
C GLY N 261 70.95 46.68 -8.96
N GLU N 262 72.00 45.88 -9.06
CA GLU N 262 73.21 46.10 -8.27
C GLU N 262 74.03 47.27 -8.83
N ASP N 263 73.48 48.48 -8.74
CA ASP N 263 74.14 49.66 -9.23
C ASP N 263 73.55 50.91 -8.58
N ASN N 264 74.21 52.04 -8.76
CA ASN N 264 73.78 53.28 -8.16
C ASN N 264 73.59 54.36 -9.21
N VAL N 265 72.48 54.27 -9.93
CA VAL N 265 72.15 55.20 -11.00
C VAL N 265 70.79 55.83 -10.74
N ASP N 266 70.33 56.66 -11.65
CA ASP N 266 69.01 57.23 -11.51
C ASP N 266 67.95 56.15 -11.68
N TRP N 267 67.34 55.75 -10.56
CA TRP N 267 66.41 54.63 -10.53
C TRP N 267 64.95 55.09 -10.53
N THR N 268 64.70 56.35 -10.85
CA THR N 268 63.34 56.87 -10.85
C THR N 268 62.68 56.62 -12.21
N GLU N 269 61.37 56.81 -12.27
CA GLU N 269 60.60 56.59 -13.49
C GLU N 269 61.05 57.52 -14.62
N GLU N 270 61.59 58.67 -14.26
CA GLU N 270 62.02 59.66 -15.23
C GLU N 270 63.18 59.18 -16.10
N ALA N 271 63.87 58.13 -15.65
CA ALA N 271 64.99 57.60 -16.40
C ALA N 271 64.73 56.16 -16.82
N LEU N 272 63.46 55.82 -17.05
CA LEU N 272 63.13 54.51 -17.61
C LEU N 272 63.77 54.34 -18.97
N GLY N 273 63.72 55.38 -19.79
CA GLY N 273 64.30 55.35 -21.13
C GLY N 273 65.81 55.12 -21.08
N GLU N 274 66.48 55.83 -20.19
CA GLU N 274 67.92 55.66 -20.03
C GLU N 274 68.27 54.25 -19.65
N ARG N 275 67.61 53.74 -18.61
CA ARG N 275 67.90 52.43 -18.09
C ARG N 275 67.41 51.33 -19.02
N PHE N 276 66.40 51.63 -19.82
CA PHE N 276 65.93 50.71 -20.85
C PHE N 276 67.03 50.42 -21.83
N LEU N 277 67.66 51.48 -22.33
CA LEU N 277 68.75 51.33 -23.26
C LEU N 277 69.95 50.65 -22.61
N GLN N 278 70.18 50.95 -21.33
CA GLN N 278 71.23 50.29 -20.57
C GLN N 278 70.97 48.80 -20.45
N ALA N 279 69.71 48.44 -20.22
CA ALA N 279 69.31 47.04 -20.16
C ALA N 279 69.59 46.34 -21.46
N LEU N 280 69.30 47.03 -22.57
CA LEU N 280 69.56 46.49 -23.89
C LEU N 280 71.06 46.27 -24.08
N GLU N 281 71.86 47.25 -23.67
CA GLU N 281 73.31 47.18 -23.83
C GLU N 281 73.89 46.01 -23.04
N LEU N 282 73.44 45.83 -21.80
CA LEU N 282 73.92 44.73 -20.96
C LEU N 282 73.52 43.38 -21.54
N LEU N 283 72.27 43.26 -21.94
CA LEU N 283 71.75 42.04 -22.52
C LEU N 283 72.45 41.71 -23.84
N ILE N 284 72.58 42.70 -24.71
CA ILE N 284 73.26 42.52 -25.99
C ILE N 284 74.70 42.07 -25.80
N GLY N 285 75.41 42.70 -24.86
CA GLY N 285 76.78 42.31 -24.57
C GLY N 285 76.86 40.85 -24.14
N SER N 286 75.94 40.44 -23.26
CA SER N 286 75.88 39.05 -22.83
C SER N 286 75.59 38.13 -24.01
N LEU N 287 74.71 38.56 -24.89
CA LEU N 287 74.38 37.80 -26.10
C LEU N 287 75.59 37.72 -27.03
N GLU N 288 76.34 38.81 -27.15
CA GLU N 288 77.55 38.81 -27.97
C GLU N 288 78.59 37.81 -27.44
N GLN N 289 78.60 37.61 -26.13
CA GLN N 289 79.47 36.62 -25.51
C GLN N 289 78.85 35.22 -25.48
N ALA N 290 77.58 35.12 -25.89
CA ALA N 290 76.80 33.89 -25.77
C ALA N 290 76.87 33.34 -24.34
N SER N 291 76.74 34.24 -23.37
CA SER N 291 76.89 33.85 -21.97
C SER N 291 76.06 34.72 -21.04
N LEU N 292 75.16 34.09 -20.29
CA LEU N 292 74.44 34.76 -19.23
C LEU N 292 74.50 33.98 -17.92
N PRO N 293 75.52 34.24 -17.12
CA PRO N 293 75.67 33.68 -15.79
C PRO N 293 74.61 34.20 -14.84
N CYS N 294 73.85 33.27 -14.26
CA CYS N 294 72.84 33.60 -13.25
C CYS N 294 73.43 34.41 -12.12
N HIS N 295 72.71 35.44 -11.70
CA HIS N 295 73.18 36.36 -10.67
C HIS N 295 73.52 35.63 -9.37
N PHE N 296 72.68 34.67 -9.00
CA PHE N 296 72.89 33.91 -7.77
C PHE N 296 73.65 32.60 -8.00
N ASN N 297 74.13 32.40 -9.22
CA ASN N 297 74.94 31.23 -9.55
C ASN N 297 75.58 31.36 -10.92
N PRO N 298 76.77 31.94 -10.98
CA PRO N 298 77.44 32.33 -12.21
C PRO N 298 77.81 31.14 -13.10
N SER N 299 77.74 29.93 -12.56
CA SER N 299 78.07 28.74 -13.34
C SER N 299 76.90 28.35 -14.26
N VAL N 300 75.74 28.99 -14.07
CA VAL N 300 74.59 28.75 -14.92
C VAL N 300 74.52 29.73 -16.07
N ASN N 301 74.89 29.26 -17.27
CA ASN N 301 74.80 30.06 -18.48
C ASN N 301 73.43 29.89 -19.13
N LEU N 302 72.60 30.92 -19.02
CA LEU N 302 71.22 30.85 -19.48
C LEU N 302 71.11 30.90 -21.01
N PHE N 303 72.23 31.16 -21.69
CA PHE N 303 72.26 31.17 -23.14
C PHE N 303 72.85 29.87 -23.69
N SER N 304 73.25 28.96 -22.79
CA SER N 304 73.91 27.72 -23.21
C SER N 304 72.97 26.78 -23.94
N SER N 305 71.66 26.97 -23.76
CA SER N 305 70.66 26.15 -24.43
C SER N 305 70.25 26.75 -25.77
N LEU N 306 70.82 27.90 -26.13
CA LEU N 306 70.44 28.58 -27.35
C LEU N 306 71.56 28.52 -28.39
N ARG N 307 71.18 28.55 -29.67
CA ARG N 307 72.14 28.54 -30.76
C ARG N 307 72.91 29.85 -30.84
N GLU N 308 74.24 29.77 -30.93
CA GLU N 308 75.09 30.95 -30.94
C GLU N 308 74.68 31.96 -32.00
N GLU N 309 74.34 31.47 -33.19
CA GLU N 309 73.93 32.34 -34.28
C GLU N 309 72.62 33.05 -33.95
N GLU N 310 71.69 32.31 -33.37
CA GLU N 310 70.41 32.90 -32.95
C GLU N 310 70.62 33.89 -31.82
N ILE N 311 71.54 33.57 -30.91
CA ILE N 311 71.90 34.46 -29.82
C ILE N 311 72.41 35.80 -30.35
N ASP N 312 73.29 35.74 -31.34
CA ASP N 312 73.81 36.94 -31.97
C ASP N 312 72.73 37.70 -32.71
N ASP N 313 71.84 36.97 -33.38
CA ASP N 313 70.73 37.58 -34.09
C ASP N 313 69.79 38.31 -33.14
N ILE N 314 69.59 37.76 -31.94
CA ILE N 314 68.81 38.43 -30.92
C ILE N 314 69.47 39.72 -30.50
N GLY N 315 70.79 39.67 -30.32
CA GLY N 315 71.58 40.85 -29.98
C GLY N 315 71.49 41.90 -31.08
N TYR N 316 71.48 41.46 -32.34
CA TYR N 316 71.35 42.36 -33.48
C TYR N 316 69.96 42.99 -33.52
N ALA N 317 68.94 42.20 -33.20
CA ALA N 317 67.57 42.69 -33.12
C ALA N 317 67.45 43.75 -32.03
N LEU N 318 68.05 43.46 -30.87
CA LEU N 318 68.06 44.40 -29.77
C LEU N 318 68.92 45.62 -30.07
N TYR N 319 69.99 45.41 -30.82
CA TYR N 319 70.85 46.51 -31.27
C TYR N 319 70.07 47.48 -32.15
N SER N 320 69.24 46.94 -33.05
CA SER N 320 68.34 47.80 -33.82
C SER N 320 67.32 48.44 -32.89
N GLY N 321 67.02 47.75 -31.80
CA GLY N 321 66.23 48.31 -30.70
C GLY N 321 66.92 49.52 -30.08
N LEU N 322 68.24 49.43 -29.87
CA LEU N 322 69.01 50.60 -29.40
C LEU N 322 68.95 51.74 -30.41
N GLN N 323 69.04 51.39 -31.69
CA GLN N 323 69.00 52.38 -32.76
C GLN N 323 67.66 53.07 -32.84
N GLU N 324 66.59 52.30 -32.66
CA GLU N 324 65.24 52.86 -32.67
C GLU N 324 64.43 52.38 -31.47
N PRO N 325 64.88 52.76 -30.26
CA PRO N 325 64.27 52.44 -28.94
C PRO N 325 62.78 52.08 -29.01
N GLU N 326 61.98 52.98 -29.57
CA GLU N 326 60.51 52.86 -29.55
C GLU N 326 60.01 51.68 -30.39
N GLY N 327 60.85 51.17 -31.28
CA GLY N 327 60.52 50.05 -32.14
C GLY N 327 60.36 48.73 -31.37
N LEU N 328 60.88 48.69 -30.14
CA LEU N 328 60.68 47.53 -29.28
C LEU N 328 59.38 47.64 -28.49
N LEU N 329 58.70 48.76 -28.62
CA LEU N 329 57.57 49.07 -27.78
C LEU N 329 56.27 49.17 -28.59
N MET O 1 -39.42 -40.41 -4.88
CA MET O 1 -40.18 -40.69 -3.66
C MET O 1 -39.86 -42.06 -3.11
N GLU O 2 -39.38 -42.09 -1.87
CA GLU O 2 -39.01 -43.33 -1.21
C GLU O 2 -39.09 -43.17 0.30
N ALA O 3 -38.02 -42.66 0.91
CA ALA O 3 -38.02 -42.34 2.33
C ALA O 3 -38.95 -41.17 2.62
N LEU O 4 -39.28 -40.42 1.57
CA LEU O 4 -40.24 -39.34 1.69
C LEU O 4 -41.60 -39.84 2.17
N ILE O 5 -41.91 -41.11 1.89
CA ILE O 5 -43.20 -41.66 2.26
C ILE O 5 -43.46 -41.56 3.77
N PRO O 6 -42.45 -41.87 4.61
CA PRO O 6 -42.62 -41.82 6.07
C PRO O 6 -42.23 -40.47 6.61
N VAL O 7 -41.30 -39.80 5.92
CA VAL O 7 -40.94 -38.45 6.30
C VAL O 7 -42.13 -37.53 6.19
N ILE O 8 -42.79 -37.60 5.04
CA ILE O 8 -43.96 -36.78 4.80
C ILE O 8 -45.10 -37.13 5.74
N ASN O 9 -45.32 -38.42 5.97
CA ASN O 9 -46.36 -38.85 6.89
C ASN O 9 -46.15 -38.27 8.29
N LYS O 10 -44.91 -38.29 8.75
CA LYS O 10 -44.57 -37.63 10.01
C LYS O 10 -44.87 -36.15 9.92
N LEU O 11 -44.57 -35.56 8.75
CA LEU O 11 -44.81 -34.15 8.49
C LEU O 11 -46.26 -33.84 8.15
N GLN O 12 -47.13 -34.83 8.20
CA GLN O 12 -48.55 -34.57 8.17
C GLN O 12 -49.04 -34.41 9.59
N ASP O 13 -48.54 -35.26 10.47
CA ASP O 13 -48.90 -35.24 11.88
C ASP O 13 -48.45 -33.96 12.57
N VAL O 14 -47.41 -33.32 12.06
CA VAL O 14 -46.98 -32.04 12.62
C VAL O 14 -48.06 -30.99 12.49
N PHE O 15 -48.95 -31.16 11.51
CA PHE O 15 -50.06 -30.26 11.32
C PHE O 15 -51.29 -30.78 12.04
N ASN O 16 -51.48 -32.08 11.99
CA ASN O 16 -52.63 -32.72 12.61
C ASN O 16 -52.68 -32.45 14.10
N THR O 17 -51.50 -32.46 14.73
CA THR O 17 -51.40 -32.32 16.17
C THR O 17 -51.38 -30.87 16.63
N VAL O 18 -51.38 -29.93 15.69
CA VAL O 18 -51.48 -28.52 16.03
C VAL O 18 -52.77 -27.91 15.45
N GLY O 19 -53.48 -28.70 14.65
CA GLY O 19 -54.76 -28.27 14.10
C GLY O 19 -54.57 -27.40 12.87
N ALA O 20 -53.45 -27.58 12.18
CA ALA O 20 -53.14 -26.78 11.00
C ALA O 20 -53.41 -27.56 9.73
N ASP O 21 -53.50 -26.84 8.61
CA ASP O 21 -53.63 -27.47 7.32
C ASP O 21 -52.26 -27.99 6.86
N ILE O 22 -52.27 -29.16 6.26
CA ILE O 22 -51.04 -29.78 5.81
C ILE O 22 -50.53 -29.14 4.53
N ILE O 23 -49.24 -28.83 4.51
CA ILE O 23 -48.61 -28.23 3.34
C ILE O 23 -48.95 -28.98 2.07
N GLN O 24 -49.35 -28.25 1.05
CA GLN O 24 -49.68 -28.85 -0.23
C GLN O 24 -48.47 -28.84 -1.13
N LEU O 25 -48.25 -29.97 -1.81
CA LEU O 25 -47.13 -30.09 -2.73
C LEU O 25 -47.48 -29.47 -4.07
N PRO O 26 -46.52 -28.75 -4.67
CA PRO O 26 -46.71 -28.09 -5.94
C PRO O 26 -47.16 -29.07 -7.01
N GLN O 27 -48.03 -28.58 -7.90
CA GLN O 27 -48.58 -29.40 -8.97
C GLN O 27 -47.52 -29.73 -10.02
N ILE O 28 -47.45 -30.99 -10.42
CA ILE O 28 -46.44 -31.40 -11.39
C ILE O 28 -46.97 -31.32 -12.80
N VAL O 29 -46.47 -30.36 -13.56
CA VAL O 29 -47.01 -30.12 -14.90
C VAL O 29 -45.94 -30.28 -15.97
N VAL O 30 -46.16 -31.17 -16.93
CA VAL O 30 -45.20 -31.41 -17.99
C VAL O 30 -45.59 -30.73 -19.29
N VAL O 31 -44.64 -29.99 -19.88
CA VAL O 31 -44.91 -29.22 -21.08
C VAL O 31 -43.87 -29.49 -22.18
N GLY O 32 -44.23 -29.17 -23.42
CA GLY O 32 -43.30 -29.33 -24.54
C GLY O 32 -44.03 -29.73 -25.83
N THR O 33 -43.25 -29.78 -26.92
CA THR O 33 -43.81 -30.08 -28.24
C THR O 33 -44.19 -31.53 -28.36
N GLN O 34 -45.07 -31.81 -29.32
CA GLN O 34 -45.58 -33.15 -29.57
C GLN O 34 -44.46 -34.15 -29.76
N SER O 35 -44.59 -35.28 -29.07
CA SER O 35 -43.63 -36.40 -29.16
C SER O 35 -42.25 -36.05 -28.64
N SER O 36 -42.15 -35.08 -27.73
CA SER O 36 -40.87 -34.78 -27.09
C SER O 36 -40.52 -35.80 -26.00
N GLY O 37 -41.52 -36.51 -25.47
CA GLY O 37 -41.25 -37.53 -24.45
C GLY O 37 -41.96 -37.24 -23.12
N LYS O 38 -42.95 -36.35 -23.15
CA LYS O 38 -43.61 -35.85 -21.95
C LYS O 38 -44.21 -36.97 -21.09
N SER O 39 -45.09 -37.77 -21.67
CA SER O 39 -45.78 -38.80 -20.91
C SER O 39 -44.78 -39.79 -20.34
N SER O 40 -43.79 -40.15 -21.14
CA SER O 40 -42.71 -41.05 -20.69
C SER O 40 -42.00 -40.54 -19.44
N VAL O 41 -41.76 -39.24 -19.36
CA VAL O 41 -41.16 -38.67 -18.17
C VAL O 41 -42.01 -38.94 -16.95
N LEU O 42 -43.31 -38.71 -17.08
CA LEU O 42 -44.24 -39.00 -16.00
C LEU O 42 -44.28 -40.48 -15.67
N GLU O 43 -44.18 -41.32 -16.69
CA GLU O 43 -44.19 -42.77 -16.48
C GLU O 43 -43.02 -43.22 -15.64
N SER O 44 -41.86 -42.58 -15.83
CA SER O 44 -40.67 -42.92 -15.06
C SER O 44 -40.81 -42.51 -13.59
N LEU O 45 -41.78 -41.66 -13.30
CA LEU O 45 -42.02 -41.22 -11.94
C LEU O 45 -43.03 -42.10 -11.23
N VAL O 46 -43.62 -43.04 -11.97
CA VAL O 46 -44.64 -43.92 -11.41
C VAL O 46 -44.13 -45.35 -11.31
N GLY O 47 -43.60 -45.87 -12.42
CA GLY O 47 -43.16 -47.26 -12.47
C GLY O 47 -44.20 -48.15 -13.14
N ARG O 48 -45.34 -47.58 -13.48
CA ARG O 48 -46.40 -48.31 -14.17
C ARG O 48 -46.76 -47.64 -15.47
N ASP O 49 -47.20 -48.43 -16.43
CA ASP O 49 -47.63 -47.90 -17.72
C ASP O 49 -49.07 -47.38 -17.62
N LEU O 50 -49.23 -46.23 -16.96
CA LEU O 50 -50.56 -45.67 -16.73
C LEU O 50 -50.95 -44.70 -17.82
N LEU O 51 -49.96 -44.16 -18.51
CA LEU O 51 -50.20 -43.19 -19.55
C LEU O 51 -50.08 -43.82 -20.91
N PRO O 52 -50.81 -43.26 -21.86
CA PRO O 52 -50.67 -43.56 -23.28
C PRO O 52 -49.35 -43.02 -23.75
N ARG O 53 -48.77 -43.65 -24.76
CA ARG O 53 -47.45 -43.29 -25.27
C ARG O 53 -47.34 -43.62 -26.74
N GLY O 54 -46.51 -42.87 -27.46
CA GLY O 54 -46.32 -43.16 -28.87
C GLY O 54 -45.85 -41.96 -29.68
N THR O 55 -45.64 -42.17 -30.97
CA THR O 55 -45.13 -41.12 -31.85
C THR O 55 -46.24 -40.22 -32.35
N GLY O 56 -45.85 -39.08 -32.94
CA GLY O 56 -46.79 -38.14 -33.49
C GLY O 56 -47.65 -37.51 -32.40
N ILE O 57 -48.95 -37.70 -32.51
CA ILE O 57 -49.89 -37.20 -31.51
C ILE O 57 -50.53 -38.35 -30.72
N VAL O 58 -50.46 -38.26 -29.40
CA VAL O 58 -51.02 -39.27 -28.51
C VAL O 58 -51.90 -38.65 -27.44
N THR O 59 -51.27 -37.83 -26.59
CA THR O 59 -52.03 -37.13 -25.56
C THR O 59 -52.83 -36.02 -26.20
N ARG O 60 -54.14 -36.12 -26.09
CA ARG O 60 -55.03 -35.20 -26.78
C ARG O 60 -56.08 -34.64 -25.85
N ARG O 61 -55.77 -34.62 -24.57
CA ARG O 61 -56.73 -34.23 -23.56
C ARG O 61 -56.10 -34.33 -22.18
N PRO O 62 -55.59 -33.20 -21.67
CA PRO O 62 -54.87 -33.11 -20.39
C PRO O 62 -55.36 -34.16 -19.37
N LEU O 63 -54.43 -34.86 -18.74
CA LEU O 63 -54.80 -35.76 -17.66
C LEU O 63 -54.50 -35.15 -16.32
N ILE O 64 -55.49 -35.12 -15.44
CA ILE O 64 -55.29 -34.70 -14.07
C ILE O 64 -55.10 -35.90 -13.18
N LEU O 65 -53.86 -36.16 -12.80
CA LEU O 65 -53.54 -37.32 -12.00
C LEU O 65 -53.40 -36.96 -10.54
N GLN O 66 -54.20 -37.59 -9.71
CA GLN O 66 -54.08 -37.42 -8.28
C GLN O 66 -53.56 -38.68 -7.62
N LEU O 67 -52.30 -38.64 -7.23
CA LEU O 67 -51.69 -39.73 -6.49
C LEU O 67 -52.24 -39.71 -5.06
N VAL O 68 -52.63 -40.89 -4.55
CA VAL O 68 -53.30 -40.97 -3.26
C VAL O 68 -52.59 -41.92 -2.30
N HIS O 69 -52.18 -41.39 -1.14
CA HIS O 69 -51.64 -42.20 -0.07
C HIS O 69 -52.75 -43.03 0.58
N VAL O 70 -52.50 -44.31 0.75
CA VAL O 70 -53.47 -45.19 1.39
C VAL O 70 -52.98 -45.68 2.75
N SER O 71 -53.86 -45.59 3.75
CA SER O 71 -53.54 -46.01 5.10
C SER O 71 -53.60 -47.52 5.24
N GLN O 72 -53.50 -48.00 6.48
CA GLN O 72 -53.55 -49.42 6.76
C GLN O 72 -54.99 -49.93 6.90
N GLU O 73 -55.96 -49.05 6.70
CA GLU O 73 -57.37 -49.44 6.75
C GLU O 73 -57.69 -50.43 5.64
N ALA O 87 -57.96 -54.79 -2.49
CA ALA O 87 -57.13 -53.96 -3.35
C ALA O 87 -55.99 -53.34 -2.57
N GLU O 88 -54.76 -53.72 -2.90
CA GLU O 88 -53.58 -53.10 -2.32
C GLU O 88 -53.29 -51.79 -3.04
N GLU O 89 -53.22 -51.87 -4.36
CA GLU O 89 -53.09 -50.69 -5.19
C GLU O 89 -54.21 -50.66 -6.23
N TRP O 90 -54.75 -49.48 -6.48
CA TRP O 90 -55.85 -49.36 -7.43
C TRP O 90 -56.02 -47.91 -7.90
N GLY O 91 -56.76 -47.71 -8.97
CA GLY O 91 -57.07 -46.36 -9.45
C GLY O 91 -58.55 -46.04 -9.33
N LYS O 92 -58.92 -44.84 -9.76
CA LYS O 92 -60.32 -44.42 -9.75
C LYS O 92 -60.52 -43.18 -10.64
N PHE O 93 -61.42 -43.28 -11.60
CA PHE O 93 -61.71 -42.14 -12.46
C PHE O 93 -62.92 -41.37 -12.00
N LEU O 94 -62.87 -40.06 -12.16
CA LEU O 94 -63.98 -39.20 -11.79
C LEU O 94 -65.26 -39.62 -12.49
N HIS O 95 -65.17 -39.91 -13.78
CA HIS O 95 -66.34 -40.22 -14.58
C HIS O 95 -66.85 -41.65 -14.37
N THR O 96 -66.18 -42.43 -13.51
CA THR O 96 -66.70 -43.74 -13.14
C THR O 96 -66.88 -43.83 -11.63
N LYS O 97 -67.04 -42.66 -11.00
CA LYS O 97 -67.36 -42.59 -9.59
C LYS O 97 -66.36 -43.40 -8.76
N ASN O 98 -66.86 -44.33 -7.95
CA ASN O 98 -66.03 -45.07 -7.02
C ASN O 98 -65.59 -46.43 -7.55
N LYS O 99 -65.62 -46.60 -8.87
CA LYS O 99 -65.07 -47.80 -9.47
C LYS O 99 -63.59 -47.92 -9.16
N LEU O 100 -63.18 -49.08 -8.64
CA LEU O 100 -61.78 -49.27 -8.28
C LEU O 100 -61.06 -50.03 -9.37
N TYR O 101 -59.87 -49.57 -9.72
CA TYR O 101 -59.12 -50.18 -10.80
C TYR O 101 -57.82 -50.80 -10.31
N THR O 102 -57.85 -52.08 -9.98
CA THR O 102 -56.62 -52.80 -9.65
C THR O 102 -55.90 -53.21 -10.92
N ASP O 103 -56.64 -53.20 -12.04
CA ASP O 103 -56.06 -53.39 -13.35
C ASP O 103 -55.54 -52.07 -13.90
N PHE O 104 -54.23 -51.91 -13.92
CA PHE O 104 -53.62 -50.65 -14.29
C PHE O 104 -53.46 -50.52 -15.81
N ASP O 105 -53.77 -51.59 -16.54
CA ASP O 105 -53.83 -51.51 -17.98
C ASP O 105 -55.19 -51.03 -18.40
N GLU O 106 -56.21 -51.42 -17.64
CA GLU O 106 -57.55 -50.88 -17.78
C GLU O 106 -57.54 -49.39 -17.57
N ILE O 107 -56.78 -48.93 -16.59
CA ILE O 107 -56.64 -47.50 -16.35
C ILE O 107 -56.09 -46.77 -17.56
N ARG O 108 -54.96 -47.25 -18.08
CA ARG O 108 -54.39 -46.65 -19.28
C ARG O 108 -55.37 -46.68 -20.44
N GLN O 109 -56.01 -47.82 -20.64
CA GLN O 109 -56.97 -47.99 -21.70
C GLN O 109 -58.20 -47.12 -21.50
N GLU O 110 -58.60 -46.93 -20.24
CA GLU O 110 -59.74 -46.08 -19.93
C GLU O 110 -59.43 -44.63 -20.22
N ILE O 111 -58.17 -44.22 -19.99
CA ILE O 111 -57.73 -42.90 -20.40
C ILE O 111 -57.85 -42.75 -21.90
N GLU O 112 -57.42 -43.79 -22.63
CA GLU O 112 -57.52 -43.81 -24.08
C GLU O 112 -58.97 -43.72 -24.53
N ASN O 113 -59.83 -44.48 -23.87
CA ASN O 113 -61.25 -44.49 -24.18
C ASN O 113 -61.86 -43.13 -23.95
N GLU O 114 -61.62 -42.58 -22.77
CA GLU O 114 -62.18 -41.31 -22.37
C GLU O 114 -61.65 -40.18 -23.22
N THR O 115 -60.37 -40.25 -23.56
CA THR O 115 -59.77 -39.30 -24.48
C THR O 115 -60.54 -39.25 -25.80
N GLU O 116 -60.80 -40.43 -26.36
CA GLU O 116 -61.52 -40.52 -27.62
C GLU O 116 -62.97 -40.05 -27.47
N ARG O 117 -63.56 -40.26 -26.30
CA ARG O 117 -64.95 -39.86 -26.08
C ARG O 117 -65.16 -38.35 -26.24
N ILE O 118 -64.21 -37.55 -25.78
CA ILE O 118 -64.36 -36.10 -25.92
C ILE O 118 -63.45 -35.48 -26.98
N SER O 119 -62.14 -35.76 -26.89
CA SER O 119 -61.20 -35.15 -27.84
C SER O 119 -61.30 -35.81 -29.21
N GLY O 120 -61.67 -37.08 -29.22
CA GLY O 120 -61.86 -37.80 -30.48
C GLY O 120 -60.62 -38.60 -30.84
N ASN O 121 -60.61 -39.12 -32.06
CA ASN O 121 -59.50 -39.94 -32.54
C ASN O 121 -59.05 -39.47 -33.92
N ASN O 122 -58.85 -38.16 -34.06
CA ASN O 122 -58.40 -37.57 -35.30
C ASN O 122 -57.59 -36.32 -35.03
N LYS O 123 -56.59 -36.46 -34.17
CA LYS O 123 -55.69 -35.36 -33.78
C LYS O 123 -56.39 -34.21 -33.03
N GLY O 124 -57.69 -34.34 -32.76
CA GLY O 124 -58.41 -33.31 -32.05
C GLY O 124 -58.01 -33.30 -30.60
N VAL O 125 -57.95 -32.12 -30.01
CA VAL O 125 -57.57 -31.99 -28.61
C VAL O 125 -58.68 -31.36 -27.81
N SER O 126 -59.04 -31.99 -26.70
CA SER O 126 -60.08 -31.47 -25.83
C SER O 126 -59.50 -30.53 -24.79
N PRO O 127 -60.29 -29.52 -24.43
CA PRO O 127 -59.96 -28.62 -23.32
C PRO O 127 -60.44 -29.20 -22.00
N GLU O 128 -61.23 -30.26 -22.07
CA GLU O 128 -61.75 -30.90 -20.87
C GLU O 128 -60.85 -32.02 -20.43
N PRO O 129 -60.02 -31.78 -19.42
CA PRO O 129 -59.11 -32.75 -18.86
C PRO O 129 -59.81 -33.98 -18.28
N ILE O 130 -59.06 -35.06 -18.10
CA ILE O 130 -59.56 -36.29 -17.46
C ILE O 130 -59.05 -36.38 -16.03
N HIS O 131 -59.93 -36.61 -15.07
CA HIS O 131 -59.47 -36.75 -13.69
C HIS O 131 -59.33 -38.21 -13.28
N LEU O 132 -58.14 -38.56 -12.81
CA LEU O 132 -57.81 -39.91 -12.34
C LEU O 132 -57.09 -39.88 -11.01
N LYS O 133 -57.58 -40.66 -10.06
CA LYS O 133 -56.88 -40.89 -8.81
C LYS O 133 -56.16 -42.23 -8.81
N ILE O 134 -54.93 -42.26 -8.31
CA ILE O 134 -54.20 -43.50 -8.14
C ILE O 134 -53.89 -43.76 -6.69
N PHE O 135 -54.25 -44.94 -6.21
CA PHE O 135 -54.15 -45.27 -4.80
C PHE O 135 -53.09 -46.31 -4.51
N SER O 136 -52.30 -46.04 -3.48
CA SER O 136 -51.39 -47.04 -2.94
C SER O 136 -50.91 -46.63 -1.55
N PRO O 137 -50.47 -47.59 -0.77
CA PRO O 137 -49.97 -47.38 0.59
C PRO O 137 -48.48 -47.07 0.56
N ASN O 138 -47.88 -47.20 -0.62
CA ASN O 138 -46.49 -46.86 -0.79
C ASN O 138 -46.32 -45.64 -1.69
N VAL O 139 -47.34 -44.78 -1.72
CA VAL O 139 -47.23 -43.51 -2.43
C VAL O 139 -47.76 -42.37 -1.58
N VAL O 140 -47.44 -41.15 -1.97
CA VAL O 140 -47.86 -39.96 -1.23
C VAL O 140 -48.74 -39.06 -2.07
N ASN O 141 -49.70 -38.41 -1.42
CA ASN O 141 -50.61 -37.49 -2.10
C ASN O 141 -49.85 -36.50 -2.99
N LEU O 142 -50.19 -36.48 -4.28
CA LEU O 142 -49.53 -35.58 -5.22
C LEU O 142 -50.35 -35.36 -6.50
N THR O 143 -50.45 -34.10 -6.92
CA THR O 143 -51.21 -33.77 -8.12
C THR O 143 -50.28 -33.56 -9.32
N LEU O 144 -50.55 -34.29 -10.41
CA LEU O 144 -49.74 -34.22 -11.62
C LEU O 144 -50.61 -33.98 -12.87
N VAL O 145 -50.02 -33.35 -13.89
CA VAL O 145 -50.75 -33.06 -15.12
C VAL O 145 -49.98 -33.50 -16.39
N ASP O 146 -50.63 -34.32 -17.22
CA ASP O 146 -50.06 -34.73 -18.50
C ASP O 146 -50.71 -33.99 -19.65
N LEU O 147 -49.96 -33.07 -20.27
CA LEU O 147 -50.50 -32.18 -21.28
C LEU O 147 -50.24 -32.66 -22.72
N PRO O 148 -51.07 -32.19 -23.64
CA PRO O 148 -50.89 -32.42 -25.06
C PRO O 148 -49.70 -31.62 -25.55
N GLY O 149 -49.04 -32.11 -26.58
CA GLY O 149 -47.85 -31.45 -27.08
C GLY O 149 -48.18 -30.17 -27.80
N MET O 150 -47.25 -29.22 -27.74
CA MET O 150 -47.37 -27.97 -28.48
C MET O 150 -47.31 -28.21 -29.98
N THR O 151 -48.13 -27.47 -30.71
CA THR O 151 -48.20 -27.58 -32.16
C THR O 151 -48.15 -26.22 -32.83
N LYS O 152 -48.30 -26.24 -34.15
CA LYS O 152 -48.31 -25.02 -34.96
C LYS O 152 -49.39 -25.10 -36.02
N VAL O 153 -49.57 -26.29 -36.59
CA VAL O 153 -50.53 -26.50 -37.66
C VAL O 153 -51.80 -27.20 -37.14
N PRO O 154 -52.96 -26.67 -37.54
CA PRO O 154 -54.25 -27.26 -37.25
C PRO O 154 -54.52 -28.47 -38.12
N VAL O 155 -54.44 -29.65 -37.52
CA VAL O 155 -54.59 -30.89 -38.26
C VAL O 155 -55.71 -31.76 -37.70
N GLY O 156 -56.30 -32.58 -38.56
CA GLY O 156 -57.39 -33.45 -38.16
C GLY O 156 -58.60 -32.64 -37.69
N ASP O 157 -59.02 -32.88 -36.46
CA ASP O 157 -60.17 -32.17 -35.89
C ASP O 157 -59.77 -30.90 -35.15
N GLN O 158 -58.50 -30.51 -35.28
CA GLN O 158 -58.01 -29.33 -34.57
C GLN O 158 -58.54 -28.04 -35.18
N PRO O 159 -58.67 -27.00 -34.36
CA PRO O 159 -59.11 -25.66 -34.72
C PRO O 159 -57.95 -24.83 -35.23
N LYS O 160 -58.28 -23.77 -35.95
CA LYS O 160 -57.26 -22.86 -36.48
C LYS O 160 -56.30 -22.38 -35.39
N ASP O 161 -56.84 -22.15 -34.21
CA ASP O 161 -56.05 -21.66 -33.09
C ASP O 161 -55.75 -22.75 -32.08
N ILE O 162 -55.65 -24.01 -32.55
CA ILE O 162 -55.31 -25.13 -31.68
C ILE O 162 -53.98 -24.92 -30.95
N GLU O 163 -53.05 -24.24 -31.60
CA GLU O 163 -51.80 -23.87 -30.95
C GLU O 163 -52.07 -23.05 -29.72
N LEU O 164 -52.95 -22.06 -29.87
CA LEU O 164 -53.30 -21.17 -28.78
C LEU O 164 -54.19 -21.88 -27.77
N GLN O 165 -55.03 -22.79 -28.24
CA GLN O 165 -55.86 -23.58 -27.34
C GLN O 165 -55.00 -24.39 -26.41
N ILE O 166 -54.07 -25.15 -26.97
CA ILE O 166 -53.14 -25.95 -26.20
C ILE O 166 -52.28 -25.07 -25.32
N ARG O 167 -51.83 -23.94 -25.87
CA ARG O 167 -51.10 -22.94 -25.11
C ARG O 167 -51.86 -22.53 -23.86
N GLU O 168 -53.13 -22.22 -24.01
CA GLU O 168 -53.96 -21.83 -22.88
C GLU O 168 -54.22 -23.00 -21.95
N LEU O 169 -54.33 -24.20 -22.51
CA LEU O 169 -54.48 -25.40 -21.70
C LEU O 169 -53.25 -25.65 -20.86
N ILE O 170 -52.09 -25.33 -21.40
CA ILE O 170 -50.85 -25.40 -20.65
C ILE O 170 -50.82 -24.33 -19.57
N LEU O 171 -51.13 -23.09 -19.96
CA LEU O 171 -51.13 -21.94 -19.06
C LEU O 171 -52.07 -22.14 -17.89
N ARG O 172 -53.18 -22.84 -18.15
CA ARG O 172 -54.14 -23.21 -17.11
C ARG O 172 -53.47 -23.82 -15.87
N PHE O 173 -52.35 -24.51 -16.07
CA PHE O 173 -51.71 -25.19 -14.97
C PHE O 173 -50.38 -24.54 -14.59
N ILE O 174 -49.58 -24.17 -15.59
CA ILE O 174 -48.24 -23.65 -15.30
C ILE O 174 -48.28 -22.23 -14.77
N SER O 175 -49.39 -21.55 -14.95
CA SER O 175 -49.57 -20.21 -14.41
C SER O 175 -49.65 -20.19 -12.89
N ASN O 176 -49.81 -21.36 -12.27
CA ASN O 176 -49.85 -21.45 -10.82
C ASN O 176 -48.43 -21.54 -10.24
N PRO O 177 -47.92 -20.46 -9.62
CA PRO O 177 -46.71 -20.41 -8.78
C PRO O 177 -46.46 -21.73 -8.04
N ASN O 178 -47.50 -22.31 -7.46
CA ASN O 178 -47.36 -23.54 -6.70
C ASN O 178 -47.38 -24.76 -7.62
N SER O 179 -46.34 -24.88 -8.44
CA SER O 179 -46.23 -25.98 -9.37
C SER O 179 -44.79 -26.18 -9.81
N ILE O 180 -44.51 -27.35 -10.36
CA ILE O 180 -43.22 -27.62 -10.97
C ILE O 180 -43.40 -27.85 -12.44
N ILE O 181 -42.76 -27.01 -13.24
CA ILE O 181 -42.91 -27.07 -14.67
C ILE O 181 -41.77 -27.86 -15.28
N LEU O 182 -42.10 -28.98 -15.90
CA LEU O 182 -41.08 -29.81 -16.52
C LEU O 182 -41.01 -29.58 -18.01
N ALA O 183 -39.98 -28.86 -18.42
CA ALA O 183 -39.85 -28.45 -19.81
C ALA O 183 -39.23 -29.55 -20.66
N VAL O 184 -40.05 -30.50 -21.07
CA VAL O 184 -39.58 -31.68 -21.77
C VAL O 184 -39.44 -31.47 -23.28
N THR O 185 -38.19 -31.42 -23.74
CA THR O 185 -37.88 -31.25 -25.16
C THR O 185 -36.83 -32.27 -25.62
N ALA O 186 -37.00 -32.77 -26.84
CA ALA O 186 -36.14 -33.82 -27.38
C ALA O 186 -34.73 -33.31 -27.68
N ALA O 187 -33.74 -34.17 -27.42
CA ALA O 187 -32.32 -33.85 -27.58
C ALA O 187 -31.93 -33.60 -29.02
N ASN O 188 -32.62 -34.24 -29.95
CA ASN O 188 -32.30 -34.11 -31.36
C ASN O 188 -32.99 -32.91 -32.00
N THR O 189 -33.67 -32.11 -31.17
CA THR O 189 -34.18 -30.83 -31.61
C THR O 189 -33.39 -29.70 -30.99
N ASP O 190 -33.63 -28.48 -31.45
CA ASP O 190 -32.90 -27.34 -30.93
C ASP O 190 -33.48 -26.87 -29.62
N MET O 191 -32.77 -27.17 -28.54
CA MET O 191 -33.19 -26.79 -27.20
C MET O 191 -33.38 -25.30 -27.03
N ALA O 192 -32.65 -24.51 -27.83
CA ALA O 192 -32.73 -23.06 -27.75
C ALA O 192 -34.10 -22.56 -28.21
N THR O 193 -34.84 -23.40 -28.92
CA THR O 193 -36.17 -23.03 -29.39
C THR O 193 -37.25 -23.81 -28.65
N SER O 194 -36.87 -24.44 -27.54
CA SER O 194 -37.79 -25.27 -26.76
C SER O 194 -39.08 -24.54 -26.46
N GLU O 195 -40.16 -25.00 -27.07
CA GLU O 195 -41.49 -24.43 -26.82
C GLU O 195 -41.89 -24.65 -25.38
N ALA O 196 -41.41 -25.75 -24.80
CA ALA O 196 -41.61 -26.03 -23.41
C ALA O 196 -41.15 -24.88 -22.54
N LEU O 197 -39.91 -24.46 -22.74
CA LEU O 197 -39.35 -23.33 -22.02
C LEU O 197 -39.98 -22.02 -22.47
N LYS O 198 -40.25 -21.88 -23.76
CA LYS O 198 -40.82 -20.65 -24.31
C LYS O 198 -42.15 -20.29 -23.64
N ILE O 199 -43.02 -21.29 -23.48
CA ILE O 199 -44.28 -21.07 -22.79
C ILE O 199 -44.08 -20.98 -21.28
N SER O 200 -43.09 -21.70 -20.75
CA SER O 200 -42.79 -21.62 -19.32
C SER O 200 -42.44 -20.21 -18.90
N ARG O 201 -41.71 -19.51 -19.77
CA ARG O 201 -41.27 -18.14 -19.50
C ARG O 201 -42.45 -17.15 -19.46
N GLU O 202 -43.60 -17.55 -19.99
CA GLU O 202 -44.78 -16.70 -19.95
C GLU O 202 -45.36 -16.58 -18.54
N VAL O 203 -45.14 -17.61 -17.74
CA VAL O 203 -45.66 -17.65 -16.38
C VAL O 203 -44.53 -17.70 -15.37
N ASP O 204 -43.34 -18.00 -15.87
CA ASP O 204 -42.17 -18.13 -15.04
C ASP O 204 -40.93 -17.71 -15.83
N PRO O 205 -40.90 -16.45 -16.23
CA PRO O 205 -39.85 -15.84 -17.05
C PRO O 205 -38.45 -16.03 -16.49
N ASP O 206 -38.35 -16.26 -15.18
CA ASP O 206 -37.06 -16.41 -14.54
C ASP O 206 -36.69 -17.88 -14.33
N GLY O 207 -37.67 -18.77 -14.50
CA GLY O 207 -37.41 -20.21 -14.42
C GLY O 207 -37.35 -20.72 -12.98
N ARG O 208 -37.96 -19.98 -12.05
CA ARG O 208 -37.84 -20.28 -10.63
C ARG O 208 -38.48 -21.60 -10.25
N ARG O 209 -39.46 -22.03 -11.02
CA ARG O 209 -40.15 -23.28 -10.77
C ARG O 209 -40.21 -24.11 -12.04
N THR O 210 -39.25 -23.87 -12.93
CA THR O 210 -39.19 -24.59 -14.19
C THR O 210 -37.89 -25.36 -14.30
N LEU O 211 -38.00 -26.64 -14.59
CA LEU O 211 -36.85 -27.50 -14.77
C LEU O 211 -36.72 -27.92 -16.23
N ALA O 212 -35.53 -27.74 -16.80
CA ALA O 212 -35.32 -28.09 -18.20
C ALA O 212 -35.01 -29.56 -18.33
N VAL O 213 -35.74 -30.25 -19.21
CA VAL O 213 -35.56 -31.68 -19.40
C VAL O 213 -35.23 -32.01 -20.85
N ILE O 214 -34.11 -32.70 -21.05
CA ILE O 214 -33.69 -33.06 -22.40
C ILE O 214 -33.79 -34.56 -22.62
N THR O 215 -34.79 -34.99 -23.38
CA THR O 215 -35.02 -36.42 -23.57
C THR O 215 -34.44 -36.90 -24.86
N LYS O 216 -34.46 -38.21 -25.09
CA LYS O 216 -33.95 -38.77 -26.33
C LYS O 216 -32.50 -38.39 -26.60
N LEU O 217 -31.67 -38.34 -25.54
CA LEU O 217 -30.25 -38.12 -25.70
C LEU O 217 -29.63 -39.19 -26.59
N ASP O 218 -30.17 -40.40 -26.49
CA ASP O 218 -29.70 -41.51 -27.30
C ASP O 218 -30.02 -41.31 -28.79
N LEU O 219 -30.94 -40.39 -29.09
CA LEU O 219 -31.28 -40.06 -30.47
C LEU O 219 -30.67 -38.74 -30.89
N MET O 220 -29.85 -38.14 -30.03
CA MET O 220 -29.26 -36.83 -30.33
C MET O 220 -28.45 -36.88 -31.61
N ASP O 221 -28.53 -35.81 -32.39
CA ASP O 221 -27.84 -35.77 -33.67
C ASP O 221 -26.35 -36.01 -33.48
N ALA O 222 -25.86 -37.07 -34.12
CA ALA O 222 -24.47 -37.48 -33.95
C ALA O 222 -23.52 -36.39 -34.39
N GLY O 223 -22.51 -36.13 -33.56
CA GLY O 223 -21.53 -35.09 -33.84
C GLY O 223 -21.83 -33.80 -33.06
N THR O 224 -23.06 -33.68 -32.56
CA THR O 224 -23.45 -32.50 -31.79
C THR O 224 -23.60 -32.87 -30.32
N ASP O 225 -23.84 -31.85 -29.49
CA ASP O 225 -24.05 -32.07 -28.07
C ASP O 225 -24.95 -31.00 -27.46
N ALA O 226 -25.32 -31.19 -26.21
CA ALA O 226 -26.09 -30.21 -25.49
C ALA O 226 -25.38 -29.78 -24.23
N MET O 227 -24.04 -29.83 -24.25
CA MET O 227 -23.25 -29.51 -23.08
C MET O 227 -23.44 -28.07 -22.69
N ASP O 228 -23.50 -27.20 -23.68
CA ASP O 228 -23.69 -25.78 -23.45
C ASP O 228 -25.07 -25.50 -22.87
N VAL O 229 -26.06 -26.25 -23.32
CA VAL O 229 -27.39 -26.15 -22.75
C VAL O 229 -27.41 -26.68 -21.32
N LEU O 230 -26.82 -27.85 -21.14
CA LEU O 230 -26.74 -28.51 -19.84
C LEU O 230 -25.97 -27.67 -18.82
N MET O 231 -24.94 -26.98 -19.28
CA MET O 231 -24.10 -26.17 -18.40
C MET O 231 -24.62 -24.74 -18.26
N GLY O 232 -25.76 -24.42 -18.87
CA GLY O 232 -26.37 -23.12 -18.71
C GLY O 232 -25.74 -22.05 -19.59
N ARG O 233 -24.89 -22.47 -20.53
CA ARG O 233 -24.23 -21.54 -21.43
C ARG O 233 -25.20 -21.00 -22.47
N VAL O 234 -26.15 -21.84 -22.87
CA VAL O 234 -27.19 -21.43 -23.79
C VAL O 234 -28.46 -21.08 -23.03
N ILE O 235 -28.90 -21.99 -22.16
CA ILE O 235 -30.13 -21.79 -21.43
C ILE O 235 -29.90 -21.82 -19.92
N PRO O 236 -30.03 -20.66 -19.27
CA PRO O 236 -29.95 -20.56 -17.81
C PRO O 236 -31.26 -20.94 -17.15
N VAL O 237 -31.19 -21.92 -16.23
CA VAL O 237 -32.38 -22.42 -15.55
C VAL O 237 -32.16 -22.50 -14.04
N LYS O 238 -33.08 -21.93 -13.26
CA LYS O 238 -32.91 -21.86 -11.81
C LYS O 238 -32.89 -23.24 -11.17
N LEU O 239 -33.62 -24.18 -11.76
CA LEU O 239 -33.64 -25.55 -11.25
C LEU O 239 -32.64 -26.46 -11.96
N GLY O 240 -31.84 -25.88 -12.86
CA GLY O 240 -30.83 -26.65 -13.59
C GLY O 240 -31.39 -27.30 -14.84
N ILE O 241 -30.51 -28.00 -15.55
CA ILE O 241 -30.89 -28.72 -16.77
C ILE O 241 -30.46 -30.18 -16.68
N ILE O 242 -31.42 -31.09 -16.84
CA ILE O 242 -31.13 -32.52 -16.73
C ILE O 242 -31.61 -33.29 -17.95
N GLY O 243 -30.71 -34.09 -18.53
CA GLY O 243 -31.04 -34.88 -19.70
C GLY O 243 -31.67 -36.22 -19.34
N VAL O 244 -32.27 -36.88 -20.33
CA VAL O 244 -32.99 -38.14 -20.14
C VAL O 244 -32.78 -39.13 -21.29
N VAL O 245 -32.60 -40.40 -20.94
CA VAL O 245 -32.63 -41.51 -21.90
C VAL O 245 -33.78 -42.46 -21.58
N ASN O 246 -34.52 -42.87 -22.59
CA ASN O 246 -35.70 -43.69 -22.37
C ASN O 246 -35.99 -44.60 -23.57
N ARG O 247 -37.05 -45.39 -23.45
CA ARG O 247 -37.40 -46.40 -24.44
C ARG O 247 -37.98 -45.80 -25.72
N SER O 248 -37.54 -46.32 -26.86
CA SER O 248 -38.15 -46.00 -28.14
C SER O 248 -39.40 -46.82 -28.35
N GLN O 249 -40.02 -46.66 -29.51
CA GLN O 249 -41.15 -47.50 -29.91
C GLN O 249 -40.83 -48.97 -29.80
N LEU O 250 -39.60 -49.31 -30.14
CA LEU O 250 -39.21 -50.71 -30.19
C LEU O 250 -38.91 -51.20 -28.81
N ASP O 251 -38.34 -50.35 -28.00
CA ASP O 251 -37.92 -50.75 -26.67
C ASP O 251 -39.12 -50.86 -25.73
N ILE O 252 -40.13 -50.05 -25.98
CA ILE O 252 -41.40 -50.20 -25.29
C ILE O 252 -42.08 -51.49 -25.71
N ASN O 253 -42.12 -51.73 -27.01
CA ASN O 253 -42.75 -52.92 -27.55
C ASN O 253 -41.94 -54.19 -27.25
N ASN O 254 -40.64 -54.02 -27.00
CA ASN O 254 -39.80 -55.14 -26.60
C ASN O 254 -39.71 -55.27 -25.09
N LYS O 255 -40.49 -54.45 -24.37
CA LYS O 255 -40.55 -54.53 -22.92
C LYS O 255 -39.18 -54.42 -22.27
N LYS O 256 -38.36 -53.49 -22.76
CA LYS O 256 -37.09 -53.21 -22.12
C LYS O 256 -37.31 -52.87 -20.65
N SER O 257 -36.60 -53.55 -19.77
CA SER O 257 -36.79 -53.35 -18.35
C SER O 257 -36.14 -52.06 -17.90
N VAL O 258 -36.47 -51.65 -16.69
CA VAL O 258 -35.87 -50.46 -16.12
C VAL O 258 -34.37 -50.62 -15.98
N THR O 259 -33.95 -51.80 -15.54
CA THR O 259 -32.53 -52.11 -15.43
C THR O 259 -31.83 -52.01 -16.77
N ASP O 260 -32.47 -52.52 -17.81
CA ASP O 260 -31.93 -52.42 -19.16
C ASP O 260 -31.83 -50.96 -19.59
N SER O 261 -32.87 -50.20 -19.29
CA SER O 261 -32.91 -48.78 -19.61
C SER O 261 -31.80 -48.04 -18.87
N ILE O 262 -31.58 -48.40 -17.61
CA ILE O 262 -30.52 -47.82 -16.82
C ILE O 262 -29.16 -48.13 -17.40
N ARG O 263 -28.95 -49.38 -17.78
CA ARG O 263 -27.69 -49.81 -18.36
C ARG O 263 -27.38 -49.03 -19.63
N ASP O 264 -28.38 -48.88 -20.49
CA ASP O 264 -28.22 -48.15 -21.73
C ASP O 264 -28.02 -46.67 -21.48
N GLU O 265 -28.81 -46.13 -20.57
CA GLU O 265 -28.69 -44.73 -20.18
C GLU O 265 -27.33 -44.43 -19.62
N TYR O 266 -26.93 -45.20 -18.61
CA TYR O 266 -25.67 -45.03 -17.94
C TYR O 266 -24.50 -45.15 -18.89
N ALA O 267 -24.47 -46.25 -19.65
CA ALA O 267 -23.37 -46.49 -20.58
C ALA O 267 -23.32 -45.39 -21.62
N PHE O 268 -24.47 -45.01 -22.15
CA PHE O 268 -24.53 -43.94 -23.12
C PHE O 268 -23.99 -42.65 -22.56
N LEU O 269 -24.48 -42.28 -21.38
CA LEU O 269 -24.12 -41.02 -20.77
C LEU O 269 -22.66 -40.98 -20.39
N GLN O 270 -22.14 -42.10 -19.90
CA GLN O 270 -20.73 -42.18 -19.57
C GLN O 270 -19.88 -42.02 -20.82
N LYS O 271 -20.37 -42.54 -21.93
CA LYS O 271 -19.69 -42.39 -23.21
C LYS O 271 -19.96 -41.03 -23.85
N LYS O 272 -21.08 -40.42 -23.50
CA LYS O 272 -21.47 -39.16 -24.11
C LYS O 272 -20.99 -37.97 -23.30
N TYR O 273 -21.46 -37.86 -22.06
CA TYR O 273 -21.01 -36.80 -21.16
C TYR O 273 -20.54 -37.35 -19.84
N PRO O 274 -19.50 -38.17 -19.85
CA PRO O 274 -18.84 -38.71 -18.63
C PRO O 274 -19.14 -37.87 -17.37
N SER O 275 -18.83 -36.57 -17.43
CA SER O 275 -18.90 -35.70 -16.27
C SER O 275 -20.33 -35.25 -15.94
N LEU O 276 -21.19 -35.17 -16.96
CA LEU O 276 -22.57 -34.77 -16.74
C LEU O 276 -23.46 -35.99 -16.62
N ALA O 277 -22.89 -37.17 -16.87
CA ALA O 277 -23.62 -38.43 -16.84
C ALA O 277 -24.27 -38.68 -15.50
N ASN O 278 -23.61 -38.24 -14.44
CA ASN O 278 -24.10 -38.47 -13.09
C ASN O 278 -25.08 -37.37 -12.66
N ARG O 279 -25.36 -36.43 -13.55
CA ARG O 279 -26.40 -35.45 -13.35
C ARG O 279 -27.59 -35.76 -14.24
N ASN O 280 -27.33 -36.33 -15.40
CA ASN O 280 -28.38 -36.70 -16.33
C ASN O 280 -29.11 -37.96 -15.88
N GLY O 281 -28.34 -38.96 -15.44
CA GLY O 281 -28.86 -40.15 -14.75
C GLY O 281 -30.23 -39.90 -14.11
N THR O 282 -31.28 -40.45 -14.73
CA THR O 282 -32.64 -40.33 -14.21
C THR O 282 -32.75 -40.45 -12.69
N LYS O 283 -31.94 -41.32 -12.10
CA LYS O 283 -31.91 -41.46 -10.65
C LYS O 283 -31.53 -40.14 -9.98
N TYR O 284 -30.53 -39.46 -10.53
CA TYR O 284 -30.15 -38.14 -10.06
C TYR O 284 -31.32 -37.18 -10.12
N LEU O 285 -32.03 -37.22 -11.24
CA LEU O 285 -33.23 -36.41 -11.41
C LEU O 285 -34.26 -36.69 -10.35
N ALA O 286 -34.53 -37.98 -10.12
CA ALA O 286 -35.52 -38.37 -9.13
C ALA O 286 -35.12 -37.88 -7.75
N ARG O 287 -33.84 -37.98 -7.42
CA ARG O 287 -33.33 -37.49 -6.16
C ARG O 287 -33.43 -35.99 -6.09
N THR O 288 -33.17 -35.33 -7.22
CA THR O 288 -33.29 -33.89 -7.32
C THR O 288 -34.71 -33.46 -7.06
N LEU O 289 -35.65 -34.17 -7.66
CA LEU O 289 -37.06 -33.88 -7.47
C LEU O 289 -37.46 -34.07 -6.02
N ASN O 290 -36.91 -35.12 -5.40
CA ASN O 290 -37.13 -35.35 -3.98
C ASN O 290 -36.62 -34.17 -3.18
N ARG O 291 -35.43 -33.69 -3.53
CA ARG O 291 -34.84 -32.54 -2.86
C ARG O 291 -35.69 -31.31 -3.03
N LEU O 292 -36.23 -31.11 -4.24
CA LEU O 292 -37.07 -29.96 -4.51
C LEU O 292 -38.31 -29.98 -3.63
N LEU O 293 -38.87 -31.16 -3.42
CA LEU O 293 -39.99 -31.32 -2.52
C LEU O 293 -39.58 -31.08 -1.08
N MET O 294 -38.37 -31.53 -0.72
CA MET O 294 -37.85 -31.28 0.61
C MET O 294 -37.64 -29.80 0.84
N HIS O 295 -37.21 -29.09 -0.20
CA HIS O 295 -37.04 -27.65 -0.12
C HIS O 295 -38.39 -26.98 0.03
N HIS O 296 -39.36 -27.46 -0.75
CA HIS O 296 -40.74 -27.00 -0.66
C HIS O 296 -41.27 -27.14 0.76
N ILE O 297 -40.95 -28.27 1.39
CA ILE O 297 -41.29 -28.51 2.78
C ILE O 297 -40.58 -27.55 3.69
N ARG O 298 -39.26 -27.42 3.51
CA ARG O 298 -38.43 -26.59 4.37
C ARG O 298 -38.91 -25.15 4.42
N ASP O 299 -39.42 -24.68 3.29
CA ASP O 299 -39.91 -23.32 3.18
C ASP O 299 -40.92 -22.92 4.25
N CYS O 300 -41.72 -23.88 4.73
CA CYS O 300 -42.81 -23.56 5.64
C CYS O 300 -42.62 -24.13 7.03
N LEU O 301 -41.42 -24.60 7.34
CA LEU O 301 -41.17 -25.20 8.64
C LEU O 301 -41.11 -24.13 9.74
N PRO O 302 -40.68 -22.93 9.41
CA PRO O 302 -40.73 -21.80 10.32
C PRO O 302 -42.15 -21.34 10.59
N GLU O 303 -43.02 -21.49 9.61
CA GLU O 303 -44.43 -21.19 9.79
C GLU O 303 -45.06 -22.19 10.74
N LEU O 304 -44.67 -23.45 10.58
CA LEU O 304 -45.07 -24.51 11.48
C LEU O 304 -44.60 -24.22 12.90
N LYS O 305 -43.32 -23.87 13.04
CA LYS O 305 -42.76 -23.53 14.34
C LYS O 305 -43.41 -22.29 14.93
N THR O 306 -43.74 -21.33 14.08
CA THR O 306 -44.43 -20.13 14.50
C THR O 306 -45.74 -20.45 15.18
N ARG O 307 -46.52 -21.32 14.55
CA ARG O 307 -47.79 -21.76 15.12
C ARG O 307 -47.58 -22.42 16.47
N ILE O 308 -46.55 -23.27 16.56
CA ILE O 308 -46.22 -23.92 17.82
C ILE O 308 -45.99 -22.90 18.92
N ASN O 309 -45.28 -21.83 18.59
CA ASN O 309 -45.00 -20.76 19.52
C ASN O 309 -46.27 -20.00 19.91
N VAL O 310 -47.11 -19.70 18.93
CA VAL O 310 -48.37 -19.00 19.17
C VAL O 310 -49.28 -19.79 20.09
N LEU O 311 -49.40 -21.08 19.81
CA LEU O 311 -50.24 -21.95 20.59
C LEU O 311 -49.76 -22.02 22.03
N ALA O 312 -48.44 -22.06 22.22
CA ALA O 312 -47.86 -22.14 23.55
C ALA O 312 -48.25 -20.94 24.38
N ALA O 313 -48.23 -19.76 23.76
CA ALA O 313 -48.65 -18.55 24.43
C ALA O 313 -50.12 -18.63 24.81
N GLN O 314 -50.93 -19.19 23.92
CA GLN O 314 -52.35 -19.35 24.17
C GLN O 314 -52.62 -20.31 25.32
N TYR O 315 -51.89 -21.41 25.34
CA TYR O 315 -52.09 -22.42 26.36
C TYR O 315 -51.61 -21.95 27.70
N GLN O 316 -50.51 -21.20 27.71
CA GLN O 316 -50.04 -20.59 28.94
C GLN O 316 -51.00 -19.55 29.44
N SER O 317 -51.59 -18.80 28.51
CA SER O 317 -52.61 -17.82 28.87
C SER O 317 -53.79 -18.49 29.53
N LEU O 318 -54.15 -19.68 29.04
CA LEU O 318 -55.17 -20.50 29.66
C LEU O 318 -54.74 -20.99 31.04
N LEU O 319 -53.46 -21.34 31.16
CA LEU O 319 -52.92 -21.75 32.46
C LEU O 319 -52.89 -20.59 33.43
N ASN O 320 -52.74 -19.37 32.91
CA ASN O 320 -52.75 -18.18 33.73
C ASN O 320 -54.15 -17.86 34.25
N SER O 321 -55.17 -18.58 33.77
CA SER O 321 -56.53 -18.39 34.21
C SER O 321 -56.75 -18.89 35.64
N TYR O 322 -55.88 -19.79 36.09
CA TYR O 322 -55.97 -20.29 37.45
C TYR O 322 -54.70 -19.94 38.24
N GLY O 323 -53.60 -19.77 37.52
CA GLY O 323 -52.36 -19.29 38.12
C GLY O 323 -51.56 -20.41 38.78
N GLU O 324 -52.11 -20.98 39.84
CA GLU O 324 -51.42 -22.03 40.58
C GLU O 324 -52.41 -22.95 41.29
N PRO O 325 -51.94 -24.11 41.74
CA PRO O 325 -52.74 -25.14 42.39
C PRO O 325 -52.66 -25.00 43.91
N VAL O 326 -51.80 -24.08 44.37
CA VAL O 326 -51.67 -23.75 45.78
C VAL O 326 -51.13 -24.90 46.62
N ASP O 327 -49.84 -24.86 46.90
CA ASP O 327 -49.22 -25.84 47.78
C ASP O 327 -48.93 -25.27 49.16
N ASP O 328 -49.38 -24.04 49.41
CA ASP O 328 -49.12 -23.38 50.69
C ASP O 328 -50.26 -23.59 51.67
N LYS O 329 -51.49 -23.60 51.14
CA LYS O 329 -52.70 -23.86 51.92
C LYS O 329 -52.98 -22.80 52.96
N SER O 330 -52.19 -22.80 54.03
CA SER O 330 -52.41 -21.95 55.18
C SER O 330 -52.43 -20.49 54.82
N ALA O 331 -51.29 -20.01 54.33
CA ALA O 331 -51.14 -18.62 53.94
C ALA O 331 -52.16 -18.25 52.89
N THR O 332 -52.39 -19.15 51.94
CA THR O 332 -53.35 -18.92 50.88
C THR O 332 -54.74 -18.68 51.44
N LEU O 333 -55.15 -19.57 52.35
CA LEU O 333 -56.45 -19.44 52.98
C LEU O 333 -56.59 -18.13 53.70
N LEU O 334 -55.58 -17.79 54.47
CA LEU O 334 -55.61 -16.56 55.24
C LEU O 334 -55.69 -15.34 54.34
N GLN O 335 -54.99 -15.39 53.21
CA GLN O 335 -55.05 -14.31 52.23
C GLN O 335 -56.41 -14.19 51.61
N LEU O 336 -57.00 -15.33 51.26
CA LEU O 336 -58.33 -15.34 50.68
C LEU O 336 -59.35 -14.77 51.66
N ILE O 337 -59.23 -15.18 52.92
CA ILE O 337 -60.09 -14.66 53.97
C ILE O 337 -59.88 -13.17 54.15
N THR O 338 -58.63 -12.76 54.23
CA THR O 338 -58.27 -11.37 54.46
C THR O 338 -58.82 -10.49 53.37
N LYS O 339 -58.62 -10.89 52.13
CA LYS O 339 -59.05 -10.11 50.99
C LYS O 339 -60.55 -9.97 50.95
N PHE O 340 -61.26 -11.06 51.23
CA PHE O 340 -62.71 -11.03 51.29
C PHE O 340 -63.19 -10.07 52.36
N ALA O 341 -62.70 -10.25 53.57
CA ALA O 341 -63.15 -9.45 54.69
C ALA O 341 -62.81 -7.99 54.48
N THR O 342 -61.66 -7.74 53.88
CA THR O 342 -61.23 -6.40 53.57
C THR O 342 -62.22 -5.71 52.65
N GLU O 343 -62.49 -6.34 51.52
CA GLU O 343 -63.38 -5.77 50.53
C GLU O 343 -64.81 -5.76 51.01
N TYR O 344 -65.17 -6.73 51.84
CA TYR O 344 -66.48 -6.77 52.47
C TYR O 344 -66.69 -5.52 53.30
N CYS O 345 -65.72 -5.22 54.16
CA CYS O 345 -65.79 -4.04 55.00
C CYS O 345 -65.68 -2.77 54.17
N ASN O 346 -64.89 -2.83 53.12
CA ASN O 346 -64.77 -1.70 52.23
C ASN O 346 -66.08 -1.44 51.52
N THR O 347 -66.80 -2.50 51.19
CA THR O 347 -68.11 -2.38 50.57
C THR O 347 -69.07 -1.67 51.51
N ILE O 348 -68.98 -2.00 52.80
CA ILE O 348 -69.75 -1.28 53.80
C ILE O 348 -69.43 0.19 53.80
N GLU O 349 -68.14 0.51 53.73
CA GLU O 349 -67.68 1.88 53.68
C GLU O 349 -68.03 2.58 52.37
N GLY O 350 -68.08 1.82 51.29
CA GLY O 350 -68.21 2.40 49.96
C GLY O 350 -66.83 2.68 49.38
N THR O 351 -65.82 2.03 49.94
CA THR O 351 -64.43 2.25 49.56
C THR O 351 -63.85 1.02 48.88
N ALA O 352 -64.72 0.14 48.40
CA ALA O 352 -64.30 -1.11 47.77
C ALA O 352 -63.61 -0.84 46.44
N LYS O 353 -62.74 -1.74 46.03
CA LYS O 353 -62.10 -1.63 44.72
C LYS O 353 -63.12 -1.83 43.61
N TYR O 354 -64.12 -2.65 43.88
CA TYR O 354 -65.15 -2.98 42.92
C TYR O 354 -66.30 -2.00 42.96
N ILE O 355 -66.08 -0.81 42.42
CA ILE O 355 -67.11 0.22 42.39
C ILE O 355 -67.96 0.16 41.12
N GLU O 356 -68.40 -1.03 40.75
CA GLU O 356 -69.25 -1.17 39.57
C GLU O 356 -70.51 -0.34 39.73
N THR O 357 -70.76 0.52 38.75
CA THR O 357 -71.93 1.36 38.79
C THR O 357 -73.18 0.52 38.57
N SER O 358 -74.07 0.54 39.56
CA SER O 358 -75.25 -0.29 39.53
C SER O 358 -76.30 0.18 40.53
N GLU O 359 -77.19 -0.72 40.93
CA GLU O 359 -78.15 -0.44 41.98
C GLU O 359 -77.45 -0.06 43.27
N LEU O 360 -78.03 0.92 43.97
CA LEU O 360 -77.48 1.38 45.22
C LEU O 360 -77.40 0.23 46.22
N CYS O 361 -76.20 -0.02 46.74
CA CYS O 361 -76.01 -1.12 47.66
C CYS O 361 -74.78 -0.93 48.55
N GLY O 362 -74.65 -1.79 49.56
CA GLY O 362 -73.44 -1.87 50.37
C GLY O 362 -73.36 -0.80 51.44
N GLY O 363 -73.15 0.44 51.01
CA GLY O 363 -72.92 1.55 51.93
C GLY O 363 -74.11 2.49 51.99
N ALA O 364 -74.16 3.40 51.02
CA ALA O 364 -75.17 4.47 51.01
C ALA O 364 -76.60 3.93 50.88
N ARG O 365 -76.74 2.67 50.51
CA ARG O 365 -78.03 2.02 50.54
C ARG O 365 -78.57 1.92 51.96
N ILE O 366 -77.67 1.75 52.91
CA ILE O 366 -78.06 1.76 54.30
C ILE O 366 -78.39 3.18 54.76
N CYS O 367 -77.62 4.14 54.25
CA CYS O 367 -77.95 5.56 54.45
C CYS O 367 -79.36 5.84 53.95
N TYR O 368 -79.68 5.30 52.78
CA TYR O 368 -81.02 5.37 52.23
C TYR O 368 -82.03 4.77 53.19
N ILE O 369 -81.73 3.57 53.69
CA ILE O 369 -82.58 2.89 54.66
C ILE O 369 -82.84 3.76 55.88
N PHE O 370 -81.82 4.48 56.33
CA PHE O 370 -81.94 5.26 57.55
C PHE O 370 -82.51 6.65 57.33
N HIS O 371 -82.96 6.94 56.12
CA HIS O 371 -83.48 8.26 55.83
C HIS O 371 -84.70 8.16 54.93
N GLU O 372 -84.47 7.72 53.70
CA GLU O 372 -85.53 7.66 52.72
C GLU O 372 -86.55 6.59 53.08
N THR O 373 -86.10 5.52 53.70
CA THR O 373 -87.02 4.51 54.20
C THR O 373 -87.47 4.82 55.61
N PHE O 374 -86.54 4.69 56.56
CA PHE O 374 -86.84 4.76 57.98
C PHE O 374 -87.35 6.13 58.40
N GLY O 375 -86.62 7.17 58.05
CA GLY O 375 -86.99 8.52 58.45
C GLY O 375 -88.38 8.87 57.94
N ARG O 376 -88.63 8.58 56.67
CA ARG O 376 -89.93 8.84 56.08
C ARG O 376 -91.02 8.00 56.73
N THR O 377 -90.71 6.72 56.97
CA THR O 377 -91.65 5.83 57.61
C THR O 377 -92.15 6.41 58.90
N LEU O 378 -91.23 6.91 59.72
CA LEU O 378 -91.61 7.52 60.98
C LEU O 378 -92.41 8.78 60.76
N GLU O 379 -92.06 9.56 59.75
CA GLU O 379 -92.79 10.78 59.45
C GLU O 379 -94.27 10.52 59.14
N SER O 380 -94.56 9.33 58.62
CA SER O 380 -95.95 8.96 58.33
C SER O 380 -96.74 8.54 59.57
N VAL O 381 -96.06 8.32 60.69
CA VAL O 381 -96.72 7.78 61.87
C VAL O 381 -97.44 8.85 62.68
N ASP O 382 -98.72 8.61 62.95
CA ASP O 382 -99.56 9.52 63.74
C ASP O 382 -99.43 10.98 63.20
N PRO O 383 -98.98 12.00 63.98
CA PRO O 383 -98.87 12.23 65.43
C PRO O 383 -100.22 12.40 66.12
N LEU O 384 -101.28 12.50 65.34
CA LEU O 384 -102.62 12.62 65.90
C LEU O 384 -103.41 11.31 65.74
N GLY O 385 -102.73 10.25 65.32
CA GLY O 385 -103.39 8.98 65.09
C GLY O 385 -103.93 8.40 66.38
N GLY O 386 -105.17 7.93 66.32
CA GLY O 386 -105.81 7.28 67.47
C GLY O 386 -106.51 8.28 68.39
N LEU O 387 -106.30 9.58 68.17
CA LEU O 387 -106.82 10.58 69.10
C LEU O 387 -108.26 10.94 68.79
N ASN O 388 -109.18 10.08 69.16
CA ASN O 388 -110.59 10.39 69.12
C ASN O 388 -110.97 11.19 70.35
N THR O 389 -111.34 12.45 70.15
CA THR O 389 -111.66 13.37 71.23
C THR O 389 -112.57 12.73 72.28
N ILE O 390 -113.58 12.02 71.82
CA ILE O 390 -114.60 11.48 72.72
C ILE O 390 -114.04 10.32 73.52
N ASP O 391 -113.25 9.49 72.86
CA ASP O 391 -112.59 8.37 73.52
C ASP O 391 -111.60 8.86 74.56
N ILE O 392 -110.95 9.98 74.25
CA ILE O 392 -110.03 10.62 75.19
C ILE O 392 -110.76 11.15 76.40
N LEU O 393 -111.92 11.75 76.17
CA LEU O 393 -112.75 12.23 77.27
C LEU O 393 -113.14 11.07 78.19
N THR O 394 -113.43 9.92 77.61
CA THR O 394 -113.67 8.72 78.39
C THR O 394 -112.42 8.31 79.14
N ALA O 395 -111.27 8.35 78.45
CA ALA O 395 -110.01 7.94 79.03
C ALA O 395 -109.65 8.80 80.24
N ILE O 396 -109.88 10.10 80.17
CA ILE O 396 -109.53 10.98 81.28
C ILE O 396 -110.53 10.86 82.42
N ARG O 397 -111.76 10.45 82.10
CA ARG O 397 -112.71 10.08 83.14
C ARG O 397 -112.25 8.83 83.86
N ASN O 398 -111.71 7.88 83.09
CA ASN O 398 -111.13 6.68 83.66
C ASN O 398 -109.89 7.01 84.48
N ALA O 399 -109.10 7.97 83.97
CA ALA O 399 -107.89 8.40 84.67
C ALA O 399 -108.22 8.98 86.03
N THR O 400 -109.33 9.70 86.13
CA THR O 400 -109.81 10.18 87.41
C THR O 400 -110.15 9.02 88.33
N GLY O 401 -110.91 8.07 87.80
CA GLY O 401 -111.27 6.90 88.57
C GLY O 401 -112.39 7.21 89.55
N PRO O 402 -112.53 6.38 90.58
CA PRO O 402 -113.62 6.38 91.56
C PRO O 402 -113.80 7.71 92.30
N ARG O 403 -112.75 8.52 92.36
CA ARG O 403 -112.83 9.81 93.05
C ARG O 403 -113.50 10.87 92.19
N PRO O 404 -113.79 12.01 92.79
CA PRO O 404 -114.14 13.26 92.15
C PRO O 404 -112.87 14.04 91.81
N ALA O 405 -112.99 15.01 90.91
CA ALA O 405 -111.81 15.74 90.45
C ALA O 405 -112.09 17.23 90.34
N LEU O 406 -111.05 18.02 90.58
CA LEU O 406 -111.12 19.47 90.42
C LEU O 406 -110.63 19.87 89.03
N PHE O 407 -109.86 18.98 88.43
CA PHE O 407 -109.28 19.20 87.11
C PHE O 407 -108.81 17.88 86.53
N VAL O 408 -108.58 17.87 85.23
CA VAL O 408 -108.17 16.66 84.52
C VAL O 408 -106.75 16.24 84.92
N PRO O 409 -106.53 14.94 85.11
CA PRO O 409 -105.24 14.36 85.46
C PRO O 409 -104.26 14.46 84.30
N GLU O 410 -102.97 14.53 84.63
CA GLU O 410 -101.93 14.53 83.61
C GLU O 410 -101.82 13.15 82.96
N VAL O 411 -102.36 12.13 83.65
CA VAL O 411 -102.37 10.76 83.16
C VAL O 411 -102.83 10.69 81.71
N SER O 412 -103.99 11.31 81.43
CA SER O 412 -104.39 11.74 80.08
C SER O 412 -103.33 11.42 79.01
N PHE O 413 -102.63 12.45 78.58
CA PHE O 413 -101.60 12.33 77.55
C PHE O 413 -100.49 11.40 77.97
N GLU O 414 -100.25 11.26 79.27
CA GLU O 414 -99.18 10.40 79.72
C GLU O 414 -99.36 8.96 79.26
N LEU O 415 -100.60 8.55 79.04
CA LEU O 415 -100.87 7.22 78.52
C LEU O 415 -101.11 7.24 77.02
N LEU O 416 -101.79 8.28 76.56
CA LEU O 416 -102.15 8.39 75.15
C LEU O 416 -100.92 8.58 74.27
N VAL O 417 -99.96 9.37 74.76
CA VAL O 417 -98.67 9.49 74.11
C VAL O 417 -97.99 8.15 74.00
N LYS O 418 -98.01 7.39 75.09
CA LYS O 418 -97.35 6.10 75.14
C LYS O 418 -97.92 5.15 74.10
N ARG O 419 -99.22 5.19 73.90
CA ARG O 419 -99.85 4.38 72.86
C ARG O 419 -99.25 4.68 71.50
N GLN O 420 -99.08 5.96 71.22
CA GLN O 420 -98.47 6.36 69.97
C GLN O 420 -97.00 6.01 69.90
N ILE O 421 -96.31 6.10 71.03
CA ILE O 421 -94.91 5.71 71.08
C ILE O 421 -94.74 4.22 70.79
N LYS O 422 -95.64 3.40 71.31
CA LYS O 422 -95.61 1.97 71.07
C LYS O 422 -95.69 1.65 69.58
N ARG O 423 -96.43 2.48 68.84
CA ARG O 423 -96.55 2.33 67.40
C ARG O 423 -95.22 2.57 66.67
N LEU O 424 -94.27 3.20 67.33
CA LEU O 424 -92.99 3.52 66.73
C LEU O 424 -92.01 2.36 66.84
N GLU O 425 -92.38 1.31 67.57
CA GLU O 425 -91.50 0.16 67.74
C GLU O 425 -91.45 -0.70 66.50
N GLU O 426 -92.62 -0.96 65.93
CA GLU O 426 -92.73 -1.79 64.74
C GLU O 426 -91.77 -1.36 63.60
N PRO O 427 -92.05 -0.24 62.93
CA PRO O 427 -91.24 0.26 61.82
C PRO O 427 -89.75 0.36 62.17
N SER O 428 -89.43 0.58 63.44
CA SER O 428 -88.04 0.63 63.87
C SER O 428 -87.39 -0.73 63.73
N LEU O 429 -88.12 -1.76 64.15
CA LEU O 429 -87.64 -3.13 64.04
C LEU O 429 -87.58 -3.55 62.58
N ARG O 430 -88.54 -3.07 61.79
CA ARG O 430 -88.54 -3.33 60.36
C ARG O 430 -87.29 -2.78 59.73
N CYS O 431 -86.90 -1.56 60.14
CA CYS O 431 -85.68 -0.95 59.66
C CYS O 431 -84.48 -1.82 59.93
N VAL O 432 -84.40 -2.37 61.14
CA VAL O 432 -83.31 -3.25 61.51
C VAL O 432 -83.24 -4.45 60.58
N GLU O 433 -84.40 -5.04 60.32
CA GLU O 433 -84.50 -6.19 59.43
C GLU O 433 -84.03 -5.84 58.03
N LEU O 434 -84.38 -4.65 57.56
CA LEU O 434 -83.99 -4.19 56.24
C LEU O 434 -82.48 -4.05 56.13
N VAL O 435 -81.84 -3.57 57.19
CA VAL O 435 -80.40 -3.49 57.20
C VAL O 435 -79.78 -4.87 57.18
N HIS O 436 -80.33 -5.77 58.01
CA HIS O 436 -79.86 -7.14 58.05
C HIS O 436 -79.86 -7.76 56.66
N GLU O 437 -80.95 -7.54 55.93
CA GLU O 437 -81.03 -7.96 54.54
C GLU O 437 -79.91 -7.37 53.69
N GLU O 438 -79.69 -6.06 53.83
CA GLU O 438 -78.66 -5.39 53.05
C GLU O 438 -77.28 -5.90 53.40
N MET O 439 -77.06 -6.23 54.67
CA MET O 439 -75.79 -6.77 55.10
C MET O 439 -75.52 -8.10 54.41
N GLN O 440 -76.57 -8.86 54.16
CA GLN O 440 -76.46 -10.09 53.40
C GLN O 440 -76.23 -9.79 51.91
N ARG O 441 -76.85 -8.74 51.41
CA ARG O 441 -76.68 -8.32 50.03
C ARG O 441 -75.24 -7.91 49.72
N ILE O 442 -74.52 -7.45 50.74
CA ILE O 442 -73.10 -7.17 50.59
C ILE O 442 -72.33 -8.40 50.13
N ILE O 443 -72.74 -9.56 50.60
CA ILE O 443 -72.11 -10.81 50.17
C ILE O 443 -72.33 -11.04 48.70
N GLN O 444 -73.57 -10.80 48.26
CA GLN O 444 -73.92 -10.94 46.86
C GLN O 444 -73.08 -10.00 46.01
N HIS O 445 -72.91 -8.78 46.50
CA HIS O 445 -72.02 -7.83 45.85
C HIS O 445 -70.60 -8.35 45.83
N CYS O 446 -70.13 -8.85 46.97
CA CYS O 446 -68.79 -9.38 47.08
C CYS O 446 -68.56 -10.56 46.15
N SER O 447 -69.62 -11.29 45.82
CA SER O 447 -69.49 -12.46 44.96
C SER O 447 -69.24 -12.09 43.49
N ASN O 448 -69.32 -10.79 43.16
CA ASN O 448 -69.09 -10.33 41.81
C ASN O 448 -67.59 -10.25 41.47
N TYR O 449 -66.75 -10.38 42.49
CA TYR O 449 -65.31 -10.28 42.32
C TYR O 449 -64.61 -11.06 43.41
N SER O 450 -63.31 -11.29 43.28
CA SER O 450 -62.52 -12.10 44.24
C SER O 450 -62.87 -13.60 44.18
N THR O 451 -64.17 -13.92 44.21
CA THR O 451 -64.70 -15.26 44.03
C THR O 451 -63.96 -16.08 42.97
N GLN O 452 -63.54 -15.44 41.88
CA GLN O 452 -62.86 -16.17 40.80
C GLN O 452 -61.59 -16.88 41.30
N GLU O 453 -60.99 -16.37 42.36
CA GLU O 453 -59.88 -17.05 43.02
C GLU O 453 -60.44 -18.11 43.94
N LEU O 454 -61.55 -17.80 44.57
CA LEU O 454 -62.24 -18.74 45.46
C LEU O 454 -62.97 -19.83 44.69
N LEU O 455 -63.06 -19.68 43.37
CA LEU O 455 -63.54 -20.77 42.53
C LEU O 455 -62.56 -21.92 42.50
N ARG O 456 -61.32 -21.63 42.87
CA ARG O 456 -60.34 -22.70 43.04
C ARG O 456 -60.55 -23.42 44.35
N PHE O 457 -61.41 -22.90 45.23
CA PHE O 457 -61.76 -23.60 46.45
C PHE O 457 -63.25 -23.42 46.79
N PRO O 458 -64.13 -23.60 45.80
CA PRO O 458 -65.60 -23.43 45.91
C PRO O 458 -66.15 -23.77 47.31
N LYS O 459 -65.71 -24.89 47.87
CA LYS O 459 -66.16 -25.32 49.19
C LYS O 459 -65.86 -24.27 50.24
N LEU O 460 -64.61 -23.82 50.27
CA LEU O 460 -64.22 -22.68 51.10
C LEU O 460 -65.10 -21.49 50.85
N HIS O 461 -65.29 -21.15 49.58
CA HIS O 461 -66.06 -19.96 49.22
C HIS O 461 -67.39 -19.93 49.93
N ASP O 462 -68.12 -21.02 49.85
CA ASP O 462 -69.45 -21.08 50.42
C ASP O 462 -69.40 -21.12 51.93
N ALA O 463 -68.38 -21.78 52.48
CA ALA O 463 -68.19 -21.83 53.92
C ALA O 463 -68.00 -20.43 54.49
N ILE O 464 -67.25 -19.60 53.76
CA ILE O 464 -67.05 -18.21 54.16
C ILE O 464 -68.37 -17.50 54.27
N VAL O 465 -69.19 -17.64 53.24
CA VAL O 465 -70.49 -17.00 53.22
C VAL O 465 -71.34 -17.42 54.38
N GLU O 466 -71.37 -18.72 54.67
CA GLU O 466 -72.14 -19.23 55.78
C GLU O 466 -71.73 -18.58 57.09
N VAL O 467 -70.43 -18.52 57.33
CA VAL O 467 -69.90 -17.93 58.55
C VAL O 467 -70.30 -16.48 58.69
N VAL O 468 -70.23 -15.74 57.59
CA VAL O 468 -70.59 -14.34 57.63
C VAL O 468 -72.02 -14.15 58.09
N THR O 469 -72.94 -14.93 57.52
CA THR O 469 -74.35 -14.75 57.85
C THR O 469 -74.65 -15.27 59.24
N CYS O 470 -73.86 -16.21 59.72
CA CYS O 470 -73.97 -16.65 61.11
C CYS O 470 -73.70 -15.49 62.02
N LEU O 471 -72.59 -14.79 61.76
CA LEU O 471 -72.23 -13.63 62.55
C LEU O 471 -73.30 -12.56 62.51
N LEU O 472 -73.87 -12.33 61.33
CA LEU O 472 -74.93 -11.36 61.19
C LEU O 472 -76.13 -11.73 62.05
N ARG O 473 -76.49 -13.01 62.05
CA ARG O 473 -77.60 -13.49 62.84
C ARG O 473 -77.31 -13.45 64.32
N LYS O 474 -76.03 -13.61 64.69
CA LYS O 474 -75.63 -13.50 66.09
C LYS O 474 -75.85 -12.09 66.62
N ARG O 475 -75.59 -11.09 65.78
CA ARG O 475 -75.69 -9.71 66.19
C ARG O 475 -77.08 -9.12 65.94
N LEU O 476 -77.89 -9.82 65.16
CA LEU O 476 -79.25 -9.37 64.88
C LEU O 476 -80.09 -9.11 66.14
N PRO O 477 -80.46 -10.17 66.90
CA PRO O 477 -81.30 -10.06 68.08
C PRO O 477 -80.74 -9.08 69.10
N VAL O 478 -79.42 -8.90 69.12
CA VAL O 478 -78.80 -7.97 70.03
C VAL O 478 -79.25 -6.56 69.75
N THR O 479 -79.22 -6.19 68.47
CA THR O 479 -79.72 -4.90 68.05
C THR O 479 -81.21 -4.79 68.30
N ASN O 480 -81.92 -5.88 68.04
CA ASN O 480 -83.36 -5.91 68.27
C ASN O 480 -83.70 -5.59 69.71
N GLU O 481 -82.93 -6.17 70.64
CA GLU O 481 -83.12 -5.92 72.05
C GLU O 481 -82.88 -4.47 72.37
N MET O 482 -81.83 -3.91 71.79
CA MET O 482 -81.52 -2.51 71.99
C MET O 482 -82.64 -1.61 71.54
N VAL O 483 -83.12 -1.82 70.32
CA VAL O 483 -84.18 -1.01 69.75
C VAL O 483 -85.45 -1.11 70.56
N HIS O 484 -85.79 -2.33 70.95
CA HIS O 484 -86.90 -2.55 71.85
C HIS O 484 -86.74 -1.73 73.11
N ASN O 485 -85.54 -1.78 73.69
CA ASN O 485 -85.24 -1.04 74.89
C ASN O 485 -85.36 0.45 74.65
N LEU O 486 -84.89 0.92 73.50
CA LEU O 486 -84.93 2.33 73.20
C LEU O 486 -86.35 2.87 73.21
N VAL O 487 -87.28 2.10 72.65
CA VAL O 487 -88.68 2.45 72.70
C VAL O 487 -89.19 2.44 74.13
N ALA O 488 -88.82 1.40 74.87
CA ALA O 488 -89.22 1.26 76.26
C ALA O 488 -88.75 2.46 77.08
N ILE O 489 -87.56 2.95 76.77
CA ILE O 489 -87.02 4.13 77.42
C ILE O 489 -87.88 5.35 77.19
N GLU O 490 -88.38 5.50 75.98
CA GLU O 490 -89.29 6.59 75.69
C GLU O 490 -90.61 6.43 76.42
N LEU O 491 -91.03 5.17 76.59
CA LEU O 491 -92.22 4.86 77.35
C LEU O 491 -92.00 5.00 78.85
N ALA O 492 -90.76 4.84 79.29
CA ALA O 492 -90.42 4.82 80.70
C ALA O 492 -90.76 6.13 81.40
N TYR O 493 -90.58 7.25 80.71
CA TYR O 493 -90.73 8.55 81.36
C TYR O 493 -90.99 9.67 80.38
N ILE O 494 -91.94 10.54 80.75
CA ILE O 494 -92.25 11.72 79.97
C ILE O 494 -91.72 12.98 80.64
N ASN O 495 -90.88 13.71 79.92
CA ASN O 495 -90.30 14.92 80.44
C ASN O 495 -91.08 16.14 79.99
N THR O 496 -92.00 16.61 80.82
CA THR O 496 -92.77 17.79 80.49
C THR O 496 -91.95 19.07 80.63
N LYS O 497 -90.73 18.93 81.18
CA LYS O 497 -89.82 20.05 81.27
C LYS O 497 -88.87 20.09 80.08
N HIS O 498 -89.12 19.22 79.10
CA HIS O 498 -88.30 19.18 77.90
C HIS O 498 -88.22 20.56 77.27
N PRO O 499 -87.04 20.93 76.76
CA PRO O 499 -86.73 22.26 76.30
C PRO O 499 -87.57 22.68 75.09
N ASP O 500 -88.04 21.70 74.33
CA ASP O 500 -88.84 21.97 73.15
C ASP O 500 -90.32 21.79 73.44
N PHE O 501 -90.66 21.56 74.70
CA PHE O 501 -92.03 21.26 75.07
C PHE O 501 -92.58 22.32 76.00
N ALA O 502 -93.50 23.13 75.49
CA ALA O 502 -94.09 24.20 76.27
C ALA O 502 -95.47 24.53 75.75
N ASP O 503 -96.33 25.05 76.62
CA ASP O 503 -97.69 25.37 76.24
C ASP O 503 -98.32 26.36 77.20
N SER O 611 -120.27 17.61 76.91
CA SER O 611 -119.49 18.71 77.45
C SER O 611 -118.68 19.41 76.35
N ALA O 612 -118.45 20.71 76.52
CA ALA O 612 -117.73 21.49 75.52
C ALA O 612 -116.42 21.99 76.08
N ARG O 613 -116.46 22.52 77.30
CA ARG O 613 -115.25 22.95 77.99
C ARG O 613 -114.25 21.82 78.10
N GLU O 614 -114.76 20.64 78.46
CA GLU O 614 -113.93 19.46 78.57
C GLU O 614 -113.38 19.03 77.21
N GLN O 615 -114.17 19.21 76.15
CA GLN O 615 -113.67 18.96 74.80
C GLN O 615 -112.52 19.89 74.46
N ARG O 616 -112.63 21.14 74.88
CA ARG O 616 -111.55 22.08 74.69
C ARG O 616 -110.32 21.68 75.49
N ASP O 617 -110.54 21.20 76.71
CA ASP O 617 -109.45 20.66 77.51
C ASP O 617 -108.84 19.43 76.86
N CYS O 618 -109.69 18.61 76.23
CA CYS O 618 -109.22 17.46 75.47
C CYS O 618 -108.36 17.88 74.30
N GLU O 619 -108.78 18.94 73.61
CA GLU O 619 -108.01 19.48 72.50
C GLU O 619 -106.64 19.96 72.95
N VAL O 620 -106.57 20.55 74.15
CA VAL O 620 -105.30 20.92 74.75
C VAL O 620 -104.43 19.69 74.95
N ILE O 621 -105.04 18.64 75.49
CA ILE O 621 -104.35 17.38 75.68
C ILE O 621 -103.84 16.81 74.37
N GLU O 622 -104.68 16.86 73.34
CA GLU O 622 -104.31 16.38 72.01
C GLU O 622 -103.11 17.13 71.48
N ARG O 623 -103.08 18.44 71.70
CA ARG O 623 -101.95 19.27 71.30
C ARG O 623 -100.69 18.87 72.04
N LEU O 624 -100.82 18.62 73.34
CA LEU O 624 -99.69 18.19 74.15
C LEU O 624 -99.18 16.83 73.71
N ILE O 625 -100.12 15.95 73.34
CA ILE O 625 -99.76 14.64 72.83
C ILE O 625 -98.97 14.74 71.55
N LYS O 626 -99.51 15.52 70.61
CA LYS O 626 -98.85 15.70 69.33
C LYS O 626 -97.46 16.27 69.49
N SER O 627 -97.36 17.35 70.26
CA SER O 627 -96.10 18.06 70.41
C SER O 627 -95.03 17.17 71.03
N TYR O 628 -95.36 16.52 72.14
CA TYR O 628 -94.39 15.68 72.82
C TYR O 628 -94.04 14.47 71.97
N PHE O 629 -95.05 13.87 71.36
CA PHE O 629 -94.85 12.72 70.49
C PHE O 629 -93.84 13.04 69.41
N LEU O 630 -94.01 14.17 68.76
CA LEU O 630 -93.13 14.56 67.68
C LEU O 630 -91.71 14.78 68.17
N ILE O 631 -91.56 15.29 69.39
CA ILE O 631 -90.25 15.40 70.01
C ILE O 631 -89.61 14.02 70.17
N VAL O 632 -90.39 13.08 70.70
CA VAL O 632 -89.94 11.72 70.88
C VAL O 632 -89.56 11.07 69.57
N ARG O 633 -90.45 11.16 68.59
CA ARG O 633 -90.24 10.53 67.31
C ARG O 633 -89.00 11.09 66.64
N LYS O 634 -88.83 12.40 66.71
CA LYS O 634 -87.67 13.07 66.17
C LYS O 634 -86.38 12.49 66.72
N ASN O 635 -86.35 12.26 68.02
CA ASN O 635 -85.18 11.67 68.65
C ASN O 635 -84.95 10.25 68.18
N ILE O 636 -86.03 9.48 68.05
CA ILE O 636 -85.96 8.11 67.59
C ILE O 636 -85.38 8.00 66.21
N GLN O 637 -85.71 8.96 65.35
CA GLN O 637 -85.21 9.00 63.99
C GLN O 637 -83.68 8.96 63.93
N ASP O 638 -83.01 9.46 64.97
CA ASP O 638 -81.57 9.44 65.04
C ASP O 638 -81.06 8.29 65.89
N SER O 639 -81.84 7.91 66.90
CA SER O 639 -81.44 6.90 67.86
C SER O 639 -81.25 5.52 67.25
N VAL O 640 -82.24 5.08 66.46
CA VAL O 640 -82.21 3.73 65.92
C VAL O 640 -81.02 3.47 65.00
N PRO O 641 -80.95 4.13 63.84
CA PRO O 641 -79.77 4.09 62.95
C PRO O 641 -78.48 3.89 63.71
N LYS O 642 -78.26 4.71 64.74
CA LYS O 642 -77.03 4.64 65.52
C LYS O 642 -76.87 3.30 66.21
N ALA O 643 -77.95 2.82 66.82
CA ALA O 643 -77.93 1.52 67.48
C ALA O 643 -77.61 0.41 66.52
N VAL O 644 -78.15 0.50 65.31
CA VAL O 644 -77.90 -0.51 64.31
C VAL O 644 -76.44 -0.50 63.90
N MET O 645 -75.92 0.70 63.66
CA MET O 645 -74.52 0.83 63.32
C MET O 645 -73.64 0.31 64.43
N HIS O 646 -73.99 0.64 65.66
CA HIS O 646 -73.14 0.28 66.78
C HIS O 646 -73.14 -1.21 67.06
N PHE O 647 -74.32 -1.79 67.19
CA PHE O 647 -74.42 -3.15 67.66
C PHE O 647 -74.27 -4.17 66.55
N LEU O 648 -74.63 -3.79 65.33
CA LEU O 648 -74.52 -4.72 64.23
C LEU O 648 -73.37 -4.37 63.30
N VAL O 649 -73.44 -3.21 62.68
CA VAL O 649 -72.61 -2.93 61.51
C VAL O 649 -71.15 -2.77 61.87
N ASN O 650 -70.89 -1.87 62.80
CA ASN O 650 -69.53 -1.60 63.21
C ASN O 650 -68.95 -2.77 63.98
N HIS O 651 -69.83 -3.54 64.62
CA HIS O 651 -69.38 -4.70 65.35
C HIS O 651 -68.82 -5.76 64.44
N VAL O 652 -69.61 -6.18 63.46
CA VAL O 652 -69.20 -7.25 62.57
C VAL O 652 -68.09 -6.79 61.66
N LYS O 653 -68.04 -5.49 61.42
CA LYS O 653 -66.97 -4.90 60.64
C LYS O 653 -65.60 -5.24 61.20
N ASP O 654 -65.52 -5.39 62.53
CA ASP O 654 -64.27 -5.71 63.17
C ASP O 654 -64.19 -7.18 63.57
N THR O 655 -65.32 -7.75 63.98
CA THR O 655 -65.36 -9.13 64.44
C THR O 655 -65.09 -10.12 63.34
N LEU O 656 -65.66 -9.87 62.15
CA LEU O 656 -65.67 -10.85 61.07
C LEU O 656 -64.30 -11.43 60.77
N GLN O 657 -63.26 -10.62 60.85
CA GLN O 657 -61.92 -11.09 60.56
C GLN O 657 -61.53 -12.22 61.49
N SER O 658 -61.78 -12.03 62.78
CA SER O 658 -61.47 -13.04 63.77
C SER O 658 -62.44 -14.19 63.71
N GLU O 659 -63.66 -13.90 63.28
CA GLU O 659 -64.67 -14.92 63.13
C GLU O 659 -64.29 -15.88 62.01
N LEU O 660 -63.90 -15.34 60.88
CA LEU O 660 -63.54 -16.16 59.73
C LEU O 660 -62.29 -16.98 60.01
N VAL O 661 -61.31 -16.37 60.65
CA VAL O 661 -60.09 -17.09 61.00
C VAL O 661 -60.37 -18.14 62.05
N GLY O 662 -61.09 -17.75 63.10
CA GLY O 662 -61.39 -18.65 64.19
C GLY O 662 -62.18 -19.88 63.71
N GLN O 663 -63.03 -19.68 62.71
CA GLN O 663 -63.86 -20.77 62.21
C GLN O 663 -63.18 -21.55 61.09
N LEU O 664 -62.55 -20.86 60.17
CA LEU O 664 -62.11 -21.48 58.92
C LEU O 664 -60.66 -21.93 58.96
N TYR O 665 -59.84 -21.26 59.78
CA TYR O 665 -58.41 -21.57 59.79
C TYR O 665 -58.08 -22.76 60.68
N LYS O 666 -58.44 -23.95 60.20
CA LYS O 666 -58.09 -25.19 60.88
C LYS O 666 -57.25 -26.06 59.97
N SER O 667 -56.39 -26.87 60.57
CA SER O 667 -55.47 -27.70 59.80
C SER O 667 -56.22 -28.73 58.96
N SER O 668 -57.39 -29.16 59.43
CA SER O 668 -58.19 -30.12 58.67
C SER O 668 -58.91 -29.43 57.54
N LEU O 669 -59.30 -28.17 57.77
CA LEU O 669 -60.03 -27.41 56.78
C LEU O 669 -59.12 -26.97 55.65
N LEU O 670 -57.82 -26.93 55.91
CA LEU O 670 -56.82 -26.70 54.86
C LEU O 670 -56.77 -27.83 53.83
N ASP O 671 -57.35 -28.97 54.17
CA ASP O 671 -57.49 -30.05 53.21
C ASP O 671 -58.93 -30.14 52.72
N ASP O 672 -59.87 -29.83 53.60
CA ASP O 672 -61.29 -29.91 53.26
C ASP O 672 -61.75 -28.71 52.45
N LEU O 673 -61.79 -27.54 53.09
CA LEU O 673 -62.32 -26.34 52.46
C LEU O 673 -61.51 -26.02 51.23
N LEU O 674 -60.22 -26.28 51.30
CA LEU O 674 -59.37 -26.05 50.16
C LEU O 674 -59.39 -27.25 49.22
N THR O 675 -60.55 -27.46 48.58
CA THR O 675 -60.70 -28.45 47.54
C THR O 675 -61.03 -27.77 46.22
N GLU O 676 -60.29 -28.10 45.18
CA GLU O 676 -60.44 -27.43 43.90
C GLU O 676 -61.56 -28.02 43.08
N SER O 677 -62.20 -27.16 42.28
CA SER O 677 -63.19 -27.61 41.32
C SER O 677 -62.58 -28.55 40.30
N GLU O 678 -63.18 -29.71 40.15
CA GLU O 678 -62.65 -30.70 39.21
C GLU O 678 -62.84 -30.23 37.79
N ASP O 679 -63.96 -29.58 37.52
CA ASP O 679 -64.22 -29.03 36.20
C ASP O 679 -63.15 -28.02 35.82
N MET O 680 -62.81 -27.16 36.77
CA MET O 680 -61.73 -26.20 36.59
C MET O 680 -60.40 -26.91 36.41
N ALA O 681 -60.16 -27.93 37.24
CA ALA O 681 -58.93 -28.70 37.18
C ALA O 681 -58.77 -29.39 35.84
N GLN O 682 -59.86 -29.90 35.30
CA GLN O 682 -59.83 -30.56 34.01
C GLN O 682 -59.60 -29.55 32.90
N ARG O 683 -60.24 -28.39 33.00
CA ARG O 683 -60.07 -27.35 32.02
C ARG O 683 -58.61 -26.93 31.91
N ARG O 684 -57.98 -26.66 33.06
CA ARG O 684 -56.58 -26.27 33.06
C ARG O 684 -55.68 -27.44 32.72
N LYS O 685 -56.10 -28.65 33.09
CA LYS O 685 -55.37 -29.85 32.73
C LYS O 685 -55.26 -29.98 31.23
N GLU O 686 -56.38 -29.75 30.54
CA GLU O 686 -56.41 -29.80 29.09
C GLU O 686 -55.48 -28.77 28.49
N ALA O 687 -55.45 -27.57 29.06
CA ALA O 687 -54.52 -26.54 28.60
C ALA O 687 -53.08 -27.01 28.75
N ALA O 688 -52.79 -27.64 29.90
CA ALA O 688 -51.47 -28.19 30.15
C ALA O 688 -51.17 -29.33 29.20
N ASP O 689 -52.17 -30.16 28.95
CA ASP O 689 -52.00 -31.31 28.07
C ASP O 689 -51.77 -30.89 26.63
N MET O 690 -52.41 -29.81 26.23
CA MET O 690 -52.16 -29.24 24.92
C MET O 690 -50.77 -28.63 24.88
N LEU O 691 -50.34 -28.05 25.99
CA LEU O 691 -48.99 -27.56 26.09
C LEU O 691 -47.99 -28.72 26.07
N LYS O 692 -48.38 -29.85 26.65
CA LYS O 692 -47.58 -31.08 26.56
C LYS O 692 -47.50 -31.57 25.12
N ALA O 693 -48.57 -31.37 24.36
CA ALA O 693 -48.53 -31.64 22.94
C ALA O 693 -47.51 -30.74 22.25
N LEU O 694 -47.40 -29.50 22.73
CA LEU O 694 -46.41 -28.59 22.20
C LEU O 694 -45.00 -28.89 22.70
N GLN O 695 -44.91 -29.55 23.85
CA GLN O 695 -43.67 -30.15 24.26
C GLN O 695 -43.33 -31.29 23.30
N GLY O 696 -44.35 -32.03 22.89
CA GLY O 696 -44.21 -33.02 21.83
C GLY O 696 -43.90 -32.36 20.48
N ALA O 697 -44.31 -31.10 20.34
CA ALA O 697 -43.99 -30.33 19.13
C ALA O 697 -42.54 -29.84 19.13
N SER O 698 -41.79 -30.15 20.18
CA SER O 698 -40.35 -30.02 20.11
C SER O 698 -39.77 -31.19 19.34
N GLN O 699 -40.55 -32.28 19.24
CA GLN O 699 -40.21 -33.40 18.39
C GLN O 699 -40.68 -33.11 16.97
N ILE O 700 -41.72 -32.29 16.84
CA ILE O 700 -42.02 -31.69 15.55
C ILE O 700 -40.88 -30.81 15.09
N ILE O 701 -40.34 -30.03 16.01
CA ILE O 701 -39.17 -29.22 15.72
C ILE O 701 -37.94 -30.10 15.49
N ALA O 702 -37.87 -31.23 16.17
CA ALA O 702 -36.85 -32.22 15.84
C ALA O 702 -37.04 -32.70 14.41
N GLU O 703 -38.28 -32.94 14.02
CA GLU O 703 -38.57 -33.30 12.65
C GLU O 703 -38.21 -32.18 11.69
N ILE O 704 -38.46 -30.93 12.10
CA ILE O 704 -38.00 -29.78 11.31
C ILE O 704 -36.52 -29.89 11.02
N ARG O 705 -35.74 -30.22 12.05
CA ARG O 705 -34.32 -30.46 11.88
C ARG O 705 -34.04 -31.66 10.98
N GLU O 706 -34.81 -32.72 11.14
CA GLU O 706 -34.65 -33.95 10.36
C GLU O 706 -34.85 -33.71 8.88
N THR O 707 -35.73 -32.76 8.53
CA THR O 707 -35.99 -32.47 7.11
C THR O 707 -34.83 -31.76 6.44
N HIS O 708 -33.84 -31.33 7.24
CA HIS O 708 -32.63 -30.77 6.69
C HIS O 708 -31.59 -31.86 6.43
N LEU O 709 -31.97 -33.11 6.73
CA LEU O 709 -31.11 -34.25 6.49
C LEU O 709 -31.62 -35.06 5.31
N TRP O 710 -31.07 -34.80 4.13
CA TRP O 710 -31.53 -35.48 2.92
C TRP O 710 -30.49 -35.40 1.82
N THR P 1 -80.69 36.59 -0.95
CA THR P 1 -81.67 35.51 -0.87
C THR P 1 -80.99 34.17 -0.67
N LEU P 2 -81.80 33.14 -0.44
CA LEU P 2 -81.31 31.77 -0.35
C LEU P 2 -80.59 31.34 -1.60
N GLN P 3 -81.21 31.61 -2.74
CA GLN P 3 -80.63 31.27 -4.03
C GLN P 3 -79.25 31.89 -4.19
N GLU P 4 -79.16 33.19 -3.92
CA GLU P 4 -77.90 33.90 -4.04
C GLU P 4 -76.90 33.41 -3.01
N ARG P 5 -77.38 33.12 -1.81
CA ARG P 5 -76.53 32.66 -0.73
C ARG P 5 -75.93 31.30 -1.03
N LEU P 6 -76.74 30.40 -1.59
CA LEU P 6 -76.26 29.07 -1.97
C LEU P 6 -75.20 29.14 -3.05
N LEU P 7 -75.38 30.04 -4.00
CA LEU P 7 -74.40 30.22 -5.06
C LEU P 7 -73.06 30.70 -4.52
N ALA P 8 -73.12 31.67 -3.61
CA ALA P 8 -71.93 32.14 -2.92
C ALA P 8 -71.38 31.05 -2.00
N PHE P 9 -72.28 30.36 -1.31
CA PHE P 9 -71.92 29.30 -0.38
C PHE P 9 -71.13 28.21 -1.06
N GLU P 10 -71.53 27.84 -2.28
CA GLU P 10 -70.74 26.90 -3.05
C GLU P 10 -69.33 27.42 -3.24
N ARG P 11 -69.22 28.64 -3.72
CA ARG P 11 -67.92 29.25 -3.98
C ARG P 11 -67.08 29.36 -2.71
N ASP P 12 -67.74 29.64 -1.59
CA ASP P 12 -67.04 29.94 -0.35
C ASP P 12 -66.85 28.73 0.57
N ARG P 13 -67.70 27.72 0.45
CA ARG P 13 -67.68 26.62 1.42
C ARG P 13 -67.65 25.22 0.78
N VAL P 14 -68.20 25.08 -0.42
CA VAL P 14 -68.12 23.80 -1.12
C VAL P 14 -66.77 23.62 -1.79
N THR P 15 -66.33 24.64 -2.53
CA THR P 15 -65.08 24.56 -3.27
C THR P 15 -63.85 24.52 -2.36
N ILE P 16 -63.07 23.46 -2.52
CA ILE P 16 -61.82 23.29 -1.79
C ILE P 16 -60.63 23.40 -2.76
N PRO P 17 -59.81 24.46 -2.61
CA PRO P 17 -58.85 24.96 -3.63
C PRO P 17 -58.32 23.89 -4.57
N ALA P 18 -58.33 24.21 -5.85
CA ALA P 18 -57.95 23.28 -6.90
C ALA P 18 -56.52 22.78 -6.74
N ALA P 19 -55.64 23.64 -6.25
CA ALA P 19 -54.25 23.26 -6.04
C ALA P 19 -54.17 22.09 -5.07
N GLN P 20 -54.95 22.17 -3.99
CA GLN P 20 -55.01 21.08 -3.03
C GLN P 20 -55.63 19.84 -3.63
N VAL P 21 -56.66 20.05 -4.46
CA VAL P 21 -57.32 18.94 -5.14
C VAL P 21 -56.37 18.17 -6.03
N ALA P 22 -55.63 18.90 -6.86
CA ALA P 22 -54.69 18.28 -7.79
C ALA P 22 -53.59 17.56 -7.03
N LEU P 23 -53.09 18.19 -5.97
CA LEU P 23 -52.06 17.58 -5.14
C LEU P 23 -52.58 16.33 -4.44
N ALA P 24 -53.82 16.41 -3.98
CA ALA P 24 -54.46 15.27 -3.32
C ALA P 24 -54.58 14.10 -4.26
N LYS P 25 -54.97 14.38 -5.50
CA LYS P 25 -55.12 13.35 -6.52
C LYS P 25 -53.78 12.72 -6.88
N GLN P 26 -52.74 13.56 -6.95
CA GLN P 26 -51.39 13.08 -7.20
C GLN P 26 -50.94 12.15 -6.09
N LEU P 27 -51.14 12.57 -4.85
CA LEU P 27 -50.75 11.77 -3.69
C LEU P 27 -51.58 10.53 -3.57
N ALA P 28 -52.85 10.61 -3.94
CA ALA P 28 -53.72 9.45 -3.95
C ALA P 28 -53.13 8.36 -4.83
N GLY P 29 -52.68 8.75 -6.02
CA GLY P 29 -52.03 7.81 -6.93
C GLY P 29 -50.69 7.35 -6.39
N ASP P 30 -49.89 8.28 -5.86
CA ASP P 30 -48.56 7.97 -5.36
C ASP P 30 -48.61 6.99 -4.20
N ILE P 31 -49.51 7.23 -3.26
CA ILE P 31 -49.69 6.34 -2.12
C ILE P 31 -50.14 4.97 -2.59
N ALA P 32 -51.10 4.96 -3.51
CA ALA P 32 -51.60 3.71 -4.07
C ALA P 32 -50.47 2.92 -4.71
N LEU P 33 -49.66 3.60 -5.53
CA LEU P 33 -48.56 2.95 -6.23
C LEU P 33 -47.51 2.41 -5.29
N GLU P 34 -47.22 3.16 -4.23
CA GLU P 34 -46.30 2.68 -3.22
C GLU P 34 -46.83 1.44 -2.54
N LEU P 35 -48.11 1.48 -2.18
CA LEU P 35 -48.73 0.36 -1.51
C LEU P 35 -48.88 -0.83 -2.45
N GLN P 36 -49.08 -0.58 -3.74
CA GLN P 36 -49.07 -1.65 -4.72
C GLN P 36 -47.74 -2.36 -4.72
N ALA P 37 -46.65 -1.58 -4.80
CA ALA P 37 -45.31 -2.12 -4.77
C ALA P 37 -45.04 -2.86 -3.48
N TYR P 38 -45.51 -2.29 -2.37
CA TYR P 38 -45.31 -2.89 -1.07
C TYR P 38 -46.04 -4.21 -0.96
N PHE P 39 -47.29 -4.26 -1.40
CA PHE P 39 -48.07 -5.49 -1.30
C PHE P 39 -47.56 -6.56 -2.25
N ARG P 40 -46.97 -6.14 -3.36
CA ARG P 40 -46.32 -7.09 -4.24
C ARG P 40 -45.17 -7.80 -3.55
N SER P 41 -44.42 -7.08 -2.72
CA SER P 41 -43.30 -7.65 -1.99
C SER P 41 -43.70 -8.24 -0.64
N LYS P 42 -44.75 -7.68 -0.04
CA LYS P 42 -45.21 -8.12 1.28
C LYS P 42 -46.16 -9.30 1.18
N PHE P 43 -46.96 -9.31 0.13
CA PHE P 43 -47.93 -10.38 -0.06
C PHE P 43 -47.90 -10.90 -1.50
N PRO P 44 -46.71 -11.24 -2.01
CA PRO P 44 -46.52 -11.83 -3.34
C PRO P 44 -47.42 -13.05 -3.57
N GLU P 45 -47.78 -13.76 -2.49
CA GLU P 45 -48.63 -14.94 -2.57
C GLU P 45 -50.08 -14.58 -2.90
N LEU P 46 -50.50 -13.37 -2.55
CA LEU P 46 -51.88 -12.98 -2.77
C LEU P 46 -52.00 -12.20 -4.08
N PRO P 47 -53.12 -12.38 -4.79
CA PRO P 47 -53.38 -11.75 -6.07
C PRO P 47 -54.04 -10.40 -5.90
N PHE P 48 -53.27 -9.45 -5.38
CA PHE P 48 -53.75 -8.08 -5.28
C PHE P 48 -53.67 -7.40 -6.63
N GLY P 49 -54.79 -6.78 -7.04
CA GLY P 49 -54.82 -6.02 -8.28
C GLY P 49 -54.27 -4.62 -8.07
N ALA P 50 -54.34 -3.80 -9.11
CA ALA P 50 -53.88 -2.42 -9.00
C ALA P 50 -54.85 -1.62 -8.15
N PHE P 51 -54.31 -0.85 -7.22
CA PHE P 51 -55.13 -0.11 -6.27
C PHE P 51 -55.73 1.12 -6.93
N VAL P 52 -56.98 1.43 -6.59
CA VAL P 52 -57.72 2.47 -7.28
C VAL P 52 -58.14 3.60 -6.35
N PRO P 53 -57.66 4.80 -6.62
CA PRO P 53 -58.10 6.01 -5.94
C PRO P 53 -59.49 6.44 -6.42
N GLY P 54 -60.30 6.95 -5.50
CA GLY P 54 -61.64 7.39 -5.83
C GLY P 54 -62.26 8.19 -4.68
N GLY P 55 -63.58 8.33 -4.72
CA GLY P 55 -64.29 9.09 -3.70
C GLY P 55 -64.50 10.53 -4.16
N PRO P 56 -65.26 11.30 -3.37
CA PRO P 56 -65.61 12.73 -3.53
C PRO P 56 -64.54 13.55 -4.25
N LEU P 57 -63.26 13.31 -3.94
CA LEU P 57 -62.14 14.00 -4.58
C LEU P 57 -62.25 13.96 -6.10
N TYR P 58 -62.75 12.85 -6.62
CA TYR P 58 -63.01 12.68 -8.03
C TYR P 58 -64.52 12.76 -8.30
N ASP P 59 -65.30 12.24 -7.36
CA ASP P 59 -66.74 12.11 -7.53
C ASP P 59 -67.47 13.40 -7.18
N GLY P 60 -67.40 14.38 -8.08
CA GLY P 60 -68.06 15.66 -7.86
C GLY P 60 -67.18 16.81 -8.31
N LEU P 61 -67.13 17.86 -7.50
CA LEU P 61 -66.30 19.01 -7.80
C LEU P 61 -65.06 19.02 -6.91
N GLN P 62 -64.57 20.21 -6.57
CA GLN P 62 -63.35 20.33 -5.79
C GLN P 62 -63.58 19.98 -4.33
N ALA P 63 -63.62 18.68 -4.03
CA ALA P 63 -63.79 18.21 -2.66
C ALA P 63 -62.47 18.29 -1.90
N GLY P 64 -61.38 17.94 -2.57
CA GLY P 64 -60.07 18.07 -1.97
C GLY P 64 -59.96 17.24 -0.70
N ALA P 65 -59.65 17.93 0.40
CA ALA P 65 -59.46 17.30 1.71
C ALA P 65 -60.75 17.27 2.54
N ALA P 66 -61.87 17.68 1.94
CA ALA P 66 -63.15 17.73 2.64
C ALA P 66 -63.59 16.34 3.12
N ASP P 67 -63.17 15.30 2.40
CA ASP P 67 -63.49 13.94 2.78
C ASP P 67 -62.33 13.00 2.38
N HIS P 68 -62.45 11.73 2.76
CA HIS P 68 -61.39 10.76 2.56
C HIS P 68 -61.10 10.47 1.10
N VAL P 69 -59.83 10.23 0.79
CA VAL P 69 -59.46 9.60 -0.45
C VAL P 69 -59.73 8.12 -0.35
N ARG P 70 -60.61 7.60 -1.20
CA ARG P 70 -60.92 6.19 -1.14
C ARG P 70 -59.94 5.39 -1.96
N LEU P 71 -59.34 4.37 -1.35
CA LEU P 71 -58.32 3.59 -2.02
C LEU P 71 -58.68 2.12 -2.06
N LEU P 72 -59.07 1.65 -3.23
CA LEU P 72 -59.42 0.26 -3.42
C LEU P 72 -58.21 -0.63 -3.43
N VAL P 73 -58.28 -1.71 -2.65
CA VAL P 73 -57.32 -2.80 -2.73
C VAL P 73 -58.02 -4.08 -3.20
N PRO P 74 -57.71 -4.56 -4.42
CA PRO P 74 -58.53 -5.57 -5.11
C PRO P 74 -58.17 -6.98 -4.69
N LEU P 75 -59.09 -7.61 -3.96
CA LEU P 75 -58.93 -8.99 -3.52
C LEU P 75 -59.34 -9.95 -4.59
N VAL P 76 -58.47 -10.22 -5.54
CA VAL P 76 -58.83 -11.07 -6.66
C VAL P 76 -59.00 -12.51 -6.23
N LEU P 77 -60.22 -12.86 -5.83
CA LEU P 77 -60.56 -14.21 -5.44
C LEU P 77 -60.58 -15.12 -6.65
N GLU P 78 -60.22 -16.38 -6.44
CA GLU P 78 -60.14 -17.34 -7.53
C GLU P 78 -61.55 -17.83 -7.92
N PRO P 79 -62.12 -17.25 -8.99
CA PRO P 79 -63.45 -17.57 -9.54
C PRO P 79 -63.76 -19.05 -9.45
N GLY P 80 -64.88 -19.37 -8.80
CA GLY P 80 -65.33 -20.75 -8.71
C GLY P 80 -65.02 -21.37 -7.36
N LEU P 81 -63.99 -20.87 -6.69
CA LEU P 81 -63.64 -21.38 -5.37
C LEU P 81 -64.30 -20.56 -4.27
N TRP P 82 -64.82 -19.40 -4.64
CA TRP P 82 -65.45 -18.53 -3.67
C TRP P 82 -66.82 -18.05 -4.16
N SER P 83 -67.77 -17.93 -3.23
CA SER P 83 -69.15 -17.58 -3.60
C SER P 83 -69.78 -16.60 -2.61
N LEU P 84 -70.66 -15.73 -3.11
CA LEU P 84 -71.27 -14.69 -2.27
C LEU P 84 -72.54 -15.18 -1.59
N VAL P 85 -72.56 -15.07 -0.27
CA VAL P 85 -73.69 -15.49 0.55
C VAL P 85 -74.22 -14.31 1.39
N PRO P 86 -75.54 -14.21 1.53
CA PRO P 86 -76.15 -13.22 2.41
C PRO P 86 -75.94 -13.58 3.87
N GLY P 87 -75.60 -12.58 4.69
CA GLY P 87 -75.37 -12.82 6.11
C GLY P 87 -76.59 -13.43 6.78
N VAL P 88 -77.77 -12.96 6.40
CA VAL P 88 -79.02 -13.47 6.95
C VAL P 88 -79.24 -14.96 6.71
N ASP P 89 -78.57 -15.51 5.70
CA ASP P 89 -78.70 -16.92 5.39
C ASP P 89 -77.95 -17.82 6.37
N THR P 90 -77.07 -17.21 7.18
CA THR P 90 -76.27 -17.94 8.14
C THR P 90 -76.81 -17.75 9.54
N VAL P 91 -76.21 -18.45 10.51
CA VAL P 91 -76.60 -18.34 11.91
C VAL P 91 -76.44 -16.91 12.40
N ALA P 92 -75.39 -16.25 11.93
CA ALA P 92 -75.19 -14.83 12.19
C ALA P 92 -76.09 -14.00 11.30
N ARG P 93 -77.38 -13.97 11.64
CA ARG P 93 -78.41 -13.50 10.72
C ARG P 93 -78.46 -11.98 10.62
N ASP P 94 -77.54 -11.44 9.83
CA ASP P 94 -77.53 -10.00 9.55
C ASP P 94 -77.46 -9.72 8.05
N PRO P 95 -78.63 -9.53 7.41
CA PRO P 95 -78.81 -9.30 5.96
C PRO P 95 -77.96 -8.15 5.41
N ARG P 96 -77.53 -7.23 6.26
CA ARG P 96 -76.75 -6.09 5.82
C ARG P 96 -75.31 -6.50 5.55
N CYS P 97 -74.90 -7.61 6.15
CA CYS P 97 -73.56 -8.13 5.97
C CYS P 97 -73.58 -9.37 5.09
N TRP P 98 -72.41 -9.72 4.57
CA TRP P 98 -72.30 -10.76 3.56
C TRP P 98 -71.16 -11.72 3.89
N ALA P 99 -71.22 -12.92 3.35
CA ALA P 99 -70.18 -13.90 3.58
C ALA P 99 -69.59 -14.39 2.27
N VAL P 100 -68.30 -14.70 2.29
CA VAL P 100 -67.65 -15.29 1.13
C VAL P 100 -67.36 -16.77 1.38
N ARG P 101 -68.08 -17.63 0.67
CA ARG P 101 -68.05 -19.06 0.92
C ARG P 101 -67.00 -19.78 0.10
N ARG P 102 -66.19 -20.59 0.75
CA ARG P 102 -65.23 -21.45 0.06
C ARG P 102 -65.92 -22.69 -0.47
N THR P 103 -65.69 -23.00 -1.73
CA THR P 103 -66.30 -24.17 -2.34
C THR P 103 -65.36 -24.86 -3.33
N GLN P 104 -65.88 -25.89 -3.98
CA GLN P 104 -65.11 -26.75 -4.87
C GLN P 104 -63.89 -27.36 -4.18
N LEU P 105 -64.03 -27.70 -2.90
CA LEU P 105 -62.96 -28.30 -2.11
C LEU P 105 -62.68 -29.75 -2.54
N GLU P 106 -63.61 -30.35 -3.27
CA GLU P 106 -63.42 -31.69 -3.81
C GLU P 106 -62.46 -31.72 -5.00
N PHE P 107 -62.17 -30.55 -5.56
CA PHE P 107 -61.23 -30.45 -6.67
C PHE P 107 -60.05 -29.56 -6.30
N CYS P 108 -60.31 -28.56 -5.46
CA CYS P 108 -59.27 -27.67 -4.98
C CYS P 108 -59.35 -27.50 -3.46
N PRO P 109 -58.68 -28.37 -2.70
CA PRO P 109 -58.71 -28.42 -1.24
C PRO P 109 -58.03 -27.22 -0.62
N ARG P 110 -58.41 -26.92 0.62
CA ARG P 110 -57.85 -25.78 1.33
C ARG P 110 -56.35 -25.93 1.49
N GLY P 111 -55.64 -24.86 1.18
CA GLY P 111 -54.19 -24.87 1.14
C GLY P 111 -53.70 -24.68 -0.28
N SER P 112 -54.60 -24.93 -1.24
CA SER P 112 -54.30 -24.73 -2.65
C SER P 112 -54.42 -23.27 -3.07
N SER P 113 -55.35 -22.54 -2.45
CA SER P 113 -55.49 -21.12 -2.74
C SER P 113 -54.74 -20.29 -1.73
N PRO P 114 -54.24 -19.14 -2.14
CA PRO P 114 -53.56 -18.21 -1.25
C PRO P 114 -54.55 -17.59 -0.28
N TRP P 115 -55.82 -17.57 -0.65
CA TRP P 115 -56.84 -16.98 0.19
C TRP P 115 -57.30 -17.95 1.28
N ASP P 116 -56.77 -19.18 1.26
CA ASP P 116 -57.12 -20.17 2.26
C ASP P 116 -56.43 -19.90 3.60
N ARG P 117 -55.49 -18.96 3.60
CA ARG P 117 -54.91 -18.50 4.86
C ARG P 117 -55.95 -17.75 5.69
N PHE P 118 -57.03 -17.32 5.04
CA PHE P 118 -58.11 -16.64 5.71
C PHE P 118 -59.33 -17.54 5.86
N LEU P 119 -59.15 -18.83 5.63
CA LEU P 119 -60.28 -19.75 5.64
C LEU P 119 -60.61 -20.23 7.05
N VAL P 120 -61.78 -19.83 7.53
CA VAL P 120 -62.27 -20.28 8.83
C VAL P 120 -63.58 -21.01 8.66
N GLY P 121 -63.62 -22.26 9.09
CA GLY P 121 -64.75 -23.10 8.76
C GLY P 121 -64.76 -23.34 7.25
N GLY P 122 -65.71 -22.71 6.57
CA GLY P 122 -65.72 -22.75 5.11
C GLY P 122 -65.92 -21.35 4.52
N TYR P 123 -65.47 -20.31 5.22
CA TYR P 123 -65.65 -18.94 4.75
C TYR P 123 -64.37 -18.11 4.81
N LEU P 124 -64.30 -17.11 3.92
CA LEU P 124 -63.16 -16.18 3.88
C LEU P 124 -63.25 -15.17 5.01
N SER P 125 -62.18 -15.05 5.79
CA SER P 125 -62.16 -14.17 6.96
C SER P 125 -61.76 -12.75 6.59
N SER P 126 -62.75 -11.85 6.58
CA SER P 126 -62.46 -10.43 6.42
C SER P 126 -61.67 -9.91 7.60
N ARG P 127 -61.92 -10.48 8.78
CA ARG P 127 -61.27 -10.05 10.00
C ARG P 127 -59.77 -10.25 9.97
N VAL P 128 -59.33 -11.47 9.67
CA VAL P 128 -57.91 -11.78 9.67
C VAL P 128 -57.20 -11.01 8.56
N LEU P 129 -57.86 -10.88 7.43
CA LEU P 129 -57.36 -10.06 6.34
C LEU P 129 -57.09 -8.64 6.80
N LEU P 130 -58.07 -8.05 7.48
CA LEU P 130 -57.92 -6.70 8.01
C LEU P 130 -56.79 -6.63 9.02
N GLU P 131 -56.69 -7.62 9.89
CA GLU P 131 -55.67 -7.62 10.92
C GLU P 131 -54.28 -7.58 10.32
N LEU P 132 -54.06 -8.38 9.29
CA LEU P 132 -52.75 -8.45 8.65
C LEU P 132 -52.44 -7.20 7.84
N LEU P 133 -53.44 -6.72 7.10
CA LEU P 133 -53.22 -5.59 6.22
C LEU P 133 -53.12 -4.29 7.00
N ARG P 134 -53.88 -4.18 8.08
CA ARG P 134 -53.77 -3.03 8.96
C ARG P 134 -52.45 -3.02 9.67
N LYS P 135 -51.95 -4.20 10.04
CA LYS P 135 -50.63 -4.34 10.62
C LYS P 135 -49.56 -3.90 9.63
N ALA P 136 -49.74 -4.29 8.37
CA ALA P 136 -48.81 -3.90 7.33
C ALA P 136 -48.72 -2.39 7.22
N LEU P 137 -49.87 -1.74 7.21
CA LEU P 137 -49.91 -0.28 7.18
C LEU P 137 -49.41 0.32 8.48
N ALA P 138 -49.76 -0.32 9.59
CA ALA P 138 -49.43 0.21 10.91
C ALA P 138 -47.94 0.30 11.13
N ALA P 139 -47.18 -0.69 10.63
CA ALA P 139 -45.76 -0.74 10.93
C ALA P 139 -44.91 -1.18 9.74
N SER P 140 -45.38 -2.19 9.01
CA SER P 140 -44.54 -2.83 7.98
C SER P 140 -44.14 -1.86 6.87
N VAL P 141 -45.09 -1.05 6.43
CA VAL P 141 -44.83 -0.07 5.38
C VAL P 141 -43.84 0.99 5.83
N ASN P 142 -42.84 1.24 5.00
CA ASN P 142 -41.78 2.19 5.36
C ASN P 142 -42.24 3.61 5.08
N TRP P 143 -43.04 4.15 5.99
CA TRP P 143 -43.61 5.48 5.85
C TRP P 143 -42.55 6.58 5.84
N PRO P 144 -41.36 6.31 6.36
CA PRO P 144 -40.23 7.22 6.23
C PRO P 144 -39.74 7.31 4.80
N ALA P 145 -39.87 6.22 4.05
CA ALA P 145 -39.50 6.21 2.64
C ALA P 145 -40.55 6.93 1.83
N ILE P 146 -41.81 6.73 2.18
CA ILE P 146 -42.92 7.38 1.50
C ILE P 146 -42.88 8.88 1.71
N GLY P 147 -42.68 9.31 2.95
CA GLY P 147 -42.58 10.72 3.26
C GLY P 147 -41.37 11.35 2.57
N SER P 148 -40.25 10.64 2.58
CA SER P 148 -39.05 11.14 1.92
C SER P 148 -39.24 11.24 0.41
N LEU P 149 -39.90 10.24 -0.16
CA LEU P 149 -40.14 10.19 -1.60
C LEU P 149 -41.06 11.30 -2.06
N LEU P 150 -42.19 11.44 -1.38
CA LEU P 150 -43.23 12.33 -1.84
C LEU P 150 -43.08 13.74 -1.26
N GLY P 151 -42.19 13.89 -0.28
CA GLY P 151 -41.94 15.19 0.33
C GLY P 151 -43.10 15.58 1.24
N CYS P 152 -43.34 14.74 2.24
CA CYS P 152 -44.52 14.92 3.07
C CYS P 152 -44.47 14.07 4.33
N LEU P 153 -45.42 14.32 5.21
CA LEU P 153 -45.64 13.46 6.36
C LEU P 153 -46.87 12.60 6.17
N ILE P 154 -46.67 11.30 5.90
CA ILE P 154 -47.78 10.36 5.77
C ILE P 154 -47.61 9.18 6.72
N ARG P 155 -48.67 8.90 7.48
CA ARG P 155 -48.65 7.80 8.43
C ARG P 155 -50.04 7.16 8.48
N PRO P 156 -50.17 6.05 9.23
CA PRO P 156 -51.41 5.30 9.40
C PRO P 156 -52.26 5.90 10.51
N SER P 157 -53.57 5.79 10.37
CA SER P 157 -54.49 6.25 11.41
C SER P 157 -54.51 5.27 12.57
N MET P 158 -55.25 5.63 13.60
CA MET P 158 -55.39 4.78 14.77
C MET P 158 -56.78 4.17 14.86
N ALA P 159 -57.46 4.09 13.72
CA ALA P 159 -58.79 3.50 13.69
C ALA P 159 -59.13 3.02 12.29
N SER P 160 -59.90 1.92 12.23
CA SER P 160 -60.25 1.31 10.95
C SER P 160 -59.02 1.06 10.10
N GLU P 161 -59.11 1.36 8.81
CA GLU P 161 -57.97 1.25 7.91
C GLU P 161 -57.82 2.51 7.11
N GLU P 162 -57.38 3.58 7.77
CA GLU P 162 -57.23 4.87 7.14
C GLU P 162 -55.81 5.37 7.27
N LEU P 163 -55.42 6.27 6.37
CA LEU P 163 -54.11 6.89 6.43
C LEU P 163 -54.23 8.40 6.60
N LEU P 164 -53.22 9.02 7.16
CA LEU P 164 -53.22 10.46 7.34
C LEU P 164 -52.03 11.13 6.67
N LEU P 165 -52.32 12.09 5.80
CA LEU P 165 -51.33 13.05 5.37
C LEU P 165 -51.25 14.17 6.36
N GLU P 166 -50.25 14.12 7.23
CA GLU P 166 -50.09 15.11 8.27
C GLU P 166 -49.70 16.46 7.68
N VAL P 167 -49.06 16.43 6.51
CA VAL P 167 -48.76 17.64 5.74
C VAL P 167 -47.85 17.36 4.56
N GLN P 168 -48.38 17.59 3.36
CA GLN P 168 -47.60 17.68 2.15
C GLN P 168 -46.96 19.04 2.06
N HIS P 169 -45.69 19.09 1.70
CA HIS P 169 -44.92 20.33 1.70
C HIS P 169 -45.70 21.50 1.10
N GLU P 170 -46.45 21.24 0.03
CA GLU P 170 -47.29 22.27 -0.57
C GLU P 170 -48.62 22.46 0.18
N ARG P 171 -48.53 22.88 1.44
CA ARG P 171 -49.67 23.27 2.27
C ARG P 171 -50.92 22.40 2.07
N LEU P 172 -50.76 21.09 2.12
CA LEU P 172 -51.90 20.18 1.97
C LEU P 172 -51.96 19.11 3.05
N GLU P 173 -53.13 18.96 3.66
CA GLU P 173 -53.38 17.86 4.60
C GLU P 173 -54.65 17.11 4.19
N LEU P 174 -54.66 15.80 4.41
CA LEU P 174 -55.82 14.99 4.03
C LEU P 174 -55.76 13.59 4.62
N THR P 175 -56.86 12.86 4.49
CA THR P 175 -56.91 11.48 4.95
C THR P 175 -57.32 10.52 3.83
N VAL P 176 -56.91 9.27 3.97
CA VAL P 176 -57.18 8.24 2.97
C VAL P 176 -57.95 7.08 3.59
N ALA P 177 -59.12 6.77 3.03
CA ALA P 177 -59.87 5.59 3.44
C ALA P 177 -59.50 4.41 2.58
N VAL P 178 -58.72 3.49 3.13
CA VAL P 178 -58.30 2.33 2.37
C VAL P 178 -59.40 1.27 2.38
N LEU P 179 -59.94 1.00 1.21
CA LEU P 179 -61.02 0.05 1.08
C LEU P 179 -60.55 -1.26 0.48
N VAL P 180 -60.23 -2.21 1.33
CA VAL P 180 -59.85 -3.53 0.88
C VAL P 180 -61.09 -4.33 0.54
N ALA P 181 -61.23 -4.71 -0.72
CA ALA P 181 -62.47 -5.29 -1.17
C ALA P 181 -62.29 -6.19 -2.39
N VAL P 182 -63.18 -7.16 -2.52
CA VAL P 182 -63.18 -8.04 -3.68
C VAL P 182 -63.75 -7.29 -4.88
N PRO P 183 -62.95 -7.10 -5.96
CA PRO P 183 -63.39 -6.57 -7.27
C PRO P 183 -64.91 -6.68 -7.46
N GLY P 184 -65.45 -7.89 -7.31
CA GLY P 184 -66.89 -8.04 -7.21
C GLY P 184 -67.54 -8.23 -8.56
N VAL P 185 -67.89 -7.13 -9.19
CA VAL P 185 -68.67 -7.18 -10.42
C VAL P 185 -67.92 -6.60 -11.61
N ASP P 186 -68.34 -6.98 -12.80
CA ASP P 186 -67.72 -6.54 -14.04
C ASP P 186 -68.16 -5.13 -14.42
N ALA P 187 -69.08 -4.56 -13.64
CA ALA P 187 -69.49 -3.19 -13.81
C ALA P 187 -68.49 -2.24 -13.15
N ASP P 188 -67.54 -2.80 -12.39
CA ASP P 188 -66.54 -2.01 -11.68
C ASP P 188 -67.21 -1.04 -10.70
N ASP P 189 -68.20 -1.55 -9.98
CA ASP P 189 -68.96 -0.74 -9.04
C ASP P 189 -69.09 -1.45 -7.70
N ARG P 190 -70.00 -2.40 -7.62
CA ARG P 190 -70.28 -3.11 -6.38
C ARG P 190 -69.08 -3.93 -5.91
N LEU P 191 -68.66 -3.70 -4.67
CA LEU P 191 -67.51 -4.40 -4.10
C LEU P 191 -67.90 -5.23 -2.89
N LEU P 192 -67.08 -6.21 -2.55
CA LEU P 192 -67.25 -6.91 -1.27
C LEU P 192 -66.19 -6.43 -0.30
N LEU P 193 -66.56 -5.47 0.53
CA LEU P 193 -65.63 -4.80 1.42
C LEU P 193 -65.28 -5.68 2.61
N ALA P 194 -63.99 -5.76 2.92
CA ALA P 194 -63.55 -6.43 4.12
C ALA P 194 -64.02 -5.65 5.32
N TRP P 195 -65.23 -5.94 5.76
CA TRP P 195 -65.89 -5.19 6.81
C TRP P 195 -65.35 -5.59 8.18
N PRO P 196 -65.30 -4.63 9.10
CA PRO P 196 -64.84 -4.88 10.47
C PRO P 196 -66.00 -5.00 11.43
N LEU P 197 -66.82 -6.03 11.24
CA LEU P 197 -67.91 -6.30 12.17
C LEU P 197 -67.35 -6.81 13.48
N GLU P 198 -67.79 -6.20 14.58
CA GLU P 198 -67.31 -6.58 15.90
C GLU P 198 -68.19 -7.68 16.50
N GLY P 199 -69.47 -7.62 16.21
CA GLY P 199 -70.41 -8.61 16.72
C GLY P 199 -70.53 -9.81 15.80
N LEU P 200 -71.33 -10.80 16.21
CA LEU P 200 -71.57 -11.98 15.40
C LEU P 200 -70.26 -12.56 14.85
N ALA P 201 -70.22 -12.80 13.54
CA ALA P 201 -69.01 -13.23 12.88
C ALA P 201 -68.27 -12.03 12.29
N GLY P 202 -67.08 -11.76 12.81
CA GLY P 202 -66.27 -10.66 12.33
C GLY P 202 -65.66 -10.96 10.96
N ASN P 203 -65.88 -12.18 10.47
CA ASN P 203 -65.41 -12.60 9.16
C ASN P 203 -66.30 -12.06 8.04
N LEU P 204 -67.44 -11.47 8.40
CA LEU P 204 -68.42 -11.00 7.43
C LEU P 204 -67.98 -9.74 6.67
N TRP P 205 -68.67 -9.49 5.56
CA TRP P 205 -68.26 -8.53 4.55
C TRP P 205 -69.37 -7.51 4.32
N LEU P 206 -69.02 -6.37 3.73
CA LEU P 206 -70.02 -5.36 3.43
C LEU P 206 -70.16 -5.13 1.94
N GLN P 207 -71.38 -5.25 1.44
CA GLN P 207 -71.66 -4.96 0.04
C GLN P 207 -71.56 -3.47 -0.21
N ASP P 208 -70.54 -3.07 -0.96
CA ASP P 208 -70.25 -1.66 -1.19
C ASP P 208 -71.02 -1.13 -2.38
N LEU P 209 -72.04 -0.34 -2.10
CA LEU P 209 -72.86 0.26 -3.14
C LEU P 209 -72.60 1.75 -3.29
N TYR P 210 -71.45 2.22 -2.81
CA TYR P 210 -71.08 3.64 -2.96
C TYR P 210 -71.11 4.10 -4.41
N PRO P 211 -70.15 3.64 -5.25
CA PRO P 211 -70.06 4.02 -6.65
C PRO P 211 -71.36 3.77 -7.42
N VAL P 212 -72.18 2.83 -6.94
CA VAL P 212 -73.50 2.60 -7.51
C VAL P 212 -74.40 3.80 -7.25
N GLU P 213 -74.41 4.27 -6.00
CA GLU P 213 -75.17 5.45 -5.62
C GLU P 213 -74.66 6.69 -6.33
N ALA P 214 -73.32 6.81 -6.40
CA ALA P 214 -72.69 7.94 -7.05
C ALA P 214 -72.99 7.97 -8.54
N ALA P 215 -72.90 6.79 -9.17
CA ALA P 215 -73.21 6.65 -10.59
C ALA P 215 -74.68 6.92 -10.85
N ARG P 216 -75.53 6.55 -9.90
CA ARG P 216 -76.96 6.78 -10.05
C ARG P 216 -77.28 8.25 -10.06
N LEU P 217 -76.71 9.01 -9.12
CA LEU P 217 -76.91 10.45 -9.09
C LEU P 217 -76.32 11.12 -10.31
N ARG P 218 -75.17 10.61 -10.75
CA ARG P 218 -74.56 11.08 -11.99
C ARG P 218 -75.48 10.84 -13.18
N ALA P 219 -76.01 9.62 -13.28
CA ALA P 219 -76.89 9.25 -14.37
C ALA P 219 -78.17 10.07 -14.35
N LEU P 220 -78.73 10.24 -13.15
CA LEU P 220 -79.96 11.02 -12.99
C LEU P 220 -79.76 12.44 -13.46
N ASP P 221 -78.61 13.02 -13.13
CA ASP P 221 -78.26 14.35 -13.65
C ASP P 221 -78.06 14.33 -15.15
N ASP P 222 -77.38 13.31 -15.66
CA ASP P 222 -77.11 13.21 -17.09
C ASP P 222 -78.37 12.94 -17.91
N HIS P 223 -79.42 12.47 -17.25
CA HIS P 223 -80.69 12.23 -17.92
C HIS P 223 -81.35 13.52 -18.38
N ASP P 224 -81.13 14.60 -17.64
CA ASP P 224 -81.79 15.87 -17.94
C ASP P 224 -80.93 17.08 -17.61
N ALA P 225 -79.61 16.87 -17.56
CA ALA P 225 -78.67 17.94 -17.24
C ALA P 225 -79.05 18.65 -15.95
N GLY P 226 -79.41 17.86 -14.93
CA GLY P 226 -79.89 18.40 -13.67
C GLY P 226 -78.75 18.66 -12.69
N THR P 227 -79.09 19.15 -11.51
CA THR P 227 -78.10 19.52 -10.52
C THR P 227 -78.36 18.83 -9.18
N ARG P 228 -78.65 17.53 -9.22
CA ARG P 228 -78.90 16.74 -8.01
C ARG P 228 -77.63 16.64 -7.17
N ARG P 229 -76.51 16.42 -7.85
CA ARG P 229 -75.23 16.30 -7.18
C ARG P 229 -74.74 17.64 -6.66
N ARG P 230 -75.14 18.72 -7.31
CA ARG P 230 -74.79 20.05 -6.84
C ARG P 230 -75.46 20.34 -5.52
N LEU P 231 -76.74 19.95 -5.41
CA LEU P 231 -77.46 20.06 -4.16
C LEU P 231 -76.79 19.24 -3.07
N LEU P 232 -76.39 18.01 -3.41
CA LEU P 232 -75.65 17.17 -2.49
C LEU P 232 -74.37 17.84 -2.00
N LEU P 233 -73.61 18.41 -2.94
CA LEU P 233 -72.37 19.10 -2.62
C LEU P 233 -72.61 20.28 -1.67
N LEU P 234 -73.69 21.03 -1.93
CA LEU P 234 -74.09 22.11 -1.04
C LEU P 234 -74.41 21.59 0.34
N LEU P 235 -75.19 20.51 0.40
CA LEU P 235 -75.59 19.92 1.67
C LEU P 235 -74.39 19.41 2.45
N CYS P 236 -73.40 18.87 1.74
CA CYS P 236 -72.19 18.39 2.37
C CYS P 236 -71.47 19.51 3.09
N ALA P 237 -71.30 20.63 2.41
CA ALA P 237 -70.67 21.81 3.01
C ALA P 237 -71.50 22.36 4.16
N VAL P 238 -72.83 22.29 4.04
CA VAL P 238 -73.71 22.71 5.14
C VAL P 238 -73.46 21.89 6.39
N CYS P 239 -73.32 20.58 6.21
CA CYS P 239 -73.00 19.69 7.33
C CYS P 239 -71.61 19.97 7.88
N ARG P 240 -70.66 20.27 7.00
CA ARG P 240 -69.31 20.63 7.45
C ARG P 240 -69.32 21.91 8.29
N GLY P 241 -70.19 22.84 7.93
CA GLY P 241 -70.28 24.12 8.63
C GLY P 241 -71.39 24.15 9.68
N CYS P 242 -71.90 22.98 10.07
CA CYS P 242 -72.97 22.94 11.08
C CYS P 242 -72.81 21.75 12.01
N SER P 243 -72.43 22.03 13.26
CA SER P 243 -72.17 20.99 14.24
C SER P 243 -73.42 20.18 14.59
N ALA P 244 -74.58 20.79 14.41
CA ALA P 244 -75.85 20.10 14.62
C ALA P 244 -76.00 18.93 13.67
N LEU P 245 -75.36 19.02 12.51
CA LEU P 245 -75.48 17.99 11.49
C LEU P 245 -74.28 17.06 11.50
N GLY P 246 -73.50 17.07 12.59
CA GLY P 246 -72.34 16.21 12.70
C GLY P 246 -72.69 14.73 12.69
N GLN P 247 -73.95 14.40 13.01
CA GLN P 247 -74.40 13.02 12.99
C GLN P 247 -74.87 12.58 11.60
N LEU P 248 -74.99 13.53 10.68
CA LEU P 248 -75.43 13.22 9.33
C LEU P 248 -74.29 13.40 8.34
N GLY P 249 -73.75 12.29 7.86
CA GLY P 249 -72.57 12.33 7.00
C GLY P 249 -72.95 12.32 5.53
N ARG P 250 -71.96 12.09 4.68
CA ARG P 250 -72.18 12.03 3.24
C ARG P 250 -73.16 10.94 2.87
N GLY P 251 -73.07 9.80 3.55
CA GLY P 251 -73.97 8.68 3.32
C GLY P 251 -75.41 9.07 3.62
N HIS P 252 -75.62 9.80 4.72
CA HIS P 252 -76.95 10.23 5.11
C HIS P 252 -77.54 11.16 4.07
N LEU P 253 -76.73 12.09 3.61
CA LEU P 253 -77.14 13.05 2.61
C LEU P 253 -77.40 12.36 1.28
N THR P 254 -76.57 11.36 0.96
CA THR P 254 -76.69 10.62 -0.28
C THR P 254 -78.05 9.94 -0.38
N GLN P 255 -78.50 9.33 0.72
CA GLN P 255 -79.78 8.64 0.71
C GLN P 255 -80.91 9.63 0.47
N VAL P 256 -80.82 10.81 1.07
CA VAL P 256 -81.82 11.85 0.88
C VAL P 256 -81.83 12.36 -0.55
N VAL P 257 -80.66 12.63 -1.09
CA VAL P 257 -80.54 13.18 -2.43
C VAL P 257 -80.92 12.16 -3.50
N LEU P 258 -80.66 10.88 -3.24
CA LEU P 258 -81.15 9.82 -4.13
C LEU P 258 -82.67 9.81 -4.20
N ARG P 259 -83.32 9.97 -3.05
CA ARG P 259 -84.78 10.07 -3.01
C ARG P 259 -85.25 11.29 -3.77
N LEU P 260 -84.58 12.41 -3.56
CA LEU P 260 -84.90 13.64 -4.26
C LEU P 260 -84.67 13.48 -5.75
N GLY P 261 -83.56 12.82 -6.10
CA GLY P 261 -83.14 12.67 -7.47
C GLY P 261 -84.17 11.94 -8.29
N GLU P 262 -84.84 10.96 -7.67
CA GLU P 262 -85.93 10.25 -8.32
C GLU P 262 -87.19 11.10 -8.34
N ASP P 263 -87.16 12.18 -9.11
CA ASP P 263 -88.30 13.08 -9.24
C ASP P 263 -88.17 13.91 -10.50
N ASN P 264 -89.25 14.60 -10.85
CA ASN P 264 -89.28 15.41 -12.06
C ASN P 264 -89.65 16.84 -11.75
N VAL P 265 -88.69 17.59 -11.22
CA VAL P 265 -88.88 18.98 -10.84
C VAL P 265 -87.85 19.85 -11.54
N ASP P 266 -87.87 21.14 -11.25
CA ASP P 266 -86.87 22.03 -11.82
C ASP P 266 -85.50 21.70 -11.24
N TRP P 267 -84.66 21.07 -12.06
CA TRP P 267 -83.37 20.58 -11.62
C TRP P 267 -82.22 21.50 -12.02
N THR P 268 -82.54 22.72 -12.44
CA THR P 268 -81.50 23.65 -12.85
C THR P 268 -80.95 24.43 -11.65
N GLU P 269 -79.84 25.13 -11.85
CA GLU P 269 -79.20 25.89 -10.80
C GLU P 269 -80.10 27.01 -10.26
N GLU P 270 -81.01 27.47 -11.10
CA GLU P 270 -81.91 28.56 -10.74
C GLU P 270 -82.88 28.19 -9.62
N ALA P 271 -83.04 26.89 -9.39
CA ALA P 271 -83.94 26.43 -8.33
C ALA P 271 -83.19 25.65 -7.27
N LEU P 272 -81.91 26.01 -7.04
CA LEU P 272 -81.15 25.46 -5.93
C LEU P 272 -81.83 25.76 -4.61
N GLY P 273 -82.30 27.01 -4.47
CA GLY P 273 -82.97 27.44 -3.25
C GLY P 273 -84.23 26.65 -2.99
N GLU P 274 -85.03 26.45 -4.04
CA GLU P 274 -86.26 25.68 -3.92
C GLU P 274 -85.97 24.26 -3.47
N ARG P 275 -85.06 23.61 -4.16
CA ARG P 275 -84.74 22.22 -3.89
C ARG P 275 -83.96 22.07 -2.58
N PHE P 276 -83.25 23.11 -2.19
CA PHE P 276 -82.58 23.14 -0.90
C PHE P 276 -83.58 23.00 0.22
N LEU P 277 -84.64 23.79 0.16
CA LEU P 277 -85.69 23.74 1.17
C LEU P 277 -86.43 22.41 1.09
N GLN P 278 -86.61 21.88 -0.12
CA GLN P 278 -87.21 20.57 -0.30
C GLN P 278 -86.37 19.48 0.35
N ALA P 279 -85.05 19.59 0.20
CA ALA P 279 -84.13 18.66 0.81
C ALA P 279 -84.25 18.69 2.32
N LEU P 280 -84.39 19.90 2.87
CA LEU P 280 -84.57 20.06 4.29
C LEU P 280 -85.87 19.41 4.74
N GLU P 281 -86.94 19.62 3.98
CA GLU P 281 -88.24 19.07 4.33
C GLU P 281 -88.23 17.55 4.34
N LEU P 282 -87.60 16.95 3.32
CA LEU P 282 -87.51 15.50 3.24
C LEU P 282 -86.68 14.93 4.38
N LEU P 283 -85.53 15.54 4.62
CA LEU P 283 -84.65 15.12 5.70
C LEU P 283 -85.30 15.27 7.06
N ILE P 284 -85.92 16.43 7.30
CA ILE P 284 -86.61 16.68 8.56
C ILE P 284 -87.72 15.68 8.80
N GLY P 285 -88.50 15.38 7.77
CA GLY P 285 -89.57 14.40 7.88
C GLY P 285 -89.02 13.04 8.28
N SER P 286 -87.92 12.63 7.65
CA SER P 286 -87.26 11.38 7.98
C SER P 286 -86.77 11.40 9.43
N LEU P 287 -86.24 12.54 9.86
CA LEU P 287 -85.78 12.72 11.23
C LEU P 287 -86.95 12.67 12.21
N GLU P 288 -88.09 13.25 11.83
CA GLU P 288 -89.28 13.19 12.67
C GLU P 288 -89.77 11.76 12.85
N GLN P 289 -89.54 10.92 11.85
CA GLN P 289 -89.88 9.50 11.94
C GLN P 289 -88.75 8.67 12.56
N ALA P 290 -87.60 9.31 12.81
CA ALA P 290 -86.40 8.63 13.26
C ALA P 290 -86.07 7.45 12.35
N SER P 291 -86.20 7.67 11.04
CA SER P 291 -86.02 6.59 10.08
C SER P 291 -85.50 7.10 8.74
N LEU P 292 -84.34 6.58 8.32
CA LEU P 292 -83.83 6.83 6.99
C LEU P 292 -83.42 5.54 6.29
N PRO P 293 -84.36 4.92 5.59
CA PRO P 293 -84.12 3.75 4.77
C PRO P 293 -83.24 4.06 3.58
N CYS P 294 -82.12 3.36 3.48
CA CYS P 294 -81.21 3.48 2.35
C CYS P 294 -81.94 3.28 1.03
N HIS P 295 -81.64 4.13 0.06
CA HIS P 295 -82.31 4.11 -1.23
C HIS P 295 -82.18 2.75 -1.92
N PHE P 296 -81.00 2.15 -1.84
CA PHE P 296 -80.75 0.86 -2.47
C PHE P 296 -80.94 -0.31 -1.50
N ASN P 297 -81.46 -0.02 -0.30
CA ASN P 297 -81.76 -1.06 0.68
C ASN P 297 -82.54 -0.50 1.85
N PRO P 298 -83.87 -0.51 1.74
CA PRO P 298 -84.79 0.16 2.65
C PRO P 298 -84.75 -0.43 4.06
N SER P 299 -84.15 -1.60 4.23
CA SER P 299 -84.06 -2.22 5.53
C SER P 299 -82.95 -1.58 6.39
N VAL P 300 -82.13 -0.73 5.76
CA VAL P 300 -81.08 -0.02 6.47
C VAL P 300 -81.54 1.34 6.93
N ASN P 301 -81.83 1.46 8.22
CA ASN P 301 -82.20 2.73 8.83
C ASN P 301 -80.97 3.48 9.31
N LEU P 302 -80.61 4.54 8.58
CA LEU P 302 -79.38 5.27 8.85
C LEU P 302 -79.47 6.14 10.11
N PHE P 303 -80.68 6.26 10.68
CA PHE P 303 -80.86 7.00 11.91
C PHE P 303 -80.96 6.05 13.12
N SER P 304 -80.86 4.74 12.88
CA SER P 304 -81.02 3.76 13.95
C SER P 304 -79.87 3.80 14.95
N SER P 305 -78.74 4.36 14.54
CA SER P 305 -77.58 4.49 15.41
C SER P 305 -77.59 5.81 16.19
N LEU P 306 -78.62 6.63 15.97
CA LEU P 306 -78.69 7.93 16.60
C LEU P 306 -79.80 7.98 17.66
N ARG P 307 -79.61 8.81 18.67
CA ARG P 307 -80.61 8.99 19.73
C ARG P 307 -81.83 9.73 19.19
N GLU P 308 -83.02 9.19 19.47
CA GLU P 308 -84.28 9.75 18.97
C GLU P 308 -84.43 11.23 19.29
N GLU P 309 -84.06 11.61 20.51
CA GLU P 309 -84.16 12.99 20.94
C GLU P 309 -83.21 13.88 20.15
N GLU P 310 -82.00 13.40 19.92
CA GLU P 310 -81.02 14.12 19.11
C GLU P 310 -81.46 14.20 17.66
N ILE P 311 -82.07 13.13 17.16
CA ILE P 311 -82.63 13.10 15.83
C ILE P 311 -83.68 14.19 15.64
N ASP P 312 -84.57 14.30 16.62
CA ASP P 312 -85.61 15.33 16.59
C ASP P 312 -84.99 16.72 16.69
N ASP P 313 -83.98 16.87 17.53
CA ASP P 313 -83.28 18.14 17.68
C ASP P 313 -82.62 18.58 16.39
N ILE P 314 -82.07 17.61 15.64
CA ILE P 314 -81.51 17.90 14.34
C ILE P 314 -82.58 18.40 13.39
N GLY P 315 -83.74 17.74 13.42
CA GLY P 315 -84.88 18.15 12.61
C GLY P 315 -85.34 19.56 12.99
N TYR P 316 -85.31 19.87 14.28
CA TYR P 316 -85.68 21.20 14.77
C TYR P 316 -84.66 22.25 14.33
N ALA P 317 -83.38 21.88 14.33
CA ALA P 317 -82.33 22.76 13.85
C ALA P 317 -82.51 23.03 12.36
N LEU P 318 -82.81 21.99 11.60
CA LEU P 318 -83.05 22.13 10.18
C LEU P 318 -84.36 22.86 9.91
N TYR P 319 -85.34 22.67 10.78
CA TYR P 319 -86.61 23.40 10.69
C TYR P 319 -86.38 24.89 10.84
N SER P 320 -85.53 25.28 11.79
CA SER P 320 -85.13 26.68 11.89
C SER P 320 -84.35 27.10 10.65
N GLY P 321 -83.67 26.12 10.04
CA GLY P 321 -83.04 26.30 8.74
C GLY P 321 -84.09 26.61 7.66
N LEU P 322 -85.23 25.93 7.68
CA LEU P 322 -86.33 26.26 6.78
C LEU P 322 -86.85 27.67 7.03
N GLN P 323 -86.94 28.04 8.31
CA GLN P 323 -87.44 29.35 8.69
C GLN P 323 -86.48 30.46 8.25
N GLU P 324 -85.17 30.20 8.37
CA GLU P 324 -84.17 31.15 7.93
C GLU P 324 -83.11 30.49 7.06
N PRO P 325 -83.54 29.97 5.91
CA PRO P 325 -82.69 29.29 4.88
C PRO P 325 -81.20 29.65 4.95
N GLU P 326 -80.89 30.94 4.86
CA GLU P 326 -79.51 31.41 4.74
C GLU P 326 -78.67 31.16 6.00
N GLY P 327 -79.35 30.90 7.12
CA GLY P 327 -78.70 30.62 8.39
C GLY P 327 -77.95 29.28 8.40
N LEU P 328 -78.26 28.42 7.44
CA LEU P 328 -77.52 27.16 7.29
C LEU P 328 -76.29 27.35 6.41
N LEU P 329 -76.13 28.55 5.85
CA LEU P 329 -75.11 28.78 4.86
C LEU P 329 -74.06 29.79 5.34
PG GCP Q . -25.86 11.06 110.09
O1G GCP Q . -25.06 10.42 108.96
O2G GCP Q . -27.08 11.85 109.67
O3G GCP Q . -24.98 11.76 111.10
C3B GCP Q . -26.52 9.64 111.01
PB GCP Q . -27.39 8.53 109.87
O1B GCP Q . -26.40 8.04 108.86
O2B GCP Q . -28.66 9.19 109.41
O3A GCP Q . -27.96 7.32 110.77
PA GCP Q . -27.19 5.96 111.18
O1A GCP Q . -25.81 6.29 111.63
O2A GCP Q . -27.40 4.92 110.13
O5' GCP Q . -28.05 5.56 112.48
C5' GCP Q . -28.36 6.58 113.43
C4' GCP Q . -28.81 5.97 114.75
O4' GCP Q . -30.11 5.41 114.60
C3' GCP Q . -27.88 4.85 115.23
O3' GCP Q . -27.78 4.96 116.65
C2' GCP Q . -28.61 3.58 114.80
O2' GCP Q . -28.37 2.48 115.69
C1' GCP Q . -30.07 4.00 114.83
N9 GCP Q . -30.95 3.41 113.80
C8 GCP Q . -30.83 3.46 112.46
N7 GCP Q . -31.86 2.81 111.88
C5 GCP Q . -32.64 2.34 112.87
C6 GCP Q . -33.89 1.58 112.99
O6 GCP Q . -34.49 1.22 111.94
N1 GCP Q . -34.36 1.30 114.22
C2 GCP Q . -33.73 1.69 115.35
N2 GCP Q . -34.25 1.34 116.55
N3 GCP Q . -32.60 2.43 115.34
C4 GCP Q . -32.04 2.74 114.14
MG MG R . -24.46 8.74 108.28
PG GCP S . 14.40 8.14 73.08
O1G GCP S . 15.18 7.51 71.94
O2G GCP S . 13.19 8.95 72.67
O3G GCP S . 15.29 8.82 74.10
C3B GCP S . 13.71 6.71 73.98
PB GCP S . 12.83 5.62 72.83
O1B GCP S . 13.82 5.13 71.81
O2B GCP S . 11.59 6.31 72.37
O3A GCP S . 12.25 4.42 73.71
PA GCP S . 13.00 3.03 74.10
O1A GCP S . 14.40 3.35 74.56
O2A GCP S . 12.78 2.01 73.05
O5' GCP S . 12.13 2.63 75.40
C5' GCP S . 11.83 3.65 76.36
C4' GCP S . 11.39 3.02 77.67
O4' GCP S . 10.08 2.48 77.53
C3' GCP S . 12.30 1.89 78.13
O3' GCP S . 12.40 1.98 79.55
C2' GCP S . 11.55 0.63 77.69
O2' GCP S . 11.78 -0.48 78.58
C1' GCP S . 10.09 1.06 77.73
N9 GCP S . 9.21 0.50 76.69
C8 GCP S . 9.33 0.57 75.36
N7 GCP S . 8.29 -0.07 74.76
C5 GCP S . 7.51 -0.54 75.75
C6 GCP S . 6.25 -1.28 75.85
O6 GCP S . 5.64 -1.63 74.80
N1 GCP S . 5.77 -1.57 77.07
C2 GCP S . 6.40 -1.20 78.22
N2 GCP S . 5.88 -1.56 79.42
N3 GCP S . 7.55 -0.48 78.22
C4 GCP S . 8.12 -0.15 77.03
MG MG T . 15.77 5.82 71.24
PG GCP U . 71.93 -39.44 -139.63
O1G GCP U . 72.69 -38.14 -139.81
O2G GCP U . 70.97 -39.75 -140.75
O3G GCP U . 71.32 -39.66 -138.25
C3B GCP U . 73.19 -40.74 -139.77
PB GCP U . 74.29 -40.68 -138.32
O1B GCP U . 75.14 -39.45 -138.41
O2B GCP U . 73.46 -40.93 -137.10
O3A GCP U . 75.39 -41.85 -138.54
PA GCP U . 75.26 -43.39 -138.10
O1A GCP U . 75.73 -43.58 -136.71
O2A GCP U . 73.91 -43.91 -138.51
O5' GCP U . 76.34 -44.03 -139.11
C5' GCP U . 76.33 -43.61 -140.49
C4' GCP U . 77.12 -44.58 -141.34
O4' GCP U . 78.51 -44.43 -141.07
C3' GCP U . 76.76 -46.05 -141.07
O3' GCP U . 76.79 -46.72 -142.33
C2' GCP U . 77.88 -46.52 -140.15
O2' GCP U . 78.18 -47.91 -140.33
C1' GCP U . 79.05 -45.65 -140.54
N9 GCP U . 79.97 -45.23 -139.46
C8 GCP U . 79.69 -44.56 -138.34
N7 GCP U . 80.83 -44.37 -137.62
C5 GCP U . 81.82 -44.93 -138.32
C6 GCP U . 83.28 -45.08 -138.17
O6 GCP U . 83.86 -44.61 -137.16
N1 GCP U . 83.96 -45.74 -139.13
C2 GCP U . 83.36 -46.26 -140.23
N2 GCP U . 84.10 -46.95 -141.13
N3 GCP U . 82.04 -46.14 -140.47
C4 GCP U . 81.26 -45.50 -139.54
MG MG V . 71.34 -40.84 -136.75
PG GCP W . 32.04 -38.44 -102.02
O1G GCP W . 32.78 -37.14 -102.21
O2G GCP W . 31.07 -38.78 -103.13
O3G GCP W . 31.43 -38.65 -100.64
C3B GCP W . 33.31 -39.73 -102.14
PB GCP W . 34.42 -39.63 -100.70
O1B GCP W . 35.25 -38.40 -100.80
O2B GCP W . 33.59 -39.88 -99.47
O3A GCP W . 35.52 -40.79 -100.90
PA GCP W . 35.41 -42.33 -100.45
O1A GCP W . 35.88 -42.50 -99.05
O2A GCP W . 34.07 -42.87 -100.85
O5' GCP W . 36.50 -42.96 -101.44
C5' GCP W . 36.48 -42.57 -102.82
C4' GCP W . 37.28 -43.54 -103.66
O4' GCP W . 38.67 -43.38 -103.41
C3' GCP W . 36.95 -45.01 -103.38
O3' GCP W . 36.98 -45.69 -104.63
C2' GCP W . 38.06 -45.45 -102.45
O2' GCP W . 38.39 -46.84 -102.62
C1' GCP W . 39.23 -44.58 -102.86
N9 GCP W . 40.15 -44.14 -101.78
C8 GCP W . 39.86 -43.46 -100.67
N7 GCP W . 40.99 -43.23 -99.95
C5 GCP W . 42.00 -43.79 -100.65
C6 GCP W . 43.45 -43.93 -100.49
O6 GCP W . 44.02 -43.44 -99.49
N1 GCP W . 44.13 -44.60 -101.44
C2 GCP W . 43.54 -45.14 -102.53
N2 GCP W . 44.30 -45.82 -103.43
N3 GCP W . 42.22 -45.03 -102.77
C4 GCP W . 41.44 -44.39 -101.86
MG MG X . 31.47 -39.82 -99.11
PG GCP Y . -66.12 13.93 147.14
O1G GCP Y . -65.33 13.28 146.01
O2G GCP Y . -67.36 14.70 146.70
O3G GCP Y . -65.26 14.65 148.13
C3B GCP Y . -66.78 12.51 148.07
PB GCP Y . -67.64 11.37 146.94
O1B GCP Y . -66.65 10.89 145.93
O2B GCP Y . -68.90 12.02 146.47
O3A GCP Y . -68.20 10.18 147.85
PA GCP Y . -67.42 8.82 148.28
O1A GCP Y . -66.03 9.18 148.72
O2A GCP Y . -67.61 7.77 147.25
O5' GCP Y . -68.28 8.44 149.58
C5' GCP Y . -68.58 9.46 150.52
C4' GCP Y . -69.02 8.87 151.85
O4' GCP Y . -70.31 8.29 151.70
C3' GCP Y . -68.09 7.76 152.33
O3' GCP Y . -67.98 7.89 153.75
C2' GCP Y . -68.81 6.47 151.92
O2' GCP Y . -68.55 5.39 152.84
C1' GCP Y . -70.27 6.88 151.95
N9 GCP Y . -71.14 6.26 150.93
C8 GCP Y . -71.02 6.30 149.59
N7 GCP Y . -72.05 5.63 149.02
C5 GCP Y . -72.82 5.17 150.02
C6 GCP Y . -74.07 4.40 150.14
O6 GCP Y . -74.66 4.01 149.10
N1 GCP Y . -74.53 4.13 151.37
C2 GCP Y . -73.91 4.54 152.50
N2 GCP Y . -74.42 4.20 153.71
N3 GCP Y . -72.78 5.28 152.48
C4 GCP Y . -72.22 5.59 151.29
MG MG Z . -64.71 11.60 145.35
PG GCP AA . -7.82 -37.43 -64.45
O1G GCP AA . -7.09 -36.12 -64.65
O2G GCP AA . -8.78 -37.78 -65.55
O3G GCP AA . -8.42 -37.63 -63.06
C3B GCP AA . -6.53 -38.70 -64.55
PB GCP AA . -5.43 -38.58 -63.12
O1B GCP AA . -4.62 -37.33 -63.22
O2B GCP AA . -6.26 -38.82 -61.87
O3A GCP AA . -4.32 -39.72 -63.30
PA GCP AA . -4.41 -41.27 -62.83
O1A GCP AA . -3.94 -41.41 -61.43
O2A GCP AA . -5.75 -41.82 -63.22
O5' GCP AA . -3.32 -41.90 -63.82
C5' GCP AA . -3.33 -41.52 -65.20
C4' GCP AA . -2.52 -42.48 -66.04
O4' GCP AA . -1.13 -42.31 -65.78
C3' GCP AA . -2.85 -43.95 -65.73
O3' GCP AA . -2.81 -44.65 -66.97
C2' GCP AA . -1.72 -44.38 -64.80
O2' GCP AA . -1.39 -45.77 -64.95
C1' GCP AA . -0.56 -43.49 -65.22
N9 GCP AA . 0.35 -43.03 -64.15
C8 GCP AA . 0.05 -42.35 -63.03
N7 GCP AA . 1.18 -42.10 -62.33
C5 GCP AA . 2.19 -42.66 -63.01
C6 GCP AA . 3.65 -42.78 -62.87
O6 GCP AA . 4.22 -42.27 -61.86
N1 GCP AA . 4.34 -43.45 -63.81
C2 GCP AA . 3.75 -44.00 -64.89
N2 GCP AA . 4.51 -44.69 -65.77
N3 GCP AA . 2.43 -43.91 -65.13
C4 GCP AA . 1.64 -43.28 -64.22
MG MG BA . -8.37 -38.78 -61.51
PG GCP CA . 54.60 5.32 36.02
O1G GCP CA . 55.38 4.70 34.88
O2G GCP CA . 53.40 6.15 35.62
O3G GCP CA . 55.49 5.98 37.04
C3B GCP CA . 53.90 3.90 36.91
PB GCP CA . 53.01 2.84 35.74
O1B GCP CA . 53.99 2.35 34.71
O2B GCP CA . 51.77 3.54 35.29
O3A GCP CA . 52.40 1.63 36.61
PA GCP CA . 53.13 0.23 36.98
O1A GCP CA . 54.53 0.53 37.45
O2A GCP CA . 52.90 -0.78 35.92
O5' GCP CA . 52.26 -0.17 38.27
C5' GCP CA . 51.98 0.84 39.26
C4' GCP CA . 51.52 0.20 40.55
O4' GCP CA . 50.20 -0.33 40.39
C3' GCP CA . 52.42 -0.95 41.00
O3' GCP CA . 52.51 -0.86 42.43
C2' GCP CA . 51.65 -2.19 40.54
O2' GCP CA . 51.87 -3.32 41.42
C1' GCP CA . 50.20 -1.74 40.59
N9 GCP CA . 49.31 -2.29 39.54
C8 GCP CA . 49.44 -2.21 38.21
N7 GCP CA . 48.40 -2.83 37.60
C5 GCP CA . 47.60 -3.29 38.59
C6 GCP CA . 46.33 -4.03 38.68
O6 GCP CA . 45.72 -4.35 37.63
N1 GCP CA . 45.85 -4.32 39.90
C2 GCP CA . 46.48 -3.97 41.05
N2 GCP CA . 45.96 -4.34 42.24
N3 GCP CA . 47.63 -3.26 41.06
C4 GCP CA . 48.21 -2.93 39.87
MG MG DA . 55.95 3.01 34.16
PG GCP EA . -47.67 -36.26 -26.92
O1G GCP EA . -46.96 -34.93 -27.14
O2G GCP EA . -48.63 -36.64 -28.02
O3G GCP EA . -48.27 -36.45 -25.53
C3B GCP EA . -46.37 -37.52 -27.01
PB GCP EA . -45.27 -37.37 -25.57
O1B GCP EA . -44.47 -36.11 -25.70
O2B GCP EA . -46.09 -37.59 -24.35
O3A GCP EA . -44.13 -38.49 -25.76
PA GCP EA . -44.22 -40.04 -25.27
O1A GCP EA . -43.73 -40.16 -23.86
O2A GCP EA . -45.54 -40.61 -25.65
O5' GCP EA . -43.11 -40.66 -26.25
C5' GCP EA . -43.13 -40.30 -27.64
C4' GCP EA . -42.31 -41.27 -28.47
O4' GCP EA . -40.93 -41.06 -28.20
C3' GCP EA . -42.62 -42.74 -28.13
O3' GCP EA . -42.58 -43.44 -29.38
C2' GCP EA . -41.48 -43.13 -27.20
O2' GCP EA . -41.14 -44.52 -27.35
C1' GCP EA . -40.33 -42.24 -27.64
N9 GCP EA . -39.43 -41.76 -26.57
C8 GCP EA . -39.74 -41.06 -25.47
N7 GCP EA . -38.61 -40.80 -24.76
C5 GCP EA . -37.59 -41.34 -25.44
C6 GCP EA . -36.13 -41.44 -25.29
O6 GCP EA . -35.57 -40.91 -24.30
N1 GCP EA . -35.44 -42.12 -26.23
C2 GCP EA . -36.02 -42.70 -27.31
N2 GCP EA . -35.25 -43.38 -28.19
N3 GCP EA . -37.34 -42.62 -27.54
C4 GCP EA . -38.14 -41.98 -26.64
MG MG FA . -48.20 -37.57 -23.98
#